data_8JIB
#
_entry.id   8JIB
#
_cell.length_a   121.041
_cell.length_b   364.149
_cell.length_c   125.522
_cell.angle_alpha   90.00
_cell.angle_beta   118.95
_cell.angle_gamma   90.00
#
_symmetry.space_group_name_H-M   'P 1 21 1'
#
loop_
_entity.id
_entity.type
_entity.pdbx_description
1 polymer 'TK receptor'
2 non-polymer 'COPPER (II) ION'
3 non-polymer 1,2-ETHANEDIOL
4 water water
#
_entity_poly.entity_id   1
_entity_poly.type   'polypeptide(L)'
_entity_poly.pdbx_seq_one_letter_code
;MNYKKNLLLLYDRPREPIFMGKGKSVFDVPDNYLTDRYRPIGPEIQNRFGELAEERIPVRSIALPDLRIPMSLGRQEQFS
LFIPRHRKIAARLIDIFMGMRNIEELQSCAVFARDRINPYLFNYALSVALLHRRDTKNLDLPSVVEVFPDKYVDSRVFEQ
IREEATVVPEGMRMPIVIPKDFTASDLDEEHRLWYFREDIGVNLHHWHWHLVYPFEASNRAIVDKDRRGELFYYMHSQLI
ARYNFERFCNRLQRVKRLNNLREPIAEGYFPKLDSLVASRTWPGRVDNAVIKDLNRELDQIKQDVSDLERWIDRIYEAVH
QGYVVDESGNRIFLDEEKGIDILGNIIESSILSPNRQLYGDMHNVGHVFLSYTHDPDHRHLESFGVMGDVATAMRDPVFY
RWHSFIDDIFQEHKIKLPAYTKSQLTYEGISVTGIIVQSEGAPVNTLHTYWQQSDVDLSRGMDFVPRGNVFARFTHLQHA
PFQYVIQIDNTSDAQRMGFVRIFMAPKNDERGQPMLFRDQRLFMVEMDKFLVALRPGANRIRRRSNESTVTIPFERTFRN
LDDKRPETGTPEEEAFNFCGCGWPAHMLVPKGLPEGFPADLFVMVSNYEDDRVVQDLVGTCNDAASYCGVRDRLYPDRKA
MGFPFDRLARTGVDRLSNFVTPNMAIQSVNVIHIDKTVPRT
;
_entity_poly.pdbx_strand_id   A,B,C,D,E,F,G,H,I,J,K,L
#
# COMPACT_ATOMS: atom_id res chain seq x y z
N MET A 1 -28.83 -12.35 44.11
CA MET A 1 -29.55 -11.63 45.18
C MET A 1 -30.87 -11.10 44.61
N ASN A 2 -31.57 -10.26 45.41
CA ASN A 2 -32.81 -9.63 45.00
C ASN A 2 -32.56 -8.63 43.87
N TYR A 3 -31.44 -7.89 43.97
CA TYR A 3 -31.12 -6.80 43.07
C TYR A 3 -31.37 -7.19 41.60
N LYS A 4 -30.93 -8.39 41.23
CA LYS A 4 -31.11 -8.91 39.87
C LYS A 4 -32.59 -8.89 39.51
N LYS A 5 -33.46 -9.32 40.43
CA LYS A 5 -34.90 -9.38 40.19
C LYS A 5 -35.54 -7.98 40.21
N ASN A 6 -34.89 -7.02 40.89
CA ASN A 6 -35.45 -5.68 41.06
C ASN A 6 -35.26 -4.83 39.81
N LEU A 7 -34.21 -5.11 39.03
CA LEU A 7 -33.93 -4.42 37.78
C LEU A 7 -35.01 -4.78 36.75
N LEU A 8 -35.45 -6.05 36.77
CA LEU A 8 -36.48 -6.54 35.86
C LEU A 8 -37.78 -5.75 36.03
N LEU A 9 -37.97 -5.12 37.20
CA LEU A 9 -39.16 -4.30 37.47
C LEU A 9 -39.10 -2.99 36.69
N LEU A 10 -37.92 -2.57 36.25
CA LEU A 10 -37.77 -1.37 35.44
C LEU A 10 -38.46 -1.53 34.08
N TYR A 11 -38.44 -2.77 33.56
CA TYR A 11 -39.06 -3.09 32.27
C TYR A 11 -40.58 -3.02 32.36
N ASP A 12 -41.12 -3.02 33.59
CA ASP A 12 -42.57 -3.01 33.81
C ASP A 12 -43.12 -1.61 33.51
N ARG A 13 -44.15 -1.54 32.66
CA ARG A 13 -44.89 -0.31 32.36
C ARG A 13 -43.93 0.85 32.09
N PRO A 14 -43.30 0.90 30.90
CA PRO A 14 -42.17 1.80 30.66
C PRO A 14 -42.43 3.29 30.79
N ARG A 15 -43.69 3.71 30.59
CA ARG A 15 -44.05 5.12 30.56
C ARG A 15 -44.71 5.56 31.88
N GLU A 16 -45.16 4.61 32.70
CA GLU A 16 -45.60 4.91 34.05
C GLU A 16 -44.37 5.29 34.87
N PRO A 17 -44.37 6.47 35.55
CA PRO A 17 -43.24 6.86 36.41
C PRO A 17 -42.83 5.77 37.41
N ILE A 18 -41.56 5.74 37.78
CA ILE A 18 -40.98 4.62 38.52
C ILE A 18 -41.55 4.55 39.95
N PHE A 19 -42.16 5.65 40.41
CA PHE A 19 -42.74 5.74 41.74
C PHE A 19 -44.19 5.22 41.79
N MET A 20 -44.70 4.68 40.68
CA MET A 20 -46.08 4.21 40.60
C MET A 20 -46.21 2.76 41.06
N GLY A 21 -45.10 2.03 41.14
CA GLY A 21 -45.11 0.68 41.69
C GLY A 21 -45.31 -0.40 40.63
N LYS A 22 -44.30 -1.29 40.53
CA LYS A 22 -44.21 -2.31 39.49
C LYS A 22 -44.41 -3.69 40.11
N GLY A 23 -45.33 -4.46 39.53
CA GLY A 23 -45.78 -5.72 40.10
C GLY A 23 -46.34 -5.50 41.50
N LYS A 24 -45.85 -6.33 42.44
CA LYS A 24 -46.27 -6.28 43.84
C LYS A 24 -45.17 -5.63 44.68
N SER A 25 -44.43 -4.68 44.06
CA SER A 25 -43.41 -3.91 44.75
C SER A 25 -43.57 -2.43 44.40
N VAL A 26 -42.74 -1.57 45.01
CA VAL A 26 -42.69 -0.14 44.73
C VAL A 26 -41.32 0.38 45.18
N PHE A 27 -40.80 1.42 44.51
CA PHE A 27 -39.49 1.97 44.81
C PHE A 27 -39.64 3.17 45.75
N ASP A 28 -38.72 3.28 46.72
CA ASP A 28 -38.68 4.35 47.70
C ASP A 28 -37.67 5.41 47.26
N VAL A 29 -38.06 6.22 46.26
CA VAL A 29 -37.14 7.06 45.51
C VAL A 29 -36.86 8.35 46.28
N PRO A 30 -35.58 8.80 46.38
CA PRO A 30 -35.27 10.14 46.86
C PRO A 30 -36.04 11.23 46.12
N ASP A 31 -36.09 12.44 46.70
CA ASP A 31 -36.80 13.55 46.08
C ASP A 31 -35.93 14.19 44.99
N ASN A 32 -34.61 14.04 45.10
CA ASN A 32 -33.70 14.54 44.06
C ASN A 32 -33.68 13.56 42.88
N TYR A 33 -34.38 12.42 43.03
CA TYR A 33 -34.55 11.44 41.96
C TYR A 33 -35.85 11.67 41.20
N LEU A 34 -36.75 12.47 41.76
CA LEU A 34 -38.05 12.77 41.15
C LEU A 34 -37.83 13.71 39.97
N THR A 35 -38.67 13.55 38.93
CA THR A 35 -38.50 14.30 37.69
C THR A 35 -39.00 15.72 37.94
N ASP A 36 -38.43 16.67 37.15
CA ASP A 36 -38.61 18.08 37.39
C ASP A 36 -40.09 18.45 37.38
N ARG A 37 -40.89 17.76 36.58
CA ARG A 37 -42.30 18.11 36.50
C ARG A 37 -43.06 17.65 37.73
N TYR A 38 -42.67 16.53 38.33
CA TYR A 38 -43.42 15.92 39.43
C TYR A 38 -42.81 16.27 40.80
N ARG A 39 -41.50 16.59 40.81
CA ARG A 39 -40.78 16.81 42.06
C ARG A 39 -41.46 17.91 42.89
N PRO A 40 -41.82 19.07 42.32
CA PRO A 40 -42.46 20.15 43.10
C PRO A 40 -43.79 19.81 43.79
N ILE A 41 -44.38 18.67 43.48
CA ILE A 41 -45.53 18.18 44.24
C ILE A 41 -45.28 16.75 44.75
N GLY A 42 -44.05 16.28 44.66
CA GLY A 42 -43.66 14.90 44.86
C GLY A 42 -44.28 14.17 46.02
N PRO A 43 -44.17 14.70 47.26
CA PRO A 43 -44.77 14.06 48.44
C PRO A 43 -46.19 13.52 48.32
N GLU A 44 -47.06 14.29 47.67
CA GLU A 44 -48.47 13.94 47.48
C GLU A 44 -48.65 12.68 46.63
N ILE A 45 -47.58 12.30 45.97
CA ILE A 45 -47.48 11.15 45.06
C ILE A 45 -47.05 9.92 45.84
N GLN A 46 -45.89 9.96 46.52
CA GLN A 46 -45.36 8.80 47.24
C GLN A 46 -46.46 8.17 48.09
N ASN A 47 -47.32 9.00 48.66
CA ASN A 47 -48.43 8.57 49.50
C ASN A 47 -49.52 7.92 48.65
N ARG A 48 -49.85 8.57 47.52
CA ARG A 48 -50.97 8.23 46.66
C ARG A 48 -50.81 6.83 46.04
N PHE A 49 -49.56 6.42 45.77
CA PHE A 49 -49.28 5.17 45.08
C PHE A 49 -48.68 4.13 46.03
N GLY A 50 -48.52 4.51 47.31
CA GLY A 50 -48.00 3.62 48.34
C GLY A 50 -48.85 2.38 48.55
N GLU A 51 -50.16 2.51 48.31
CA GLU A 51 -51.15 1.47 48.57
C GLU A 51 -50.99 0.27 47.62
N LEU A 52 -51.46 -0.89 48.08
CA LEU A 52 -51.50 -2.15 47.32
C LEU A 52 -50.10 -2.73 47.08
N ALA A 53 -49.08 -2.24 47.79
CA ALA A 53 -47.72 -2.72 47.61
C ALA A 53 -47.32 -3.63 48.79
N GLU A 54 -46.83 -4.83 48.49
CA GLU A 54 -46.30 -5.72 49.51
C GLU A 54 -44.94 -5.19 49.96
N GLU A 55 -43.99 -5.07 49.01
CA GLU A 55 -42.61 -4.77 49.29
C GLU A 55 -42.34 -3.30 48.98
N ARG A 56 -41.30 -2.75 49.60
CA ARG A 56 -40.75 -1.45 49.28
C ARG A 56 -39.24 -1.60 49.08
N ILE A 57 -38.78 -1.24 47.87
CA ILE A 57 -37.37 -1.32 47.52
C ILE A 57 -36.73 0.01 47.88
N PRO A 58 -35.71 0.03 48.78
CA PRO A 58 -34.96 1.26 49.07
C PRO A 58 -33.98 1.55 47.94
N VAL A 59 -33.60 2.84 47.79
CA VAL A 59 -32.63 3.22 46.77
C VAL A 59 -31.75 4.34 47.32
N ARG A 60 -30.44 4.07 47.38
CA ARG A 60 -29.45 5.02 47.90
C ARG A 60 -29.15 6.09 46.84
N SER A 61 -28.96 7.32 47.28
CA SER A 61 -28.57 8.45 46.45
C SER A 61 -27.07 8.42 46.15
N ILE A 62 -26.71 8.28 44.86
CA ILE A 62 -25.33 8.12 44.43
C ILE A 62 -24.91 9.34 43.61
N ALA A 63 -23.70 9.28 43.02
CA ALA A 63 -23.07 10.40 42.33
C ALA A 63 -23.81 10.75 41.03
N LEU A 64 -23.89 9.77 40.12
CA LEU A 64 -24.58 9.88 38.84
C LEU A 64 -23.78 10.71 37.86
N PRO A 65 -23.21 10.10 36.78
CA PRO A 65 -22.61 10.88 35.69
C PRO A 65 -23.61 11.87 35.10
N ASP A 66 -23.11 12.82 34.29
CA ASP A 66 -23.96 13.71 33.52
C ASP A 66 -24.76 12.85 32.55
N LEU A 67 -26.07 13.04 32.51
CA LEU A 67 -26.97 12.38 31.57
C LEU A 67 -27.50 13.36 30.53
N ARG A 68 -26.67 14.33 30.17
CA ARG A 68 -27.00 15.34 29.17
C ARG A 68 -27.31 14.65 27.84
N ILE A 69 -26.34 13.86 27.33
CA ILE A 69 -26.47 13.24 26.03
C ILE A 69 -27.69 12.33 26.04
N PRO A 70 -27.82 11.34 26.96
CA PRO A 70 -29.03 10.53 27.08
C PRO A 70 -30.36 11.30 27.07
N MET A 71 -30.35 12.49 27.67
CA MET A 71 -31.56 13.30 27.78
C MET A 71 -31.76 14.18 26.53
N SER A 72 -30.80 14.20 25.61
CA SER A 72 -30.91 15.05 24.43
C SER A 72 -32.08 14.58 23.56
N LEU A 73 -32.23 13.25 23.40
CA LEU A 73 -33.32 12.65 22.66
C LEU A 73 -34.62 12.92 23.42
N GLY A 74 -35.65 13.43 22.72
CA GLY A 74 -36.93 13.72 23.34
C GLY A 74 -37.56 12.47 23.94
N ARG A 75 -38.49 12.65 24.90
CA ARG A 75 -39.17 11.53 25.53
C ARG A 75 -40.27 10.99 24.63
N GLN A 76 -40.88 11.87 23.82
CA GLN A 76 -41.96 11.50 22.93
C GLN A 76 -41.44 11.28 21.51
N GLU A 77 -40.15 11.00 21.38
CA GLU A 77 -39.51 10.78 20.09
C GLU A 77 -39.25 9.30 19.89
N GLN A 78 -39.06 8.90 18.63
CA GLN A 78 -38.75 7.53 18.25
C GLN A 78 -37.25 7.32 18.45
N PHE A 79 -36.83 6.06 18.60
CA PHE A 79 -35.42 5.71 18.76
C PHE A 79 -35.06 4.56 17.81
N SER A 80 -34.03 4.82 16.98
CA SER A 80 -33.47 3.86 16.04
C SER A 80 -31.96 3.93 16.10
N LEU A 81 -31.34 2.75 16.03
CA LEU A 81 -29.90 2.58 16.11
C LEU A 81 -29.26 2.81 14.75
N PHE A 82 -30.07 3.03 13.71
CA PHE A 82 -29.58 3.26 12.37
C PHE A 82 -29.19 4.74 12.21
N ILE A 83 -29.91 5.61 12.93
CA ILE A 83 -29.70 7.06 12.86
C ILE A 83 -28.38 7.41 13.54
N PRO A 84 -27.44 8.11 12.86
CA PRO A 84 -26.09 8.32 13.40
C PRO A 84 -26.06 8.88 14.82
N ARG A 85 -26.96 9.82 15.10
CA ARG A 85 -26.94 10.59 16.34
C ARG A 85 -27.37 9.74 17.52
N HIS A 86 -28.44 8.95 17.32
CA HIS A 86 -28.95 8.06 18.34
C HIS A 86 -27.87 7.08 18.79
N ARG A 87 -27.04 6.63 17.85
CA ARG A 87 -25.94 5.69 18.14
C ARG A 87 -25.02 6.27 19.20
N LYS A 88 -24.72 7.56 19.08
CA LYS A 88 -23.81 8.26 20.00
C LYS A 88 -24.46 8.44 21.37
N ILE A 89 -25.80 8.63 21.38
CA ILE A 89 -26.55 8.81 22.61
C ILE A 89 -26.63 7.49 23.38
N ALA A 90 -27.04 6.42 22.69
CA ALA A 90 -27.19 5.11 23.30
C ALA A 90 -25.84 4.63 23.83
N ALA A 91 -24.82 4.70 22.97
CA ALA A 91 -23.47 4.25 23.29
C ALA A 91 -22.93 4.96 24.52
N ARG A 92 -23.41 6.18 24.76
CA ARG A 92 -23.02 6.97 25.91
C ARG A 92 -23.75 6.51 27.16
N LEU A 93 -25.04 6.20 27.02
CA LEU A 93 -25.84 5.71 28.14
C LEU A 93 -25.36 4.31 28.53
N ILE A 94 -25.23 3.42 27.52
CA ILE A 94 -24.69 2.09 27.72
C ILE A 94 -23.42 2.20 28.56
N ASP A 95 -22.60 3.21 28.26
CA ASP A 95 -21.33 3.47 28.89
C ASP A 95 -21.52 3.79 30.38
N ILE A 96 -22.60 4.50 30.72
CA ILE A 96 -22.90 4.86 32.10
C ILE A 96 -23.28 3.61 32.89
N PHE A 97 -24.33 2.91 32.45
CA PHE A 97 -24.80 1.69 33.08
C PHE A 97 -23.65 0.68 33.18
N MET A 98 -22.88 0.56 32.10
CA MET A 98 -21.76 -0.36 32.03
C MET A 98 -20.70 0.00 33.05
N GLY A 99 -20.58 1.32 33.33
CA GLY A 99 -19.49 1.86 34.14
C GLY A 99 -19.73 1.73 35.64
N MET A 100 -20.96 1.43 36.05
CA MET A 100 -21.24 1.26 37.49
C MET A 100 -20.95 -0.20 37.86
N ARG A 101 -19.82 -0.51 38.52
CA ARG A 101 -19.34 -1.91 38.60
C ARG A 101 -19.75 -2.57 39.92
N ASN A 102 -21.01 -2.43 40.29
CA ASN A 102 -21.66 -3.13 41.38
C ASN A 102 -23.18 -3.04 41.17
N ILE A 103 -23.92 -4.06 41.64
CA ILE A 103 -25.27 -4.28 41.14
C ILE A 103 -26.23 -3.31 41.84
N GLU A 104 -25.76 -2.71 42.94
CA GLU A 104 -26.55 -1.78 43.73
C GLU A 104 -26.49 -0.38 43.12
N GLU A 105 -25.30 -0.01 42.61
CA GLU A 105 -25.10 1.30 41.99
C GLU A 105 -25.82 1.36 40.63
N LEU A 106 -25.85 0.21 39.94
CA LEU A 106 -26.56 0.08 38.68
C LEU A 106 -28.05 0.33 38.90
N GLN A 107 -28.56 -0.14 40.04
CA GLN A 107 -29.98 -0.05 40.36
C GLN A 107 -30.37 1.40 40.62
N SER A 108 -29.44 2.15 41.24
CA SER A 108 -29.68 3.54 41.60
C SER A 108 -29.62 4.45 40.37
N CYS A 109 -28.58 4.28 39.55
CA CYS A 109 -28.44 5.01 38.30
C CYS A 109 -29.68 4.79 37.43
N ALA A 110 -30.09 3.52 37.30
CA ALA A 110 -31.22 3.14 36.47
C ALA A 110 -32.51 3.85 36.91
N VAL A 111 -32.80 3.74 38.21
CA VAL A 111 -34.04 4.23 38.78
C VAL A 111 -34.18 5.73 38.53
N PHE A 112 -33.06 6.46 38.64
CA PHE A 112 -33.00 7.90 38.40
C PHE A 112 -33.27 8.19 36.93
N ALA A 113 -32.44 7.61 36.06
CA ALA A 113 -32.44 7.87 34.63
C ALA A 113 -33.80 7.55 34.00
N ARG A 114 -34.42 6.45 34.45
CA ARG A 114 -35.54 5.83 33.75
C ARG A 114 -36.58 6.85 33.30
N ASP A 115 -36.91 7.83 34.15
CA ASP A 115 -38.03 8.72 33.87
C ASP A 115 -37.57 10.03 33.23
N ARG A 116 -36.31 10.08 32.78
CA ARG A 116 -35.76 11.26 32.15
C ARG A 116 -35.41 11.02 30.68
N ILE A 117 -35.21 9.76 30.30
CA ILE A 117 -34.76 9.43 28.95
C ILE A 117 -35.86 8.67 28.21
N ASN A 118 -35.70 8.58 26.89
CA ASN A 118 -36.65 7.97 25.97
C ASN A 118 -36.84 6.48 26.31
N PRO A 119 -38.07 6.04 26.64
CA PRO A 119 -38.32 4.63 26.99
C PRO A 119 -37.67 3.58 26.08
N TYR A 120 -37.83 3.75 24.76
CA TYR A 120 -37.27 2.84 23.77
C TYR A 120 -35.75 2.78 23.95
N LEU A 121 -35.13 3.94 24.18
CA LEU A 121 -33.69 4.07 24.36
C LEU A 121 -33.25 3.40 25.67
N PHE A 122 -33.97 3.71 26.76
CA PHE A 122 -33.72 3.11 28.06
C PHE A 122 -33.70 1.59 27.94
N ASN A 123 -34.78 1.02 27.38
CA ASN A 123 -34.93 -0.42 27.21
C ASN A 123 -33.70 -1.02 26.52
N TYR A 124 -33.25 -0.38 25.43
CA TYR A 124 -32.10 -0.84 24.67
C TYR A 124 -30.85 -0.79 25.55
N ALA A 125 -30.58 0.41 26.10
CA ALA A 125 -29.37 0.66 26.86
C ALA A 125 -29.24 -0.31 28.05
N LEU A 126 -30.36 -0.57 28.73
CA LEU A 126 -30.39 -1.48 29.86
C LEU A 126 -30.15 -2.91 29.37
N SER A 127 -30.97 -3.35 28.42
CA SER A 127 -30.86 -4.68 27.82
C SER A 127 -29.40 -5.01 27.50
N VAL A 128 -28.69 -4.06 26.86
CA VAL A 128 -27.32 -4.28 26.42
C VAL A 128 -26.39 -4.40 27.62
N ALA A 129 -26.61 -3.55 28.63
CA ALA A 129 -25.77 -3.52 29.83
C ALA A 129 -25.89 -4.85 30.58
N LEU A 130 -27.15 -5.22 30.91
CA LEU A 130 -27.41 -6.42 31.69
C LEU A 130 -26.83 -7.65 31.00
N LEU A 131 -27.02 -7.75 29.67
CA LEU A 131 -26.66 -8.94 28.93
C LEU A 131 -25.15 -9.14 28.90
N HIS A 132 -24.38 -8.07 29.15
CA HIS A 132 -22.94 -8.11 28.90
C HIS A 132 -22.14 -7.63 30.10
N ARG A 133 -22.78 -7.55 31.28
CA ARG A 133 -22.04 -7.43 32.53
C ARG A 133 -21.88 -8.81 33.15
N ARG A 134 -20.98 -8.95 34.11
CA ARG A 134 -20.60 -10.24 34.66
C ARG A 134 -21.53 -10.66 35.81
N ASP A 135 -21.98 -9.67 36.59
CA ASP A 135 -22.80 -9.91 37.76
C ASP A 135 -24.25 -10.18 37.36
N THR A 136 -24.68 -9.68 36.20
CA THR A 136 -26.08 -9.73 35.78
C THR A 136 -26.26 -10.77 34.68
N LYS A 137 -25.54 -11.92 34.72
CA LYS A 137 -25.43 -12.70 33.49
C LYS A 137 -26.47 -13.83 33.50
N ASN A 138 -26.90 -14.25 32.31
CA ASN A 138 -27.87 -15.33 32.12
C ASN A 138 -29.22 -14.97 32.75
N LEU A 139 -29.47 -13.66 32.88
CA LEU A 139 -30.71 -13.12 33.40
C LEU A 139 -31.72 -13.04 32.24
N ASP A 140 -32.92 -13.53 32.51
CA ASP A 140 -34.00 -13.63 31.54
C ASP A 140 -34.74 -12.29 31.44
N LEU A 141 -34.42 -11.57 30.36
CA LEU A 141 -35.00 -10.26 30.08
C LEU A 141 -36.42 -10.43 29.54
N PRO A 142 -37.41 -9.66 30.03
CA PRO A 142 -38.78 -9.77 29.54
C PRO A 142 -38.88 -9.46 28.04
N SER A 143 -39.75 -10.20 27.34
CA SER A 143 -39.92 -10.05 25.91
C SER A 143 -40.32 -8.61 25.59
N VAL A 144 -39.73 -8.05 24.52
CA VAL A 144 -39.92 -6.66 24.17
C VAL A 144 -41.33 -6.45 23.59
N VAL A 145 -42.03 -7.54 23.23
CA VAL A 145 -43.44 -7.47 22.85
C VAL A 145 -44.27 -7.04 24.05
N GLU A 146 -43.93 -7.60 25.21
CA GLU A 146 -44.67 -7.39 26.45
C GLU A 146 -44.44 -5.98 26.99
N VAL A 147 -43.26 -5.39 26.71
CA VAL A 147 -42.93 -4.06 27.22
C VAL A 147 -43.29 -2.98 26.19
N PHE A 148 -43.23 -3.31 24.90
CA PHE A 148 -43.54 -2.37 23.83
C PHE A 148 -44.44 -3.03 22.79
N PRO A 149 -45.71 -3.32 23.12
CA PRO A 149 -46.61 -3.99 22.18
C PRO A 149 -46.95 -3.15 20.94
N ASP A 150 -46.69 -1.83 21.01
CA ASP A 150 -47.06 -0.91 19.94
C ASP A 150 -46.28 -1.20 18.66
N LYS A 151 -45.11 -1.86 18.78
CA LYS A 151 -44.26 -2.19 17.65
C LYS A 151 -44.61 -3.55 17.04
N TYR A 152 -45.66 -4.20 17.54
CA TYR A 152 -45.94 -5.59 17.19
C TYR A 152 -47.43 -5.83 16.94
N VAL A 153 -48.28 -4.81 17.05
CA VAL A 153 -49.72 -4.99 17.06
C VAL A 153 -50.43 -3.80 16.41
N ASP A 154 -51.43 -4.12 15.57
CA ASP A 154 -52.33 -3.14 14.99
C ASP A 154 -52.81 -2.16 16.07
N SER A 155 -52.74 -0.87 15.78
CA SER A 155 -53.08 0.18 16.73
C SER A 155 -54.54 0.10 17.17
N ARG A 156 -55.38 -0.58 16.38
CA ARG A 156 -56.81 -0.65 16.62
C ARG A 156 -57.12 -1.31 17.97
N VAL A 157 -56.29 -2.26 18.40
CA VAL A 157 -56.59 -3.06 19.58
C VAL A 157 -56.51 -2.18 20.83
N PHE A 158 -55.67 -1.14 20.81
CA PHE A 158 -55.30 -0.42 22.03
C PHE A 158 -56.54 0.19 22.69
N GLU A 159 -57.48 0.70 21.91
CA GLU A 159 -58.68 1.32 22.44
C GLU A 159 -59.71 0.26 22.87
N GLN A 160 -59.54 -0.98 22.40
CA GLN A 160 -60.34 -2.11 22.86
C GLN A 160 -59.82 -2.60 24.22
N ILE A 161 -58.49 -2.68 24.35
CA ILE A 161 -57.82 -3.09 25.58
C ILE A 161 -58.14 -2.10 26.70
N ARG A 162 -58.20 -0.82 26.36
CA ARG A 162 -58.52 0.24 27.31
C ARG A 162 -59.97 0.10 27.77
N GLU A 163 -60.87 -0.19 26.81
CA GLU A 163 -62.29 -0.38 27.09
C GLU A 163 -62.48 -1.59 27.99
N GLU A 164 -61.95 -2.74 27.56
CA GLU A 164 -62.09 -4.01 28.27
C GLU A 164 -61.58 -3.89 29.70
N ALA A 165 -60.42 -3.25 29.89
CA ALA A 165 -59.77 -3.16 31.19
C ALA A 165 -60.53 -2.23 32.13
N THR A 166 -61.25 -1.24 31.59
CA THR A 166 -61.95 -0.25 32.39
C THR A 166 -63.36 -0.74 32.74
N VAL A 167 -64.04 -1.41 31.79
CA VAL A 167 -65.45 -1.77 31.95
C VAL A 167 -65.58 -3.09 32.72
N VAL A 168 -64.88 -4.12 32.25
CA VAL A 168 -65.07 -5.49 32.71
C VAL A 168 -64.17 -5.79 33.90
N PRO A 169 -64.66 -6.44 34.98
CA PRO A 169 -63.81 -6.87 36.09
C PRO A 169 -62.80 -7.95 35.70
N GLU A 170 -61.62 -7.92 36.34
CA GLU A 170 -60.62 -8.96 36.24
C GLU A 170 -61.26 -10.34 36.26
N GLY A 171 -60.62 -11.31 35.61
CA GLY A 171 -61.08 -12.69 35.65
C GLY A 171 -62.14 -12.98 34.59
N MET A 172 -62.97 -11.97 34.29
CA MET A 172 -64.02 -12.10 33.29
C MET A 172 -63.60 -11.45 31.97
N ARG A 173 -62.32 -11.05 31.85
CA ARG A 173 -61.86 -10.36 30.65
C ARG A 173 -61.65 -11.33 29.49
N MET A 174 -62.23 -10.98 28.33
CA MET A 174 -62.09 -11.76 27.10
C MET A 174 -60.70 -11.51 26.50
N PRO A 175 -60.01 -12.55 25.97
CA PRO A 175 -58.77 -12.34 25.22
C PRO A 175 -59.02 -11.49 23.98
N ILE A 176 -58.15 -10.51 23.75
CA ILE A 176 -58.22 -9.63 22.59
C ILE A 176 -57.57 -10.33 21.41
N VAL A 177 -58.32 -10.55 20.33
CA VAL A 177 -57.76 -11.18 19.14
C VAL A 177 -56.93 -10.11 18.43
N ILE A 178 -55.71 -10.46 18.00
CA ILE A 178 -54.85 -9.55 17.26
C ILE A 178 -55.09 -9.75 15.76
N PRO A 179 -55.49 -8.71 15.01
CA PRO A 179 -55.74 -8.85 13.58
C PRO A 179 -54.51 -9.34 12.83
N LYS A 180 -54.74 -10.26 11.88
CA LYS A 180 -53.72 -10.74 10.95
C LYS A 180 -54.14 -10.38 9.53
N ASP A 181 -53.16 -10.31 8.62
CA ASP A 181 -53.39 -9.92 7.23
C ASP A 181 -54.26 -8.67 7.20
N PHE A 182 -53.69 -7.57 7.75
CA PHE A 182 -54.45 -6.35 8.03
C PHE A 182 -53.79 -5.12 7.38
N THR A 183 -52.60 -5.29 6.77
CA THR A 183 -51.85 -4.15 6.25
C THR A 183 -52.22 -3.86 4.80
N ALA A 184 -52.73 -4.87 4.08
CA ALA A 184 -53.11 -4.71 2.68
C ALA A 184 -54.16 -5.75 2.28
N SER A 185 -54.97 -5.42 1.26
CA SER A 185 -55.99 -6.32 0.71
C SER A 185 -55.38 -7.17 -0.41
N ASP A 186 -56.24 -7.90 -1.13
CA ASP A 186 -55.82 -8.91 -2.10
C ASP A 186 -55.46 -8.27 -3.44
N LEU A 187 -55.74 -6.97 -3.60
CA LEU A 187 -55.27 -6.21 -4.76
C LEU A 187 -53.73 -6.14 -4.73
N ASP A 188 -53.16 -6.13 -3.52
CA ASP A 188 -51.72 -6.20 -3.32
C ASP A 188 -51.34 -7.65 -3.04
N GLU A 189 -50.64 -8.29 -4.00
CA GLU A 189 -50.27 -9.69 -3.91
C GLU A 189 -49.27 -9.92 -2.78
N GLU A 190 -48.59 -8.85 -2.35
CA GLU A 190 -47.62 -8.89 -1.27
C GLU A 190 -48.26 -9.24 0.06
N HIS A 191 -49.57 -9.00 0.19
CA HIS A 191 -50.28 -9.16 1.45
C HIS A 191 -50.25 -10.63 1.91
N ARG A 192 -49.93 -11.55 0.98
CA ARG A 192 -49.97 -12.98 1.25
C ARG A 192 -48.88 -13.38 2.24
N LEU A 193 -47.81 -12.58 2.33
CA LEU A 193 -46.63 -12.92 3.12
C LEU A 193 -46.72 -12.34 4.52
N TRP A 194 -47.91 -11.90 4.93
CA TRP A 194 -48.16 -11.36 6.28
C TRP A 194 -47.62 -12.30 7.36
N TYR A 195 -47.85 -13.61 7.17
CA TYR A 195 -47.56 -14.61 8.19
C TYR A 195 -46.05 -14.75 8.42
N PHE A 196 -45.24 -14.06 7.60
CA PHE A 196 -43.79 -14.11 7.71
C PHE A 196 -43.27 -12.72 8.06
N ARG A 197 -43.59 -11.72 7.23
CA ARG A 197 -43.16 -10.35 7.41
C ARG A 197 -43.63 -9.82 8.77
N GLU A 198 -44.90 -10.09 9.11
CA GLU A 198 -45.54 -9.45 10.25
C GLU A 198 -45.64 -10.39 11.45
N ASP A 199 -45.11 -11.60 11.32
CA ASP A 199 -45.10 -12.56 12.43
C ASP A 199 -44.25 -12.02 13.58
N ILE A 200 -44.82 -12.05 14.79
CA ILE A 200 -44.17 -11.63 16.02
C ILE A 200 -42.80 -12.31 16.14
N GLY A 201 -42.79 -13.63 15.92
CA GLY A 201 -41.62 -14.45 16.14
C GLY A 201 -40.38 -13.92 15.41
N VAL A 202 -40.50 -13.75 14.09
CA VAL A 202 -39.34 -13.49 13.25
C VAL A 202 -38.85 -12.07 13.51
N ASN A 203 -39.78 -11.15 13.84
CA ASN A 203 -39.42 -9.77 14.15
C ASN A 203 -38.64 -9.71 15.46
N LEU A 204 -38.97 -10.60 16.41
CA LEU A 204 -38.25 -10.68 17.67
C LEU A 204 -36.85 -11.25 17.45
N HIS A 205 -36.75 -12.28 16.61
CA HIS A 205 -35.46 -12.89 16.30
C HIS A 205 -34.51 -11.85 15.73
N HIS A 206 -35.02 -11.00 14.82
CA HIS A 206 -34.22 -9.99 14.15
C HIS A 206 -33.74 -8.96 15.16
N TRP A 207 -34.66 -8.43 15.96
CA TRP A 207 -34.34 -7.46 17.01
C TRP A 207 -33.25 -8.00 17.94
N HIS A 208 -33.41 -9.24 18.38
CA HIS A 208 -32.52 -9.85 19.37
C HIS A 208 -31.14 -10.12 18.76
N TRP A 209 -31.08 -10.54 17.49
CA TRP A 209 -29.81 -10.79 16.83
C TRP A 209 -28.94 -9.54 16.87
N HIS A 210 -29.56 -8.38 16.65
CA HIS A 210 -28.87 -7.10 16.62
C HIS A 210 -28.54 -6.64 18.04
N LEU A 211 -29.21 -7.18 19.07
CA LEU A 211 -28.85 -6.92 20.46
C LEU A 211 -27.50 -7.53 20.80
N VAL A 212 -27.29 -8.80 20.43
CA VAL A 212 -26.14 -9.53 20.93
C VAL A 212 -24.94 -9.28 20.00
N TYR A 213 -25.22 -8.89 18.74
CA TYR A 213 -24.17 -8.58 17.79
C TYR A 213 -24.37 -7.18 17.23
N PRO A 214 -24.22 -6.10 18.03
CA PRO A 214 -24.22 -4.74 17.48
C PRO A 214 -22.99 -4.57 16.59
N PHE A 215 -23.00 -3.46 15.84
CA PHE A 215 -21.88 -3.05 15.01
C PHE A 215 -21.20 -1.79 15.57
N GLU A 216 -21.80 -1.24 16.64
CA GLU A 216 -21.26 -0.06 17.27
C GLU A 216 -21.47 -0.16 18.76
N ALA A 217 -20.39 0.08 19.49
CA ALA A 217 -20.37 0.00 20.95
C ALA A 217 -19.10 0.69 21.41
N SER A 218 -18.31 0.07 22.29
CA SER A 218 -17.08 0.68 22.76
C SER A 218 -15.98 -0.36 22.86
N ASN A 219 -14.83 -0.04 22.23
CA ASN A 219 -13.73 -0.97 22.11
C ASN A 219 -14.17 -2.08 21.16
N ARG A 220 -13.46 -3.20 21.20
CA ARG A 220 -13.84 -4.36 20.39
C ARG A 220 -14.86 -5.17 21.17
N ALA A 221 -14.80 -5.10 22.50
CA ALA A 221 -15.63 -5.94 23.35
C ALA A 221 -17.12 -5.59 23.24
N ILE A 222 -17.89 -6.64 22.90
CA ILE A 222 -19.33 -6.58 22.69
C ILE A 222 -19.70 -6.12 21.27
N VAL A 223 -18.73 -6.12 20.41
CA VAL A 223 -18.89 -5.96 18.98
C VAL A 223 -17.99 -7.00 18.32
N ASP A 224 -16.85 -7.33 18.93
CA ASP A 224 -15.88 -8.24 18.31
C ASP A 224 -16.12 -9.68 18.76
N LYS A 225 -17.14 -10.29 18.15
CA LYS A 225 -17.56 -11.66 18.44
C LYS A 225 -17.23 -12.49 17.21
N ASP A 226 -16.82 -13.75 17.39
CA ASP A 226 -16.21 -14.53 16.33
C ASP A 226 -17.10 -14.54 15.09
N ARG A 227 -16.51 -14.13 13.96
CA ARG A 227 -17.11 -14.26 12.64
C ARG A 227 -18.48 -13.58 12.56
N ARG A 228 -18.63 -12.44 13.26
CA ARG A 228 -19.89 -11.71 13.27
C ARG A 228 -20.20 -11.14 11.89
N GLY A 229 -19.14 -10.84 11.12
CA GLY A 229 -19.28 -10.39 9.75
C GLY A 229 -19.94 -11.47 8.89
N GLU A 230 -19.39 -12.70 8.95
CA GLU A 230 -19.96 -13.81 8.22
C GLU A 230 -21.37 -14.09 8.74
N LEU A 231 -21.56 -13.94 10.06
CA LEU A 231 -22.87 -14.15 10.67
C LEU A 231 -23.88 -13.19 10.04
N PHE A 232 -23.50 -11.90 9.96
CA PHE A 232 -24.34 -10.86 9.40
C PHE A 232 -24.71 -11.22 7.95
N TYR A 233 -23.73 -11.71 7.18
CA TYR A 233 -23.96 -12.16 5.82
C TYR A 233 -25.00 -13.29 5.84
N TYR A 234 -24.72 -14.35 6.60
CA TYR A 234 -25.42 -15.63 6.50
C TYR A 234 -26.85 -15.49 7.04
N MET A 235 -26.98 -14.97 8.25
CA MET A 235 -28.29 -14.82 8.89
C MET A 235 -29.24 -14.09 7.94
N HIS A 236 -28.85 -12.90 7.48
CA HIS A 236 -29.69 -12.10 6.59
C HIS A 236 -29.90 -12.84 5.27
N SER A 237 -28.88 -13.57 4.81
CA SER A 237 -28.95 -14.35 3.58
C SER A 237 -29.99 -15.48 3.68
N GLN A 238 -30.13 -16.04 4.88
CA GLN A 238 -31.11 -17.09 5.14
C GLN A 238 -32.52 -16.52 5.27
N LEU A 239 -32.64 -15.28 5.76
CA LEU A 239 -33.92 -14.59 5.80
C LEU A 239 -34.55 -14.56 4.41
N ILE A 240 -33.74 -14.25 3.39
CA ILE A 240 -34.24 -14.05 2.04
C ILE A 240 -34.50 -15.39 1.36
N ALA A 241 -33.64 -16.38 1.65
CA ALA A 241 -33.84 -17.75 1.19
C ALA A 241 -35.18 -18.30 1.67
N ARG A 242 -35.48 -18.07 2.96
CA ARG A 242 -36.73 -18.48 3.58
C ARG A 242 -37.90 -17.66 3.02
N TYR A 243 -37.68 -16.36 2.79
CA TYR A 243 -38.69 -15.47 2.24
C TYR A 243 -39.03 -15.92 0.82
N ASN A 244 -37.99 -16.17 0.01
CA ASN A 244 -38.16 -16.60 -1.38
C ASN A 244 -38.90 -17.93 -1.42
N PHE A 245 -38.68 -18.79 -0.42
CA PHE A 245 -39.40 -20.06 -0.32
C PHE A 245 -40.88 -19.74 -0.13
N GLU A 246 -41.19 -18.92 0.88
CA GLU A 246 -42.56 -18.58 1.23
C GLU A 246 -43.24 -17.87 0.06
N ARG A 247 -42.48 -17.15 -0.76
CA ARG A 247 -43.01 -16.50 -1.95
C ARG A 247 -43.55 -17.56 -2.91
N PHE A 248 -42.76 -18.62 -3.15
CA PHE A 248 -43.12 -19.69 -4.08
C PHE A 248 -44.37 -20.42 -3.60
N CYS A 249 -44.61 -20.42 -2.29
CA CYS A 249 -45.77 -21.06 -1.69
C CYS A 249 -47.01 -20.16 -1.75
N ASN A 250 -46.87 -18.95 -2.32
CA ASN A 250 -47.98 -18.03 -2.48
C ASN A 250 -48.09 -17.58 -3.93
N ARG A 251 -47.61 -18.42 -4.86
CA ARG A 251 -47.74 -18.23 -6.29
C ARG A 251 -47.10 -16.92 -6.75
N LEU A 252 -45.98 -16.55 -6.13
CA LEU A 252 -45.22 -15.35 -6.46
C LEU A 252 -43.82 -15.75 -6.96
N GLN A 253 -43.12 -14.85 -7.64
CA GLN A 253 -41.76 -15.14 -8.07
C GLN A 253 -40.79 -14.67 -7.00
N ARG A 254 -39.49 -14.92 -7.22
CA ARG A 254 -38.42 -14.53 -6.33
C ARG A 254 -38.43 -13.00 -6.16
N VAL A 255 -38.04 -12.54 -4.96
CA VAL A 255 -37.99 -11.12 -4.68
C VAL A 255 -36.96 -10.46 -5.62
N LYS A 256 -37.34 -9.35 -6.25
CA LYS A 256 -36.42 -8.60 -7.09
C LYS A 256 -35.63 -7.62 -6.22
N ARG A 257 -34.34 -7.50 -6.52
CA ARG A 257 -33.40 -6.67 -5.77
C ARG A 257 -33.65 -5.20 -6.09
N LEU A 258 -33.10 -4.28 -5.26
CA LEU A 258 -33.06 -2.86 -5.61
C LEU A 258 -31.85 -2.60 -6.51
N ASN A 259 -32.00 -2.96 -7.81
CA ASN A 259 -31.01 -2.65 -8.84
C ASN A 259 -30.36 -1.29 -8.59
N ASN A 260 -31.19 -0.25 -8.68
CA ASN A 260 -30.70 1.12 -8.62
C ASN A 260 -31.73 2.02 -7.96
N LEU A 261 -31.20 3.01 -7.23
CA LEU A 261 -31.93 3.73 -6.19
C LEU A 261 -32.72 4.89 -6.78
N ARG A 262 -32.50 5.20 -8.08
CA ARG A 262 -33.13 6.34 -8.72
C ARG A 262 -34.50 5.94 -9.26
N GLU A 263 -34.64 4.67 -9.65
CA GLU A 263 -35.90 4.12 -10.14
C GLU A 263 -36.90 4.04 -8.99
N PRO A 264 -38.20 4.34 -9.22
CA PRO A 264 -39.24 4.21 -8.18
C PRO A 264 -39.33 2.85 -7.49
N ILE A 265 -39.85 2.86 -6.25
CA ILE A 265 -40.12 1.64 -5.50
C ILE A 265 -41.59 1.29 -5.65
N ALA A 266 -41.88 0.21 -6.38
CA ALA A 266 -43.23 -0.17 -6.77
C ALA A 266 -44.12 -0.45 -5.57
N GLU A 267 -43.59 -1.23 -4.61
CA GLU A 267 -44.37 -1.76 -3.50
C GLU A 267 -44.32 -0.77 -2.34
N GLY A 268 -45.45 -0.10 -2.09
CA GLY A 268 -45.64 0.69 -0.86
C GLY A 268 -46.02 -0.21 0.32
N TYR A 269 -46.02 0.37 1.53
CA TYR A 269 -46.38 -0.38 2.73
C TYR A 269 -46.78 0.58 3.83
N PHE A 270 -48.05 0.53 4.24
CA PHE A 270 -48.56 1.21 5.43
C PHE A 270 -48.65 0.21 6.58
N PRO A 271 -47.83 0.35 7.65
CA PRO A 271 -47.66 -0.71 8.65
C PRO A 271 -48.75 -0.84 9.69
N LYS A 272 -49.54 0.25 9.87
CA LYS A 272 -50.70 0.29 10.76
C LYS A 272 -50.29 0.25 12.23
N LEU A 273 -49.07 0.75 12.55
CA LEU A 273 -48.60 0.78 13.92
C LEU A 273 -48.73 2.21 14.47
N ASP A 274 -48.99 2.32 15.78
CA ASP A 274 -49.09 3.59 16.48
C ASP A 274 -48.19 3.52 17.70
N SER A 275 -47.12 4.34 17.69
CA SER A 275 -46.19 4.44 18.81
C SER A 275 -46.82 5.20 19.96
N LEU A 276 -47.08 4.50 21.08
CA LEU A 276 -47.67 5.10 22.27
C LEU A 276 -46.64 5.95 23.00
N VAL A 277 -45.35 5.70 22.72
CA VAL A 277 -44.26 6.47 23.30
C VAL A 277 -44.10 7.81 22.57
N ALA A 278 -44.21 7.78 21.23
CA ALA A 278 -44.17 8.98 20.40
C ALA A 278 -45.55 9.63 20.30
N SER A 279 -46.58 8.84 20.66
CA SER A 279 -47.99 9.23 20.65
C SER A 279 -48.48 9.50 19.23
N ARG A 280 -47.61 9.26 18.24
CA ARG A 280 -47.94 9.36 16.83
C ARG A 280 -47.95 7.96 16.23
N THR A 281 -48.28 7.87 14.93
CA THR A 281 -48.13 6.63 14.17
C THR A 281 -46.87 6.70 13.30
N TRP A 282 -46.34 5.53 12.94
CA TRP A 282 -45.29 5.39 11.93
C TRP A 282 -45.85 5.83 10.58
N PRO A 283 -45.12 6.63 9.77
CA PRO A 283 -45.59 7.01 8.44
C PRO A 283 -45.58 5.79 7.53
N GLY A 284 -46.47 5.80 6.53
CA GLY A 284 -46.45 4.82 5.46
C GLY A 284 -45.58 5.29 4.29
N ARG A 285 -45.33 4.40 3.34
CA ARG A 285 -44.70 4.73 2.07
C ARG A 285 -45.68 4.42 0.94
N VAL A 286 -45.85 5.37 0.02
CA VAL A 286 -46.78 5.23 -1.09
C VAL A 286 -46.16 4.37 -2.18
N ASP A 287 -47.00 3.91 -3.11
CA ASP A 287 -46.55 3.22 -4.30
C ASP A 287 -45.73 4.20 -5.14
N ASN A 288 -44.62 3.71 -5.71
CA ASN A 288 -43.76 4.46 -6.60
C ASN A 288 -43.11 5.66 -5.92
N ALA A 289 -42.92 5.59 -4.60
CA ALA A 289 -42.07 6.54 -3.91
C ALA A 289 -40.65 6.45 -4.49
N VAL A 290 -39.94 7.58 -4.51
CA VAL A 290 -38.55 7.62 -4.95
C VAL A 290 -37.67 8.02 -3.77
N ILE A 291 -36.51 7.37 -3.65
CA ILE A 291 -35.49 7.74 -2.67
C ILE A 291 -35.06 9.18 -2.97
N LYS A 292 -34.85 9.97 -1.92
CA LYS A 292 -34.47 11.37 -2.03
C LYS A 292 -33.33 11.65 -1.06
N ASP A 293 -32.42 12.56 -1.46
CA ASP A 293 -31.34 13.06 -0.61
C ASP A 293 -31.88 13.51 0.73
N LEU A 294 -31.22 13.09 1.82
CA LEU A 294 -31.63 13.38 3.18
C LEU A 294 -30.89 14.61 3.68
N ASN A 295 -31.62 15.47 4.42
CA ASN A 295 -31.08 16.61 5.13
C ASN A 295 -31.86 16.78 6.44
N ARG A 296 -31.63 15.86 7.37
CA ARG A 296 -32.30 15.84 8.65
C ARG A 296 -31.37 16.47 9.68
N GLU A 297 -31.33 17.81 9.72
CA GLU A 297 -30.39 18.55 10.53
C GLU A 297 -30.38 18.03 11.98
N LEU A 298 -31.57 17.81 12.54
CA LEU A 298 -31.76 17.38 13.92
C LEU A 298 -31.06 16.04 14.16
N ASP A 299 -31.32 15.05 13.30
CA ASP A 299 -30.85 13.68 13.46
C ASP A 299 -29.37 13.56 13.12
N GLN A 300 -28.78 14.63 12.56
CA GLN A 300 -27.39 14.63 12.10
C GLN A 300 -27.23 13.67 10.92
N ILE A 301 -28.07 13.88 9.89
CA ILE A 301 -28.01 13.16 8.62
C ILE A 301 -27.91 14.19 7.51
N LYS A 302 -26.77 14.20 6.83
CA LYS A 302 -26.54 14.95 5.60
C LYS A 302 -25.92 13.97 4.62
N GLN A 303 -26.77 13.20 3.94
CA GLN A 303 -26.32 12.14 3.05
C GLN A 303 -27.07 12.30 1.72
N ASP A 304 -26.31 12.21 0.61
CA ASP A 304 -26.86 12.24 -0.73
C ASP A 304 -26.94 10.81 -1.25
N VAL A 305 -27.87 10.57 -2.18
CA VAL A 305 -28.01 9.25 -2.77
C VAL A 305 -26.70 8.86 -3.44
N SER A 306 -26.07 9.83 -4.11
CA SER A 306 -24.80 9.61 -4.78
C SER A 306 -23.74 9.09 -3.81
N ASP A 307 -23.76 9.52 -2.55
CA ASP A 307 -22.85 8.98 -1.53
C ASP A 307 -23.01 7.46 -1.43
N LEU A 308 -24.26 7.02 -1.35
CA LEU A 308 -24.58 5.60 -1.25
C LEU A 308 -24.05 4.88 -2.49
N GLU A 309 -24.36 5.43 -3.67
CA GLU A 309 -23.94 4.90 -4.96
C GLU A 309 -22.42 4.78 -5.04
N ARG A 310 -21.73 5.77 -4.46
CA ARG A 310 -20.27 5.80 -4.48
C ARG A 310 -19.71 4.66 -3.63
N TRP A 311 -20.31 4.45 -2.46
CA TRP A 311 -19.90 3.36 -1.58
C TRP A 311 -20.04 2.02 -2.30
N ILE A 312 -21.18 1.84 -3.00
CA ILE A 312 -21.47 0.60 -3.69
C ILE A 312 -20.46 0.37 -4.80
N ASP A 313 -20.22 1.41 -5.61
CA ASP A 313 -19.26 1.33 -6.71
C ASP A 313 -17.90 0.87 -6.19
N ARG A 314 -17.48 1.37 -5.03
CA ARG A 314 -16.17 1.07 -4.46
C ARG A 314 -16.13 -0.36 -3.93
N ILE A 315 -17.21 -0.80 -3.26
CA ILE A 315 -17.28 -2.11 -2.65
C ILE A 315 -17.22 -3.18 -3.74
N TYR A 316 -18.00 -2.98 -4.81
CA TYR A 316 -17.97 -3.85 -5.98
C TYR A 316 -16.54 -3.98 -6.50
N GLU A 317 -15.85 -2.84 -6.62
CA GLU A 317 -14.49 -2.79 -7.15
C GLU A 317 -13.59 -3.70 -6.31
N ALA A 318 -13.63 -3.50 -4.99
CA ALA A 318 -12.83 -4.26 -4.06
C ALA A 318 -13.08 -5.76 -4.23
N VAL A 319 -14.36 -6.13 -4.33
CA VAL A 319 -14.78 -7.53 -4.40
C VAL A 319 -14.21 -8.17 -5.67
N HIS A 320 -14.27 -7.44 -6.79
CA HIS A 320 -13.74 -7.91 -8.07
C HIS A 320 -12.20 -7.91 -8.03
N GLN A 321 -11.60 -6.80 -7.58
CA GLN A 321 -10.17 -6.74 -7.36
C GLN A 321 -9.68 -7.93 -6.52
N GLY A 322 -10.46 -8.28 -5.49
CA GLY A 322 -10.16 -9.40 -4.62
C GLY A 322 -9.51 -8.97 -3.30
N TYR A 323 -9.32 -7.64 -3.09
CA TYR A 323 -8.74 -7.12 -1.87
C TYR A 323 -9.33 -5.76 -1.53
N VAL A 324 -9.20 -5.38 -0.25
CA VAL A 324 -9.64 -4.06 0.23
C VAL A 324 -8.40 -3.30 0.70
N VAL A 325 -8.58 -2.01 1.03
CA VAL A 325 -7.52 -1.15 1.51
C VAL A 325 -7.93 -0.56 2.86
N ASP A 326 -7.04 -0.64 3.85
CA ASP A 326 -7.29 -0.11 5.18
C ASP A 326 -6.98 1.38 5.19
N GLU A 327 -7.35 2.04 6.30
CA GLU A 327 -7.11 3.47 6.50
C GLU A 327 -5.67 3.82 6.15
N SER A 328 -4.74 2.97 6.56
CA SER A 328 -3.29 3.19 6.42
C SER A 328 -2.84 3.19 4.96
N GLY A 329 -3.58 2.49 4.09
CA GLY A 329 -3.24 2.40 2.68
C GLY A 329 -2.83 0.99 2.26
N ASN A 330 -2.61 0.11 3.24
CA ASN A 330 -2.22 -1.27 3.02
C ASN A 330 -3.38 -2.07 2.41
N ARG A 331 -3.07 -3.23 1.84
CA ARG A 331 -4.05 -4.11 1.21
C ARG A 331 -4.29 -5.35 2.06
N ILE A 332 -5.57 -5.71 2.24
CA ILE A 332 -5.99 -6.94 2.92
C ILE A 332 -6.77 -7.79 1.93
N PHE A 333 -6.43 -9.09 1.86
CA PHE A 333 -6.92 -9.98 0.80
C PHE A 333 -8.17 -10.75 1.22
N LEU A 334 -9.18 -10.71 0.35
CA LEU A 334 -10.44 -11.40 0.58
C LEU A 334 -10.27 -12.88 0.20
N ASP A 335 -9.64 -13.63 1.11
CA ASP A 335 -9.28 -15.03 0.89
C ASP A 335 -10.48 -15.92 1.18
N GLU A 336 -10.31 -17.24 1.00
CA GLU A 336 -11.37 -18.21 1.17
C GLU A 336 -11.88 -18.26 2.60
N GLU A 337 -11.01 -17.91 3.56
CA GLU A 337 -11.29 -18.12 4.97
C GLU A 337 -12.04 -16.91 5.55
N LYS A 338 -11.38 -15.75 5.55
CA LYS A 338 -11.85 -14.57 6.29
C LYS A 338 -12.45 -13.52 5.35
N GLY A 339 -12.34 -13.72 4.04
CA GLY A 339 -12.88 -12.81 3.05
C GLY A 339 -14.33 -12.39 3.37
N ILE A 340 -15.23 -13.38 3.49
CA ILE A 340 -16.64 -13.12 3.71
C ILE A 340 -16.85 -12.30 4.99
N ASP A 341 -16.10 -12.66 6.05
CA ASP A 341 -16.25 -12.03 7.35
C ASP A 341 -15.89 -10.55 7.26
N ILE A 342 -14.77 -10.25 6.58
CA ILE A 342 -14.33 -8.88 6.33
C ILE A 342 -15.46 -8.12 5.61
N LEU A 343 -15.88 -8.66 4.47
CA LEU A 343 -16.87 -8.03 3.61
C LEU A 343 -18.11 -7.66 4.40
N GLY A 344 -18.54 -8.56 5.29
CA GLY A 344 -19.71 -8.33 6.14
C GLY A 344 -19.58 -7.07 6.97
N ASN A 345 -18.40 -6.88 7.59
CA ASN A 345 -18.14 -5.74 8.46
C ASN A 345 -18.05 -4.46 7.62
N ILE A 346 -17.58 -4.59 6.37
CA ILE A 346 -17.50 -3.48 5.45
C ILE A 346 -18.89 -3.02 5.03
N ILE A 347 -19.76 -4.00 4.71
CA ILE A 347 -21.05 -3.72 4.09
C ILE A 347 -22.07 -3.19 5.10
N GLU A 348 -22.19 -3.85 6.25
CA GLU A 348 -23.11 -3.39 7.29
C GLU A 348 -22.59 -2.06 7.84
N SER A 349 -21.25 -1.97 7.85
CA SER A 349 -20.46 -0.98 8.55
C SER A 349 -20.48 -1.24 10.05
N SER A 350 -19.64 -2.18 10.48
CA SER A 350 -19.31 -2.34 11.88
C SER A 350 -17.94 -1.71 12.11
N ILE A 351 -17.73 -1.15 13.31
CA ILE A 351 -16.46 -0.50 13.62
C ILE A 351 -15.29 -1.42 13.29
N LEU A 352 -15.58 -2.71 13.01
CA LEU A 352 -14.57 -3.67 12.61
C LEU A 352 -14.20 -3.51 11.14
N SER A 353 -14.95 -2.69 10.40
CA SER A 353 -14.63 -2.41 9.00
C SER A 353 -13.20 -1.89 8.90
N PRO A 354 -12.36 -2.47 8.01
CA PRO A 354 -10.97 -2.05 7.91
C PRO A 354 -10.78 -0.65 7.32
N ASN A 355 -11.88 -0.02 6.85
CA ASN A 355 -11.84 1.35 6.35
C ASN A 355 -13.25 1.90 6.15
N ARG A 356 -13.91 2.25 7.26
CA ARG A 356 -15.26 2.81 7.23
C ARG A 356 -15.35 4.00 6.28
N GLN A 357 -14.35 4.88 6.30
CA GLN A 357 -14.38 6.15 5.60
C GLN A 357 -14.50 5.95 4.09
N LEU A 358 -13.88 4.88 3.58
CA LEU A 358 -13.83 4.62 2.15
C LEU A 358 -15.06 3.83 1.68
N TYR A 359 -15.40 2.76 2.41
CA TYR A 359 -16.43 1.82 1.98
C TYR A 359 -17.78 2.13 2.64
N GLY A 360 -17.79 3.07 3.59
CA GLY A 360 -19.02 3.68 4.06
C GLY A 360 -19.81 2.80 5.03
N ASP A 361 -21.09 3.16 5.18
CA ASP A 361 -22.06 2.56 6.08
C ASP A 361 -23.26 2.13 5.26
N MET A 362 -22.98 1.27 4.27
CA MET A 362 -23.82 1.04 3.09
C MET A 362 -25.19 0.47 3.47
N HIS A 363 -25.23 -0.64 4.22
CA HIS A 363 -26.49 -1.28 4.58
C HIS A 363 -27.36 -0.34 5.42
N ASN A 364 -26.77 0.18 6.52
CA ASN A 364 -27.49 0.97 7.50
C ASN A 364 -28.07 2.26 6.86
N VAL A 365 -27.27 2.96 6.06
CA VAL A 365 -27.69 4.22 5.48
C VAL A 365 -28.87 3.97 4.52
N GLY A 366 -28.84 2.81 3.84
CA GLY A 366 -29.93 2.37 3.00
C GLY A 366 -31.26 2.27 3.74
N HIS A 367 -31.23 1.73 4.97
CA HIS A 367 -32.42 1.61 5.81
C HIS A 367 -33.02 2.99 6.09
N VAL A 368 -32.15 4.00 6.28
CA VAL A 368 -32.60 5.35 6.61
C VAL A 368 -33.21 6.04 5.38
N PHE A 369 -32.49 5.97 4.24
CA PHE A 369 -32.99 6.51 2.99
C PHE A 369 -34.40 6.02 2.68
N LEU A 370 -34.62 4.69 2.81
CA LEU A 370 -35.85 4.04 2.43
C LEU A 370 -36.97 4.44 3.40
N SER A 371 -36.61 4.81 4.63
CA SER A 371 -37.60 5.10 5.67
C SER A 371 -38.01 6.57 5.67
N TYR A 372 -37.38 7.42 4.84
CA TYR A 372 -37.56 8.87 4.92
C TYR A 372 -37.97 9.46 3.57
N THR A 373 -38.50 8.63 2.66
CA THR A 373 -38.89 9.10 1.34
C THR A 373 -40.00 10.14 1.46
N HIS A 374 -40.81 10.03 2.52
CA HIS A 374 -41.99 10.85 2.71
C HIS A 374 -41.65 12.24 3.29
N ASP A 375 -40.46 12.37 3.90
CA ASP A 375 -40.07 13.60 4.53
C ASP A 375 -38.55 13.64 4.71
N PRO A 376 -37.77 13.87 3.64
CA PRO A 376 -36.32 13.76 3.69
C PRO A 376 -35.54 14.97 4.21
N ASP A 377 -36.18 16.15 4.23
CA ASP A 377 -35.54 17.36 4.70
C ASP A 377 -36.18 17.86 6.00
N HIS A 378 -37.13 17.09 6.54
CA HIS A 378 -37.73 17.33 7.86
C HIS A 378 -38.69 18.52 7.82
N ARG A 379 -39.13 18.94 6.63
CA ARG A 379 -40.00 20.09 6.49
C ARG A 379 -41.38 19.80 7.07
N HIS A 380 -41.75 18.50 7.14
CA HIS A 380 -43.05 18.07 7.60
C HIS A 380 -43.00 17.54 9.03
N LEU A 381 -41.83 17.66 9.68
CA LEU A 381 -41.69 17.28 11.07
C LEU A 381 -42.28 15.88 11.30
N GLU A 382 -41.95 14.94 10.41
CA GLU A 382 -42.39 13.55 10.52
C GLU A 382 -41.19 12.66 10.84
N SER A 383 -41.45 11.52 11.51
CA SER A 383 -40.43 10.56 11.87
C SER A 383 -40.24 9.54 10.76
N PHE A 384 -39.29 8.60 10.94
CA PHE A 384 -38.98 7.61 9.93
C PHE A 384 -40.06 6.53 9.89
N GLY A 385 -40.29 5.98 8.69
CA GLY A 385 -41.15 4.82 8.50
C GLY A 385 -40.53 3.56 9.09
N VAL A 386 -41.16 2.42 8.84
CA VAL A 386 -40.89 1.19 9.57
C VAL A 386 -39.49 0.63 9.27
N MET A 387 -38.94 0.92 8.09
CA MET A 387 -37.63 0.41 7.69
C MET A 387 -36.48 1.06 8.46
N GLY A 388 -36.80 2.10 9.25
CA GLY A 388 -35.81 2.83 10.02
C GLY A 388 -35.54 2.22 11.39
N ASP A 389 -36.29 1.19 11.78
CA ASP A 389 -36.12 0.52 13.06
C ASP A 389 -35.98 -0.99 12.85
N VAL A 390 -34.89 -1.57 13.40
CA VAL A 390 -34.61 -2.99 13.34
C VAL A 390 -35.80 -3.80 13.86
N ALA A 391 -36.44 -3.28 14.91
CA ALA A 391 -37.60 -3.92 15.53
C ALA A 391 -38.74 -4.15 14.54
N THR A 392 -38.86 -3.28 13.52
CA THR A 392 -40.03 -3.29 12.64
C THR A 392 -39.65 -3.45 11.15
N ALA A 393 -38.35 -3.44 10.83
CA ALA A 393 -37.89 -3.33 9.45
C ALA A 393 -38.41 -4.45 8.56
N MET A 394 -38.56 -5.66 9.12
CA MET A 394 -38.90 -6.83 8.34
C MET A 394 -40.36 -6.83 7.89
N ARG A 395 -41.19 -5.93 8.45
CA ARG A 395 -42.60 -5.83 8.09
C ARG A 395 -42.75 -5.33 6.65
N ASP A 396 -41.86 -4.44 6.22
CA ASP A 396 -41.95 -3.80 4.91
C ASP A 396 -41.42 -4.76 3.85
N PRO A 397 -42.12 -4.94 2.71
CA PRO A 397 -41.58 -5.71 1.59
C PRO A 397 -40.26 -5.24 0.98
N VAL A 398 -39.98 -3.93 1.08
CA VAL A 398 -38.78 -3.34 0.49
C VAL A 398 -37.55 -3.86 1.22
N PHE A 399 -37.73 -4.30 2.47
CA PHE A 399 -36.65 -4.86 3.27
C PHE A 399 -35.94 -5.96 2.49
N TYR A 400 -36.75 -6.82 1.85
CA TYR A 400 -36.27 -8.02 1.19
C TYR A 400 -35.62 -7.66 -0.14
N ARG A 401 -36.05 -6.56 -0.75
CA ARG A 401 -35.45 -6.04 -1.96
C ARG A 401 -34.07 -5.45 -1.66
N TRP A 402 -34.00 -4.63 -0.61
CA TRP A 402 -32.74 -4.01 -0.20
C TRP A 402 -31.76 -5.08 0.27
N HIS A 403 -32.27 -6.07 1.02
CA HIS A 403 -31.43 -7.11 1.59
C HIS A 403 -31.06 -8.14 0.53
N SER A 404 -31.90 -8.23 -0.51
CA SER A 404 -31.66 -9.06 -1.68
C SER A 404 -30.47 -8.52 -2.48
N PHE A 405 -30.48 -7.20 -2.72
CA PHE A 405 -29.38 -6.52 -3.38
C PHE A 405 -28.08 -6.82 -2.63
N ILE A 406 -28.06 -6.47 -1.34
CA ILE A 406 -26.90 -6.62 -0.49
C ILE A 406 -26.34 -8.04 -0.64
N ASP A 407 -27.23 -9.04 -0.73
CA ASP A 407 -26.82 -10.43 -0.81
C ASP A 407 -26.06 -10.69 -2.11
N ASP A 408 -26.56 -10.10 -3.20
CA ASP A 408 -25.94 -10.25 -4.52
C ASP A 408 -24.48 -9.78 -4.46
N ILE A 409 -24.20 -8.72 -3.68
CA ILE A 409 -22.85 -8.21 -3.51
C ILE A 409 -21.97 -9.27 -2.83
N PHE A 410 -22.47 -9.90 -1.78
CA PHE A 410 -21.76 -10.98 -1.11
C PHE A 410 -21.51 -12.12 -2.09
N GLN A 411 -22.57 -12.51 -2.83
CA GLN A 411 -22.47 -13.57 -3.83
C GLN A 411 -21.32 -13.33 -4.79
N GLU A 412 -21.16 -12.06 -5.22
CA GLU A 412 -20.14 -11.66 -6.17
C GLU A 412 -18.76 -12.08 -5.67
N HIS A 413 -18.58 -12.19 -4.35
CA HIS A 413 -17.33 -12.66 -3.77
C HIS A 413 -17.30 -14.19 -3.76
N LYS A 414 -18.40 -14.81 -3.36
CA LYS A 414 -18.48 -16.26 -3.21
C LYS A 414 -18.23 -16.99 -4.53
N ILE A 415 -18.63 -16.37 -5.66
CA ILE A 415 -18.48 -17.00 -6.97
C ILE A 415 -17.03 -16.90 -7.45
N LYS A 416 -16.20 -16.13 -6.73
CA LYS A 416 -14.78 -16.05 -7.03
C LYS A 416 -14.01 -17.18 -6.34
N LEU A 417 -14.56 -17.71 -5.25
CA LEU A 417 -13.91 -18.78 -4.49
C LEU A 417 -13.87 -20.06 -5.34
N PRO A 418 -12.84 -20.93 -5.19
CA PRO A 418 -12.75 -22.17 -5.96
C PRO A 418 -13.78 -23.20 -5.50
N ALA A 419 -14.39 -23.90 -6.47
CA ALA A 419 -15.39 -24.91 -6.20
C ALA A 419 -14.85 -25.94 -5.21
N TYR A 420 -15.73 -26.45 -4.35
CA TYR A 420 -15.40 -27.56 -3.48
C TYR A 420 -15.16 -28.78 -4.36
N THR A 421 -13.99 -29.42 -4.18
CA THR A 421 -13.58 -30.59 -4.96
C THR A 421 -14.30 -31.83 -4.42
N LYS A 422 -14.49 -32.83 -5.30
CA LYS A 422 -15.09 -34.11 -4.94
C LYS A 422 -14.48 -34.58 -3.62
N SER A 423 -13.14 -34.50 -3.55
CA SER A 423 -12.35 -34.83 -2.38
C SER A 423 -12.84 -34.09 -1.14
N GLN A 424 -12.96 -32.76 -1.24
CA GLN A 424 -13.18 -31.89 -0.11
C GLN A 424 -14.50 -32.18 0.61
N LEU A 425 -15.51 -32.67 -0.11
CA LEU A 425 -16.81 -32.94 0.49
C LEU A 425 -17.18 -34.43 0.39
N THR A 426 -16.15 -35.29 0.31
CA THR A 426 -16.32 -36.72 0.48
C THR A 426 -15.84 -37.11 1.89
N TYR A 427 -16.54 -38.07 2.50
CA TYR A 427 -16.15 -38.65 3.78
C TYR A 427 -15.78 -40.11 3.57
N GLU A 428 -14.47 -40.39 3.44
CA GLU A 428 -13.97 -41.71 3.07
C GLU A 428 -14.48 -42.74 4.06
N GLY A 429 -15.32 -43.67 3.57
CA GLY A 429 -15.88 -44.72 4.40
C GLY A 429 -17.38 -44.54 4.65
N ILE A 430 -17.81 -43.30 4.91
CA ILE A 430 -19.19 -43.01 5.26
C ILE A 430 -20.04 -42.91 3.99
N SER A 431 -21.24 -43.50 4.03
CA SER A 431 -22.22 -43.44 2.95
C SER A 431 -23.62 -43.29 3.52
N VAL A 432 -24.33 -42.21 3.14
CA VAL A 432 -25.72 -42.01 3.48
C VAL A 432 -26.57 -42.60 2.34
N THR A 433 -27.45 -43.55 2.70
CA THR A 433 -28.18 -44.35 1.73
C THR A 433 -29.64 -43.92 1.66
N GLY A 434 -30.07 -43.02 2.55
CA GLY A 434 -31.44 -42.55 2.55
C GLY A 434 -31.75 -41.65 3.75
N ILE A 435 -32.68 -40.70 3.53
CA ILE A 435 -33.27 -39.88 4.58
C ILE A 435 -34.77 -39.77 4.31
N ILE A 436 -35.59 -39.84 5.37
CA ILE A 436 -37.04 -39.70 5.25
C ILE A 436 -37.54 -38.83 6.41
N VAL A 437 -38.81 -38.39 6.34
CA VAL A 437 -39.45 -37.68 7.44
C VAL A 437 -40.80 -38.33 7.74
N GLN A 438 -41.19 -38.38 9.02
CA GLN A 438 -42.44 -38.99 9.45
C GLN A 438 -43.14 -38.12 10.50
N SER A 439 -44.39 -37.74 10.20
CA SER A 439 -45.28 -37.07 11.14
C SER A 439 -46.37 -38.06 11.56
N GLU A 440 -46.86 -37.93 12.81
CA GLU A 440 -47.96 -38.72 13.31
C GLU A 440 -49.20 -38.48 12.45
N GLY A 441 -49.80 -39.57 11.97
CA GLY A 441 -51.02 -39.52 11.16
C GLY A 441 -50.80 -38.76 9.87
N ALA A 442 -49.84 -39.22 9.06
CA ALA A 442 -49.49 -38.59 7.79
C ALA A 442 -48.53 -39.49 7.02
N PRO A 443 -48.64 -39.60 5.67
CA PRO A 443 -47.72 -40.42 4.88
C PRO A 443 -46.26 -40.06 5.13
N VAL A 444 -45.36 -40.98 4.77
CA VAL A 444 -43.93 -40.71 4.83
C VAL A 444 -43.58 -39.58 3.85
N ASN A 445 -42.51 -38.85 4.16
CA ASN A 445 -41.97 -37.79 3.31
C ASN A 445 -43.05 -36.76 2.99
N THR A 446 -43.77 -36.31 4.03
CA THR A 446 -44.84 -35.34 3.90
C THR A 446 -44.87 -34.45 5.15
N LEU A 447 -44.76 -33.13 4.94
CA LEU A 447 -44.87 -32.15 6.00
C LEU A 447 -46.20 -31.41 5.87
N HIS A 448 -46.81 -31.06 7.02
CA HIS A 448 -48.08 -30.34 7.06
C HIS A 448 -47.88 -29.00 7.78
N THR A 449 -48.63 -27.97 7.35
CA THR A 449 -48.68 -26.68 8.03
C THR A 449 -50.13 -26.21 8.17
N TYR A 450 -50.34 -25.20 9.01
CA TYR A 450 -51.66 -24.65 9.32
C TYR A 450 -51.51 -23.39 10.19
N TRP A 451 -52.65 -22.78 10.55
CA TRP A 451 -52.70 -21.64 11.46
C TRP A 451 -52.94 -22.13 12.89
N GLN A 452 -52.50 -21.33 13.88
CA GLN A 452 -52.62 -21.68 15.30
C GLN A 452 -52.65 -20.40 16.14
N GLN A 453 -53.68 -20.25 16.98
CA GLN A 453 -53.75 -19.13 17.91
C GLN A 453 -52.92 -19.45 19.15
N SER A 454 -52.18 -18.45 19.64
CA SER A 454 -51.47 -18.51 20.91
C SER A 454 -51.78 -17.24 21.71
N ASP A 455 -51.51 -17.26 23.02
CA ASP A 455 -51.87 -16.17 23.92
C ASP A 455 -50.61 -15.55 24.54
N VAL A 456 -50.63 -14.23 24.74
CA VAL A 456 -49.52 -13.49 25.32
C VAL A 456 -50.08 -12.42 26.25
N ASP A 457 -49.48 -12.29 27.44
CA ASP A 457 -49.87 -11.28 28.41
C ASP A 457 -49.13 -9.99 28.12
N LEU A 458 -49.85 -8.97 27.63
CA LEU A 458 -49.29 -7.68 27.26
C LEU A 458 -49.53 -6.67 28.39
N SER A 459 -49.68 -7.18 29.62
CA SER A 459 -50.17 -6.37 30.73
C SER A 459 -49.09 -5.38 31.17
N ARG A 460 -47.84 -5.85 31.23
CA ARG A 460 -46.72 -5.06 31.69
C ARG A 460 -46.46 -3.89 30.74
N GLY A 461 -46.95 -3.96 29.50
CA GLY A 461 -46.66 -2.95 28.49
C GLY A 461 -47.75 -1.89 28.35
N MET A 462 -48.92 -2.14 28.95
CA MET A 462 -50.07 -1.25 28.82
C MET A 462 -50.06 -0.17 29.90
N ASP A 463 -49.45 0.97 29.60
CA ASP A 463 -49.28 2.06 30.54
C ASP A 463 -50.63 2.74 30.78
N PHE A 464 -50.84 3.19 32.03
CA PHE A 464 -52.02 3.93 32.46
C PHE A 464 -53.31 3.19 32.12
N VAL A 465 -53.26 1.85 32.18
CA VAL A 465 -54.41 0.99 31.97
C VAL A 465 -54.73 0.32 33.30
N PRO A 466 -56.01 0.22 33.71
CA PRO A 466 -56.38 -0.50 34.93
C PRO A 466 -55.62 -1.83 35.04
N ARG A 467 -54.94 -2.04 36.17
CA ARG A 467 -54.12 -3.23 36.38
C ARG A 467 -54.98 -4.50 36.27
N GLY A 468 -54.30 -5.64 36.06
CA GLY A 468 -54.97 -6.90 35.77
C GLY A 468 -54.26 -7.62 34.63
N ASN A 469 -54.90 -8.68 34.10
CA ASN A 469 -54.36 -9.42 32.96
C ASN A 469 -54.98 -8.88 31.67
N VAL A 470 -54.19 -8.92 30.59
CA VAL A 470 -54.60 -8.49 29.26
C VAL A 470 -53.99 -9.46 28.26
N PHE A 471 -54.72 -10.54 27.96
CA PHE A 471 -54.26 -11.58 27.04
C PHE A 471 -54.62 -11.21 25.61
N ALA A 472 -53.65 -11.38 24.69
CA ALA A 472 -53.85 -11.15 23.27
C ALA A 472 -53.68 -12.46 22.50
N ARG A 473 -54.55 -12.69 21.50
CA ARG A 473 -54.55 -13.92 20.71
C ARG A 473 -53.87 -13.68 19.36
N PHE A 474 -52.65 -14.23 19.21
CA PHE A 474 -51.91 -14.20 17.95
C PHE A 474 -52.26 -15.41 17.10
N THR A 475 -52.52 -15.18 15.80
CA THR A 475 -52.62 -16.24 14.81
C THR A 475 -51.33 -16.27 14.01
N HIS A 476 -50.72 -17.47 13.88
CA HIS A 476 -49.42 -17.64 13.24
C HIS A 476 -49.31 -19.02 12.61
N LEU A 477 -48.49 -19.14 11.56
CA LEU A 477 -48.17 -20.40 10.91
C LEU A 477 -47.65 -21.39 11.94
N GLN A 478 -48.01 -22.68 11.77
CA GLN A 478 -47.47 -23.76 12.58
C GLN A 478 -47.36 -25.02 11.71
N HIS A 479 -46.43 -25.90 12.09
CA HIS A 479 -46.22 -27.18 11.42
C HIS A 479 -46.46 -28.31 12.41
N ALA A 480 -47.03 -29.41 11.92
CA ALA A 480 -47.15 -30.66 12.65
C ALA A 480 -45.76 -31.17 13.01
N PRO A 481 -45.55 -31.75 14.23
CA PRO A 481 -44.23 -32.24 14.61
C PRO A 481 -43.82 -33.36 13.67
N PHE A 482 -42.52 -33.50 13.40
CA PHE A 482 -41.99 -34.56 12.56
C PHE A 482 -40.62 -34.96 13.07
N GLN A 483 -39.99 -35.92 12.36
CA GLN A 483 -38.65 -36.39 12.69
C GLN A 483 -37.97 -36.93 11.43
N TYR A 484 -36.65 -36.69 11.32
CA TYR A 484 -35.85 -37.21 10.21
C TYR A 484 -35.34 -38.60 10.59
N VAL A 485 -35.16 -39.49 9.61
CA VAL A 485 -34.61 -40.83 9.82
C VAL A 485 -33.58 -41.11 8.73
N ILE A 486 -32.30 -41.20 9.14
CA ILE A 486 -31.15 -41.16 8.23
C ILE A 486 -30.38 -42.47 8.34
N GLN A 487 -30.12 -43.13 7.20
CA GLN A 487 -29.45 -44.43 7.15
C GLN A 487 -27.99 -44.25 6.70
N ILE A 488 -27.05 -44.48 7.63
CA ILE A 488 -25.64 -44.20 7.39
C ILE A 488 -24.82 -45.46 7.62
N ASP A 489 -23.92 -45.76 6.66
CA ASP A 489 -23.04 -46.94 6.73
C ASP A 489 -21.60 -46.48 6.96
N ASN A 490 -20.87 -47.17 7.83
CA ASN A 490 -19.56 -46.76 8.33
C ASN A 490 -18.45 -47.37 7.48
N THR A 491 -18.42 -48.72 7.37
CA THR A 491 -17.47 -49.47 6.54
C THR A 491 -16.02 -49.00 6.76
N SER A 492 -15.64 -48.74 8.01
CA SER A 492 -14.31 -48.22 8.31
C SER A 492 -13.56 -49.13 9.29
N ASP A 493 -14.27 -49.58 10.33
CA ASP A 493 -13.75 -50.44 11.40
C ASP A 493 -13.58 -49.63 12.69
N ALA A 494 -13.89 -48.34 12.67
CA ALA A 494 -13.71 -47.47 13.82
C ALA A 494 -14.90 -46.51 13.94
N GLN A 495 -15.22 -46.10 15.17
CA GLN A 495 -16.24 -45.10 15.42
C GLN A 495 -15.86 -43.82 14.68
N ARG A 496 -16.76 -43.35 13.80
CA ARG A 496 -16.57 -42.12 13.03
C ARG A 496 -17.48 -41.03 13.57
N MET A 497 -16.87 -39.86 13.85
CA MET A 497 -17.58 -38.65 14.20
C MET A 497 -17.96 -37.91 12.91
N GLY A 498 -19.14 -37.28 12.92
CA GLY A 498 -19.64 -36.57 11.75
C GLY A 498 -20.60 -35.44 12.13
N PHE A 499 -20.63 -34.40 11.29
CA PHE A 499 -21.63 -33.34 11.36
C PHE A 499 -22.75 -33.68 10.39
N VAL A 500 -23.99 -33.71 10.91
CA VAL A 500 -25.18 -33.84 10.09
C VAL A 500 -25.63 -32.42 9.72
N ARG A 501 -25.67 -32.13 8.41
CA ARG A 501 -26.07 -30.82 7.89
C ARG A 501 -27.31 -30.99 7.02
N ILE A 502 -28.44 -30.43 7.45
CA ILE A 502 -29.72 -30.64 6.79
C ILE A 502 -30.25 -29.31 6.26
N PHE A 503 -30.42 -29.24 4.93
CA PHE A 503 -31.03 -28.11 4.26
C PHE A 503 -32.27 -28.58 3.49
N MET A 504 -33.13 -27.63 3.11
CA MET A 504 -34.31 -27.90 2.28
C MET A 504 -34.50 -26.75 1.30
N ALA A 505 -34.74 -27.08 0.03
CA ALA A 505 -34.97 -26.11 -1.03
C ALA A 505 -36.22 -26.52 -1.82
N PRO A 506 -36.73 -25.66 -2.74
CA PRO A 506 -37.75 -26.09 -3.71
C PRO A 506 -37.17 -27.11 -4.68
N LYS A 507 -38.04 -27.97 -5.23
CA LYS A 507 -37.60 -29.05 -6.11
C LYS A 507 -37.42 -28.52 -7.53
N ASN A 508 -38.44 -27.81 -8.01
CA ASN A 508 -38.46 -27.21 -9.35
C ASN A 508 -38.40 -25.70 -9.24
N ASP A 509 -38.47 -25.02 -10.41
CA ASP A 509 -38.42 -23.57 -10.49
C ASP A 509 -39.85 -23.02 -10.60
N GLU A 510 -40.00 -21.76 -11.02
CA GLU A 510 -41.34 -21.16 -11.19
C GLU A 510 -41.97 -21.63 -12.51
N ARG A 511 -41.16 -22.15 -13.42
CA ARG A 511 -41.61 -22.59 -14.74
C ARG A 511 -41.92 -24.09 -14.74
N GLY A 512 -41.54 -24.80 -13.65
CA GLY A 512 -41.98 -26.17 -13.43
C GLY A 512 -40.95 -27.23 -13.81
N GLN A 513 -39.69 -26.82 -13.97
CA GLN A 513 -38.61 -27.71 -14.39
C GLN A 513 -37.75 -28.08 -13.19
N PRO A 514 -37.15 -29.29 -13.10
CA PRO A 514 -36.19 -29.61 -12.03
C PRO A 514 -35.01 -28.64 -11.97
N MET A 515 -34.88 -27.94 -10.83
CA MET A 515 -34.03 -26.77 -10.71
C MET A 515 -32.59 -27.18 -10.95
N LEU A 516 -31.80 -26.26 -11.54
CA LEU A 516 -30.37 -26.46 -11.71
C LEU A 516 -29.65 -26.05 -10.42
N PHE A 517 -28.40 -26.49 -10.25
CA PHE A 517 -27.68 -26.27 -9.01
C PHE A 517 -27.45 -24.77 -8.82
N ARG A 518 -26.83 -24.13 -9.84
CA ARG A 518 -26.54 -22.70 -9.81
C ARG A 518 -27.69 -21.89 -9.24
N ASP A 519 -28.93 -22.26 -9.58
CA ASP A 519 -30.14 -21.62 -9.08
C ASP A 519 -30.45 -22.12 -7.67
N GLN A 520 -30.57 -23.45 -7.53
CA GLN A 520 -31.12 -24.08 -6.34
C GLN A 520 -30.20 -23.88 -5.12
N ARG A 521 -28.89 -23.74 -5.33
CA ARG A 521 -27.95 -23.64 -4.22
C ARG A 521 -28.29 -22.43 -3.34
N LEU A 522 -28.87 -21.38 -3.94
CA LEU A 522 -29.15 -20.13 -3.25
C LEU A 522 -30.52 -20.17 -2.55
N PHE A 523 -31.29 -21.24 -2.74
CA PHE A 523 -32.63 -21.35 -2.19
C PHE A 523 -32.69 -22.39 -1.07
N MET A 524 -31.55 -23.06 -0.80
CA MET A 524 -31.43 -24.02 0.28
C MET A 524 -31.49 -23.30 1.64
N VAL A 525 -32.47 -23.67 2.48
CA VAL A 525 -32.60 -23.12 3.82
C VAL A 525 -32.10 -24.17 4.81
N GLU A 526 -31.22 -23.78 5.74
CA GLU A 526 -30.71 -24.68 6.77
C GLU A 526 -31.86 -25.11 7.67
N MET A 527 -31.92 -26.41 7.98
CA MET A 527 -32.98 -27.00 8.79
C MET A 527 -32.43 -27.59 10.10
N ASP A 528 -31.16 -28.01 10.09
CA ASP A 528 -30.53 -28.59 11.27
C ASP A 528 -29.04 -28.81 11.00
N LYS A 529 -28.25 -28.79 12.09
CA LYS A 529 -26.83 -29.12 12.07
C LYS A 529 -26.41 -29.62 13.45
N PHE A 530 -26.07 -30.93 13.56
CA PHE A 530 -25.77 -31.55 14.84
C PHE A 530 -24.69 -32.63 14.69
N LEU A 531 -23.98 -32.88 15.81
CA LEU A 531 -22.89 -33.83 15.88
C LEU A 531 -23.44 -35.23 16.17
N VAL A 532 -22.87 -36.26 15.51
CA VAL A 532 -23.34 -37.62 15.65
C VAL A 532 -22.15 -38.57 15.67
N ALA A 533 -22.22 -39.59 16.54
CA ALA A 533 -21.27 -40.69 16.61
C ALA A 533 -21.82 -41.91 15.89
N LEU A 534 -21.07 -42.43 14.92
CA LEU A 534 -21.56 -43.55 14.12
C LEU A 534 -20.75 -44.81 14.45
N ARG A 535 -21.46 -45.89 14.85
CA ARG A 535 -20.81 -47.15 15.18
C ARG A 535 -20.52 -47.91 13.89
N PRO A 536 -19.41 -48.70 13.82
CA PRO A 536 -19.05 -49.43 12.61
C PRO A 536 -20.20 -50.24 12.03
N GLY A 537 -20.19 -50.44 10.72
CA GLY A 537 -21.28 -51.14 10.04
C GLY A 537 -22.35 -50.13 9.64
N ALA A 538 -23.59 -50.26 10.12
CA ALA A 538 -24.61 -49.27 9.79
C ALA A 538 -25.41 -48.89 11.01
N ASN A 539 -25.79 -47.60 11.09
CA ASN A 539 -26.63 -47.08 12.17
C ASN A 539 -27.76 -46.22 11.54
N ARG A 540 -28.93 -46.35 12.17
CA ARG A 540 -30.13 -45.63 11.80
C ARG A 540 -30.38 -44.48 12.77
N ILE A 541 -30.14 -43.26 12.28
CA ILE A 541 -30.14 -42.05 13.08
C ILE A 541 -31.50 -41.40 12.96
N ARG A 542 -32.01 -40.95 14.11
CA ARG A 542 -33.27 -40.21 14.17
C ARG A 542 -33.05 -38.87 14.87
N ARG A 543 -33.76 -37.84 14.38
CA ARG A 543 -33.71 -36.49 14.89
C ARG A 543 -35.09 -35.87 14.82
N ARG A 544 -35.57 -35.33 15.96
CA ARG A 544 -36.88 -34.67 16.02
C ARG A 544 -36.77 -33.24 15.48
N SER A 545 -37.89 -32.73 14.95
CA SER A 545 -37.98 -31.38 14.43
C SER A 545 -37.68 -30.34 15.51
N ASN A 546 -38.05 -30.67 16.76
CA ASN A 546 -37.95 -29.74 17.87
C ASN A 546 -36.54 -29.70 18.45
N GLU A 547 -35.64 -30.58 17.97
CA GLU A 547 -34.25 -30.59 18.39
C GLU A 547 -33.38 -29.69 17.52
N SER A 548 -33.99 -29.02 16.53
CA SER A 548 -33.28 -28.24 15.53
C SER A 548 -32.38 -27.20 16.17
N THR A 549 -31.15 -27.06 15.62
CA THR A 549 -30.17 -26.10 16.09
C THR A 549 -30.33 -24.75 15.39
N VAL A 550 -31.30 -24.64 14.46
CA VAL A 550 -31.63 -23.39 13.79
C VAL A 550 -32.68 -22.63 14.60
N THR A 551 -33.39 -23.35 15.48
CA THR A 551 -34.65 -22.90 16.06
C THR A 551 -34.48 -22.68 17.56
N ILE A 552 -35.39 -21.89 18.16
CA ILE A 552 -35.53 -21.81 19.61
C ILE A 552 -36.97 -22.12 19.99
N PRO A 553 -37.19 -22.71 21.19
CA PRO A 553 -38.54 -23.13 21.61
C PRO A 553 -39.57 -22.00 21.65
N PHE A 554 -40.84 -22.40 21.52
CA PHE A 554 -41.99 -21.55 21.81
C PHE A 554 -41.74 -20.67 23.03
N GLU A 555 -41.43 -21.33 24.15
CA GLU A 555 -41.40 -20.72 25.47
C GLU A 555 -40.51 -19.47 25.46
N ARG A 556 -39.42 -19.48 24.68
CA ARG A 556 -38.49 -18.37 24.66
C ARG A 556 -39.14 -17.14 24.03
N THR A 557 -39.82 -17.32 22.88
CA THR A 557 -40.46 -16.21 22.18
C THR A 557 -41.61 -15.61 23.01
N PHE A 558 -42.61 -16.43 23.33
CA PHE A 558 -43.83 -15.97 23.97
C PHE A 558 -43.63 -15.84 25.49
N ARG A 559 -43.25 -16.95 26.12
CA ARG A 559 -43.14 -17.05 27.58
C ARG A 559 -44.44 -16.57 28.25
N GLY A 580 -27.94 -17.98 14.06
CA GLY A 580 -27.55 -17.32 15.32
C GLY A 580 -28.71 -17.36 16.33
N CYS A 581 -29.02 -16.23 16.96
CA CYS A 581 -29.75 -16.18 18.21
C CYS A 581 -31.26 -16.47 18.11
N GLY A 582 -31.67 -17.42 17.27
CA GLY A 582 -32.94 -18.10 17.43
C GLY A 582 -34.10 -17.78 16.50
N TRP A 583 -34.33 -18.63 15.49
CA TRP A 583 -35.44 -18.53 14.58
C TRP A 583 -36.67 -19.18 15.20
N PRO A 584 -37.88 -18.57 15.13
CA PRO A 584 -39.07 -19.15 15.75
C PRO A 584 -39.38 -20.56 15.22
N ALA A 585 -39.74 -21.45 16.16
CA ALA A 585 -39.92 -22.86 15.88
C ALA A 585 -41.05 -23.10 14.88
N HIS A 586 -42.14 -22.34 15.05
CA HIS A 586 -43.34 -22.51 14.24
C HIS A 586 -43.11 -22.07 12.79
N MET A 587 -41.99 -21.39 12.54
CA MET A 587 -41.64 -20.90 11.21
C MET A 587 -40.56 -21.76 10.57
N LEU A 588 -40.24 -22.90 11.17
CA LEU A 588 -39.18 -23.79 10.70
C LEU A 588 -39.49 -24.35 9.31
N VAL A 589 -40.76 -24.68 9.06
CA VAL A 589 -41.18 -25.28 7.80
C VAL A 589 -41.87 -24.20 6.98
N PRO A 590 -41.51 -24.04 5.68
CA PRO A 590 -42.29 -23.23 4.75
C PRO A 590 -43.76 -23.65 4.73
N LYS A 591 -44.62 -22.75 4.24
CA LYS A 591 -46.05 -22.96 4.29
C LYS A 591 -46.46 -24.09 3.36
N GLY A 592 -45.90 -24.12 2.15
CA GLY A 592 -46.35 -25.03 1.11
C GLY A 592 -47.71 -24.61 0.57
N LEU A 593 -48.32 -25.50 -0.24
CA LEU A 593 -49.61 -25.23 -0.88
C LEU A 593 -50.66 -26.20 -0.35
N PRO A 594 -51.96 -25.90 -0.52
CA PRO A 594 -53.02 -26.87 -0.25
C PRO A 594 -52.89 -28.13 -1.12
N GLU A 595 -52.51 -27.93 -2.39
CA GLU A 595 -52.35 -29.01 -3.35
C GLU A 595 -51.02 -29.72 -3.17
N GLY A 596 -50.19 -29.25 -2.22
CA GLY A 596 -48.87 -29.82 -1.98
C GLY A 596 -47.78 -29.10 -2.77
N PHE A 597 -46.67 -28.78 -2.10
CA PHE A 597 -45.55 -28.08 -2.72
C PHE A 597 -44.32 -29.01 -2.72
N PRO A 598 -43.76 -29.36 -3.91
CA PRO A 598 -42.60 -30.25 -3.99
C PRO A 598 -41.28 -29.60 -3.59
N ALA A 599 -40.49 -30.33 -2.79
CA ALA A 599 -39.28 -29.82 -2.17
C ALA A 599 -38.23 -30.94 -2.08
N ASP A 600 -36.96 -30.59 -2.28
CA ASP A 600 -35.84 -31.49 -2.09
C ASP A 600 -35.27 -31.34 -0.68
N LEU A 601 -35.37 -32.41 0.13
CA LEU A 601 -34.68 -32.50 1.41
C LEU A 601 -33.28 -33.05 1.19
N PHE A 602 -32.26 -32.37 1.73
CA PHE A 602 -30.88 -32.75 1.53
C PHE A 602 -30.19 -32.89 2.88
N VAL A 603 -29.35 -33.95 3.00
CA VAL A 603 -28.53 -34.16 4.18
C VAL A 603 -27.10 -34.47 3.73
N MET A 604 -26.14 -33.99 4.53
CA MET A 604 -24.73 -34.26 4.33
C MET A 604 -24.11 -34.61 5.68
N VAL A 605 -23.23 -35.64 5.68
CA VAL A 605 -22.41 -35.97 6.83
C VAL A 605 -20.97 -35.62 6.48
N SER A 606 -20.43 -34.59 7.15
CA SER A 606 -19.06 -34.14 6.94
C SER A 606 -18.18 -34.69 8.06
N ASN A 607 -16.87 -34.69 7.83
CA ASN A 607 -15.90 -35.25 8.77
C ASN A 607 -15.65 -34.26 9.92
N TYR A 608 -16.27 -34.53 11.07
CA TYR A 608 -16.28 -33.61 12.21
C TYR A 608 -14.87 -33.29 12.69
N GLU A 609 -13.90 -34.17 12.42
CA GLU A 609 -12.53 -33.96 12.85
C GLU A 609 -11.96 -32.70 12.20
N ASP A 610 -12.28 -32.49 10.91
CA ASP A 610 -11.88 -31.30 10.17
C ASP A 610 -12.72 -30.10 10.59
N ASP A 611 -14.02 -30.33 10.84
CA ASP A 611 -14.99 -29.27 11.10
C ASP A 611 -14.96 -28.83 12.57
N ARG A 612 -14.32 -29.63 13.44
CA ARG A 612 -14.35 -29.44 14.88
C ARG A 612 -13.71 -28.10 15.26
N VAL A 613 -14.22 -27.49 16.34
CA VAL A 613 -13.66 -26.29 16.92
C VAL A 613 -13.43 -26.53 18.41
N VAL A 614 -12.22 -26.99 18.75
CA VAL A 614 -11.83 -27.37 20.09
C VAL A 614 -12.07 -26.21 21.07
N GLN A 615 -12.97 -26.42 22.05
CA GLN A 615 -13.53 -25.36 22.87
C GLN A 615 -14.44 -25.94 23.96
N ASP A 616 -14.55 -25.19 25.08
CA ASP A 616 -15.39 -25.54 26.23
C ASP A 616 -16.64 -24.66 26.21
N TYR A 627 -31.82 -24.20 20.34
CA TYR A 627 -30.47 -23.58 20.16
C TYR A 627 -29.79 -23.37 21.50
N CYS A 628 -28.49 -23.69 21.60
CA CYS A 628 -27.74 -23.57 22.86
C CYS A 628 -27.27 -22.16 23.23
N GLY A 629 -26.10 -21.70 22.72
CA GLY A 629 -25.37 -20.62 23.37
C GLY A 629 -24.07 -20.24 22.64
N VAL A 630 -24.22 -19.56 21.49
CA VAL A 630 -23.08 -19.19 20.65
C VAL A 630 -22.41 -17.90 21.12
N ARG A 631 -22.84 -17.20 22.19
CA ARG A 631 -22.19 -16.00 22.66
C ARG A 631 -21.12 -16.41 23.67
N ASP A 632 -19.90 -15.94 23.46
CA ASP A 632 -18.76 -16.20 24.30
C ASP A 632 -17.92 -17.24 23.56
N ARG A 633 -16.65 -16.88 23.43
CA ARG A 633 -15.66 -17.53 22.56
C ARG A 633 -16.06 -17.59 21.08
N LEU A 634 -16.04 -18.79 20.51
CA LEU A 634 -15.92 -19.09 19.09
C LEU A 634 -17.23 -19.70 18.58
N TYR A 635 -17.36 -19.75 17.24
CA TYR A 635 -18.49 -20.33 16.55
C TYR A 635 -18.15 -21.79 16.22
N PRO A 636 -19.03 -22.77 16.55
CA PRO A 636 -18.64 -24.17 16.60
C PRO A 636 -18.56 -24.97 15.31
N ASP A 637 -18.00 -24.38 14.24
CA ASP A 637 -17.90 -25.06 12.97
C ASP A 637 -16.87 -24.33 12.09
N ARG A 638 -15.79 -25.02 11.71
CA ARG A 638 -14.71 -24.39 10.96
C ARG A 638 -15.15 -24.09 9.52
N LYS A 639 -16.11 -24.88 9.00
CA LYS A 639 -16.59 -24.71 7.64
C LYS A 639 -17.34 -23.39 7.50
N ALA A 640 -17.38 -22.87 6.26
CA ALA A 640 -18.10 -21.64 5.95
C ALA A 640 -19.58 -21.81 6.24
N MET A 641 -20.28 -20.72 6.55
CA MET A 641 -21.69 -20.78 6.88
C MET A 641 -22.51 -20.97 5.61
N GLY A 642 -23.36 -22.01 5.61
CA GLY A 642 -24.05 -22.48 4.42
C GLY A 642 -23.14 -23.40 3.59
N PHE A 643 -22.32 -24.18 4.32
CA PHE A 643 -21.08 -24.76 3.80
C PHE A 643 -21.26 -25.58 2.52
N PRO A 644 -22.16 -26.59 2.42
CA PRO A 644 -22.21 -27.36 1.17
C PRO A 644 -22.45 -26.48 -0.06
N PHE A 645 -23.31 -25.44 0.09
CA PHE A 645 -23.81 -24.71 -1.06
C PHE A 645 -23.36 -23.25 -1.15
N ASP A 646 -22.38 -22.79 -0.34
CA ASP A 646 -22.00 -21.39 -0.41
C ASP A 646 -21.22 -21.09 -1.70
N ARG A 647 -20.52 -22.09 -2.25
CA ARG A 647 -19.68 -21.89 -3.42
C ARG A 647 -20.30 -22.53 -4.66
N LEU A 648 -19.76 -22.13 -5.83
CA LEU A 648 -20.18 -22.64 -7.12
C LEU A 648 -19.86 -24.13 -7.24
N ALA A 649 -20.50 -24.78 -8.22
CA ALA A 649 -20.32 -26.19 -8.50
C ALA A 649 -18.96 -26.43 -9.14
N ARG A 650 -18.37 -27.60 -8.85
CA ARG A 650 -17.20 -28.10 -9.56
C ARG A 650 -17.60 -28.53 -10.97
N THR A 651 -16.63 -28.63 -11.89
CA THR A 651 -16.88 -28.93 -13.29
C THR A 651 -17.70 -30.22 -13.40
N GLY A 652 -18.61 -30.26 -14.38
CA GLY A 652 -19.41 -31.45 -14.63
C GLY A 652 -20.73 -31.46 -13.86
N VAL A 653 -20.75 -30.86 -12.66
CA VAL A 653 -21.96 -30.77 -11.85
C VAL A 653 -22.92 -29.75 -12.47
N ASP A 654 -24.22 -30.04 -12.36
CA ASP A 654 -25.25 -29.37 -13.14
C ASP A 654 -26.54 -29.25 -12.34
N ARG A 655 -26.89 -30.30 -11.56
CA ARG A 655 -28.05 -30.31 -10.68
C ARG A 655 -27.70 -31.06 -9.40
N LEU A 656 -28.58 -30.99 -8.40
CA LEU A 656 -28.30 -31.52 -7.07
C LEU A 656 -27.98 -33.01 -7.15
N SER A 657 -28.72 -33.73 -7.99
CA SER A 657 -28.67 -35.18 -8.07
C SER A 657 -27.34 -35.68 -8.65
N ASN A 658 -26.49 -34.79 -9.19
CA ASN A 658 -25.15 -35.17 -9.60
C ASN A 658 -24.08 -34.35 -8.88
N PHE A 659 -24.50 -33.42 -8.01
CA PHE A 659 -23.59 -32.74 -7.08
C PHE A 659 -23.22 -33.69 -5.95
N VAL A 660 -24.16 -34.59 -5.62
CA VAL A 660 -24.11 -35.42 -4.42
C VAL A 660 -22.85 -36.29 -4.41
N THR A 661 -22.28 -36.47 -3.20
CA THR A 661 -21.27 -37.48 -2.91
C THR A 661 -21.92 -38.62 -2.11
N PRO A 662 -21.26 -39.78 -1.93
CA PRO A 662 -21.80 -40.88 -1.12
C PRO A 662 -22.34 -40.47 0.25
N ASN A 663 -21.62 -39.57 0.93
CA ASN A 663 -21.95 -39.14 2.29
C ASN A 663 -23.07 -38.10 2.29
N MET A 664 -23.74 -37.91 1.15
CA MET A 664 -24.94 -37.09 1.05
C MET A 664 -26.12 -37.93 0.55
N ALA A 665 -27.34 -37.38 0.74
CA ALA A 665 -28.58 -38.00 0.29
C ALA A 665 -29.63 -36.91 -0.01
N ILE A 666 -30.47 -37.18 -1.02
CA ILE A 666 -31.57 -36.31 -1.41
C ILE A 666 -32.88 -37.06 -1.17
N GLN A 667 -33.96 -36.34 -0.90
CA GLN A 667 -35.28 -36.94 -0.76
C GLN A 667 -36.38 -35.97 -1.19
N SER A 668 -37.30 -36.43 -2.04
CA SER A 668 -38.46 -35.66 -2.43
C SER A 668 -39.44 -35.57 -1.25
N VAL A 669 -39.69 -34.35 -0.78
CA VAL A 669 -40.69 -34.10 0.25
C VAL A 669 -41.83 -33.30 -0.39
N ASN A 670 -43.04 -33.42 0.19
CA ASN A 670 -44.20 -32.67 -0.25
C ASN A 670 -44.76 -31.90 0.94
N VAL A 671 -44.89 -30.58 0.78
CA VAL A 671 -45.31 -29.68 1.85
C VAL A 671 -46.76 -29.28 1.60
N ILE A 672 -47.66 -29.72 2.50
CA ILE A 672 -49.09 -29.47 2.39
C ILE A 672 -49.52 -28.47 3.45
N HIS A 673 -50.19 -27.39 3.02
CA HIS A 673 -50.85 -26.46 3.93
C HIS A 673 -52.33 -26.85 4.05
N ILE A 674 -52.91 -26.52 5.21
CA ILE A 674 -54.34 -26.68 5.46
C ILE A 674 -54.84 -25.42 6.16
N ASP A 675 -55.77 -24.70 5.52
CA ASP A 675 -56.28 -23.45 6.06
C ASP A 675 -57.30 -23.73 7.16
N LYS A 676 -56.78 -23.98 8.38
CA LYS A 676 -57.58 -24.23 9.56
C LYS A 676 -56.83 -23.69 10.78
N THR A 677 -57.54 -23.42 11.88
CA THR A 677 -56.92 -22.94 13.11
C THR A 677 -56.96 -24.05 14.17
N VAL A 678 -55.81 -24.65 14.44
CA VAL A 678 -55.71 -25.80 15.31
C VAL A 678 -55.44 -25.27 16.72
N PRO A 679 -55.36 -26.18 17.72
CA PRO A 679 -55.01 -25.81 19.10
C PRO A 679 -53.56 -26.13 19.48
N ARG A 680 -53.22 -26.05 20.76
CA ARG A 680 -51.97 -26.55 21.29
C ARG A 680 -52.17 -27.72 22.25
N THR A 681 -53.42 -28.16 22.45
CA THR A 681 -53.76 -29.22 23.41
C THR A 681 -53.00 -28.99 24.70
N MET B 1 8.64 57.69 -15.69
CA MET B 1 8.61 58.60 -16.86
C MET B 1 7.16 58.76 -17.32
N ASN B 2 6.98 59.40 -18.49
CA ASN B 2 5.68 59.62 -19.10
C ASN B 2 5.08 58.28 -19.55
N TYR B 3 5.94 57.41 -20.09
CA TYR B 3 5.52 56.15 -20.71
C TYR B 3 4.50 55.41 -19.84
N LYS B 4 4.77 55.34 -18.53
CA LYS B 4 3.87 54.70 -17.59
C LYS B 4 2.46 55.31 -17.70
N LYS B 5 2.38 56.63 -17.78
CA LYS B 5 1.11 57.35 -17.85
C LYS B 5 0.47 57.21 -19.24
N ASN B 6 1.26 56.93 -20.27
CA ASN B 6 0.78 56.87 -21.65
C ASN B 6 0.08 55.54 -21.94
N LEU B 7 0.48 54.49 -21.23
CA LEU B 7 -0.15 53.17 -21.35
C LEU B 7 -1.57 53.23 -20.80
N LEU B 8 -1.78 54.00 -19.72
CA LEU B 8 -3.07 54.16 -19.10
C LEU B 8 -4.09 54.75 -20.07
N LEU B 9 -3.61 55.43 -21.12
CA LEU B 9 -4.47 56.02 -22.13
C LEU B 9 -5.06 54.93 -23.04
N LEU B 10 -4.42 53.75 -23.08
CA LEU B 10 -4.94 52.63 -23.87
C LEU B 10 -6.27 52.15 -23.30
N TYR B 11 -6.43 52.24 -21.97
CA TYR B 11 -7.66 51.83 -21.29
C TYR B 11 -8.82 52.77 -21.60
N ASP B 12 -8.51 53.96 -22.13
CA ASP B 12 -9.52 54.96 -22.43
C ASP B 12 -10.29 54.56 -23.70
N ARG B 13 -11.63 54.55 -23.61
CA ARG B 13 -12.53 54.29 -24.73
C ARG B 13 -12.06 53.10 -25.56
N PRO B 14 -12.29 51.85 -25.06
CA PRO B 14 -11.65 50.66 -25.63
C PRO B 14 -11.94 50.35 -27.09
N ARG B 15 -13.10 50.80 -27.59
CA ARG B 15 -13.56 50.46 -28.93
C ARG B 15 -13.34 51.61 -29.90
N GLU B 16 -13.10 52.82 -29.40
CA GLU B 16 -12.66 53.93 -30.24
C GLU B 16 -11.24 53.64 -30.72
N PRO B 17 -10.97 53.67 -32.05
CA PRO B 17 -9.60 53.46 -32.56
C PRO B 17 -8.55 54.33 -31.86
N ILE B 18 -7.31 53.82 -31.79
CA ILE B 18 -6.29 54.41 -30.93
C ILE B 18 -5.86 55.79 -31.45
N PHE B 19 -6.17 56.07 -32.72
CA PHE B 19 -5.80 57.31 -33.37
C PHE B 19 -6.84 58.42 -33.14
N MET B 20 -7.87 58.17 -32.33
CA MET B 20 -8.94 59.14 -32.11
C MET B 20 -8.61 60.10 -30.97
N GLY B 21 -7.62 59.76 -30.14
CA GLY B 21 -7.14 60.68 -29.11
C GLY B 21 -7.84 60.47 -27.77
N LYS B 22 -7.01 60.15 -26.75
CA LYS B 22 -7.46 59.74 -25.43
C LYS B 22 -7.08 60.82 -24.41
N GLY B 23 -8.04 61.26 -23.61
CA GLY B 23 -7.81 62.33 -22.64
C GLY B 23 -7.38 63.61 -23.34
N LYS B 24 -6.28 64.20 -22.87
CA LYS B 24 -5.74 65.44 -23.43
C LYS B 24 -4.55 65.16 -24.35
N SER B 25 -4.50 63.94 -24.92
CA SER B 25 -3.39 63.52 -25.77
C SER B 25 -3.94 62.85 -27.02
N VAL B 26 -3.02 62.47 -27.94
CA VAL B 26 -3.33 61.69 -29.13
C VAL B 26 -2.05 60.97 -29.58
N PHE B 27 -2.20 59.80 -30.20
CA PHE B 27 -1.05 59.01 -30.66
C PHE B 27 -0.76 59.32 -32.12
N ASP B 28 0.53 59.42 -32.45
CA ASP B 28 1.04 59.67 -33.80
C ASP B 28 1.45 58.33 -34.41
N VAL B 29 0.45 57.56 -34.86
CA VAL B 29 0.62 56.16 -35.21
C VAL B 29 1.18 56.06 -36.63
N PRO B 30 2.18 55.19 -36.90
CA PRO B 30 2.57 54.84 -38.26
C PRO B 30 1.38 54.38 -39.10
N ASP B 31 1.56 54.36 -40.43
CA ASP B 31 0.50 53.96 -41.34
C ASP B 31 0.39 52.43 -41.40
N ASN B 32 1.51 51.74 -41.12
CA ASN B 32 1.51 50.28 -41.06
C ASN B 32 0.94 49.81 -39.73
N TYR B 33 0.61 50.76 -38.84
CA TYR B 33 -0.05 50.49 -37.57
C TYR B 33 -1.57 50.63 -37.69
N LEU B 34 -2.03 51.29 -38.77
CA LEU B 34 -3.46 51.43 -39.04
C LEU B 34 -4.03 50.08 -39.48
N THR B 35 -5.31 49.84 -39.12
CA THR B 35 -6.00 48.61 -39.49
C THR B 35 -6.31 48.62 -40.98
N ASP B 36 -6.47 47.44 -41.56
CA ASP B 36 -6.77 47.25 -42.98
C ASP B 36 -7.99 48.06 -43.39
N ARG B 37 -8.98 48.20 -42.50
CA ARG B 37 -10.19 48.93 -42.79
C ARG B 37 -9.87 50.41 -43.00
N TYR B 38 -9.00 50.97 -42.14
CA TYR B 38 -8.79 52.40 -42.04
C TYR B 38 -7.51 52.84 -42.74
N ARG B 39 -6.57 51.91 -43.00
CA ARG B 39 -5.29 52.25 -43.61
C ARG B 39 -5.50 52.97 -44.94
N PRO B 40 -6.37 52.46 -45.85
CA PRO B 40 -6.61 53.12 -47.13
C PRO B 40 -7.15 54.55 -47.12
N ILE B 41 -7.47 55.08 -45.93
CA ILE B 41 -7.87 56.48 -45.79
C ILE B 41 -7.14 57.10 -44.59
N GLY B 42 -5.92 56.60 -44.31
CA GLY B 42 -5.09 57.08 -43.22
C GLY B 42 -4.88 58.59 -43.26
N PRO B 43 -4.43 59.16 -44.41
CA PRO B 43 -4.27 60.62 -44.54
C PRO B 43 -5.42 61.49 -44.02
N GLU B 44 -6.66 61.04 -44.22
CA GLU B 44 -7.84 61.82 -43.86
C GLU B 44 -8.05 61.79 -42.35
N ILE B 45 -7.51 60.76 -41.68
CA ILE B 45 -7.83 60.48 -40.30
C ILE B 45 -6.85 61.19 -39.36
N GLN B 46 -5.56 60.87 -39.47
CA GLN B 46 -4.54 61.37 -38.54
C GLN B 46 -4.68 62.89 -38.39
N ASN B 47 -5.02 63.54 -39.49
CA ASN B 47 -5.21 64.99 -39.55
C ASN B 47 -6.50 65.39 -38.83
N ARG B 48 -7.58 64.63 -39.09
CA ARG B 48 -8.92 64.94 -38.64
C ARG B 48 -9.05 64.92 -37.12
N PHE B 49 -8.24 64.08 -36.43
CA PHE B 49 -8.37 63.91 -35.00
C PHE B 49 -7.24 64.58 -34.22
N GLY B 50 -6.22 65.10 -34.93
CA GLY B 50 -4.97 65.44 -34.25
C GLY B 50 -5.11 66.64 -33.28
N GLU B 51 -6.01 67.57 -33.62
CA GLU B 51 -6.00 68.88 -32.95
C GLU B 51 -6.77 68.81 -31.64
N LEU B 52 -6.82 69.98 -30.96
CA LEU B 52 -7.43 70.20 -29.65
C LEU B 52 -6.79 69.36 -28.53
N ALA B 53 -5.56 68.95 -28.76
CA ALA B 53 -4.81 68.11 -27.86
C ALA B 53 -3.54 68.85 -27.46
N GLU B 54 -3.21 68.84 -26.18
CA GLU B 54 -1.99 69.40 -25.63
C GLU B 54 -0.77 68.57 -26.00
N GLU B 55 -0.91 67.25 -26.24
CA GLU B 55 0.26 66.43 -26.51
C GLU B 55 0.01 65.60 -27.76
N ARG B 56 1.09 65.24 -28.47
CA ARG B 56 1.10 64.20 -29.47
C ARG B 56 2.20 63.20 -29.12
N ILE B 57 1.79 61.97 -28.83
CA ILE B 57 2.69 60.92 -28.39
C ILE B 57 3.24 60.21 -29.63
N PRO B 58 4.58 60.22 -29.86
CA PRO B 58 5.15 59.49 -30.98
C PRO B 58 5.23 58.00 -30.65
N VAL B 59 5.27 57.15 -31.67
CA VAL B 59 5.38 55.71 -31.49
C VAL B 59 6.30 55.16 -32.59
N ARG B 60 7.39 54.52 -32.15
CA ARG B 60 8.41 54.00 -33.04
C ARG B 60 7.94 52.65 -33.62
N SER B 61 8.20 52.44 -34.91
CA SER B 61 7.78 51.25 -35.63
C SER B 61 8.77 50.11 -35.36
N ILE B 62 8.28 49.01 -34.74
CA ILE B 62 9.13 47.91 -34.32
C ILE B 62 8.77 46.67 -35.13
N ALA B 63 9.44 45.55 -34.81
CA ALA B 63 9.31 44.32 -35.63
C ALA B 63 7.95 43.65 -35.37
N LEU B 64 7.72 43.32 -34.10
CA LEU B 64 6.46 42.80 -33.60
C LEU B 64 6.29 41.33 -33.95
N PRO B 65 6.29 40.42 -32.95
CA PRO B 65 6.03 38.99 -33.23
C PRO B 65 4.68 38.80 -33.93
N ASP B 66 4.49 37.59 -34.47
CA ASP B 66 3.24 37.23 -35.12
C ASP B 66 2.12 37.33 -34.09
N LEU B 67 1.05 38.06 -34.45
CA LEU B 67 -0.11 38.25 -33.57
C LEU B 67 -1.31 37.45 -34.09
N ARG B 68 -1.04 36.35 -34.80
CA ARG B 68 -2.07 35.47 -35.33
C ARG B 68 -2.95 34.94 -34.22
N ILE B 69 -2.32 34.28 -33.23
CA ILE B 69 -3.05 33.62 -32.14
C ILE B 69 -3.89 34.68 -31.40
N PRO B 70 -3.30 35.77 -30.86
CA PRO B 70 -4.09 36.85 -30.26
C PRO B 70 -5.27 37.37 -31.07
N MET B 71 -5.12 37.37 -32.41
CA MET B 71 -6.14 37.89 -33.30
C MET B 71 -7.14 36.80 -33.68
N SER B 72 -6.93 35.55 -33.25
CA SER B 72 -7.83 34.47 -33.64
C SER B 72 -9.23 34.73 -33.10
N LEU B 73 -9.32 35.22 -31.84
CA LEU B 73 -10.59 35.59 -31.22
C LEU B 73 -11.19 36.78 -31.96
N GLY B 74 -12.46 36.68 -32.36
CA GLY B 74 -13.14 37.77 -33.05
C GLY B 74 -13.21 39.04 -32.19
N ARG B 75 -13.40 40.19 -32.84
CA ARG B 75 -13.44 41.48 -32.16
C ARG B 75 -14.79 41.69 -31.47
N GLN B 76 -15.84 41.14 -32.08
CA GLN B 76 -17.20 41.31 -31.58
C GLN B 76 -17.63 40.09 -30.78
N GLU B 77 -16.65 39.33 -30.28
CA GLU B 77 -16.91 38.11 -29.52
C GLU B 77 -16.67 38.39 -28.04
N GLN B 78 -17.25 37.53 -27.19
CA GLN B 78 -17.07 37.60 -25.75
C GLN B 78 -15.75 36.93 -25.39
N PHE B 79 -15.19 37.26 -24.21
CA PHE B 79 -13.93 36.69 -23.74
C PHE B 79 -14.09 36.24 -22.28
N SER B 80 -13.80 34.95 -22.06
CA SER B 80 -13.84 34.30 -20.75
C SER B 80 -12.61 33.44 -20.57
N LEU B 81 -12.06 33.47 -19.37
CA LEU B 81 -10.85 32.76 -18.98
C LEU B 81 -11.17 31.30 -18.65
N PHE B 82 -12.46 30.96 -18.60
CA PHE B 82 -12.91 29.62 -18.23
C PHE B 82 -12.88 28.72 -19.47
N ILE B 83 -13.09 29.31 -20.64
CA ILE B 83 -13.13 28.59 -21.91
C ILE B 83 -11.71 28.16 -22.27
N PRO B 84 -11.46 26.85 -22.52
CA PRO B 84 -10.08 26.34 -22.72
C PRO B 84 -9.26 27.14 -23.74
N ARG B 85 -9.91 27.51 -24.84
CA ARG B 85 -9.24 28.08 -26.00
C ARG B 85 -8.77 29.50 -25.71
N HIS B 86 -9.64 30.30 -25.09
CA HIS B 86 -9.33 31.65 -24.71
C HIS B 86 -8.10 31.71 -23.81
N ARG B 87 -7.96 30.71 -22.91
CA ARG B 87 -6.84 30.63 -21.99
C ARG B 87 -5.53 30.62 -22.76
N LYS B 88 -5.49 29.85 -23.85
CA LYS B 88 -4.30 29.68 -24.67
C LYS B 88 -3.99 30.96 -25.44
N ILE B 89 -5.03 31.69 -25.85
CA ILE B 89 -4.89 32.94 -26.60
C ILE B 89 -4.34 34.02 -25.67
N ALA B 90 -5.00 34.21 -24.52
CA ALA B 90 -4.61 35.24 -23.57
C ALA B 90 -3.18 35.00 -23.07
N ALA B 91 -2.91 33.75 -22.65
CA ALA B 91 -1.62 33.37 -22.09
C ALA B 91 -0.50 33.64 -23.10
N ARG B 92 -0.84 33.58 -24.39
CA ARG B 92 0.10 33.84 -25.46
C ARG B 92 0.34 35.34 -25.62
N LEU B 93 -0.74 36.13 -25.53
CA LEU B 93 -0.63 37.58 -25.65
C LEU B 93 0.09 38.13 -24.42
N ILE B 94 -0.34 37.70 -23.22
CA ILE B 94 0.32 38.07 -21.98
C ILE B 94 1.83 37.88 -22.17
N ASP B 95 2.20 36.78 -22.82
CA ASP B 95 3.58 36.38 -23.07
C ASP B 95 4.30 37.41 -23.95
N ILE B 96 3.57 37.98 -24.93
CA ILE B 96 4.14 38.98 -25.83
C ILE B 96 4.42 40.26 -25.06
N PHE B 97 3.37 40.86 -24.46
CA PHE B 97 3.51 42.07 -23.67
C PHE B 97 4.56 41.88 -22.57
N MET B 98 4.54 40.73 -21.91
CA MET B 98 5.49 40.42 -20.85
C MET B 98 6.91 40.37 -21.41
N GLY B 99 7.05 39.97 -22.68
CA GLY B 99 8.34 39.72 -23.31
C GLY B 99 8.97 40.96 -23.97
N MET B 100 8.30 42.12 -23.89
CA MET B 100 8.86 43.35 -24.43
C MET B 100 9.82 44.00 -23.44
N ARG B 101 11.12 43.98 -23.78
CA ARG B 101 12.21 44.39 -22.90
C ARG B 101 12.01 45.79 -22.29
N ASN B 102 11.60 46.76 -23.11
CA ASN B 102 11.62 48.17 -22.72
C ASN B 102 10.18 48.61 -22.54
N ILE B 103 9.95 49.69 -21.80
CA ILE B 103 8.62 50.22 -21.52
C ILE B 103 8.17 51.01 -22.75
N GLU B 104 9.10 51.28 -23.69
CA GLU B 104 8.79 52.00 -24.92
C GLU B 104 8.27 51.04 -25.98
N GLU B 105 8.85 49.84 -26.04
CA GLU B 105 8.42 48.81 -26.99
C GLU B 105 7.08 48.22 -26.56
N LEU B 106 6.84 48.16 -25.24
CA LEU B 106 5.56 47.73 -24.71
C LEU B 106 4.47 48.68 -25.21
N GLN B 107 4.78 49.99 -25.24
CA GLN B 107 3.86 51.01 -25.72
C GLN B 107 3.62 50.85 -27.21
N SER B 108 4.66 50.46 -27.96
CA SER B 108 4.57 50.32 -29.41
C SER B 108 3.77 49.07 -29.79
N CYS B 109 4.12 47.93 -29.16
CA CYS B 109 3.40 46.69 -29.36
C CYS B 109 1.92 46.87 -29.06
N ALA B 110 1.63 47.52 -27.92
CA ALA B 110 0.28 47.72 -27.43
C ALA B 110 -0.53 48.54 -28.45
N VAL B 111 0.04 49.69 -28.87
CA VAL B 111 -0.65 50.63 -29.72
C VAL B 111 -1.08 49.95 -31.02
N PHE B 112 -0.20 49.10 -31.56
CA PHE B 112 -0.48 48.34 -32.78
C PHE B 112 -1.62 47.34 -32.54
N ALA B 113 -1.41 46.45 -31.55
CA ALA B 113 -2.30 45.35 -31.26
C ALA B 113 -3.72 45.83 -30.94
N ARG B 114 -3.81 46.93 -30.18
CA ARG B 114 -5.03 47.34 -29.51
C ARG B 114 -6.26 47.26 -30.41
N ASP B 115 -6.13 47.69 -31.68
CA ASP B 115 -7.29 47.80 -32.56
C ASP B 115 -7.46 46.57 -33.44
N ARG B 116 -6.75 45.49 -33.14
CA ARG B 116 -6.82 44.26 -33.90
C ARG B 116 -7.37 43.11 -33.08
N ILE B 117 -7.29 43.20 -31.74
CA ILE B 117 -7.70 42.09 -30.88
C ILE B 117 -8.93 42.51 -30.07
N ASN B 118 -9.57 41.51 -29.45
CA ASN B 118 -10.80 41.65 -28.70
C ASN B 118 -10.57 42.57 -27.49
N PRO B 119 -11.30 43.72 -27.38
CA PRO B 119 -11.12 44.64 -26.27
C PRO B 119 -11.05 44.03 -24.87
N TYR B 120 -11.98 43.12 -24.56
CA TYR B 120 -12.03 42.45 -23.27
C TYR B 120 -10.72 41.70 -23.04
N LEU B 121 -10.23 41.03 -24.10
CA LEU B 121 -8.99 40.25 -24.07
C LEU B 121 -7.79 41.18 -23.88
N PHE B 122 -7.73 42.25 -24.68
CA PHE B 122 -6.68 43.26 -24.59
C PHE B 122 -6.56 43.75 -23.15
N ASN B 123 -7.69 44.22 -22.59
CA ASN B 123 -7.74 44.74 -21.23
C ASN B 123 -7.11 43.76 -20.24
N TYR B 124 -7.50 42.48 -20.34
CA TYR B 124 -7.00 41.45 -19.45
C TYR B 124 -5.49 41.29 -19.64
N ALA B 125 -5.08 41.04 -20.89
CA ALA B 125 -3.70 40.76 -21.23
C ALA B 125 -2.77 41.90 -20.79
N LEU B 126 -3.21 43.15 -20.98
CA LEU B 126 -2.44 44.32 -20.57
C LEU B 126 -2.39 44.38 -19.05
N SER B 127 -3.56 44.37 -18.40
CA SER B 127 -3.67 44.39 -16.95
C SER B 127 -2.67 43.42 -16.30
N VAL B 128 -2.60 42.18 -16.83
CA VAL B 128 -1.76 41.14 -16.27
C VAL B 128 -0.28 41.48 -16.49
N ALA B 129 0.05 42.00 -17.67
CA ALA B 129 1.42 42.34 -18.03
C ALA B 129 1.93 43.47 -17.15
N LEU B 130 1.18 44.58 -17.07
CA LEU B 130 1.56 45.74 -16.27
C LEU B 130 1.82 45.34 -14.83
N LEU B 131 0.92 44.54 -14.25
CA LEU B 131 1.00 44.20 -12.83
C LEU B 131 2.22 43.33 -12.52
N HIS B 132 2.77 42.65 -13.51
CA HIS B 132 3.82 41.67 -13.27
C HIS B 132 5.09 41.92 -14.08
N ARG B 133 5.07 42.96 -14.93
CA ARG B 133 6.28 43.45 -15.55
C ARG B 133 6.99 44.34 -14.52
N ARG B 134 8.33 44.42 -14.63
CA ARG B 134 9.13 44.95 -13.54
C ARG B 134 9.28 46.48 -13.62
N ASP B 135 9.00 47.07 -14.78
CA ASP B 135 9.17 48.50 -14.95
C ASP B 135 7.91 49.23 -14.48
N THR B 136 6.75 48.60 -14.66
CA THR B 136 5.43 49.19 -14.48
C THR B 136 4.82 48.79 -13.13
N LYS B 137 5.57 49.05 -12.06
CA LYS B 137 5.17 48.66 -10.71
C LYS B 137 4.42 49.83 -10.08
N ASN B 138 3.63 49.49 -9.04
CA ASN B 138 3.02 50.46 -8.13
C ASN B 138 2.03 51.37 -8.87
N LEU B 139 1.50 50.85 -9.98
CA LEU B 139 0.65 51.65 -10.87
C LEU B 139 -0.81 51.64 -10.46
N ASP B 140 -1.55 52.60 -11.05
CA ASP B 140 -2.97 52.75 -10.82
C ASP B 140 -3.70 52.33 -12.08
N LEU B 141 -4.16 51.09 -12.17
CA LEU B 141 -4.97 50.64 -13.30
C LEU B 141 -6.40 51.14 -13.15
N PRO B 142 -7.02 51.74 -14.20
CA PRO B 142 -8.39 52.25 -14.09
C PRO B 142 -9.37 51.13 -13.79
N SER B 143 -10.40 51.45 -12.98
CA SER B 143 -11.42 50.49 -12.61
C SER B 143 -12.08 49.94 -13.89
N VAL B 144 -12.33 48.62 -13.91
CA VAL B 144 -12.83 47.95 -15.11
C VAL B 144 -14.31 48.30 -15.31
N VAL B 145 -14.95 48.88 -14.29
CA VAL B 145 -16.30 49.44 -14.42
C VAL B 145 -16.28 50.62 -15.39
N GLU B 146 -15.23 51.46 -15.25
CA GLU B 146 -15.11 52.68 -16.02
C GLU B 146 -14.76 52.37 -17.47
N VAL B 147 -14.06 51.25 -17.74
CA VAL B 147 -13.65 50.91 -19.10
C VAL B 147 -14.68 49.98 -19.75
N PHE B 148 -15.37 49.16 -18.96
CA PHE B 148 -16.36 48.22 -19.47
C PHE B 148 -17.61 48.28 -18.60
N PRO B 149 -18.39 49.38 -18.67
CA PRO B 149 -19.58 49.50 -17.84
C PRO B 149 -20.69 48.51 -18.19
N ASP B 150 -20.60 47.90 -19.38
CA ASP B 150 -21.64 47.00 -19.88
C ASP B 150 -21.76 45.74 -19.03
N LYS B 151 -20.70 45.39 -18.29
CA LYS B 151 -20.66 44.20 -17.43
C LYS B 151 -21.16 44.51 -16.02
N TYR B 152 -21.61 45.75 -15.77
CA TYR B 152 -21.88 46.21 -14.41
C TYR B 152 -23.18 47.01 -14.33
N VAL B 153 -23.90 47.19 -15.44
CA VAL B 153 -25.00 48.13 -15.50
C VAL B 153 -26.09 47.63 -16.47
N ASP B 154 -27.35 47.77 -16.02
CA ASP B 154 -28.52 47.50 -16.84
C ASP B 154 -28.36 48.18 -18.20
N SER B 155 -28.63 47.42 -19.27
CA SER B 155 -28.43 47.91 -20.64
C SER B 155 -29.32 49.12 -20.94
N ARG B 156 -30.38 49.32 -20.16
CA ARG B 156 -31.35 50.37 -20.40
C ARG B 156 -30.70 51.76 -20.35
N VAL B 157 -29.67 51.94 -19.52
CA VAL B 157 -29.10 53.24 -19.28
C VAL B 157 -28.39 53.75 -20.54
N PHE B 158 -27.85 52.83 -21.35
CA PHE B 158 -26.92 53.20 -22.40
C PHE B 158 -27.56 54.18 -23.39
N GLU B 159 -28.84 53.99 -23.73
CA GLU B 159 -29.53 54.84 -24.68
C GLU B 159 -29.97 56.16 -24.02
N GLN B 160 -29.98 56.20 -22.67
CA GLN B 160 -30.20 57.43 -21.93
C GLN B 160 -28.93 58.28 -21.88
N ILE B 161 -27.79 57.61 -21.67
CA ILE B 161 -26.49 58.25 -21.64
C ILE B 161 -26.16 58.86 -23.01
N ARG B 162 -26.56 58.16 -24.08
CA ARG B 162 -26.35 58.62 -25.44
C ARG B 162 -27.20 59.85 -25.70
N GLU B 163 -28.47 59.82 -25.22
CA GLU B 163 -29.41 60.92 -25.38
C GLU B 163 -28.88 62.14 -24.62
N GLU B 164 -28.59 61.97 -23.32
CA GLU B 164 -28.15 63.04 -22.44
C GLU B 164 -26.90 63.71 -22.99
N ALA B 165 -25.94 62.91 -23.47
CA ALA B 165 -24.65 63.42 -23.92
C ALA B 165 -24.78 64.19 -25.24
N THR B 166 -25.78 63.85 -26.06
CA THR B 166 -25.96 64.46 -27.37
C THR B 166 -26.83 65.72 -27.26
N VAL B 167 -27.85 65.70 -26.40
CA VAL B 167 -28.85 66.77 -26.34
C VAL B 167 -28.36 67.90 -25.44
N VAL B 168 -27.97 67.55 -24.21
CA VAL B 168 -27.72 68.53 -23.15
C VAL B 168 -26.25 68.95 -23.18
N PRO B 169 -25.93 70.27 -23.05
CA PRO B 169 -24.54 70.72 -22.91
C PRO B 169 -23.88 70.27 -21.61
N GLU B 170 -22.56 70.00 -21.67
CA GLU B 170 -21.76 69.71 -20.51
C GLU B 170 -22.10 70.66 -19.36
N GLY B 171 -21.90 70.21 -18.13
CA GLY B 171 -22.11 71.04 -16.95
C GLY B 171 -23.56 71.05 -16.49
N MET B 172 -24.50 70.93 -17.44
CA MET B 172 -25.92 70.87 -17.14
C MET B 172 -26.43 69.42 -17.19
N ARG B 173 -25.53 68.45 -17.31
CA ARG B 173 -25.91 67.05 -17.45
C ARG B 173 -26.34 66.46 -16.11
N MET B 174 -27.52 65.83 -16.08
CA MET B 174 -28.05 65.17 -14.90
C MET B 174 -27.33 63.84 -14.70
N PRO B 175 -26.97 63.45 -13.45
CA PRO B 175 -26.43 62.11 -13.18
C PRO B 175 -27.47 61.04 -13.54
N ILE B 176 -27.02 59.98 -14.22
CA ILE B 176 -27.87 58.87 -14.63
C ILE B 176 -27.98 57.91 -13.45
N VAL B 177 -29.21 57.67 -12.96
CA VAL B 177 -29.41 56.73 -11.87
C VAL B 177 -29.29 55.33 -12.46
N ILE B 178 -28.55 54.44 -11.78
CA ILE B 178 -28.40 53.06 -12.21
C ILE B 178 -29.46 52.22 -11.52
N PRO B 179 -30.35 51.53 -12.27
CA PRO B 179 -31.41 50.73 -11.65
C PRO B 179 -30.85 49.66 -10.71
N LYS B 180 -31.52 49.48 -9.55
CA LYS B 180 -31.21 48.42 -8.60
C LYS B 180 -32.42 47.52 -8.47
N ASP B 181 -32.19 46.26 -8.04
CA ASP B 181 -33.26 45.28 -7.91
C ASP B 181 -34.11 45.28 -9.18
N PHE B 182 -33.47 44.89 -10.29
CA PHE B 182 -34.03 45.09 -11.64
C PHE B 182 -34.04 43.79 -12.43
N THR B 183 -33.44 42.71 -11.89
CA THR B 183 -33.28 41.46 -12.63
C THR B 183 -34.47 40.54 -12.41
N ALA B 184 -35.21 40.73 -11.30
CA ALA B 184 -36.34 39.88 -10.96
C ALA B 184 -37.30 40.62 -10.02
N SER B 185 -38.59 40.25 -10.09
CA SER B 185 -39.64 40.82 -9.24
C SER B 185 -39.74 40.03 -7.94
N ASP B 186 -40.78 40.33 -7.14
CA ASP B 186 -40.93 39.79 -5.79
C ASP B 186 -41.52 38.38 -5.80
N LEU B 187 -41.97 37.92 -6.99
CA LEU B 187 -42.39 36.54 -7.17
C LEU B 187 -41.19 35.62 -7.00
N ASP B 188 -39.99 36.12 -7.36
CA ASP B 188 -38.74 35.42 -7.13
C ASP B 188 -38.12 35.96 -5.85
N GLU B 189 -38.08 35.12 -4.80
CA GLU B 189 -37.59 35.50 -3.49
C GLU B 189 -36.07 35.79 -3.54
N GLU B 190 -35.40 35.27 -4.57
CA GLU B 190 -33.97 35.46 -4.76
C GLU B 190 -33.64 36.92 -5.05
N HIS B 191 -34.63 37.70 -5.53
CA HIS B 191 -34.39 39.08 -5.95
C HIS B 191 -33.94 39.94 -4.78
N ARG B 192 -34.15 39.46 -3.55
CA ARG B 192 -33.86 40.23 -2.34
C ARG B 192 -32.35 40.43 -2.16
N LEU B 193 -31.54 39.55 -2.76
CA LEU B 193 -30.11 39.53 -2.55
C LEU B 193 -29.38 40.32 -3.63
N TRP B 194 -30.12 41.16 -4.38
CA TRP B 194 -29.56 42.02 -5.42
C TRP B 194 -28.37 42.84 -4.88
N TYR B 195 -28.51 43.35 -3.65
CA TYR B 195 -27.55 44.27 -3.07
C TYR B 195 -26.21 43.58 -2.80
N PHE B 196 -26.16 42.25 -2.99
CA PHE B 196 -24.95 41.48 -2.76
C PHE B 196 -24.48 40.88 -4.10
N ARG B 197 -25.35 40.11 -4.74
CA ARG B 197 -25.06 39.46 -6.00
C ARG B 197 -24.65 40.49 -7.07
N GLU B 198 -25.42 41.58 -7.15
CA GLU B 198 -25.31 42.53 -8.26
C GLU B 198 -24.56 43.80 -7.85
N ASP B 199 -24.07 43.85 -6.60
CA ASP B 199 -23.28 44.97 -6.13
C ASP B 199 -21.99 45.08 -6.94
N ILE B 200 -21.70 46.30 -7.43
CA ILE B 200 -20.49 46.60 -8.18
C ILE B 200 -19.26 46.15 -7.41
N GLY B 201 -19.24 46.47 -6.11
CA GLY B 201 -18.08 46.25 -5.25
C GLY B 201 -17.61 44.81 -5.29
N VAL B 202 -18.52 43.87 -4.97
CA VAL B 202 -18.15 42.49 -4.72
C VAL B 202 -17.77 41.84 -6.06
N ASN B 203 -18.41 42.27 -7.15
CA ASN B 203 -18.10 41.75 -8.48
C ASN B 203 -16.69 42.19 -8.90
N LEU B 204 -16.29 43.39 -8.49
CA LEU B 204 -14.94 43.88 -8.78
C LEU B 204 -13.92 43.11 -7.97
N HIS B 205 -14.22 42.85 -6.70
CA HIS B 205 -13.32 42.10 -5.84
C HIS B 205 -13.04 40.72 -6.43
N HIS B 206 -14.09 40.06 -6.95
CA HIS B 206 -13.97 38.72 -7.50
C HIS B 206 -13.10 38.75 -8.74
N TRP B 207 -13.41 39.66 -9.68
CA TRP B 207 -12.65 39.83 -10.91
C TRP B 207 -11.16 40.04 -10.61
N HIS B 208 -10.87 40.93 -9.64
CA HIS B 208 -9.51 41.32 -9.33
C HIS B 208 -8.75 40.17 -8.65
N TRP B 209 -9.42 39.41 -7.77
CA TRP B 209 -8.79 38.29 -7.08
C TRP B 209 -8.23 37.30 -8.10
N HIS B 210 -8.99 37.07 -9.18
CA HIS B 210 -8.60 36.14 -10.23
C HIS B 210 -7.51 36.75 -11.12
N LEU B 211 -7.38 38.09 -11.14
CA LEU B 211 -6.29 38.76 -11.83
C LEU B 211 -4.94 38.43 -11.17
N VAL B 212 -4.88 38.53 -9.84
CA VAL B 212 -3.61 38.49 -9.12
C VAL B 212 -3.26 37.05 -8.77
N TYR B 213 -4.25 36.15 -8.78
CA TYR B 213 -4.02 34.72 -8.57
C TYR B 213 -4.65 33.95 -9.72
N PRO B 214 -4.11 34.05 -10.97
CA PRO B 214 -4.58 33.20 -12.06
C PRO B 214 -4.26 31.73 -11.76
N PHE B 215 -4.94 30.83 -12.47
CA PHE B 215 -4.81 29.40 -12.17
C PHE B 215 -3.98 28.67 -13.23
N GLU B 216 -3.78 29.35 -14.35
CA GLU B 216 -3.00 28.88 -15.47
C GLU B 216 -2.78 30.13 -16.31
N ALA B 217 -1.50 30.42 -16.55
CA ALA B 217 -1.12 31.44 -17.52
C ALA B 217 -0.03 30.91 -18.44
N SER B 218 1.15 30.73 -17.84
CA SER B 218 2.45 30.48 -18.43
C SER B 218 3.48 30.97 -17.40
N ASN B 219 4.56 30.23 -17.21
CA ASN B 219 5.58 30.62 -16.24
C ASN B 219 4.95 30.53 -14.83
N ARG B 220 5.39 29.50 -14.11
CA ARG B 220 4.68 28.90 -12.99
C ARG B 220 4.71 29.82 -11.76
N ALA B 221 5.74 30.66 -11.68
CA ALA B 221 5.90 31.57 -10.57
C ALA B 221 4.78 32.59 -10.49
N ILE B 222 4.18 32.96 -11.65
CA ILE B 222 3.08 33.93 -11.63
C ILE B 222 1.79 33.33 -11.06
N VAL B 223 1.63 32.05 -11.37
CA VAL B 223 0.51 31.29 -10.82
C VAL B 223 0.88 30.90 -9.40
N ASP B 224 2.13 30.50 -9.18
CA ASP B 224 2.59 29.92 -7.92
C ASP B 224 2.87 30.99 -6.86
N LYS B 225 1.78 31.49 -6.28
CA LYS B 225 1.79 32.41 -5.14
C LYS B 225 1.56 31.59 -3.88
N ASP B 226 2.10 32.05 -2.75
CA ASP B 226 2.05 31.30 -1.51
C ASP B 226 0.60 30.95 -1.17
N ARG B 227 0.34 29.64 -0.99
CA ARG B 227 -0.92 29.11 -0.49
C ARG B 227 -2.12 29.60 -1.29
N ARG B 228 -1.96 29.74 -2.62
CA ARG B 228 -3.03 30.22 -3.48
C ARG B 228 -4.18 29.20 -3.53
N GLY B 229 -3.83 27.91 -3.36
CA GLY B 229 -4.83 26.86 -3.27
C GLY B 229 -5.74 27.07 -2.06
N GLU B 230 -5.12 27.25 -0.89
CA GLU B 230 -5.87 27.50 0.33
C GLU B 230 -6.64 28.81 0.18
N LEU B 231 -6.02 29.80 -0.49
CA LEU B 231 -6.66 31.09 -0.72
C LEU B 231 -7.96 30.88 -1.49
N PHE B 232 -7.86 30.11 -2.60
CA PHE B 232 -8.98 29.80 -3.46
C PHE B 232 -10.10 29.14 -2.64
N TYR B 233 -9.73 28.20 -1.76
CA TYR B 233 -10.69 27.56 -0.87
C TYR B 233 -11.36 28.61 -0.01
N TYR B 234 -10.55 29.39 0.73
CA TYR B 234 -11.02 30.23 1.82
C TYR B 234 -11.84 31.42 1.29
N MET B 235 -11.28 32.15 0.34
CA MET B 235 -11.93 33.32 -0.22
C MET B 235 -13.34 32.96 -0.68
N HIS B 236 -13.45 31.94 -1.55
CA HIS B 236 -14.74 31.50 -2.07
C HIS B 236 -15.62 30.99 -0.93
N SER B 237 -15.01 30.32 0.07
CA SER B 237 -15.72 29.80 1.23
C SER B 237 -16.34 30.93 2.06
N GLN B 238 -15.66 32.07 2.12
CA GLN B 238 -16.15 33.25 2.83
C GLN B 238 -17.25 33.95 2.04
N LEU B 239 -17.20 33.89 0.71
CA LEU B 239 -18.26 34.43 -0.13
C LEU B 239 -19.60 33.82 0.26
N ILE B 240 -19.62 32.49 0.50
CA ILE B 240 -20.85 31.77 0.74
C ILE B 240 -21.31 31.98 2.18
N ALA B 241 -20.34 32.05 3.11
CA ALA B 241 -20.61 32.37 4.51
C ALA B 241 -21.31 33.73 4.62
N ARG B 242 -20.80 34.71 3.88
CA ARG B 242 -21.36 36.05 3.84
C ARG B 242 -22.72 36.05 3.14
N TYR B 243 -22.84 35.25 2.05
CA TYR B 243 -24.07 35.12 1.29
C TYR B 243 -25.15 34.50 2.19
N ASN B 244 -24.79 33.42 2.88
CA ASN B 244 -25.71 32.72 3.76
C ASN B 244 -26.17 33.62 4.89
N PHE B 245 -25.28 34.54 5.33
CA PHE B 245 -25.65 35.53 6.33
C PHE B 245 -26.74 36.43 5.76
N GLU B 246 -26.47 37.00 4.59
CA GLU B 246 -27.39 37.93 3.94
C GLU B 246 -28.71 37.23 3.62
N ARG B 247 -28.68 35.91 3.39
CA ARG B 247 -29.90 35.15 3.15
C ARG B 247 -30.79 35.20 4.39
N PHE B 248 -30.18 34.98 5.57
CA PHE B 248 -30.91 34.94 6.83
C PHE B 248 -31.54 36.31 7.14
N CYS B 249 -30.92 37.37 6.62
CA CYS B 249 -31.41 38.72 6.81
C CYS B 249 -32.52 39.07 5.81
N ASN B 250 -32.89 38.13 4.94
CA ASN B 250 -33.97 38.32 3.98
C ASN B 250 -34.98 37.19 4.07
N ARG B 251 -35.06 36.57 5.27
CA ARG B 251 -36.08 35.57 5.60
C ARG B 251 -35.99 34.35 4.67
N LEU B 252 -34.76 33.98 4.27
CA LEU B 252 -34.49 32.83 3.43
C LEU B 252 -33.65 31.82 4.20
N GLN B 253 -33.63 30.57 3.73
CA GLN B 253 -32.82 29.51 4.34
C GLN B 253 -31.42 29.55 3.73
N ARG B 254 -30.51 28.74 4.27
CA ARG B 254 -29.15 28.67 3.76
C ARG B 254 -29.18 28.11 2.34
N VAL B 255 -28.21 28.53 1.52
CA VAL B 255 -28.17 28.15 0.11
C VAL B 255 -28.00 26.64 0.02
N LYS B 256 -28.84 26.00 -0.81
CA LYS B 256 -28.72 24.57 -1.09
C LYS B 256 -27.67 24.36 -2.18
N ARG B 257 -26.78 23.38 -1.94
CA ARG B 257 -25.71 23.03 -2.86
C ARG B 257 -26.31 22.38 -4.12
N LEU B 258 -25.50 22.26 -5.18
CA LEU B 258 -25.86 21.47 -6.35
C LEU B 258 -25.55 20.01 -6.08
N ASN B 259 -26.45 19.36 -5.32
CA ASN B 259 -26.40 17.94 -4.99
C ASN B 259 -25.88 17.14 -6.19
N ASN B 260 -26.64 17.15 -7.29
CA ASN B 260 -26.33 16.33 -8.46
C ASN B 260 -26.81 17.05 -9.73
N LEU B 261 -26.03 16.83 -10.81
CA LEU B 261 -26.03 17.68 -11.98
C LEU B 261 -27.13 17.30 -12.95
N ARG B 262 -27.81 16.16 -12.71
CA ARG B 262 -28.81 15.64 -13.62
C ARG B 262 -30.17 16.26 -13.33
N GLU B 263 -30.40 16.58 -12.05
CA GLU B 263 -31.63 17.22 -11.59
C GLU B 263 -31.68 18.65 -12.12
N PRO B 264 -32.87 19.17 -12.54
CA PRO B 264 -33.02 20.56 -12.96
C PRO B 264 -32.51 21.63 -11.98
N ILE B 265 -32.16 22.80 -12.53
CA ILE B 265 -31.79 23.97 -11.73
C ILE B 265 -33.02 24.87 -11.60
N ALA B 266 -33.55 24.94 -10.36
CA ALA B 266 -34.81 25.60 -10.09
C ALA B 266 -34.76 27.10 -10.40
N GLU B 267 -33.68 27.76 -9.95
CA GLU B 267 -33.57 29.21 -10.00
C GLU B 267 -32.94 29.62 -11.34
N GLY B 268 -33.75 30.21 -12.22
CA GLY B 268 -33.25 30.87 -13.43
C GLY B 268 -32.74 32.28 -13.10
N TYR B 269 -32.07 32.92 -14.07
CA TYR B 269 -31.55 34.27 -13.89
C TYR B 269 -31.29 34.90 -15.25
N PHE B 270 -32.04 35.97 -15.56
CA PHE B 270 -31.78 36.83 -16.71
C PHE B 270 -31.06 38.09 -16.23
N PRO B 271 -29.79 38.30 -16.62
CA PRO B 271 -28.93 39.33 -15.99
C PRO B 271 -29.16 40.77 -16.44
N LYS B 272 -29.78 40.93 -17.62
CA LYS B 272 -30.17 42.22 -18.17
C LYS B 272 -28.96 43.04 -18.61
N LEU B 273 -27.87 42.37 -18.99
CA LEU B 273 -26.66 43.04 -19.45
C LEU B 273 -26.59 42.95 -20.97
N ASP B 274 -26.02 43.99 -21.59
CA ASP B 274 -25.82 44.07 -23.03
C ASP B 274 -24.36 44.41 -23.30
N SER B 275 -23.62 43.46 -23.87
CA SER B 275 -22.23 43.65 -24.24
C SER B 275 -22.12 44.56 -25.46
N LEU B 276 -21.57 45.76 -25.27
CA LEU B 276 -21.39 46.73 -26.35
C LEU B 276 -20.23 46.31 -27.24
N VAL B 277 -19.34 45.44 -26.72
CA VAL B 277 -18.21 44.90 -27.47
C VAL B 277 -18.70 43.79 -28.40
N ALA B 278 -19.59 42.91 -27.91
CA ALA B 278 -20.19 41.85 -28.70
C ALA B 278 -21.40 42.35 -29.46
N SER B 279 -21.92 43.52 -29.02
CA SER B 279 -23.09 44.19 -29.58
C SER B 279 -24.36 43.36 -29.37
N ARG B 280 -24.23 42.25 -28.66
CA ARG B 280 -25.33 41.38 -28.27
C ARG B 280 -25.57 41.52 -26.77
N THR B 281 -26.60 40.83 -26.26
CA THR B 281 -26.80 40.68 -24.82
C THR B 281 -26.34 39.29 -24.39
N TRP B 282 -26.01 39.16 -23.09
CA TRP B 282 -25.77 37.87 -22.45
C TRP B 282 -27.08 37.08 -22.43
N PRO B 283 -27.07 35.77 -22.77
CA PRO B 283 -28.29 34.95 -22.66
C PRO B 283 -28.68 34.77 -21.20
N GLY B 284 -29.98 34.59 -20.96
CA GLY B 284 -30.46 34.19 -19.65
C GLY B 284 -30.53 32.67 -19.53
N ARG B 285 -30.83 32.20 -18.31
CA ARG B 285 -31.16 30.80 -18.06
C ARG B 285 -32.57 30.72 -17.51
N VAL B 286 -33.39 29.82 -18.07
CA VAL B 286 -34.79 29.66 -17.68
C VAL B 286 -34.87 28.86 -16.39
N ASP B 287 -36.04 28.89 -15.77
CA ASP B 287 -36.33 28.03 -14.62
C ASP B 287 -36.29 26.58 -15.08
N ASN B 288 -35.72 25.71 -14.24
CA ASN B 288 -35.67 24.27 -14.46
C ASN B 288 -34.88 23.90 -15.73
N ALA B 289 -33.93 24.74 -16.11
CA ALA B 289 -32.94 24.35 -17.10
C ALA B 289 -32.18 23.14 -16.61
N VAL B 290 -31.77 22.26 -17.53
CA VAL B 290 -30.95 21.10 -17.20
C VAL B 290 -29.59 21.24 -17.85
N ILE B 291 -28.53 20.87 -17.10
CA ILE B 291 -27.18 20.80 -17.63
C ILE B 291 -27.18 19.79 -18.76
N LYS B 292 -26.45 20.10 -19.84
CA LYS B 292 -26.39 19.26 -21.02
C LYS B 292 -24.94 19.14 -21.48
N ASP B 293 -24.59 17.98 -22.02
CA ASP B 293 -23.28 17.71 -22.63
C ASP B 293 -22.93 18.82 -23.62
N LEU B 294 -21.70 19.34 -23.52
CA LEU B 294 -21.22 20.43 -24.35
C LEU B 294 -20.47 19.88 -25.56
N ASN B 295 -20.68 20.51 -26.73
CA ASN B 295 -19.95 20.22 -27.96
C ASN B 295 -19.77 21.55 -28.72
N ARG B 296 -18.93 22.43 -28.18
CA ARG B 296 -18.70 23.74 -28.75
C ARG B 296 -17.41 23.69 -29.57
N GLU B 297 -17.51 23.18 -30.80
CA GLU B 297 -16.35 22.91 -31.64
C GLU B 297 -15.41 24.13 -31.70
N LEU B 298 -15.99 25.32 -31.89
CA LEU B 298 -15.24 26.56 -32.06
C LEU B 298 -14.40 26.84 -30.81
N ASP B 299 -15.04 26.79 -29.64
CA ASP B 299 -14.42 27.15 -28.37
C ASP B 299 -13.43 26.08 -27.88
N GLN B 300 -13.42 24.92 -28.56
CA GLN B 300 -12.61 23.78 -28.16
C GLN B 300 -13.10 23.22 -26.83
N ILE B 301 -14.40 22.91 -26.75
CA ILE B 301 -15.03 22.28 -25.60
C ILE B 301 -15.74 21.02 -26.08
N LYS B 302 -15.26 19.86 -25.62
CA LYS B 302 -15.90 18.57 -25.86
C LYS B 302 -15.94 17.85 -24.52
N GLN B 303 -16.96 18.15 -23.71
CA GLN B 303 -17.06 17.63 -22.35
C GLN B 303 -18.46 17.07 -22.12
N ASP B 304 -18.53 15.89 -21.50
CA ASP B 304 -19.80 15.27 -21.12
C ASP B 304 -20.00 15.49 -19.63
N VAL B 305 -21.27 15.48 -19.19
CA VAL B 305 -21.60 15.68 -17.80
C VAL B 305 -20.92 14.58 -16.97
N SER B 306 -20.94 13.35 -17.50
CA SER B 306 -20.33 12.20 -16.84
C SER B 306 -18.84 12.44 -16.57
N ASP B 307 -18.14 13.17 -17.45
CA ASP B 307 -16.76 13.55 -17.20
C ASP B 307 -16.64 14.31 -15.88
N LEU B 308 -17.53 15.29 -15.70
CA LEU B 308 -17.54 16.11 -14.50
C LEU B 308 -17.78 15.21 -13.29
N GLU B 309 -18.82 14.36 -13.39
CA GLU B 309 -19.20 13.43 -12.34
C GLU B 309 -18.04 12.49 -11.98
N ARG B 310 -17.27 12.09 -12.98
CA ARG B 310 -16.14 11.19 -12.80
C ARG B 310 -15.06 11.90 -12.00
N TRP B 311 -14.78 13.16 -12.34
CA TRP B 311 -13.79 13.95 -11.62
C TRP B 311 -14.18 14.06 -10.14
N ILE B 312 -15.46 14.33 -9.88
CA ILE B 312 -15.97 14.51 -8.53
C ILE B 312 -15.82 13.20 -7.74
N ASP B 313 -16.25 12.10 -8.34
CA ASP B 313 -16.15 10.79 -7.73
C ASP B 313 -14.71 10.50 -7.30
N ARG B 314 -13.74 10.86 -8.15
CA ARG B 314 -12.33 10.59 -7.89
C ARG B 314 -11.80 11.49 -6.76
N ILE B 315 -12.19 12.78 -6.78
CA ILE B 315 -11.72 13.75 -5.82
C ILE B 315 -12.20 13.36 -4.42
N TYR B 316 -13.49 13.00 -4.32
CA TYR B 316 -14.07 12.48 -3.08
C TYR B 316 -13.25 11.30 -2.57
N GLU B 317 -12.91 10.37 -3.46
CA GLU B 317 -12.17 9.16 -3.11
C GLU B 317 -10.84 9.56 -2.46
N ALA B 318 -10.10 10.44 -3.15
CA ALA B 318 -8.80 10.93 -2.67
C ALA B 318 -8.94 11.53 -1.28
N VAL B 319 -9.97 12.36 -1.09
CA VAL B 319 -10.18 13.07 0.17
C VAL B 319 -10.42 12.09 1.31
N HIS B 320 -11.22 11.05 1.05
CA HIS B 320 -11.50 10.01 2.02
C HIS B 320 -10.26 9.13 2.24
N GLN B 321 -9.65 8.66 1.14
CA GLN B 321 -8.39 7.93 1.20
C GLN B 321 -7.36 8.69 2.05
N GLY B 322 -7.32 10.02 1.88
CA GLY B 322 -6.42 10.89 2.63
C GLY B 322 -5.16 11.27 1.82
N TYR B 323 -5.05 10.80 0.57
CA TYR B 323 -3.92 11.12 -0.28
C TYR B 323 -4.35 11.18 -1.74
N VAL B 324 -3.52 11.84 -2.57
CA VAL B 324 -3.72 11.94 -4.01
C VAL B 324 -2.55 11.23 -4.70
N VAL B 325 -2.65 11.08 -6.02
CA VAL B 325 -1.62 10.45 -6.83
C VAL B 325 -1.20 11.42 -7.94
N ASP B 326 0.11 11.62 -8.10
CA ASP B 326 0.64 12.51 -9.13
C ASP B 326 0.72 11.76 -10.45
N GLU B 327 1.03 12.49 -11.53
CA GLU B 327 1.16 11.93 -12.86
C GLU B 327 2.06 10.71 -12.85
N SER B 328 3.15 10.78 -12.07
CA SER B 328 4.19 9.76 -12.00
C SER B 328 3.68 8.46 -11.38
N GLY B 329 2.65 8.55 -10.53
CA GLY B 329 2.07 7.38 -9.89
C GLY B 329 2.30 7.38 -8.38
N ASN B 330 3.16 8.29 -7.90
CA ASN B 330 3.49 8.42 -6.49
C ASN B 330 2.31 8.99 -5.72
N ARG B 331 2.33 8.84 -4.38
CA ARG B 331 1.28 9.32 -3.50
C ARG B 331 1.75 10.54 -2.72
N ILE B 332 0.89 11.56 -2.64
CA ILE B 332 1.12 12.76 -1.86
C ILE B 332 0.01 12.86 -0.81
N PHE B 333 0.39 13.12 0.46
CA PHE B 333 -0.53 12.99 1.58
C PHE B 333 -1.15 14.33 1.95
N LEU B 334 -2.49 14.33 2.08
CA LEU B 334 -3.25 15.52 2.44
C LEU B 334 -3.16 15.72 3.95
N ASP B 335 -2.02 16.30 4.40
CA ASP B 335 -1.72 16.49 5.80
C ASP B 335 -2.40 17.76 6.32
N GLU B 336 -2.22 18.06 7.61
CA GLU B 336 -2.87 19.20 8.26
C GLU B 336 -2.38 20.53 7.66
N GLU B 337 -1.15 20.54 7.13
CA GLU B 337 -0.48 21.78 6.74
C GLU B 337 -0.84 22.15 5.31
N LYS B 338 -0.47 21.29 4.35
CA LYS B 338 -0.53 21.59 2.93
C LYS B 338 -1.71 20.90 2.25
N GLY B 339 -2.40 20.00 2.96
CA GLY B 339 -3.53 19.26 2.42
C GLY B 339 -4.53 20.19 1.71
N ILE B 340 -5.05 21.19 2.43
CA ILE B 340 -6.06 22.10 1.89
C ILE B 340 -5.54 22.81 0.64
N ASP B 341 -4.28 23.24 0.68
CA ASP B 341 -3.67 24.00 -0.41
C ASP B 341 -3.63 23.15 -1.67
N ILE B 342 -3.19 21.89 -1.52
CA ILE B 342 -3.17 20.92 -2.61
C ILE B 342 -4.57 20.78 -3.19
N LEU B 343 -5.52 20.44 -2.34
CA LEU B 343 -6.91 20.18 -2.72
C LEU B 343 -7.45 21.35 -3.56
N GLY B 344 -7.14 22.58 -3.14
CA GLY B 344 -7.59 23.76 -3.84
C GLY B 344 -7.13 23.77 -5.30
N ASN B 345 -5.85 23.46 -5.51
CA ASN B 345 -5.25 23.46 -6.84
C ASN B 345 -5.83 22.32 -7.69
N ILE B 346 -6.20 21.21 -7.03
CA ILE B 346 -6.82 20.07 -7.67
C ILE B 346 -8.23 20.41 -8.14
N ILE B 347 -8.99 21.07 -7.26
CA ILE B 347 -10.42 21.28 -7.46
C ILE B 347 -10.71 22.39 -8.48
N GLU B 348 -10.05 23.54 -8.33
CA GLU B 348 -10.23 24.64 -9.27
C GLU B 348 -9.65 24.21 -10.62
N SER B 349 -8.57 23.41 -10.51
CA SER B 349 -7.64 23.06 -11.57
C SER B 349 -6.75 24.26 -11.87
N SER B 350 -5.69 24.38 -11.08
CA SER B 350 -4.56 25.23 -11.41
C SER B 350 -3.43 24.30 -11.86
N ILE B 351 -2.62 24.77 -12.81
CA ILE B 351 -1.50 24.04 -13.34
C ILE B 351 -0.65 23.49 -12.20
N LEU B 352 -0.88 23.97 -10.96
CA LEU B 352 -0.18 23.46 -9.79
C LEU B 352 -0.78 22.14 -9.32
N SER B 353 -1.93 21.74 -9.89
CA SER B 353 -2.55 20.47 -9.57
C SER B 353 -1.54 19.33 -9.78
N PRO B 354 -1.34 18.44 -8.79
CA PRO B 354 -0.38 17.36 -8.93
C PRO B 354 -0.76 16.29 -9.96
N ASN B 355 -1.98 16.37 -10.51
CA ASN B 355 -2.41 15.46 -11.56
C ASN B 355 -3.71 15.97 -12.22
N ARG B 356 -3.60 17.01 -13.05
CA ARG B 356 -4.75 17.58 -13.74
C ARG B 356 -5.54 16.51 -14.50
N GLN B 357 -4.82 15.60 -15.17
CA GLN B 357 -5.43 14.64 -16.07
C GLN B 357 -6.40 13.72 -15.35
N LEU B 358 -6.10 13.39 -14.09
CA LEU B 358 -6.91 12.45 -13.31
C LEU B 358 -8.06 13.16 -12.61
N TYR B 359 -7.76 14.28 -11.93
CA TYR B 359 -8.73 14.96 -11.07
C TYR B 359 -9.42 16.11 -11.79
N GLY B 360 -8.97 16.43 -13.01
CA GLY B 360 -9.74 17.26 -13.93
C GLY B 360 -9.67 18.74 -13.60
N ASP B 361 -10.64 19.47 -14.19
CA ASP B 361 -10.79 20.93 -14.14
C ASP B 361 -12.18 21.23 -13.60
N MET B 362 -12.45 20.70 -12.40
CA MET B 362 -13.79 20.46 -11.88
C MET B 362 -14.57 21.77 -11.71
N HIS B 363 -14.02 22.74 -10.97
CA HIS B 363 -14.71 24.00 -10.71
C HIS B 363 -14.99 24.74 -12.02
N ASN B 364 -13.95 24.97 -12.81
CA ASN B 364 -14.01 25.79 -14.02
C ASN B 364 -14.98 25.19 -15.04
N VAL B 365 -14.93 23.88 -15.26
CA VAL B 365 -15.76 23.23 -16.26
C VAL B 365 -17.23 23.36 -15.85
N GLY B 366 -17.48 23.33 -14.53
CA GLY B 366 -18.80 23.56 -13.98
C GLY B 366 -19.38 24.92 -14.37
N HIS B 367 -18.54 25.97 -14.32
CA HIS B 367 -18.95 27.32 -14.72
C HIS B 367 -19.41 27.33 -16.18
N VAL B 368 -18.74 26.56 -17.04
CA VAL B 368 -19.03 26.52 -18.48
C VAL B 368 -20.32 25.76 -18.73
N PHE B 369 -20.45 24.57 -18.13
CA PHE B 369 -21.68 23.77 -18.24
C PHE B 369 -22.91 24.60 -17.90
N LEU B 370 -22.84 25.34 -16.78
CA LEU B 370 -23.97 26.08 -16.24
C LEU B 370 -24.31 27.27 -17.13
N SER B 371 -23.32 27.78 -17.88
CA SER B 371 -23.48 28.97 -18.68
C SER B 371 -23.96 28.66 -20.10
N TYR B 372 -24.07 27.37 -20.46
CA TYR B 372 -24.33 26.97 -21.84
C TYR B 372 -25.53 26.04 -21.95
N THR B 373 -26.41 26.04 -20.94
CA THR B 373 -27.58 25.17 -20.92
C THR B 373 -28.49 25.51 -22.09
N HIS B 374 -28.47 26.77 -22.53
CA HIS B 374 -29.37 27.29 -23.54
C HIS B 374 -28.90 26.95 -24.96
N ASP B 375 -27.62 26.63 -25.12
CA ASP B 375 -27.04 26.34 -26.43
C ASP B 375 -25.75 25.55 -26.28
N PRO B 376 -25.83 24.23 -25.96
CA PRO B 376 -24.64 23.45 -25.65
C PRO B 376 -23.84 22.89 -26.82
N ASP B 377 -24.46 22.82 -28.00
CA ASP B 377 -23.79 22.29 -29.19
C ASP B 377 -23.56 23.39 -30.24
N HIS B 378 -23.88 24.64 -29.88
CA HIS B 378 -23.60 25.82 -30.69
C HIS B 378 -24.49 25.91 -31.92
N ARG B 379 -25.61 25.17 -31.93
CA ARG B 379 -26.50 25.14 -33.08
C ARG B 379 -27.21 26.49 -33.25
N HIS B 380 -27.32 27.26 -32.15
CA HIS B 380 -28.01 28.53 -32.12
C HIS B 380 -27.02 29.71 -32.17
N LEU B 381 -25.74 29.42 -32.32
CA LEU B 381 -24.73 30.47 -32.47
C LEU B 381 -24.92 31.52 -31.36
N GLU B 382 -25.11 31.06 -30.12
CA GLU B 382 -25.25 31.94 -28.96
C GLU B 382 -24.02 31.80 -28.07
N SER B 383 -23.70 32.87 -27.32
CA SER B 383 -22.57 32.90 -26.42
C SER B 383 -22.98 32.41 -25.03
N PHE B 384 -22.02 32.35 -24.10
CA PHE B 384 -22.27 31.83 -22.77
C PHE B 384 -23.03 32.87 -21.94
N GLY B 385 -23.88 32.37 -21.02
CA GLY B 385 -24.53 33.19 -20.02
C GLY B 385 -23.54 33.72 -18.99
N VAL B 386 -24.07 34.36 -17.94
CA VAL B 386 -23.28 35.19 -17.04
C VAL B 386 -22.29 34.36 -16.20
N MET B 387 -22.60 33.08 -15.95
CA MET B 387 -21.76 32.21 -15.12
C MET B 387 -20.46 31.83 -15.84
N GLY B 388 -20.36 32.17 -17.13
CA GLY B 388 -19.20 31.84 -17.93
C GLY B 388 -18.08 32.88 -17.84
N ASP B 389 -18.32 34.01 -17.15
CA ASP B 389 -17.33 35.07 -17.00
C ASP B 389 -17.18 35.40 -15.52
N VAL B 390 -15.93 35.37 -15.03
CA VAL B 390 -15.57 35.71 -13.66
C VAL B 390 -16.10 37.10 -13.29
N ALA B 391 -16.04 38.02 -14.25
CA ALA B 391 -16.50 39.39 -14.07
C ALA B 391 -17.97 39.46 -13.66
N THR B 392 -18.79 38.48 -14.10
CA THR B 392 -20.23 38.55 -13.93
C THR B 392 -20.81 37.35 -13.18
N ALA B 393 -19.98 36.35 -12.86
CA ALA B 393 -20.45 35.05 -12.39
C ALA B 393 -21.28 35.17 -11.11
N MET B 394 -20.92 36.12 -10.23
CA MET B 394 -21.53 36.23 -8.92
C MET B 394 -22.97 36.77 -8.99
N ARG B 395 -23.37 37.32 -10.13
CA ARG B 395 -24.71 37.87 -10.30
C ARG B 395 -25.76 36.76 -10.26
N ASP B 396 -25.41 35.57 -10.77
CA ASP B 396 -26.36 34.47 -10.89
C ASP B 396 -26.47 33.76 -9.53
N PRO B 397 -27.69 33.45 -9.05
CA PRO B 397 -27.87 32.63 -7.85
C PRO B 397 -27.24 31.24 -7.86
N VAL B 398 -27.11 30.63 -9.04
CA VAL B 398 -26.59 29.28 -9.17
C VAL B 398 -25.12 29.25 -8.77
N PHE B 399 -24.45 30.41 -8.87
CA PHE B 399 -23.06 30.55 -8.48
C PHE B 399 -22.85 29.99 -7.07
N TYR B 400 -23.77 30.36 -6.17
CA TYR B 400 -23.64 30.08 -4.74
C TYR B 400 -23.97 28.62 -4.47
N ARG B 401 -24.83 28.03 -5.31
CA ARG B 401 -25.15 26.62 -5.23
C ARG B 401 -23.94 25.77 -5.67
N TRP B 402 -23.35 26.14 -6.82
CA TRP B 402 -22.19 25.43 -7.34
C TRP B 402 -21.00 25.59 -6.40
N HIS B 403 -20.82 26.82 -5.86
CA HIS B 403 -19.69 27.10 -5.00
C HIS B 403 -19.92 26.53 -3.60
N SER B 404 -21.20 26.35 -3.24
CA SER B 404 -21.63 25.69 -2.01
C SER B 404 -21.24 24.22 -2.04
N PHE B 405 -21.56 23.55 -3.15
CA PHE B 405 -21.18 22.16 -3.37
C PHE B 405 -19.67 22.02 -3.19
N ILE B 406 -18.92 22.78 -3.99
CA ILE B 406 -17.46 22.73 -3.98
C ILE B 406 -16.95 22.82 -2.55
N ASP B 407 -17.58 23.67 -1.73
CA ASP B 407 -17.14 23.89 -0.36
C ASP B 407 -17.30 22.61 0.48
N ASP B 408 -18.43 21.91 0.26
CA ASP B 408 -18.73 20.67 0.94
C ASP B 408 -17.60 19.66 0.71
N ILE B 409 -17.04 19.65 -0.51
CA ILE B 409 -15.94 18.76 -0.86
C ILE B 409 -14.70 19.11 -0.02
N PHE B 410 -14.38 20.40 0.10
CA PHE B 410 -13.29 20.85 0.95
C PHE B 410 -13.54 20.40 2.40
N GLN B 411 -14.77 20.64 2.87
CA GLN B 411 -15.18 20.26 4.21
C GLN B 411 -14.87 18.80 4.50
N GLU B 412 -15.12 17.93 3.52
CA GLU B 412 -14.88 16.49 3.64
C GLU B 412 -13.38 16.14 3.51
N HIS B 413 -12.57 16.95 4.10
CA HIS B 413 -11.15 16.84 4.32
C HIS B 413 -10.93 17.54 5.66
N LYS B 414 -11.55 18.72 5.87
CA LYS B 414 -11.40 19.48 7.10
C LYS B 414 -11.93 18.69 8.30
N ILE B 415 -12.98 17.87 8.08
CA ILE B 415 -13.59 17.11 9.16
C ILE B 415 -12.73 15.89 9.49
N LYS B 416 -11.72 15.60 8.66
CA LYS B 416 -10.80 14.49 8.91
C LYS B 416 -9.64 14.98 9.78
N LEU B 417 -9.34 16.29 9.75
CA LEU B 417 -8.26 16.86 10.53
C LEU B 417 -8.56 16.73 12.02
N PRO B 418 -7.53 16.56 12.89
CA PRO B 418 -7.76 16.42 14.33
C PRO B 418 -8.19 17.74 14.96
N ALA B 419 -9.18 17.67 15.87
CA ALA B 419 -9.72 18.86 16.52
C ALA B 419 -8.59 19.64 17.19
N TYR B 420 -8.70 20.97 17.20
CA TYR B 420 -7.78 21.82 17.94
C TYR B 420 -7.96 21.52 19.43
N THR B 421 -6.86 21.18 20.11
CA THR B 421 -6.87 20.83 21.53
C THR B 421 -6.95 22.11 22.36
N LYS B 422 -7.51 21.98 23.58
CA LYS B 422 -7.61 23.09 24.50
C LYS B 422 -6.28 23.84 24.54
N SER B 423 -5.20 23.05 24.64
CA SER B 423 -3.82 23.53 24.64
C SER B 423 -3.54 24.41 23.42
N GLN B 424 -3.87 23.91 22.23
CA GLN B 424 -3.45 24.50 20.97
C GLN B 424 -4.01 25.91 20.77
N LEU B 425 -5.19 26.20 21.34
CA LEU B 425 -5.82 27.51 21.16
C LEU B 425 -5.98 28.21 22.52
N THR B 426 -5.13 27.87 23.49
CA THR B 426 -5.00 28.64 24.72
C THR B 426 -3.73 29.49 24.63
N TYR B 427 -3.78 30.72 25.17
CA TYR B 427 -2.64 31.60 25.28
C TYR B 427 -2.32 31.81 26.76
N GLU B 428 -1.35 31.04 27.29
CA GLU B 428 -1.12 30.94 28.73
C GLU B 428 -0.77 32.33 29.24
N GLY B 429 -1.62 32.89 30.11
CA GLY B 429 -1.40 34.22 30.68
C GLY B 429 -2.42 35.23 30.17
N ILE B 430 -2.72 35.20 28.86
CA ILE B 430 -3.63 36.17 28.25
C ILE B 430 -5.09 35.74 28.50
N SER B 431 -5.93 36.72 28.85
CA SER B 431 -7.36 36.52 29.04
C SER B 431 -8.14 37.72 28.48
N VAL B 432 -9.05 37.44 27.53
CA VAL B 432 -9.97 38.44 27.01
C VAL B 432 -11.25 38.36 27.82
N THR B 433 -11.61 39.50 28.44
CA THR B 433 -12.69 39.57 29.42
C THR B 433 -13.94 40.23 28.82
N GLY B 434 -13.83 40.74 27.60
CA GLY B 434 -14.97 41.38 26.95
C GLY B 434 -14.59 42.08 25.65
N ILE B 435 -15.55 42.13 24.72
CA ILE B 435 -15.48 42.90 23.50
C ILE B 435 -16.85 43.56 23.28
N ILE B 436 -16.84 44.83 22.84
CA ILE B 436 -18.07 45.57 22.55
C ILE B 436 -17.86 46.35 21.24
N VAL B 437 -18.95 46.89 20.68
CA VAL B 437 -18.88 47.77 19.53
C VAL B 437 -19.69 49.04 19.81
N GLN B 438 -19.21 50.19 19.32
CA GLN B 438 -19.86 51.48 19.52
C GLN B 438 -19.87 52.28 18.22
N SER B 439 -21.08 52.68 17.79
CA SER B 439 -21.29 53.64 16.71
C SER B 439 -21.76 54.95 17.33
N GLU B 440 -21.37 56.08 16.71
CA GLU B 440 -21.82 57.41 17.15
C GLU B 440 -23.35 57.46 17.02
N GLY B 441 -24.02 57.87 18.10
CA GLY B 441 -25.47 58.01 18.12
C GLY B 441 -26.17 56.67 17.88
N ALA B 442 -25.87 55.70 18.74
CA ALA B 442 -26.45 54.36 18.69
C ALA B 442 -26.08 53.60 19.96
N PRO B 443 -26.97 52.75 20.53
CA PRO B 443 -26.63 51.97 21.72
C PRO B 443 -25.36 51.14 21.53
N VAL B 444 -24.75 50.69 22.64
CA VAL B 444 -23.62 49.79 22.59
C VAL B 444 -24.08 48.46 21.98
N ASN B 445 -23.13 47.74 21.35
CA ASN B 445 -23.34 46.42 20.78
C ASN B 445 -24.51 46.45 19.78
N THR B 446 -24.49 47.44 18.87
CA THR B 446 -25.52 47.63 17.88
C THR B 446 -24.91 48.20 16.60
N LEU B 447 -25.11 47.48 15.48
CA LEU B 447 -24.68 47.92 14.16
C LEU B 447 -25.90 48.34 13.35
N HIS B 448 -25.74 49.38 12.51
CA HIS B 448 -26.80 49.89 11.65
C HIS B 448 -26.38 49.77 10.19
N THR B 449 -27.35 49.51 9.29
CA THR B 449 -27.14 49.51 7.85
C THR B 449 -28.26 50.29 7.15
N TYR B 450 -28.02 50.61 5.87
CA TYR B 450 -28.93 51.39 5.04
C TYR B 450 -28.44 51.41 3.59
N TRP B 451 -29.20 52.10 2.73
CA TRP B 451 -28.83 52.31 1.33
C TRP B 451 -28.10 53.64 1.18
N GLN B 452 -27.25 53.76 0.16
CA GLN B 452 -26.44 54.95 -0.07
C GLN B 452 -26.12 55.07 -1.56
N GLN B 453 -26.45 56.22 -2.17
CA GLN B 453 -26.07 56.50 -3.54
C GLN B 453 -24.62 57.01 -3.58
N SER B 454 -23.86 56.52 -4.56
CA SER B 454 -22.51 57.01 -4.86
C SER B 454 -22.41 57.27 -6.36
N ASP B 455 -21.41 58.05 -6.77
CA ASP B 455 -21.27 58.51 -8.15
C ASP B 455 -19.98 57.98 -8.76
N VAL B 456 -20.04 57.64 -10.06
CA VAL B 456 -18.90 57.10 -10.79
C VAL B 456 -18.91 57.70 -12.19
N ASP B 457 -17.73 58.13 -12.67
CA ASP B 457 -17.58 58.67 -14.01
C ASP B 457 -17.31 57.52 -14.98
N LEU B 458 -18.31 57.22 -15.82
CA LEU B 458 -18.23 56.13 -16.79
C LEU B 458 -17.87 56.68 -18.17
N SER B 459 -17.20 57.84 -18.18
CA SER B 459 -17.00 58.60 -19.40
C SER B 459 -15.99 57.90 -20.31
N ARG B 460 -14.92 57.36 -19.69
CA ARG B 460 -13.84 56.71 -20.41
C ARG B 460 -14.34 55.43 -21.10
N GLY B 461 -15.46 54.87 -20.64
CA GLY B 461 -15.97 53.60 -21.15
C GLY B 461 -17.03 53.76 -22.25
N MET B 462 -17.56 54.98 -22.42
CA MET B 462 -18.65 55.24 -23.36
C MET B 462 -18.11 55.59 -24.74
N ASP B 463 -17.94 54.57 -25.58
CA ASP B 463 -17.36 54.73 -26.90
C ASP B 463 -18.34 55.45 -27.82
N PHE B 464 -17.81 56.29 -28.72
CA PHE B 464 -18.56 57.01 -29.75
C PHE B 464 -19.69 57.83 -29.14
N VAL B 465 -19.47 58.35 -27.92
CA VAL B 465 -20.40 59.23 -27.24
C VAL B 465 -19.76 60.61 -27.16
N PRO B 466 -20.51 61.71 -27.41
CA PRO B 466 -19.99 63.06 -27.25
C PRO B 466 -19.19 63.19 -25.96
N ARG B 467 -17.94 63.66 -26.06
CA ARG B 467 -17.04 63.78 -24.92
C ARG B 467 -17.65 64.71 -23.86
N GLY B 468 -17.12 64.60 -22.63
CA GLY B 468 -17.69 65.27 -21.47
C GLY B 468 -17.73 64.30 -20.29
N ASN B 469 -18.45 64.68 -19.23
CA ASN B 469 -18.63 63.83 -18.06
C ASN B 469 -19.95 63.07 -18.18
N VAL B 470 -19.96 61.85 -17.62
CA VAL B 470 -21.13 60.99 -17.59
C VAL B 470 -21.14 60.29 -16.23
N PHE B 471 -21.79 60.94 -15.24
CA PHE B 471 -21.84 60.43 -13.88
C PHE B 471 -23.03 59.48 -13.73
N ALA B 472 -22.79 58.32 -13.09
CA ALA B 472 -23.83 57.34 -12.82
C ALA B 472 -24.00 57.19 -11.30
N ARG B 473 -25.27 57.09 -10.85
CA ARG B 473 -25.59 56.98 -9.44
C ARG B 473 -25.91 55.53 -9.04
N PHE B 474 -24.98 54.91 -8.32
CA PHE B 474 -25.16 53.56 -7.79
C PHE B 474 -25.81 53.61 -6.41
N THR B 475 -26.83 52.77 -6.18
CA THR B 475 -27.36 52.51 -4.85
C THR B 475 -26.80 51.19 -4.33
N HIS B 476 -26.26 51.21 -3.11
CA HIS B 476 -25.61 50.05 -2.50
C HIS B 476 -25.74 50.07 -0.98
N LEU B 477 -25.71 48.89 -0.36
CA LEU B 477 -25.71 48.74 1.09
C LEU B 477 -24.57 49.54 1.70
N GLN B 478 -24.81 50.14 2.87
CA GLN B 478 -23.78 50.82 3.64
C GLN B 478 -24.04 50.63 5.14
N HIS B 479 -22.97 50.68 5.94
CA HIS B 479 -23.06 50.59 7.39
C HIS B 479 -22.51 51.87 8.02
N ALA B 480 -23.13 52.30 9.13
CA ALA B 480 -22.62 53.36 9.99
C ALA B 480 -21.24 52.97 10.53
N PRO B 481 -20.27 53.91 10.62
CA PRO B 481 -18.93 53.57 11.12
C PRO B 481 -19.06 53.09 12.57
N PHE B 482 -18.18 52.17 12.98
CA PHE B 482 -18.15 51.68 14.35
C PHE B 482 -16.71 51.36 14.76
N GLN B 483 -16.53 50.86 15.98
CA GLN B 483 -15.23 50.48 16.51
C GLN B 483 -15.39 49.40 17.57
N TYR B 484 -14.46 48.46 17.60
CA TYR B 484 -14.42 47.41 18.61
C TYR B 484 -13.63 47.93 19.82
N VAL B 485 -13.98 47.46 21.02
CA VAL B 485 -13.26 47.79 22.26
C VAL B 485 -13.07 46.50 23.06
N ILE B 486 -11.80 46.05 23.16
CA ILE B 486 -11.45 44.72 23.63
C ILE B 486 -10.62 44.83 24.91
N GLN B 487 -11.04 44.13 25.97
CA GLN B 487 -10.39 44.18 27.28
C GLN B 487 -9.54 42.93 27.49
N ILE B 488 -8.22 43.08 27.51
CA ILE B 488 -7.28 41.97 27.55
C ILE B 488 -6.36 42.13 28.76
N ASP B 489 -6.20 41.05 29.54
CA ASP B 489 -5.34 41.03 30.72
C ASP B 489 -4.11 40.15 30.43
N ASN B 490 -2.92 40.61 30.88
CA ASN B 490 -1.65 39.99 30.52
C ASN B 490 -1.23 38.96 31.56
N THR B 491 -1.12 39.36 32.83
CA THR B 491 -0.81 38.50 33.97
C THR B 491 0.40 37.60 33.69
N SER B 492 1.45 38.14 33.04
CA SER B 492 2.62 37.38 32.68
C SER B 492 3.88 38.00 33.26
N ASP B 493 3.99 39.35 33.15
CA ASP B 493 5.11 40.14 33.63
C ASP B 493 6.03 40.55 32.45
N ALA B 494 5.64 40.20 31.22
CA ALA B 494 6.38 40.57 30.03
C ALA B 494 5.41 41.01 28.93
N GLN B 495 5.90 41.88 28.04
CA GLN B 495 5.15 42.28 26.85
C GLN B 495 4.83 41.04 26.02
N ARG B 496 3.53 40.80 25.78
CA ARG B 496 3.07 39.68 24.97
C ARG B 496 2.57 40.19 23.63
N MET B 497 3.07 39.58 22.55
CA MET B 497 2.56 39.79 21.19
C MET B 497 1.39 38.84 20.94
N GLY B 498 0.39 39.31 20.19
CA GLY B 498 -0.80 38.53 19.90
C GLY B 498 -1.45 38.94 18.58
N PHE B 499 -2.11 37.96 17.93
CA PHE B 499 -2.98 38.20 16.79
C PHE B 499 -4.41 38.32 17.29
N VAL B 500 -5.07 39.44 16.95
CA VAL B 500 -6.49 39.63 17.20
C VAL B 500 -7.23 39.09 15.97
N ARG B 501 -8.10 38.09 16.18
CA ARG B 501 -8.87 37.47 15.12
C ARG B 501 -10.36 37.64 15.41
N ILE B 502 -11.06 38.41 14.57
CA ILE B 502 -12.45 38.77 14.82
C ILE B 502 -13.34 38.20 13.71
N PHE B 503 -14.29 37.34 14.11
CA PHE B 503 -15.32 36.80 13.24
C PHE B 503 -16.69 37.18 13.79
N MET B 504 -17.73 37.06 12.93
CA MET B 504 -19.11 37.30 13.31
C MET B 504 -20.00 36.28 12.60
N ALA B 505 -20.91 35.64 13.34
CA ALA B 505 -21.85 34.68 12.79
C ALA B 505 -23.26 35.03 13.27
N PRO B 506 -24.32 34.36 12.75
CA PRO B 506 -25.65 34.48 13.35
C PRO B 506 -25.67 33.84 14.73
N LYS B 507 -26.59 34.31 15.59
CA LYS B 507 -26.68 33.83 16.97
C LYS B 507 -27.47 32.53 17.01
N ASN B 508 -28.64 32.54 16.35
CA ASN B 508 -29.52 31.39 16.26
C ASN B 508 -29.53 30.86 14.81
N ASP B 509 -30.39 29.85 14.56
CA ASP B 509 -30.54 29.25 13.24
C ASP B 509 -31.75 29.88 12.54
N GLU B 510 -32.26 29.23 11.48
CA GLU B 510 -33.43 29.71 10.75
C GLU B 510 -34.72 29.41 11.54
N ARG B 511 -34.65 28.44 12.47
CA ARG B 511 -35.80 28.02 13.25
C ARG B 511 -35.87 28.76 14.59
N GLY B 512 -34.80 29.48 14.94
CA GLY B 512 -34.83 30.40 16.08
C GLY B 512 -34.23 29.81 17.37
N GLN B 513 -33.41 28.77 17.22
CA GLN B 513 -32.76 28.11 18.35
C GLN B 513 -31.30 28.56 18.43
N PRO B 514 -30.70 28.72 19.64
CA PRO B 514 -29.27 29.03 19.76
C PRO B 514 -28.36 28.00 19.07
N MET B 515 -27.59 28.47 18.09
CA MET B 515 -26.94 27.60 17.12
C MET B 515 -25.92 26.72 17.82
N LEU B 516 -25.74 25.48 17.34
CA LEU B 516 -24.68 24.61 17.82
C LEU B 516 -23.39 24.92 17.07
N PHE B 517 -22.24 24.47 17.59
CA PHE B 517 -20.95 24.81 17.02
C PHE B 517 -20.84 24.20 15.63
N ARG B 518 -21.07 22.88 15.52
CA ARG B 518 -21.01 22.15 14.26
C ARG B 518 -21.65 22.94 13.12
N ASP B 519 -22.78 23.60 13.40
CA ASP B 519 -23.50 24.41 12.43
C ASP B 519 -22.82 25.78 12.31
N GLN B 520 -22.67 26.47 13.45
CA GLN B 520 -22.29 27.87 13.50
C GLN B 520 -20.87 28.10 12.98
N ARG B 521 -19.98 27.10 13.13
CA ARG B 521 -18.57 27.28 12.77
C ARG B 521 -18.45 27.62 11.28
N LEU B 522 -19.40 27.15 10.46
CA LEU B 522 -19.35 27.31 9.01
C LEU B 522 -19.99 28.63 8.57
N PHE B 523 -20.59 29.38 9.51
CA PHE B 523 -21.29 30.62 9.21
C PHE B 523 -20.53 31.84 9.72
N MET B 524 -19.39 31.61 10.39
CA MET B 524 -18.54 32.68 10.90
C MET B 524 -17.85 33.39 9.74
N VAL B 525 -18.07 34.71 9.62
CA VAL B 525 -17.42 35.53 8.61
C VAL B 525 -16.30 36.32 9.28
N GLU B 526 -15.10 36.31 8.70
CA GLU B 526 -13.97 37.07 9.22
C GLU B 526 -14.26 38.56 9.11
N MET B 527 -13.97 39.31 10.18
CA MET B 527 -14.24 40.74 10.26
C MET B 527 -12.95 41.56 10.39
N ASP B 528 -11.90 40.96 10.97
CA ASP B 528 -10.61 41.63 11.14
C ASP B 528 -9.57 40.64 11.67
N LYS B 529 -8.29 40.93 11.37
CA LYS B 529 -7.15 40.18 11.91
C LYS B 529 -5.93 41.10 11.91
N PHE B 530 -5.44 41.47 13.11
CA PHE B 530 -4.35 42.44 13.24
C PHE B 530 -3.46 42.11 14.45
N LEU B 531 -2.20 42.57 14.36
CA LEU B 531 -1.18 42.34 15.38
C LEU B 531 -1.27 43.40 16.47
N VAL B 532 -1.10 42.98 17.74
CA VAL B 532 -1.20 43.89 18.87
C VAL B 532 -0.14 43.54 19.91
N ALA B 533 0.44 44.59 20.53
CA ALA B 533 1.40 44.47 21.62
C ALA B 533 0.70 44.76 22.95
N LEU B 534 0.78 43.81 23.90
CA LEU B 534 0.07 43.91 25.17
C LEU B 534 1.07 44.16 26.29
N ARG B 535 0.83 45.21 27.09
CA ARG B 535 1.64 45.53 28.25
C ARG B 535 1.20 44.64 29.41
N PRO B 536 2.09 44.33 30.39
CA PRO B 536 1.68 43.61 31.60
C PRO B 536 0.46 44.27 32.28
N GLY B 537 -0.36 43.44 32.95
CA GLY B 537 -1.58 43.91 33.56
C GLY B 537 -2.74 43.98 32.56
N ALA B 538 -3.39 45.15 32.49
CA ALA B 538 -4.61 45.34 31.72
C ALA B 538 -4.34 46.17 30.47
N ASN B 539 -5.04 45.84 29.38
CA ASN B 539 -4.92 46.54 28.11
C ASN B 539 -6.31 46.79 27.52
N ARG B 540 -6.58 48.05 27.11
CA ARG B 540 -7.81 48.38 26.40
C ARG B 540 -7.45 48.60 24.93
N ILE B 541 -7.84 47.64 24.08
CA ILE B 541 -7.58 47.72 22.66
C ILE B 541 -8.81 48.31 21.97
N ARG B 542 -8.58 49.27 21.07
CA ARG B 542 -9.64 49.86 20.28
C ARG B 542 -9.23 49.77 18.81
N ARG B 543 -10.21 49.41 17.96
CA ARG B 543 -10.00 49.15 16.54
C ARG B 543 -11.21 49.67 15.77
N ARG B 544 -10.96 50.53 14.77
CA ARG B 544 -12.02 51.10 13.95
C ARG B 544 -12.42 50.11 12.86
N SER B 545 -13.69 50.20 12.42
CA SER B 545 -14.22 49.38 11.35
C SER B 545 -13.44 49.58 10.05
N ASN B 546 -12.95 50.81 9.85
CA ASN B 546 -12.30 51.18 8.61
C ASN B 546 -10.84 50.73 8.57
N GLU B 547 -10.32 50.17 9.68
CA GLU B 547 -8.97 49.64 9.76
C GLU B 547 -8.92 48.16 9.38
N SER B 548 -10.09 47.58 9.04
CA SER B 548 -10.23 46.14 8.83
C SER B 548 -9.26 45.63 7.77
N THR B 549 -8.65 44.47 8.03
CA THR B 549 -7.70 43.83 7.14
C THR B 549 -8.41 42.91 6.13
N VAL B 550 -9.75 42.79 6.24
CA VAL B 550 -10.57 42.03 5.31
C VAL B 550 -11.00 42.92 4.14
N THR B 551 -10.94 44.25 4.37
CA THR B 551 -11.65 45.22 3.56
C THR B 551 -10.62 46.08 2.82
N ILE B 552 -11.06 46.72 1.74
CA ILE B 552 -10.31 47.78 1.09
C ILE B 552 -11.17 49.05 1.07
N PRO B 553 -10.53 50.23 1.25
CA PRO B 553 -11.27 51.50 1.33
C PRO B 553 -12.15 51.79 0.11
N PHE B 554 -13.21 52.57 0.33
CA PHE B 554 -14.20 52.78 -0.73
C PHE B 554 -13.51 53.31 -1.98
N GLU B 555 -12.67 54.33 -1.80
CA GLU B 555 -12.03 55.06 -2.86
C GLU B 555 -11.29 54.12 -3.82
N ARG B 556 -10.73 53.03 -3.30
CA ARG B 556 -9.94 52.09 -4.08
C ARG B 556 -10.87 51.35 -5.05
N THR B 557 -12.02 50.88 -4.59
CA THR B 557 -12.94 50.13 -5.43
C THR B 557 -13.56 51.04 -6.50
N PHE B 558 -14.37 51.99 -6.02
CA PHE B 558 -15.15 52.90 -6.85
C PHE B 558 -15.46 52.31 -8.22
N GLY B 582 -9.36 42.72 -2.26
CA GLY B 582 -10.03 43.23 -1.05
C GLY B 582 -11.55 43.27 -1.21
N TRP B 583 -12.24 43.01 -0.10
CA TRP B 583 -13.70 43.00 0.00
C TRP B 583 -14.21 44.42 0.17
N PRO B 584 -15.28 44.86 -0.54
CA PRO B 584 -15.76 46.24 -0.42
C PRO B 584 -16.15 46.60 1.01
N ALA B 585 -15.76 47.81 1.43
CA ALA B 585 -15.91 48.26 2.81
C ALA B 585 -17.39 48.36 3.19
N HIS B 586 -18.23 48.83 2.27
CA HIS B 586 -19.64 49.05 2.55
C HIS B 586 -20.39 47.72 2.72
N MET B 587 -19.74 46.61 2.36
CA MET B 587 -20.33 45.28 2.47
C MET B 587 -19.77 44.51 3.67
N LEU B 588 -19.03 45.20 4.55
CA LEU B 588 -18.37 44.58 5.69
C LEU B 588 -19.39 44.01 6.66
N VAL B 589 -20.51 44.73 6.86
CA VAL B 589 -21.53 44.31 7.81
C VAL B 589 -22.71 43.74 7.02
N PRO B 590 -23.22 42.55 7.41
CA PRO B 590 -24.50 42.05 6.91
C PRO B 590 -25.61 43.08 7.06
N LYS B 591 -26.69 42.90 6.29
CA LYS B 591 -27.77 43.86 6.24
C LYS B 591 -28.53 43.89 7.57
N GLY B 592 -28.80 42.71 8.13
CA GLY B 592 -29.68 42.60 9.29
C GLY B 592 -31.14 42.89 8.92
N LEU B 593 -32.00 43.03 9.94
CA LEU B 593 -33.42 43.24 9.75
C LEU B 593 -33.81 44.61 10.29
N PRO B 594 -34.99 45.16 9.91
CA PRO B 594 -35.52 46.36 10.56
C PRO B 594 -35.78 46.15 12.04
N GLU B 595 -36.26 44.95 12.40
CA GLU B 595 -36.58 44.61 13.78
C GLU B 595 -35.31 44.21 14.56
N GLY B 596 -34.16 44.19 13.87
CA GLY B 596 -32.91 43.80 14.48
C GLY B 596 -32.63 42.31 14.26
N PHE B 597 -31.38 41.99 13.88
CA PHE B 597 -30.95 40.62 13.64
C PHE B 597 -29.88 40.25 14.66
N PRO B 598 -30.11 39.20 15.49
CA PRO B 598 -29.15 38.79 16.52
C PRO B 598 -27.95 38.02 15.97
N ALA B 599 -26.76 38.39 16.45
CA ALA B 599 -25.49 37.89 15.96
C ALA B 599 -24.48 37.76 17.10
N ASP B 600 -23.65 36.71 17.06
CA ASP B 600 -22.56 36.52 18.01
C ASP B 600 -21.26 37.08 17.42
N LEU B 601 -20.72 38.14 18.06
CA LEU B 601 -19.40 38.66 17.74
C LEU B 601 -18.37 37.89 18.57
N PHE B 602 -17.32 37.40 17.89
CA PHE B 602 -16.30 36.57 18.51
C PHE B 602 -14.92 37.18 18.24
N VAL B 603 -14.06 37.15 19.28
CA VAL B 603 -12.67 37.58 19.17
C VAL B 603 -11.79 36.52 19.82
N MET B 604 -10.60 36.32 19.24
CA MET B 604 -9.57 35.44 19.78
C MET B 604 -8.22 36.15 19.69
N VAL B 605 -7.42 36.02 20.73
CA VAL B 605 -6.03 36.48 20.76
C VAL B 605 -5.15 35.23 20.77
N SER B 606 -4.45 34.98 19.66
CA SER B 606 -3.54 33.86 19.54
C SER B 606 -2.10 34.34 19.76
N ASN B 607 -1.20 33.38 20.04
CA ASN B 607 0.19 33.68 20.35
C ASN B 607 0.96 33.96 19.06
N TYR B 608 1.20 35.25 18.78
CA TYR B 608 1.77 35.71 17.52
C TYR B 608 3.14 35.08 17.25
N GLU B 609 3.84 34.64 18.31
CA GLU B 609 5.16 34.06 18.15
C GLU B 609 5.07 32.77 17.34
N ASP B 610 4.02 31.98 17.59
CA ASP B 610 3.75 30.76 16.84
C ASP B 610 3.18 31.09 15.45
N ASP B 611 2.33 32.12 15.38
CA ASP B 611 1.60 32.47 14.18
C ASP B 611 2.45 33.32 13.22
N ARG B 612 3.57 33.86 13.72
CA ARG B 612 4.39 34.82 12.99
C ARG B 612 4.95 34.18 11.72
N VAL B 613 5.11 34.99 10.67
CA VAL B 613 5.70 34.50 9.43
C VAL B 613 6.92 35.34 9.11
N VAL B 614 8.07 34.91 9.65
CA VAL B 614 9.37 35.57 9.49
C VAL B 614 9.65 35.83 8.01
N GLN B 615 9.75 37.13 7.65
CA GLN B 615 9.68 37.60 6.27
C GLN B 615 9.84 39.14 6.28
N GLY B 629 -2.73 40.44 5.43
CA GLY B 629 -3.89 41.18 4.90
C GLY B 629 -4.23 40.85 3.44
N VAL B 630 -3.24 40.81 2.55
CA VAL B 630 -3.42 40.58 1.14
C VAL B 630 -2.06 40.01 0.75
N ARG B 631 -1.09 40.91 0.62
CA ARG B 631 0.34 40.62 0.64
C ARG B 631 0.88 40.11 -0.69
N ASP B 632 1.98 40.72 -1.14
CA ASP B 632 2.62 40.44 -2.42
C ASP B 632 3.77 39.45 -2.30
N ARG B 633 4.09 39.01 -1.07
CA ARG B 633 5.17 38.07 -0.86
C ARG B 633 4.54 36.75 -0.46
N LEU B 634 4.52 36.47 0.84
CA LEU B 634 3.98 35.27 1.46
C LEU B 634 2.82 35.68 2.36
N TYR B 635 1.97 34.70 2.71
CA TYR B 635 0.76 34.98 3.46
C TYR B 635 1.14 35.10 4.94
N PRO B 636 0.81 36.23 5.60
CA PRO B 636 1.40 36.57 6.91
C PRO B 636 0.85 35.89 8.15
N ASP B 637 0.56 34.59 8.08
CA ASP B 637 -0.07 33.89 9.19
C ASP B 637 0.12 32.38 9.00
N ARG B 638 0.81 31.73 9.94
CA ARG B 638 1.14 30.32 9.81
C ARG B 638 -0.11 29.46 10.01
N LYS B 639 -1.09 29.97 10.77
CA LYS B 639 -2.31 29.24 11.04
C LYS B 639 -3.14 29.09 9.76
N ALA B 640 -3.99 28.05 9.73
CA ALA B 640 -4.87 27.79 8.60
C ALA B 640 -5.84 28.96 8.42
N MET B 641 -6.32 29.17 7.19
CA MET B 641 -7.23 30.27 6.91
C MET B 641 -8.62 29.90 7.41
N GLY B 642 -9.19 30.80 8.24
CA GLY B 642 -10.40 30.52 9.00
C GLY B 642 -10.08 29.77 10.28
N PHE B 643 -8.90 30.08 10.84
CA PHE B 643 -8.18 29.21 11.77
C PHE B 643 -9.01 28.77 12.98
N PRO B 644 -9.65 29.64 13.79
CA PRO B 644 -10.35 29.12 14.97
C PRO B 644 -11.39 28.05 14.61
N PHE B 645 -12.10 28.24 13.48
CA PHE B 645 -13.28 27.44 13.19
C PHE B 645 -13.16 26.54 11.94
N ASP B 646 -11.97 26.37 11.38
CA ASP B 646 -11.88 25.56 10.16
C ASP B 646 -12.07 24.06 10.47
N ARG B 647 -11.73 23.64 11.69
CA ARG B 647 -11.78 22.23 12.07
C ARG B 647 -12.92 21.97 13.04
N LEU B 648 -13.26 20.67 13.20
CA LEU B 648 -14.32 20.24 14.10
C LEU B 648 -13.95 20.54 15.55
N ALA B 649 -14.97 20.50 16.41
CA ALA B 649 -14.83 20.73 17.84
C ALA B 649 -14.12 19.54 18.50
N ARG B 650 -13.34 19.83 19.54
CA ARG B 650 -12.80 18.82 20.44
C ARG B 650 -13.92 18.25 21.31
N THR B 651 -13.71 17.04 21.85
CA THR B 651 -14.78 16.32 22.54
C THR B 651 -15.33 17.19 23.67
N GLY B 652 -16.65 17.10 23.92
CA GLY B 652 -17.26 17.82 25.02
C GLY B 652 -17.77 19.22 24.63
N VAL B 653 -17.13 19.85 23.63
CA VAL B 653 -17.61 21.11 23.07
C VAL B 653 -18.87 20.86 22.24
N ASP B 654 -19.80 21.81 22.27
CA ASP B 654 -21.15 21.64 21.78
C ASP B 654 -21.69 22.93 21.17
N ARG B 655 -21.37 24.09 21.78
CA ARG B 655 -21.75 25.40 21.28
C ARG B 655 -20.61 26.39 21.54
N LEU B 656 -20.70 27.59 20.96
CA LEU B 656 -19.61 28.56 20.99
C LEU B 656 -19.23 28.88 22.43
N SER B 657 -20.24 29.02 23.29
CA SER B 657 -20.06 29.49 24.66
C SER B 657 -19.31 28.49 25.54
N ASN B 658 -19.08 27.25 25.05
CA ASN B 658 -18.24 26.30 25.76
C ASN B 658 -17.06 25.84 24.89
N PHE B 659 -16.97 26.35 23.65
CA PHE B 659 -15.78 26.18 22.83
C PHE B 659 -14.69 27.13 23.33
N VAL B 660 -15.11 28.27 23.88
CA VAL B 660 -14.24 29.39 24.20
C VAL B 660 -13.14 28.97 25.19
N THR B 661 -11.94 29.55 24.97
CA THR B 661 -10.84 29.54 25.94
C THR B 661 -10.74 30.92 26.58
N PRO B 662 -9.97 31.10 27.68
CA PRO B 662 -9.78 32.42 28.29
C PRO B 662 -9.43 33.55 27.33
N ASN B 663 -8.55 33.25 26.35
CA ASN B 663 -8.05 34.23 25.40
C ASN B 663 -9.05 34.49 24.28
N MET B 664 -10.30 34.02 24.43
CA MET B 664 -11.40 34.36 23.54
C MET B 664 -12.53 35.04 24.32
N ALA B 665 -13.44 35.69 23.57
CA ALA B 665 -14.62 36.35 24.11
C ALA B 665 -15.75 36.35 23.08
N ILE B 666 -17.00 36.26 23.58
CA ILE B 666 -18.21 36.31 22.76
C ILE B 666 -19.00 37.55 23.17
N GLN B 667 -19.78 38.11 22.24
CA GLN B 667 -20.65 39.23 22.55
C GLN B 667 -21.89 39.21 21.65
N SER B 668 -23.08 39.35 22.26
CA SER B 668 -24.33 39.49 21.51
C SER B 668 -24.38 40.86 20.84
N VAL B 669 -24.42 40.87 19.51
CA VAL B 669 -24.61 42.09 18.73
C VAL B 669 -25.99 42.02 18.06
N ASN B 670 -26.56 43.19 17.77
CA ASN B 670 -27.83 43.31 17.09
C ASN B 670 -27.66 44.18 15.85
N VAL B 671 -28.02 43.64 14.68
CA VAL B 671 -27.82 44.30 13.40
C VAL B 671 -29.16 44.85 12.93
N ILE B 672 -29.28 46.19 12.86
CA ILE B 672 -30.52 46.87 12.48
C ILE B 672 -30.34 47.49 11.09
N HIS B 673 -31.25 47.16 10.17
CA HIS B 673 -31.34 47.82 8.87
C HIS B 673 -32.38 48.94 8.95
N ILE B 674 -32.19 49.98 8.12
CA ILE B 674 -33.14 51.06 7.96
C ILE B 674 -33.27 51.35 6.47
N ASP B 675 -34.48 51.19 5.91
CA ASP B 675 -34.69 51.36 4.48
C ASP B 675 -34.79 52.86 4.17
N LYS B 676 -33.62 53.50 4.03
CA LYS B 676 -33.51 54.91 3.71
C LYS B 676 -32.23 55.10 2.89
N THR B 677 -32.19 56.18 2.09
CA THR B 677 -31.06 56.47 1.21
C THR B 677 -30.32 57.69 1.76
N VAL B 678 -29.13 57.45 2.30
CA VAL B 678 -28.21 58.48 2.76
C VAL B 678 -27.40 58.94 1.55
N PRO B 679 -26.93 60.22 1.49
CA PRO B 679 -25.97 60.65 0.46
C PRO B 679 -24.53 60.30 0.85
N ARG B 680 -23.57 60.64 -0.03
CA ARG B 680 -22.17 60.28 0.16
C ARG B 680 -21.44 61.26 1.06
N THR B 681 -21.88 62.53 1.04
CA THR B 681 -21.27 63.62 1.81
C THR B 681 -19.76 63.52 1.70
N MET C 1 -7.00 -34.55 -50.83
CA MET C 1 -7.81 -35.73 -51.26
C MET C 1 -9.26 -35.27 -51.50
N ASN C 2 -10.17 -36.24 -51.68
CA ASN C 2 -11.59 -35.97 -51.85
C ASN C 2 -12.20 -35.42 -50.56
N TYR C 3 -11.76 -35.96 -49.43
CA TYR C 3 -12.31 -35.65 -48.12
C TYR C 3 -12.49 -34.15 -47.93
N LYS C 4 -11.48 -33.37 -48.32
CA LYS C 4 -11.53 -31.92 -48.23
C LYS C 4 -12.77 -31.38 -48.97
N LYS C 5 -13.02 -31.91 -50.16
CA LYS C 5 -14.16 -31.48 -50.98
C LYS C 5 -15.49 -31.99 -50.44
N ASN C 6 -15.46 -33.09 -49.67
CA ASN C 6 -16.68 -33.73 -49.18
C ASN C 6 -17.26 -32.98 -47.97
N LEU C 7 -16.38 -32.32 -47.20
CA LEU C 7 -16.80 -31.52 -46.06
C LEU C 7 -17.57 -30.29 -46.55
N LEU C 8 -17.14 -29.72 -47.68
CA LEU C 8 -17.77 -28.56 -48.29
C LEU C 8 -19.25 -28.85 -48.61
N LEU C 9 -19.60 -30.13 -48.78
CA LEU C 9 -20.97 -30.53 -49.07
C LEU C 9 -21.86 -30.38 -47.85
N LEU C 10 -21.26 -30.32 -46.64
CA LEU C 10 -22.02 -30.12 -45.41
C LEU C 10 -22.65 -28.73 -45.40
N TYR C 11 -21.96 -27.74 -46.00
CA TYR C 11 -22.44 -26.37 -46.08
C TYR C 11 -23.64 -26.25 -47.01
N ASP C 12 -23.87 -27.26 -47.85
CA ASP C 12 -24.96 -27.24 -48.82
C ASP C 12 -26.29 -27.49 -48.11
N ARG C 13 -27.27 -26.60 -48.36
CA ARG C 13 -28.64 -26.72 -47.86
C ARG C 13 -28.65 -27.11 -46.37
N PRO C 14 -28.38 -26.15 -45.46
CA PRO C 14 -28.09 -26.47 -44.05
C PRO C 14 -29.20 -27.17 -43.27
N ARG C 15 -30.46 -26.97 -43.69
CA ARG C 15 -31.62 -27.49 -42.96
C ARG C 15 -32.18 -28.75 -43.61
N GLU C 16 -31.82 -29.02 -44.87
CA GLU C 16 -32.14 -30.30 -45.49
C GLU C 16 -31.31 -31.39 -44.82
N PRO C 17 -31.93 -32.48 -44.32
CA PRO C 17 -31.18 -33.60 -43.74
C PRO C 17 -30.02 -34.08 -44.61
N ILE C 18 -28.96 -34.60 -43.98
CA ILE C 18 -27.71 -34.87 -44.67
C ILE C 18 -27.87 -36.05 -45.65
N PHE C 19 -28.94 -36.84 -45.47
CA PHE C 19 -29.20 -37.99 -46.32
C PHE C 19 -29.97 -37.62 -47.59
N MET C 20 -30.24 -36.34 -47.83
CA MET C 20 -31.04 -35.91 -48.98
C MET C 20 -30.18 -35.67 -50.21
N GLY C 21 -28.85 -35.58 -50.04
CA GLY C 21 -27.93 -35.53 -51.18
C GLY C 21 -27.60 -34.10 -51.59
N LYS C 22 -26.30 -33.77 -51.53
CA LYS C 22 -25.78 -32.42 -51.73
C LYS C 22 -24.97 -32.37 -53.02
N GLY C 23 -25.29 -31.40 -53.89
CA GLY C 23 -24.71 -31.31 -55.21
C GLY C 23 -25.00 -32.57 -56.04
N LYS C 24 -23.94 -33.14 -56.61
CA LYS C 24 -24.02 -34.35 -57.42
C LYS C 24 -23.54 -35.56 -56.63
N SER C 25 -23.68 -35.51 -55.30
CA SER C 25 -23.26 -36.58 -54.42
C SER C 25 -24.37 -36.87 -53.40
N VAL C 26 -24.17 -37.91 -52.59
CA VAL C 26 -25.06 -38.25 -51.50
C VAL C 26 -24.26 -39.04 -50.47
N PHE C 27 -24.64 -38.93 -49.19
CA PHE C 27 -23.95 -39.64 -48.12
C PHE C 27 -24.68 -40.95 -47.84
N ASP C 28 -23.90 -42.01 -47.59
CA ASP C 28 -24.46 -43.31 -47.26
C ASP C 28 -24.58 -43.37 -45.75
N VAL C 29 -25.62 -42.66 -45.25
CA VAL C 29 -25.74 -42.44 -43.82
C VAL C 29 -26.24 -43.74 -43.21
N PRO C 30 -25.50 -44.29 -42.20
CA PRO C 30 -25.95 -45.48 -41.50
C PRO C 30 -27.36 -45.29 -40.92
N ASP C 31 -27.98 -46.42 -40.56
CA ASP C 31 -29.37 -46.41 -40.13
C ASP C 31 -29.49 -45.95 -38.66
N ASN C 32 -28.39 -46.03 -37.92
CA ASN C 32 -28.27 -45.61 -36.54
C ASN C 32 -27.77 -44.17 -36.50
N TYR C 33 -27.50 -43.53 -37.65
CA TYR C 33 -27.16 -42.13 -37.74
C TYR C 33 -28.37 -41.26 -38.04
N LEU C 34 -29.48 -41.90 -38.49
CA LEU C 34 -30.74 -41.20 -38.70
C LEU C 34 -31.29 -40.69 -37.38
N THR C 35 -31.94 -39.51 -37.42
CA THR C 35 -32.42 -38.87 -36.20
C THR C 35 -33.62 -39.64 -35.68
N ASP C 36 -33.90 -39.54 -34.39
CA ASP C 36 -35.01 -40.23 -33.74
C ASP C 36 -36.33 -40.01 -34.48
N ARG C 37 -36.50 -38.83 -35.08
CA ARG C 37 -37.66 -38.53 -35.91
C ARG C 37 -37.67 -39.42 -37.15
N TYR C 38 -36.51 -39.61 -37.79
CA TYR C 38 -36.43 -40.20 -39.12
C TYR C 38 -35.98 -41.66 -39.07
N ARG C 39 -35.35 -42.09 -37.96
CA ARG C 39 -34.81 -43.44 -37.88
C ARG C 39 -35.92 -44.47 -38.12
N PRO C 40 -37.10 -44.35 -37.44
CA PRO C 40 -38.17 -45.33 -37.62
C PRO C 40 -38.76 -45.46 -39.02
N ILE C 41 -38.33 -44.63 -39.97
CA ILE C 41 -38.76 -44.75 -41.36
C ILE C 41 -37.53 -44.63 -42.27
N GLY C 42 -36.37 -45.07 -41.76
CA GLY C 42 -35.14 -45.15 -42.52
C GLY C 42 -35.32 -45.90 -43.85
N PRO C 43 -35.87 -47.14 -43.84
CA PRO C 43 -36.08 -47.93 -45.05
C PRO C 43 -36.59 -47.18 -46.29
N GLU C 44 -37.62 -46.37 -46.06
CA GLU C 44 -38.30 -45.71 -47.19
C GLU C 44 -37.47 -44.54 -47.69
N ILE C 45 -36.62 -44.01 -46.82
CA ILE C 45 -35.91 -42.75 -47.06
C ILE C 45 -34.59 -43.04 -47.79
N GLN C 46 -33.74 -43.89 -47.21
CA GLN C 46 -32.44 -44.23 -47.72
C GLN C 46 -32.52 -44.49 -49.23
N ASN C 47 -33.61 -45.16 -49.66
CA ASN C 47 -33.79 -45.49 -51.06
C ASN C 47 -34.91 -44.65 -51.67
N ARG C 48 -35.08 -43.39 -51.27
CA ARG C 48 -35.94 -42.45 -51.97
C ARG C 48 -35.15 -41.83 -53.11
N PHE C 49 -33.96 -41.30 -52.75
CA PHE C 49 -33.06 -40.61 -53.66
C PHE C 49 -31.87 -41.53 -54.03
N GLY C 50 -31.99 -42.83 -53.72
CA GLY C 50 -30.84 -43.73 -53.65
C GLY C 50 -30.17 -43.93 -55.01
N GLU C 51 -30.94 -43.83 -56.11
CA GLU C 51 -30.39 -44.07 -57.44
C GLU C 51 -29.70 -42.78 -57.90
N LEU C 52 -30.45 -41.66 -57.95
CA LEU C 52 -30.10 -40.45 -58.67
C LEU C 52 -29.00 -39.68 -57.91
N ALA C 53 -27.83 -40.21 -58.03
CA ALA C 53 -26.62 -39.61 -57.46
C ALA C 53 -25.42 -40.20 -58.18
N GLU C 54 -24.48 -39.32 -58.60
CA GLU C 54 -23.29 -39.80 -59.31
C GLU C 54 -22.34 -40.49 -58.33
N GLU C 55 -21.93 -39.76 -57.28
CA GLU C 55 -21.11 -40.34 -56.23
C GLU C 55 -21.98 -40.76 -55.04
N ARG C 56 -21.48 -41.75 -54.30
CA ARG C 56 -22.03 -42.12 -52.99
C ARG C 56 -20.88 -42.17 -52.00
N ILE C 57 -20.94 -41.29 -51.00
CA ILE C 57 -19.85 -41.13 -50.04
C ILE C 57 -20.13 -42.07 -48.88
N PRO C 58 -19.24 -43.05 -48.57
CA PRO C 58 -19.42 -43.91 -47.41
C PRO C 58 -19.02 -43.15 -46.14
N VAL C 59 -19.55 -43.59 -44.99
CA VAL C 59 -19.24 -42.97 -43.71
C VAL C 59 -19.14 -44.08 -42.64
N ARG C 60 -17.95 -44.16 -42.03
CA ARG C 60 -17.62 -45.18 -41.04
C ARG C 60 -18.26 -44.82 -39.70
N SER C 61 -18.80 -45.84 -39.00
CA SER C 61 -19.44 -45.64 -37.71
C SER C 61 -18.38 -45.62 -36.61
N ILE C 62 -18.21 -44.48 -35.91
CA ILE C 62 -17.20 -44.34 -34.87
C ILE C 62 -17.92 -44.13 -33.53
N ALA C 63 -17.15 -43.84 -32.47
CA ALA C 63 -17.66 -43.72 -31.11
C ALA C 63 -18.52 -42.47 -30.95
N LEU C 64 -17.93 -41.30 -31.22
CA LEU C 64 -18.61 -40.01 -31.16
C LEU C 64 -18.72 -39.56 -29.71
N PRO C 65 -17.98 -38.51 -29.27
CA PRO C 65 -18.09 -38.02 -27.89
C PRO C 65 -19.53 -37.63 -27.56
N ASP C 66 -19.82 -37.42 -26.27
CA ASP C 66 -21.13 -36.95 -25.86
C ASP C 66 -21.38 -35.59 -26.50
N LEU C 67 -22.53 -35.47 -27.19
CA LEU C 67 -22.91 -34.26 -27.90
C LEU C 67 -24.06 -33.57 -27.16
N ARG C 68 -24.18 -33.80 -25.85
CA ARG C 68 -25.21 -33.18 -25.04
C ARG C 68 -25.08 -31.67 -25.09
N ILE C 69 -23.91 -31.15 -24.73
CA ILE C 69 -23.67 -29.71 -24.65
C ILE C 69 -23.94 -29.08 -26.03
N PRO C 70 -23.29 -29.51 -27.13
CA PRO C 70 -23.62 -29.02 -28.47
C PRO C 70 -25.11 -29.02 -28.83
N MET C 71 -25.84 -30.01 -28.32
CA MET C 71 -27.25 -30.18 -28.64
C MET C 71 -28.13 -29.41 -27.66
N SER C 72 -27.54 -28.75 -26.65
CA SER C 72 -28.33 -28.01 -25.66
C SER C 72 -29.10 -26.87 -26.34
N LEU C 73 -28.42 -26.20 -27.29
CA LEU C 73 -29.04 -25.14 -28.09
C LEU C 73 -30.10 -25.74 -28.99
N GLY C 74 -31.32 -25.19 -28.97
CA GLY C 74 -32.41 -25.67 -29.83
C GLY C 74 -32.04 -25.54 -31.31
N ARG C 75 -32.73 -26.31 -32.17
CA ARG C 75 -32.47 -26.31 -33.60
C ARG C 75 -33.12 -25.11 -34.27
N GLN C 76 -34.25 -24.66 -33.71
CA GLN C 76 -35.00 -23.55 -34.26
C GLN C 76 -34.69 -22.26 -33.50
N GLU C 77 -33.53 -22.21 -32.85
CA GLU C 77 -33.12 -21.08 -32.04
C GLU C 77 -32.04 -20.30 -32.80
N GLN C 78 -31.85 -19.03 -32.42
CA GLN C 78 -30.82 -18.18 -32.99
C GLN C 78 -29.50 -18.48 -32.29
N PHE C 79 -28.36 -18.14 -32.91
CA PHE C 79 -27.05 -18.43 -32.30
C PHE C 79 -26.56 -17.17 -31.55
N SER C 80 -25.51 -16.45 -31.99
CA SER C 80 -24.77 -15.36 -31.37
C SER C 80 -23.62 -15.72 -30.42
N LEU C 81 -22.43 -15.25 -30.79
CA LEU C 81 -21.20 -15.47 -30.05
C LEU C 81 -21.05 -14.42 -28.95
N PHE C 82 -21.98 -13.47 -28.85
CA PHE C 82 -21.97 -12.44 -27.84
C PHE C 82 -22.57 -12.98 -26.55
N ILE C 83 -23.54 -13.89 -26.69
CA ILE C 83 -24.26 -14.45 -25.56
C ILE C 83 -23.36 -15.42 -24.81
N PRO C 84 -23.15 -15.24 -23.47
CA PRO C 84 -22.18 -16.04 -22.72
C PRO C 84 -22.30 -17.56 -22.92
N ARG C 85 -23.55 -18.05 -22.97
CA ARG C 85 -23.85 -19.46 -22.97
C ARG C 85 -23.47 -20.11 -24.29
N HIS C 86 -23.82 -19.44 -25.40
CA HIS C 86 -23.50 -19.91 -26.73
C HIS C 86 -21.98 -20.09 -26.89
N ARG C 87 -21.21 -19.18 -26.28
CA ARG C 87 -19.75 -19.20 -26.35
C ARG C 87 -19.25 -20.55 -25.83
N LYS C 88 -19.83 -21.02 -24.72
CA LYS C 88 -19.41 -22.24 -24.06
C LYS C 88 -19.80 -23.46 -24.89
N ILE C 89 -20.94 -23.37 -25.60
CA ILE C 89 -21.42 -24.45 -26.44
C ILE C 89 -20.55 -24.58 -27.69
N ALA C 90 -20.34 -23.46 -28.39
CA ALA C 90 -19.56 -23.44 -29.62
C ALA C 90 -18.12 -23.88 -29.34
N ALA C 91 -17.52 -23.27 -28.31
CA ALA C 91 -16.12 -23.53 -27.97
C ALA C 91 -15.91 -25.00 -27.65
N ARG C 92 -16.98 -25.65 -27.15
CA ARG C 92 -16.96 -27.08 -26.84
C ARG C 92 -17.06 -27.91 -28.10
N LEU C 93 -17.91 -27.52 -29.04
CA LEU C 93 -18.09 -28.21 -30.30
C LEU C 93 -16.84 -28.06 -31.14
N ILE C 94 -16.35 -26.81 -31.29
CA ILE C 94 -15.09 -26.55 -31.98
C ILE C 94 -14.04 -27.55 -31.50
N ASP C 95 -14.04 -27.75 -30.16
CA ASP C 95 -13.10 -28.62 -29.47
C ASP C 95 -13.25 -30.07 -29.93
N ILE C 96 -14.50 -30.51 -30.19
CA ILE C 96 -14.78 -31.88 -30.63
C ILE C 96 -14.23 -32.07 -32.03
N PHE C 97 -14.71 -31.26 -33.01
CA PHE C 97 -14.25 -31.34 -34.39
C PHE C 97 -12.73 -31.24 -34.45
N MET C 98 -12.18 -30.28 -33.68
CA MET C 98 -10.75 -30.04 -33.66
C MET C 98 -10.01 -31.27 -33.12
N GLY C 99 -10.67 -32.00 -32.20
CA GLY C 99 -10.04 -33.08 -31.45
C GLY C 99 -10.11 -34.44 -32.13
N MET C 100 -10.76 -34.51 -33.29
CA MET C 100 -10.73 -35.75 -34.09
C MET C 100 -9.55 -35.63 -35.05
N ARG C 101 -8.44 -36.34 -34.78
CA ARG C 101 -7.16 -36.06 -35.44
C ARG C 101 -7.24 -36.34 -36.93
N ASN C 102 -7.99 -37.38 -37.34
CA ASN C 102 -8.01 -37.88 -38.71
C ASN C 102 -9.11 -37.15 -39.51
N ILE C 103 -8.85 -37.00 -40.80
CA ILE C 103 -9.68 -36.14 -41.64
C ILE C 103 -10.93 -36.91 -42.06
N GLU C 104 -10.90 -38.22 -41.86
CA GLU C 104 -12.00 -39.11 -42.23
C GLU C 104 -12.99 -39.17 -41.06
N GLU C 105 -12.48 -39.19 -39.82
CA GLU C 105 -13.33 -39.20 -38.63
C GLU C 105 -13.99 -37.84 -38.42
N LEU C 106 -13.32 -36.76 -38.84
CA LEU C 106 -13.90 -35.43 -38.83
C LEU C 106 -15.13 -35.41 -39.73
N GLN C 107 -15.05 -36.10 -40.88
CA GLN C 107 -16.18 -36.21 -41.81
C GLN C 107 -17.31 -37.03 -41.18
N SER C 108 -16.96 -38.06 -40.41
CA SER C 108 -17.93 -38.95 -39.80
C SER C 108 -18.63 -38.25 -38.61
N CYS C 109 -17.84 -37.62 -37.73
CA CYS C 109 -18.37 -36.85 -36.61
C CYS C 109 -19.32 -35.77 -37.13
N ALA C 110 -18.88 -35.05 -38.17
CA ALA C 110 -19.65 -33.95 -38.75
C ALA C 110 -20.99 -34.44 -39.27
N VAL C 111 -20.95 -35.51 -40.08
CA VAL C 111 -22.14 -36.02 -40.76
C VAL C 111 -23.21 -36.40 -39.74
N PHE C 112 -22.78 -36.98 -38.62
CA PHE C 112 -23.67 -37.38 -37.53
C PHE C 112 -24.27 -36.13 -36.88
N ALA C 113 -23.40 -35.26 -36.38
CA ALA C 113 -23.78 -34.08 -35.61
C ALA C 113 -24.70 -33.15 -36.40
N ARG C 114 -24.42 -32.99 -37.70
CA ARG C 114 -25.00 -31.94 -38.54
C ARG C 114 -26.50 -31.78 -38.32
N ASP C 115 -27.24 -32.88 -38.22
CA ASP C 115 -28.69 -32.83 -38.20
C ASP C 115 -29.25 -32.85 -36.78
N ARG C 116 -28.36 -32.67 -35.78
CA ARG C 116 -28.76 -32.68 -34.38
C ARG C 116 -28.56 -31.31 -33.73
N ILE C 117 -27.67 -30.48 -34.29
CA ILE C 117 -27.33 -29.20 -33.67
C ILE C 117 -27.79 -28.06 -34.57
N ASN C 118 -27.81 -26.85 -33.98
CA ASN C 118 -28.29 -25.63 -34.60
C ASN C 118 -27.47 -25.30 -35.84
N PRO C 119 -28.09 -25.21 -37.04
CA PRO C 119 -27.36 -24.92 -38.28
C PRO C 119 -26.36 -23.77 -38.22
N TYR C 120 -26.79 -22.63 -37.66
CA TYR C 120 -25.94 -21.45 -37.51
C TYR C 120 -24.69 -21.82 -36.70
N LEU C 121 -24.90 -22.60 -35.63
CA LEU C 121 -23.84 -23.03 -34.72
C LEU C 121 -22.89 -23.99 -35.44
N PHE C 122 -23.47 -24.99 -36.11
CA PHE C 122 -22.71 -25.96 -36.90
C PHE C 122 -21.78 -25.23 -37.86
N ASN C 123 -22.35 -24.33 -38.68
CA ASN C 123 -21.61 -23.56 -39.67
C ASN C 123 -20.40 -22.87 -39.04
N TYR C 124 -20.60 -22.22 -37.89
CA TYR C 124 -19.54 -21.51 -37.19
C TYR C 124 -18.48 -22.51 -36.73
N ALA C 125 -18.91 -23.53 -35.98
CA ALA C 125 -18.01 -24.51 -35.38
C ALA C 125 -17.13 -25.18 -36.43
N LEU C 126 -17.73 -25.53 -37.58
CA LEU C 126 -17.02 -26.17 -38.67
C LEU C 126 -16.04 -25.16 -39.28
N SER C 127 -16.56 -24.01 -39.71
CA SER C 127 -15.76 -22.93 -40.28
C SER C 127 -14.47 -22.70 -39.48
N VAL C 128 -14.60 -22.63 -38.15
CA VAL C 128 -13.47 -22.33 -37.28
C VAL C 128 -12.48 -23.49 -37.29
N ALA C 129 -13.00 -24.73 -37.26
CA ALA C 129 -12.16 -25.92 -37.24
C ALA C 129 -11.35 -26.02 -38.52
N LEU C 130 -12.04 -25.97 -39.67
CA LEU C 130 -11.42 -26.11 -40.97
C LEU C 130 -10.32 -25.06 -41.15
N LEU C 131 -10.62 -23.81 -40.79
CA LEU C 131 -9.73 -22.68 -41.06
C LEU C 131 -8.44 -22.80 -40.27
N HIS C 132 -8.45 -23.57 -39.17
CA HIS C 132 -7.35 -23.54 -38.21
C HIS C 132 -6.83 -24.94 -37.89
N ARG C 133 -7.17 -25.93 -38.72
CA ARG C 133 -6.48 -27.21 -38.70
C ARG C 133 -5.41 -27.20 -39.79
N ARG C 134 -4.46 -28.15 -39.71
CA ARG C 134 -3.33 -28.16 -40.64
C ARG C 134 -3.66 -28.97 -41.89
N ASP C 135 -4.50 -30.02 -41.75
CA ASP C 135 -4.82 -30.88 -42.88
C ASP C 135 -5.85 -30.23 -43.80
N THR C 136 -6.65 -29.29 -43.25
CA THR C 136 -7.75 -28.68 -43.99
C THR C 136 -7.40 -27.25 -44.37
N LYS C 137 -6.16 -26.99 -44.81
CA LYS C 137 -5.71 -25.63 -45.03
C LYS C 137 -5.94 -25.23 -46.49
N ASN C 138 -6.02 -23.91 -46.72
CA ASN C 138 -6.24 -23.30 -48.02
C ASN C 138 -7.58 -23.74 -48.63
N LEU C 139 -8.50 -24.19 -47.77
CA LEU C 139 -9.78 -24.72 -48.22
C LEU C 139 -10.78 -23.57 -48.33
N ASP C 140 -11.43 -23.47 -49.49
CA ASP C 140 -12.21 -22.31 -49.85
C ASP C 140 -13.65 -22.53 -49.35
N LEU C 141 -13.96 -21.90 -48.22
CA LEU C 141 -15.23 -22.09 -47.54
C LEU C 141 -16.32 -21.28 -48.25
N PRO C 142 -17.50 -21.87 -48.54
CA PRO C 142 -18.54 -21.15 -49.27
C PRO C 142 -19.01 -19.92 -48.51
N SER C 143 -19.33 -18.85 -49.26
CA SER C 143 -19.78 -17.60 -48.69
C SER C 143 -21.02 -17.85 -47.83
N VAL C 144 -21.06 -17.20 -46.65
CA VAL C 144 -22.12 -17.44 -45.68
C VAL C 144 -23.43 -16.82 -46.17
N VAL C 145 -23.37 -15.94 -47.18
CA VAL C 145 -24.54 -15.42 -47.87
C VAL C 145 -25.27 -16.56 -48.57
N GLU C 146 -24.48 -17.42 -49.21
CA GLU C 146 -25.00 -18.51 -50.03
C GLU C 146 -25.61 -19.60 -49.16
N VAL C 147 -25.10 -19.78 -47.93
CA VAL C 147 -25.58 -20.83 -47.04
C VAL C 147 -26.69 -20.30 -46.12
N PHE C 148 -26.62 -19.01 -45.77
CA PHE C 148 -27.60 -18.39 -44.89
C PHE C 148 -28.04 -17.05 -45.46
N PRO C 149 -28.81 -17.05 -46.57
CA PRO C 149 -29.23 -15.79 -47.20
C PRO C 149 -30.18 -14.96 -46.34
N ASP C 150 -30.79 -15.60 -45.33
CA ASP C 150 -31.80 -14.96 -44.50
C ASP C 150 -31.22 -13.79 -43.68
N LYS C 151 -29.89 -13.81 -43.46
CA LYS C 151 -29.19 -12.77 -42.70
C LYS C 151 -28.73 -11.62 -43.59
N TYR C 152 -29.07 -11.65 -44.88
CA TYR C 152 -28.50 -10.73 -45.84
C TYR C 152 -29.55 -10.18 -46.82
N VAL C 153 -30.82 -10.58 -46.68
CA VAL C 153 -31.83 -10.32 -47.69
C VAL C 153 -33.20 -10.12 -47.06
N ASP C 154 -33.92 -9.10 -47.55
CA ASP C 154 -35.31 -8.84 -47.18
C ASP C 154 -36.10 -10.14 -47.28
N SER C 155 -36.90 -10.43 -46.24
CA SER C 155 -37.64 -11.68 -46.15
C SER C 155 -38.66 -11.81 -47.28
N ARG C 156 -39.02 -10.70 -47.92
CA ARG C 156 -40.05 -10.69 -48.94
C ARG C 156 -39.69 -11.59 -50.13
N VAL C 157 -38.39 -11.70 -50.43
CA VAL C 157 -37.95 -12.39 -51.65
C VAL C 157 -38.22 -13.89 -51.51
N PHE C 158 -38.20 -14.42 -50.28
CA PHE C 158 -38.17 -15.86 -50.07
C PHE C 158 -39.40 -16.55 -50.69
N GLU C 159 -40.57 -15.91 -50.59
CA GLU C 159 -41.80 -16.49 -51.11
C GLU C 159 -41.88 -16.29 -52.62
N GLN C 160 -41.08 -15.37 -53.18
CA GLN C 160 -40.94 -15.19 -54.62
C GLN C 160 -40.03 -16.28 -55.21
N ILE C 161 -38.93 -16.56 -54.50
CA ILE C 161 -37.97 -17.57 -54.90
C ILE C 161 -38.64 -18.95 -54.88
N ARG C 162 -39.51 -19.17 -53.90
CA ARG C 162 -40.24 -20.43 -53.77
C ARG C 162 -41.23 -20.57 -54.93
N GLU C 163 -41.91 -19.46 -55.27
CA GLU C 163 -42.87 -19.43 -56.36
C GLU C 163 -42.16 -19.70 -57.68
N GLU C 164 -41.12 -18.90 -57.97
CA GLU C 164 -40.36 -18.98 -59.22
C GLU C 164 -39.81 -20.39 -59.43
N ALA C 165 -39.26 -20.99 -58.36
CA ALA C 165 -38.59 -22.29 -58.46
C ALA C 165 -39.59 -23.42 -58.67
N THR C 166 -40.84 -23.23 -58.21
CA THR C 166 -41.86 -24.27 -58.30
C THR C 166 -42.62 -24.18 -59.62
N VAL C 167 -42.89 -22.95 -60.09
CA VAL C 167 -43.76 -22.74 -61.23
C VAL C 167 -42.96 -22.85 -62.53
N VAL C 168 -41.86 -22.09 -62.62
CA VAL C 168 -41.13 -21.88 -63.86
C VAL C 168 -40.05 -22.96 -64.01
N PRO C 169 -39.88 -23.59 -65.21
CA PRO C 169 -38.78 -24.52 -65.45
C PRO C 169 -37.41 -23.84 -65.44
N GLU C 170 -36.38 -24.58 -64.97
CA GLU C 170 -35.00 -24.15 -65.02
C GLU C 170 -34.69 -23.54 -66.39
N GLY C 171 -33.71 -22.62 -66.43
CA GLY C 171 -33.28 -22.02 -67.68
C GLY C 171 -34.14 -20.83 -68.08
N MET C 172 -35.43 -20.86 -67.73
CA MET C 172 -36.34 -19.76 -68.00
C MET C 172 -36.57 -18.91 -66.75
N ARG C 173 -35.81 -19.16 -65.68
CA ARG C 173 -36.02 -18.47 -64.41
C ARG C 173 -35.45 -17.05 -64.45
N MET C 174 -36.27 -16.07 -64.06
CA MET C 174 -35.86 -14.68 -63.98
C MET C 174 -35.00 -14.46 -62.73
N PRO C 175 -33.91 -13.66 -62.79
CA PRO C 175 -33.17 -13.29 -61.59
C PRO C 175 -34.06 -12.49 -60.64
N ILE C 176 -33.99 -12.82 -59.34
CA ILE C 176 -34.77 -12.16 -58.30
C ILE C 176 -34.02 -10.89 -57.89
N VAL C 177 -34.65 -9.72 -58.05
CA VAL C 177 -34.02 -8.47 -57.64
C VAL C 177 -34.13 -8.40 -56.11
N ILE C 178 -33.02 -8.05 -55.44
CA ILE C 178 -33.01 -7.89 -53.99
C ILE C 178 -33.32 -6.43 -53.66
N PRO C 179 -34.38 -6.14 -52.89
CA PRO C 179 -34.72 -4.75 -52.55
C PRO C 179 -33.58 -4.03 -51.83
N LYS C 180 -33.37 -2.76 -52.21
CA LYS C 180 -32.41 -1.89 -51.54
C LYS C 180 -33.17 -0.69 -50.98
N ASP C 181 -32.60 -0.05 -49.95
CA ASP C 181 -33.23 1.08 -49.27
C ASP C 181 -34.68 0.72 -48.94
N PHE C 182 -34.83 -0.29 -48.08
CA PHE C 182 -36.10 -0.95 -47.83
C PHE C 182 -36.45 -1.00 -46.34
N THR C 183 -35.52 -0.56 -45.47
CA THR C 183 -35.70 -0.68 -44.03
C THR C 183 -36.39 0.56 -43.47
N ALA C 184 -36.30 1.70 -44.17
CA ALA C 184 -36.89 2.96 -43.71
C ALA C 184 -37.15 3.91 -44.87
N SER C 185 -38.12 4.80 -44.72
CA SER C 185 -38.47 5.81 -45.71
C SER C 185 -37.65 7.08 -45.48
N ASP C 186 -37.99 8.16 -46.21
CA ASP C 186 -37.20 9.38 -46.25
C ASP C 186 -37.49 10.29 -45.05
N LEU C 187 -38.52 9.93 -44.27
CA LEU C 187 -38.79 10.60 -42.99
C LEU C 187 -37.64 10.32 -42.03
N ASP C 188 -37.01 9.14 -42.16
CA ASP C 188 -35.81 8.79 -41.41
C ASP C 188 -34.59 9.09 -42.28
N GLU C 189 -33.82 10.11 -41.92
CA GLU C 189 -32.66 10.56 -42.70
C GLU C 189 -31.56 9.49 -42.68
N GLU C 190 -31.62 8.58 -41.70
CA GLU C 190 -30.65 7.50 -41.58
C GLU C 190 -30.75 6.51 -42.76
N HIS C 191 -31.91 6.49 -43.44
CA HIS C 191 -32.16 5.53 -44.50
C HIS C 191 -31.18 5.70 -45.67
N ARG C 192 -30.52 6.87 -45.72
CA ARG C 192 -29.64 7.22 -46.84
C ARG C 192 -28.39 6.35 -46.84
N LEU C 193 -28.03 5.79 -45.67
CA LEU C 193 -26.78 5.06 -45.51
C LEU C 193 -26.98 3.56 -45.72
N TRP C 194 -28.12 3.18 -46.32
CA TRP C 194 -28.41 1.79 -46.66
C TRP C 194 -27.26 1.12 -47.41
N TYR C 195 -26.67 1.86 -48.36
CA TYR C 195 -25.67 1.32 -49.27
C TYR C 195 -24.38 0.95 -48.53
N PHE C 196 -24.30 1.30 -47.24
CA PHE C 196 -23.13 1.01 -46.42
C PHE C 196 -23.51 0.04 -45.30
N ARG C 197 -24.50 0.44 -44.50
CA ARG C 197 -24.97 -0.38 -43.37
C ARG C 197 -25.45 -1.75 -43.86
N GLU C 198 -26.22 -1.76 -44.95
CA GLU C 198 -26.93 -2.96 -45.39
C GLU C 198 -26.25 -3.62 -46.59
N ASP C 199 -25.10 -3.07 -47.02
CA ASP C 199 -24.32 -3.67 -48.08
C ASP C 199 -23.83 -5.06 -47.67
N ILE C 200 -24.05 -6.05 -48.54
CA ILE C 200 -23.61 -7.43 -48.33
C ILE C 200 -22.12 -7.46 -48.01
N GLY C 201 -21.34 -6.71 -48.80
CA GLY C 201 -19.89 -6.73 -48.73
C GLY C 201 -19.37 -6.48 -47.32
N VAL C 202 -19.78 -5.34 -46.73
CA VAL C 202 -19.16 -4.85 -45.50
C VAL C 202 -19.62 -5.75 -44.34
N ASN C 203 -20.84 -6.29 -44.43
CA ASN C 203 -21.36 -7.19 -43.41
C ASN C 203 -20.58 -8.51 -43.42
N LEU C 204 -20.14 -8.95 -44.60
CA LEU C 204 -19.34 -10.15 -44.74
C LEU C 204 -17.94 -9.92 -44.18
N HIS C 205 -17.37 -8.75 -44.47
CA HIS C 205 -16.05 -8.41 -43.97
C HIS C 205 -16.02 -8.46 -42.44
N HIS C 206 -17.08 -7.92 -41.82
CA HIS C 206 -17.16 -7.83 -40.36
C HIS C 206 -17.26 -9.25 -39.78
N TRP C 207 -18.19 -10.06 -40.31
CA TRP C 207 -18.35 -11.44 -39.87
C TRP C 207 -17.04 -12.21 -39.94
N HIS C 208 -16.33 -12.07 -41.07
CA HIS C 208 -15.11 -12.83 -41.33
C HIS C 208 -13.97 -12.36 -40.41
N TRP C 209 -13.87 -11.05 -40.17
CA TRP C 209 -12.83 -10.52 -39.29
C TRP C 209 -12.91 -11.18 -37.92
N HIS C 210 -14.13 -11.37 -37.42
CA HIS C 210 -14.37 -11.97 -36.12
C HIS C 210 -14.14 -13.48 -36.15
N LEU C 211 -14.20 -14.10 -37.35
CA LEU C 211 -13.85 -15.51 -37.52
C LEU C 211 -12.36 -15.74 -37.26
N VAL C 212 -11.50 -14.89 -37.84
CA VAL C 212 -10.06 -15.14 -37.87
C VAL C 212 -9.41 -14.54 -36.62
N TYR C 213 -10.09 -13.59 -35.96
CA TYR C 213 -9.62 -13.03 -34.69
C TYR C 213 -10.73 -13.16 -33.65
N PRO C 214 -11.07 -14.38 -33.19
CA PRO C 214 -12.01 -14.52 -32.06
C PRO C 214 -11.38 -13.95 -30.79
N PHE C 215 -12.22 -13.72 -29.78
CA PHE C 215 -11.79 -13.18 -28.51
C PHE C 215 -11.95 -14.23 -27.40
N GLU C 216 -12.53 -15.37 -27.75
CA GLU C 216 -12.73 -16.45 -26.80
C GLU C 216 -12.73 -17.74 -27.61
N ALA C 217 -11.91 -18.70 -27.17
CA ALA C 217 -11.62 -19.88 -27.96
C ALA C 217 -10.74 -20.83 -27.16
N SER C 218 -11.25 -22.05 -26.96
CA SER C 218 -10.51 -23.06 -26.21
C SER C 218 -9.15 -23.17 -26.90
N ASN C 219 -8.10 -23.04 -26.11
CA ASN C 219 -6.74 -22.84 -26.59
C ASN C 219 -6.56 -21.35 -26.89
N ARG C 220 -5.55 -20.82 -26.19
CA ARG C 220 -5.23 -19.39 -26.22
C ARG C 220 -4.16 -19.18 -27.28
N ALA C 221 -4.17 -19.95 -28.36
CA ALA C 221 -3.18 -19.85 -29.43
C ALA C 221 -3.78 -19.09 -30.59
N ILE C 222 -5.04 -19.45 -30.93
CA ILE C 222 -5.81 -18.88 -32.02
C ILE C 222 -6.47 -17.56 -31.65
N VAL C 223 -6.60 -17.32 -30.35
CA VAL C 223 -7.05 -16.04 -29.86
C VAL C 223 -5.86 -15.09 -29.82
N ASP C 224 -4.66 -15.59 -29.54
CA ASP C 224 -3.48 -14.76 -29.41
C ASP C 224 -2.76 -14.59 -30.75
N LYS C 225 -3.30 -13.69 -31.58
CA LYS C 225 -2.69 -13.24 -32.82
C LYS C 225 -1.95 -11.94 -32.57
N ASP C 226 -0.90 -11.68 -33.35
CA ASP C 226 -0.10 -10.48 -33.16
C ASP C 226 -0.99 -9.24 -33.22
N ARG C 227 -0.94 -8.43 -32.15
CA ARG C 227 -1.57 -7.12 -32.10
C ARG C 227 -3.06 -7.16 -32.44
N ARG C 228 -3.76 -8.22 -32.05
CA ARG C 228 -5.18 -8.36 -32.34
C ARG C 228 -5.99 -7.30 -31.58
N GLY C 229 -5.47 -6.89 -30.42
CA GLY C 229 -6.08 -5.82 -29.65
C GLY C 229 -6.06 -4.51 -30.44
N GLU C 230 -4.88 -4.14 -30.95
CA GLU C 230 -4.73 -2.94 -31.75
C GLU C 230 -5.58 -3.09 -33.01
N LEU C 231 -5.62 -4.30 -33.57
CA LEU C 231 -6.40 -4.58 -34.76
C LEU C 231 -7.86 -4.25 -34.48
N PHE C 232 -8.38 -4.78 -33.35
CA PHE C 232 -9.75 -4.56 -32.92
C PHE C 232 -10.05 -3.07 -32.82
N TYR C 233 -9.11 -2.32 -32.23
CA TYR C 233 -9.22 -0.87 -32.13
C TYR C 233 -9.34 -0.29 -33.54
N TYR C 234 -8.34 -0.57 -34.38
CA TYR C 234 -8.13 0.14 -35.64
C TYR C 234 -9.23 -0.20 -36.65
N MET C 235 -9.47 -1.49 -36.87
CA MET C 235 -10.45 -1.93 -37.84
C MET C 235 -11.80 -1.24 -37.56
N HIS C 236 -12.30 -1.39 -36.33
CA HIS C 236 -13.57 -0.79 -35.94
C HIS C 236 -13.50 0.74 -36.04
N SER C 237 -12.33 1.31 -35.71
CA SER C 237 -12.09 2.75 -35.79
C SER C 237 -12.19 3.26 -37.23
N GLN C 238 -11.77 2.43 -38.19
CA GLN C 238 -11.84 2.76 -39.61
C GLN C 238 -13.28 2.60 -40.13
N LEU C 239 -14.05 1.68 -39.56
CA LEU C 239 -15.46 1.54 -39.91
C LEU C 239 -16.17 2.87 -39.71
N ILE C 240 -15.89 3.54 -38.60
CA ILE C 240 -16.62 4.75 -38.22
C ILE C 240 -16.10 5.95 -39.03
N ALA C 241 -14.79 5.98 -39.29
CA ALA C 241 -14.18 6.97 -40.15
C ALA C 241 -14.81 6.95 -41.54
N ARG C 242 -14.98 5.73 -42.08
CA ARG C 242 -15.61 5.53 -43.37
C ARG C 242 -17.10 5.86 -43.33
N TYR C 243 -17.76 5.50 -42.21
CA TYR C 243 -19.18 5.77 -42.00
C TYR C 243 -19.38 7.29 -41.94
N ASN C 244 -18.56 7.97 -41.15
CA ASN C 244 -18.63 9.41 -40.99
C ASN C 244 -18.41 10.11 -42.32
N PHE C 245 -17.56 9.53 -43.18
CA PHE C 245 -17.34 10.05 -44.52
C PHE C 245 -18.65 9.96 -45.29
N GLU C 246 -19.23 8.77 -45.34
CA GLU C 246 -20.46 8.51 -46.08
C GLU C 246 -21.60 9.37 -45.53
N ARG C 247 -21.56 9.71 -44.24
CA ARG C 247 -22.56 10.58 -43.65
C ARG C 247 -22.49 11.96 -44.31
N PHE C 248 -21.27 12.50 -44.45
CA PHE C 248 -21.05 13.82 -45.01
C PHE C 248 -21.50 13.88 -46.47
N CYS C 249 -21.48 12.73 -47.15
CA CYS C 249 -21.92 12.63 -48.54
C CYS C 249 -23.43 12.49 -48.66
N ASN C 250 -24.15 12.48 -47.52
CA ASN C 250 -25.60 12.39 -47.52
C ASN C 250 -26.18 13.53 -46.67
N ARG C 251 -25.44 14.64 -46.58
CA ARG C 251 -25.91 15.87 -45.94
C ARG C 251 -26.25 15.65 -44.47
N LEU C 252 -25.50 14.78 -43.80
CA LEU C 252 -25.69 14.48 -42.37
C LEU C 252 -24.44 14.91 -41.60
N GLN C 253 -24.57 15.05 -40.28
CA GLN C 253 -23.45 15.39 -39.40
C GLN C 253 -22.75 14.09 -39.00
N ARG C 254 -21.60 14.22 -38.31
CA ARG C 254 -20.85 13.08 -37.82
C ARG C 254 -21.68 12.33 -36.79
N VAL C 255 -21.49 11.01 -36.72
CA VAL C 255 -22.26 10.16 -35.83
C VAL C 255 -22.03 10.58 -34.38
N LYS C 256 -23.11 10.75 -33.63
CA LYS C 256 -23.06 11.07 -32.20
C LYS C 256 -22.86 9.77 -31.41
N ARG C 257 -21.92 9.80 -30.46
CA ARG C 257 -21.61 8.63 -29.62
C ARG C 257 -22.77 8.37 -28.65
N LEU C 258 -22.79 7.18 -28.03
CA LEU C 258 -23.69 6.91 -26.92
C LEU C 258 -23.09 7.46 -25.63
N ASN C 259 -23.18 8.78 -25.44
CA ASN C 259 -22.58 9.42 -24.27
C ASN C 259 -22.99 8.65 -23.01
N ASN C 260 -24.29 8.42 -22.74
CA ASN C 260 -24.70 7.74 -21.53
C ASN C 260 -25.94 6.87 -21.78
N LEU C 261 -25.98 5.75 -21.06
CA LEU C 261 -26.81 4.61 -21.38
C LEU C 261 -28.23 4.77 -20.83
N ARG C 262 -28.45 5.80 -20.01
CA ARG C 262 -29.75 6.02 -19.37
C ARG C 262 -30.67 6.82 -20.29
N GLU C 263 -30.07 7.69 -21.11
CA GLU C 263 -30.80 8.49 -22.08
C GLU C 263 -31.33 7.59 -23.19
N PRO C 264 -32.56 7.83 -23.71
CA PRO C 264 -33.11 7.07 -24.83
C PRO C 264 -32.23 6.97 -26.09
N ILE C 265 -32.47 5.92 -26.89
CA ILE C 265 -31.86 5.78 -28.19
C ILE C 265 -32.84 6.29 -29.25
N ALA C 266 -32.52 7.43 -29.85
CA ALA C 266 -33.40 8.16 -30.76
C ALA C 266 -33.73 7.33 -31.99
N GLU C 267 -32.70 6.72 -32.60
CA GLU C 267 -32.82 6.05 -33.88
C GLU C 267 -33.20 4.59 -33.65
N GLY C 268 -34.45 4.23 -33.96
CA GLY C 268 -34.89 2.85 -34.05
C GLY C 268 -34.47 2.23 -35.38
N TYR C 269 -34.59 0.89 -35.47
CA TYR C 269 -34.26 0.17 -36.70
C TYR C 269 -34.99 -1.16 -36.73
N PHE C 270 -35.89 -1.32 -37.72
CA PHE C 270 -36.51 -2.59 -38.05
C PHE C 270 -35.80 -3.21 -39.25
N PRO C 271 -35.08 -4.34 -39.09
CA PRO C 271 -34.15 -4.82 -40.12
C PRO C 271 -34.76 -5.55 -41.31
N LYS C 272 -35.99 -6.06 -41.12
CA LYS C 272 -36.79 -6.71 -42.14
C LYS C 272 -36.21 -8.07 -42.53
N LEU C 273 -35.52 -8.73 -41.60
CA LEU C 273 -34.95 -10.05 -41.84
C LEU C 273 -35.83 -11.09 -41.16
N ASP C 274 -35.91 -12.28 -41.79
CA ASP C 274 -36.67 -13.41 -41.28
C ASP C 274 -35.74 -14.62 -41.27
N SER C 275 -35.40 -15.11 -40.07
CA SER C 275 -34.57 -16.29 -39.89
C SER C 275 -35.36 -17.54 -40.25
N LEU C 276 -34.96 -18.22 -41.34
CA LEU C 276 -35.61 -19.43 -41.80
C LEU C 276 -35.22 -20.60 -40.89
N VAL C 277 -34.10 -20.46 -40.15
CA VAL C 277 -33.64 -21.46 -39.20
C VAL C 277 -34.46 -21.37 -37.91
N ALA C 278 -34.72 -20.15 -37.44
CA ALA C 278 -35.54 -19.91 -36.25
C ALA C 278 -37.02 -19.88 -36.62
N SER C 279 -37.29 -19.72 -37.93
CA SER C 279 -38.63 -19.65 -38.51
C SER C 279 -39.39 -18.40 -38.04
N ARG C 280 -38.69 -17.56 -37.25
CA ARG C 280 -39.20 -16.27 -36.78
C ARG C 280 -38.46 -15.15 -37.51
N THR C 281 -38.86 -13.91 -37.23
CA THR C 281 -38.12 -12.73 -37.67
C THR C 281 -37.31 -12.17 -36.50
N TRP C 282 -36.23 -11.44 -36.82
CA TRP C 282 -35.50 -10.63 -35.86
C TRP C 282 -36.40 -9.52 -35.35
N PRO C 283 -36.44 -9.24 -34.03
CA PRO C 283 -37.23 -8.11 -33.51
C PRO C 283 -36.61 -6.79 -33.96
N GLY C 284 -37.46 -5.77 -34.10
CA GLY C 284 -37.03 -4.41 -34.33
C GLY C 284 -36.81 -3.70 -32.99
N ARG C 285 -36.21 -2.50 -33.06
CA ARG C 285 -36.14 -1.58 -31.93
C ARG C 285 -36.89 -0.30 -32.29
N VAL C 286 -37.75 0.15 -31.38
CA VAL C 286 -38.57 1.33 -31.59
C VAL C 286 -37.74 2.58 -31.35
N ASP C 287 -38.27 3.72 -31.80
CA ASP C 287 -37.68 5.02 -31.51
C ASP C 287 -37.76 5.26 -30.00
N ASN C 288 -36.69 5.82 -29.44
CA ASN C 288 -36.61 6.20 -28.04
C ASN C 288 -36.73 5.01 -27.08
N ALA C 289 -36.34 3.82 -27.55
CA ALA C 289 -36.15 2.68 -26.66
C ALA C 289 -35.09 3.04 -25.63
N VAL C 290 -35.23 2.51 -24.41
CA VAL C 290 -34.22 2.69 -23.36
C VAL C 290 -33.60 1.34 -23.02
N ILE C 291 -32.27 1.35 -22.81
CA ILE C 291 -31.55 0.19 -22.33
C ILE C 291 -32.13 -0.22 -20.97
N LYS C 292 -32.27 -1.52 -20.75
CA LYS C 292 -32.87 -2.04 -19.51
C LYS C 292 -32.01 -3.20 -19.01
N ASP C 293 -31.94 -3.33 -17.67
CA ASP C 293 -31.27 -4.45 -17.00
C ASP C 293 -31.74 -5.78 -17.57
N LEU C 294 -30.78 -6.66 -17.88
CA LEU C 294 -31.05 -7.96 -18.49
C LEU C 294 -31.16 -9.03 -17.41
N ASN C 295 -32.13 -9.94 -17.57
CA ASN C 295 -32.25 -11.15 -16.77
C ASN C 295 -32.77 -12.26 -17.68
N ARG C 296 -31.90 -12.76 -18.56
CA ARG C 296 -32.24 -13.81 -19.49
C ARG C 296 -31.76 -15.15 -18.92
N GLU C 297 -32.55 -15.72 -18.01
CA GLU C 297 -32.13 -16.88 -17.24
C GLU C 297 -31.62 -17.99 -18.16
N LEU C 298 -32.35 -18.24 -19.26
CA LEU C 298 -32.02 -19.29 -20.21
C LEU C 298 -30.64 -19.07 -20.82
N ASP C 299 -30.38 -17.87 -21.32
CA ASP C 299 -29.15 -17.54 -22.03
C ASP C 299 -27.96 -17.40 -21.07
N GLN C 300 -28.23 -17.39 -19.76
CA GLN C 300 -27.21 -17.17 -18.73
C GLN C 300 -26.67 -15.74 -18.81
N ILE C 301 -27.59 -14.76 -18.78
CA ILE C 301 -27.26 -13.34 -18.75
C ILE C 301 -27.95 -12.71 -17.54
N LYS C 302 -27.13 -12.25 -16.60
CA LYS C 302 -27.62 -11.53 -15.43
C LYS C 302 -26.74 -10.30 -15.26
N GLN C 303 -27.07 -9.23 -16.01
CA GLN C 303 -26.25 -8.02 -16.03
C GLN C 303 -27.13 -6.80 -15.83
N ASP C 304 -26.68 -5.87 -15.00
CA ASP C 304 -27.34 -4.59 -14.78
C ASP C 304 -26.62 -3.52 -15.58
N VAL C 305 -27.33 -2.45 -15.93
CA VAL C 305 -26.74 -1.36 -16.69
C VAL C 305 -25.59 -0.77 -15.88
N SER C 306 -25.78 -0.65 -14.57
CA SER C 306 -24.77 -0.12 -13.67
C SER C 306 -23.48 -0.94 -13.75
N ASP C 307 -23.56 -2.25 -13.97
CA ASP C 307 -22.38 -3.08 -14.19
C ASP C 307 -21.56 -2.54 -15.36
N LEU C 308 -22.25 -2.24 -16.47
CA LEU C 308 -21.62 -1.74 -17.67
C LEU C 308 -20.95 -0.40 -17.34
N GLU C 309 -21.71 0.50 -16.70
CA GLU C 309 -21.26 1.82 -16.29
C GLU C 309 -20.04 1.73 -15.39
N ARG C 310 -20.00 0.72 -14.53
CA ARG C 310 -18.90 0.51 -13.60
C ARG C 310 -17.64 0.13 -14.38
N TRP C 311 -17.79 -0.77 -15.36
CA TRP C 311 -16.67 -1.16 -16.21
C TRP C 311 -16.08 0.04 -16.93
N ILE C 312 -16.95 0.90 -17.45
CA ILE C 312 -16.54 2.07 -18.21
C ILE C 312 -15.79 3.03 -17.29
N ASP C 313 -16.36 3.30 -16.12
CA ASP C 313 -15.73 4.19 -15.13
C ASP C 313 -14.32 3.71 -14.83
N ARG C 314 -14.12 2.39 -14.70
CA ARG C 314 -12.84 1.82 -14.33
C ARG C 314 -11.84 1.91 -15.48
N ILE C 315 -12.31 1.66 -16.70
CA ILE C 315 -11.47 1.66 -17.89
C ILE C 315 -10.94 3.08 -18.14
N TYR C 316 -11.84 4.07 -18.05
CA TYR C 316 -11.47 5.47 -18.13
C TYR C 316 -10.37 5.78 -17.11
N GLU C 317 -10.55 5.32 -15.87
CA GLU C 317 -9.61 5.59 -14.78
C GLU C 317 -8.23 5.07 -15.18
N ALA C 318 -8.18 3.80 -15.62
CA ALA C 318 -6.93 3.16 -16.03
C ALA C 318 -6.24 3.98 -17.12
N VAL C 319 -7.02 4.42 -18.10
CA VAL C 319 -6.49 5.13 -19.26
C VAL C 319 -5.86 6.45 -18.81
N HIS C 320 -6.53 7.16 -17.89
CA HIS C 320 -6.03 8.41 -17.35
C HIS C 320 -4.84 8.15 -16.42
N GLN C 321 -4.99 7.19 -15.49
CA GLN C 321 -3.90 6.75 -14.64
C GLN C 321 -2.66 6.43 -15.48
N GLY C 322 -2.87 5.77 -16.63
CA GLY C 322 -1.81 5.42 -17.55
C GLY C 322 -1.36 3.96 -17.41
N TYR C 323 -1.99 3.20 -16.51
CA TYR C 323 -1.66 1.80 -16.30
C TYR C 323 -2.90 1.00 -15.90
N VAL C 324 -2.82 -0.33 -16.07
CA VAL C 324 -3.87 -1.25 -15.62
C VAL C 324 -3.29 -2.14 -14.53
N VAL C 325 -4.16 -2.92 -13.87
CA VAL C 325 -3.75 -3.88 -12.85
C VAL C 325 -4.24 -5.26 -13.25
N ASP C 326 -3.36 -6.27 -13.20
CA ASP C 326 -3.70 -7.63 -13.54
C ASP C 326 -4.34 -8.31 -12.34
N GLU C 327 -4.87 -9.53 -12.56
CA GLU C 327 -5.52 -10.31 -11.51
C GLU C 327 -4.61 -10.40 -10.29
N SER C 328 -3.29 -10.57 -10.53
CA SER C 328 -2.30 -10.78 -9.50
C SER C 328 -2.12 -9.55 -8.60
N GLY C 329 -2.40 -8.36 -9.14
CA GLY C 329 -2.28 -7.12 -8.39
C GLY C 329 -1.17 -6.23 -8.95
N ASN C 330 -0.35 -6.77 -9.86
CA ASN C 330 0.75 -6.05 -10.47
C ASN C 330 0.22 -4.99 -11.43
N ARG C 331 1.07 -4.00 -11.79
CA ARG C 331 0.72 -2.93 -12.70
C ARG C 331 1.39 -3.13 -14.05
N ILE C 332 0.63 -2.93 -15.13
CA ILE C 332 1.14 -2.98 -16.49
C ILE C 332 0.90 -1.61 -17.11
N PHE C 333 1.92 -1.05 -17.77
CA PHE C 333 1.91 0.35 -18.20
C PHE C 333 1.48 0.48 -19.66
N LEU C 334 0.52 1.38 -19.91
CA LEU C 334 0.00 1.64 -21.24
C LEU C 334 0.97 2.56 -21.98
N ASP C 335 2.06 1.98 -22.48
CA ASP C 335 3.15 2.71 -23.12
C ASP C 335 2.80 2.96 -24.60
N GLU C 336 3.73 3.61 -25.31
CA GLU C 336 3.55 3.99 -26.71
C GLU C 336 3.38 2.76 -27.60
N GLU C 337 3.99 1.63 -27.20
CA GLU C 337 4.14 0.47 -28.06
C GLU C 337 2.94 -0.46 -27.92
N LYS C 338 2.71 -0.98 -26.70
CA LYS C 338 1.74 -2.05 -26.48
C LYS C 338 0.47 -1.53 -25.82
N GLY C 339 0.47 -0.26 -25.39
CA GLY C 339 -0.66 0.33 -24.68
C GLY C 339 -1.99 0.05 -25.39
N ILE C 340 -2.09 0.48 -26.64
CA ILE C 340 -3.31 0.37 -27.43
C ILE C 340 -3.75 -1.10 -27.53
N ASP C 341 -2.79 -2.00 -27.73
CA ASP C 341 -3.07 -3.42 -27.92
C ASP C 341 -3.71 -3.99 -26.67
N ILE C 342 -3.13 -3.65 -25.51
CA ILE C 342 -3.67 -4.05 -24.22
C ILE C 342 -5.11 -3.56 -24.09
N LEU C 343 -5.29 -2.25 -24.24
CA LEU C 343 -6.57 -1.60 -24.07
C LEU C 343 -7.64 -2.29 -24.92
N GLY C 344 -7.30 -2.66 -26.16
CA GLY C 344 -8.21 -3.35 -27.04
C GLY C 344 -8.74 -4.64 -26.44
N ASN C 345 -7.84 -5.44 -25.87
CA ASN C 345 -8.20 -6.73 -25.28
C ASN C 345 -9.05 -6.52 -24.02
N ILE C 346 -8.79 -5.42 -23.32
CA ILE C 346 -9.54 -5.05 -22.13
C ILE C 346 -10.97 -4.66 -22.50
N ILE C 347 -11.10 -3.83 -23.55
CA ILE C 347 -12.34 -3.26 -23.99
C ILE C 347 -12.87 -4.32 -24.96
N GLU C 348 -14.05 -4.82 -24.70
CA GLU C 348 -14.68 -5.83 -25.50
C GLU C 348 -14.38 -7.18 -24.89
N SER C 349 -13.27 -7.30 -24.14
CA SER C 349 -12.93 -8.49 -23.37
C SER C 349 -12.56 -9.67 -24.27
N SER C 350 -11.27 -9.77 -24.54
CA SER C 350 -10.68 -11.01 -25.05
C SER C 350 -9.96 -11.69 -23.89
N ILE C 351 -9.98 -13.01 -23.87
CA ILE C 351 -9.33 -13.77 -22.80
C ILE C 351 -7.90 -13.28 -22.60
N LEU C 352 -7.38 -12.46 -23.53
CA LEU C 352 -6.07 -11.86 -23.38
C LEU C 352 -6.11 -10.66 -22.44
N SER C 353 -7.31 -10.21 -22.05
CA SER C 353 -7.45 -9.11 -21.10
C SER C 353 -6.67 -9.43 -19.83
N PRO C 354 -5.80 -8.52 -19.35
CA PRO C 354 -4.99 -8.79 -18.16
C PRO C 354 -5.79 -8.87 -16.87
N ASN C 355 -7.08 -8.52 -16.91
CA ASN C 355 -7.95 -8.62 -15.75
C ASN C 355 -9.41 -8.47 -16.15
N ARG C 356 -9.99 -9.53 -16.76
CA ARG C 356 -11.37 -9.53 -17.19
C ARG C 356 -12.32 -9.14 -16.05
N GLN C 357 -12.06 -9.66 -14.84
CA GLN C 357 -12.96 -9.53 -13.72
C GLN C 357 -13.17 -8.04 -13.34
N LEU C 358 -12.10 -7.23 -13.50
CA LEU C 358 -12.11 -5.84 -13.08
C LEU C 358 -12.65 -4.94 -14.18
N TYR C 359 -12.16 -5.13 -15.42
CA TYR C 359 -12.46 -4.23 -16.54
C TYR C 359 -13.60 -4.76 -17.40
N GLY C 360 -14.03 -6.00 -17.13
CA GLY C 360 -15.30 -6.50 -17.67
C GLY C 360 -15.22 -6.91 -19.13
N ASP C 361 -16.41 -7.02 -19.75
CA ASP C 361 -16.66 -7.47 -21.11
C ASP C 361 -17.47 -6.36 -21.81
N MET C 362 -16.89 -5.16 -21.82
CA MET C 362 -17.59 -3.91 -22.02
C MET C 362 -18.23 -3.81 -23.40
N HIS C 363 -17.48 -4.02 -24.48
CA HIS C 363 -17.99 -3.91 -25.84
C HIS C 363 -19.10 -4.94 -26.07
N ASN C 364 -18.79 -6.22 -25.80
CA ASN C 364 -19.70 -7.32 -26.09
C ASN C 364 -21.03 -7.20 -25.33
N VAL C 365 -20.96 -6.87 -24.04
CA VAL C 365 -22.15 -6.78 -23.21
C VAL C 365 -23.06 -5.65 -23.72
N GLY C 366 -22.43 -4.59 -24.22
CA GLY C 366 -23.14 -3.48 -24.85
C GLY C 366 -23.99 -3.95 -26.04
N HIS C 367 -23.44 -4.84 -26.88
CA HIS C 367 -24.15 -5.39 -28.02
C HIS C 367 -25.41 -6.13 -27.56
N VAL C 368 -25.33 -6.82 -26.43
CA VAL C 368 -26.44 -7.61 -25.89
C VAL C 368 -27.53 -6.70 -25.31
N PHE C 369 -27.12 -5.74 -24.49
CA PHE C 369 -28.03 -4.76 -23.91
C PHE C 369 -28.87 -4.08 -25.00
N LEU C 370 -28.22 -3.65 -26.08
CA LEU C 370 -28.85 -2.88 -27.14
C LEU C 370 -29.80 -3.76 -27.94
N SER C 371 -29.55 -5.07 -27.96
CA SER C 371 -30.32 -6.00 -28.78
C SER C 371 -31.54 -6.56 -28.04
N TYR C 372 -31.69 -6.23 -26.75
CA TYR C 372 -32.70 -6.86 -25.90
C TYR C 372 -33.58 -5.83 -25.20
N THR C 373 -33.64 -4.60 -25.74
CA THR C 373 -34.43 -3.54 -25.13
C THR C 373 -35.91 -3.92 -25.14
N HIS C 374 -36.32 -4.73 -26.13
CA HIS C 374 -37.71 -5.07 -26.37
C HIS C 374 -38.18 -6.20 -25.44
N ASP C 375 -37.23 -6.97 -24.87
CA ASP C 375 -37.57 -8.11 -24.03
C ASP C 375 -36.37 -8.49 -23.17
N PRO C 376 -36.06 -7.72 -22.10
CA PRO C 376 -34.84 -7.92 -21.33
C PRO C 376 -34.89 -9.00 -20.24
N ASP C 377 -36.09 -9.40 -19.82
CA ASP C 377 -36.25 -10.42 -18.79
C ASP C 377 -36.84 -11.70 -19.35
N HIS C 378 -37.04 -11.75 -20.68
CA HIS C 378 -37.44 -12.95 -21.41
C HIS C 378 -38.91 -13.30 -21.15
N ARG C 379 -39.69 -12.33 -20.65
CA ARG C 379 -41.09 -12.56 -20.32
C ARG C 379 -41.92 -12.78 -21.60
N HIS C 380 -41.42 -12.25 -22.73
CA HIS C 380 -42.11 -12.32 -24.02
C HIS C 380 -41.51 -13.39 -24.91
N LEU C 381 -40.56 -14.18 -24.40
CA LEU C 381 -40.00 -15.30 -25.15
C LEU C 381 -39.60 -14.83 -26.55
N GLU C 382 -38.92 -13.68 -26.64
CA GLU C 382 -38.43 -13.15 -27.90
C GLU C 382 -36.91 -13.23 -27.93
N SER C 383 -36.34 -13.33 -29.14
CA SER C 383 -34.89 -13.42 -29.33
C SER C 383 -34.29 -12.02 -29.46
N PHE C 384 -32.96 -11.95 -29.60
CA PHE C 384 -32.26 -10.67 -29.68
C PHE C 384 -32.46 -10.03 -31.05
N GLY C 385 -32.47 -8.70 -31.07
CA GLY C 385 -32.47 -7.92 -32.29
C GLY C 385 -31.13 -8.03 -33.00
N VAL C 386 -30.96 -7.23 -34.07
CA VAL C 386 -29.90 -7.42 -35.04
C VAL C 386 -28.51 -7.11 -34.44
N MET C 387 -28.45 -6.26 -33.41
CA MET C 387 -27.17 -5.87 -32.79
C MET C 387 -26.56 -6.99 -31.96
N GLY C 388 -27.32 -8.09 -31.77
CA GLY C 388 -26.88 -9.23 -30.99
C GLY C 388 -26.09 -10.26 -31.80
N ASP C 389 -25.98 -10.06 -33.12
CA ASP C 389 -25.24 -10.96 -34.01
C ASP C 389 -24.24 -10.15 -34.84
N VAL C 390 -22.97 -10.57 -34.78
CA VAL C 390 -21.87 -9.97 -35.55
C VAL C 390 -22.22 -9.92 -37.04
N ALA C 391 -22.88 -10.99 -37.52
CA ALA C 391 -23.28 -11.12 -38.91
C ALA C 391 -24.18 -9.97 -39.36
N THR C 392 -24.97 -9.39 -38.44
CA THR C 392 -26.00 -8.43 -38.79
C THR C 392 -25.85 -7.09 -38.07
N ALA C 393 -24.90 -6.99 -37.13
CA ALA C 393 -24.82 -5.86 -36.21
C ALA C 393 -24.68 -4.52 -36.93
N MET C 394 -23.97 -4.50 -38.07
CA MET C 394 -23.65 -3.26 -38.76
C MET C 394 -24.87 -2.66 -39.47
N ARG C 395 -25.95 -3.42 -39.60
CA ARG C 395 -27.16 -2.92 -40.25
C ARG C 395 -27.82 -1.82 -39.43
N ASP C 396 -27.73 -1.92 -38.10
CA ASP C 396 -28.39 -1.01 -37.20
C ASP C 396 -27.57 0.27 -37.08
N PRO C 397 -28.19 1.47 -37.16
CA PRO C 397 -27.49 2.73 -36.89
C PRO C 397 -26.84 2.88 -35.51
N VAL C 398 -27.40 2.22 -34.50
CA VAL C 398 -26.92 2.34 -33.12
C VAL C 398 -25.52 1.72 -33.02
N PHE C 399 -25.20 0.80 -33.93
CA PHE C 399 -23.90 0.17 -34.00
C PHE C 399 -22.80 1.24 -33.99
N TYR C 400 -23.00 2.27 -34.81
CA TYR C 400 -22.00 3.29 -35.06
C TYR C 400 -21.92 4.24 -33.88
N ARG C 401 -23.03 4.42 -33.16
CA ARG C 401 -23.06 5.21 -31.94
C ARG C 401 -22.31 4.51 -30.81
N TRP C 402 -22.59 3.21 -30.63
CA TRP C 402 -21.92 2.41 -29.62
C TRP C 402 -20.44 2.29 -29.93
N HIS C 403 -20.11 2.08 -31.21
CA HIS C 403 -18.73 1.88 -31.63
C HIS C 403 -17.98 3.20 -31.67
N SER C 404 -18.74 4.30 -31.83
CA SER C 404 -18.24 5.67 -31.76
C SER C 404 -17.78 5.98 -30.35
N PHE C 405 -18.64 5.67 -29.36
CA PHE C 405 -18.31 5.83 -27.95
C PHE C 405 -17.01 5.10 -27.66
N ILE C 406 -16.99 3.78 -27.93
CA ILE C 406 -15.85 2.92 -27.65
C ILE C 406 -14.58 3.57 -28.19
N ASP C 407 -14.67 4.19 -29.38
CA ASP C 407 -13.52 4.77 -30.03
C ASP C 407 -13.00 5.96 -29.22
N ASP C 408 -13.92 6.77 -28.68
CA ASP C 408 -13.58 7.93 -27.87
C ASP C 408 -12.72 7.48 -26.69
N ILE C 409 -13.03 6.31 -26.11
CA ILE C 409 -12.27 5.77 -24.98
C ILE C 409 -10.83 5.47 -25.42
N PHE C 410 -10.66 4.83 -26.59
CA PHE C 410 -9.34 4.58 -27.14
C PHE C 410 -8.61 5.90 -27.36
N GLN C 411 -9.30 6.87 -27.98
CA GLN C 411 -8.74 8.18 -28.25
C GLN C 411 -8.16 8.80 -26.98
N GLU C 412 -8.87 8.64 -25.85
CA GLU C 412 -8.47 9.19 -24.59
C GLU C 412 -7.06 8.72 -24.23
N HIS C 413 -6.65 7.54 -24.72
CA HIS C 413 -5.30 7.03 -24.51
C HIS C 413 -4.34 7.64 -25.53
N LYS C 414 -4.77 7.71 -26.79
CA LYS C 414 -3.92 8.17 -27.88
C LYS C 414 -3.49 9.62 -27.69
N ILE C 415 -4.34 10.44 -27.05
CA ILE C 415 -4.04 11.86 -26.85
C ILE C 415 -3.04 12.04 -25.71
N LYS C 416 -2.75 10.96 -24.97
CA LYS C 416 -1.74 10.98 -23.92
C LYS C 416 -0.35 10.71 -24.50
N LEU C 417 -0.29 10.01 -25.63
CA LEU C 417 0.98 9.68 -26.27
C LEU C 417 1.67 10.95 -26.76
N PRO C 418 3.02 11.01 -26.77
CA PRO C 418 3.75 12.21 -27.21
C PRO C 418 3.65 12.39 -28.72
N ALA C 419 3.46 13.65 -29.16
CA ALA C 419 3.33 13.97 -30.57
C ALA C 419 4.53 13.43 -31.35
N TYR C 420 4.29 13.00 -32.58
CA TYR C 420 5.36 12.61 -33.48
C TYR C 420 6.19 13.86 -33.80
N THR C 421 7.51 13.78 -33.57
CA THR C 421 8.43 14.90 -33.78
C THR C 421 8.73 15.03 -35.27
N LYS C 422 9.07 16.25 -35.70
CA LYS C 422 9.46 16.53 -37.08
C LYS C 422 10.42 15.45 -37.55
N SER C 423 11.41 15.15 -36.68
CA SER C 423 12.40 14.12 -36.91
C SER C 423 11.76 12.77 -37.22
N GLN C 424 10.82 12.34 -36.36
CA GLN C 424 10.29 10.99 -36.37
C GLN C 424 9.56 10.66 -37.69
N LEU C 425 8.98 11.66 -38.34
CA LEU C 425 8.23 11.43 -39.57
C LEU C 425 8.85 12.19 -40.74
N THR C 426 10.16 12.46 -40.66
CA THR C 426 10.94 12.92 -41.81
C THR C 426 11.76 11.75 -42.34
N TYR C 427 11.91 11.68 -43.67
CA TYR C 427 12.75 10.70 -44.34
C TYR C 427 13.90 11.43 -45.02
N GLU C 428 15.07 11.48 -44.35
CA GLU C 428 16.20 12.29 -44.79
C GLU C 428 16.59 11.88 -46.20
N GLY C 429 16.43 12.81 -47.16
CA GLY C 429 16.78 12.57 -48.55
C GLY C 429 15.54 12.49 -49.45
N ILE C 430 14.49 11.78 -48.98
CA ILE C 430 13.29 11.55 -49.77
C ILE C 430 12.38 12.78 -49.71
N SER C 431 11.81 13.15 -50.87
CA SER C 431 10.85 14.23 -50.98
C SER C 431 9.75 13.86 -51.99
N VAL C 432 8.49 13.87 -51.53
CA VAL C 432 7.33 13.68 -52.39
C VAL C 432 6.86 15.06 -52.85
N THR C 433 6.81 15.25 -54.18
CA THR C 433 6.59 16.55 -54.79
C THR C 433 5.19 16.65 -55.36
N GLY C 434 4.45 15.54 -55.38
CA GLY C 434 3.09 15.55 -55.91
C GLY C 434 2.48 14.15 -55.99
N ILE C 435 1.15 14.10 -55.82
CA ILE C 435 0.35 12.90 -56.05
C ILE C 435 -0.92 13.31 -56.79
N ILE C 436 -1.36 12.50 -57.76
CA ILE C 436 -2.59 12.74 -58.50
C ILE C 436 -3.34 11.42 -58.67
N VAL C 437 -4.61 11.49 -59.13
CA VAL C 437 -5.36 10.30 -59.50
C VAL C 437 -5.96 10.50 -60.90
N GLN C 438 -6.03 9.44 -61.70
CA GLN C 438 -6.64 9.49 -63.02
C GLN C 438 -7.53 8.27 -63.28
N SER C 439 -8.80 8.55 -63.65
CA SER C 439 -9.73 7.57 -64.15
C SER C 439 -9.88 7.73 -65.66
N GLU C 440 -10.13 6.60 -66.36
CA GLU C 440 -10.41 6.60 -67.79
C GLU C 440 -11.63 7.48 -68.06
N GLY C 441 -11.48 8.41 -69.01
CA GLY C 441 -12.55 9.31 -69.42
C GLY C 441 -13.07 10.17 -68.27
N ALA C 442 -12.16 10.94 -67.65
CA ALA C 442 -12.50 11.78 -66.50
C ALA C 442 -11.32 12.71 -66.19
N PRO C 443 -11.57 13.98 -65.79
CA PRO C 443 -10.47 14.90 -65.45
C PRO C 443 -9.52 14.32 -64.40
N VAL C 444 -8.32 14.89 -64.30
CA VAL C 444 -7.37 14.53 -63.26
C VAL C 444 -7.95 14.90 -61.90
N ASN C 445 -7.53 14.17 -60.86
CA ASN C 445 -7.89 14.43 -59.46
C ASN C 445 -9.41 14.44 -59.31
N THR C 446 -10.07 13.42 -59.87
CA THR C 446 -11.52 13.27 -59.83
C THR C 446 -11.89 11.78 -59.76
N LEU C 447 -12.64 11.41 -58.73
CA LEU C 447 -13.17 10.07 -58.56
C LEU C 447 -14.67 10.08 -58.84
N HIS C 448 -15.17 8.99 -59.44
CA HIS C 448 -16.60 8.85 -59.76
C HIS C 448 -17.17 7.62 -59.03
N THR C 449 -18.44 7.70 -58.62
CA THR C 449 -19.17 6.57 -58.05
C THR C 449 -20.55 6.46 -58.68
N TYR C 450 -21.21 5.31 -58.46
CA TYR C 450 -22.51 5.00 -59.03
C TYR C 450 -23.03 3.68 -58.43
N TRP C 451 -24.23 3.27 -58.87
CA TRP C 451 -24.83 2.00 -58.49
C TRP C 451 -24.49 0.94 -59.55
N GLN C 452 -24.49 -0.33 -59.13
CA GLN C 452 -24.16 -1.45 -60.01
C GLN C 452 -24.85 -2.72 -59.49
N GLN C 453 -25.61 -3.39 -60.36
CA GLN C 453 -26.21 -4.68 -60.03
C GLN C 453 -25.18 -5.79 -60.23
N SER C 454 -25.14 -6.73 -59.29
CA SER C 454 -24.35 -7.95 -59.40
C SER C 454 -25.23 -9.14 -59.05
N ASP C 455 -24.80 -10.35 -59.45
CA ASP C 455 -25.61 -11.55 -59.31
C ASP C 455 -24.92 -12.56 -58.39
N VAL C 456 -25.73 -13.27 -57.59
CA VAL C 456 -25.23 -14.26 -56.64
C VAL C 456 -26.18 -15.45 -56.65
N ASP C 457 -25.61 -16.66 -56.67
CA ASP C 457 -26.38 -17.90 -56.66
C ASP C 457 -26.66 -18.28 -55.20
N LEU C 458 -27.93 -18.14 -54.78
CA LEU C 458 -28.34 -18.43 -53.42
C LEU C 458 -28.97 -19.82 -53.34
N SER C 459 -28.60 -20.69 -54.28
CA SER C 459 -29.28 -21.96 -54.49
C SER C 459 -28.97 -22.92 -53.36
N ARG C 460 -27.70 -22.94 -52.93
CA ARG C 460 -27.24 -23.86 -51.90
C ARG C 460 -27.90 -23.55 -50.55
N GLY C 461 -28.41 -22.32 -50.39
CA GLY C 461 -28.98 -21.88 -49.12
C GLY C 461 -30.50 -22.03 -49.02
N MET C 462 -31.16 -22.30 -50.15
CA MET C 462 -32.61 -22.38 -50.22
C MET C 462 -33.10 -23.80 -49.94
N ASP C 463 -33.37 -24.09 -48.66
CA ASP C 463 -33.76 -25.42 -48.22
C ASP C 463 -35.18 -25.73 -48.70
N PHE C 464 -35.43 -27.00 -49.04
CA PHE C 464 -36.74 -27.53 -49.44
C PHE C 464 -37.32 -26.72 -50.60
N VAL C 465 -36.45 -26.22 -51.49
CA VAL C 465 -36.85 -25.53 -52.70
C VAL C 465 -36.47 -26.39 -53.89
N PRO C 466 -37.34 -26.54 -54.91
CA PRO C 466 -36.99 -27.27 -56.12
C PRO C 466 -35.58 -26.91 -56.60
N ARG C 467 -34.73 -27.93 -56.79
CA ARG C 467 -33.34 -27.75 -57.19
C ARG C 467 -33.27 -27.01 -58.53
N GLY C 468 -32.09 -26.45 -58.80
CA GLY C 468 -31.88 -25.56 -59.94
C GLY C 468 -31.06 -24.33 -59.48
N ASN C 469 -30.97 -23.33 -60.37
CA ASN C 469 -30.29 -22.08 -60.06
C ASN C 469 -31.29 -21.05 -59.57
N VAL C 470 -30.83 -20.18 -58.66
CA VAL C 470 -31.61 -19.10 -58.09
C VAL C 470 -30.69 -17.89 -57.94
N PHE C 471 -30.63 -17.06 -59.00
CA PHE C 471 -29.77 -15.89 -59.03
C PHE C 471 -30.52 -14.70 -58.43
N ALA C 472 -29.81 -13.96 -57.56
CA ALA C 472 -30.34 -12.75 -56.93
C ALA C 472 -29.52 -11.53 -57.38
N ARG C 473 -30.21 -10.42 -57.66
CA ARG C 473 -29.58 -9.20 -58.16
C ARG C 473 -29.41 -8.18 -57.03
N PHE C 474 -28.17 -7.99 -56.58
CA PHE C 474 -27.82 -6.98 -55.59
C PHE C 474 -27.48 -5.65 -56.28
N THR C 475 -28.03 -4.55 -55.76
CA THR C 475 -27.58 -3.21 -56.12
C THR C 475 -26.66 -2.68 -55.01
N HIS C 476 -25.49 -2.16 -55.40
CA HIS C 476 -24.48 -1.72 -54.46
C HIS C 476 -23.64 -0.60 -55.08
N LEU C 477 -23.08 0.28 -54.22
CA LEU C 477 -22.17 1.34 -54.63
C LEU C 477 -20.99 0.74 -55.40
N GLN C 478 -20.52 1.48 -56.42
CA GLN C 478 -19.32 1.11 -57.16
C GLN C 478 -18.58 2.38 -57.59
N HIS C 479 -17.26 2.27 -57.74
CA HIS C 479 -16.42 3.35 -58.22
C HIS C 479 -15.75 2.96 -59.53
N ALA C 480 -15.59 3.94 -60.43
CA ALA C 480 -14.80 3.80 -61.64
C ALA C 480 -13.36 3.48 -61.27
N PRO C 481 -12.66 2.59 -62.01
CA PRO C 481 -11.26 2.26 -61.69
C PRO C 481 -10.41 3.52 -61.81
N PHE C 482 -9.37 3.62 -60.99
CA PHE C 482 -8.45 4.75 -61.04
C PHE C 482 -7.04 4.28 -60.67
N GLN C 483 -6.09 5.21 -60.65
CA GLN C 483 -4.71 4.93 -60.29
C GLN C 483 -4.05 6.19 -59.73
N TYR C 484 -3.19 6.01 -58.73
CA TYR C 484 -2.41 7.09 -58.13
C TYR C 484 -1.11 7.24 -58.93
N VAL C 485 -0.58 8.47 -59.02
CA VAL C 485 0.70 8.75 -59.65
C VAL C 485 1.51 9.69 -58.75
N ILE C 486 2.61 9.17 -58.19
CA ILE C 486 3.34 9.81 -57.09
C ILE C 486 4.76 10.13 -57.55
N GLN C 487 5.18 11.40 -57.37
CA GLN C 487 6.49 11.87 -57.80
C GLN C 487 7.43 11.99 -56.59
N ILE C 488 8.45 11.12 -56.53
CA ILE C 488 9.34 11.01 -55.37
C ILE C 488 10.78 11.21 -55.83
N ASP C 489 11.52 12.08 -55.10
CA ASP C 489 12.92 12.38 -55.39
C ASP C 489 13.81 11.78 -54.30
N ASN C 490 14.95 11.18 -54.69
CA ASN C 490 15.79 10.40 -53.79
C ASN C 490 16.89 11.25 -53.17
N THR C 491 17.71 11.90 -54.01
CA THR C 491 18.77 12.83 -53.60
C THR C 491 19.65 12.24 -52.49
N SER C 492 19.99 10.94 -52.58
CA SER C 492 20.77 10.27 -51.56
C SER C 492 22.05 9.66 -52.13
N ASP C 493 21.92 8.99 -53.28
CA ASP C 493 23.00 8.29 -53.99
C ASP C 493 22.90 6.77 -53.78
N ALA C 494 21.86 6.32 -53.07
CA ALA C 494 21.64 4.90 -52.86
C ALA C 494 20.15 4.57 -53.02
N GLN C 495 19.86 3.33 -53.39
CA GLN C 495 18.49 2.82 -53.43
C GLN C 495 17.89 2.92 -52.03
N ARG C 496 16.77 3.65 -51.92
CA ARG C 496 16.04 3.83 -50.67
C ARG C 496 14.74 3.01 -50.70
N MET C 497 14.54 2.19 -49.66
CA MET C 497 13.28 1.50 -49.42
C MET C 497 12.34 2.41 -48.64
N GLY C 498 11.03 2.33 -48.95
CA GLY C 498 10.03 3.16 -48.30
C GLY C 498 8.66 2.50 -48.29
N PHE C 499 7.86 2.84 -47.26
CA PHE C 499 6.45 2.49 -47.20
C PHE C 499 5.62 3.65 -47.73
N VAL C 500 4.78 3.38 -48.73
CA VAL C 500 3.80 4.34 -49.21
C VAL C 500 2.53 4.16 -48.39
N ARG C 501 2.11 5.23 -47.69
CA ARG C 501 0.91 5.21 -46.85
C ARG C 501 -0.08 6.25 -47.38
N ILE C 502 -1.23 5.79 -47.87
CA ILE C 502 -2.19 6.67 -48.52
C ILE C 502 -3.51 6.68 -47.73
N PHE C 503 -3.89 7.86 -47.25
CA PHE C 503 -5.17 8.09 -46.59
C PHE C 503 -5.95 9.16 -47.37
N MET C 504 -7.27 9.23 -47.11
CA MET C 504 -8.13 10.25 -47.68
C MET C 504 -9.17 10.68 -46.64
N ALA C 505 -9.35 12.00 -46.48
CA ALA C 505 -10.30 12.59 -45.55
C ALA C 505 -11.14 13.63 -46.26
N PRO C 506 -12.21 14.17 -45.65
CA PRO C 506 -12.90 15.36 -46.17
C PRO C 506 -11.98 16.58 -46.10
N LYS C 507 -12.21 17.55 -47.00
CA LYS C 507 -11.35 18.73 -47.09
C LYS C 507 -11.78 19.77 -46.06
N ASN C 508 -13.05 20.13 -46.03
CA ASN C 508 -13.49 21.36 -45.35
C ASN C 508 -14.43 21.02 -44.19
N ASP C 509 -14.84 22.06 -43.45
CA ASP C 509 -15.75 21.95 -42.32
C ASP C 509 -17.16 22.29 -42.78
N GLU C 510 -18.09 22.54 -41.83
CA GLU C 510 -19.47 22.93 -42.14
C GLU C 510 -19.53 24.39 -42.59
N ARG C 511 -18.51 25.18 -42.24
CA ARG C 511 -18.47 26.61 -42.51
C ARG C 511 -17.73 26.89 -43.83
N GLY C 512 -17.07 25.86 -44.40
CA GLY C 512 -16.56 25.92 -45.75
C GLY C 512 -15.06 26.20 -45.84
N GLN C 513 -14.34 26.07 -44.70
CA GLN C 513 -12.92 26.37 -44.60
C GLN C 513 -12.12 25.05 -44.58
N PRO C 514 -10.78 25.08 -44.73
CA PRO C 514 -9.92 23.95 -44.39
C PRO C 514 -10.09 23.45 -42.96
N MET C 515 -10.52 22.17 -42.83
CA MET C 515 -10.59 21.47 -41.54
C MET C 515 -9.26 21.57 -40.81
N LEU C 516 -9.33 21.67 -39.47
CA LEU C 516 -8.14 21.70 -38.63
C LEU C 516 -7.68 20.27 -38.38
N PHE C 517 -6.41 20.11 -37.97
CA PHE C 517 -5.80 18.79 -37.88
C PHE C 517 -6.53 17.96 -36.81
N ARG C 518 -6.61 18.50 -35.60
CA ARG C 518 -7.28 17.87 -34.47
C ARG C 518 -8.58 17.18 -34.89
N ASP C 519 -9.36 17.83 -35.76
CA ASP C 519 -10.60 17.27 -36.29
C ASP C 519 -10.29 16.27 -37.39
N GLN C 520 -9.55 16.72 -38.42
CA GLN C 520 -9.37 16.00 -39.67
C GLN C 520 -8.62 14.68 -39.47
N ARG C 521 -7.73 14.61 -38.47
CA ARG C 521 -6.89 13.44 -38.28
C ARG C 521 -7.75 12.20 -38.04
N LEU C 522 -8.94 12.38 -37.44
CA LEU C 522 -9.81 11.28 -37.06
C LEU C 522 -10.74 10.86 -38.20
N PHE C 523 -10.71 11.61 -39.33
CA PHE C 523 -11.60 11.34 -40.45
C PHE C 523 -10.83 10.77 -41.64
N MET C 524 -9.51 10.63 -41.50
CA MET C 524 -8.65 10.03 -42.51
C MET C 524 -8.92 8.53 -42.60
N VAL C 525 -9.32 8.06 -43.79
CA VAL C 525 -9.53 6.64 -44.06
C VAL C 525 -8.33 6.13 -44.86
N GLU C 526 -7.75 4.99 -44.43
CA GLU C 526 -6.63 4.38 -45.13
C GLU C 526 -7.11 3.90 -46.50
N MET C 527 -6.30 4.18 -47.54
CA MET C 527 -6.63 3.84 -48.92
C MET C 527 -5.64 2.83 -49.50
N ASP C 528 -4.39 2.82 -49.00
CA ASP C 528 -3.38 1.90 -49.46
C ASP C 528 -2.12 2.01 -48.59
N LYS C 529 -1.35 0.92 -48.52
CA LYS C 529 -0.06 0.87 -47.86
C LYS C 529 0.79 -0.23 -48.50
N PHE C 530 1.86 0.16 -49.21
CA PHE C 530 2.68 -0.79 -49.96
C PHE C 530 4.15 -0.37 -49.97
N LEU C 531 5.03 -1.37 -50.15
CA LEU C 531 6.47 -1.20 -50.14
C LEU C 531 6.96 -0.81 -51.54
N VAL C 532 7.93 0.12 -51.61
CA VAL C 532 8.43 0.62 -52.88
C VAL C 532 9.95 0.83 -52.80
N ALA C 533 10.65 0.47 -53.89
CA ALA C 533 12.09 0.67 -54.04
C ALA C 533 12.35 1.90 -54.92
N LEU C 534 13.11 2.86 -54.39
CA LEU C 534 13.34 4.13 -55.07
C LEU C 534 14.78 4.20 -55.57
N ARG C 535 14.96 4.48 -56.87
CA ARG C 535 16.28 4.67 -57.47
C ARG C 535 16.76 6.09 -57.16
N PRO C 536 18.09 6.34 -57.10
CA PRO C 536 18.60 7.72 -56.97
C PRO C 536 18.01 8.66 -58.02
N GLY C 537 17.87 9.94 -57.65
CA GLY C 537 17.24 10.94 -58.50
C GLY C 537 15.72 10.90 -58.37
N ALA C 538 15.03 10.80 -59.52
CA ALA C 538 13.59 10.95 -59.60
C ALA C 538 12.92 9.59 -59.84
N ASN C 539 11.75 9.39 -59.25
CA ASN C 539 10.97 8.17 -59.39
C ASN C 539 9.50 8.50 -59.61
N ARG C 540 8.88 7.90 -60.63
CA ARG C 540 7.45 8.04 -60.87
C ARG C 540 6.78 6.74 -60.47
N ILE C 541 6.06 6.75 -59.34
CA ILE C 541 5.37 5.60 -58.82
C ILE C 541 3.92 5.64 -59.29
N ARG C 542 3.43 4.51 -59.80
CA ARG C 542 2.04 4.38 -60.22
C ARG C 542 1.46 3.15 -59.54
N ARG C 543 0.22 3.30 -59.06
CA ARG C 543 -0.46 2.29 -58.24
C ARG C 543 -1.95 2.28 -58.62
N ARG C 544 -2.47 1.11 -59.00
CA ARG C 544 -3.86 0.96 -59.38
C ARG C 544 -4.73 0.84 -58.13
N SER C 545 -5.99 1.26 -58.26
CA SER C 545 -6.98 1.19 -57.18
C SER C 545 -7.20 -0.26 -56.75
N ASN C 546 -7.08 -1.20 -57.70
CA ASN C 546 -7.39 -2.59 -57.46
C ASN C 546 -6.22 -3.32 -56.79
N GLU C 547 -5.07 -2.65 -56.63
CA GLU C 547 -3.91 -3.21 -55.96
C GLU C 547 -3.93 -2.91 -54.46
N SER C 548 -4.98 -2.21 -53.99
CA SER C 548 -5.05 -1.71 -52.63
C SER C 548 -4.89 -2.85 -51.62
N THR C 549 -4.12 -2.58 -50.55
CA THR C 549 -3.86 -3.53 -49.48
C THR C 549 -4.94 -3.42 -48.39
N VAL C 550 -5.90 -2.51 -48.55
CA VAL C 550 -7.03 -2.37 -47.63
C VAL C 550 -8.20 -3.25 -48.10
N THR C 551 -8.16 -3.65 -49.37
CA THR C 551 -9.32 -4.16 -50.09
C THR C 551 -9.09 -5.64 -50.44
N ILE C 552 -10.18 -6.38 -50.72
CA ILE C 552 -10.10 -7.69 -51.36
C ILE C 552 -10.97 -7.70 -52.62
N PRO C 553 -10.61 -8.49 -53.64
CA PRO C 553 -11.34 -8.51 -54.91
C PRO C 553 -12.82 -8.88 -54.79
N PHE C 554 -13.58 -8.41 -55.78
CA PHE C 554 -14.95 -8.84 -56.03
C PHE C 554 -15.10 -10.33 -55.79
N GLU C 555 -14.29 -11.12 -56.51
CA GLU C 555 -14.48 -12.56 -56.64
C GLU C 555 -14.53 -13.21 -55.27
N ARG C 556 -13.78 -12.68 -54.29
CA ARG C 556 -13.74 -13.26 -52.96
C ARG C 556 -15.09 -13.11 -52.27
N THR C 557 -15.67 -11.90 -52.32
CA THR C 557 -16.94 -11.62 -51.65
C THR C 557 -18.09 -12.44 -52.27
N PHE C 558 -18.33 -12.25 -53.57
CA PHE C 558 -19.47 -12.85 -54.25
C PHE C 558 -19.15 -14.30 -54.64
N ARG C 559 -18.10 -14.46 -55.45
CA ARG C 559 -17.76 -15.71 -56.10
C ARG C 559 -18.99 -16.30 -56.82
N CYS C 581 -9.88 -10.12 -43.06
CA CYS C 581 -10.56 -10.77 -44.21
C CYS C 581 -10.57 -9.87 -45.45
N GLY C 582 -10.81 -8.58 -45.25
CA GLY C 582 -10.68 -7.60 -46.33
C GLY C 582 -11.96 -6.79 -46.52
N TRP C 583 -11.76 -5.48 -46.80
CA TRP C 583 -12.85 -4.53 -47.03
C TRP C 583 -13.31 -4.64 -48.48
N PRO C 584 -14.63 -4.65 -48.78
CA PRO C 584 -15.09 -4.81 -50.16
C PRO C 584 -14.56 -3.73 -51.10
N ALA C 585 -14.15 -4.15 -52.29
CA ALA C 585 -13.46 -3.28 -53.25
C ALA C 585 -14.36 -2.14 -53.71
N HIS C 586 -15.65 -2.44 -53.93
CA HIS C 586 -16.60 -1.48 -54.46
C HIS C 586 -16.92 -0.39 -53.43
N MET C 587 -16.50 -0.59 -52.18
CA MET C 587 -16.74 0.35 -51.10
C MET C 587 -15.47 1.14 -50.75
N LEU C 588 -14.43 1.02 -51.59
CA LEU C 588 -13.13 1.65 -51.35
C LEU C 588 -13.26 3.18 -51.35
N VAL C 589 -14.08 3.72 -52.26
CA VAL C 589 -14.25 5.15 -52.40
C VAL C 589 -15.58 5.55 -51.76
N PRO C 590 -15.60 6.59 -50.91
CA PRO C 590 -16.85 7.22 -50.47
C PRO C 590 -17.74 7.60 -51.65
N LYS C 591 -19.03 7.79 -51.38
CA LYS C 591 -20.03 8.05 -52.41
C LYS C 591 -19.78 9.41 -53.05
N GLY C 592 -19.52 10.42 -52.24
CA GLY C 592 -19.47 11.80 -52.71
C GLY C 592 -20.86 12.32 -53.06
N LEU C 593 -20.92 13.50 -53.71
CA LEU C 593 -22.16 14.15 -54.06
C LEU C 593 -22.30 14.23 -55.58
N PRO C 594 -23.51 14.46 -56.13
CA PRO C 594 -23.66 14.76 -57.55
C PRO C 594 -22.92 16.04 -57.95
N GLU C 595 -22.95 17.04 -57.08
CA GLU C 595 -22.31 18.33 -57.32
C GLU C 595 -20.80 18.25 -57.04
N GLY C 596 -20.32 17.08 -56.59
CA GLY C 596 -18.92 16.89 -56.25
C GLY C 596 -18.66 17.15 -54.77
N PHE C 597 -17.88 16.26 -54.14
CA PHE C 597 -17.55 16.37 -52.73
C PHE C 597 -16.03 16.57 -52.59
N PRO C 598 -15.58 17.70 -52.00
CA PRO C 598 -14.15 17.98 -51.85
C PRO C 598 -13.45 17.17 -50.75
N ALA C 599 -12.28 16.64 -51.09
CA ALA C 599 -11.53 15.71 -50.24
C ALA C 599 -10.03 15.95 -50.39
N ASP C 600 -9.28 15.83 -49.28
CA ASP C 600 -7.83 15.88 -49.28
C ASP C 600 -7.25 14.46 -49.38
N LEU C 601 -6.55 14.17 -50.50
CA LEU C 601 -5.76 12.97 -50.64
C LEU C 601 -4.37 13.21 -50.07
N PHE C 602 -3.91 12.29 -49.20
CA PHE C 602 -2.63 12.42 -48.52
C PHE C 602 -1.80 11.17 -48.74
N VAL C 603 -0.49 11.36 -48.99
CA VAL C 603 0.48 10.27 -49.11
C VAL C 603 1.69 10.60 -48.24
N MET C 604 2.28 9.55 -47.65
CA MET C 604 3.51 9.64 -46.87
C MET C 604 4.41 8.47 -47.27
N VAL C 605 5.71 8.76 -47.42
CA VAL C 605 6.74 7.74 -47.61
C VAL C 605 7.58 7.71 -46.35
N SER C 606 7.47 6.62 -45.59
CA SER C 606 8.23 6.42 -44.36
C SER C 606 9.42 5.51 -44.64
N ASN C 607 10.41 5.53 -43.75
CA ASN C 607 11.65 4.78 -43.90
C ASN C 607 11.40 3.31 -43.55
N TYR C 608 11.28 2.46 -44.58
CA TYR C 608 10.89 1.06 -44.42
C TYR C 608 11.86 0.30 -43.52
N GLU C 609 13.10 0.77 -43.41
CA GLU C 609 14.11 0.10 -42.60
C GLU C 609 13.69 0.11 -41.12
N ASP C 610 13.12 1.24 -40.68
CA ASP C 610 12.57 1.37 -39.33
C ASP C 610 11.24 0.61 -39.20
N ASP C 611 10.42 0.66 -40.26
CA ASP C 611 9.07 0.12 -40.24
C ASP C 611 9.05 -1.38 -40.51
N ARG C 612 10.17 -1.94 -41.01
CA ARG C 612 10.27 -3.33 -41.43
C ARG C 612 10.08 -4.25 -40.22
N VAL C 613 9.52 -5.45 -40.46
CA VAL C 613 9.37 -6.46 -39.42
C VAL C 613 9.96 -7.77 -39.93
N VAL C 614 11.22 -8.03 -39.59
CA VAL C 614 11.88 -9.31 -39.88
C VAL C 614 11.06 -10.48 -39.33
N GLN C 615 10.64 -11.36 -40.25
CA GLN C 615 9.93 -12.59 -39.92
C GLN C 615 10.76 -13.87 -40.19
N TYR C 627 -5.34 -10.95 -48.22
CA TYR C 627 -5.20 -9.69 -49.00
C TYR C 627 -3.72 -9.38 -49.26
N CYS C 628 -2.83 -9.96 -48.46
CA CYS C 628 -1.42 -9.60 -48.41
C CYS C 628 -0.62 -10.89 -48.19
N GLY C 629 -0.70 -11.79 -49.17
CA GLY C 629 -0.11 -13.11 -49.06
C GLY C 629 -0.91 -13.98 -48.10
N VAL C 630 -0.25 -14.97 -47.47
CA VAL C 630 -0.89 -15.94 -46.59
C VAL C 630 -1.03 -15.28 -45.20
N ARG C 631 -2.22 -15.31 -44.58
CA ARG C 631 -2.32 -14.75 -43.24
C ARG C 631 -2.18 -15.82 -42.18
N ASP C 632 -1.15 -15.67 -41.33
CA ASP C 632 -0.98 -16.50 -40.14
C ASP C 632 0.28 -16.12 -39.36
N ARG C 633 0.97 -15.05 -39.76
CA ARG C 633 2.18 -14.63 -39.05
C ARG C 633 2.40 -13.12 -39.07
N LEU C 634 2.18 -12.47 -37.92
CA LEU C 634 2.69 -11.14 -37.59
C LEU C 634 1.95 -10.08 -38.38
N TYR C 635 2.05 -8.84 -37.87
CA TYR C 635 1.55 -7.71 -38.61
C TYR C 635 2.75 -6.97 -39.16
N PRO C 636 2.87 -6.84 -40.49
CA PRO C 636 4.13 -6.44 -41.15
C PRO C 636 4.48 -4.96 -41.16
N ASP C 637 4.29 -4.29 -40.02
CA ASP C 637 4.56 -2.86 -39.91
C ASP C 637 4.75 -2.50 -38.44
N ARG C 638 5.95 -2.02 -38.09
CA ARG C 638 6.27 -1.74 -36.69
C ARG C 638 5.51 -0.51 -36.20
N LYS C 639 5.16 0.41 -37.11
CA LYS C 639 4.47 1.63 -36.76
C LYS C 639 3.04 1.31 -36.29
N ALA C 640 2.48 2.21 -35.47
CA ALA C 640 1.13 2.07 -34.95
C ALA C 640 0.14 2.07 -36.11
N MET C 641 -1.02 1.43 -35.91
CA MET C 641 -2.04 1.36 -36.95
C MET C 641 -2.77 2.70 -37.04
N GLY C 642 -2.79 3.27 -38.26
CA GLY C 642 -3.23 4.63 -38.49
C GLY C 642 -2.10 5.62 -38.25
N PHE C 643 -0.87 5.17 -38.55
CA PHE C 643 0.36 5.71 -37.98
C PHE C 643 0.53 7.22 -38.16
N PRO C 644 0.43 7.83 -39.36
CA PRO C 644 0.68 9.28 -39.44
C PRO C 644 -0.23 10.08 -38.49
N PHE C 645 -1.50 9.66 -38.37
CA PHE C 645 -2.52 10.48 -37.71
C PHE C 645 -3.09 9.89 -36.42
N ASP C 646 -2.49 8.85 -35.85
CA ASP C 646 -3.08 8.26 -34.64
C ASP C 646 -2.87 9.17 -33.43
N ARG C 647 -1.80 9.99 -33.44
CA ARG C 647 -1.45 10.83 -32.31
C ARG C 647 -1.73 12.31 -32.61
N LEU C 648 -1.68 13.13 -31.55
CA LEU C 648 -1.90 14.56 -31.65
C LEU C 648 -0.74 15.21 -32.41
N ALA C 649 -0.99 16.45 -32.85
CA ALA C 649 -0.01 17.24 -33.59
C ALA C 649 1.08 17.74 -32.63
N ARG C 650 2.30 17.86 -33.17
CA ARG C 650 3.40 18.54 -32.51
C ARG C 650 3.14 20.05 -32.46
N THR C 651 3.81 20.76 -31.55
CA THR C 651 3.61 22.19 -31.35
C THR C 651 3.74 22.93 -32.67
N GLY C 652 2.91 23.97 -32.87
CA GLY C 652 2.97 24.79 -34.06
C GLY C 652 2.05 24.32 -35.17
N VAL C 653 1.86 22.99 -35.28
CA VAL C 653 1.00 22.40 -36.30
C VAL C 653 -0.46 22.66 -35.95
N ASP C 654 -1.29 22.88 -36.99
CA ASP C 654 -2.62 23.43 -36.84
C ASP C 654 -3.58 22.84 -37.89
N ARG C 655 -3.09 22.63 -39.12
CA ARG C 655 -3.85 21.99 -40.18
C ARG C 655 -2.92 21.10 -41.01
N LEU C 656 -3.49 20.31 -41.92
CA LEU C 656 -2.75 19.28 -42.64
C LEU C 656 -1.60 19.90 -43.41
N SER C 657 -1.87 21.07 -44.02
CA SER C 657 -0.94 21.72 -44.93
C SER C 657 0.30 22.26 -44.23
N ASN C 658 0.33 22.26 -42.89
CA ASN C 658 1.54 22.61 -42.16
C ASN C 658 1.99 21.48 -41.22
N PHE C 659 1.22 20.37 -41.21
CA PHE C 659 1.67 19.14 -40.56
C PHE C 659 2.71 18.45 -41.44
N VAL C 660 2.59 18.65 -42.76
CA VAL C 660 3.34 17.90 -43.76
C VAL C 660 4.84 18.06 -43.58
N THR C 661 5.59 16.98 -43.83
CA THR C 661 7.04 16.98 -44.01
C THR C 661 7.35 16.81 -45.50
N PRO C 662 8.61 17.03 -45.95
CA PRO C 662 8.98 16.82 -47.36
C PRO C 662 8.52 15.50 -47.97
N ASN C 663 8.63 14.41 -47.19
CA ASN C 663 8.33 13.06 -47.65
C ASN C 663 6.82 12.79 -47.62
N MET C 664 6.00 13.85 -47.45
CA MET C 664 4.55 13.77 -47.59
C MET C 664 4.07 14.74 -48.68
N ALA C 665 2.83 14.52 -49.14
CA ALA C 665 2.17 15.35 -50.14
C ALA C 665 0.65 15.34 -49.93
N ILE C 666 0.00 16.48 -50.23
CA ILE C 666 -1.46 16.62 -50.17
C ILE C 666 -1.97 16.91 -51.58
N GLN C 667 -3.22 16.52 -51.88
CA GLN C 667 -3.84 16.82 -53.15
C GLN C 667 -5.36 16.95 -53.00
N SER C 668 -5.92 18.03 -53.54
CA SER C 668 -7.37 18.23 -53.58
C SER C 668 -7.99 17.27 -54.59
N VAL C 669 -8.86 16.37 -54.11
CA VAL C 669 -9.62 15.48 -54.96
C VAL C 669 -11.09 15.88 -54.88
N ASN C 670 -11.87 15.56 -55.92
CA ASN C 670 -13.29 15.81 -55.97
C ASN C 670 -14.02 14.49 -56.26
N VAL C 671 -14.96 14.12 -55.39
CA VAL C 671 -15.68 12.86 -55.49
C VAL C 671 -17.07 13.14 -56.04
N ILE C 672 -17.36 12.64 -57.25
CA ILE C 672 -18.64 12.85 -57.92
C ILE C 672 -19.42 11.54 -57.94
N HIS C 673 -20.68 11.60 -57.44
CA HIS C 673 -21.62 10.49 -57.59
C HIS C 673 -22.50 10.75 -58.81
N ILE C 674 -22.98 9.65 -59.42
CA ILE C 674 -23.94 9.70 -60.52
C ILE C 674 -24.99 8.62 -60.24
N ASP C 675 -26.27 9.03 -60.09
CA ASP C 675 -27.34 8.10 -59.78
C ASP C 675 -27.75 7.36 -61.06
N LYS C 676 -27.01 6.31 -61.39
CA LYS C 676 -27.27 5.44 -62.53
C LYS C 676 -26.83 4.03 -62.19
N THR C 677 -27.37 3.02 -62.90
CA THR C 677 -27.00 1.64 -62.67
C THR C 677 -26.19 1.13 -63.87
N VAL C 678 -24.86 0.97 -63.66
CA VAL C 678 -23.96 0.48 -64.69
C VAL C 678 -23.96 -1.05 -64.62
N PRO C 679 -23.75 -1.79 -65.73
CA PRO C 679 -23.51 -3.24 -65.67
C PRO C 679 -22.05 -3.56 -65.35
N ARG C 680 -21.76 -4.85 -65.15
CA ARG C 680 -20.44 -5.34 -64.77
C ARG C 680 -19.53 -5.47 -66.00
N MET D 1 19.99 51.10 23.73
CA MET D 1 20.43 51.82 24.96
C MET D 1 21.79 51.27 25.39
N ASN D 2 22.22 51.61 26.62
CA ASN D 2 23.46 51.10 27.19
C ASN D 2 23.34 49.60 27.47
N TYR D 3 22.16 49.19 27.95
CA TYR D 3 21.89 47.83 28.40
C TYR D 3 22.45 46.80 27.40
N LYS D 4 22.20 47.03 26.11
CA LYS D 4 22.67 46.15 25.06
C LYS D 4 24.20 45.98 25.15
N LYS D 5 24.91 47.09 25.38
CA LYS D 5 26.37 47.07 25.48
C LYS D 5 26.85 46.47 26.80
N ASN D 6 26.00 46.48 27.84
CA ASN D 6 26.37 46.03 29.17
C ASN D 6 26.33 44.50 29.27
N LEU D 7 25.47 43.86 28.46
CA LEU D 7 25.37 42.42 28.41
C LEU D 7 26.64 41.84 27.79
N LEU D 8 27.20 42.54 26.79
CA LEU D 8 28.42 42.13 26.12
C LEU D 8 29.59 42.01 27.10
N LEU D 9 29.49 42.71 28.24
CA LEU D 9 30.53 42.66 29.26
C LEU D 9 30.49 41.33 30.01
N LEU D 10 29.37 40.60 29.94
CA LEU D 10 29.25 39.30 30.56
C LEU D 10 30.19 38.30 29.87
N TYR D 11 30.38 38.47 28.56
CA TYR D 11 31.25 37.60 27.77
C TYR D 11 32.72 37.82 28.13
N ASP D 12 33.03 38.91 28.80
CA ASP D 12 34.40 39.26 29.17
C ASP D 12 34.85 38.38 30.33
N ARG D 13 36.02 37.72 30.16
CA ARG D 13 36.67 36.92 31.19
C ARG D 13 35.66 36.01 31.90
N PRO D 14 35.26 34.89 31.26
CA PRO D 14 34.11 34.10 31.72
C PRO D 14 34.20 33.49 33.11
N ARG D 15 35.44 33.26 33.59
CA ARG D 15 35.66 32.58 34.86
C ARG D 15 36.01 33.56 35.97
N GLU D 16 36.41 34.79 35.62
CA GLU D 16 36.57 35.84 36.62
C GLU D 16 35.19 36.23 37.15
N PRO D 17 34.97 36.22 38.49
CA PRO D 17 33.69 36.67 39.06
C PRO D 17 33.19 38.00 38.51
N ILE D 18 31.87 38.17 38.46
CA ILE D 18 31.27 39.29 37.74
C ILE D 18 31.56 40.61 38.44
N PHE D 19 31.96 40.54 39.72
CA PHE D 19 32.22 41.74 40.52
C PHE D 19 33.66 42.23 40.35
N MET D 20 34.46 41.61 39.47
CA MET D 20 35.86 41.97 39.31
C MET D 20 36.05 43.09 38.29
N GLY D 21 35.03 43.37 37.48
CA GLY D 21 35.06 44.52 36.59
C GLY D 21 35.58 44.17 35.19
N LYS D 22 34.72 44.40 34.18
CA LYS D 22 34.93 44.01 32.80
C LYS D 22 35.12 45.25 31.94
N GLY D 23 36.18 45.25 31.10
CA GLY D 23 36.49 46.40 30.26
C GLY D 23 36.76 47.65 31.12
N LYS D 24 36.07 48.76 30.80
CA LYS D 24 36.22 50.01 31.53
C LYS D 24 35.07 50.22 32.51
N SER D 25 34.41 49.13 32.92
CA SER D 25 33.22 49.19 33.76
C SER D 25 33.32 48.19 34.90
N VAL D 26 32.33 48.22 35.81
CA VAL D 26 32.22 47.25 36.90
C VAL D 26 30.77 47.21 37.34
N PHE D 27 30.31 46.04 37.83
CA PHE D 27 28.92 45.86 38.24
C PHE D 27 28.81 46.07 39.75
N ASP D 28 27.72 46.74 40.17
CA ASP D 28 27.43 47.02 41.57
C ASP D 28 26.41 46.00 42.06
N VAL D 29 26.90 44.78 42.35
CA VAL D 29 26.06 43.62 42.54
C VAL D 29 25.51 43.61 43.98
N PRO D 30 24.20 43.33 44.18
CA PRO D 30 23.68 43.04 45.52
C PRO D 30 24.47 41.94 46.24
N ASP D 31 24.30 41.85 47.57
CA ASP D 31 25.01 40.87 48.37
C ASP D 31 24.35 39.49 48.25
N ASN D 32 23.05 39.48 47.95
CA ASN D 32 22.32 38.23 47.73
C ASN D 32 22.61 37.70 46.32
N TYR D 33 23.36 38.48 45.52
CA TYR D 33 23.82 38.08 44.20
C TYR D 33 25.21 37.44 44.27
N LEU D 34 25.94 37.67 45.38
CA LEU D 34 27.23 37.05 45.61
C LEU D 34 27.09 35.54 45.81
N THR D 35 28.18 34.84 45.58
CA THR D 35 28.28 33.40 45.77
C THR D 35 28.54 33.10 47.24
N ASP D 36 28.18 31.89 47.67
CA ASP D 36 28.29 31.46 49.05
C ASP D 36 29.73 31.58 49.56
N ARG D 37 30.71 31.36 48.67
CA ARG D 37 32.11 31.44 49.07
C ARG D 37 32.47 32.88 49.39
N TYR D 38 31.97 33.80 48.57
CA TYR D 38 32.40 35.20 48.56
C TYR D 38 31.44 36.10 49.32
N ARG D 39 30.21 35.67 49.57
CA ARG D 39 29.19 36.40 50.32
C ARG D 39 29.76 36.89 51.66
N PRO D 40 30.29 35.96 52.47
CA PRO D 40 30.85 36.30 53.80
C PRO D 40 32.04 37.23 53.83
N ILE D 41 32.57 37.63 52.67
CA ILE D 41 33.62 38.61 52.58
C ILE D 41 33.25 39.66 51.55
N GLY D 42 31.93 39.89 51.34
CA GLY D 42 31.43 40.93 50.46
C GLY D 42 32.00 42.30 50.80
N PRO D 43 31.90 42.73 52.09
CA PRO D 43 32.50 43.97 52.57
C PRO D 43 33.89 44.34 52.06
N GLU D 44 34.70 43.32 51.77
CA GLU D 44 36.10 43.47 51.41
C GLU D 44 36.24 43.53 49.89
N ILE D 45 35.28 42.98 49.15
CA ILE D 45 35.41 42.72 47.73
C ILE D 45 34.89 43.91 46.93
N GLN D 46 33.61 44.26 47.09
CA GLN D 46 32.98 45.31 46.29
C GLN D 46 33.87 46.57 46.29
N ASN D 47 34.51 46.83 47.43
CA ASN D 47 35.39 47.96 47.62
C ASN D 47 36.72 47.74 46.89
N ARG D 48 37.27 46.53 47.01
CA ARG D 48 38.60 46.18 46.53
C ARG D 48 38.72 46.27 45.01
N PHE D 49 37.62 45.99 44.29
CA PHE D 49 37.63 45.96 42.83
C PHE D 49 36.88 47.16 42.27
N GLY D 50 36.32 48.02 43.13
CA GLY D 50 35.65 49.23 42.71
C GLY D 50 36.60 50.22 42.03
N GLU D 51 37.89 50.17 42.39
CA GLU D 51 38.90 51.12 41.92
C GLU D 51 39.23 50.87 40.44
N LEU D 52 39.78 51.92 39.79
CA LEU D 52 40.27 51.90 38.42
C LEU D 52 39.13 51.79 37.40
N ALA D 53 37.86 51.95 37.83
CA ALA D 53 36.71 51.76 36.96
C ALA D 53 36.09 53.12 36.64
N GLU D 54 35.87 53.38 35.35
CA GLU D 54 35.22 54.61 34.91
C GLU D 54 33.73 54.58 35.27
N GLU D 55 33.01 53.58 34.76
CA GLU D 55 31.58 53.45 34.96
C GLU D 55 31.29 52.42 36.05
N ARG D 56 30.12 52.59 36.69
CA ARG D 56 29.60 51.61 37.64
C ARG D 56 28.16 51.30 37.26
N ILE D 57 27.91 50.04 36.90
CA ILE D 57 26.61 49.61 36.41
C ILE D 57 25.79 49.14 37.61
N PRO D 58 24.64 49.77 37.91
CA PRO D 58 23.76 49.29 38.97
C PRO D 58 22.97 48.07 38.49
N VAL D 59 22.51 47.24 39.44
CA VAL D 59 21.69 46.07 39.10
C VAL D 59 20.62 45.90 40.17
N ARG D 60 19.35 45.92 39.73
CA ARG D 60 18.18 45.82 40.61
C ARG D 60 17.99 44.35 41.01
N SER D 61 17.65 44.12 42.28
CA SER D 61 17.39 42.80 42.81
C SER D 61 15.97 42.35 42.46
N ILE D 62 15.83 41.27 41.69
CA ILE D 62 14.52 40.76 41.30
C ILE D 62 14.31 39.37 41.94
N ALA D 63 13.22 38.70 41.58
CA ALA D 63 12.81 37.42 42.15
C ALA D 63 13.75 36.30 41.72
N LEU D 64 13.89 36.09 40.41
CA LEU D 64 14.79 35.10 39.82
C LEU D 64 14.14 33.72 39.91
N PRO D 65 13.74 33.10 38.75
CA PRO D 65 13.19 31.75 38.77
C PRO D 65 14.17 30.77 39.41
N ASP D 66 13.67 29.56 39.71
CA ASP D 66 14.50 28.49 40.24
C ASP D 66 15.60 28.19 39.22
N LEU D 67 16.86 28.19 39.70
CA LEU D 67 18.02 27.94 38.86
C LEU D 67 18.62 26.57 39.20
N ARG D 68 17.82 25.66 39.76
CA ARG D 68 18.28 24.34 40.15
C ARG D 68 18.81 23.59 38.92
N ILE D 69 17.96 23.46 37.90
CA ILE D 69 18.28 22.68 36.71
C ILE D 69 19.53 23.27 36.05
N PRO D 70 19.56 24.58 35.68
CA PRO D 70 20.79 25.22 35.18
C PRO D 70 22.06 24.97 35.99
N MET D 71 21.91 24.86 37.31
CA MET D 71 23.05 24.69 38.19
C MET D 71 23.37 23.21 38.40
N SER D 72 22.58 22.30 37.83
CA SER D 72 22.82 20.88 38.01
C SER D 72 24.19 20.50 37.41
N LEU D 73 24.50 21.05 36.23
CA LEU D 73 25.79 20.85 35.57
C LEU D 73 26.88 21.50 36.40
N GLY D 74 27.95 20.75 36.71
CA GLY D 74 29.08 21.27 37.47
C GLY D 74 29.73 22.46 36.77
N ARG D 75 30.46 23.29 37.54
CA ARG D 75 31.13 24.47 37.00
C ARG D 75 32.41 24.08 36.28
N GLN D 76 33.06 23.02 36.75
CA GLN D 76 34.33 22.57 36.20
C GLN D 76 34.11 21.40 35.24
N GLU D 77 32.89 21.27 34.71
CA GLU D 77 32.53 20.21 33.79
C GLU D 77 32.49 20.75 32.36
N GLN D 78 32.55 19.86 31.38
CA GLN D 78 32.44 20.19 29.97
C GLN D 78 30.97 20.30 29.61
N PHE D 79 30.64 21.02 28.52
CA PHE D 79 29.27 21.19 28.06
C PHE D 79 29.17 20.93 26.55
N SER D 80 28.30 19.99 26.19
CA SER D 80 28.03 19.59 24.81
C SER D 80 26.53 19.46 24.61
N LEU D 81 26.06 19.93 23.45
CA LEU D 81 24.65 19.93 23.09
C LEU D 81 24.24 18.57 22.51
N PHE D 82 25.21 17.66 22.35
CA PHE D 82 24.94 16.34 21.80
C PHE D 82 24.46 15.41 22.91
N ILE D 83 24.92 15.66 24.14
CA ILE D 83 24.58 14.86 25.30
C ILE D 83 23.14 15.14 25.70
N PRO D 84 22.27 14.10 25.80
CA PRO D 84 20.83 14.31 26.01
C PRO D 84 20.48 15.25 27.17
N ARG D 85 21.23 15.11 28.27
CA ARG D 85 20.92 15.75 29.52
C ARG D 85 21.21 17.25 29.45
N HIS D 86 22.36 17.59 28.88
CA HIS D 86 22.77 18.97 28.69
C HIS D 86 21.71 19.74 27.90
N ARG D 87 21.11 19.08 26.90
CA ARG D 87 20.11 19.68 26.04
C ARG D 87 18.95 20.22 26.90
N LYS D 88 18.53 19.40 27.89
CA LYS D 88 17.40 19.73 28.75
C LYS D 88 17.76 20.87 29.72
N ILE D 89 19.04 20.92 30.14
CA ILE D 89 19.52 21.96 31.04
C ILE D 89 19.59 23.30 30.31
N ALA D 90 20.24 23.31 29.14
CA ALA D 90 20.42 24.52 28.36
C ALA D 90 19.05 25.08 27.95
N ALA D 91 18.20 24.21 27.41
CA ALA D 91 16.88 24.58 26.92
C ALA D 91 16.05 25.24 28.03
N ARG D 92 16.33 24.84 29.27
CA ARG D 92 15.65 25.37 30.44
C ARG D 92 16.20 26.76 30.80
N LEU D 93 17.53 26.91 30.72
CA LEU D 93 18.17 28.19 31.02
C LEU D 93 17.79 29.20 29.93
N ILE D 94 17.95 28.80 28.66
CA ILE D 94 17.52 29.63 27.54
C ILE D 94 16.13 30.20 27.84
N ASP D 95 15.27 29.32 28.38
CA ASP D 95 13.88 29.62 28.70
C ASP D 95 13.78 30.71 29.77
N ILE D 96 14.71 30.70 30.73
CA ILE D 96 14.71 31.68 31.82
C ILE D 96 15.07 33.06 31.27
N PHE D 97 16.27 33.17 30.66
CA PHE D 97 16.72 34.41 30.06
C PHE D 97 15.69 34.96 29.08
N MET D 98 15.15 34.04 28.25
CA MET D 98 14.15 34.38 27.25
C MET D 98 12.89 34.96 27.91
N GLY D 99 12.57 34.49 29.14
CA GLY D 99 11.33 34.83 29.79
C GLY D 99 11.37 36.12 30.63
N MET D 100 12.51 36.82 30.66
CA MET D 100 12.62 38.04 31.45
C MET D 100 12.06 39.26 30.75
N ARG D 101 11.03 39.87 31.37
CA ARG D 101 10.31 41.05 30.87
C ARG D 101 11.09 42.10 30.08
N ASN D 102 11.92 42.85 30.81
CA ASN D 102 12.63 44.02 30.30
C ASN D 102 14.09 43.61 30.09
N ILE D 103 14.93 44.44 29.49
CA ILE D 103 16.35 44.18 29.36
C ILE D 103 17.06 44.71 30.60
N GLU D 104 16.32 45.19 31.58
CA GLU D 104 16.82 45.49 32.92
C GLU D 104 16.88 44.22 33.77
N GLU D 105 15.91 43.30 33.59
CA GLU D 105 15.88 42.04 34.29
C GLU D 105 16.75 41.05 33.52
N LEU D 106 16.80 41.09 32.19
CA LEU D 106 17.68 40.16 31.48
C LEU D 106 19.10 40.34 32.05
N GLN D 107 19.48 41.61 32.25
CA GLN D 107 20.80 41.96 32.76
C GLN D 107 20.93 41.52 34.21
N SER D 108 19.86 41.59 34.99
CA SER D 108 19.87 41.24 36.40
C SER D 108 19.93 39.73 36.59
N CYS D 109 19.08 38.99 35.87
CA CYS D 109 19.07 37.54 35.88
C CYS D 109 20.45 37.02 35.49
N ALA D 110 21.01 37.58 34.41
CA ALA D 110 22.30 37.18 33.87
C ALA D 110 23.40 37.35 34.91
N VAL D 111 23.46 38.55 35.49
CA VAL D 111 24.52 38.92 36.42
C VAL D 111 24.56 37.96 37.60
N PHE D 112 23.37 37.57 38.09
CA PHE D 112 23.24 36.63 39.19
C PHE D 112 23.73 35.25 38.77
N ALA D 113 23.11 34.71 37.71
CA ALA D 113 23.35 33.36 37.23
C ALA D 113 24.82 33.13 36.88
N ARG D 114 25.46 34.13 36.26
CA ARG D 114 26.72 33.98 35.58
C ARG D 114 27.75 33.19 36.41
N ASP D 115 27.83 33.46 37.71
CA ASP D 115 28.88 32.88 38.53
C ASP D 115 28.41 31.63 39.26
N ARG D 116 27.26 31.07 38.87
CA ARG D 116 26.70 29.88 39.47
C ARG D 116 26.65 28.71 38.49
N ILE D 117 26.65 29.00 37.18
CA ILE D 117 26.46 27.95 36.18
C ILE D 117 27.74 27.82 35.34
N ASN D 118 27.82 26.71 34.58
CA ASN D 118 28.97 26.36 33.77
C ASN D 118 29.23 27.41 32.69
N PRO D 119 30.41 28.05 32.67
CA PRO D 119 30.72 29.09 31.68
C PRO D 119 30.36 28.78 30.23
N TYR D 120 30.73 27.58 29.77
CA TYR D 120 30.44 27.14 28.40
C TYR D 120 28.92 27.17 28.18
N LEU D 121 28.17 26.70 29.18
CA LEU D 121 26.71 26.63 29.13
C LEU D 121 26.12 28.04 29.13
N PHE D 122 26.59 28.89 30.06
CA PHE D 122 26.18 30.28 30.13
C PHE D 122 26.33 30.96 28.78
N ASN D 123 27.54 30.87 28.20
CA ASN D 123 27.84 31.48 26.91
C ASN D 123 26.82 31.07 25.85
N TYR D 124 26.52 29.76 25.78
CA TYR D 124 25.56 29.23 24.83
C TYR D 124 24.17 29.81 25.10
N ALA D 125 23.70 29.65 26.34
CA ALA D 125 22.35 30.05 26.73
C ALA D 125 22.11 31.54 26.47
N LEU D 126 23.11 32.37 26.76
CA LEU D 126 23.03 33.80 26.54
C LEU D 126 23.02 34.08 25.03
N SER D 127 24.03 33.58 24.33
CA SER D 127 24.15 33.72 22.87
C SER D 127 22.81 33.45 22.19
N VAL D 128 22.15 32.37 22.58
CA VAL D 128 20.89 31.90 21.99
C VAL D 128 19.78 32.91 22.27
N ALA D 129 19.73 33.40 23.53
CA ALA D 129 18.71 34.33 23.95
C ALA D 129 18.86 35.65 23.17
N LEU D 130 20.05 36.23 23.21
CA LEU D 130 20.33 37.50 22.56
C LEU D 130 20.02 37.44 21.07
N LEU D 131 20.42 36.34 20.41
CA LEU D 131 20.30 36.22 18.96
C LEU D 131 18.83 36.14 18.54
N HIS D 132 17.95 35.75 19.46
CA HIS D 132 16.56 35.42 19.09
C HIS D 132 15.56 36.14 19.99
N ARG D 133 16.00 37.18 20.70
CA ARG D 133 15.16 37.95 21.59
C ARG D 133 14.70 39.19 20.84
N ARG D 134 13.82 39.98 21.46
CA ARG D 134 13.02 40.98 20.77
C ARG D 134 13.76 42.32 20.72
N ASP D 135 14.28 42.70 21.87
CA ASP D 135 14.95 43.99 22.07
C ASP D 135 16.38 43.90 21.55
N THR D 136 16.96 42.70 21.50
CA THR D 136 18.41 42.55 21.31
C THR D 136 18.81 42.15 19.88
N LYS D 137 18.46 42.98 18.90
CA LYS D 137 18.76 42.64 17.51
C LYS D 137 20.01 43.39 17.05
N ASN D 138 20.67 42.84 16.03
CA ASN D 138 21.82 43.45 15.37
C ASN D 138 22.99 43.57 16.34
N LEU D 139 22.97 42.78 17.42
CA LEU D 139 23.97 42.91 18.47
C LEU D 139 25.14 42.00 18.14
N ASP D 140 26.35 42.57 18.17
CA ASP D 140 27.53 41.90 17.67
C ASP D 140 28.16 41.11 18.82
N LEU D 141 27.91 39.80 18.82
CA LEU D 141 28.39 38.91 19.88
C LEU D 141 29.88 38.67 19.70
N PRO D 142 30.71 38.77 20.77
CA PRO D 142 32.15 38.57 20.64
C PRO D 142 32.48 37.16 20.17
N SER D 143 33.53 37.04 19.35
CA SER D 143 33.96 35.76 18.81
C SER D 143 34.24 34.79 19.95
N VAL D 144 33.79 33.54 19.80
CA VAL D 144 33.90 32.54 20.87
C VAL D 144 35.35 32.09 21.04
N VAL D 145 36.22 32.42 20.06
CA VAL D 145 37.65 32.22 20.17
C VAL D 145 38.21 33.12 21.27
N GLU D 146 37.71 34.37 21.30
CA GLU D 146 38.21 35.39 22.21
C GLU D 146 37.73 35.11 23.63
N VAL D 147 36.58 34.45 23.81
CA VAL D 147 36.03 34.18 25.13
C VAL D 147 36.47 32.79 25.62
N PHE D 148 36.67 31.85 24.69
CA PHE D 148 37.06 30.48 25.03
C PHE D 148 38.20 30.05 24.11
N PRO D 149 39.41 30.60 24.26
CA PRO D 149 40.52 30.24 23.37
C PRO D 149 40.99 28.80 23.54
N ASP D 150 40.60 28.15 24.66
CA ASP D 150 41.06 26.81 25.00
C ASP D 150 40.57 25.78 23.99
N LYS D 151 39.47 26.09 23.27
CA LYS D 151 38.87 25.20 22.29
C LYS D 151 39.46 25.40 20.89
N TYR D 152 40.47 26.27 20.76
CA TYR D 152 40.95 26.70 19.46
C TYR D 152 42.48 26.76 19.40
N VAL D 153 43.18 26.44 20.49
CA VAL D 153 44.61 26.71 20.60
C VAL D 153 45.29 25.63 21.44
N ASP D 154 46.45 25.18 20.95
CA ASP D 154 47.34 24.27 21.67
C ASP D 154 47.51 24.77 23.11
N SER D 155 47.37 23.86 24.08
CA SER D 155 47.42 24.20 25.48
C SER D 155 48.78 24.79 25.88
N ARG D 156 49.81 24.55 25.08
CA ARG D 156 51.17 24.95 25.40
C ARG D 156 51.29 26.46 25.55
N VAL D 157 50.49 27.23 24.79
CA VAL D 157 50.64 28.67 24.74
C VAL D 157 50.24 29.29 26.08
N PHE D 158 49.31 28.65 26.81
CA PHE D 158 48.66 29.29 27.94
C PHE D 158 49.68 29.71 29.00
N GLU D 159 50.69 28.87 29.25
CA GLU D 159 51.69 29.15 30.27
C GLU D 159 52.73 30.15 29.74
N GLN D 160 52.79 30.35 28.42
CA GLN D 160 53.61 31.39 27.82
C GLN D 160 52.92 32.75 27.93
N ILE D 161 51.59 32.76 27.70
CA ILE D 161 50.79 33.97 27.80
C ILE D 161 50.78 34.47 29.25
N ARG D 162 50.77 33.54 30.20
CA ARG D 162 50.77 33.86 31.62
C ARG D 162 52.13 34.47 31.98
N GLU D 163 53.21 33.88 31.45
CA GLU D 163 54.57 34.35 31.69
C GLU D 163 54.74 35.76 31.11
N GLU D 164 54.43 35.90 29.82
CA GLU D 164 54.59 37.16 29.10
C GLU D 164 53.82 38.29 29.79
N ALA D 165 52.58 38.01 30.22
CA ALA D 165 51.70 39.03 30.79
C ALA D 165 52.18 39.44 32.19
N THR D 166 52.87 38.55 32.91
CA THR D 166 53.31 38.81 34.27
C THR D 166 54.68 39.48 34.28
N VAL D 167 55.58 39.09 33.37
CA VAL D 167 56.96 39.54 33.38
C VAL D 167 57.09 40.89 32.66
N VAL D 168 56.60 40.95 31.42
CA VAL D 168 56.87 42.05 30.49
C VAL D 168 55.79 43.12 30.64
N PRO D 169 56.14 44.42 30.70
CA PRO D 169 55.16 45.51 30.69
C PRO D 169 54.38 45.60 29.37
N GLU D 170 53.11 46.00 29.47
CA GLU D 170 52.28 46.30 28.31
C GLU D 170 53.06 47.12 27.28
N GLY D 171 52.69 46.99 26.00
CA GLY D 171 53.30 47.76 24.94
C GLY D 171 54.58 47.11 24.41
N MET D 172 55.31 46.42 25.29
CA MET D 172 56.54 45.72 24.92
C MET D 172 56.28 44.22 24.76
N ARG D 173 55.01 43.80 24.81
CA ARG D 173 54.66 42.38 24.76
C ARG D 173 54.76 41.84 23.34
N MET D 174 55.48 40.72 23.18
CA MET D 174 55.62 40.04 21.90
C MET D 174 54.37 39.25 21.58
N PRO D 175 53.87 39.27 20.32
CA PRO D 175 52.74 38.41 19.94
C PRO D 175 53.10 36.94 20.09
N ILE D 176 52.18 36.16 20.66
CA ILE D 176 52.37 34.73 20.89
C ILE D 176 52.02 33.98 19.60
N VAL D 177 52.97 33.25 19.03
CA VAL D 177 52.71 32.48 17.83
C VAL D 177 51.91 31.25 18.24
N ILE D 178 50.83 30.93 17.51
CA ILE D 178 50.02 29.76 17.77
C ILE D 178 50.55 28.59 16.92
N PRO D 179 50.95 27.46 17.53
CA PRO D 179 51.49 26.33 16.78
C PRO D 179 50.49 25.81 15.75
N LYS D 180 51.00 25.48 14.55
CA LYS D 180 50.23 24.83 13.51
C LYS D 180 50.87 23.47 13.20
N ASP D 181 50.07 22.55 12.65
CA ASP D 181 50.53 21.20 12.35
C ASP D 181 51.26 20.63 13.57
N PHE D 182 50.50 20.44 14.66
CA PHE D 182 51.05 20.17 15.98
C PHE D 182 50.40 18.93 16.61
N THR D 183 49.37 18.37 15.97
CA THR D 183 48.61 17.27 16.56
C THR D 183 49.20 15.91 16.18
N ALA D 184 49.96 15.85 15.08
CA ALA D 184 50.56 14.62 14.60
C ALA D 184 51.77 14.93 13.70
N SER D 185 52.71 13.98 13.64
CA SER D 185 53.90 14.09 12.80
C SER D 185 53.62 13.52 11.41
N ASP D 186 54.69 13.40 10.60
CA ASP D 186 54.57 13.04 9.19
C ASP D 186 54.41 11.53 9.00
N LEU D 187 54.58 10.75 10.09
CA LEU D 187 54.27 9.33 10.09
C LEU D 187 52.78 9.12 9.88
N ASP D 188 51.97 10.08 10.36
CA ASP D 188 50.54 10.11 10.13
C ASP D 188 50.25 11.05 8.95
N GLU D 189 49.83 10.47 7.82
CA GLU D 189 49.59 11.23 6.59
C GLU D 189 48.41 12.18 6.75
N GLU D 190 47.56 11.91 7.75
CA GLU D 190 46.39 12.75 8.05
C GLU D 190 46.81 14.15 8.53
N HIS D 191 48.04 14.27 9.04
CA HIS D 191 48.50 15.52 9.64
C HIS D 191 48.53 16.66 8.61
N ARG D 192 48.50 16.30 7.31
CA ARG D 192 48.63 17.26 6.23
C ARG D 192 47.42 18.18 6.15
N LEU D 193 46.28 17.73 6.69
CA LEU D 193 45.02 18.43 6.55
C LEU D 193 44.76 19.35 7.75
N TRP D 194 45.81 19.62 8.55
CA TRP D 194 45.74 20.52 9.70
C TRP D 194 45.11 21.87 9.31
N TYR D 195 45.51 22.40 8.14
CA TYR D 195 45.14 23.74 7.71
C TYR D 195 43.64 23.85 7.45
N PHE D 196 42.93 22.71 7.48
CA PHE D 196 41.50 22.66 7.24
C PHE D 196 40.78 22.21 8.50
N ARG D 197 41.15 21.02 9.00
CA ARG D 197 40.55 20.44 10.20
C ARG D 197 40.69 21.38 11.39
N GLU D 198 41.90 21.95 11.56
CA GLU D 198 42.26 22.68 12.78
C GLU D 198 42.24 24.18 12.56
N ASP D 199 41.86 24.64 11.36
CA ASP D 199 41.73 26.06 11.08
C ASP D 199 40.65 26.67 11.96
N ILE D 200 40.98 27.80 12.61
CA ILE D 200 40.07 28.55 13.45
C ILE D 200 38.78 28.86 12.68
N GLY D 201 38.95 29.32 11.44
CA GLY D 201 37.84 29.82 10.63
C GLY D 201 36.72 28.80 10.50
N VAL D 202 37.06 27.59 10.03
CA VAL D 202 36.06 26.61 9.63
C VAL D 202 35.38 26.05 10.89
N ASN D 203 36.13 25.98 12.00
CA ASN D 203 35.59 25.51 13.27
C ASN D 203 34.58 26.52 13.82
N LEU D 204 34.82 27.81 13.57
CA LEU D 204 33.89 28.85 13.99
C LEU D 204 32.62 28.80 13.16
N HIS D 205 32.78 28.59 11.84
CA HIS D 205 31.65 28.50 10.94
C HIS D 205 30.71 27.38 11.37
N HIS D 206 31.29 26.22 11.75
CA HIS D 206 30.52 25.05 12.12
C HIS D 206 29.75 25.34 13.42
N TRP D 207 30.46 25.85 14.44
CA TRP D 207 29.84 26.19 15.71
C TRP D 207 28.66 27.15 15.51
N HIS D 208 28.86 28.18 14.69
CA HIS D 208 27.87 29.23 14.49
C HIS D 208 26.67 28.71 13.71
N TRP D 209 26.90 27.85 12.71
CA TRP D 209 25.81 27.28 11.92
C TRP D 209 24.82 26.57 12.83
N HIS D 210 25.34 25.85 13.84
CA HIS D 210 24.52 25.10 14.78
C HIS D 210 23.84 26.03 15.78
N LEU D 211 24.39 27.24 15.98
CA LEU D 211 23.75 28.25 16.81
C LEU D 211 22.43 28.72 16.18
N VAL D 212 22.45 29.02 14.88
CA VAL D 212 21.36 29.73 14.24
C VAL D 212 20.34 28.71 13.70
N TYR D 213 20.77 27.46 13.52
CA TYR D 213 19.87 26.39 13.09
C TYR D 213 19.98 25.21 14.07
N PRO D 214 19.54 25.35 15.33
CA PRO D 214 19.56 24.20 16.24
C PRO D 214 18.57 23.15 15.80
N PHE D 215 18.68 21.96 16.37
CA PHE D 215 17.65 20.91 16.35
C PHE D 215 16.98 20.77 17.72
N GLU D 216 17.54 21.44 18.71
CA GLU D 216 17.26 21.26 20.12
C GLU D 216 15.76 21.37 20.37
N ALA D 217 15.24 20.50 21.24
CA ALA D 217 13.87 20.50 21.71
C ALA D 217 13.30 21.90 21.92
N SER D 218 13.93 22.67 22.82
CA SER D 218 13.76 24.14 22.90
C SER D 218 12.34 24.68 22.62
N ASN D 219 12.10 25.21 21.42
CA ASN D 219 10.80 25.69 21.05
C ASN D 219 10.79 25.68 19.54
N ARG D 220 9.62 25.38 18.96
CA ARG D 220 9.49 25.02 17.55
C ARG D 220 9.71 26.23 16.65
N ALA D 221 9.40 27.42 17.18
CA ALA D 221 9.62 28.65 16.46
C ALA D 221 11.10 28.83 16.11
N ILE D 222 11.97 28.43 17.07
CA ILE D 222 13.40 28.76 16.99
C ILE D 222 14.12 27.78 16.03
N VAL D 223 13.59 26.58 16.02
CA VAL D 223 14.23 25.45 15.36
C VAL D 223 13.71 25.37 13.94
N ASP D 224 12.48 25.82 13.68
CA ASP D 224 11.81 25.62 12.40
C ASP D 224 12.10 26.78 11.43
N LYS D 225 13.29 26.73 10.84
CA LYS D 225 13.75 27.65 9.82
C LYS D 225 13.56 26.96 8.46
N ASP D 226 13.33 27.77 7.41
CA ASP D 226 13.03 27.24 6.10
C ASP D 226 14.12 26.27 5.66
N ARG D 227 13.70 25.05 5.31
CA ARG D 227 14.54 24.03 4.70
C ARG D 227 15.82 23.76 5.49
N ARG D 228 15.72 23.79 6.83
CA ARG D 228 16.89 23.58 7.69
C ARG D 228 17.39 22.14 7.55
N GLY D 229 16.47 21.21 7.26
CA GLY D 229 16.83 19.83 7.00
C GLY D 229 17.74 19.72 5.77
N GLU D 230 17.30 20.32 4.67
CA GLU D 230 18.09 20.32 3.44
C GLU D 230 19.40 21.07 3.70
N LEU D 231 19.35 22.14 4.50
CA LEU D 231 20.53 22.91 4.85
C LEU D 231 21.54 21.99 5.53
N PHE D 232 21.06 21.24 6.54
CA PHE D 232 21.88 20.30 7.30
C PHE D 232 22.54 19.30 6.37
N TYR D 233 21.77 18.78 5.40
CA TYR D 233 22.29 17.87 4.40
C TYR D 233 23.42 18.57 3.63
N TYR D 234 23.10 19.72 3.03
CA TYR D 234 23.95 20.36 2.02
C TYR D 234 25.23 20.91 2.65
N MET D 235 25.08 21.70 3.72
CA MET D 235 26.22 22.31 4.37
C MET D 235 27.26 21.25 4.71
N HIS D 236 26.85 20.20 5.45
CA HIS D 236 27.74 19.13 5.85
C HIS D 236 28.28 18.40 4.61
N SER D 237 27.43 18.26 3.58
CA SER D 237 27.81 17.62 2.33
C SER D 237 28.92 18.38 1.61
N GLN D 238 28.90 19.72 1.73
CA GLN D 238 29.91 20.58 1.14
C GLN D 238 31.20 20.56 1.95
N LEU D 239 31.10 20.35 3.27
CA LEU D 239 32.27 20.19 4.10
C LEU D 239 33.15 19.06 3.56
N ILE D 240 32.52 17.94 3.19
CA ILE D 240 33.24 16.74 2.79
C ILE D 240 33.76 16.88 1.36
N ALA D 241 32.98 17.53 0.50
CA ALA D 241 33.39 17.87 -0.86
C ALA D 241 34.66 18.71 -0.85
N ARG D 242 34.69 19.71 0.04
CA ARG D 242 35.84 20.59 0.20
C ARG D 242 37.00 19.83 0.84
N TYR D 243 36.70 18.94 1.81
CA TYR D 243 37.69 18.13 2.49
C TYR D 243 38.35 17.19 1.48
N ASN D 244 37.50 16.51 0.68
CA ASN D 244 37.97 15.56 -0.32
C ASN D 244 38.85 16.28 -1.35
N PHE D 245 38.53 17.55 -1.64
CA PHE D 245 39.35 18.36 -2.53
C PHE D 245 40.73 18.52 -1.91
N GLU D 246 40.75 19.00 -0.66
CA GLU D 246 41.99 19.26 0.05
C GLU D 246 42.81 17.98 0.21
N ARG D 247 42.12 16.83 0.28
CA ARG D 247 42.80 15.54 0.37
C ARG D 247 43.62 15.31 -0.90
N PHE D 248 43.01 15.56 -2.07
CA PHE D 248 43.65 15.34 -3.36
C PHE D 248 44.87 16.24 -3.53
N CYS D 249 44.85 17.40 -2.86
CA CYS D 249 45.95 18.35 -2.90
C CYS D 249 47.07 17.97 -1.93
N ASN D 250 46.90 16.87 -1.19
CA ASN D 250 47.92 16.39 -0.26
C ASN D 250 48.24 14.93 -0.55
N ARG D 251 48.03 14.50 -1.80
CA ARG D 251 48.44 13.19 -2.29
C ARG D 251 47.74 12.07 -1.52
N LEU D 252 46.48 12.30 -1.12
CA LEU D 252 45.66 11.32 -0.40
C LEU D 252 44.45 10.95 -1.25
N GLN D 253 43.81 9.83 -0.91
CA GLN D 253 42.61 9.36 -1.59
C GLN D 253 41.39 10.02 -0.94
N ARG D 254 40.20 9.83 -1.53
CA ARG D 254 38.96 10.37 -0.98
C ARG D 254 38.71 9.72 0.38
N VAL D 255 38.05 10.44 1.29
CA VAL D 255 37.79 9.96 2.64
C VAL D 255 36.91 8.72 2.55
N LYS D 256 37.31 7.66 3.27
CA LYS D 256 36.50 6.46 3.38
C LYS D 256 35.46 6.64 4.48
N ARG D 257 34.22 6.26 4.17
CA ARG D 257 33.08 6.34 5.07
C ARG D 257 33.25 5.33 6.22
N LEU D 258 32.49 5.49 7.31
CA LEU D 258 32.41 4.49 8.35
C LEU D 258 31.41 3.40 7.93
N ASN D 259 31.86 2.50 7.04
CA ASN D 259 31.12 1.34 6.58
C ASN D 259 30.25 0.79 7.70
N ASN D 260 30.91 0.25 8.74
CA ASN D 260 30.22 -0.46 9.80
C ASN D 260 30.96 -0.26 11.13
N LEU D 261 30.17 -0.22 12.20
CA LEU D 261 30.58 0.35 13.47
C LEU D 261 31.34 -0.66 14.34
N ARG D 262 31.36 -1.93 13.92
CA ARG D 262 32.00 -2.99 14.68
C ARG D 262 33.49 -3.07 14.38
N GLU D 263 33.85 -2.72 13.14
CA GLU D 263 35.23 -2.69 12.68
C GLU D 263 35.97 -1.55 13.38
N PRO D 264 37.26 -1.74 13.77
CA PRO D 264 38.07 -0.66 14.35
C PRO D 264 38.15 0.64 13.56
N ILE D 265 38.43 1.74 14.27
CA ILE D 265 38.70 3.03 13.65
C ILE D 265 40.22 3.21 13.57
N ALA D 266 40.75 3.17 12.33
CA ALA D 266 42.17 3.16 12.06
C ALA D 266 42.85 4.44 12.57
N GLU D 267 42.24 5.59 12.26
CA GLU D 267 42.85 6.90 12.50
C GLU D 267 42.47 7.38 13.91
N GLY D 268 43.44 7.37 14.82
CA GLY D 268 43.32 8.04 16.11
C GLY D 268 43.57 9.54 15.98
N TYR D 269 43.28 10.29 17.06
CA TYR D 269 43.50 11.73 17.07
C TYR D 269 43.58 12.23 18.51
N PHE D 270 44.77 12.74 18.90
CA PHE D 270 44.96 13.47 20.14
C PHE D 270 44.96 14.97 19.86
N PRO D 271 43.94 15.73 20.34
CA PRO D 271 43.70 17.10 19.88
C PRO D 271 44.61 18.18 20.47
N LYS D 272 45.21 17.88 21.62
CA LYS D 272 46.18 18.73 22.30
C LYS D 272 45.53 19.98 22.89
N LEU D 273 44.24 19.89 23.25
CA LEU D 273 43.51 20.99 23.85
C LEU D 273 43.38 20.74 25.34
N ASP D 274 43.40 21.84 26.11
CA ASP D 274 43.25 21.81 27.56
C ASP D 274 42.15 22.80 27.93
N SER D 275 41.02 22.26 28.44
CA SER D 275 39.90 23.07 28.89
C SER D 275 40.24 23.74 30.22
N LEU D 276 40.36 25.08 30.19
CA LEU D 276 40.67 25.86 31.38
C LEU D 276 39.43 25.95 32.29
N VAL D 277 38.24 25.70 31.72
CA VAL D 277 36.99 25.68 32.46
C VAL D 277 36.86 24.36 33.23
N ALA D 278 37.20 23.25 32.59
CA ALA D 278 37.19 21.93 33.21
C ALA D 278 38.50 21.67 33.96
N SER D 279 39.52 22.49 33.65
CA SER D 279 40.86 22.43 34.22
C SER D 279 41.57 21.12 33.84
N ARG D 280 40.91 20.31 33.01
CA ARG D 280 41.46 19.07 32.47
C ARG D 280 41.73 19.27 30.98
N THR D 281 42.29 18.24 30.34
CA THR D 281 42.41 18.18 28.88
C THR D 281 41.33 17.27 28.31
N TRP D 282 40.99 17.48 27.03
CA TRP D 282 40.16 16.58 26.24
C TRP D 282 40.90 15.25 26.08
N PRO D 283 40.25 14.08 26.26
CA PRO D 283 40.90 12.80 26.00
C PRO D 283 41.16 12.64 24.50
N GLY D 284 42.20 11.87 24.17
CA GLY D 284 42.45 11.44 22.80
C GLY D 284 41.74 10.12 22.50
N ARG D 285 41.78 9.72 21.22
CA ARG D 285 41.39 8.38 20.79
C ARG D 285 42.61 7.70 20.18
N VAL D 286 42.85 6.45 20.57
CA VAL D 286 44.00 5.68 20.09
C VAL D 286 43.71 5.11 18.72
N ASP D 287 44.77 4.66 18.03
CA ASP D 287 44.62 3.94 16.78
C ASP D 287 43.87 2.63 17.06
N ASN D 288 42.96 2.28 16.15
CA ASN D 288 42.21 1.03 16.18
C ASN D 288 41.31 0.91 17.43
N ALA D 289 40.89 2.05 17.98
CA ALA D 289 39.82 2.06 18.95
C ALA D 289 38.57 1.46 18.33
N VAL D 290 37.75 0.79 19.14
CA VAL D 290 36.47 0.25 18.70
C VAL D 290 35.34 0.98 19.44
N ILE D 291 34.26 1.27 18.71
CA ILE D 291 33.05 1.82 19.31
C ILE D 291 32.53 0.82 20.34
N LYS D 292 32.05 1.34 21.47
CA LYS D 292 31.57 0.49 22.56
C LYS D 292 30.24 1.02 23.06
N ASP D 293 29.34 0.10 23.48
CA ASP D 293 28.07 0.43 24.10
C ASP D 293 28.29 1.42 25.25
N LEU D 294 27.46 2.48 25.27
CA LEU D 294 27.57 3.55 26.26
C LEU D 294 26.62 3.28 27.42
N ASN D 295 27.10 3.56 28.64
CA ASN D 295 26.30 3.50 29.86
C ASN D 295 26.78 4.61 30.79
N ARG D 296 26.49 5.87 30.41
CA ARG D 296 26.92 7.04 31.15
C ARG D 296 25.76 7.51 32.02
N GLU D 297 25.54 6.84 33.16
CA GLU D 297 24.36 7.05 33.98
C GLU D 297 24.16 8.53 34.28
N LEU D 298 25.24 9.24 34.62
CA LEU D 298 25.21 10.65 34.98
C LEU D 298 24.67 11.49 33.82
N ASP D 299 25.23 11.30 32.63
CA ASP D 299 24.89 12.10 31.44
C ASP D 299 23.52 11.72 30.87
N GLN D 300 22.92 10.64 31.38
CA GLN D 300 21.65 10.11 30.88
C GLN D 300 21.82 9.58 29.47
N ILE D 301 22.80 8.68 29.29
CA ILE D 301 23.05 7.98 28.04
C ILE D 301 23.04 6.48 28.32
N LYS D 302 22.05 5.78 27.77
CA LYS D 302 21.99 4.33 27.79
C LYS D 302 21.68 3.88 26.36
N GLN D 303 22.74 3.75 25.56
CA GLN D 303 22.60 3.42 24.16
C GLN D 303 23.54 2.29 23.79
N ASP D 304 23.04 1.30 23.04
CA ASP D 304 23.85 0.21 22.52
C ASP D 304 24.16 0.48 21.06
N VAL D 305 25.27 -0.08 20.58
CA VAL D 305 25.67 0.10 19.19
C VAL D 305 24.56 -0.43 18.29
N SER D 306 23.96 -1.57 18.67
CA SER D 306 22.89 -2.16 17.91
C SER D 306 21.71 -1.20 17.75
N ASP D 307 21.44 -0.35 18.73
CA ASP D 307 20.41 0.68 18.61
C ASP D 307 20.70 1.56 17.40
N LEU D 308 21.96 2.01 17.29
CA LEU D 308 22.40 2.86 16.19
C LEU D 308 22.19 2.13 14.88
N GLU D 309 22.67 0.88 14.82
CA GLU D 309 22.57 0.02 13.66
C GLU D 309 21.12 -0.19 13.24
N ARG D 310 20.22 -0.28 14.23
CA ARG D 310 18.81 -0.49 13.98
C ARG D 310 18.22 0.76 13.33
N TRP D 311 18.59 1.95 13.83
CA TRP D 311 18.13 3.20 13.26
C TRP D 311 18.56 3.29 11.80
N ILE D 312 19.80 2.92 11.51
CA ILE D 312 20.36 3.01 10.18
C ILE D 312 19.60 2.07 9.25
N ASP D 313 19.43 0.82 9.68
CA ASP D 313 18.71 -0.18 8.91
C ASP D 313 17.32 0.34 8.52
N ARG D 314 16.64 1.01 9.46
CA ARG D 314 15.29 1.52 9.24
C ARG D 314 15.28 2.70 8.27
N ILE D 315 16.25 3.60 8.42
CA ILE D 315 16.35 4.81 7.60
C ILE D 315 16.61 4.42 6.15
N TYR D 316 17.55 3.49 5.94
CA TYR D 316 17.82 2.92 4.63
C TYR D 316 16.53 2.38 4.01
N GLU D 317 15.76 1.61 4.80
CA GLU D 317 14.53 1.00 4.34
C GLU D 317 13.58 2.08 3.82
N ALA D 318 13.36 3.11 4.63
CA ALA D 318 12.48 4.22 4.29
C ALA D 318 12.91 4.86 2.97
N VAL D 319 14.22 5.10 2.84
CA VAL D 319 14.79 5.77 1.68
C VAL D 319 14.52 4.96 0.42
N HIS D 320 14.71 3.64 0.51
CA HIS D 320 14.46 2.73 -0.62
C HIS D 320 12.95 2.61 -0.86
N GLN D 321 12.17 2.36 0.19
CA GLN D 321 10.72 2.36 0.11
C GLN D 321 10.21 3.63 -0.58
N GLY D 322 10.83 4.78 -0.25
CA GLY D 322 10.48 6.05 -0.84
C GLY D 322 9.56 6.91 0.05
N TYR D 323 9.22 6.39 1.24
CA TYR D 323 8.36 7.11 2.18
C TYR D 323 8.75 6.77 3.62
N VAL D 324 8.34 7.63 4.55
CA VAL D 324 8.52 7.41 5.98
C VAL D 324 7.14 7.29 6.64
N VAL D 325 7.10 6.92 7.92
CA VAL D 325 5.87 6.81 8.68
C VAL D 325 5.97 7.69 9.92
N ASP D 326 4.94 8.52 10.16
CA ASP D 326 4.91 9.41 11.32
C ASP D 326 4.43 8.64 12.54
N GLU D 327 4.51 9.28 13.71
CA GLU D 327 4.08 8.68 14.98
C GLU D 327 2.67 8.11 14.84
N SER D 328 1.80 8.85 14.12
CA SER D 328 0.39 8.52 13.97
C SER D 328 0.17 7.24 13.17
N GLY D 329 1.12 6.90 12.30
CA GLY D 329 1.04 5.70 11.48
C GLY D 329 0.88 6.02 10.01
N ASN D 330 0.62 7.29 9.68
CA ASN D 330 0.45 7.75 8.31
C ASN D 330 1.77 7.71 7.56
N ARG D 331 1.71 7.74 6.22
CA ARG D 331 2.88 7.72 5.37
C ARG D 331 3.12 9.09 4.74
N ILE D 332 4.38 9.55 4.78
CA ILE D 332 4.78 10.81 4.19
C ILE D 332 5.83 10.50 3.12
N PHE D 333 5.66 11.08 1.92
CA PHE D 333 6.38 10.65 0.72
C PHE D 333 7.58 11.54 0.48
N LEU D 334 8.75 10.89 0.26
CA LEU D 334 10.01 11.57 0.03
C LEU D 334 10.06 11.99 -1.44
N ASP D 335 9.36 13.09 -1.76
CA ASP D 335 9.22 13.59 -3.12
C ASP D 335 10.43 14.43 -3.50
N GLU D 336 10.44 14.94 -4.73
CA GLU D 336 11.54 15.71 -5.28
C GLU D 336 11.76 17.00 -4.50
N GLU D 337 10.70 17.55 -3.89
CA GLU D 337 10.73 18.88 -3.32
C GLU D 337 11.21 18.82 -1.87
N LYS D 338 10.44 18.15 -1.01
CA LYS D 338 10.62 18.20 0.43
C LYS D 338 11.27 16.93 0.97
N GLY D 339 11.44 15.91 0.12
CA GLY D 339 12.07 14.66 0.51
C GLY D 339 13.36 14.86 1.29
N ILE D 340 14.32 15.56 0.68
CA ILE D 340 15.64 15.78 1.25
C ILE D 340 15.52 16.48 2.61
N ASP D 341 14.63 17.47 2.69
CA ASP D 341 14.45 18.29 3.88
C ASP D 341 13.99 17.41 5.04
N ILE D 342 12.99 16.57 4.76
CA ILE D 342 12.47 15.61 5.74
C ILE D 342 13.61 14.73 6.22
N LEU D 343 14.28 14.07 5.28
CA LEU D 343 15.34 13.12 5.58
C LEU D 343 16.38 13.75 6.50
N GLY D 344 16.73 15.01 6.26
CA GLY D 344 17.70 15.73 7.07
C GLY D 344 17.29 15.77 8.55
N ASN D 345 16.01 16.10 8.79
CA ASN D 345 15.48 16.22 10.13
C ASN D 345 15.41 14.83 10.79
N ILE D 346 15.18 13.79 9.99
CA ILE D 346 15.14 12.42 10.45
C ILE D 346 16.52 11.94 10.87
N ILE D 347 17.52 12.26 10.05
CA ILE D 347 18.87 11.72 10.22
C ILE D 347 19.62 12.39 11.36
N GLU D 348 19.57 13.73 11.46
CA GLU D 348 20.23 14.39 12.56
C GLU D 348 19.44 14.20 13.83
N SER D 349 18.14 13.89 13.68
CA SER D 349 17.11 13.96 14.71
C SER D 349 16.90 15.38 15.23
N SER D 350 16.22 16.18 14.43
CA SER D 350 15.67 17.44 14.86
C SER D 350 14.23 17.20 15.25
N ILE D 351 13.78 17.92 16.29
CA ILE D 351 12.42 17.77 16.78
C ILE D 351 11.42 17.83 15.63
N LEU D 352 11.86 18.30 14.45
CA LEU D 352 11.02 18.35 13.27
C LEU D 352 10.88 16.97 12.62
N SER D 353 11.66 15.99 13.09
CA SER D 353 11.59 14.62 12.58
C SER D 353 10.16 14.12 12.72
N PRO D 354 9.55 13.58 11.63
CA PRO D 354 8.17 13.11 11.71
C PRO D 354 7.96 11.88 12.58
N ASN D 355 9.06 11.27 13.06
CA ASN D 355 8.97 10.13 13.97
C ASN D 355 10.33 9.83 14.60
N ARG D 356 10.73 10.66 15.56
CA ARG D 356 12.01 10.52 16.26
C ARG D 356 12.15 9.11 16.84
N GLN D 357 11.06 8.59 17.43
CA GLN D 357 11.08 7.35 18.18
C GLN D 357 11.50 6.17 17.30
N LEU D 358 11.10 6.19 16.03
CA LEU D 358 11.34 5.09 15.10
C LEU D 358 12.71 5.22 14.44
N TYR D 359 13.02 6.42 13.92
CA TYR D 359 14.21 6.64 13.10
C TYR D 359 15.37 7.20 13.92
N GLY D 360 15.11 7.53 15.19
CA GLY D 360 16.17 7.74 16.16
C GLY D 360 16.86 9.09 16.03
N ASP D 361 18.05 9.19 16.65
CA ASP D 361 18.88 10.37 16.78
C ASP D 361 20.25 10.03 16.21
N MET D 362 20.25 9.58 14.95
CA MET D 362 21.31 8.80 14.33
C MET D 362 22.64 9.56 14.27
N HIS D 363 22.65 10.77 13.68
CA HIS D 363 23.86 11.55 13.54
C HIS D 363 24.44 11.90 14.91
N ASN D 364 23.61 12.50 15.77
CA ASN D 364 24.06 13.03 17.07
C ASN D 364 24.62 11.90 17.96
N VAL D 365 23.93 10.77 18.03
CA VAL D 365 24.32 9.67 18.89
C VAL D 365 25.67 9.12 18.41
N GLY D 366 25.90 9.14 17.10
CA GLY D 366 27.17 8.76 16.51
C GLY D 366 28.33 9.61 17.03
N HIS D 367 28.12 10.92 17.16
CA HIS D 367 29.12 11.84 17.70
C HIS D 367 29.51 11.44 19.12
N VAL D 368 28.54 10.98 19.92
CA VAL D 368 28.75 10.63 21.32
C VAL D 368 29.50 9.30 21.41
N PHE D 369 29.04 8.28 20.66
CA PHE D 369 29.71 6.99 20.60
C PHE D 369 31.20 7.15 20.30
N LEU D 370 31.51 7.96 19.29
CA LEU D 370 32.87 8.11 18.79
C LEU D 370 33.73 8.86 19.80
N SER D 371 33.10 9.68 20.65
CA SER D 371 33.83 10.54 21.59
C SER D 371 34.08 9.84 22.93
N TYR D 372 33.52 8.62 23.12
CA TYR D 372 33.54 7.97 24.43
C TYR D 372 34.13 6.56 24.35
N THR D 373 34.91 6.28 23.31
CA THR D 373 35.50 4.95 23.13
C THR D 373 36.44 4.64 24.29
N HIS D 374 37.03 5.68 24.88
CA HIS D 374 38.06 5.56 25.91
C HIS D 374 37.46 5.31 27.29
N ASP D 375 36.17 5.64 27.47
CA ASP D 375 35.51 5.50 28.76
C ASP D 375 34.00 5.47 28.57
N PRO D 376 33.43 4.34 28.09
CA PRO D 376 32.01 4.29 27.73
C PRO D 376 31.01 4.05 28.87
N ASP D 377 31.50 3.52 30.01
CA ASP D 377 30.63 3.24 31.15
C ASP D 377 30.94 4.16 32.32
N HIS D 378 31.85 5.13 32.12
CA HIS D 378 32.16 6.19 33.07
C HIS D 378 32.95 5.66 34.27
N ARG D 379 33.56 4.47 34.14
CA ARG D 379 34.30 3.86 35.24
C ARG D 379 35.57 4.66 35.54
N HIS D 380 36.07 5.42 34.54
CA HIS D 380 37.31 6.18 34.64
C HIS D 380 37.02 7.66 34.87
N LEU D 381 35.75 8.03 35.05
CA LEU D 381 35.39 9.40 35.36
C LEU D 381 36.08 10.36 34.39
N GLU D 382 36.05 10.04 33.09
CA GLU D 382 36.63 10.87 32.05
C GLU D 382 35.52 11.48 31.21
N SER D 383 35.79 12.65 30.62
CA SER D 383 34.83 13.36 29.78
C SER D 383 34.98 12.91 28.32
N PHE D 384 34.13 13.45 27.43
CA PHE D 384 34.12 13.06 26.04
C PHE D 384 35.30 13.69 25.31
N GLY D 385 35.80 12.96 24.29
CA GLY D 385 36.79 13.47 23.35
C GLY D 385 36.20 14.56 22.45
N VAL D 386 36.99 14.99 21.46
CA VAL D 386 36.72 16.22 20.72
C VAL D 386 35.48 16.09 19.84
N MET D 387 35.10 14.88 19.42
CA MET D 387 33.96 14.65 18.54
C MET D 387 32.62 14.85 19.27
N GLY D 388 32.69 15.03 20.59
CA GLY D 388 31.50 15.20 21.42
C GLY D 388 31.05 16.66 21.52
N ASP D 389 31.83 17.60 20.94
CA ASP D 389 31.49 19.02 20.96
C ASP D 389 31.54 19.57 19.53
N VAL D 390 30.45 20.21 19.10
CA VAL D 390 30.33 20.84 17.80
C VAL D 390 31.47 21.83 17.57
N ALA D 391 31.86 22.53 18.64
CA ALA D 391 32.93 23.52 18.60
C ALA D 391 34.25 22.92 18.12
N THR D 392 34.48 21.62 18.41
CA THR D 392 35.78 21.01 18.18
C THR D 392 35.70 19.78 17.27
N ALA D 393 34.49 19.35 16.88
CA ALA D 393 34.28 18.07 16.23
C ALA D 393 35.08 17.93 14.93
N MET D 394 35.26 19.03 14.20
CA MET D 394 35.85 19.00 12.87
C MET D 394 37.37 18.75 12.93
N ARG D 395 37.98 18.87 14.12
CA ARG D 395 39.40 18.67 14.29
C ARG D 395 39.77 17.20 14.06
N ASP D 396 38.88 16.29 14.44
CA ASP D 396 39.15 14.86 14.39
C ASP D 396 38.93 14.37 12.95
N PRO D 397 39.84 13.56 12.38
CA PRO D 397 39.61 12.94 11.07
C PRO D 397 38.38 12.04 10.94
N VAL D 398 37.94 11.43 12.06
CA VAL D 398 36.82 10.50 12.04
C VAL D 398 35.54 11.25 11.73
N PHE D 399 35.52 12.57 11.99
CA PHE D 399 34.38 13.42 11.70
C PHE D 399 33.96 13.23 10.25
N TYR D 400 34.96 13.21 9.34
CA TYR D 400 34.73 13.21 7.90
C TYR D 400 34.30 11.83 7.45
N ARG D 401 34.74 10.79 8.17
CA ARG D 401 34.32 9.43 7.91
C ARG D 401 32.86 9.23 8.31
N TRP D 402 32.51 9.68 9.51
CA TRP D 402 31.15 9.58 10.00
C TRP D 402 30.20 10.42 9.16
N HIS D 403 30.65 11.62 8.78
CA HIS D 403 29.81 12.55 8.00
C HIS D 403 29.76 12.12 6.55
N SER D 404 30.80 11.38 6.11
CA SER D 404 30.86 10.77 4.79
C SER D 404 29.80 9.68 4.66
N PHE D 405 29.74 8.80 5.67
CA PHE D 405 28.72 7.76 5.73
C PHE D 405 27.34 8.39 5.60
N ILE D 406 27.04 9.31 6.52
CA ILE D 406 25.74 9.97 6.60
C ILE D 406 25.37 10.49 5.21
N ASP D 407 26.35 11.03 4.47
CA ASP D 407 26.10 11.62 3.17
C ASP D 407 25.65 10.56 2.18
N ASP D 408 26.28 9.38 2.24
CA ASP D 408 25.96 8.26 1.37
C ASP D 408 24.48 7.91 1.53
N ILE D 409 23.95 7.99 2.75
CA ILE D 409 22.54 7.71 3.02
C ILE D 409 21.66 8.73 2.30
N PHE D 410 22.01 10.03 2.38
CA PHE D 410 21.29 11.06 1.65
C PHE D 410 21.35 10.77 0.15
N GLN D 411 22.55 10.46 -0.35
CA GLN D 411 22.76 10.16 -1.76
C GLN D 411 21.80 9.08 -2.23
N GLU D 412 21.60 8.06 -1.40
CA GLU D 412 20.73 6.93 -1.71
C GLU D 412 19.34 7.42 -2.07
N HIS D 413 18.93 8.57 -1.55
CA HIS D 413 17.64 9.19 -1.89
C HIS D 413 17.77 9.98 -3.19
N LYS D 414 18.85 10.74 -3.34
CA LYS D 414 19.05 11.62 -4.47
C LYS D 414 19.12 10.84 -5.78
N ILE D 415 19.65 9.60 -5.74
CA ILE D 415 19.79 8.78 -6.94
C ILE D 415 18.46 8.18 -7.34
N LYS D 416 17.43 8.32 -6.49
CA LYS D 416 16.09 7.86 -6.82
C LYS D 416 15.32 8.96 -7.58
N LEU D 417 15.72 10.22 -7.40
CA LEU D 417 15.05 11.34 -8.05
C LEU D 417 15.28 11.26 -9.56
N PRO D 418 14.32 11.73 -10.40
CA PRO D 418 14.46 11.67 -11.86
C PRO D 418 15.50 12.68 -12.36
N ALA D 419 16.34 12.24 -13.32
CA ALA D 419 17.39 13.08 -13.86
C ALA D 419 16.81 14.40 -14.37
N TYR D 420 17.58 15.49 -14.23
CA TYR D 420 17.20 16.77 -14.81
C TYR D 420 17.24 16.62 -16.33
N THR D 421 16.12 16.96 -16.99
CA THR D 421 15.96 16.84 -18.43
C THR D 421 16.68 18.01 -19.11
N LYS D 422 17.12 17.79 -20.36
CA LYS D 422 17.77 18.81 -21.17
C LYS D 422 16.97 20.11 -21.04
N SER D 423 15.64 19.98 -21.17
CA SER D 423 14.69 21.07 -21.02
C SER D 423 14.87 21.81 -19.70
N GLN D 424 14.89 21.05 -18.60
CA GLN D 424 14.80 21.61 -17.25
C GLN D 424 15.99 22.51 -16.92
N LEU D 425 17.17 22.26 -17.51
CA LEU D 425 18.36 23.05 -17.23
C LEU D 425 18.87 23.74 -18.49
N THR D 426 17.96 24.00 -19.44
CA THR D 426 18.24 24.90 -20.56
C THR D 426 17.56 26.24 -20.29
N TYR D 427 18.22 27.34 -20.68
CA TYR D 427 17.66 28.68 -20.62
C TYR D 427 17.49 29.20 -22.05
N GLU D 428 16.26 29.09 -22.58
CA GLU D 428 15.98 29.36 -23.98
C GLU D 428 16.40 30.79 -24.30
N GLY D 429 17.40 30.94 -25.18
CA GLY D 429 17.90 32.24 -25.59
C GLY D 429 19.30 32.53 -25.04
N ILE D 430 19.54 32.19 -23.77
CA ILE D 430 20.80 32.49 -23.11
C ILE D 430 21.86 31.44 -23.49
N SER D 431 23.07 31.93 -23.76
CA SER D 431 24.22 31.08 -24.05
C SER D 431 25.49 31.64 -23.40
N VAL D 432 26.13 30.85 -22.54
CA VAL D 432 27.42 31.19 -21.95
C VAL D 432 28.51 30.61 -22.84
N THR D 433 29.40 31.49 -23.32
CA THR D 433 30.38 31.15 -24.34
C THR D 433 31.78 31.03 -23.74
N GLY D 434 31.93 31.37 -22.45
CA GLY D 434 33.22 31.28 -21.80
C GLY D 434 33.22 31.91 -20.40
N ILE D 435 34.07 31.35 -19.53
CA ILE D 435 34.36 31.90 -18.21
C ILE D 435 35.87 31.78 -17.99
N ILE D 436 36.48 32.81 -17.40
CA ILE D 436 37.90 32.81 -17.08
C ILE D 436 38.09 33.42 -15.68
N VAL D 437 39.31 33.27 -15.12
CA VAL D 437 39.66 33.93 -13.86
C VAL D 437 41.00 34.65 -14.04
N GLN D 438 41.16 35.82 -13.38
CA GLN D 438 42.40 36.58 -13.44
C GLN D 438 42.77 37.09 -12.05
N SER D 439 44.01 36.76 -11.64
CA SER D 439 44.65 37.30 -10.46
C SER D 439 45.73 38.30 -10.88
N GLU D 440 45.95 39.33 -10.04
CA GLU D 440 46.99 40.31 -10.24
C GLU D 440 48.34 39.60 -10.29
N GLY D 441 49.12 39.88 -11.34
CA GLY D 441 50.45 39.31 -11.53
C GLY D 441 50.43 37.79 -11.60
N ALA D 442 49.67 37.24 -12.57
CA ALA D 442 49.52 35.80 -12.71
C ALA D 442 48.79 35.49 -14.02
N PRO D 443 49.17 34.41 -14.76
CA PRO D 443 48.48 34.04 -15.99
C PRO D 443 46.97 33.90 -15.81
N VAL D 444 46.24 33.95 -16.92
CA VAL D 444 44.81 33.69 -16.93
C VAL D 444 44.55 32.25 -16.49
N ASN D 445 43.36 32.02 -15.89
CA ASN D 445 42.89 30.71 -15.49
C ASN D 445 43.90 30.04 -14.56
N THR D 446 44.36 30.78 -13.55
CA THR D 446 45.34 30.31 -12.59
C THR D 446 45.05 30.94 -11.22
N LEU D 447 44.85 30.08 -10.21
CA LEU D 447 44.66 30.50 -8.83
C LEU D 447 45.92 30.17 -8.02
N HIS D 448 46.26 31.04 -7.06
CA HIS D 448 47.41 30.86 -6.19
C HIS D 448 46.96 30.77 -4.73
N THR D 449 47.67 29.96 -3.92
CA THR D 449 47.48 29.91 -2.47
C THR D 449 48.82 29.96 -1.75
N TYR D 450 48.77 30.17 -0.43
CA TYR D 450 49.94 30.31 0.42
C TYR D 450 49.51 30.37 1.89
N TRP D 451 50.49 30.50 2.80
CA TRP D 451 50.26 30.69 4.22
C TRP D 451 50.27 32.17 4.55
N GLN D 452 49.58 32.56 5.62
CA GLN D 452 49.48 33.96 6.05
C GLN D 452 49.24 34.01 7.55
N GLN D 453 50.09 34.76 8.27
CA GLN D 453 49.87 35.01 9.68
C GLN D 453 48.88 36.15 9.86
N SER D 454 47.96 35.99 10.82
CA SER D 454 47.03 37.02 11.25
C SER D 454 47.04 37.11 12.77
N ASP D 455 46.53 38.23 13.33
CA ASP D 455 46.59 38.48 14.76
C ASP D 455 45.18 38.57 15.35
N VAL D 456 45.02 38.05 16.58
CA VAL D 456 43.75 38.09 17.29
C VAL D 456 44.03 38.39 18.77
N ASP D 457 43.21 39.28 19.35
CA ASP D 457 43.31 39.64 20.75
C ASP D 457 42.50 38.66 21.59
N LEU D 458 43.20 37.79 22.34
CA LEU D 458 42.60 36.76 23.18
C LEU D 458 42.53 37.24 24.62
N SER D 459 42.52 38.56 24.81
CA SER D 459 42.70 39.16 26.13
C SER D 459 41.46 38.92 27.00
N ARG D 460 40.28 39.06 26.38
CA ARG D 460 39.00 38.91 27.05
C ARG D 460 38.82 37.49 27.60
N GLY D 461 39.54 36.51 27.03
CA GLY D 461 39.36 35.11 27.35
C GLY D 461 40.35 34.58 28.39
N MET D 462 41.40 35.37 28.67
CA MET D 462 42.48 34.94 29.57
C MET D 462 42.16 35.34 31.01
N ASP D 463 41.50 34.43 31.74
CA ASP D 463 41.05 34.67 33.11
C ASP D 463 42.26 34.71 34.05
N PHE D 464 42.19 35.57 35.08
CA PHE D 464 43.20 35.70 36.14
C PHE D 464 44.59 35.94 35.55
N VAL D 465 44.66 36.65 34.42
CA VAL D 465 45.91 37.03 33.80
C VAL D 465 46.04 38.55 33.90
N PRO D 466 47.22 39.09 34.24
CA PRO D 466 47.43 40.54 34.27
C PRO D 466 46.80 41.22 33.05
N ARG D 467 45.95 42.22 33.29
CA ARG D 467 45.25 42.93 32.24
C ARG D 467 46.24 43.56 31.26
N GLY D 468 45.74 43.88 30.06
CA GLY D 468 46.55 44.32 28.94
C GLY D 468 46.12 43.60 27.65
N ASN D 469 46.93 43.76 26.60
CA ASN D 469 46.69 43.08 25.34
C ASN D 469 47.49 41.79 25.27
N VAL D 470 46.90 40.80 24.58
CA VAL D 470 47.51 39.49 24.39
C VAL D 470 47.18 39.05 22.95
N PHE D 471 48.07 39.41 22.01
CA PHE D 471 47.88 39.11 20.60
C PHE D 471 48.46 37.73 20.30
N ALA D 472 47.70 36.93 19.55
CA ALA D 472 48.12 35.60 19.10
C ALA D 472 48.24 35.58 17.59
N ARG D 473 49.30 34.93 17.07
CA ARG D 473 49.57 34.87 15.64
C ARG D 473 49.14 33.53 15.06
N PHE D 474 48.04 33.53 14.29
CA PHE D 474 47.54 32.37 13.58
C PHE D 474 48.18 32.27 12.20
N THR D 475 48.65 31.08 11.82
CA THR D 475 49.03 30.77 10.45
C THR D 475 47.89 29.96 9.81
N HIS D 476 47.45 30.40 8.61
CA HIS D 476 46.32 29.81 7.94
C HIS D 476 46.46 29.96 6.43
N LEU D 477 45.85 29.03 5.66
CA LEU D 477 45.81 29.09 4.21
C LEU D 477 45.21 30.42 3.77
N GLN D 478 45.73 30.97 2.66
CA GLN D 478 45.17 32.16 2.02
C GLN D 478 45.33 32.04 0.51
N HIS D 479 44.42 32.70 -0.23
CA HIS D 479 44.48 32.76 -1.68
C HIS D 479 44.64 34.21 -2.13
N ALA D 480 45.42 34.40 -3.22
CA ALA D 480 45.51 35.67 -3.92
C ALA D 480 44.13 36.09 -4.42
N PRO D 481 43.76 37.39 -4.37
CA PRO D 481 42.44 37.82 -4.85
C PRO D 481 42.34 37.53 -6.35
N PHE D 482 41.13 37.21 -6.81
CA PHE D 482 40.88 36.98 -8.23
C PHE D 482 39.48 37.47 -8.58
N GLN D 483 39.10 37.27 -9.86
CA GLN D 483 37.79 37.66 -10.35
C GLN D 483 37.42 36.80 -11.55
N TYR D 484 36.12 36.44 -11.64
CA TYR D 484 35.59 35.67 -12.76
C TYR D 484 35.16 36.65 -13.85
N VAL D 485 35.25 36.24 -15.12
CA VAL D 485 34.79 37.03 -16.26
C VAL D 485 34.01 36.12 -17.20
N ILE D 486 32.70 36.36 -17.31
CA ILE D 486 31.74 35.44 -17.92
C ILE D 486 31.10 36.11 -19.14
N GLN D 487 31.14 35.43 -20.29
CA GLN D 487 30.61 35.97 -21.56
C GLN D 487 29.27 35.33 -21.87
N ILE D 488 28.18 36.11 -21.80
CA ILE D 488 26.81 35.62 -21.92
C ILE D 488 26.10 36.37 -23.04
N ASP D 489 25.43 35.62 -23.93
CA ASP D 489 24.68 36.17 -25.06
C ASP D 489 23.18 35.99 -24.81
N ASN D 490 22.38 37.02 -25.13
CA ASN D 490 20.97 37.07 -24.78
C ASN D 490 20.08 36.51 -25.91
N THR D 491 20.21 37.09 -27.11
CA THR D 491 19.50 36.66 -28.31
C THR D 491 18.01 36.44 -28.07
N SER D 492 17.36 37.33 -27.31
CA SER D 492 15.96 37.17 -26.95
C SER D 492 15.12 38.38 -27.40
N ASP D 493 15.66 39.58 -27.17
CA ASP D 493 15.02 40.87 -27.46
C ASP D 493 14.51 41.53 -26.19
N ALA D 494 14.70 40.88 -25.03
CA ALA D 494 14.24 41.42 -23.76
C ALA D 494 15.30 41.21 -22.68
N GLN D 495 15.31 42.08 -21.66
CA GLN D 495 16.15 41.91 -20.49
C GLN D 495 15.81 40.57 -19.83
N ARG D 496 16.82 39.70 -19.69
CA ARG D 496 16.66 38.41 -19.06
C ARG D 496 17.34 38.42 -17.68
N MET D 497 16.59 37.99 -16.65
CA MET D 497 17.12 37.75 -15.32
C MET D 497 17.66 36.33 -15.25
N GLY D 498 18.77 36.14 -14.51
CA GLY D 498 19.41 34.84 -14.37
C GLY D 498 20.16 34.70 -13.07
N PHE D 499 20.24 33.46 -12.57
CA PHE D 499 21.09 33.09 -11.46
C PHE D 499 22.42 32.55 -12.01
N VAL D 500 23.53 33.15 -11.56
CA VAL D 500 24.86 32.65 -11.86
C VAL D 500 25.23 31.67 -10.75
N ARG D 501 25.48 30.41 -11.12
CA ARG D 501 25.84 29.35 -10.18
C ARG D 501 27.22 28.82 -10.53
N ILE D 502 28.20 29.03 -9.62
CA ILE D 502 29.59 28.69 -9.90
C ILE D 502 30.06 27.62 -8.92
N PHE D 503 30.47 26.47 -9.48
CA PHE D 503 31.09 25.39 -8.72
C PHE D 503 32.48 25.12 -9.29
N MET D 504 33.32 24.40 -8.50
CA MET D 504 34.64 23.97 -8.93
C MET D 504 34.91 22.57 -8.38
N ALA D 505 35.42 21.67 -9.24
CA ALA D 505 35.75 20.30 -8.88
C ALA D 505 37.15 19.96 -9.38
N PRO D 506 37.73 18.80 -9.01
CA PRO D 506 38.95 18.31 -9.67
C PRO D 506 38.67 17.93 -11.12
N LYS D 507 39.71 18.00 -11.97
CA LYS D 507 39.58 17.74 -13.39
C LYS D 507 39.67 16.22 -13.68
N ASN D 508 40.77 15.55 -13.29
CA ASN D 508 41.02 14.17 -13.73
C ASN D 508 40.97 13.21 -12.54
N ASP D 509 41.14 11.92 -12.81
CA ASP D 509 40.94 10.86 -11.83
C ASP D 509 42.30 10.38 -11.34
N GLU D 510 42.36 9.14 -10.81
CA GLU D 510 43.53 8.47 -10.30
C GLU D 510 44.45 8.05 -11.45
N ARG D 511 43.84 7.79 -12.62
CA ARG D 511 44.57 7.24 -13.76
C ARG D 511 45.05 8.38 -14.67
N GLY D 512 44.50 9.59 -14.47
CA GLY D 512 44.92 10.77 -15.23
C GLY D 512 44.02 11.08 -16.44
N GLN D 513 42.80 10.51 -16.44
CA GLN D 513 41.81 10.74 -17.48
C GLN D 513 40.80 11.79 -16.95
N PRO D 514 40.03 12.45 -17.83
CA PRO D 514 38.84 13.21 -17.41
C PRO D 514 37.87 12.42 -16.54
N MET D 515 37.63 12.90 -15.32
CA MET D 515 36.68 12.30 -14.40
C MET D 515 35.30 12.14 -15.05
N LEU D 516 34.60 11.04 -14.70
CA LEU D 516 33.25 10.82 -15.19
C LEU D 516 32.26 11.60 -14.32
N PHE D 517 31.05 11.83 -14.84
CA PHE D 517 30.09 12.69 -14.17
C PHE D 517 29.69 12.08 -12.83
N ARG D 518 29.23 10.82 -12.87
CA ARG D 518 28.82 10.08 -11.67
C ARG D 518 29.76 10.32 -10.49
N ASP D 519 31.07 10.35 -10.77
CA ASP D 519 32.09 10.60 -9.77
C ASP D 519 32.17 12.10 -9.47
N GLN D 520 32.40 12.89 -10.54
CA GLN D 520 32.76 14.30 -10.42
C GLN D 520 31.63 15.13 -9.81
N ARG D 521 30.37 14.74 -10.01
CA ARG D 521 29.23 15.53 -9.57
C ARG D 521 29.29 15.71 -8.04
N LEU D 522 29.86 14.74 -7.33
CA LEU D 522 29.89 14.73 -5.87
C LEU D 522 31.10 15.49 -5.32
N PHE D 523 31.99 15.96 -6.21
CA PHE D 523 33.21 16.64 -5.79
C PHE D 523 33.16 18.13 -6.13
N MET D 524 32.06 18.57 -6.76
CA MET D 524 31.85 19.98 -7.09
C MET D 524 31.58 20.77 -5.81
N VAL D 525 32.41 21.79 -5.53
CA VAL D 525 32.23 22.68 -4.40
C VAL D 525 31.65 24.00 -4.90
N GLU D 526 30.59 24.49 -4.26
CA GLU D 526 29.98 25.76 -4.63
C GLU D 526 30.97 26.89 -4.36
N MET D 527 31.10 27.82 -5.32
CA MET D 527 32.04 28.93 -5.24
C MET D 527 31.32 30.28 -5.21
N ASP D 528 30.11 30.35 -5.80
CA ASP D 528 29.33 31.58 -5.81
C ASP D 528 27.95 31.31 -6.41
N LYS D 529 26.97 32.14 -6.02
CA LYS D 529 25.63 32.13 -6.58
C LYS D 529 25.01 33.52 -6.41
N PHE D 530 24.79 34.24 -7.52
CA PHE D 530 24.32 35.62 -7.49
C PHE D 530 23.41 35.92 -8.69
N LEU D 531 22.53 36.93 -8.49
CA LEU D 531 21.55 37.36 -9.46
C LEU D 531 22.17 38.37 -10.43
N VAL D 532 21.83 38.26 -11.73
CA VAL D 532 22.39 39.12 -12.75
C VAL D 532 21.31 39.48 -13.78
N ALA D 533 21.32 40.75 -14.23
CA ALA D 533 20.45 41.27 -15.27
C ALA D 533 21.21 41.34 -16.60
N LEU D 534 20.67 40.69 -17.64
CA LEU D 534 21.35 40.59 -18.92
C LEU D 534 20.61 41.44 -19.95
N ARG D 535 21.36 42.34 -20.63
CA ARG D 535 20.81 43.16 -21.72
C ARG D 535 20.77 42.32 -22.99
N PRO D 536 19.85 42.61 -23.95
CA PRO D 536 19.88 41.94 -25.26
C PRO D 536 21.25 42.00 -25.92
N GLY D 537 21.57 40.97 -26.72
CA GLY D 537 22.88 40.85 -27.33
C GLY D 537 23.91 40.23 -26.39
N ALA D 538 25.05 40.91 -26.22
CA ALA D 538 26.20 40.36 -25.50
C ALA D 538 26.36 41.06 -24.15
N ASN D 539 26.79 40.29 -23.15
CA ASN D 539 27.02 40.79 -21.79
C ASN D 539 28.34 40.25 -21.26
N ARG D 540 29.19 41.14 -20.70
CA ARG D 540 30.41 40.74 -20.02
C ARG D 540 30.19 40.91 -18.53
N ILE D 541 30.04 39.78 -17.83
CA ILE D 541 29.82 39.78 -16.38
C ILE D 541 31.17 39.58 -15.69
N ARG D 542 31.43 40.41 -14.67
CA ARG D 542 32.63 40.32 -13.87
C ARG D 542 32.21 40.24 -12.41
N ARG D 543 32.88 39.35 -11.65
CA ARG D 543 32.57 39.07 -10.26
C ARG D 543 33.88 38.84 -9.50
N ARG D 544 34.07 39.58 -8.40
CA ARG D 544 35.26 39.45 -7.57
C ARG D 544 35.11 38.26 -6.63
N SER D 545 36.24 37.67 -6.24
CA SER D 545 36.30 36.54 -5.31
C SER D 545 35.70 36.94 -3.96
N ASN D 546 35.86 38.21 -3.58
CA ASN D 546 35.46 38.69 -2.27
C ASN D 546 33.96 39.00 -2.22
N GLU D 547 33.27 38.93 -3.36
CA GLU D 547 31.82 39.14 -3.42
C GLU D 547 31.06 37.82 -3.23
N SER D 548 31.78 36.71 -3.03
CA SER D 548 31.20 35.37 -2.99
C SER D 548 30.09 35.29 -1.93
N THR D 549 28.99 34.61 -2.29
CA THR D 549 27.84 34.41 -1.43
C THR D 549 28.00 33.15 -0.58
N VAL D 550 29.11 32.42 -0.77
CA VAL D 550 29.44 31.25 0.06
C VAL D 550 30.24 31.68 1.28
N THR D 551 30.84 32.88 1.22
CA THR D 551 31.95 33.27 2.08
C THR D 551 31.54 34.45 2.97
N ILE D 552 32.27 34.71 4.07
CA ILE D 552 32.20 36.01 4.75
C ILE D 552 33.62 36.49 5.00
N PRO D 553 33.86 37.83 4.98
CA PRO D 553 35.21 38.40 5.11
C PRO D 553 35.96 38.05 6.40
N PHE D 554 37.28 38.17 6.30
CA PHE D 554 38.19 38.09 7.42
C PHE D 554 37.63 38.78 8.65
N GLU D 555 37.27 40.07 8.52
CA GLU D 555 36.91 40.91 9.65
C GLU D 555 35.89 40.25 10.58
N ARG D 556 34.94 39.51 9.98
CA ARG D 556 33.88 38.91 10.79
C ARG D 556 34.44 37.77 11.63
N THR D 557 35.23 36.92 11.00
CA THR D 557 35.78 35.71 11.58
C THR D 557 36.99 36.03 12.44
N PHE D 558 37.37 37.28 12.74
CA PHE D 558 38.35 37.54 13.76
C PHE D 558 37.80 38.65 14.66
N ARG D 559 36.79 39.37 14.17
CA ARG D 559 36.19 40.51 14.87
C ARG D 559 37.28 41.50 15.29
N CYS D 581 26.69 33.98 9.75
CA CYS D 581 28.10 33.78 9.33
C CYS D 581 28.20 32.56 8.42
N GLY D 582 29.16 32.64 7.48
CA GLY D 582 29.37 31.61 6.47
C GLY D 582 30.76 30.97 6.58
N TRP D 583 31.26 30.58 5.41
CA TRP D 583 32.52 29.86 5.24
C TRP D 583 33.68 30.86 5.22
N PRO D 584 34.80 30.61 5.92
CA PRO D 584 35.91 31.58 5.95
C PRO D 584 36.46 31.88 4.56
N ALA D 585 36.72 33.16 4.31
CA ALA D 585 37.08 33.67 2.99
C ALA D 585 38.41 33.08 2.53
N HIS D 586 39.36 32.96 3.45
CA HIS D 586 40.71 32.49 3.12
C HIS D 586 40.71 31.01 2.76
N MET D 587 39.59 30.31 3.01
CA MET D 587 39.46 28.89 2.73
C MET D 587 38.61 28.65 1.48
N LEU D 588 38.30 29.72 0.73
CA LEU D 588 37.44 29.65 -0.45
C LEU D 588 38.05 28.78 -1.54
N VAL D 589 39.37 28.87 -1.71
CA VAL D 589 40.09 28.13 -2.75
C VAL D 589 40.80 26.96 -2.10
N PRO D 590 40.67 25.74 -2.65
CA PRO D 590 41.53 24.61 -2.26
C PRO D 590 43.01 24.98 -2.36
N LYS D 591 43.86 24.20 -1.67
CA LYS D 591 45.27 24.51 -1.56
C LYS D 591 45.95 24.33 -2.91
N GLY D 592 45.64 23.24 -3.63
CA GLY D 592 46.36 22.87 -4.83
C GLY D 592 47.76 22.36 -4.49
N LEU D 593 48.59 22.20 -5.53
CA LEU D 593 49.94 21.66 -5.40
C LEU D 593 50.96 22.72 -5.79
N PRO D 594 52.25 22.59 -5.39
CA PRO D 594 53.30 23.45 -5.91
C PRO D 594 53.46 23.32 -7.42
N GLU D 595 53.31 22.09 -7.94
CA GLU D 595 53.44 21.79 -9.36
C GLU D 595 52.15 22.16 -10.11
N GLY D 596 51.13 22.63 -9.39
CA GLY D 596 49.85 22.96 -9.99
C GLY D 596 48.87 21.79 -9.94
N PHE D 597 47.61 22.08 -9.54
CA PHE D 597 46.58 21.07 -9.45
C PHE D 597 45.47 21.39 -10.45
N PRO D 598 45.18 20.49 -11.42
CA PRO D 598 44.16 20.75 -12.44
C PRO D 598 42.72 20.60 -11.93
N ALA D 599 41.88 21.56 -12.31
CA ALA D 599 40.52 21.69 -11.81
C ALA D 599 39.59 22.23 -12.91
N ASP D 600 38.35 21.72 -12.95
CA ASP D 600 37.31 22.22 -13.83
C ASP D 600 36.46 23.28 -13.12
N LEU D 601 36.51 24.52 -13.62
CA LEU D 601 35.61 25.58 -13.19
C LEU D 601 34.35 25.53 -14.03
N PHE D 602 33.18 25.53 -13.37
CA PHE D 602 31.90 25.40 -14.03
C PHE D 602 30.98 26.55 -13.64
N VAL D 603 30.25 27.09 -14.62
CA VAL D 603 29.26 28.12 -14.39
C VAL D 603 27.97 27.72 -15.13
N MET D 604 26.83 28.06 -14.50
CA MET D 604 25.51 27.87 -15.09
C MET D 604 24.69 29.13 -14.83
N VAL D 605 23.94 29.55 -15.87
CA VAL D 605 22.96 30.62 -15.74
C VAL D 605 21.58 29.98 -15.86
N SER D 606 20.84 29.96 -14.75
CA SER D 606 19.49 29.42 -14.73
C SER D 606 18.48 30.57 -14.81
N ASN D 607 17.23 30.24 -15.16
CA ASN D 607 16.17 31.21 -15.35
C ASN D 607 15.63 31.65 -13.99
N TYR D 608 16.04 32.86 -13.55
CA TYR D 608 15.75 33.37 -12.21
C TYR D 608 14.26 33.45 -11.96
N GLU D 609 13.44 33.57 -13.02
CA GLU D 609 12.00 33.69 -12.87
C GLU D 609 11.43 32.42 -12.24
N ASP D 610 11.96 31.26 -12.65
CA ASP D 610 11.59 29.98 -12.05
C ASP D 610 12.22 29.81 -10.67
N ASP D 611 13.46 30.28 -10.50
CA ASP D 611 14.24 30.06 -9.29
C ASP D 611 13.90 31.09 -8.21
N ARG D 612 13.20 32.17 -8.58
CA ARG D 612 12.92 33.29 -7.70
C ARG D 612 12.07 32.86 -6.51
N VAL D 613 12.32 33.50 -5.36
CA VAL D 613 11.53 33.32 -4.14
C VAL D 613 11.14 34.71 -3.65
N VAL D 614 9.97 35.22 -4.08
CA VAL D 614 9.74 36.67 -4.15
C VAL D 614 10.73 37.35 -3.16
N GLN D 615 10.25 37.92 -2.05
CA GLN D 615 11.03 38.20 -0.86
C GLN D 615 11.80 39.51 -0.97
N ASP D 616 11.90 40.24 0.15
CA ASP D 616 12.52 41.55 0.26
C ASP D 616 13.80 41.34 1.06
N TYR D 627 25.59 34.38 2.30
CA TYR D 627 24.32 33.59 2.10
C TYR D 627 24.70 32.10 2.15
N CYS D 628 24.40 31.33 1.09
CA CYS D 628 24.71 29.91 1.05
C CYS D 628 24.05 29.23 2.24
N GLY D 629 24.85 28.53 3.06
CA GLY D 629 24.35 27.85 4.24
C GLY D 629 23.44 28.70 5.14
N VAL D 630 23.93 29.86 5.62
CA VAL D 630 23.25 30.61 6.67
C VAL D 630 22.49 31.77 6.02
N ARG D 631 21.16 31.72 5.86
CA ARG D 631 20.35 32.89 5.58
C ARG D 631 19.28 32.99 6.65
N ASP D 632 19.06 34.21 7.21
CA ASP D 632 18.12 34.39 8.30
C ASP D 632 16.69 34.25 7.80
N ARG D 633 16.39 34.86 6.66
CA ARG D 633 15.08 34.82 6.02
C ARG D 633 14.89 33.43 5.42
N LEU D 634 13.74 33.19 4.74
CA LEU D 634 13.55 32.00 3.93
C LEU D 634 14.63 31.90 2.87
N TYR D 635 14.85 30.71 2.32
CA TYR D 635 16.04 30.49 1.50
C TYR D 635 15.77 30.97 0.09
N PRO D 636 16.62 31.87 -0.47
CA PRO D 636 16.26 32.60 -1.70
C PRO D 636 16.44 31.89 -3.03
N ASP D 637 16.06 30.61 -3.11
CA ASP D 637 16.29 29.80 -4.28
C ASP D 637 15.39 28.58 -4.28
N ARG D 638 14.48 28.48 -5.25
CA ARG D 638 13.51 27.39 -5.30
C ARG D 638 14.19 26.07 -5.65
N LYS D 639 15.31 26.14 -6.37
CA LYS D 639 16.04 24.95 -6.80
C LYS D 639 16.66 24.25 -5.59
N ALA D 640 16.88 22.93 -5.73
CA ALA D 640 17.50 22.13 -4.67
C ALA D 640 18.90 22.63 -4.41
N MET D 641 19.42 22.42 -3.19
CA MET D 641 20.75 22.89 -2.83
C MET D 641 21.79 21.96 -3.45
N GLY D 642 22.73 22.55 -4.20
CA GLY D 642 23.66 21.82 -5.05
C GLY D 642 23.32 21.96 -6.55
N PHE D 643 22.12 22.36 -6.83
CA PHE D 643 21.29 22.33 -7.98
C PHE D 643 21.80 21.44 -9.12
N PRO D 644 22.63 21.88 -10.09
CA PRO D 644 22.82 21.07 -11.29
C PRO D 644 23.35 19.65 -11.02
N PHE D 645 24.13 19.48 -9.95
CA PHE D 645 24.79 18.22 -9.67
C PHE D 645 24.19 17.39 -8.54
N ASP D 646 23.04 17.76 -7.95
CA ASP D 646 22.53 16.96 -6.84
C ASP D 646 21.97 15.63 -7.33
N ARG D 647 21.48 15.58 -8.59
CA ARG D 647 20.84 14.39 -9.13
C ARG D 647 21.72 13.72 -10.17
N LEU D 648 21.34 12.47 -10.51
CA LEU D 648 22.03 11.68 -11.51
C LEU D 648 21.88 12.31 -12.89
N ALA D 649 22.75 11.88 -13.81
CA ALA D 649 22.76 12.35 -15.18
C ALA D 649 21.57 11.77 -15.94
N ARG D 650 21.06 12.53 -16.91
CA ARG D 650 20.10 12.05 -17.89
C ARG D 650 20.82 11.10 -18.87
N THR D 651 20.04 10.24 -19.55
CA THR D 651 20.61 9.21 -20.42
C THR D 651 21.53 9.87 -21.45
N GLY D 652 22.62 9.19 -21.81
CA GLY D 652 23.54 9.68 -22.82
C GLY D 652 24.69 10.49 -22.23
N VAL D 653 24.43 11.20 -21.12
CA VAL D 653 25.46 11.99 -20.44
C VAL D 653 26.40 11.04 -19.70
N ASP D 654 27.68 11.42 -19.66
CA ASP D 654 28.77 10.53 -19.27
C ASP D 654 29.89 11.30 -18.56
N ARG D 655 30.18 12.53 -19.02
CA ARG D 655 31.15 13.40 -18.39
C ARG D 655 30.67 14.86 -18.48
N LEU D 656 31.34 15.77 -17.78
CA LEU D 656 30.86 17.14 -17.63
C LEU D 656 30.68 17.80 -18.99
N SER D 657 31.64 17.53 -19.89
CA SER D 657 31.73 18.21 -21.18
C SER D 657 30.57 17.83 -22.11
N ASN D 658 29.77 16.82 -21.76
CA ASN D 658 28.57 16.49 -22.53
C ASN D 658 27.31 16.56 -21.66
N PHE D 659 27.48 16.88 -20.37
CA PHE D 659 26.36 17.23 -19.51
C PHE D 659 25.88 18.64 -19.83
N VAL D 660 26.82 19.49 -20.27
CA VAL D 660 26.63 20.92 -20.42
C VAL D 660 25.49 21.23 -21.39
N THR D 661 24.72 22.29 -21.07
CA THR D 661 23.78 22.94 -21.97
C THR D 661 24.38 24.27 -22.43
N PRO D 662 23.82 24.94 -23.47
CA PRO D 662 24.32 26.25 -23.91
C PRO D 662 24.54 27.28 -22.80
N ASN D 663 23.63 27.31 -21.82
CA ASN D 663 23.66 28.30 -20.75
C ASN D 663 24.64 27.90 -19.64
N MET D 664 25.50 26.90 -19.92
CA MET D 664 26.61 26.52 -19.06
C MET D 664 27.94 26.65 -19.81
N ALA D 665 29.03 26.69 -19.03
CA ALA D 665 30.40 26.74 -19.55
C ALA D 665 31.37 26.05 -18.58
N ILE D 666 32.40 25.42 -19.14
CA ILE D 666 33.46 24.76 -18.38
C ILE D 666 34.78 25.49 -18.67
N GLN D 667 35.72 25.47 -17.72
CA GLN D 667 37.03 26.06 -17.94
C GLN D 667 38.09 25.31 -17.12
N SER D 668 39.19 24.92 -17.77
CA SER D 668 40.34 24.34 -17.08
C SER D 668 41.05 25.42 -16.26
N VAL D 669 41.09 25.22 -14.94
CA VAL D 669 41.84 26.08 -14.03
C VAL D 669 43.00 25.28 -13.46
N ASN D 670 44.07 25.96 -13.04
CA ASN D 670 45.22 25.35 -12.41
C ASN D 670 45.46 26.03 -11.06
N VAL D 671 45.50 25.25 -9.99
CA VAL D 671 45.63 25.75 -8.63
C VAL D 671 47.06 25.51 -8.16
N ILE D 672 47.81 26.61 -7.95
CA ILE D 672 49.21 26.55 -7.54
C ILE D 672 49.33 27.01 -6.08
N HIS D 673 49.96 26.16 -5.25
CA HIS D 673 50.34 26.54 -3.90
C HIS D 673 51.80 27.01 -3.90
N ILE D 674 52.12 27.90 -2.95
CA ILE D 674 53.48 28.37 -2.72
C ILE D 674 53.72 28.36 -1.21
N ASP D 675 54.68 27.57 -0.74
CA ASP D 675 54.95 27.43 0.69
C ASP D 675 55.77 28.63 1.16
N LYS D 676 55.06 29.74 1.44
CA LYS D 676 55.64 30.97 1.94
C LYS D 676 54.62 31.65 2.85
N THR D 677 55.09 32.50 3.78
CA THR D 677 54.20 33.18 4.71
C THR D 677 54.16 34.66 4.38
N VAL D 678 53.04 35.12 3.82
CA VAL D 678 52.78 36.51 3.49
C VAL D 678 52.26 37.21 4.75
N PRO D 679 52.50 38.52 4.94
CA PRO D 679 51.86 39.28 6.03
C PRO D 679 50.45 39.73 5.68
N ARG D 680 49.76 40.29 6.68
CA ARG D 680 48.34 40.62 6.58
C ARG D 680 48.12 41.97 5.88
N THR D 681 49.09 42.89 6.05
CA THR D 681 48.99 44.26 5.56
C THR D 681 47.60 44.79 5.82
N MET E 1 -12.75 -41.03 44.94
CA MET E 1 -12.58 -42.50 45.14
C MET E 1 -11.09 -42.80 45.36
N ASN E 2 -10.74 -44.09 45.35
CA ASN E 2 -9.38 -44.56 45.50
C ASN E 2 -8.54 -44.15 44.29
N TYR E 3 -9.15 -44.22 43.09
CA TYR E 3 -8.45 -43.99 41.83
C TYR E 3 -7.55 -42.77 41.90
N LYS E 4 -8.06 -41.66 42.46
CA LYS E 4 -7.30 -40.44 42.61
C LYS E 4 -6.00 -40.71 43.37
N LYS E 5 -6.08 -41.50 44.46
CA LYS E 5 -4.92 -41.81 45.29
C LYS E 5 -3.98 -42.81 44.60
N ASN E 6 -4.51 -43.61 43.65
CA ASN E 6 -3.75 -44.67 42.99
C ASN E 6 -2.83 -44.10 41.91
N LEU E 7 -3.24 -42.98 41.31
CA LEU E 7 -2.44 -42.31 40.30
C LEU E 7 -1.17 -41.72 40.93
N LEU E 8 -1.32 -41.21 42.17
CA LEU E 8 -0.21 -40.63 42.91
C LEU E 8 0.91 -41.66 43.12
N LEU E 9 0.58 -42.96 43.05
CA LEU E 9 1.57 -44.01 43.21
C LEU E 9 2.46 -44.12 41.97
N LEU E 10 2.01 -43.58 40.83
CA LEU E 10 2.80 -43.58 39.62
C LEU E 10 4.03 -42.70 39.79
N TYR E 11 3.90 -41.62 40.58
CA TYR E 11 4.99 -40.68 40.84
C TYR E 11 6.07 -41.32 41.71
N ASP E 12 5.74 -42.44 42.37
CA ASP E 12 6.65 -43.09 43.28
C ASP E 12 7.71 -43.85 42.47
N ARG E 13 8.99 -43.61 42.80
CA ARG E 13 10.13 -44.32 42.23
C ARG E 13 10.01 -44.42 40.71
N PRO E 14 10.28 -43.32 39.97
CA PRO E 14 9.93 -43.24 38.54
C PRO E 14 10.58 -44.26 37.61
N ARG E 15 11.75 -44.77 38.00
CA ARG E 15 12.52 -45.66 37.14
C ARG E 15 12.37 -47.12 37.57
N GLU E 16 11.88 -47.38 38.79
CA GLU E 16 11.49 -48.73 39.17
C GLU E 16 10.25 -49.12 38.36
N PRO E 17 10.26 -50.28 37.65
CA PRO E 17 9.08 -50.75 36.92
C PRO E 17 7.81 -50.75 37.78
N ILE E 18 6.66 -50.57 37.12
CA ILE E 18 5.41 -50.31 37.83
C ILE E 18 4.94 -51.55 38.60
N PHE E 19 5.51 -52.73 38.26
CA PHE E 19 5.14 -53.98 38.89
C PHE E 19 5.95 -54.25 40.16
N MET E 20 6.81 -53.31 40.58
CA MET E 20 7.68 -53.54 41.73
C MET E 20 7.00 -53.15 43.05
N GLY E 21 5.92 -52.34 42.97
CA GLY E 21 5.15 -52.04 44.17
C GLY E 21 5.63 -50.81 44.93
N LYS E 22 4.72 -49.84 45.10
CA LYS E 22 5.00 -48.53 45.68
C LYS E 22 4.25 -48.41 47.01
N GLY E 23 4.92 -47.97 48.08
CA GLY E 23 4.31 -47.78 49.38
C GLY E 23 3.78 -49.10 49.92
N LYS E 24 2.50 -49.12 50.33
CA LYS E 24 1.87 -50.32 50.86
C LYS E 24 1.00 -51.01 49.80
N SER E 25 1.30 -50.76 48.51
CA SER E 25 0.47 -51.23 47.41
C SER E 25 1.34 -51.83 46.31
N VAL E 26 0.69 -52.46 45.33
CA VAL E 26 1.32 -53.02 44.14
C VAL E 26 0.26 -53.15 43.06
N PHE E 27 0.67 -53.03 41.78
CA PHE E 27 -0.26 -53.12 40.66
C PHE E 27 -0.27 -54.53 40.10
N ASP E 28 -1.47 -55.01 39.74
CA ASP E 28 -1.68 -56.33 39.16
C ASP E 28 -1.80 -56.18 37.64
N VAL E 29 -0.65 -56.02 36.99
CA VAL E 29 -0.58 -55.58 35.60
C VAL E 29 -0.80 -56.78 34.68
N PRO E 30 -1.63 -56.65 33.60
CA PRO E 30 -1.67 -57.65 32.54
C PRO E 30 -0.28 -57.97 31.97
N ASP E 31 -0.18 -59.09 31.25
CA ASP E 31 1.10 -59.51 30.66
C ASP E 31 1.36 -58.72 29.37
N ASN E 32 0.30 -58.24 28.72
CA ASN E 32 0.46 -57.41 27.52
C ASN E 32 0.80 -55.98 27.93
N TYR E 33 0.83 -55.70 29.25
CA TYR E 33 1.25 -54.43 29.80
C TYR E 33 2.74 -54.48 30.18
N LEU E 34 3.33 -55.67 30.27
CA LEU E 34 4.75 -55.83 30.55
C LEU E 34 5.60 -55.38 29.35
N THR E 35 6.79 -54.82 29.63
CA THR E 35 7.67 -54.32 28.60
C THR E 35 8.33 -55.50 27.87
N ASP E 36 8.72 -55.25 26.62
CA ASP E 36 9.29 -56.26 25.74
C ASP E 36 10.51 -56.94 26.39
N ARG E 37 11.27 -56.15 27.18
CA ARG E 37 12.47 -56.66 27.83
C ARG E 37 12.09 -57.71 28.87
N TYR E 38 11.02 -57.43 29.63
CA TYR E 38 10.69 -58.19 30.83
C TYR E 38 9.56 -59.18 30.58
N ARG E 39 8.76 -58.98 29.51
CA ARG E 39 7.61 -59.83 29.24
C ARG E 39 8.04 -61.29 29.13
N PRO E 40 9.12 -61.66 28.38
CA PRO E 40 9.52 -63.06 28.28
C PRO E 40 9.89 -63.80 29.57
N ILE E 41 10.01 -63.07 30.70
CA ILE E 41 10.20 -63.72 31.99
C ILE E 41 9.29 -63.06 33.03
N GLY E 42 8.15 -62.53 32.57
CA GLY E 42 7.19 -61.82 33.42
C GLY E 42 6.77 -62.66 34.63
N PRO E 43 6.30 -63.92 34.42
CA PRO E 43 5.93 -64.81 35.53
C PRO E 43 6.91 -64.88 36.70
N GLU E 44 8.22 -64.87 36.41
CA GLU E 44 9.24 -65.03 37.43
C GLU E 44 9.39 -63.75 38.25
N ILE E 45 8.97 -62.62 37.68
CA ILE E 45 9.20 -61.30 38.25
C ILE E 45 8.01 -60.89 39.11
N GLN E 46 6.81 -60.85 38.50
CA GLN E 46 5.55 -60.63 39.19
C GLN E 46 5.48 -61.44 40.46
N ASN E 47 6.03 -62.66 40.43
CA ASN E 47 6.09 -63.55 41.58
C ASN E 47 7.09 -63.03 42.63
N ARG E 48 8.26 -62.62 42.17
CA ARG E 48 9.41 -62.23 42.97
C ARG E 48 9.11 -60.99 43.82
N PHE E 49 8.29 -60.07 43.30
CA PHE E 49 7.99 -58.82 43.97
C PHE E 49 6.58 -58.81 44.56
N GLY E 50 5.83 -59.92 44.36
CA GLY E 50 4.52 -60.10 44.96
C GLY E 50 4.57 -60.14 46.49
N GLU E 51 5.72 -60.57 47.05
CA GLU E 51 5.91 -60.75 48.49
C GLU E 51 5.88 -59.40 49.23
N LEU E 52 5.47 -59.43 50.50
CA LEU E 52 5.47 -58.30 51.42
C LEU E 52 4.49 -57.18 51.05
N ALA E 53 3.55 -57.45 50.15
CA ALA E 53 2.68 -56.40 49.60
C ALA E 53 1.26 -56.48 50.18
N GLU E 54 0.78 -55.35 50.73
CA GLU E 54 -0.45 -55.36 51.52
C GLU E 54 -1.66 -55.46 50.59
N GLU E 55 -1.83 -54.45 49.79
CA GLU E 55 -2.99 -54.23 48.93
C GLU E 55 -2.55 -54.49 47.50
N ARG E 56 -3.51 -54.81 46.60
CA ARG E 56 -3.22 -55.10 45.20
C ARG E 56 -4.23 -54.38 44.32
N ILE E 57 -3.75 -53.45 43.48
CA ILE E 57 -4.59 -52.66 42.62
C ILE E 57 -4.77 -53.40 41.30
N PRO E 58 -6.02 -53.75 40.90
CA PRO E 58 -6.28 -54.35 39.60
C PRO E 58 -6.22 -53.29 38.50
N VAL E 59 -5.96 -53.70 37.26
CA VAL E 59 -5.95 -52.80 36.13
C VAL E 59 -6.55 -53.52 34.91
N ARG E 60 -7.62 -52.96 34.35
CA ARG E 60 -8.33 -53.54 33.22
C ARG E 60 -7.56 -53.24 31.93
N SER E 61 -7.48 -54.22 31.01
CA SER E 61 -6.86 -54.07 29.72
C SER E 61 -7.77 -53.32 28.74
N ILE E 62 -7.32 -52.14 28.28
CA ILE E 62 -8.11 -51.27 27.43
C ILE E 62 -7.43 -51.20 26.05
N ALA E 63 -7.96 -50.33 25.17
CA ALA E 63 -7.54 -50.24 23.78
C ALA E 63 -6.14 -49.63 23.66
N LEU E 64 -6.00 -48.40 24.17
CA LEU E 64 -4.74 -47.66 24.19
C LEU E 64 -4.43 -47.11 22.79
N PRO E 65 -4.46 -45.78 22.57
CA PRO E 65 -4.07 -45.20 21.28
C PRO E 65 -2.65 -45.62 20.89
N ASP E 66 -2.25 -45.36 19.64
CA ASP E 66 -0.86 -45.54 19.24
C ASP E 66 0.00 -44.62 20.10
N LEU E 67 1.04 -45.19 20.73
CA LEU E 67 1.95 -44.46 21.60
C LEU E 67 3.32 -44.31 20.93
N ARG E 68 3.33 -44.32 19.60
CA ARG E 68 4.55 -44.18 18.81
C ARG E 68 5.24 -42.86 19.16
N ILE E 69 4.52 -41.75 19.01
CA ILE E 69 5.09 -40.42 19.18
C ILE E 69 5.64 -40.30 20.61
N PRO E 70 4.82 -40.52 21.68
CA PRO E 70 5.34 -40.54 23.05
C PRO E 70 6.59 -41.39 23.29
N MET E 71 6.70 -42.50 22.56
CA MET E 71 7.81 -43.43 22.73
C MET E 71 9.01 -43.03 21.87
N SER E 72 8.86 -42.02 21.00
CA SER E 72 9.95 -41.64 20.11
C SER E 72 11.17 -41.19 20.92
N LEU E 73 10.94 -40.40 21.99
CA LEU E 73 11.99 -39.94 22.90
C LEU E 73 12.57 -41.14 23.65
N GLY E 74 13.90 -41.27 23.63
CA GLY E 74 14.59 -42.33 24.36
C GLY E 74 14.30 -42.30 25.86
N ARG E 75 14.49 -43.43 26.54
CA ARG E 75 14.22 -43.53 27.97
C ARG E 75 15.36 -42.92 28.79
N GLN E 76 16.58 -43.01 28.26
CA GLN E 76 17.75 -42.52 28.96
C GLN E 76 18.16 -41.15 28.44
N GLU E 77 17.20 -40.43 27.82
CA GLU E 77 17.42 -39.11 27.27
C GLU E 77 16.84 -38.06 28.23
N GLN E 78 17.31 -36.82 28.07
CA GLN E 78 16.83 -35.68 28.84
C GLN E 78 15.56 -35.17 28.15
N PHE E 79 14.71 -34.46 28.90
CA PHE E 79 13.47 -33.89 28.38
C PHE E 79 13.36 -32.42 28.78
N SER E 80 13.20 -31.56 27.76
CA SER E 80 13.02 -30.13 27.91
C SER E 80 11.89 -29.65 27.01
N LEU E 81 11.09 -28.73 27.55
CA LEU E 81 9.94 -28.19 26.84
C LEU E 81 10.35 -27.05 25.90
N PHE E 82 11.64 -26.68 25.93
CA PHE E 82 12.16 -25.60 25.11
C PHE E 82 12.49 -26.13 23.72
N ILE E 83 12.88 -27.40 23.66
CA ILE E 83 13.28 -28.06 22.42
C ILE E 83 12.05 -28.30 21.55
N PRO E 84 12.01 -27.83 20.29
CA PRO E 84 10.78 -27.87 19.47
C PRO E 84 10.13 -29.26 19.41
N ARG E 85 10.96 -30.31 19.31
CA ARG E 85 10.47 -31.66 19.04
C ARG E 85 9.79 -32.24 20.26
N HIS E 86 10.41 -32.05 21.42
CA HIS E 86 9.86 -32.51 22.69
C HIS E 86 8.45 -31.93 22.91
N ARG E 87 8.26 -30.67 22.51
CA ARG E 87 6.99 -29.98 22.68
C ARG E 87 5.88 -30.75 21.98
N LYS E 88 6.18 -31.26 20.76
CA LYS E 88 5.22 -31.98 19.95
C LYS E 88 4.92 -33.36 20.56
N ILE E 89 5.93 -33.97 21.19
CA ILE E 89 5.79 -35.27 21.82
C ILE E 89 4.94 -35.15 23.09
N ALA E 90 5.30 -34.21 23.97
CA ALA E 90 4.59 -34.02 25.22
C ALA E 90 3.14 -33.64 24.95
N ALA E 91 2.94 -32.65 24.06
CA ALA E 91 1.62 -32.13 23.73
C ALA E 91 0.71 -33.24 23.20
N ARG E 92 1.33 -34.25 22.58
CA ARG E 92 0.62 -35.40 22.05
C ARG E 92 0.24 -36.38 23.15
N LEU E 93 1.16 -36.60 24.10
CA LEU E 93 0.91 -37.48 25.23
C LEU E 93 -0.13 -36.85 26.15
N ILE E 94 0.08 -35.57 26.50
CA ILE E 94 -0.89 -34.80 27.28
C ILE E 94 -2.27 -35.03 26.68
N ASP E 95 -2.35 -35.03 25.34
CA ASP E 95 -3.57 -35.17 24.57
C ASP E 95 -4.21 -36.55 24.83
N ILE E 96 -3.39 -37.59 24.99
CA ILE E 96 -3.86 -38.94 25.24
C ILE E 96 -4.47 -39.02 26.64
N PHE E 97 -3.67 -38.71 27.66
CA PHE E 97 -4.12 -38.70 29.05
C PHE E 97 -5.36 -37.80 29.21
N MET E 98 -5.33 -36.63 28.57
CA MET E 98 -6.42 -35.67 28.61
C MET E 98 -7.68 -36.27 27.98
N GLY E 99 -7.48 -37.14 26.98
CA GLY E 99 -8.56 -37.67 26.15
C GLY E 99 -9.18 -38.95 26.70
N MET E 100 -8.72 -39.43 27.87
CA MET E 100 -9.34 -40.57 28.53
C MET E 100 -10.50 -40.04 29.40
N ARG E 101 -11.73 -40.34 28.97
CA ARG E 101 -12.97 -39.85 29.55
C ARG E 101 -13.06 -40.15 31.04
N ASN E 102 -12.69 -41.39 31.43
CA ASN E 102 -12.94 -41.90 32.78
C ASN E 102 -11.62 -41.89 33.55
N ILE E 103 -11.72 -41.81 34.89
CA ILE E 103 -10.55 -41.77 35.76
C ILE E 103 -9.98 -43.18 35.89
N GLU E 104 -10.73 -44.19 35.42
CA GLU E 104 -10.28 -45.58 35.48
C GLU E 104 -9.42 -45.91 34.26
N GLU E 105 -9.81 -45.37 33.09
CA GLU E 105 -9.06 -45.59 31.86
C GLU E 105 -7.75 -44.79 31.89
N LEU E 106 -7.78 -43.62 32.56
CA LEU E 106 -6.59 -42.81 32.76
C LEU E 106 -5.57 -43.62 33.56
N GLN E 107 -6.04 -44.38 34.55
CA GLN E 107 -5.20 -45.22 35.38
C GLN E 107 -4.61 -46.37 34.56
N SER E 108 -5.41 -46.90 33.62
CA SER E 108 -4.99 -48.03 32.81
C SER E 108 -3.97 -47.60 31.75
N CYS E 109 -4.30 -46.51 31.03
CA CYS E 109 -3.40 -45.92 30.05
C CYS E 109 -2.05 -45.60 30.69
N ALA E 110 -2.10 -44.95 31.86
CA ALA E 110 -0.92 -44.51 32.58
C ALA E 110 -0.03 -45.70 32.93
N VAL E 111 -0.63 -46.72 33.55
CA VAL E 111 0.11 -47.87 34.06
C VAL E 111 0.88 -48.55 32.93
N PHE E 112 0.26 -48.63 31.74
CA PHE E 112 0.88 -49.22 30.56
C PHE E 112 2.05 -48.36 30.10
N ALA E 113 1.75 -47.08 29.80
CA ALA E 113 2.71 -46.14 29.22
C ALA E 113 3.94 -45.97 30.11
N ARG E 114 3.72 -45.91 31.43
CA ARG E 114 4.72 -45.44 32.38
C ARG E 114 6.11 -46.01 32.12
N ASP E 115 6.20 -47.30 31.80
CA ASP E 115 7.50 -47.96 31.72
C ASP E 115 8.02 -48.02 30.27
N ARG E 116 7.37 -47.27 29.36
CA ARG E 116 7.76 -47.24 27.96
C ARG E 116 8.28 -45.87 27.54
N ILE E 117 7.91 -44.81 28.28
CA ILE E 117 8.27 -43.45 27.89
C ILE E 117 9.23 -42.86 28.93
N ASN E 118 9.86 -41.74 28.55
CA ASN E 118 10.88 -41.06 29.32
C ASN E 118 10.29 -40.57 30.65
N PRO E 119 10.84 -41.01 31.82
CA PRO E 119 10.31 -40.61 33.12
C PRO E 119 10.01 -39.12 33.29
N TYR E 120 10.97 -38.26 32.90
CA TYR E 120 10.82 -36.81 32.99
C TYR E 120 9.59 -36.36 32.20
N LEU E 121 9.42 -36.96 31.00
CA LEU E 121 8.32 -36.65 30.11
C LEU E 121 6.99 -37.12 30.70
N PHE E 122 6.97 -38.38 31.17
CA PHE E 122 5.80 -38.95 31.83
C PHE E 122 5.32 -38.02 32.95
N ASN E 123 6.24 -37.68 33.87
CA ASN E 123 5.94 -36.82 35.01
C ASN E 123 5.26 -35.53 34.56
N TYR E 124 5.80 -34.89 33.53
CA TYR E 124 5.26 -33.64 33.01
C TYR E 124 3.86 -33.89 32.45
N ALA E 125 3.75 -34.86 31.53
CA ALA E 125 2.51 -35.15 30.82
C ALA E 125 1.37 -35.47 31.79
N LEU E 126 1.69 -36.25 32.84
CA LEU E 126 0.71 -36.62 33.86
C LEU E 126 0.33 -35.39 34.67
N SER E 127 1.34 -34.72 35.25
CA SER E 127 1.15 -33.50 36.03
C SER E 127 0.18 -32.54 35.33
N VAL E 128 0.37 -32.33 34.03
CA VAL E 128 -0.45 -31.38 33.27
C VAL E 128 -1.88 -31.89 33.15
N ALA E 129 -2.03 -33.20 32.90
CA ALA E 129 -3.34 -33.82 32.73
C ALA E 129 -4.14 -33.71 34.03
N LEU E 130 -3.55 -34.20 35.12
CA LEU E 130 -4.22 -34.23 36.42
C LEU E 130 -4.65 -32.84 36.84
N LEU E 131 -3.76 -31.84 36.66
CA LEU E 131 -3.99 -30.50 37.15
C LEU E 131 -5.16 -29.83 36.42
N HIS E 132 -5.49 -30.32 35.21
CA HIS E 132 -6.40 -29.61 34.34
C HIS E 132 -7.53 -30.51 33.82
N ARG E 133 -7.74 -31.66 34.47
CA ARG E 133 -8.96 -32.42 34.31
C ARG E 133 -9.91 -32.06 35.44
N ARG E 134 -11.20 -32.36 35.28
CA ARG E 134 -12.22 -31.94 36.23
C ARG E 134 -12.40 -32.96 37.35
N ASP E 135 -12.19 -34.25 37.04
CA ASP E 135 -12.37 -35.32 38.01
C ASP E 135 -11.17 -35.39 38.97
N THR E 136 -10.00 -34.91 38.54
CA THR E 136 -8.77 -35.03 39.30
C THR E 136 -8.38 -33.68 39.89
N LYS E 137 -9.35 -32.91 40.42
CA LYS E 137 -9.08 -31.58 40.94
C LYS E 137 -8.79 -31.65 42.43
N ASN E 138 -8.10 -30.63 42.94
CA ASN E 138 -7.69 -30.50 44.34
C ASN E 138 -6.73 -31.62 44.72
N LEU E 139 -6.09 -32.25 43.73
CA LEU E 139 -5.24 -33.40 43.96
C LEU E 139 -3.82 -32.90 44.23
N ASP E 140 -3.23 -33.37 45.33
CA ASP E 140 -1.96 -32.85 45.79
C ASP E 140 -0.83 -33.66 45.14
N LEU E 141 -0.23 -33.06 44.10
CA LEU E 141 0.83 -33.72 43.34
C LEU E 141 2.13 -33.68 44.14
N PRO E 142 2.87 -34.80 44.26
CA PRO E 142 4.11 -34.83 45.04
C PRO E 142 5.14 -33.86 44.46
N SER E 143 5.92 -33.23 45.36
CA SER E 143 6.95 -32.29 44.97
C SER E 143 7.93 -32.98 44.02
N VAL E 144 8.34 -32.26 42.96
CA VAL E 144 9.17 -32.83 41.91
C VAL E 144 10.60 -33.02 42.42
N VAL E 145 10.94 -32.41 43.57
CA VAL E 145 12.20 -32.66 44.25
C VAL E 145 12.23 -34.10 44.74
N GLU E 146 11.09 -34.55 45.27
CA GLU E 146 10.98 -35.87 45.89
C GLU E 146 10.98 -36.96 44.81
N VAL E 147 10.50 -36.66 43.60
CA VAL E 147 10.44 -37.65 42.53
C VAL E 147 11.69 -37.60 41.65
N PHE E 148 12.30 -36.40 41.52
CA PHE E 148 13.48 -36.21 40.69
C PHE E 148 14.51 -35.38 41.46
N PRO E 149 15.13 -35.94 42.52
CA PRO E 149 16.10 -35.18 43.30
C PRO E 149 17.37 -34.81 42.55
N ASP E 150 17.62 -35.48 41.41
CA ASP E 150 18.84 -35.30 40.65
C ASP E 150 18.94 -33.89 40.05
N LYS E 151 17.79 -33.21 39.90
CA LYS E 151 17.72 -31.87 39.34
C LYS E 151 17.85 -30.78 40.43
N TYR E 152 18.09 -31.19 41.68
CA TYR E 152 18.01 -30.27 42.81
C TYR E 152 19.16 -30.47 43.81
N VAL E 153 20.07 -31.41 43.55
CA VAL E 153 21.03 -31.84 44.55
C VAL E 153 22.36 -32.23 43.89
N ASP E 154 23.46 -31.79 44.49
CA ASP E 154 24.80 -32.19 44.12
C ASP E 154 24.85 -33.71 43.98
N SER E 155 25.44 -34.18 42.88
CA SER E 155 25.48 -35.60 42.55
C SER E 155 26.25 -36.41 43.60
N ARG E 156 27.09 -35.73 44.40
CA ARG E 156 27.94 -36.40 45.37
C ARG E 156 27.12 -37.18 46.40
N VAL E 157 25.92 -36.70 46.74
CA VAL E 157 25.15 -37.27 47.84
C VAL E 157 24.66 -38.68 47.46
N PHE E 158 24.44 -38.91 46.16
CA PHE E 158 23.72 -40.10 45.72
C PHE E 158 24.41 -41.38 46.17
N GLU E 159 25.75 -41.40 46.12
CA GLU E 159 26.52 -42.58 46.50
C GLU E 159 26.63 -42.70 48.02
N GLN E 160 26.34 -41.61 48.74
CA GLN E 160 26.25 -41.64 50.20
C GLN E 160 24.90 -42.20 50.63
N ILE E 161 23.83 -41.79 49.94
CA ILE E 161 22.48 -42.25 50.20
C ILE E 161 22.38 -43.75 49.92
N ARG E 162 23.09 -44.22 48.90
CA ARG E 162 23.10 -45.63 48.53
C ARG E 162 23.83 -46.42 49.62
N GLU E 163 24.95 -45.86 50.11
CA GLU E 163 25.75 -46.48 51.15
C GLU E 163 24.93 -46.58 52.44
N GLU E 164 24.41 -45.43 52.88
CA GLU E 164 23.65 -45.32 54.13
C GLU E 164 22.46 -46.28 54.13
N ALA E 165 21.74 -46.36 53.01
CA ALA E 165 20.52 -47.16 52.92
C ALA E 165 20.82 -48.66 52.92
N THR E 166 22.01 -49.04 52.44
CA THR E 166 22.39 -50.44 52.31
C THR E 166 23.04 -50.94 53.60
N VAL E 167 23.86 -50.10 54.25
CA VAL E 167 24.67 -50.53 55.39
C VAL E 167 23.85 -50.44 56.68
N VAL E 168 23.27 -49.26 56.94
CA VAL E 168 22.67 -48.92 58.23
C VAL E 168 21.20 -49.33 58.25
N PRO E 169 20.70 -49.97 59.34
CA PRO E 169 19.27 -50.25 59.48
C PRO E 169 18.41 -48.98 59.63
N GLU E 170 17.19 -49.04 59.08
CA GLU E 170 16.19 -47.99 59.25
C GLU E 170 16.16 -47.51 60.70
N GLY E 171 15.77 -46.25 60.91
CA GLY E 171 15.62 -45.71 62.25
C GLY E 171 16.94 -45.17 62.80
N MET E 172 18.06 -45.80 62.43
CA MET E 172 19.39 -45.37 62.84
C MET E 172 20.08 -44.57 61.73
N ARG E 173 19.35 -44.24 60.65
CA ARG E 173 19.94 -43.56 59.51
C ARG E 173 20.14 -42.08 59.80
N MET E 174 21.36 -41.59 59.54
CA MET E 174 21.72 -40.19 59.72
C MET E 174 21.15 -39.38 58.55
N PRO E 175 20.59 -38.16 58.79
CA PRO E 175 20.16 -37.29 57.70
C PRO E 175 21.38 -36.89 56.84
N ILE E 176 21.19 -36.94 55.51
CA ILE E 176 22.23 -36.59 54.56
C ILE E 176 22.23 -35.07 54.37
N VAL E 177 23.35 -34.41 54.69
CA VAL E 177 23.46 -32.96 54.52
C VAL E 177 23.64 -32.71 53.03
N ILE E 178 22.88 -31.75 52.48
CA ILE E 178 23.01 -31.37 51.08
C ILE E 178 24.00 -30.21 50.98
N PRO E 179 25.11 -30.35 50.22
CA PRO E 179 26.09 -29.26 50.09
C PRO E 179 25.47 -27.98 49.54
N LYS E 180 25.88 -26.83 50.12
CA LYS E 180 25.50 -25.51 49.64
C LYS E 180 26.78 -24.76 49.24
N ASP E 181 26.64 -23.76 48.36
CA ASP E 181 27.76 -23.00 47.84
C ASP E 181 28.86 -23.97 47.40
N PHE E 182 28.53 -24.77 46.38
CA PHE E 182 29.34 -25.92 45.98
C PHE E 182 29.69 -25.89 44.49
N THR E 183 29.12 -24.92 43.74
CA THR E 183 29.28 -24.88 42.29
C THR E 183 30.52 -24.07 41.91
N ALA E 184 30.97 -23.16 42.79
CA ALA E 184 32.12 -22.31 42.50
C ALA E 184 32.76 -21.80 43.80
N SER E 185 34.06 -21.49 43.75
CA SER E 185 34.81 -20.96 44.88
C SER E 185 34.74 -19.43 44.88
N ASP E 186 35.53 -18.79 45.74
CA ASP E 186 35.45 -17.35 46.00
C ASP E 186 36.19 -16.54 44.94
N LEU E 187 36.96 -17.23 44.08
CA LEU E 187 37.57 -16.61 42.91
C LEU E 187 36.47 -16.12 41.96
N ASP E 188 35.34 -16.83 41.93
CA ASP E 188 34.16 -16.43 41.19
C ASP E 188 33.21 -15.71 42.14
N GLU E 189 33.05 -14.39 41.95
CA GLU E 189 32.24 -13.55 42.82
C GLU E 189 30.75 -13.94 42.72
N GLU E 190 30.38 -14.61 41.61
CA GLU E 190 29.02 -15.04 41.36
C GLU E 190 28.58 -16.10 42.36
N HIS E 191 29.54 -16.80 42.99
CA HIS E 191 29.24 -17.92 43.88
C HIS E 191 28.44 -17.45 45.09
N ARG E 192 28.43 -16.13 45.36
CA ARG E 192 27.79 -15.57 46.53
C ARG E 192 26.27 -15.70 46.45
N LEU E 193 25.73 -15.82 45.24
CA LEU E 193 24.30 -15.80 45.00
C LEU E 193 23.73 -17.22 44.96
N TRP E 194 24.50 -18.21 45.45
CA TRP E 194 24.06 -19.60 45.54
C TRP E 194 22.71 -19.72 46.23
N TYR E 195 22.51 -18.94 47.31
CA TYR E 195 21.34 -19.05 48.17
C TYR E 195 20.07 -18.62 47.44
N PHE E 196 20.22 -18.08 46.22
CA PHE E 196 19.09 -17.63 45.42
C PHE E 196 18.99 -18.47 44.16
N ARG E 197 20.08 -18.50 43.37
CA ARG E 197 20.14 -19.24 42.13
C ARG E 197 19.85 -20.72 42.37
N GLU E 198 20.47 -21.29 43.41
CA GLU E 198 20.49 -22.74 43.62
C GLU E 198 19.53 -23.17 44.73
N ASP E 199 18.78 -22.21 45.29
CA ASP E 199 17.78 -22.53 46.29
C ASP E 199 16.69 -23.41 45.70
N ILE E 200 16.36 -24.50 46.40
CA ILE E 200 15.31 -25.43 46.02
C ILE E 200 14.00 -24.68 45.76
N GLY E 201 13.67 -23.78 46.69
CA GLY E 201 12.40 -23.09 46.69
C GLY E 201 12.11 -22.39 45.36
N VAL E 202 13.05 -21.52 44.93
CA VAL E 202 12.79 -20.61 43.83
C VAL E 202 12.79 -21.41 42.52
N ASN E 203 13.58 -22.50 42.47
CA ASN E 203 13.63 -23.37 41.31
C ASN E 203 12.31 -24.12 41.15
N LEU E 204 11.68 -24.47 42.27
CA LEU E 204 10.38 -25.12 42.25
C LEU E 204 9.30 -24.16 41.79
N HIS E 205 9.36 -22.92 42.28
CA HIS E 205 8.39 -21.89 41.89
C HIS E 205 8.41 -21.69 40.38
N HIS E 206 9.62 -21.65 39.80
CA HIS E 206 9.79 -21.39 38.38
C HIS E 206 9.21 -22.55 37.58
N TRP E 207 9.60 -23.78 37.93
CA TRP E 207 9.09 -24.99 37.28
C TRP E 207 7.56 -25.02 37.28
N HIS E 208 6.97 -24.73 38.45
CA HIS E 208 5.52 -24.82 38.65
C HIS E 208 4.80 -23.73 37.87
N TRP E 209 5.35 -22.51 37.83
CA TRP E 209 4.74 -21.41 37.10
C TRP E 209 4.53 -21.80 35.64
N HIS E 210 5.52 -22.49 35.06
CA HIS E 210 5.47 -22.91 33.67
C HIS E 210 4.53 -24.11 33.50
N LEU E 211 4.25 -24.86 34.58
CA LEU E 211 3.25 -25.92 34.54
C LEU E 211 1.85 -25.35 34.32
N VAL E 212 1.49 -24.30 35.06
CA VAL E 212 0.12 -23.83 35.12
C VAL E 212 -0.12 -22.80 34.01
N TYR E 213 0.96 -22.21 33.47
CA TYR E 213 0.87 -21.31 32.33
C TYR E 213 1.79 -21.78 31.21
N PRO E 214 1.52 -22.93 30.56
CA PRO E 214 2.28 -23.34 29.38
C PRO E 214 2.02 -22.36 28.24
N PHE E 215 2.85 -22.49 27.19
CA PHE E 215 2.78 -21.61 26.03
C PHE E 215 2.41 -22.41 24.78
N GLU E 216 2.11 -23.70 24.95
CA GLU E 216 1.78 -24.59 23.83
C GLU E 216 0.93 -25.76 24.32
N ALA E 217 -0.15 -26.10 23.59
CA ALA E 217 -0.90 -27.33 23.77
C ALA E 217 -2.29 -27.23 23.12
N SER E 218 -3.14 -26.39 23.71
CA SER E 218 -4.55 -26.21 23.36
C SER E 218 -5.14 -25.16 24.30
N ASN E 219 -5.87 -24.17 23.76
CA ASN E 219 -6.30 -23.01 24.54
C ASN E 219 -7.17 -23.46 25.73
N ARG E 220 -7.95 -24.53 25.52
CA ARG E 220 -8.73 -25.15 26.57
C ARG E 220 -7.85 -26.04 27.46
N ALA E 221 -6.70 -26.47 26.92
CA ALA E 221 -5.66 -27.13 27.70
C ALA E 221 -4.66 -26.07 28.22
N ILE E 222 -5.19 -24.92 28.68
CA ILE E 222 -4.60 -24.14 29.76
C ILE E 222 -3.69 -23.06 29.19
N VAL E 223 -3.70 -22.85 27.87
CA VAL E 223 -2.74 -21.91 27.30
C VAL E 223 -3.31 -20.49 27.47
N ASP E 224 -4.63 -20.34 27.25
CA ASP E 224 -5.23 -19.02 27.24
C ASP E 224 -5.79 -18.67 28.62
N LYS E 225 -4.89 -18.30 29.54
CA LYS E 225 -5.25 -17.83 30.87
C LYS E 225 -5.22 -16.29 30.87
N ASP E 226 -6.04 -15.65 31.71
CA ASP E 226 -6.16 -14.19 31.68
C ASP E 226 -4.78 -13.56 31.88
N ARG E 227 -4.38 -12.70 30.94
CA ARG E 227 -3.21 -11.86 31.06
C ARG E 227 -1.93 -12.66 31.33
N ARG E 228 -1.83 -13.86 30.74
CA ARG E 228 -0.67 -14.71 30.94
C ARG E 228 0.58 -14.08 30.32
N GLY E 229 0.38 -13.29 29.26
CA GLY E 229 1.46 -12.53 28.65
C GLY E 229 2.05 -11.53 29.63
N GLU E 230 1.18 -10.71 30.26
CA GLU E 230 1.61 -9.74 31.23
C GLU E 230 2.24 -10.48 32.42
N LEU E 231 1.65 -11.64 32.77
CA LEU E 231 2.16 -12.45 33.87
C LEU E 231 3.62 -12.84 33.57
N PHE E 232 3.84 -13.36 32.35
CA PHE E 232 5.15 -13.78 31.90
C PHE E 232 6.15 -12.63 32.00
N TYR E 233 5.72 -11.43 31.58
CA TYR E 233 6.53 -10.23 31.70
C TYR E 233 6.88 -10.00 33.17
N TYR E 234 5.84 -9.88 34.02
CA TYR E 234 5.98 -9.37 35.37
C TYR E 234 6.73 -10.36 36.26
N MET E 235 6.29 -11.62 36.27
CA MET E 235 6.91 -12.64 37.10
C MET E 235 8.42 -12.65 36.87
N HIS E 236 8.84 -12.82 35.61
CA HIS E 236 10.25 -12.87 35.25
C HIS E 236 10.92 -11.54 35.59
N SER E 237 10.20 -10.43 35.41
CA SER E 237 10.70 -9.09 35.72
C SER E 237 10.99 -8.92 37.21
N GLN E 238 10.18 -9.57 38.05
CA GLN E 238 10.35 -9.56 39.50
C GLN E 238 11.51 -10.46 39.93
N LEU E 239 11.75 -11.55 39.18
CA LEU E 239 12.91 -12.41 39.44
C LEU E 239 14.19 -11.59 39.41
N ILE E 240 14.32 -10.69 38.43
CA ILE E 240 15.55 -9.96 38.21
C ILE E 240 15.65 -8.80 39.21
N ALA E 241 14.52 -8.18 39.53
CA ALA E 241 14.44 -7.16 40.56
C ALA E 241 14.93 -7.70 41.90
N ARG E 242 14.47 -8.92 42.24
CA ARG E 242 14.87 -9.60 43.46
C ARG E 242 16.33 -10.03 43.39
N TYR E 243 16.77 -10.49 42.20
CA TYR E 243 18.15 -10.92 41.97
C TYR E 243 19.07 -9.71 42.14
N ASN E 244 18.70 -8.60 41.50
CA ASN E 244 19.49 -7.37 41.54
C ASN E 244 19.59 -6.86 42.99
N PHE E 245 18.54 -7.08 43.78
CA PHE E 245 18.55 -6.73 45.20
C PHE E 245 19.63 -7.57 45.89
N GLU E 246 19.54 -8.89 45.71
CA GLU E 246 20.46 -9.83 46.35
C GLU E 246 21.89 -9.56 45.90
N ARG E 247 22.08 -9.05 44.67
CA ARG E 247 23.39 -8.69 44.18
C ARG E 247 23.99 -7.57 45.04
N PHE E 248 23.18 -6.54 45.32
CA PHE E 248 23.61 -5.38 46.08
C PHE E 248 23.98 -5.79 47.51
N CYS E 249 23.38 -6.87 48.01
CA CYS E 249 23.65 -7.38 49.34
C CYS E 249 24.90 -8.27 49.37
N ASN E 250 25.56 -8.45 48.21
CA ASN E 250 26.78 -9.23 48.12
C ASN E 250 27.88 -8.41 47.44
N ARG E 251 27.77 -7.08 47.53
CA ARG E 251 28.80 -6.15 47.10
C ARG E 251 29.06 -6.27 45.59
N LEU E 252 28.00 -6.55 44.82
CA LEU E 252 28.07 -6.68 43.36
C LEU E 252 27.22 -5.58 42.72
N GLN E 253 27.46 -5.29 41.44
CA GLN E 253 26.65 -4.33 40.68
C GLN E 253 25.42 -5.05 40.12
N ARG E 254 24.52 -4.27 39.50
CA ARG E 254 23.32 -4.81 38.88
C ARG E 254 23.73 -5.72 37.72
N VAL E 255 22.91 -6.74 37.45
CA VAL E 255 23.21 -7.72 36.41
C VAL E 255 23.26 -7.02 35.07
N LYS E 256 24.33 -7.28 34.30
CA LYS E 256 24.47 -6.76 32.94
C LYS E 256 23.71 -7.65 31.97
N ARG E 257 22.92 -7.04 31.09
CA ARG E 257 22.11 -7.74 30.09
C ARG E 257 23.02 -8.38 29.04
N LEU E 258 22.47 -9.30 28.24
CA LEU E 258 23.15 -9.82 27.06
C LEU E 258 22.97 -8.85 25.90
N ASN E 259 23.79 -7.78 25.92
CA ASN E 259 23.85 -6.75 24.89
C ASN E 259 23.64 -7.38 23.51
N ASN E 260 24.59 -8.23 23.10
CA ASN E 260 24.62 -8.83 21.76
C ASN E 260 25.27 -10.21 21.83
N LEU E 261 24.78 -11.11 20.96
CA LEU E 261 24.94 -12.55 21.11
C LEU E 261 26.27 -13.03 20.54
N ARG E 262 26.99 -12.15 19.85
CA ARG E 262 28.24 -12.52 19.18
C ARG E 262 29.42 -12.40 20.15
N GLU E 263 29.31 -11.46 21.10
CA GLU E 263 30.32 -11.25 22.12
C GLU E 263 30.32 -12.44 23.09
N PRO E 264 31.50 -12.89 23.57
CA PRO E 264 31.59 -13.97 24.56
C PRO E 264 30.76 -13.79 25.83
N ILE E 265 30.41 -14.93 26.46
CA ILE E 265 29.74 -14.94 27.76
C ILE E 265 30.81 -15.15 28.84
N ALA E 266 31.07 -14.10 29.64
CA ALA E 266 32.16 -14.07 30.60
C ALA E 266 31.99 -15.15 31.67
N GLU E 267 30.77 -15.25 32.22
CA GLU E 267 30.49 -16.09 33.38
C GLU E 267 30.12 -17.50 32.92
N GLY E 268 31.03 -18.46 33.14
CA GLY E 268 30.72 -19.88 33.00
C GLY E 268 29.98 -20.42 34.23
N TYR E 269 29.46 -21.65 34.14
CA TYR E 269 28.77 -22.29 35.24
C TYR E 269 28.72 -23.80 35.03
N PHE E 270 29.38 -24.54 35.94
CA PHE E 270 29.28 -25.99 36.04
C PHE E 270 28.32 -26.35 37.17
N PRO E 271 27.14 -26.94 36.86
CA PRO E 271 26.05 -27.06 37.84
C PRO E 271 26.18 -28.19 38.87
N LYS E 272 27.02 -29.18 38.54
CA LYS E 272 27.35 -30.29 39.42
C LYS E 272 26.17 -31.25 39.62
N LEU E 273 25.27 -31.34 38.62
CA LEU E 273 24.12 -32.22 38.69
C LEU E 273 24.38 -33.45 37.81
N ASP E 274 23.83 -34.60 38.24
CA ASP E 274 23.94 -35.86 37.53
C ASP E 274 22.55 -36.43 37.35
N SER E 275 22.07 -36.48 36.10
CA SER E 275 20.76 -37.05 35.76
C SER E 275 20.81 -38.57 35.87
N LEU E 276 20.07 -39.13 36.85
CA LEU E 276 20.01 -40.57 37.07
C LEU E 276 19.14 -41.22 35.99
N VAL E 277 18.28 -40.43 35.34
CA VAL E 277 17.42 -40.90 34.26
C VAL E 277 18.22 -41.01 32.96
N ALA E 278 19.08 -40.01 32.69
CA ALA E 278 19.96 -40.02 31.53
C ALA E 278 21.25 -40.79 31.83
N SER E 279 21.50 -41.00 33.13
CA SER E 279 22.67 -41.71 33.66
C SER E 279 23.97 -40.93 33.38
N ARG E 280 23.83 -39.75 32.78
CA ARG E 280 24.94 -38.84 32.52
C ARG E 280 24.82 -37.64 33.45
N THR E 281 25.78 -36.71 33.37
CA THR E 281 25.69 -35.41 34.01
C THR E 281 25.33 -34.34 32.99
N TRP E 282 24.73 -33.24 33.47
CA TRP E 282 24.53 -32.03 32.69
C TRP E 282 25.89 -31.44 32.33
N PRO E 283 26.12 -31.01 31.06
CA PRO E 283 27.39 -30.37 30.70
C PRO E 283 27.49 -29.01 31.36
N GLY E 284 28.73 -28.56 31.61
CA GLY E 284 28.98 -27.20 32.04
C GLY E 284 29.20 -26.28 30.85
N ARG E 285 29.26 -24.97 31.13
CA ARG E 285 29.68 -23.97 30.16
C ARG E 285 30.96 -23.30 30.68
N VAL E 286 31.97 -23.19 29.81
CA VAL E 286 33.25 -22.60 30.16
C VAL E 286 33.14 -21.08 30.14
N ASP E 287 34.16 -20.44 30.74
CA ASP E 287 34.29 -18.98 30.66
C ASP E 287 34.54 -18.60 29.20
N ASN E 288 33.89 -17.50 28.78
CA ASN E 288 34.06 -16.92 27.45
C ASN E 288 33.61 -17.86 26.34
N ALA E 289 32.67 -18.75 26.65
CA ALA E 289 31.97 -19.49 25.61
C ALA E 289 31.26 -18.51 24.69
N VAL E 290 31.16 -18.86 23.40
CA VAL E 290 30.43 -18.05 22.42
C VAL E 290 29.24 -18.85 21.92
N ILE E 291 28.09 -18.17 21.74
CA ILE E 291 26.92 -18.77 21.12
C ILE E 291 27.31 -19.19 19.70
N LYS E 292 26.81 -20.37 19.28
CA LYS E 292 27.04 -20.88 17.96
C LYS E 292 25.72 -21.34 17.33
N ASP E 293 25.64 -21.22 15.99
CA ASP E 293 24.55 -21.75 15.20
C ASP E 293 24.30 -23.22 15.55
N LEU E 294 23.02 -23.56 15.77
CA LEU E 294 22.61 -24.91 16.17
C LEU E 294 22.23 -25.70 14.93
N ASN E 295 22.64 -26.99 14.92
CA ASN E 295 22.20 -27.96 13.93
C ASN E 295 22.06 -29.32 14.62
N ARG E 296 21.02 -29.45 15.45
CA ARG E 296 20.76 -30.66 16.20
C ARG E 296 19.70 -31.47 15.46
N GLU E 297 20.13 -32.21 14.44
CA GLU E 297 19.22 -32.92 13.53
C GLU E 297 18.18 -33.72 14.32
N LEU E 298 18.63 -34.44 15.35
CA LEU E 298 17.78 -35.33 16.14
C LEU E 298 16.66 -34.53 16.82
N ASP E 299 17.03 -33.44 17.50
CA ASP E 299 16.11 -32.64 18.29
C ASP E 299 15.19 -31.79 17.41
N GLN E 300 15.48 -31.73 16.10
CA GLN E 300 14.76 -30.88 15.15
C GLN E 300 14.98 -29.41 15.48
N ILE E 301 16.28 -29.03 15.56
CA ILE E 301 16.69 -27.65 15.75
C ILE E 301 17.65 -27.30 14.61
N LYS E 302 17.20 -26.36 13.77
CA LYS E 302 18.02 -25.81 12.70
C LYS E 302 17.83 -24.30 12.78
N GLN E 303 18.59 -23.65 13.68
CA GLN E 303 18.43 -22.23 13.93
C GLN E 303 19.82 -21.57 13.89
N ASP E 304 19.89 -20.42 13.22
CA ASP E 304 21.10 -19.62 13.16
C ASP E 304 20.96 -18.46 14.14
N VAL E 305 22.10 -17.95 14.62
CA VAL E 305 22.10 -16.84 15.56
C VAL E 305 21.40 -15.65 14.90
N SER E 306 21.68 -15.44 13.61
CA SER E 306 21.08 -14.36 12.85
C SER E 306 19.56 -14.43 12.87
N ASP E 307 18.98 -15.63 12.90
CA ASP E 307 17.54 -15.80 13.05
C ASP E 307 17.05 -15.10 14.32
N LEU E 308 17.77 -15.35 15.42
CA LEU E 308 17.42 -14.77 16.71
C LEU E 308 17.51 -13.25 16.61
N GLU E 309 18.63 -12.77 16.07
CA GLU E 309 18.90 -11.34 15.88
C GLU E 309 17.81 -10.68 15.03
N ARG E 310 17.31 -11.42 14.03
CA ARG E 310 16.28 -10.91 13.14
C ARG E 310 14.98 -10.74 13.91
N TRP E 311 14.64 -11.72 14.75
CA TRP E 311 13.44 -11.64 15.56
C TRP E 311 13.49 -10.42 16.47
N ILE E 312 14.66 -10.19 17.09
CA ILE E 312 14.85 -9.10 18.02
C ILE E 312 14.68 -7.77 17.30
N ASP E 313 15.36 -7.63 16.15
CA ASP E 313 15.28 -6.43 15.35
C ASP E 313 13.82 -6.09 15.03
N ARG E 314 13.02 -7.10 14.71
CA ARG E 314 11.63 -6.90 14.32
C ARG E 314 10.76 -6.51 15.52
N ILE E 315 11.01 -7.14 16.67
CA ILE E 315 10.23 -6.91 17.88
C ILE E 315 10.46 -5.48 18.37
N TYR E 316 11.73 -5.05 18.38
CA TYR E 316 12.09 -3.68 18.69
C TYR E 316 11.32 -2.71 17.79
N GLU E 317 11.29 -3.00 16.48
CA GLU E 317 10.64 -2.15 15.50
C GLU E 317 9.16 -1.98 15.88
N ALA E 318 8.49 -3.11 16.12
CA ALA E 318 7.07 -3.11 16.48
C ALA E 318 6.84 -2.24 17.72
N VAL E 319 7.70 -2.41 18.73
CA VAL E 319 7.56 -1.72 20.00
C VAL E 319 7.65 -0.21 19.80
N HIS E 320 8.61 0.22 18.97
CA HIS E 320 8.81 1.64 18.65
C HIS E 320 7.67 2.13 17.76
N GLN E 321 7.37 1.39 16.68
CA GLN E 321 6.22 1.69 15.82
C GLN E 321 4.96 1.87 16.67
N GLY E 322 4.79 1.02 17.69
CA GLY E 322 3.66 1.09 18.59
C GLY E 322 2.57 0.08 18.26
N TYR E 323 2.77 -0.74 17.22
CA TYR E 323 1.81 -1.75 16.82
C TYR E 323 2.52 -2.98 16.24
N VAL E 324 1.79 -4.10 16.21
CA VAL E 324 2.27 -5.34 15.59
C VAL E 324 1.36 -5.67 14.42
N VAL E 325 1.75 -6.69 13.62
CA VAL E 325 0.97 -7.13 12.47
C VAL E 325 0.70 -8.62 12.64
N ASP E 326 -0.58 -9.03 12.46
CA ASP E 326 -0.97 -10.43 12.57
C ASP E 326 -0.69 -11.13 11.25
N GLU E 327 -0.84 -12.47 11.26
CA GLU E 327 -0.62 -13.30 10.06
C GLU E 327 -1.37 -12.73 8.87
N SER E 328 -2.61 -12.26 9.12
CA SER E 328 -3.52 -11.78 8.10
C SER E 328 -3.03 -10.49 7.42
N GLY E 329 -2.22 -9.71 8.15
CA GLY E 329 -1.67 -8.47 7.61
C GLY E 329 -2.21 -7.24 8.35
N ASN E 330 -3.25 -7.44 9.17
CA ASN E 330 -3.87 -6.37 9.95
C ASN E 330 -2.94 -5.89 11.05
N ARG E 331 -3.23 -4.70 11.59
CA ARG E 331 -2.43 -4.08 12.66
C ARG E 331 -3.17 -4.14 13.98
N ILE E 332 -2.45 -4.53 15.04
CA ILE E 332 -2.97 -4.53 16.40
C ILE E 332 -2.11 -3.57 17.23
N PHE E 333 -2.75 -2.71 18.02
CA PHE E 333 -2.09 -1.57 18.65
C PHE E 333 -1.69 -1.90 20.09
N LEU E 334 -0.42 -1.63 20.42
CA LEU E 334 0.13 -1.86 21.74
C LEU E 334 -0.29 -0.71 22.66
N ASP E 335 -1.55 -0.74 23.11
CA ASP E 335 -2.16 0.30 23.91
C ASP E 335 -1.79 0.11 25.39
N GLU E 336 -2.29 1.02 26.24
CA GLU E 336 -2.01 1.02 27.66
C GLU E 336 -2.52 -0.25 28.34
N GLU E 337 -3.59 -0.85 27.79
CA GLU E 337 -4.32 -1.91 28.46
C GLU E 337 -3.72 -3.27 28.13
N LYS E 338 -3.73 -3.64 26.84
CA LYS E 338 -3.42 -4.99 26.40
C LYS E 338 -2.01 -5.07 25.78
N GLY E 339 -1.38 -3.91 25.53
CA GLY E 339 -0.07 -3.85 24.90
C GLY E 339 0.93 -4.83 25.52
N ILE E 340 1.15 -4.70 26.84
CA ILE E 340 2.15 -5.52 27.53
C ILE E 340 1.83 -7.00 27.38
N ASP E 341 0.53 -7.35 27.49
CA ASP E 341 0.09 -8.73 27.46
C ASP E 341 0.41 -9.34 26.09
N ILE E 342 0.10 -8.60 25.03
CA ILE E 342 0.43 -9.00 23.66
C ILE E 342 1.93 -9.26 23.55
N LEU E 343 2.72 -8.24 23.90
CA LEU E 343 4.16 -8.28 23.76
C LEU E 343 4.73 -9.53 24.45
N GLY E 344 4.19 -9.87 25.62
CA GLY E 344 4.63 -11.05 26.37
C GLY E 344 4.48 -12.33 25.55
N ASN E 345 3.33 -12.48 24.89
CA ASN E 345 3.03 -13.68 24.10
C ASN E 345 3.92 -13.71 22.85
N ILE E 346 4.26 -12.52 22.33
CA ILE E 346 5.14 -12.39 21.19
C ILE E 346 6.56 -12.81 21.54
N ILE E 347 7.03 -12.35 22.70
CA ILE E 347 8.43 -12.48 23.10
C ILE E 347 8.77 -13.89 23.58
N GLU E 348 7.93 -14.46 24.45
CA GLU E 348 8.16 -15.81 24.93
C GLU E 348 7.91 -16.78 23.77
N SER E 349 6.99 -16.36 22.89
CA SER E 349 6.35 -17.16 21.86
C SER E 349 5.39 -18.17 22.47
N SER E 350 4.19 -17.69 22.82
CA SER E 350 3.07 -18.56 23.12
C SER E 350 2.16 -18.60 21.90
N ILE E 351 1.50 -19.73 21.67
CA ILE E 351 0.61 -19.86 20.51
C ILE E 351 -0.36 -18.69 20.45
N LEU E 352 -0.44 -17.90 21.53
CA LEU E 352 -1.29 -16.72 21.57
C LEU E 352 -0.65 -15.55 20.83
N SER E 353 0.63 -15.69 20.44
CA SER E 353 1.32 -14.67 19.67
C SER E 353 0.52 -14.36 18.41
N PRO E 354 0.22 -13.08 18.10
CA PRO E 354 -0.57 -12.73 16.93
C PRO E 354 0.13 -13.00 15.60
N ASN E 355 1.42 -13.37 15.64
CA ASN E 355 2.16 -13.72 14.43
C ASN E 355 3.50 -14.37 14.79
N ARG E 356 3.45 -15.64 15.23
CA ARG E 356 4.64 -16.39 15.61
C ARG E 356 5.70 -16.36 14.50
N GLN E 357 5.25 -16.51 13.25
CA GLN E 357 6.15 -16.70 12.12
C GLN E 357 7.05 -15.49 11.91
N LEU E 358 6.53 -14.29 12.21
CA LEU E 358 7.25 -13.04 11.97
C LEU E 358 8.14 -12.70 13.17
N TYR E 359 7.59 -12.76 14.39
CA TYR E 359 8.25 -12.29 15.59
C TYR E 359 8.95 -13.43 16.34
N GLY E 360 8.74 -14.67 15.89
CA GLY E 360 9.57 -15.79 16.29
C GLY E 360 9.27 -16.31 17.70
N ASP E 361 10.24 -17.07 18.23
CA ASP E 361 10.19 -17.78 19.50
C ASP E 361 11.41 -17.33 20.31
N MET E 362 11.49 -16.01 20.52
CA MET E 362 12.70 -15.31 20.88
C MET E 362 13.28 -15.77 22.24
N HIS E 363 12.47 -15.74 23.31
CA HIS E 363 12.93 -16.12 24.63
C HIS E 363 13.39 -17.58 24.66
N ASN E 364 12.51 -18.48 24.21
CA ASN E 364 12.74 -19.93 24.29
C ASN E 364 13.98 -20.34 23.51
N VAL E 365 14.13 -19.83 22.29
CA VAL E 365 15.23 -20.22 21.41
C VAL E 365 16.55 -19.79 22.05
N GLY E 366 16.52 -18.63 22.74
CA GLY E 366 17.65 -18.13 23.48
C GLY E 366 18.14 -19.12 24.54
N HIS E 367 17.20 -19.74 25.27
CA HIS E 367 17.52 -20.74 26.28
C HIS E 367 18.28 -21.91 25.66
N VAL E 368 17.90 -22.31 24.44
CA VAL E 368 18.50 -23.46 23.75
C VAL E 368 19.91 -23.11 23.26
N PHE E 369 20.04 -21.95 22.59
CA PHE E 369 21.33 -21.48 22.14
C PHE E 369 22.37 -21.48 23.26
N LEU E 370 21.98 -20.94 24.42
CA LEU E 370 22.87 -20.75 25.55
C LEU E 370 23.25 -22.09 26.18
N SER E 371 22.38 -23.10 26.02
CA SER E 371 22.58 -24.39 26.65
C SER E 371 23.39 -25.35 25.79
N TYR E 372 23.73 -24.96 24.55
CA TYR E 372 24.32 -25.87 23.58
C TYR E 372 25.63 -25.32 23.00
N THR E 373 26.25 -24.36 23.70
CA THR E 373 27.48 -23.75 23.23
C THR E 373 28.59 -24.80 23.12
N HIS E 374 28.51 -25.84 23.97
CA HIS E 374 29.55 -26.85 24.09
C HIS E 374 29.44 -27.93 23.01
N ASP E 375 28.26 -28.03 22.37
CA ASP E 375 28.03 -29.05 21.36
C ASP E 375 26.84 -28.67 20.48
N PRO E 376 27.00 -27.70 19.55
CA PRO E 376 25.87 -27.16 18.80
C PRO E 376 25.42 -27.94 17.57
N ASP E 377 26.29 -28.83 17.06
CA ASP E 377 25.96 -29.64 15.87
C ASP E 377 25.82 -31.12 16.24
N HIS E 378 25.92 -31.44 17.54
CA HIS E 378 25.68 -32.79 18.06
C HIS E 378 26.80 -33.75 17.72
N ARG E 379 27.97 -33.24 17.33
CA ARG E 379 29.10 -34.07 16.94
C ARG E 379 29.66 -34.84 18.13
N HIS E 380 29.43 -34.30 19.35
CA HIS E 380 29.95 -34.88 20.59
C HIS E 380 28.87 -35.65 21.34
N LEU E 381 27.68 -35.79 20.74
CA LEU E 381 26.62 -36.60 21.34
C LEU E 381 26.43 -36.21 22.80
N GLU E 382 26.39 -34.89 23.08
CA GLU E 382 26.17 -34.37 24.42
C GLU E 382 24.78 -33.72 24.48
N SER E 383 24.19 -33.69 25.67
CA SER E 383 22.88 -33.08 25.89
C SER E 383 23.04 -31.60 26.24
N PHE E 384 21.92 -30.91 26.43
CA PHE E 384 21.94 -29.48 26.73
C PHE E 384 22.37 -29.25 28.18
N GLY E 385 23.05 -28.11 28.41
CA GLY E 385 23.37 -27.64 29.74
C GLY E 385 22.11 -27.19 30.48
N VAL E 386 22.33 -26.60 31.66
CA VAL E 386 21.27 -26.39 32.64
C VAL E 386 20.23 -25.36 32.16
N MET E 387 20.62 -24.41 31.28
CA MET E 387 19.74 -23.37 30.79
C MET E 387 18.68 -23.91 29.81
N GLY E 388 18.81 -25.18 29.43
CA GLY E 388 17.91 -25.81 28.49
C GLY E 388 16.69 -26.43 29.16
N ASP E 389 16.63 -26.43 30.50
CA ASP E 389 15.52 -26.99 31.25
C ASP E 389 15.01 -25.95 32.25
N VAL E 390 13.69 -25.67 32.19
CA VAL E 390 13.02 -24.74 33.09
C VAL E 390 13.27 -25.11 34.54
N ALA E 391 13.31 -26.41 34.83
CA ALA E 391 13.55 -26.94 36.16
C ALA E 391 14.87 -26.46 36.75
N THR E 392 15.88 -26.22 35.89
CA THR E 392 17.23 -25.95 36.35
C THR E 392 17.79 -24.61 35.85
N ALA E 393 17.04 -23.91 34.98
CA ALA E 393 17.56 -22.76 34.25
C ALA E 393 18.09 -21.65 35.17
N MET E 394 17.45 -21.47 36.33
CA MET E 394 17.74 -20.36 37.21
C MET E 394 19.07 -20.54 37.93
N ARG E 395 19.65 -21.74 37.90
CA ARG E 395 20.92 -22.02 38.56
C ARG E 395 22.07 -21.26 37.89
N ASP E 396 21.99 -21.10 36.57
CA ASP E 396 23.05 -20.50 35.79
C ASP E 396 22.96 -18.98 35.90
N PRO E 397 24.09 -18.26 36.14
CA PRO E 397 24.09 -16.80 36.10
C PRO E 397 23.65 -16.13 34.80
N VAL E 398 23.85 -16.82 33.67
CA VAL E 398 23.54 -16.26 32.35
C VAL E 398 22.03 -16.09 32.22
N PHE E 399 21.26 -16.87 33.00
CA PHE E 399 19.81 -16.78 33.01
C PHE E 399 19.38 -15.33 33.22
N TYR E 400 20.04 -14.67 34.18
CA TYR E 400 19.66 -13.34 34.63
C TYR E 400 20.08 -12.30 33.61
N ARG E 401 21.15 -12.59 32.86
CA ARG E 401 21.62 -11.74 31.79
C ARG E 401 20.64 -11.79 30.61
N TRP E 402 20.26 -13.01 30.22
CA TRP E 402 19.34 -13.21 29.12
C TRP E 402 17.97 -12.65 29.48
N HIS E 403 17.53 -12.86 30.73
CA HIS E 403 16.21 -12.42 31.18
C HIS E 403 16.21 -10.91 31.45
N SER E 404 17.41 -10.38 31.74
CA SER E 404 17.64 -8.95 31.90
C SER E 404 17.45 -8.22 30.57
N PHE E 405 18.07 -8.76 29.51
CA PHE E 405 17.92 -8.24 28.17
C PHE E 405 16.42 -8.19 27.82
N ILE E 406 15.77 -9.36 27.89
CA ILE E 406 14.36 -9.49 27.53
C ILE E 406 13.55 -8.40 28.23
N ASP E 407 13.89 -8.10 29.50
CA ASP E 407 13.14 -7.13 30.28
C ASP E 407 13.29 -5.74 29.69
N ASP E 408 14.50 -5.41 29.23
CA ASP E 408 14.80 -4.12 28.62
C ASP E 408 13.86 -3.89 27.43
N ILE E 409 13.57 -4.96 26.66
CA ILE E 409 12.67 -4.88 25.52
C ILE E 409 11.27 -4.50 25.98
N PHE E 410 10.77 -5.15 27.04
CA PHE E 410 9.48 -4.82 27.62
C PHE E 410 9.48 -3.35 28.08
N GLN E 411 10.54 -2.96 28.79
CA GLN E 411 10.69 -1.59 29.29
C GLN E 411 10.52 -0.58 28.16
N GLU E 412 11.09 -0.88 26.99
CA GLU E 412 11.04 -0.02 25.83
C GLU E 412 9.60 0.32 25.48
N HIS E 413 8.66 -0.57 25.81
CA HIS E 413 7.24 -0.32 25.59
C HIS E 413 6.67 0.51 26.74
N LYS E 414 7.03 0.16 27.98
CA LYS E 414 6.48 0.80 29.17
C LYS E 414 6.81 2.29 29.21
N ILE E 415 7.98 2.68 28.67
CA ILE E 415 8.42 4.07 28.70
C ILE E 415 7.68 4.89 27.64
N LYS E 416 6.92 4.22 26.77
CA LYS E 416 6.09 4.90 25.79
C LYS E 416 4.72 5.25 26.37
N LEU E 417 4.29 4.50 27.39
CA LEU E 417 3.00 4.73 28.02
C LEU E 417 2.99 6.09 28.74
N PRO E 418 1.83 6.79 28.81
CA PRO E 418 1.76 8.10 29.46
C PRO E 418 1.88 7.98 30.97
N ALA E 419 2.63 8.91 31.59
CA ALA E 419 2.85 8.89 33.02
C ALA E 419 1.51 8.89 33.77
N TYR E 420 1.48 8.19 34.91
CA TYR E 420 0.34 8.25 35.80
C TYR E 420 0.23 9.67 36.35
N THR E 421 -0.95 10.28 36.19
CA THR E 421 -1.21 11.65 36.61
C THR E 421 -1.44 11.68 38.13
N LYS E 422 -1.14 12.83 38.75
CA LYS E 422 -1.37 13.04 40.17
C LYS E 422 -2.76 12.51 40.53
N SER E 423 -3.74 12.87 39.69
CA SER E 423 -5.11 12.45 39.82
C SER E 423 -5.24 10.92 39.89
N GLN E 424 -4.60 10.23 38.92
CA GLN E 424 -4.82 8.82 38.70
C GLN E 424 -4.38 7.96 39.90
N LEU E 425 -3.38 8.43 40.66
CA LEU E 425 -2.88 7.67 41.79
C LEU E 425 -3.09 8.43 43.11
N THR E 426 -4.08 9.32 43.14
CA THR E 426 -4.57 9.93 44.38
C THR E 426 -5.87 9.24 44.78
N TYR E 427 -6.06 9.05 46.09
CA TYR E 427 -7.31 8.52 46.64
C TYR E 427 -7.97 9.62 47.48
N GLU E 428 -8.94 10.32 46.88
CA GLU E 428 -9.55 11.51 47.48
C GLU E 428 -10.13 11.16 48.84
N GLY E 429 -9.55 11.74 49.91
CA GLY E 429 -10.00 11.49 51.27
C GLY E 429 -8.99 10.68 52.08
N ILE E 430 -8.41 9.63 51.47
CA ILE E 430 -7.51 8.73 52.16
C ILE E 430 -6.10 9.33 52.24
N SER E 431 -5.47 9.21 53.41
CA SER E 431 -4.10 9.64 53.64
C SER E 431 -3.36 8.64 54.52
N VAL E 432 -2.25 8.08 54.00
CA VAL E 432 -1.36 7.22 54.77
C VAL E 432 -0.27 8.09 55.39
N THR E 433 -0.18 8.04 56.73
CA THR E 433 0.65 8.95 57.51
C THR E 433 1.91 8.24 58.01
N GLY E 434 2.00 6.92 57.81
CA GLY E 434 3.17 6.16 58.25
C GLY E 434 2.99 4.66 58.12
N ILE E 435 4.11 3.96 57.92
CA ILE E 435 4.20 2.50 57.92
C ILE E 435 5.48 2.12 58.66
N ILE E 436 5.43 1.06 59.48
CA ILE E 436 6.59 0.55 60.20
C ILE E 436 6.57 -0.98 60.14
N VAL E 437 7.68 -1.62 60.55
CA VAL E 437 7.74 -3.07 60.69
C VAL E 437 8.32 -3.42 62.06
N GLN E 438 7.82 -4.51 62.67
CA GLN E 438 8.28 -4.96 63.99
C GLN E 438 8.48 -6.47 64.00
N SER E 439 9.70 -6.89 64.37
CA SER E 439 10.03 -8.28 64.65
C SER E 439 10.20 -8.46 66.16
N GLU E 440 9.84 -9.63 66.67
CA GLU E 440 10.04 -9.97 68.07
C GLU E 440 11.52 -9.91 68.40
N GLY E 441 11.87 -9.17 69.47
CA GLY E 441 13.25 -9.03 69.93
C GLY E 441 14.14 -8.39 68.86
N ALA E 442 13.77 -7.18 68.43
CA ALA E 442 14.51 -6.44 67.41
C ALA E 442 13.95 -5.02 67.32
N PRO E 443 14.79 -3.97 67.09
CA PRO E 443 14.29 -2.60 66.97
C PRO E 443 13.20 -2.46 65.90
N VAL E 444 12.43 -1.38 65.97
CA VAL E 444 11.47 -1.04 64.93
C VAL E 444 12.20 -0.80 63.61
N ASN E 445 11.50 -1.04 62.50
CA ASN E 445 11.99 -0.78 61.16
C ASN E 445 13.32 -1.49 60.92
N THR E 446 13.37 -2.78 61.28
CA THR E 446 14.57 -3.60 61.15
C THR E 446 14.17 -5.04 60.83
N LEU E 447 14.68 -5.57 59.71
CA LEU E 447 14.48 -6.94 59.31
C LEU E 447 15.79 -7.71 59.50
N HIS E 448 15.68 -8.99 59.90
CA HIS E 448 16.82 -9.86 60.11
C HIS E 448 16.74 -11.08 59.18
N THR E 449 17.90 -11.56 58.72
CA THR E 449 18.00 -12.80 57.94
C THR E 449 19.13 -13.67 58.49
N TYR E 450 19.14 -14.94 58.05
CA TYR E 450 20.11 -15.94 58.50
C TYR E 450 19.94 -17.23 57.69
N TRP E 451 20.77 -18.24 57.99
CA TRP E 451 20.67 -19.57 57.40
C TRP E 451 19.82 -20.48 58.30
N GLN E 452 19.20 -21.51 57.70
CA GLN E 452 18.34 -22.43 58.42
C GLN E 452 18.31 -23.78 57.69
N GLN E 453 18.61 -24.86 58.40
CA GLN E 453 18.50 -26.21 57.85
C GLN E 453 17.05 -26.69 57.93
N SER E 454 16.57 -27.32 56.87
CA SER E 454 15.28 -28.00 56.83
C SER E 454 15.44 -29.40 56.26
N ASP E 455 14.46 -30.28 56.48
CA ASP E 455 14.57 -31.69 56.11
C ASP E 455 13.50 -32.06 55.08
N VAL E 456 13.87 -32.94 54.14
CA VAL E 456 12.98 -33.39 53.07
C VAL E 456 13.22 -34.88 52.83
N ASP E 457 12.12 -35.64 52.70
CA ASP E 457 12.18 -37.07 52.45
C ASP E 457 12.28 -37.30 50.94
N LEU E 458 13.45 -37.74 50.47
CA LEU E 458 13.71 -37.98 49.06
C LEU E 458 13.57 -39.45 48.73
N SER E 459 12.77 -40.17 49.53
CA SER E 459 12.73 -41.62 49.51
C SER E 459 12.06 -42.12 48.23
N ARG E 460 10.96 -41.46 47.86
CA ARG E 460 10.14 -41.79 46.70
C ARG E 460 10.95 -41.67 45.41
N GLY E 461 12.03 -40.87 45.43
CA GLY E 461 12.79 -40.55 44.23
C GLY E 461 14.03 -41.42 44.05
N MET E 462 14.41 -42.16 45.09
CA MET E 462 15.64 -42.95 45.09
C MET E 462 15.36 -44.36 44.56
N ASP E 463 15.50 -44.54 43.23
CA ASP E 463 15.20 -45.79 42.57
C ASP E 463 16.26 -46.84 42.94
N PHE E 464 15.82 -48.11 43.04
CA PHE E 464 16.68 -49.27 43.31
C PHE E 464 17.52 -49.07 44.56
N VAL E 465 16.97 -48.35 45.55
CA VAL E 465 17.61 -48.16 46.84
C VAL E 465 16.80 -48.91 47.89
N PRO E 466 17.46 -49.63 48.83
CA PRO E 466 16.74 -50.28 49.93
C PRO E 466 15.68 -49.36 50.52
N ARG E 467 14.42 -49.86 50.59
CA ARG E 467 13.29 -49.09 51.07
C ARG E 467 13.54 -48.63 52.52
N GLY E 468 12.78 -47.60 52.93
CA GLY E 468 13.01 -46.89 54.17
C GLY E 468 12.96 -45.37 53.92
N ASN E 469 13.33 -44.60 54.95
CA ASN E 469 13.37 -43.15 54.87
C ASN E 469 14.79 -42.69 54.50
N VAL E 470 14.84 -41.57 53.76
CA VAL E 470 16.09 -40.91 53.38
C VAL E 470 15.86 -39.41 53.49
N PHE E 471 16.18 -38.85 54.65
CA PHE E 471 16.03 -37.43 54.93
C PHE E 471 17.27 -36.68 54.49
N ALA E 472 17.07 -35.55 53.80
CA ALA E 472 18.15 -34.68 53.34
C ALA E 472 18.03 -33.31 54.02
N ARG E 473 19.17 -32.74 54.42
CA ARG E 473 19.21 -31.47 55.14
C ARG E 473 19.62 -30.34 54.20
N PHE E 474 18.66 -29.48 53.85
CA PHE E 474 18.88 -28.29 53.04
C PHE E 474 19.23 -27.11 53.94
N THR E 475 20.27 -26.35 53.57
CA THR E 475 20.54 -25.04 54.16
C THR E 475 20.06 -23.95 53.19
N HIS E 476 19.27 -22.99 53.70
CA HIS E 476 18.65 -21.95 52.89
C HIS E 476 18.46 -20.67 53.70
N LEU E 477 18.44 -19.52 53.02
CA LEU E 477 18.15 -18.23 53.62
C LEU E 477 16.81 -18.27 54.35
N GLN E 478 16.73 -17.57 55.50
CA GLN E 478 15.49 -17.41 56.23
C GLN E 478 15.45 -16.03 56.87
N HIS E 479 14.23 -15.50 57.08
CA HIS E 479 14.02 -14.23 57.76
C HIS E 479 13.20 -14.46 59.03
N ALA E 480 13.52 -13.68 60.07
CA ALA E 480 12.73 -13.59 61.28
C ALA E 480 11.32 -13.10 60.95
N PRO E 481 10.25 -13.64 61.59
CA PRO E 481 8.89 -13.19 61.28
C PRO E 481 8.77 -11.71 61.65
N PHE E 482 7.93 -10.97 60.90
CA PHE E 482 7.67 -9.57 61.19
C PHE E 482 6.23 -9.23 60.82
N GLN E 483 5.85 -7.95 60.98
CA GLN E 483 4.52 -7.48 60.66
C GLN E 483 4.57 -5.98 60.34
N TYR E 484 3.76 -5.56 59.36
CA TYR E 484 3.65 -4.16 58.98
C TYR E 484 2.56 -3.50 59.85
N VAL E 485 2.70 -2.19 60.12
CA VAL E 485 1.72 -1.43 60.87
C VAL E 485 1.53 -0.08 60.16
N ILE E 486 0.33 0.13 59.58
CA ILE E 486 0.06 1.20 58.63
C ILE E 486 -1.04 2.12 59.19
N GLN E 487 -0.76 3.43 59.24
CA GLN E 487 -1.67 4.43 59.80
C GLN E 487 -2.39 5.19 58.68
N ILE E 488 -3.70 4.96 58.54
CA ILE E 488 -4.49 5.49 57.43
C ILE E 488 -5.66 6.31 57.97
N ASP E 489 -5.86 7.51 57.43
CA ASP E 489 -6.95 8.41 57.82
C ASP E 489 -7.98 8.50 56.69
N ASN E 490 -9.27 8.48 57.04
CA ASN E 490 -10.36 8.35 56.09
C ASN E 490 -10.89 9.73 55.65
N THR E 491 -11.30 10.56 56.61
CA THR E 491 -11.77 11.93 56.39
C THR E 491 -12.79 12.02 55.25
N SER E 492 -13.73 11.05 55.17
CA SER E 492 -14.69 11.02 54.08
C SER E 492 -16.13 11.05 54.60
N ASP E 493 -16.41 10.26 55.64
CA ASP E 493 -17.72 10.10 56.25
C ASP E 493 -18.34 8.75 55.86
N ALA E 494 -17.64 7.95 55.05
CA ALA E 494 -18.14 6.65 54.62
C ALA E 494 -17.00 5.63 54.66
N GLN E 495 -17.37 4.34 54.85
CA GLN E 495 -16.44 3.24 54.75
C GLN E 495 -15.81 3.24 53.35
N ARG E 496 -14.47 3.32 53.30
CA ARG E 496 -13.72 3.30 52.06
C ARG E 496 -13.02 1.95 51.91
N MET E 497 -13.20 1.32 50.75
CA MET E 497 -12.44 0.14 50.35
C MET E 497 -11.15 0.57 49.66
N GLY E 498 -10.06 -0.19 49.90
CA GLY E 498 -8.76 0.13 49.33
C GLY E 498 -7.89 -1.12 49.16
N PHE E 499 -7.02 -1.06 48.15
CA PHE E 499 -5.96 -2.05 47.95
C PHE E 499 -4.68 -1.53 48.61
N VAL E 500 -4.11 -2.34 49.50
CA VAL E 500 -2.80 -2.08 50.08
C VAL E 500 -1.76 -2.73 49.17
N ARG E 501 -0.85 -1.91 48.61
CA ARG E 501 0.20 -2.38 47.72
C ARG E 501 1.55 -2.06 48.35
N ILE E 502 2.33 -3.10 48.70
CA ILE E 502 3.57 -2.93 49.43
C ILE E 502 4.74 -3.44 48.58
N PHE E 503 5.67 -2.53 48.27
CA PHE E 503 6.92 -2.86 47.59
C PHE E 503 8.10 -2.45 48.48
N MET E 504 9.29 -2.99 48.16
CA MET E 504 10.54 -2.64 48.84
C MET E 504 11.66 -2.59 47.82
N ALA E 505 12.47 -1.52 47.86
CA ALA E 505 13.61 -1.32 46.98
C ALA E 505 14.84 -0.95 47.81
N PRO E 506 16.05 -0.89 47.23
CA PRO E 506 17.20 -0.30 47.90
C PRO E 506 17.02 1.20 48.07
N LYS E 507 17.65 1.78 49.10
CA LYS E 507 17.48 3.18 49.44
C LYS E 507 18.37 4.06 48.58
N ASN E 508 19.65 3.69 48.54
CA ASN E 508 20.67 4.39 47.76
C ASN E 508 21.15 3.45 46.64
N ASP E 509 22.16 3.92 45.89
CA ASP E 509 22.78 3.14 44.82
C ASP E 509 24.08 2.53 45.37
N GLU E 510 24.91 1.98 44.49
CA GLU E 510 26.19 1.40 44.92
C GLU E 510 27.23 2.50 45.13
N ARG E 511 26.95 3.69 44.57
CA ARG E 511 27.85 4.84 44.63
C ARG E 511 27.52 5.74 45.84
N GLY E 512 26.41 5.46 46.53
CA GLY E 512 26.17 5.95 47.87
C GLY E 512 25.16 7.09 47.93
N GLN E 513 24.42 7.32 46.83
CA GLN E 513 23.54 8.47 46.72
C GLN E 513 22.10 8.00 46.88
N PRO E 514 21.19 8.82 47.46
CA PRO E 514 19.75 8.51 47.44
C PRO E 514 19.19 8.34 46.02
N MET E 515 18.68 7.14 45.73
CA MET E 515 18.40 6.71 44.37
C MET E 515 17.34 7.62 43.75
N LEU E 516 17.46 7.88 42.43
CA LEU E 516 16.46 8.62 41.69
C LEU E 516 15.34 7.67 41.28
N PHE E 517 14.18 8.22 40.90
CA PHE E 517 13.00 7.42 40.63
C PHE E 517 13.27 6.53 39.41
N ARG E 518 13.66 7.17 38.29
CA ARG E 518 14.00 6.51 37.05
C ARG E 518 14.74 5.20 37.27
N ASP E 519 15.72 5.20 38.20
CA ASP E 519 16.47 4.01 38.58
C ASP E 519 15.65 3.13 39.50
N GLN E 520 15.21 3.71 40.62
CA GLN E 520 14.66 2.98 41.76
C GLN E 520 13.36 2.27 41.38
N ARG E 521 12.58 2.82 40.44
CA ARG E 521 11.28 2.26 40.10
C ARG E 521 11.42 0.81 39.63
N LEU E 522 12.56 0.47 39.01
CA LEU E 522 12.80 -0.84 38.42
C LEU E 522 13.38 -1.83 39.44
N PHE E 523 13.67 -1.37 40.66
CA PHE E 523 14.28 -2.19 41.68
C PHE E 523 13.30 -2.51 42.80
N MET E 524 12.07 -1.96 42.71
CA MET E 524 11.00 -2.22 43.67
C MET E 524 10.51 -3.66 43.51
N VAL E 525 10.59 -4.45 44.59
CA VAL E 525 10.08 -5.81 44.62
C VAL E 525 8.77 -5.81 45.39
N GLU E 526 7.72 -6.42 44.83
CA GLU E 526 6.42 -6.53 45.48
C GLU E 526 6.56 -7.38 46.73
N MET E 527 5.96 -6.92 47.84
CA MET E 527 6.03 -7.59 49.14
C MET E 527 4.65 -8.06 49.61
N ASP E 528 3.58 -7.37 49.18
CA ASP E 528 2.22 -7.73 49.57
C ASP E 528 1.21 -6.88 48.79
N LYS E 529 0.01 -7.44 48.60
CA LYS E 529 -1.12 -6.73 48.01
C LYS E 529 -2.42 -7.36 48.53
N PHE E 530 -3.18 -6.61 49.34
CA PHE E 530 -4.38 -7.15 49.99
C PHE E 530 -5.45 -6.05 50.15
N LEU E 531 -6.71 -6.50 50.22
CA LEU E 531 -7.89 -5.65 50.33
C LEU E 531 -8.15 -5.28 51.80
N VAL E 532 -8.54 -4.02 52.05
CA VAL E 532 -8.78 -3.54 53.40
C VAL E 532 -9.98 -2.59 53.42
N ALA E 533 -10.79 -2.71 54.48
CA ALA E 533 -11.94 -1.85 54.74
C ALA E 533 -11.60 -0.81 55.80
N LEU E 534 -11.77 0.48 55.46
CA LEU E 534 -11.37 1.58 56.33
C LEU E 534 -12.60 2.27 56.90
N ARG E 535 -12.64 2.41 58.24
CA ARG E 535 -13.71 3.13 58.91
C ARG E 535 -13.43 4.63 58.85
N PRO E 536 -14.46 5.51 58.88
CA PRO E 536 -14.22 6.96 58.98
C PRO E 536 -13.27 7.34 60.11
N GLY E 537 -12.52 8.42 59.93
CA GLY E 537 -11.50 8.84 60.89
C GLY E 537 -10.19 8.10 60.69
N ALA E 538 -9.66 7.50 61.76
CA ALA E 538 -8.35 6.90 61.79
C ALA E 538 -8.45 5.37 61.80
N ASN E 539 -7.50 4.71 61.13
CA ASN E 539 -7.44 3.25 61.05
C ASN E 539 -6.00 2.77 61.24
N ARG E 540 -5.79 1.79 62.13
CA ARG E 540 -4.50 1.16 62.31
C ARG E 540 -4.56 -0.23 61.67
N ILE E 541 -3.89 -0.39 60.52
CA ILE E 541 -3.85 -1.65 59.81
C ILE E 541 -2.58 -2.41 60.20
N ARG E 542 -2.74 -3.69 60.50
CA ARG E 542 -1.63 -4.58 60.82
C ARG E 542 -1.70 -5.80 59.91
N ARG E 543 -0.53 -6.26 59.43
CA ARG E 543 -0.41 -7.34 58.47
C ARG E 543 0.85 -8.14 58.78
N ARG E 544 0.72 -9.47 58.93
CA ARG E 544 1.87 -10.33 59.21
C ARG E 544 2.61 -10.65 57.91
N SER E 545 3.91 -10.93 58.03
CA SER E 545 4.77 -11.28 56.91
C SER E 545 4.28 -12.56 56.24
N ASN E 546 3.69 -13.47 57.03
CA ASN E 546 3.30 -14.79 56.56
C ASN E 546 1.94 -14.74 55.86
N GLU E 547 1.26 -13.58 55.87
CA GLU E 547 -0.01 -13.40 55.18
C GLU E 547 0.20 -12.90 53.75
N SER E 548 1.47 -12.73 53.34
CA SER E 548 1.82 -12.13 52.06
C SER E 548 1.16 -12.87 50.91
N THR E 549 0.65 -12.09 49.93
CA THR E 549 -0.01 -12.62 48.75
C THR E 549 1.00 -12.90 47.64
N VAL E 550 2.29 -12.59 47.87
CA VAL E 550 3.36 -12.88 46.92
C VAL E 550 3.93 -14.28 47.19
N THR E 551 3.68 -14.80 48.40
CA THR E 551 4.42 -15.92 48.97
C THR E 551 3.48 -17.12 49.12
N ILE E 552 4.06 -18.33 49.22
CA ILE E 552 3.33 -19.53 49.62
C ILE E 552 4.03 -20.15 50.84
N PRO E 553 3.25 -20.85 51.70
CA PRO E 553 3.82 -21.42 52.93
C PRO E 553 4.95 -22.43 52.70
N PHE E 554 5.79 -22.56 53.72
CA PHE E 554 6.81 -23.61 53.81
C PHE E 554 6.23 -24.94 53.36
N GLU E 555 5.12 -25.34 53.99
CA GLU E 555 4.56 -26.67 53.87
C GLU E 555 4.35 -27.05 52.40
N ARG E 556 3.98 -26.08 51.57
CA ARG E 556 3.68 -26.33 50.17
C ARG E 556 4.97 -26.73 49.42
N THR E 557 6.07 -26.00 49.64
CA THR E 557 7.34 -26.27 48.96
C THR E 557 7.90 -27.63 49.39
N PHE E 558 8.18 -27.79 50.69
CA PHE E 558 8.85 -28.97 51.21
C PHE E 558 7.87 -30.13 51.40
N ARG E 559 6.84 -29.88 52.21
CA ARG E 559 5.89 -30.92 52.62
C ARG E 559 6.63 -32.15 53.17
N ASN E 577 6.88 -12.55 40.67
CA ASN E 577 6.61 -13.46 41.83
C ASN E 577 5.10 -13.65 42.00
N PHE E 578 4.32 -13.60 40.91
CA PHE E 578 2.87 -13.59 41.04
C PHE E 578 2.20 -14.71 40.25
N CYS E 579 1.03 -15.09 40.77
CA CYS E 579 -0.04 -15.76 40.07
C CYS E 579 0.39 -17.10 39.50
N GLY E 580 1.51 -17.64 39.97
CA GLY E 580 1.95 -18.98 39.59
C GLY E 580 1.87 -19.89 40.80
N CYS E 581 2.86 -20.78 40.93
CA CYS E 581 2.96 -21.66 42.09
C CYS E 581 3.04 -20.87 43.40
N GLY E 582 3.73 -19.72 43.36
CA GLY E 582 4.05 -18.94 44.55
C GLY E 582 5.55 -18.88 44.85
N TRP E 583 6.01 -17.73 45.35
CA TRP E 583 7.40 -17.47 45.70
C TRP E 583 7.70 -18.03 47.09
N PRO E 584 8.83 -18.73 47.31
CA PRO E 584 9.12 -19.31 48.62
C PRO E 584 9.15 -18.28 49.74
N ALA E 585 8.54 -18.63 50.87
CA ALA E 585 8.34 -17.71 51.98
C ALA E 585 9.67 -17.24 52.57
N HIS E 586 10.63 -18.16 52.68
CA HIS E 586 11.92 -17.88 53.29
C HIS E 586 12.77 -16.94 52.44
N MET E 587 12.34 -16.71 51.19
CA MET E 587 13.05 -15.84 50.26
C MET E 587 12.35 -14.49 50.10
N LEU E 588 11.35 -14.21 50.95
CA LEU E 588 10.55 -13.01 50.88
C LEU E 588 11.40 -11.76 51.09
N VAL E 589 12.35 -11.84 52.04
CA VAL E 589 13.19 -10.70 52.39
C VAL E 589 14.57 -10.91 51.77
N PRO E 590 15.12 -9.88 51.08
CA PRO E 590 16.53 -9.89 50.68
C PRO E 590 17.46 -10.17 51.85
N LYS E 591 18.69 -10.59 51.55
CA LYS E 591 19.64 -11.03 52.56
C LYS E 591 20.07 -9.84 53.42
N GLY E 592 20.37 -8.72 52.78
CA GLY E 592 20.99 -7.59 53.46
C GLY E 592 22.45 -7.89 53.82
N LEU E 593 23.04 -7.01 54.64
CA LEU E 593 24.45 -7.11 55.02
C LEU E 593 24.55 -7.36 56.52
N PRO E 594 25.71 -7.85 57.03
CA PRO E 594 25.96 -7.90 58.47
C PRO E 594 25.93 -6.51 59.11
N GLU E 595 26.46 -5.51 58.40
CA GLU E 595 26.52 -4.13 58.87
C GLU E 595 25.19 -3.42 58.67
N GLY E 596 24.20 -4.11 58.07
CA GLY E 596 22.90 -3.52 57.79
C GLY E 596 22.85 -2.94 56.38
N PHE E 597 21.76 -3.22 55.65
CA PHE E 597 21.56 -2.73 54.30
C PHE E 597 20.35 -1.80 54.27
N PRO E 598 20.52 -0.51 53.88
CA PRO E 598 19.41 0.44 53.86
C PRO E 598 18.46 0.26 52.68
N ALA E 599 17.15 0.30 52.99
CA ALA E 599 16.08 0.00 52.04
C ALA E 599 14.88 0.90 52.30
N ASP E 600 14.20 1.33 51.22
CA ASP E 600 12.96 2.09 51.31
C ASP E 600 11.76 1.13 51.22
N LEU E 601 10.98 1.06 52.31
CA LEU E 601 9.69 0.39 52.31
C LEU E 601 8.62 1.36 51.86
N PHE E 602 7.81 0.94 50.88
CA PHE E 602 6.79 1.79 50.28
C PHE E 602 5.43 1.10 50.35
N VAL E 603 4.38 1.88 50.68
CA VAL E 603 3.01 1.39 50.68
C VAL E 603 2.14 2.41 49.95
N MET E 604 1.14 1.89 49.22
CA MET E 604 0.14 2.69 48.53
C MET E 604 -1.23 2.07 48.79
N VAL E 605 -2.22 2.94 49.06
CA VAL E 605 -3.62 2.54 49.15
C VAL E 605 -4.34 3.12 47.94
N SER E 606 -4.76 2.24 47.02
CA SER E 606 -5.49 2.64 45.82
C SER E 606 -6.98 2.39 46.03
N ASN E 607 -7.80 3.03 45.19
CA ASN E 607 -9.25 2.96 45.30
C ASN E 607 -9.75 1.64 44.71
N TYR E 608 -10.08 0.69 45.61
CA TYR E 608 -10.42 -0.68 45.23
C TYR E 608 -11.61 -0.73 44.27
N GLU E 609 -12.47 0.31 44.30
CA GLU E 609 -13.65 0.33 43.45
C GLU E 609 -13.23 0.35 41.98
N ASP E 610 -12.17 1.12 41.66
CA ASP E 610 -11.61 1.17 40.32
C ASP E 610 -10.81 -0.11 40.02
N ASP E 611 -10.09 -0.62 41.02
CA ASP E 611 -9.17 -1.74 40.85
C ASP E 611 -9.89 -3.09 40.90
N ARG E 612 -11.15 -3.09 41.38
CA ARG E 612 -11.91 -4.30 41.63
C ARG E 612 -12.13 -5.08 40.33
N VAL E 613 -12.17 -6.42 40.47
CA VAL E 613 -12.49 -7.31 39.36
C VAL E 613 -13.64 -8.22 39.78
N VAL E 614 -14.88 -7.77 39.46
CA VAL E 614 -16.11 -8.48 39.76
C VAL E 614 -16.05 -9.92 39.25
N GLN E 615 -16.12 -10.89 40.18
CA GLN E 615 -15.82 -12.29 39.91
C GLN E 615 -16.15 -13.16 41.13
N ASP E 616 -16.46 -14.44 40.89
CA ASP E 616 -16.75 -15.42 41.95
C ASP E 616 -15.65 -16.47 42.01
N LEU E 617 -15.04 -16.63 43.20
CA LEU E 617 -13.93 -17.55 43.39
C LEU E 617 -13.81 -17.96 44.85
N VAL E 618 -13.41 -19.23 45.08
CA VAL E 618 -13.07 -19.79 46.38
C VAL E 618 -11.55 -19.97 46.53
N GLY E 619 -10.82 -19.95 45.40
CA GLY E 619 -9.39 -19.64 45.35
C GLY E 619 -8.61 -20.94 45.39
N THR E 620 -7.43 -20.99 44.73
CA THR E 620 -6.83 -22.27 44.37
C THR E 620 -5.30 -22.19 44.39
N CYS E 621 -4.63 -23.33 44.52
CA CYS E 621 -3.23 -23.38 44.94
C CYS E 621 -2.34 -23.85 43.77
N ASN E 622 -1.04 -23.94 44.06
CA ASN E 622 -0.03 -24.44 43.11
C ASN E 622 -0.30 -25.90 42.73
N ASP E 623 -0.92 -26.66 43.63
CA ASP E 623 -1.37 -28.02 43.40
C ASP E 623 -0.30 -28.83 42.70
N TYR E 627 -1.43 -18.53 49.75
CA TYR E 627 -1.97 -17.82 48.57
C TYR E 627 -2.87 -18.79 47.80
N CYS E 628 -4.09 -18.34 47.48
CA CYS E 628 -4.94 -18.98 46.49
C CYS E 628 -5.79 -17.90 45.81
N GLY E 629 -6.22 -18.20 44.58
CA GLY E 629 -7.11 -17.30 43.85
C GLY E 629 -7.01 -17.27 42.31
N VAL E 630 -5.86 -17.58 41.68
CA VAL E 630 -5.59 -17.16 40.32
C VAL E 630 -6.00 -18.23 39.30
N ARG E 631 -6.57 -19.40 39.65
CA ARG E 631 -6.95 -20.41 38.67
C ARG E 631 -8.33 -20.11 38.06
N ASP E 632 -9.09 -19.25 38.75
CA ASP E 632 -10.35 -18.75 38.22
C ASP E 632 -10.10 -17.81 37.06
N ARG E 633 -11.03 -17.84 36.09
CA ARG E 633 -11.01 -17.05 34.86
C ARG E 633 -10.02 -15.88 34.91
N LEU E 634 -10.25 -14.90 35.79
CA LEU E 634 -9.67 -13.57 35.69
C LEU E 634 -8.62 -13.37 36.78
N TYR E 635 -7.73 -12.39 36.56
CA TYR E 635 -6.69 -11.97 37.50
C TYR E 635 -7.25 -10.82 38.34
N PRO E 636 -7.15 -10.88 39.68
CA PRO E 636 -7.94 -10.01 40.56
C PRO E 636 -7.49 -8.56 40.79
N ASP E 637 -7.08 -7.87 39.73
CA ASP E 637 -6.65 -6.48 39.85
C ASP E 637 -6.62 -5.84 38.46
N ARG E 638 -7.43 -4.80 38.25
CA ARG E 638 -7.55 -4.17 36.94
C ARG E 638 -6.27 -3.41 36.58
N LYS E 639 -5.55 -2.92 37.59
CA LYS E 639 -4.33 -2.15 37.38
C LYS E 639 -3.23 -3.03 36.78
N ALA E 640 -2.28 -2.40 36.10
CA ALA E 640 -1.15 -3.09 35.48
C ALA E 640 -0.31 -3.76 36.57
N MET E 641 0.40 -4.84 36.22
CA MET E 641 1.22 -5.55 37.19
C MET E 641 2.50 -4.78 37.44
N GLY E 642 2.76 -4.50 38.73
CA GLY E 642 3.81 -3.58 39.16
C GLY E 642 3.31 -2.14 39.11
N PHE E 643 2.01 -1.97 39.41
CA PHE E 643 1.21 -0.82 38.97
C PHE E 643 1.80 0.53 39.39
N PRO E 644 2.13 0.83 40.66
CA PRO E 644 2.61 2.19 40.97
C PRO E 644 3.83 2.58 40.12
N PHE E 645 4.74 1.62 39.87
CA PHE E 645 6.05 1.94 39.32
C PHE E 645 6.31 1.37 37.91
N ASP E 646 5.30 0.83 37.22
CA ASP E 646 5.56 0.24 35.92
C ASP E 646 5.87 1.31 34.87
N ARG E 647 5.32 2.53 35.04
CA ARG E 647 5.47 3.59 34.07
C ARG E 647 6.42 4.68 34.56
N LEU E 648 6.84 5.55 33.62
CA LEU E 648 7.72 6.67 33.92
C LEU E 648 7.00 7.69 34.80
N ALA E 649 7.80 8.56 35.42
CA ALA E 649 7.31 9.60 36.31
C ALA E 649 6.63 10.71 35.52
N ARG E 650 5.61 11.32 36.13
CA ARG E 650 5.01 12.56 35.65
C ARG E 650 5.98 13.72 35.86
N THR E 651 5.78 14.82 35.11
CA THR E 651 6.67 15.98 35.14
C THR E 651 6.88 16.44 36.58
N GLY E 652 8.10 16.89 36.89
CA GLY E 652 8.41 17.44 38.20
C GLY E 652 8.93 16.40 39.17
N VAL E 653 8.47 15.14 39.03
CA VAL E 653 8.90 14.04 39.89
C VAL E 653 10.32 13.64 39.52
N ASP E 654 11.11 13.25 40.53
CA ASP E 654 12.56 13.10 40.41
C ASP E 654 13.06 11.97 41.31
N ARG E 655 12.48 11.84 42.52
CA ARG E 655 12.81 10.77 43.45
C ARG E 655 11.54 10.33 44.18
N LEU E 656 11.62 9.22 44.92
CA LEU E 656 10.44 8.59 45.53
C LEU E 656 9.72 9.58 46.43
N SER E 657 10.50 10.35 47.19
CA SER E 657 9.98 11.22 48.24
C SER E 657 9.18 12.41 47.67
N ASN E 658 9.21 12.63 46.35
CA ASN E 658 8.34 13.63 45.73
C ASN E 658 7.44 13.00 44.66
N PHE E 659 7.56 11.68 44.44
CA PHE E 659 6.61 10.93 43.65
C PHE E 659 5.33 10.72 44.46
N VAL E 660 5.49 10.63 45.79
CA VAL E 660 4.46 10.21 46.71
C VAL E 660 3.24 11.13 46.62
N THR E 661 2.05 10.50 46.75
CA THR E 661 0.78 11.19 46.97
C THR E 661 0.37 10.96 48.43
N PRO E 662 -0.64 11.69 48.96
CA PRO E 662 -1.11 11.47 50.34
C PRO E 662 -1.38 10.02 50.73
N ASN E 663 -1.99 9.26 49.79
CA ASN E 663 -2.39 7.89 50.04
C ASN E 663 -1.21 6.91 49.90
N MET E 664 0.02 7.45 49.85
CA MET E 664 1.24 6.66 49.91
C MET E 664 2.10 7.07 51.12
N ALA E 665 3.05 6.20 51.48
CA ALA E 665 4.00 6.43 52.56
C ALA E 665 5.32 5.69 52.27
N ILE E 666 6.43 6.29 52.72
CA ILE E 666 7.76 5.72 52.61
C ILE E 666 8.30 5.47 54.02
N GLN E 667 9.19 4.49 54.18
CA GLN E 667 9.84 4.25 55.47
C GLN E 667 11.23 3.65 55.26
N SER E 668 12.24 4.21 55.93
CA SER E 668 13.59 3.67 55.93
C SER E 668 13.62 2.39 56.76
N VAL E 669 13.95 1.27 56.11
CA VAL E 669 14.15 0.00 56.78
C VAL E 669 15.63 -0.37 56.67
N ASN E 670 16.12 -1.17 57.62
CA ASN E 670 17.49 -1.67 57.64
C ASN E 670 17.47 -3.19 57.69
N VAL E 671 18.13 -3.83 56.72
CA VAL E 671 18.13 -5.27 56.58
C VAL E 671 19.47 -5.81 57.08
N ILE E 672 19.43 -6.57 58.19
CA ILE E 672 20.63 -7.13 58.81
C ILE E 672 20.67 -8.64 58.59
N HIS E 673 21.79 -9.13 58.04
CA HIS E 673 22.07 -10.55 57.96
C HIS E 673 22.92 -10.97 59.16
N ILE E 674 22.78 -12.24 59.57
CA ILE E 674 23.60 -12.84 60.60
C ILE E 674 24.01 -14.24 60.12
N ASP E 675 25.32 -14.49 59.96
CA ASP E 675 25.80 -15.75 59.45
C ASP E 675 25.78 -16.80 60.58
N LYS E 676 24.60 -17.40 60.78
CA LYS E 676 24.37 -18.44 61.78
C LYS E 676 23.29 -19.39 61.26
N THR E 677 23.25 -20.63 61.77
CA THR E 677 22.24 -21.60 61.36
C THR E 677 21.24 -21.83 62.49
N VAL E 678 20.03 -21.28 62.34
CA VAL E 678 18.97 -21.40 63.33
C VAL E 678 18.21 -22.70 63.04
N PRO E 679 17.62 -23.39 64.05
CA PRO E 679 16.69 -24.49 63.80
C PRO E 679 15.27 -23.99 63.53
N ARG E 680 14.37 -24.93 63.17
CA ARG E 680 13.03 -24.60 62.72
C ARG E 680 12.08 -24.38 63.90
N THR E 681 12.33 -25.08 65.01
CA THR E 681 11.46 -25.07 66.19
C THR E 681 10.02 -25.17 65.74
N MET F 1 20.07 -20.15 -46.11
CA MET F 1 21.07 -19.78 -47.16
C MET F 1 22.47 -20.05 -46.62
N ASN F 2 23.49 -19.56 -47.34
CA ASN F 2 24.88 -19.68 -46.93
C ASN F 2 25.14 -18.83 -45.69
N TYR F 3 24.53 -17.63 -45.66
CA TYR F 3 24.76 -16.64 -44.62
C TYR F 3 24.74 -17.27 -43.22
N LYS F 4 23.76 -18.15 -42.97
CA LYS F 4 23.62 -18.83 -41.70
C LYS F 4 24.91 -19.58 -41.38
N LYS F 5 25.49 -20.28 -42.37
CA LYS F 5 26.70 -21.05 -42.19
C LYS F 5 27.95 -20.16 -42.07
N ASN F 6 27.87 -18.92 -42.61
CA ASN F 6 29.01 -18.02 -42.64
C ASN F 6 29.23 -17.34 -41.29
N LEU F 7 28.15 -17.15 -40.52
CA LEU F 7 28.21 -16.58 -39.19
C LEU F 7 28.94 -17.53 -38.24
N LEU F 8 28.71 -18.85 -38.42
CA LEU F 8 29.35 -19.87 -37.61
C LEU F 8 30.87 -19.81 -37.72
N LEU F 9 31.38 -19.22 -38.82
CA LEU F 9 32.81 -19.07 -39.03
C LEU F 9 33.39 -18.00 -38.11
N LEU F 10 32.54 -17.11 -37.58
CA LEU F 10 32.99 -16.09 -36.64
C LEU F 10 33.46 -16.72 -35.34
N TYR F 11 32.83 -17.83 -34.95
CA TYR F 11 33.17 -18.57 -33.74
C TYR F 11 34.53 -19.26 -33.86
N ASP F 12 35.04 -19.39 -35.08
CA ASP F 12 36.30 -20.05 -35.35
C ASP F 12 37.47 -19.14 -34.93
N ARG F 13 38.38 -19.68 -34.10
CA ARG F 13 39.62 -19.01 -33.68
C ARG F 13 39.34 -17.57 -33.26
N PRO F 14 38.78 -17.35 -32.05
CA PRO F 14 38.22 -16.05 -31.67
C PRO F 14 39.20 -14.87 -31.64
N ARG F 15 40.49 -15.16 -31.44
CA ARG F 15 41.49 -14.11 -31.28
C ARG F 15 42.32 -13.90 -32.55
N GLU F 16 42.27 -14.86 -33.48
CA GLU F 16 42.85 -14.66 -34.80
C GLU F 16 41.99 -13.64 -35.55
N PRO F 17 42.58 -12.55 -36.09
CA PRO F 17 41.82 -11.56 -36.87
C PRO F 17 40.95 -12.19 -37.96
N ILE F 18 39.83 -11.53 -38.29
CA ILE F 18 38.80 -12.14 -39.12
C ILE F 18 39.28 -12.33 -40.55
N PHE F 19 40.36 -11.63 -40.92
CA PHE F 19 40.92 -11.68 -42.27
C PHE F 19 41.92 -12.82 -42.44
N MET F 20 42.09 -13.68 -41.42
CA MET F 20 43.08 -14.75 -41.47
C MET F 20 42.49 -16.02 -42.08
N GLY F 21 41.16 -16.11 -42.19
CA GLY F 21 40.53 -17.22 -42.90
C GLY F 21 40.15 -18.38 -41.96
N LYS F 22 38.85 -18.67 -41.92
CA LYS F 22 38.25 -19.63 -40.99
C LYS F 22 37.75 -20.85 -41.76
N GLY F 23 38.12 -22.05 -41.30
CA GLY F 23 37.75 -23.27 -41.98
C GLY F 23 38.31 -23.30 -43.41
N LYS F 24 37.44 -23.58 -44.39
CA LYS F 24 37.82 -23.64 -45.79
C LYS F 24 37.41 -22.37 -46.52
N SER F 25 37.27 -21.25 -45.78
CA SER F 25 36.81 -19.99 -46.34
C SER F 25 37.71 -18.85 -45.85
N VAL F 26 37.44 -17.64 -46.35
CA VAL F 26 38.10 -16.41 -45.91
C VAL F 26 37.19 -15.24 -46.25
N PHE F 27 37.25 -14.17 -45.44
CA PHE F 27 36.40 -13.01 -45.62
C PHE F 27 37.15 -11.93 -46.42
N ASP F 28 36.44 -11.29 -47.34
CA ASP F 28 36.98 -10.22 -48.18
C ASP F 28 36.56 -8.88 -47.60
N VAL F 29 37.28 -8.47 -46.53
CA VAL F 29 36.86 -7.38 -45.67
C VAL F 29 37.27 -6.04 -46.32
N PRO F 30 36.39 -5.02 -46.33
CA PRO F 30 36.80 -3.65 -46.66
C PRO F 30 38.00 -3.18 -45.83
N ASP F 31 38.63 -2.10 -46.28
CA ASP F 31 39.81 -1.56 -45.61
C ASP F 31 39.38 -0.72 -44.39
N ASN F 32 38.16 -0.16 -44.43
CA ASN F 32 37.62 0.59 -43.31
C ASN F 32 37.08 -0.38 -42.24
N TYR F 33 37.12 -1.69 -42.55
CA TYR F 33 36.75 -2.74 -41.60
C TYR F 33 38.00 -3.26 -40.85
N LEU F 34 39.20 -2.96 -41.37
CA LEU F 34 40.45 -3.33 -40.71
C LEU F 34 40.66 -2.47 -39.46
N THR F 35 41.29 -3.06 -38.45
CA THR F 35 41.57 -2.36 -37.19
C THR F 35 42.68 -1.35 -37.42
N ASP F 36 42.71 -0.32 -36.57
CA ASP F 36 43.67 0.77 -36.64
C ASP F 36 45.11 0.25 -36.68
N ARG F 37 45.38 -0.85 -35.96
CA ARG F 37 46.72 -1.40 -35.89
C ARG F 37 47.12 -1.96 -37.28
N TYR F 38 46.18 -2.63 -37.94
CA TYR F 38 46.47 -3.42 -39.13
C TYR F 38 46.09 -2.69 -40.42
N ARG F 39 45.22 -1.68 -40.34
CA ARG F 39 44.75 -0.95 -41.52
C ARG F 39 45.94 -0.39 -42.31
N PRO F 40 46.92 0.29 -41.67
CA PRO F 40 48.07 0.84 -42.39
C PRO F 40 48.96 -0.15 -43.16
N ILE F 41 48.70 -1.46 -43.04
CA ILE F 41 49.39 -2.46 -43.84
C ILE F 41 48.39 -3.46 -44.40
N GLY F 42 47.16 -2.99 -44.64
CA GLY F 42 46.08 -3.80 -45.18
C GLY F 42 46.45 -4.51 -46.47
N PRO F 43 46.99 -3.80 -47.49
CA PRO F 43 47.45 -4.44 -48.74
C PRO F 43 48.29 -5.69 -48.58
N GLU F 44 49.19 -5.71 -47.59
CA GLU F 44 50.12 -6.82 -47.40
C GLU F 44 49.40 -8.03 -46.82
N ILE F 45 48.25 -7.80 -46.16
CA ILE F 45 47.60 -8.82 -45.35
C ILE F 45 46.57 -9.59 -46.20
N GLN F 46 45.58 -8.88 -46.74
CA GLN F 46 44.47 -9.52 -47.46
C GLN F 46 45.01 -10.51 -48.49
N ASN F 47 46.15 -10.15 -49.09
CA ASN F 47 46.82 -10.96 -50.09
C ASN F 47 47.50 -12.16 -49.44
N ARG F 48 48.18 -11.91 -48.31
CA ARG F 48 49.04 -12.88 -47.63
C ARG F 48 48.24 -14.08 -47.09
N PHE F 49 46.97 -13.85 -46.71
CA PHE F 49 46.13 -14.89 -46.11
C PHE F 49 45.05 -15.35 -47.08
N GLY F 50 45.00 -14.75 -48.28
CA GLY F 50 44.06 -15.14 -49.31
C GLY F 50 44.27 -16.58 -49.80
N GLU F 51 45.52 -17.07 -49.71
CA GLU F 51 45.92 -18.38 -50.21
C GLU F 51 45.30 -19.51 -49.37
N LEU F 52 45.22 -20.70 -49.98
CA LEU F 52 44.76 -21.95 -49.37
C LEU F 52 43.25 -21.95 -49.11
N ALA F 53 42.51 -20.94 -49.64
CA ALA F 53 41.10 -20.79 -49.35
C ALA F 53 40.28 -21.18 -50.58
N GLU F 54 39.29 -22.07 -50.37
CA GLU F 54 38.37 -22.46 -51.42
C GLU F 54 37.42 -21.31 -51.75
N GLU F 55 36.66 -20.86 -50.75
CA GLU F 55 35.65 -19.83 -50.93
C GLU F 55 36.18 -18.49 -50.44
N ARG F 56 35.60 -17.41 -50.97
CA ARG F 56 35.87 -16.05 -50.52
C ARG F 56 34.54 -15.35 -50.28
N ILE F 57 34.28 -14.98 -49.03
CA ILE F 57 33.00 -14.42 -48.64
C ILE F 57 33.09 -12.90 -48.78
N PRO F 58 32.25 -12.27 -49.63
CA PRO F 58 32.23 -10.81 -49.73
C PRO F 58 31.47 -10.21 -48.55
N VAL F 59 31.74 -8.94 -48.23
CA VAL F 59 31.06 -8.25 -47.14
C VAL F 59 30.80 -6.80 -47.54
N ARG F 60 29.52 -6.41 -47.56
CA ARG F 60 29.08 -5.09 -47.99
C ARG F 60 29.30 -4.08 -46.86
N SER F 61 29.78 -2.89 -47.21
CA SER F 61 30.15 -1.86 -46.24
C SER F 61 28.91 -1.06 -45.84
N ILE F 62 28.53 -1.11 -44.56
CA ILE F 62 27.44 -0.26 -44.05
C ILE F 62 28.03 0.77 -43.10
N ALA F 63 27.20 1.72 -42.64
CA ALA F 63 27.53 2.70 -41.61
C ALA F 63 27.79 2.01 -40.26
N LEU F 64 26.76 1.29 -39.75
CA LEU F 64 26.92 0.50 -38.53
C LEU F 64 26.73 1.40 -37.31
N PRO F 65 25.73 1.10 -36.44
CA PRO F 65 25.50 1.89 -35.24
C PRO F 65 26.74 2.00 -34.35
N ASP F 66 26.69 2.97 -33.42
CA ASP F 66 27.85 3.33 -32.65
C ASP F 66 28.25 2.13 -31.80
N LEU F 67 29.53 1.75 -31.88
CA LEU F 67 30.07 0.61 -31.14
C LEU F 67 30.96 1.08 -29.99
N ARG F 68 30.76 2.31 -29.52
CA ARG F 68 31.54 2.87 -28.43
C ARG F 68 31.39 2.02 -27.16
N ILE F 69 30.15 1.85 -26.73
CA ILE F 69 29.83 1.13 -25.50
C ILE F 69 30.36 -0.31 -25.60
N PRO F 70 29.99 -1.11 -26.61
CA PRO F 70 30.59 -2.43 -26.82
C PRO F 70 32.12 -2.50 -26.75
N MET F 71 32.78 -1.43 -27.23
CA MET F 71 34.23 -1.38 -27.28
C MET F 71 34.83 -0.84 -25.98
N SER F 72 33.98 -0.40 -25.03
CA SER F 72 34.48 0.16 -23.78
C SER F 72 35.29 -0.90 -23.01
N LEU F 73 34.80 -2.15 -22.98
CA LEU F 73 35.48 -3.27 -22.36
C LEU F 73 36.78 -3.56 -23.11
N GLY F 74 37.91 -3.65 -22.39
CA GLY F 74 39.20 -3.97 -23.00
C GLY F 74 39.17 -5.33 -23.69
N ARG F 75 40.10 -5.55 -24.62
CA ARG F 75 40.16 -6.78 -25.41
C ARG F 75 40.82 -7.89 -24.60
N GLN F 76 41.76 -7.51 -23.73
CA GLN F 76 42.51 -8.47 -22.92
C GLN F 76 41.92 -8.57 -21.52
N GLU F 77 40.63 -8.18 -21.37
CA GLU F 77 39.94 -8.19 -20.10
C GLU F 77 39.00 -9.40 -20.05
N GLN F 78 38.60 -9.78 -18.83
CA GLN F 78 37.66 -10.86 -18.61
C GLN F 78 36.25 -10.29 -18.78
N PHE F 79 35.26 -11.17 -19.05
CA PHE F 79 33.87 -10.77 -19.20
C PHE F 79 32.97 -11.70 -18.38
N SER F 80 32.18 -11.07 -17.50
CA SER F 80 31.20 -11.74 -16.65
C SER F 80 29.89 -10.96 -16.68
N LEU F 81 28.78 -11.71 -16.71
CA LEU F 81 27.44 -11.15 -16.77
C LEU F 81 26.95 -10.76 -15.37
N PHE F 82 27.75 -11.06 -14.34
CA PHE F 82 27.39 -10.78 -12.96
C PHE F 82 27.76 -9.34 -12.62
N ILE F 83 28.82 -8.84 -13.26
CA ILE F 83 29.34 -7.50 -13.02
C ILE F 83 28.38 -6.48 -13.62
N PRO F 84 27.88 -5.50 -12.84
CA PRO F 84 26.82 -4.59 -13.30
C PRO F 84 27.09 -3.94 -14.66
N ARG F 85 28.36 -3.54 -14.86
CA ARG F 85 28.75 -2.73 -16.00
C ARG F 85 28.73 -3.54 -17.29
N HIS F 86 29.27 -4.75 -17.22
CA HIS F 86 29.31 -5.67 -18.35
C HIS F 86 27.88 -5.93 -18.87
N ARG F 87 26.92 -6.01 -17.95
CA ARG F 87 25.52 -6.25 -18.30
C ARG F 87 25.02 -5.16 -19.26
N LYS F 88 25.39 -3.92 -18.97
CA LYS F 88 24.97 -2.76 -19.76
C LYS F 88 25.67 -2.74 -21.11
N ILE F 89 26.90 -3.23 -21.17
CA ILE F 89 27.67 -3.31 -22.41
C ILE F 89 27.10 -4.39 -23.32
N ALA F 90 26.86 -5.59 -22.78
CA ALA F 90 26.26 -6.69 -23.51
C ALA F 90 24.90 -6.27 -24.08
N ALA F 91 24.02 -5.71 -23.25
CA ALA F 91 22.68 -5.31 -23.66
C ALA F 91 22.75 -4.27 -24.78
N ARG F 92 23.81 -3.49 -24.84
CA ARG F 92 24.01 -2.53 -25.92
C ARG F 92 24.35 -3.29 -27.22
N LEU F 93 25.29 -4.24 -27.10
CA LEU F 93 25.76 -4.98 -28.24
C LEU F 93 24.64 -5.90 -28.75
N ILE F 94 24.03 -6.67 -27.83
CA ILE F 94 22.94 -7.55 -28.18
C ILE F 94 21.92 -6.74 -28.94
N ASP F 95 21.70 -5.49 -28.56
CA ASP F 95 20.72 -4.61 -29.20
C ASP F 95 21.09 -4.33 -30.64
N ILE F 96 22.40 -4.22 -30.91
CA ILE F 96 22.87 -4.00 -32.27
C ILE F 96 22.59 -5.23 -33.14
N PHE F 97 23.00 -6.40 -32.65
CA PHE F 97 22.81 -7.68 -33.34
C PHE F 97 21.35 -8.08 -33.37
N MET F 98 20.58 -7.82 -32.31
CA MET F 98 19.16 -8.16 -32.23
C MET F 98 18.30 -6.99 -32.72
N GLY F 99 18.90 -6.11 -33.51
CA GLY F 99 18.16 -5.10 -34.29
C GLY F 99 18.69 -4.97 -35.72
N MET F 100 19.50 -5.94 -36.17
CA MET F 100 20.14 -5.88 -37.46
C MET F 100 19.18 -6.40 -38.54
N ARG F 101 18.83 -5.47 -39.43
CA ARG F 101 17.75 -5.56 -40.39
C ARG F 101 17.78 -6.82 -41.22
N ASN F 102 18.94 -7.21 -41.77
CA ASN F 102 19.01 -8.29 -42.76
C ASN F 102 19.97 -9.36 -42.28
N ILE F 103 20.05 -10.53 -42.89
CA ILE F 103 21.06 -11.52 -42.53
C ILE F 103 22.38 -11.17 -43.22
N GLU F 104 22.32 -10.27 -44.20
CA GLU F 104 23.52 -9.78 -44.85
C GLU F 104 24.19 -8.81 -43.89
N GLU F 105 23.42 -7.88 -43.30
CA GLU F 105 23.95 -6.84 -42.45
C GLU F 105 24.37 -7.43 -41.10
N LEU F 106 23.66 -8.42 -40.57
CA LEU F 106 24.12 -9.07 -39.34
C LEU F 106 25.54 -9.57 -39.53
N GLN F 107 25.78 -10.13 -40.73
CA GLN F 107 27.11 -10.65 -41.07
C GLN F 107 28.12 -9.53 -41.21
N SER F 108 27.68 -8.38 -41.73
CA SER F 108 28.56 -7.24 -41.97
C SER F 108 28.91 -6.54 -40.65
N CYS F 109 27.90 -6.28 -39.82
CA CYS F 109 28.09 -5.71 -38.50
C CYS F 109 29.04 -6.56 -37.69
N ALA F 110 28.79 -7.89 -37.70
CA ALA F 110 29.58 -8.85 -36.94
C ALA F 110 31.04 -8.82 -37.37
N VAL F 111 31.28 -8.91 -38.67
CA VAL F 111 32.62 -9.02 -39.23
C VAL F 111 33.46 -7.81 -38.82
N PHE F 112 32.85 -6.62 -38.82
CA PHE F 112 33.50 -5.39 -38.41
C PHE F 112 33.82 -5.43 -36.93
N ALA F 113 32.78 -5.61 -36.10
CA ALA F 113 32.87 -5.55 -34.65
C ALA F 113 33.87 -6.58 -34.10
N ARG F 114 33.88 -7.78 -34.69
CA ARG F 114 34.51 -8.96 -34.09
C ARG F 114 35.92 -8.64 -33.56
N ASP F 115 36.71 -7.88 -34.30
CA ASP F 115 38.11 -7.68 -33.95
C ASP F 115 38.34 -6.39 -33.16
N ARG F 116 37.25 -5.79 -32.66
CA ARG F 116 37.32 -4.56 -31.89
C ARG F 116 36.83 -4.77 -30.45
N ILE F 117 36.03 -5.82 -30.21
CA ILE F 117 35.43 -6.02 -28.91
C ILE F 117 36.00 -7.31 -28.28
N ASN F 118 35.75 -7.46 -26.97
CA ASN F 118 36.25 -8.56 -26.17
C ASN F 118 35.69 -9.89 -26.68
N PRO F 119 36.56 -10.85 -27.09
CA PRO F 119 36.10 -12.14 -27.61
C PRO F 119 35.00 -12.84 -26.79
N TYR F 120 35.20 -12.91 -25.47
CA TYR F 120 34.23 -13.55 -24.58
C TYR F 120 32.87 -12.86 -24.72
N LEU F 121 32.90 -11.52 -24.78
CA LEU F 121 31.71 -10.69 -24.90
C LEU F 121 31.05 -10.90 -26.25
N PHE F 122 31.84 -10.85 -27.33
CA PHE F 122 31.38 -11.09 -28.69
C PHE F 122 30.61 -12.41 -28.74
N ASN F 123 31.27 -13.49 -28.30
CA ASN F 123 30.69 -14.83 -28.30
C ASN F 123 29.31 -14.83 -27.65
N TYR F 124 29.20 -14.19 -26.47
CA TYR F 124 27.95 -14.15 -25.74
C TYR F 124 26.91 -13.38 -26.54
N ALA F 125 27.26 -12.14 -26.93
CA ALA F 125 26.34 -11.23 -27.60
C ALA F 125 25.79 -11.85 -28.89
N LEU F 126 26.66 -12.53 -29.65
CA LEU F 126 26.27 -13.17 -30.90
C LEU F 126 25.35 -14.35 -30.58
N SER F 127 25.85 -15.28 -29.73
CA SER F 127 25.11 -16.43 -29.33
C SER F 127 23.75 -15.84 -29.22
N VAL F 128 23.26 -15.43 -28.06
CA VAL F 128 21.96 -14.84 -27.80
C VAL F 128 21.22 -14.18 -28.96
N ALA F 129 21.89 -13.33 -29.75
CA ALA F 129 21.22 -12.68 -30.88
C ALA F 129 20.74 -13.69 -31.92
N LEU F 130 21.65 -14.56 -32.37
CA LEU F 130 21.31 -15.67 -33.25
C LEU F 130 20.23 -16.55 -32.62
N LEU F 131 20.35 -16.80 -31.30
CA LEU F 131 19.49 -17.74 -30.59
C LEU F 131 18.06 -17.22 -30.53
N HIS F 132 17.87 -15.88 -30.66
CA HIS F 132 16.57 -15.30 -30.43
C HIS F 132 16.13 -14.37 -31.55
N ARG F 133 16.73 -14.54 -32.73
CA ARG F 133 16.29 -13.85 -33.94
C ARG F 133 15.38 -14.79 -34.71
N ARG F 134 14.51 -14.21 -35.56
CA ARG F 134 13.46 -14.98 -36.19
C ARG F 134 13.92 -15.43 -37.57
N ASP F 135 15.19 -15.25 -38.01
CA ASP F 135 15.63 -15.82 -39.25
C ASP F 135 16.95 -16.61 -39.10
N THR F 136 17.36 -16.86 -37.88
CA THR F 136 18.51 -17.70 -37.52
C THR F 136 18.03 -18.74 -36.49
N LYS F 137 16.99 -19.48 -36.85
CA LYS F 137 16.48 -20.56 -36.00
C LYS F 137 17.14 -21.88 -36.45
N ASN F 138 17.10 -22.90 -35.58
CA ASN F 138 17.53 -24.26 -35.88
C ASN F 138 19.04 -24.31 -36.19
N LEU F 139 19.77 -23.33 -35.67
CA LEU F 139 21.18 -23.19 -35.98
C LEU F 139 22.02 -23.97 -34.99
N ASP F 140 23.01 -24.70 -35.49
CA ASP F 140 23.89 -25.51 -34.66
C ASP F 140 25.05 -24.69 -34.13
N LEU F 141 24.92 -24.13 -32.92
CA LEU F 141 25.91 -23.27 -32.32
C LEU F 141 27.08 -24.13 -31.80
N PRO F 142 28.35 -23.72 -32.08
CA PRO F 142 29.50 -24.52 -31.64
C PRO F 142 29.59 -24.56 -30.12
N SER F 143 30.06 -25.68 -29.59
CA SER F 143 30.32 -25.82 -28.16
C SER F 143 31.33 -24.76 -27.73
N VAL F 144 31.07 -24.12 -26.58
CA VAL F 144 31.90 -23.03 -26.09
C VAL F 144 33.23 -23.58 -25.56
N VAL F 145 33.31 -24.91 -25.34
CA VAL F 145 34.56 -25.58 -25.01
C VAL F 145 35.52 -25.48 -26.18
N GLU F 146 34.96 -25.66 -27.40
CA GLU F 146 35.75 -25.70 -28.62
C GLU F 146 36.25 -24.30 -28.97
N VAL F 147 35.51 -23.25 -28.60
CA VAL F 147 35.89 -21.88 -28.95
C VAL F 147 36.71 -21.24 -27.81
N PHE F 148 36.45 -21.65 -26.56
CA PHE F 148 37.16 -21.11 -25.39
C PHE F 148 37.59 -22.25 -24.48
N PRO F 149 38.57 -23.08 -24.88
CA PRO F 149 38.98 -24.20 -24.06
C PRO F 149 39.66 -23.80 -22.74
N ASP F 150 40.08 -22.53 -22.64
CA ASP F 150 40.81 -22.03 -21.48
C ASP F 150 39.95 -22.05 -20.22
N LYS F 151 38.62 -22.04 -20.38
CA LYS F 151 37.68 -22.03 -19.26
C LYS F 151 37.30 -23.45 -18.83
N TYR F 152 37.92 -24.47 -19.44
CA TYR F 152 37.48 -25.86 -19.25
C TYR F 152 38.64 -26.82 -19.07
N VAL F 153 39.89 -26.33 -19.10
CA VAL F 153 41.06 -27.19 -19.19
C VAL F 153 42.23 -26.58 -18.43
N ASP F 154 42.92 -27.45 -17.66
CA ASP F 154 44.16 -27.09 -16.99
C ASP F 154 45.09 -26.37 -17.96
N SER F 155 45.67 -25.25 -17.53
CA SER F 155 46.50 -24.41 -18.37
C SER F 155 47.75 -25.15 -18.86
N ARG F 156 48.12 -26.24 -18.17
CA ARG F 156 49.34 -26.97 -18.47
C ARG F 156 49.33 -27.54 -19.90
N VAL F 157 48.15 -27.90 -20.40
CA VAL F 157 48.06 -28.59 -21.67
C VAL F 157 48.46 -27.66 -22.82
N PHE F 158 48.23 -26.34 -22.66
CA PHE F 158 48.31 -25.41 -23.76
C PHE F 158 49.70 -25.41 -24.40
N GLU F 159 50.76 -25.52 -23.59
CA GLU F 159 52.12 -25.50 -24.09
C GLU F 159 52.51 -26.87 -24.66
N GLN F 160 51.74 -27.91 -24.33
CA GLN F 160 51.90 -29.23 -24.94
C GLN F 160 51.25 -29.26 -26.32
N ILE F 161 50.06 -28.66 -26.43
CA ILE F 161 49.31 -28.56 -27.68
C ILE F 161 50.10 -27.73 -28.68
N ARG F 162 50.78 -26.69 -28.20
CA ARG F 162 51.60 -25.82 -29.04
C ARG F 162 52.80 -26.60 -29.55
N GLU F 163 53.42 -27.39 -28.66
CA GLU F 163 54.58 -28.21 -28.99
C GLU F 163 54.18 -29.26 -30.04
N GLU F 164 53.15 -30.05 -29.72
CA GLU F 164 52.68 -31.13 -30.56
C GLU F 164 52.32 -30.63 -31.96
N ALA F 165 51.63 -29.49 -32.03
CA ALA F 165 51.14 -28.94 -33.29
C ALA F 165 52.28 -28.41 -34.16
N THR F 166 53.38 -27.97 -33.53
CA THR F 166 54.49 -27.37 -34.24
C THR F 166 55.50 -28.45 -34.69
N VAL F 167 55.73 -29.46 -33.84
CA VAL F 167 56.77 -30.45 -34.08
C VAL F 167 56.27 -31.56 -34.98
N VAL F 168 55.14 -32.17 -34.62
CA VAL F 168 54.66 -33.41 -35.23
C VAL F 168 53.75 -33.09 -36.41
N PRO F 169 53.89 -33.78 -37.58
CA PRO F 169 52.95 -33.61 -38.69
C PRO F 169 51.54 -34.12 -38.37
N GLU F 170 50.53 -33.45 -38.94
CA GLU F 170 49.14 -33.89 -38.88
C GLU F 170 49.05 -35.39 -39.11
N GLY F 171 48.00 -36.02 -38.55
CA GLY F 171 47.75 -37.44 -38.76
C GLY F 171 48.54 -38.31 -37.79
N MET F 172 49.74 -37.88 -37.42
CA MET F 172 50.59 -38.59 -36.47
C MET F 172 50.50 -37.96 -35.07
N ARG F 173 49.58 -37.01 -34.88
CA ARG F 173 49.48 -36.29 -33.61
C ARG F 173 48.78 -37.16 -32.56
N MET F 174 49.41 -37.26 -31.37
CA MET F 174 48.86 -37.98 -30.24
C MET F 174 47.75 -37.15 -29.58
N PRO F 175 46.62 -37.77 -29.16
CA PRO F 175 45.61 -37.05 -28.39
C PRO F 175 46.20 -36.57 -27.06
N ILE F 176 45.91 -35.32 -26.71
CA ILE F 176 46.38 -34.70 -25.47
C ILE F 176 45.43 -35.12 -24.34
N VAL F 177 45.96 -35.79 -23.31
CA VAL F 177 45.13 -36.19 -22.18
C VAL F 177 44.89 -34.94 -21.34
N ILE F 178 43.64 -34.71 -20.93
CA ILE F 178 43.30 -33.58 -20.07
C ILE F 178 43.35 -34.04 -18.62
N PRO F 179 44.19 -33.41 -17.76
CA PRO F 179 44.29 -33.82 -16.36
C PRO F 179 42.95 -33.77 -15.63
N LYS F 180 42.69 -34.77 -14.80
CA LYS F 180 41.53 -34.82 -13.93
C LYS F 180 42.03 -34.89 -12.48
N ASP F 181 41.18 -34.46 -11.54
CA ASP F 181 41.54 -34.41 -10.13
C ASP F 181 42.91 -33.75 -9.98
N PHE F 182 42.98 -32.47 -10.34
CA PHE F 182 44.24 -31.75 -10.53
C PHE F 182 44.26 -30.44 -9.73
N THR F 183 43.13 -30.06 -9.13
CA THR F 183 43.00 -28.76 -8.46
C THR F 183 43.43 -28.87 -7.00
N ALA F 184 43.36 -30.07 -6.41
CA ALA F 184 43.71 -30.28 -5.01
C ALA F 184 44.10 -31.74 -4.76
N SER F 185 44.93 -31.97 -3.73
CA SER F 185 45.37 -33.31 -3.34
C SER F 185 44.39 -33.90 -2.31
N ASP F 186 44.77 -35.05 -1.72
CA ASP F 186 43.88 -35.83 -0.86
C ASP F 186 43.83 -35.26 0.56
N LEU F 187 44.70 -34.30 0.86
CA LEU F 187 44.64 -33.55 2.12
C LEU F 187 43.35 -32.72 2.15
N ASP F 188 42.88 -32.30 0.97
CA ASP F 188 41.60 -31.63 0.82
C ASP F 188 40.56 -32.66 0.39
N GLU F 189 39.61 -32.98 1.29
CA GLU F 189 38.60 -34.00 1.04
C GLU F 189 37.65 -33.57 -0.08
N GLU F 190 37.60 -32.26 -0.35
CA GLU F 190 36.75 -31.70 -1.39
C GLU F 190 37.19 -32.16 -2.79
N HIS F 191 38.46 -32.58 -2.92
CA HIS F 191 39.02 -32.93 -4.22
C HIS F 191 38.30 -34.12 -4.84
N ARG F 192 37.55 -34.87 -4.02
CA ARG F 192 36.89 -36.10 -4.46
C ARG F 192 35.76 -35.80 -5.44
N LEU F 193 35.22 -34.57 -5.39
CA LEU F 193 34.04 -34.19 -6.17
C LEU F 193 34.46 -33.54 -7.49
N TRP F 194 35.73 -33.71 -7.89
CA TRP F 194 36.24 -33.19 -9.17
C TRP F 194 35.34 -33.63 -10.33
N TYR F 195 34.89 -34.89 -10.31
CA TYR F 195 34.17 -35.50 -11.43
C TYR F 195 32.80 -34.84 -11.62
N PHE F 196 32.41 -33.96 -10.69
CA PHE F 196 31.12 -33.27 -10.75
C PHE F 196 31.36 -31.77 -10.94
N ARG F 197 32.11 -31.18 -10.00
CA ARG F 197 32.41 -29.75 -10.02
C ARG F 197 33.11 -29.36 -11.32
N GLU F 198 34.10 -30.17 -11.74
CA GLU F 198 35.01 -29.80 -12.81
C GLU F 198 34.67 -30.53 -14.10
N ASP F 199 33.60 -31.34 -14.10
CA ASP F 199 33.15 -32.02 -15.30
C ASP F 199 32.73 -31.01 -16.36
N ILE F 200 33.25 -31.18 -17.59
CA ILE F 200 32.93 -30.34 -18.73
C ILE F 200 31.42 -30.25 -18.91
N GLY F 201 30.74 -31.41 -18.83
CA GLY F 201 29.32 -31.53 -19.12
C GLY F 201 28.49 -30.54 -18.31
N VAL F 202 28.62 -30.61 -16.98
CA VAL F 202 27.71 -29.91 -16.07
C VAL F 202 28.00 -28.40 -16.15
N ASN F 203 29.26 -28.03 -16.40
CA ASN F 203 29.65 -26.63 -16.54
C ASN F 203 29.03 -26.04 -17.81
N LEU F 204 28.91 -26.86 -18.86
CA LEU F 204 28.31 -26.42 -20.11
C LEU F 204 26.80 -26.26 -19.93
N HIS F 205 26.18 -27.19 -19.21
CA HIS F 205 24.75 -27.12 -18.94
C HIS F 205 24.40 -25.82 -18.21
N HIS F 206 25.23 -25.45 -17.23
CA HIS F 206 25.00 -24.27 -16.42
C HIS F 206 25.12 -23.02 -17.28
N TRP F 207 26.22 -22.92 -18.05
CA TRP F 207 26.45 -21.79 -18.94
C TRP F 207 25.26 -21.60 -19.90
N HIS F 208 24.80 -22.71 -20.50
CA HIS F 208 23.76 -22.67 -21.52
C HIS F 208 22.41 -22.30 -20.91
N TRP F 209 22.10 -22.80 -19.69
CA TRP F 209 20.85 -22.48 -19.03
C TRP F 209 20.70 -20.97 -18.87
N HIS F 210 21.81 -20.30 -18.54
CA HIS F 210 21.83 -18.85 -18.34
C HIS F 210 21.77 -18.12 -19.68
N LEU F 211 22.16 -18.78 -20.79
CA LEU F 211 22.01 -18.23 -22.13
C LEU F 211 20.53 -18.08 -22.50
N VAL F 212 19.73 -19.12 -22.24
CA VAL F 212 18.37 -19.18 -22.77
C VAL F 212 17.41 -18.53 -21.79
N TYR F 213 17.82 -18.40 -20.52
CA TYR F 213 17.04 -17.70 -19.51
C TYR F 213 17.89 -16.60 -18.87
N PRO F 214 18.27 -15.53 -19.60
CA PRO F 214 18.94 -14.39 -18.97
C PRO F 214 17.98 -13.68 -18.01
N PHE F 215 18.54 -12.77 -17.19
CA PHE F 215 17.78 -12.05 -16.19
C PHE F 215 17.78 -10.56 -16.50
N GLU F 216 18.36 -10.16 -17.64
CA GLU F 216 18.45 -8.75 -18.02
C GLU F 216 18.57 -8.64 -19.54
N ALA F 217 17.82 -7.72 -20.17
CA ALA F 217 17.99 -7.29 -21.55
C ALA F 217 16.73 -6.58 -22.07
N SER F 218 15.65 -7.35 -22.22
CA SER F 218 14.38 -6.93 -22.80
C SER F 218 13.42 -8.12 -22.77
N ASN F 219 12.18 -7.92 -22.31
CA ASN F 219 11.27 -9.04 -22.06
C ASN F 219 11.01 -9.84 -23.34
N ARG F 220 11.00 -9.14 -24.48
CA ARG F 220 10.92 -9.74 -25.79
C ARG F 220 12.27 -10.32 -26.22
N ALA F 221 13.36 -9.81 -25.62
CA ALA F 221 14.68 -10.40 -25.76
C ALA F 221 14.90 -11.40 -24.61
N ILE F 222 13.88 -12.21 -24.30
CA ILE F 222 14.03 -13.57 -23.80
C ILE F 222 14.01 -13.57 -22.27
N VAL F 223 13.68 -12.44 -21.63
CA VAL F 223 13.80 -12.41 -20.19
C VAL F 223 12.53 -13.03 -19.60
N ASP F 224 11.37 -12.74 -20.20
CA ASP F 224 10.11 -13.18 -19.64
C ASP F 224 9.67 -14.51 -20.27
N LYS F 225 10.30 -15.60 -19.81
CA LYS F 225 9.92 -16.96 -20.18
C LYS F 225 9.03 -17.55 -19.09
N ASP F 226 8.13 -18.45 -19.45
CA ASP F 226 7.16 -18.98 -18.50
C ASP F 226 7.88 -19.58 -17.30
N ARG F 227 7.54 -19.10 -16.10
CA ARG F 227 7.98 -19.68 -14.83
C ARG F 227 9.50 -19.77 -14.75
N ARG F 228 10.22 -18.78 -15.30
CA ARG F 228 11.67 -18.78 -15.28
C ARG F 228 12.18 -18.61 -13.85
N GLY F 229 11.40 -17.91 -13.02
CA GLY F 229 11.70 -17.76 -11.60
C GLY F 229 11.72 -19.12 -10.91
N GLU F 230 10.64 -19.89 -11.09
CA GLU F 230 10.54 -21.22 -10.52
C GLU F 230 11.66 -22.09 -11.11
N LEU F 231 11.93 -21.91 -12.40
CA LEU F 231 12.99 -22.65 -13.08
C LEU F 231 14.32 -22.41 -12.36
N PHE F 232 14.62 -21.13 -12.13
CA PHE F 232 15.85 -20.70 -11.46
C PHE F 232 15.95 -21.37 -10.09
N TYR F 233 14.83 -21.39 -9.35
CA TYR F 233 14.76 -22.06 -8.06
C TYR F 233 15.12 -23.54 -8.25
N TYR F 234 14.35 -24.23 -9.12
CA TYR F 234 14.35 -25.69 -9.19
C TYR F 234 15.67 -26.21 -9.75
N MET F 235 16.08 -25.69 -10.91
CA MET F 235 17.30 -26.13 -11.56
C MET F 235 18.47 -26.10 -10.57
N HIS F 236 18.71 -24.92 -9.97
CA HIS F 236 19.80 -24.75 -9.01
C HIS F 236 19.58 -25.66 -7.80
N SER F 237 18.31 -25.83 -7.39
CA SER F 237 17.96 -26.69 -6.26
C SER F 237 18.30 -28.14 -6.53
N GLN F 238 18.17 -28.57 -7.79
CA GLN F 238 18.51 -29.92 -8.21
C GLN F 238 20.03 -30.11 -8.30
N LEU F 239 20.76 -29.04 -8.64
CA LEU F 239 22.22 -29.08 -8.66
C LEU F 239 22.73 -29.53 -7.28
N ILE F 240 22.15 -28.98 -6.21
CA ILE F 240 22.65 -29.21 -4.86
C ILE F 240 22.18 -30.59 -4.36
N ALA F 241 20.97 -30.99 -4.74
CA ALA F 241 20.45 -32.32 -4.46
C ALA F 241 21.37 -33.40 -5.05
N ARG F 242 21.79 -33.19 -6.31
CA ARG F 242 22.70 -34.08 -7.00
C ARG F 242 24.10 -34.02 -6.38
N TYR F 243 24.54 -32.81 -5.99
CA TYR F 243 25.84 -32.59 -5.38
C TYR F 243 25.87 -33.33 -4.04
N ASN F 244 24.81 -33.13 -3.23
CA ASN F 244 24.71 -33.75 -1.92
C ASN F 244 24.70 -35.27 -2.04
N PHE F 245 24.12 -35.79 -3.13
CA PHE F 245 24.14 -37.21 -3.40
C PHE F 245 25.59 -37.66 -3.59
N GLU F 246 26.30 -36.97 -4.51
CA GLU F 246 27.67 -37.31 -4.85
C GLU F 246 28.57 -37.17 -3.62
N ARG F 247 28.22 -36.26 -2.69
CA ARG F 247 28.97 -36.10 -1.45
C ARG F 247 28.90 -37.39 -0.63
N PHE F 248 27.69 -37.94 -0.51
CA PHE F 248 27.45 -39.14 0.28
C PHE F 248 28.19 -40.34 -0.30
N CYS F 249 28.44 -40.31 -1.62
CA CYS F 249 29.16 -41.36 -2.30
C CYS F 249 30.68 -41.20 -2.18
N ASN F 250 31.13 -40.15 -1.48
CA ASN F 250 32.56 -39.91 -1.26
C ASN F 250 32.82 -39.74 0.23
N ARG F 251 31.96 -40.35 1.06
CA ARG F 251 32.16 -40.43 2.51
C ARG F 251 32.21 -39.03 3.14
N LEU F 252 31.42 -38.09 2.60
CA LEU F 252 31.34 -36.72 3.10
C LEU F 252 29.91 -36.46 3.61
N GLN F 253 29.75 -35.39 4.41
CA GLN F 253 28.45 -34.97 4.90
C GLN F 253 27.79 -34.05 3.87
N ARG F 254 26.53 -33.68 4.11
CA ARG F 254 25.81 -32.76 3.22
C ARG F 254 26.50 -31.40 3.26
N VAL F 255 26.42 -30.66 2.15
CA VAL F 255 27.08 -29.37 2.03
C VAL F 255 26.49 -28.42 3.07
N LYS F 256 27.37 -27.73 3.83
CA LYS F 256 26.95 -26.69 4.75
C LYS F 256 26.76 -25.38 4.01
N ARG F 257 25.64 -24.71 4.30
CA ARG F 257 25.26 -23.44 3.72
C ARG F 257 26.20 -22.34 4.22
N LEU F 258 26.22 -21.18 3.54
CA LEU F 258 26.89 -19.99 4.04
C LEU F 258 25.99 -19.28 5.05
N ASN F 259 25.98 -19.81 6.27
CA ASN F 259 25.26 -19.27 7.42
C ASN F 259 25.26 -17.75 7.39
N ASN F 260 26.46 -17.16 7.54
CA ASN F 260 26.61 -15.71 7.67
C ASN F 260 27.95 -15.28 7.08
N LEU F 261 27.95 -14.07 6.50
CA LEU F 261 28.96 -13.64 5.54
C LEU F 261 30.20 -13.08 6.23
N ARG F 262 30.14 -12.89 7.54
CA ARG F 262 31.24 -12.29 8.30
C ARG F 262 32.26 -13.35 8.71
N GLU F 263 31.77 -14.58 8.93
CA GLU F 263 32.60 -15.71 9.29
C GLU F 263 33.45 -16.12 8.10
N PRO F 264 34.72 -16.53 8.29
CA PRO F 264 35.57 -17.03 7.21
C PRO F 264 35.00 -18.16 6.36
N ILE F 265 35.49 -18.26 5.11
CA ILE F 265 35.18 -19.37 4.22
C ILE F 265 36.30 -20.41 4.31
N ALA F 266 35.98 -21.56 4.90
CA ALA F 266 36.97 -22.60 5.22
C ALA F 266 37.66 -23.14 3.96
N GLU F 267 36.86 -23.46 2.94
CA GLU F 267 37.35 -24.17 1.75
C GLU F 267 37.81 -23.15 0.72
N GLY F 268 39.14 -23.09 0.52
CA GLY F 268 39.72 -22.37 -0.61
C GLY F 268 39.65 -23.20 -1.90
N TYR F 269 39.97 -22.58 -3.04
CA TYR F 269 39.97 -23.27 -4.33
C TYR F 269 40.82 -22.49 -5.34
N PHE F 270 41.91 -23.11 -5.78
CA PHE F 270 42.74 -22.62 -6.88
C PHE F 270 42.38 -23.40 -8.15
N PRO F 271 41.76 -22.75 -9.17
CA PRO F 271 41.13 -23.47 -10.27
C PRO F 271 42.06 -24.00 -11.37
N LYS F 272 43.26 -23.42 -11.44
CA LYS F 272 44.33 -23.83 -12.35
C LYS F 272 44.00 -23.50 -13.81
N LEU F 273 43.19 -22.45 -14.03
CA LEU F 273 42.83 -22.02 -15.37
C LEU F 273 43.64 -20.79 -15.75
N ASP F 274 43.95 -20.67 -17.05
CA ASP F 274 44.69 -19.54 -17.60
C ASP F 274 43.91 -19.01 -18.79
N SER F 275 43.37 -17.79 -18.66
CA SER F 275 42.63 -17.12 -19.73
C SER F 275 43.60 -16.64 -20.82
N LEU F 276 43.52 -17.25 -22.01
CA LEU F 276 44.36 -16.88 -23.14
C LEU F 276 43.89 -15.55 -23.74
N VAL F 277 42.63 -15.18 -23.46
CA VAL F 277 42.08 -13.90 -23.91
C VAL F 277 42.57 -12.77 -23.03
N ALA F 278 42.61 -12.99 -21.71
CA ALA F 278 43.13 -12.02 -20.75
C ALA F 278 44.66 -12.14 -20.62
N SER F 279 45.17 -13.29 -21.09
CA SER F 279 46.59 -13.65 -21.07
C SER F 279 47.11 -13.81 -19.64
N ARG F 280 46.19 -13.70 -18.67
CA ARG F 280 46.48 -13.92 -17.25
C ARG F 280 45.81 -15.22 -16.83
N THR F 281 46.01 -15.61 -15.54
CA THR F 281 45.26 -16.70 -14.93
C THR F 281 44.18 -16.11 -14.02
N TRP F 282 43.13 -16.91 -13.77
CA TRP F 282 42.12 -16.63 -12.76
C TRP F 282 42.79 -16.67 -11.38
N PRO F 283 42.52 -15.71 -10.47
CA PRO F 283 43.05 -15.77 -9.10
C PRO F 283 42.41 -16.94 -8.35
N GLY F 284 43.16 -17.49 -7.38
CA GLY F 284 42.62 -18.46 -6.45
C GLY F 284 42.05 -17.76 -5.22
N ARG F 285 41.35 -18.53 -4.37
CA ARG F 285 40.94 -18.09 -3.04
C ARG F 285 41.61 -18.96 -1.99
N VAL F 286 42.20 -18.32 -0.98
CA VAL F 286 42.91 -19.02 0.08
C VAL F 286 41.91 -19.59 1.10
N ASP F 287 42.40 -20.49 1.94
CA ASP F 287 41.63 -21.00 3.06
C ASP F 287 41.35 -19.85 4.02
N ASN F 288 40.13 -19.80 4.56
CA ASN F 288 39.70 -18.84 5.56
C ASN F 288 39.76 -17.41 5.04
N ALA F 289 39.59 -17.23 3.73
CA ALA F 289 39.33 -15.91 3.18
C ALA F 289 38.04 -15.36 3.79
N VAL F 290 37.97 -14.03 3.97
CA VAL F 290 36.76 -13.37 4.46
C VAL F 290 36.22 -12.46 3.36
N ILE F 291 34.89 -12.45 3.21
CA ILE F 291 34.21 -11.53 2.31
C ILE F 291 34.52 -10.11 2.77
N LYS F 292 34.75 -9.21 1.80
CA LYS F 292 35.12 -7.83 2.09
C LYS F 292 34.31 -6.89 1.21
N ASP F 293 33.95 -5.71 1.75
CA ASP F 293 33.27 -4.65 1.03
C ASP F 293 33.99 -4.35 -0.29
N LEU F 294 33.22 -4.28 -1.39
CA LEU F 294 33.76 -4.06 -2.72
C LEU F 294 33.74 -2.58 -3.07
N ASN F 295 34.80 -2.11 -3.73
CA ASN F 295 34.89 -0.77 -4.29
C ASN F 295 35.69 -0.84 -5.59
N ARG F 296 35.07 -1.43 -6.62
CA ARG F 296 35.71 -1.62 -7.92
C ARG F 296 35.24 -0.51 -8.85
N GLU F 297 35.84 0.67 -8.73
CA GLU F 297 35.42 1.87 -9.45
C GLU F 297 35.21 1.56 -10.94
N LEU F 298 36.16 0.84 -11.55
CA LEU F 298 36.13 0.56 -12.99
C LEU F 298 34.88 -0.24 -13.36
N ASP F 299 34.63 -1.33 -12.60
CA ASP F 299 33.56 -2.27 -12.90
C ASP F 299 32.19 -1.69 -12.54
N GLN F 300 32.18 -0.53 -11.85
CA GLN F 300 30.95 0.08 -11.35
C GLN F 300 30.32 -0.81 -10.27
N ILE F 301 31.11 -1.15 -9.25
CA ILE F 301 30.67 -1.89 -8.08
C ILE F 301 31.02 -1.07 -6.84
N LYS F 302 30.00 -0.62 -6.13
CA LYS F 302 30.12 0.00 -4.83
C LYS F 302 29.09 -0.67 -3.92
N GLN F 303 29.48 -1.81 -3.35
CA GLN F 303 28.57 -2.60 -2.53
C GLN F 303 29.26 -2.97 -1.22
N ASP F 304 28.53 -2.81 -0.11
CA ASP F 304 29.00 -3.21 1.21
C ASP F 304 28.35 -4.54 1.57
N VAL F 305 29.02 -5.31 2.44
CA VAL F 305 28.49 -6.59 2.88
C VAL F 305 27.14 -6.36 3.53
N SER F 306 27.03 -5.29 4.33
CA SER F 306 25.79 -4.95 5.02
C SER F 306 24.64 -4.76 4.02
N ASP F 307 24.91 -4.24 2.81
CA ASP F 307 23.89 -4.16 1.78
C ASP F 307 23.30 -5.53 1.48
N LEU F 308 24.18 -6.53 1.32
CA LEU F 308 23.78 -7.89 1.02
C LEU F 308 22.92 -8.40 2.19
N GLU F 309 23.43 -8.23 3.42
CA GLU F 309 22.76 -8.64 4.64
C GLU F 309 21.38 -8.00 4.76
N ARG F 310 21.26 -6.75 4.33
CA ARG F 310 20.02 -6.00 4.38
C ARG F 310 19.01 -6.62 3.43
N TRP F 311 19.46 -6.96 2.22
CA TRP F 311 18.60 -7.59 1.23
C TRP F 311 18.05 -8.92 1.78
N ILE F 312 18.93 -9.71 2.41
CA ILE F 312 18.57 -11.01 2.94
C ILE F 312 17.54 -10.84 4.05
N ASP F 313 17.81 -9.93 4.99
CA ASP F 313 16.91 -9.66 6.10
C ASP F 313 15.51 -9.33 5.57
N ARG F 314 15.43 -8.53 4.49
CA ARG F 314 14.16 -8.10 3.93
C ARG F 314 13.44 -9.25 3.24
N ILE F 315 14.18 -10.07 2.50
CA ILE F 315 13.62 -11.18 1.74
C ILE F 315 13.02 -12.20 2.71
N TYR F 316 13.77 -12.54 3.77
CA TYR F 316 13.28 -13.40 4.84
C TYR F 316 11.95 -12.85 5.39
N GLU F 317 11.91 -11.55 5.66
CA GLU F 317 10.74 -10.91 6.24
C GLU F 317 9.54 -11.14 5.32
N ALA F 318 9.71 -10.83 4.03
CA ALA F 318 8.65 -11.00 3.04
C ALA F 318 8.14 -12.42 3.02
N VAL F 319 9.07 -13.39 3.05
CA VAL F 319 8.73 -14.80 2.97
C VAL F 319 7.87 -15.21 4.17
N HIS F 320 8.25 -14.74 5.37
CA HIS F 320 7.52 -15.02 6.59
C HIS F 320 6.18 -14.26 6.59
N GLN F 321 6.22 -12.95 6.28
CA GLN F 321 5.03 -12.15 6.12
C GLN F 321 4.04 -12.84 5.18
N GLY F 322 4.58 -13.42 4.09
CA GLY F 322 3.77 -14.14 3.11
C GLY F 322 3.48 -13.31 1.86
N TYR F 323 3.96 -12.06 1.82
CA TYR F 323 3.75 -11.18 0.68
C TYR F 323 4.96 -10.26 0.47
N VAL F 324 5.06 -9.72 -0.75
CA VAL F 324 6.09 -8.74 -1.09
C VAL F 324 5.40 -7.42 -1.44
N VAL F 325 6.20 -6.36 -1.63
CA VAL F 325 5.71 -5.04 -1.95
C VAL F 325 6.40 -4.58 -3.24
N ASP F 326 5.61 -4.07 -4.19
CA ASP F 326 6.14 -3.58 -5.46
C ASP F 326 6.61 -2.12 -5.28
N GLU F 327 7.28 -1.59 -6.30
CA GLU F 327 7.78 -0.22 -6.29
C GLU F 327 6.69 0.75 -5.85
N SER F 328 5.46 0.50 -6.34
CA SER F 328 4.31 1.38 -6.14
C SER F 328 3.86 1.42 -4.68
N GLY F 329 4.13 0.35 -3.93
CA GLY F 329 3.77 0.28 -2.52
C GLY F 329 2.72 -0.81 -2.25
N ASN F 330 2.12 -1.33 -3.33
CA ASN F 330 1.09 -2.36 -3.26
C ASN F 330 1.69 -3.68 -2.81
N ARG F 331 0.83 -4.61 -2.36
CA ARG F 331 1.24 -5.92 -1.87
C ARG F 331 0.86 -7.01 -2.85
N ILE F 332 1.80 -7.94 -3.12
CA ILE F 332 1.56 -9.11 -3.94
C ILE F 332 1.80 -10.34 -3.09
N PHE F 333 0.88 -11.32 -3.16
CA PHE F 333 0.84 -12.44 -2.22
C PHE F 333 1.55 -13.67 -2.78
N LEU F 334 2.44 -14.24 -1.96
CA LEU F 334 3.20 -15.42 -2.32
C LEU F 334 2.33 -16.66 -2.12
N ASP F 335 1.44 -16.90 -3.09
CA ASP F 335 0.46 -17.98 -3.03
C ASP F 335 1.09 -19.29 -3.49
N GLU F 336 0.29 -20.37 -3.48
CA GLU F 336 0.75 -21.70 -3.83
C GLU F 336 1.21 -21.78 -5.28
N GLU F 337 0.65 -20.92 -6.15
CA GLU F 337 0.81 -21.04 -7.59
C GLU F 337 2.07 -20.28 -8.04
N LYS F 338 2.05 -18.96 -7.85
CA LYS F 338 3.05 -18.07 -8.42
C LYS F 338 4.08 -17.60 -7.39
N GLY F 339 3.84 -17.91 -6.10
CA GLY F 339 4.74 -17.51 -5.03
C GLY F 339 6.20 -17.81 -5.34
N ILE F 340 6.50 -19.09 -5.62
CA ILE F 340 7.87 -19.54 -5.85
C ILE F 340 8.48 -18.79 -7.04
N ASP F 341 7.69 -18.59 -8.10
CA ASP F 341 8.16 -17.96 -9.32
C ASP F 341 8.59 -16.53 -9.04
N ILE F 342 7.74 -15.81 -8.29
CA ILE F 342 8.03 -14.44 -7.86
C ILE F 342 9.35 -14.43 -7.09
N LEU F 343 9.41 -15.22 -6.03
CA LEU F 343 10.55 -15.28 -5.14
C LEU F 343 11.85 -15.48 -5.92
N GLY F 344 11.81 -16.37 -6.93
CA GLY F 344 12.96 -16.64 -7.77
C GLY F 344 13.50 -15.39 -8.45
N ASN F 345 12.58 -14.58 -9.01
CA ASN F 345 12.94 -13.36 -9.73
C ASN F 345 13.46 -12.32 -8.74
N ILE F 346 12.95 -12.34 -7.51
CA ILE F 346 13.40 -11.45 -6.44
C ILE F 346 14.82 -11.80 -6.01
N ILE F 347 15.08 -13.10 -5.83
CA ILE F 347 16.31 -13.57 -5.22
C ILE F 347 17.50 -13.51 -6.19
N GLU F 348 17.32 -14.00 -7.41
CA GLU F 348 18.38 -13.92 -8.42
C GLU F 348 18.58 -12.46 -8.80
N SER F 349 17.45 -11.73 -8.77
CA SER F 349 17.27 -10.40 -9.32
C SER F 349 17.22 -10.47 -10.84
N SER F 350 16.03 -10.75 -11.36
CA SER F 350 15.73 -10.57 -12.76
C SER F 350 14.85 -9.33 -12.89
N ILE F 351 14.98 -8.59 -13.99
CA ILE F 351 14.19 -7.39 -14.20
C ILE F 351 12.71 -7.66 -13.94
N LEU F 352 12.33 -8.94 -13.82
CA LEU F 352 10.97 -9.34 -13.51
C LEU F 352 10.69 -9.19 -12.02
N SER F 353 11.72 -8.93 -11.20
CA SER F 353 11.54 -8.71 -9.78
C SER F 353 10.54 -7.57 -9.57
N PRO F 354 9.49 -7.77 -8.73
CA PRO F 354 8.48 -6.73 -8.51
C PRO F 354 8.99 -5.50 -7.75
N ASN F 355 10.24 -5.56 -7.25
CA ASN F 355 10.85 -4.42 -6.58
C ASN F 355 12.34 -4.66 -6.37
N ARG F 356 13.13 -4.55 -7.45
CA ARG F 356 14.57 -4.75 -7.40
C ARG F 356 15.20 -3.87 -6.32
N GLN F 357 14.76 -2.61 -6.22
CA GLN F 357 15.39 -1.62 -5.37
C GLN F 357 15.35 -2.02 -3.90
N LEU F 358 14.28 -2.69 -3.49
CA LEU F 358 14.06 -3.07 -2.10
C LEU F 358 14.73 -4.40 -1.76
N TYR F 359 14.52 -5.42 -2.62
CA TYR F 359 14.94 -6.78 -2.34
C TYR F 359 16.28 -7.10 -3.01
N GLY F 360 16.79 -6.18 -3.84
CA GLY F 360 18.16 -6.21 -4.29
C GLY F 360 18.44 -7.24 -5.36
N ASP F 361 19.74 -7.54 -5.52
CA ASP F 361 20.32 -8.43 -6.53
C ASP F 361 21.14 -9.48 -5.79
N MET F 362 20.44 -10.20 -4.90
CA MET F 362 21.03 -10.94 -3.79
C MET F 362 21.96 -12.07 -4.27
N HIS F 363 21.48 -12.96 -5.14
CA HIS F 363 22.26 -14.09 -5.62
C HIS F 363 23.49 -13.59 -6.38
N ASN F 364 23.27 -12.73 -7.39
CA ASN F 364 24.32 -12.28 -8.29
C ASN F 364 25.43 -11.55 -7.54
N VAL F 365 25.05 -10.63 -6.63
CA VAL F 365 26.03 -9.82 -5.91
C VAL F 365 26.89 -10.72 -5.03
N GLY F 366 26.28 -11.80 -4.50
CA GLY F 366 26.99 -12.81 -3.74
C GLY F 366 28.13 -13.46 -4.54
N HIS F 367 27.86 -13.76 -5.82
CA HIS F 367 28.87 -14.34 -6.71
C HIS F 367 30.07 -13.41 -6.84
N VAL F 368 29.82 -12.09 -6.88
CA VAL F 368 30.87 -11.09 -7.07
C VAL F 368 31.69 -10.93 -5.79
N PHE F 369 31.01 -10.80 -4.65
CA PHE F 369 31.67 -10.71 -3.35
C PHE F 369 32.66 -11.86 -3.15
N LEU F 370 32.20 -13.09 -3.45
CA LEU F 370 32.97 -14.30 -3.19
C LEU F 370 34.16 -14.38 -4.15
N SER F 371 34.07 -13.74 -5.31
CA SER F 371 35.09 -13.84 -6.34
C SER F 371 36.16 -12.77 -6.19
N TYR F 372 36.00 -11.82 -5.25
CA TYR F 372 36.86 -10.64 -5.15
C TYR F 372 37.45 -10.49 -3.75
N THR F 373 37.49 -11.57 -2.98
CA THR F 373 38.02 -11.53 -1.62
C THR F 373 39.50 -11.14 -1.65
N HIS F 374 40.19 -11.49 -2.75
CA HIS F 374 41.63 -11.31 -2.89
C HIS F 374 42.00 -9.88 -3.29
N ASP F 375 41.03 -9.12 -3.84
CA ASP F 375 41.29 -7.77 -4.31
C ASP F 375 39.98 -7.00 -4.42
N PRO F 376 39.38 -6.55 -3.30
CA PRO F 376 38.05 -5.94 -3.32
C PRO F 376 37.97 -4.46 -3.68
N ASP F 377 39.09 -3.74 -3.57
CA ASP F 377 39.12 -2.31 -3.86
C ASP F 377 39.98 -2.02 -5.11
N HIS F 378 40.45 -3.09 -5.79
CA HIS F 378 41.13 -3.01 -7.06
C HIS F 378 42.54 -2.44 -6.92
N ARG F 379 43.08 -2.43 -5.70
CA ARG F 379 44.40 -1.86 -5.45
C ARG F 379 45.49 -2.71 -6.10
N HIS F 380 45.20 -4.00 -6.33
CA HIS F 380 46.14 -4.96 -6.90
C HIS F 380 45.88 -5.21 -8.38
N LEU F 381 44.93 -4.48 -8.97
CA LEU F 381 44.66 -4.58 -10.40
C LEU F 381 44.52 -6.05 -10.80
N GLU F 382 43.76 -6.82 -10.01
CA GLU F 382 43.50 -8.23 -10.30
C GLU F 382 42.02 -8.39 -10.68
N SER F 383 41.73 -9.43 -11.49
CA SER F 383 40.38 -9.73 -11.94
C SER F 383 39.71 -10.69 -10.95
N PHE F 384 38.43 -11.03 -11.22
CA PHE F 384 37.64 -11.85 -10.32
C PHE F 384 38.07 -13.32 -10.44
N GLY F 385 37.96 -14.04 -9.32
CA GLY F 385 38.13 -15.48 -9.28
C GLY F 385 36.99 -16.20 -10.00
N VAL F 386 36.99 -17.54 -9.89
CA VAL F 386 36.18 -18.39 -10.74
C VAL F 386 34.67 -18.23 -10.47
N MET F 387 34.29 -17.83 -9.26
CA MET F 387 32.88 -17.69 -8.88
C MET F 387 32.23 -16.48 -9.53
N GLY F 388 33.03 -15.64 -10.20
CA GLY F 388 32.56 -14.43 -10.85
C GLY F 388 32.08 -14.68 -12.29
N ASP F 389 32.24 -15.91 -12.81
CA ASP F 389 31.81 -16.26 -14.15
C ASP F 389 30.93 -17.50 -14.11
N VAL F 390 29.73 -17.41 -14.71
CA VAL F 390 28.78 -18.50 -14.81
C VAL F 390 29.44 -19.73 -15.44
N ALA F 391 30.29 -19.48 -16.44
CA ALA F 391 30.99 -20.53 -17.16
C ALA F 391 31.85 -21.39 -16.24
N THR F 392 32.35 -20.82 -15.13
CA THR F 392 33.32 -21.51 -14.28
C THR F 392 32.86 -21.63 -12.82
N ALA F 393 31.74 -21.02 -12.47
CA ALA F 393 31.34 -20.85 -11.08
C ALA F 393 31.20 -22.19 -10.34
N MET F 394 30.77 -23.24 -11.05
CA MET F 394 30.46 -24.52 -10.43
C MET F 394 31.73 -25.27 -10.01
N ARG F 395 32.90 -24.84 -10.49
CA ARG F 395 34.16 -25.49 -10.16
C ARG F 395 34.51 -25.30 -8.69
N ASP F 396 34.15 -24.14 -8.13
CA ASP F 396 34.50 -23.79 -6.76
C ASP F 396 33.54 -24.48 -5.80
N PRO F 397 34.02 -25.11 -4.71
CA PRO F 397 33.14 -25.65 -3.66
C PRO F 397 32.20 -24.66 -2.98
N VAL F 398 32.60 -23.38 -2.91
CA VAL F 398 31.81 -22.37 -2.22
C VAL F 398 30.51 -22.13 -2.97
N PHE F 399 30.49 -22.44 -4.27
CA PHE F 399 29.31 -22.32 -5.10
C PHE F 399 28.12 -23.01 -4.43
N TYR F 400 28.39 -24.22 -3.91
CA TYR F 400 27.36 -25.11 -3.39
C TYR F 400 26.93 -24.63 -2.01
N ARG F 401 27.83 -23.98 -1.29
CA ARG F 401 27.51 -23.37 0.00
C ARG F 401 26.61 -22.16 -0.19
N TRP F 402 26.98 -21.28 -1.13
CA TRP F 402 26.21 -20.08 -1.41
C TRP F 402 24.85 -20.46 -1.98
N HIS F 403 24.82 -21.47 -2.87
CA HIS F 403 23.59 -21.89 -3.52
C HIS F 403 22.74 -22.73 -2.58
N SER F 404 23.40 -23.35 -1.59
CA SER F 404 22.74 -24.08 -0.52
C SER F 404 21.96 -23.11 0.39
N PHE F 405 22.61 -22.02 0.78
CA PHE F 405 21.98 -20.96 1.56
C PHE F 405 20.74 -20.48 0.83
N ILE F 406 20.92 -20.02 -0.40
CA ILE F 406 19.84 -19.48 -1.23
C ILE F 406 18.66 -20.45 -1.22
N ASP F 407 18.94 -21.75 -1.27
CA ASP F 407 17.89 -22.76 -1.34
C ASP F 407 17.08 -22.78 -0.04
N ASP F 408 17.77 -22.63 1.11
CA ASP F 408 17.15 -22.61 2.42
C ASP F 408 16.10 -21.48 2.44
N ILE F 409 16.39 -20.34 1.81
CA ILE F 409 15.48 -19.21 1.77
C ILE F 409 14.21 -19.61 1.00
N PHE F 410 14.37 -20.28 -0.16
CA PHE F 410 13.23 -20.77 -0.91
C PHE F 410 12.43 -21.74 -0.06
N GLN F 411 13.13 -22.69 0.59
CA GLN F 411 12.51 -23.68 1.45
C GLN F 411 11.60 -23.03 2.47
N GLU F 412 12.06 -21.91 3.05
CA GLU F 412 11.34 -21.18 4.07
C GLU F 412 9.94 -20.82 3.57
N HIS F 413 9.78 -20.66 2.25
CA HIS F 413 8.48 -20.38 1.65
C HIS F 413 7.70 -21.68 1.46
N LYS F 414 8.39 -22.71 0.96
CA LYS F 414 7.76 -23.99 0.62
C LYS F 414 7.14 -24.65 1.85
N ILE F 415 7.74 -24.45 3.04
CA ILE F 415 7.25 -25.07 4.26
C ILE F 415 6.02 -24.33 4.78
N LYS F 416 5.69 -23.18 4.19
CA LYS F 416 4.48 -22.44 4.53
C LYS F 416 3.28 -22.96 3.72
N LEU F 417 3.55 -23.56 2.56
CA LEU F 417 2.50 -24.07 1.69
C LEU F 417 1.79 -25.24 2.37
N PRO F 418 0.47 -25.46 2.14
CA PRO F 418 -0.26 -26.57 2.76
C PRO F 418 0.14 -27.91 2.17
N ALA F 419 0.29 -28.92 3.03
CA ALA F 419 0.68 -30.26 2.63
C ALA F 419 -0.26 -30.78 1.53
N TYR F 420 0.29 -31.55 0.60
CA TYR F 420 -0.52 -32.25 -0.39
C TYR F 420 -1.37 -33.28 0.34
N THR F 421 -2.69 -33.23 0.12
CA THR F 421 -3.64 -34.13 0.77
C THR F 421 -3.62 -35.49 0.07
N LYS F 422 -3.99 -36.54 0.81
CA LYS F 422 -4.09 -37.89 0.28
C LYS F 422 -4.81 -37.84 -1.06
N SER F 423 -5.92 -37.10 -1.07
CA SER F 423 -6.74 -36.87 -2.25
C SER F 423 -5.92 -36.32 -3.41
N GLN F 424 -5.15 -35.25 -3.16
CA GLN F 424 -4.49 -34.48 -4.19
C GLN F 424 -3.47 -35.29 -4.98
N LEU F 425 -2.85 -36.31 -4.35
CA LEU F 425 -1.84 -37.11 -5.01
C LEU F 425 -2.28 -38.58 -5.10
N THR F 426 -3.59 -38.83 -5.09
CA THR F 426 -4.15 -40.13 -5.43
C THR F 426 -4.72 -40.07 -6.85
N TYR F 427 -4.57 -41.17 -7.60
CA TYR F 427 -5.15 -41.32 -8.92
C TYR F 427 -6.20 -42.44 -8.87
N GLU F 428 -7.47 -42.05 -8.73
CA GLU F 428 -8.57 -43.00 -8.50
C GLU F 428 -8.60 -44.01 -9.64
N GLY F 429 -8.33 -45.30 -9.29
CA GLY F 429 -8.33 -46.37 -10.26
C GLY F 429 -6.93 -46.92 -10.54
N ILE F 430 -5.95 -46.02 -10.67
CA ILE F 430 -4.59 -46.41 -11.04
C ILE F 430 -3.84 -46.88 -9.78
N SER F 431 -3.09 -47.99 -9.94
CA SER F 431 -2.23 -48.52 -8.90
C SER F 431 -0.91 -49.03 -9.49
N VAL F 432 0.21 -48.48 -8.99
CA VAL F 432 1.54 -48.94 -9.36
C VAL F 432 1.96 -50.00 -8.33
N THR F 433 2.27 -51.21 -8.83
CA THR F 433 2.49 -52.38 -7.99
C THR F 433 3.98 -52.72 -7.91
N GLY F 434 4.81 -52.04 -8.71
CA GLY F 434 6.24 -52.31 -8.69
C GLY F 434 6.98 -51.55 -9.79
N ILE F 435 8.24 -51.22 -9.49
CA ILE F 435 9.20 -50.67 -10.45
C ILE F 435 10.54 -51.36 -10.22
N ILE F 436 11.25 -51.70 -11.30
CA ILE F 436 12.57 -52.31 -11.22
C ILE F 436 13.47 -51.66 -12.28
N VAL F 437 14.79 -51.91 -12.20
CA VAL F 437 15.73 -51.48 -13.22
C VAL F 437 16.60 -52.66 -13.63
N GLN F 438 16.95 -52.73 -14.93
CA GLN F 438 17.75 -53.82 -15.48
C GLN F 438 18.82 -53.28 -16.42
N SER F 439 20.09 -53.60 -16.11
CA SER F 439 21.23 -53.36 -16.97
C SER F 439 21.69 -54.68 -17.56
N GLU F 440 22.20 -54.66 -18.80
CA GLU F 440 22.73 -55.85 -19.45
C GLU F 440 23.92 -56.36 -18.64
N GLY F 441 23.89 -57.67 -18.31
CA GLY F 441 24.94 -58.32 -17.55
C GLY F 441 25.13 -57.70 -16.17
N ALA F 442 24.06 -57.71 -15.37
CA ALA F 442 24.05 -57.16 -14.03
C ALA F 442 22.74 -57.56 -13.31
N PRO F 443 22.76 -57.86 -11.99
CA PRO F 443 21.52 -58.20 -11.28
C PRO F 443 20.43 -57.14 -11.44
N VAL F 444 19.19 -57.53 -11.17
CA VAL F 444 18.07 -56.59 -11.15
C VAL F 444 18.30 -55.57 -10.03
N ASN F 445 17.73 -54.37 -10.21
CA ASN F 445 17.75 -53.29 -9.22
C ASN F 445 19.19 -52.97 -8.81
N THR F 446 20.06 -52.81 -9.81
CA THR F 446 21.48 -52.51 -9.61
C THR F 446 21.98 -51.62 -10.73
N LEU F 447 22.53 -50.45 -10.37
CA LEU F 447 23.15 -49.52 -11.31
C LEU F 447 24.66 -49.57 -11.13
N HIS F 448 25.40 -49.44 -12.23
CA HIS F 448 26.85 -49.45 -12.23
C HIS F 448 27.38 -48.11 -12.78
N THR F 449 28.52 -47.65 -12.25
CA THR F 449 29.23 -46.48 -12.77
C THR F 449 30.72 -46.78 -12.89
N TYR F 450 31.43 -45.89 -13.62
CA TYR F 450 32.85 -46.04 -13.91
C TYR F 450 33.36 -44.77 -14.59
N TRP F 451 34.67 -44.76 -14.92
CA TRP F 451 35.30 -43.67 -15.67
C TRP F 451 35.31 -44.03 -17.16
N GLN F 452 35.35 -43.01 -18.02
CA GLN F 452 35.32 -43.18 -19.46
C GLN F 452 36.03 -42.00 -20.14
N GLN F 453 37.03 -42.28 -20.98
CA GLN F 453 37.67 -41.25 -21.77
C GLN F 453 36.83 -40.97 -23.02
N SER F 454 36.69 -39.68 -23.36
CA SER F 454 36.07 -39.22 -24.60
C SER F 454 36.98 -38.19 -25.25
N ASP F 455 36.78 -37.95 -26.56
CA ASP F 455 37.67 -37.10 -27.34
C ASP F 455 36.90 -35.88 -27.87
N VAL F 456 37.57 -34.72 -27.89
CA VAL F 456 36.98 -33.46 -28.34
C VAL F 456 38.01 -32.70 -29.14
N ASP F 457 37.59 -32.15 -30.29
CA ASP F 457 38.46 -31.37 -31.15
C ASP F 457 38.43 -29.91 -30.70
N LEU F 458 39.56 -29.45 -30.12
CA LEU F 458 39.68 -28.10 -29.59
C LEU F 458 40.42 -27.22 -30.60
N SER F 459 40.34 -27.60 -31.88
CA SER F 459 41.19 -27.01 -32.90
C SER F 459 40.75 -25.58 -33.20
N ARG F 460 39.42 -25.38 -33.27
CA ARG F 460 38.85 -24.08 -33.60
C ARG F 460 39.16 -23.05 -32.53
N GLY F 461 39.51 -23.49 -31.31
CA GLY F 461 39.74 -22.60 -30.19
C GLY F 461 41.21 -22.23 -29.96
N MET F 462 42.13 -22.95 -30.63
CA MET F 462 43.56 -22.77 -30.43
C MET F 462 44.11 -21.71 -31.37
N ASP F 463 44.13 -20.45 -30.93
CA ASP F 463 44.55 -19.33 -31.75
C ASP F 463 46.06 -19.36 -31.96
N PHE F 464 46.51 -18.95 -33.15
CA PHE F 464 47.92 -18.83 -33.52
C PHE F 464 48.67 -20.14 -33.29
N VAL F 465 47.96 -21.27 -33.50
CA VAL F 465 48.55 -22.60 -33.43
C VAL F 465 48.53 -23.19 -34.84
N PRO F 466 49.61 -23.85 -35.30
CA PRO F 466 49.61 -24.52 -36.60
C PRO F 466 48.31 -25.29 -36.84
N ARG F 467 47.63 -25.00 -37.96
CA ARG F 467 46.35 -25.61 -38.30
C ARG F 467 46.49 -27.13 -38.36
N GLY F 468 45.34 -27.81 -38.26
CA GLY F 468 45.27 -29.25 -38.13
C GLY F 468 44.28 -29.64 -37.04
N ASN F 469 44.28 -30.93 -36.65
CA ASN F 469 43.41 -31.42 -35.60
C ASN F 469 44.18 -31.43 -34.27
N VAL F 470 43.43 -31.19 -33.18
CA VAL F 470 43.96 -31.17 -31.82
C VAL F 470 42.92 -31.83 -30.92
N PHE F 471 43.02 -33.15 -30.77
CA PHE F 471 42.09 -33.94 -29.98
C PHE F 471 42.54 -33.98 -28.53
N ALA F 472 41.59 -33.77 -27.61
CA ALA F 472 41.84 -33.82 -26.17
C ALA F 472 41.03 -34.95 -25.56
N ARG F 473 41.64 -35.70 -24.61
CA ARG F 473 41.01 -36.83 -23.95
C ARG F 473 40.48 -36.43 -22.57
N PHE F 474 39.16 -36.33 -22.45
CA PHE F 474 38.50 -36.09 -21.17
C PHE F 474 38.19 -37.42 -20.47
N THR F 475 38.49 -37.51 -19.17
CA THR F 475 38.00 -38.58 -18.32
C THR F 475 36.83 -38.06 -17.49
N HIS F 476 35.71 -38.81 -17.49
CA HIS F 476 34.48 -38.39 -16.84
C HIS F 476 33.66 -39.60 -16.38
N LEU F 477 32.85 -39.42 -15.33
CA LEU F 477 31.95 -40.45 -14.83
C LEU F 477 31.03 -40.93 -15.96
N GLN F 478 30.73 -42.23 -15.95
CA GLN F 478 29.76 -42.81 -16.87
C GLN F 478 28.99 -43.94 -16.17
N HIS F 479 27.75 -44.19 -16.62
CA HIS F 479 26.93 -45.27 -16.12
C HIS F 479 26.60 -46.25 -17.24
N ALA F 480 26.55 -47.54 -16.90
CA ALA F 480 26.05 -48.58 -17.79
C ALA F 480 24.60 -48.29 -18.17
N PRO F 481 24.17 -48.53 -19.43
CA PRO F 481 22.78 -48.25 -19.83
C PRO F 481 21.85 -49.14 -19.01
N PHE F 482 20.64 -48.63 -18.72
CA PHE F 482 19.64 -49.40 -18.00
C PHE F 482 18.25 -49.01 -18.51
N GLN F 483 17.22 -49.61 -17.91
CA GLN F 483 15.83 -49.34 -18.25
C GLN F 483 14.94 -49.62 -17.04
N TYR F 484 13.90 -48.79 -16.86
CA TYR F 484 12.91 -48.98 -15.81
C TYR F 484 11.81 -49.90 -16.35
N VAL F 485 11.18 -50.69 -15.47
CA VAL F 485 10.05 -51.55 -15.82
C VAL F 485 8.98 -51.39 -14.75
N ILE F 486 7.84 -50.78 -15.12
CA ILE F 486 6.84 -50.30 -14.18
C ILE F 486 5.52 -51.03 -14.42
N GLN F 487 4.95 -51.62 -13.35
CA GLN F 487 3.72 -52.41 -13.43
C GLN F 487 2.55 -51.59 -12.91
N ILE F 488 1.63 -51.22 -13.81
CA ILE F 488 0.52 -50.31 -13.50
C ILE F 488 -0.80 -50.98 -13.84
N ASP F 489 -1.76 -50.94 -12.91
CA ASP F 489 -3.09 -51.50 -13.09
C ASP F 489 -4.12 -50.38 -13.23
N ASN F 490 -5.08 -50.54 -14.16
CA ASN F 490 -6.00 -49.47 -14.54
C ASN F 490 -7.30 -49.55 -13.72
N THR F 491 -7.98 -50.71 -13.76
CA THR F 491 -9.19 -51.00 -13.01
C THR F 491 -10.22 -49.88 -13.13
N SER F 492 -10.39 -49.31 -14.33
CA SER F 492 -11.31 -48.19 -14.54
C SER F 492 -12.35 -48.54 -15.60
N ASP F 493 -11.90 -49.12 -16.73
CA ASP F 493 -12.74 -49.47 -17.88
C ASP F 493 -12.54 -48.49 -19.03
N ALA F 494 -11.63 -47.51 -18.85
CA ALA F 494 -11.32 -46.54 -19.88
C ALA F 494 -9.81 -46.30 -19.93
N GLN F 495 -9.30 -45.92 -21.11
CA GLN F 495 -7.93 -45.49 -21.27
C GLN F 495 -7.66 -44.30 -20.35
N ARG F 496 -6.67 -44.44 -19.46
CA ARG F 496 -6.26 -43.40 -18.54
C ARG F 496 -4.92 -42.81 -18.98
N MET F 497 -4.86 -41.48 -19.10
CA MET F 497 -3.62 -40.75 -19.32
C MET F 497 -2.97 -40.46 -17.96
N GLY F 498 -1.62 -40.50 -17.93
CA GLY F 498 -0.87 -40.28 -16.71
C GLY F 498 0.53 -39.73 -16.98
N PHE F 499 1.05 -38.93 -16.02
CA PHE F 499 2.44 -38.52 -16.00
C PHE F 499 3.23 -39.47 -15.12
N VAL F 500 4.30 -40.05 -15.68
CA VAL F 500 5.26 -40.84 -14.92
C VAL F 500 6.33 -39.89 -14.40
N ARG F 501 6.48 -39.81 -13.06
CA ARG F 501 7.44 -38.95 -12.41
C ARG F 501 8.41 -39.80 -11.60
N ILE F 502 9.69 -39.83 -11.99
CA ILE F 502 10.68 -40.71 -11.39
C ILE F 502 11.77 -39.88 -10.71
N PHE F 503 11.92 -40.06 -9.40
CA PHE F 503 12.99 -39.48 -8.61
C PHE F 503 13.81 -40.59 -7.95
N MET F 504 15.02 -40.25 -7.49
CA MET F 504 15.89 -41.16 -6.74
C MET F 504 16.61 -40.38 -5.65
N ALA F 505 16.61 -40.93 -4.42
CA ALA F 505 17.27 -40.33 -3.28
C ALA F 505 18.13 -41.38 -2.58
N PRO F 506 18.97 -41.01 -1.59
CA PRO F 506 19.61 -41.99 -0.73
C PRO F 506 18.57 -42.70 0.13
N LYS F 507 18.89 -43.94 0.56
CA LYS F 507 17.96 -44.75 1.33
C LYS F 507 18.04 -44.36 2.81
N ASN F 508 19.28 -44.29 3.31
CA ASN F 508 19.59 -43.90 4.67
C ASN F 508 20.27 -42.54 4.71
N ASP F 509 20.72 -42.11 5.90
CA ASP F 509 21.41 -40.85 6.11
C ASP F 509 22.92 -41.09 6.14
N GLU F 510 23.71 -40.14 6.65
CA GLU F 510 25.16 -40.29 6.76
C GLU F 510 25.52 -41.20 7.93
N ARG F 511 24.59 -41.37 8.90
CA ARG F 511 24.82 -42.15 10.09
C ARG F 511 24.32 -43.58 9.92
N GLY F 512 23.58 -43.85 8.84
CA GLY F 512 23.23 -45.20 8.44
C GLY F 512 21.81 -45.64 8.88
N GLN F 513 20.95 -44.66 9.18
CA GLN F 513 19.59 -44.93 9.61
C GLN F 513 18.61 -44.67 8.46
N PRO F 514 17.51 -45.45 8.32
CA PRO F 514 16.51 -45.19 7.27
C PRO F 514 15.89 -43.79 7.34
N MET F 515 16.09 -43.02 6.27
CA MET F 515 15.89 -41.57 6.29
C MET F 515 14.43 -41.25 6.56
N LEU F 516 14.16 -40.16 7.28
CA LEU F 516 12.80 -39.64 7.44
C LEU F 516 12.42 -38.79 6.24
N PHE F 517 11.13 -38.52 6.07
CA PHE F 517 10.64 -37.81 4.89
C PHE F 517 11.18 -36.39 4.90
N ARG F 518 10.96 -35.66 6.01
CA ARG F 518 11.40 -34.28 6.17
C ARG F 518 12.83 -34.08 5.64
N ASP F 519 13.71 -35.06 5.90
CA ASP F 519 15.08 -35.05 5.41
C ASP F 519 15.12 -35.45 3.93
N GLN F 520 14.58 -36.64 3.64
CA GLN F 520 14.77 -37.33 2.37
C GLN F 520 14.11 -36.55 1.22
N ARG F 521 13.04 -35.79 1.49
CA ARG F 521 12.30 -35.12 0.43
C ARG F 521 13.22 -34.14 -0.32
N LEU F 522 14.23 -33.60 0.38
CA LEU F 522 15.11 -32.58 -0.17
C LEU F 522 16.30 -33.20 -0.91
N PHE F 523 16.43 -34.53 -0.87
CA PHE F 523 17.56 -35.21 -1.48
C PHE F 523 17.13 -36.00 -2.71
N MET F 524 15.82 -35.98 -3.02
CA MET F 524 15.28 -36.63 -4.21
C MET F 524 15.72 -35.88 -5.47
N VAL F 525 16.40 -36.59 -6.38
CA VAL F 525 16.82 -36.01 -7.65
C VAL F 525 15.88 -36.56 -8.73
N GLU F 526 15.35 -35.67 -9.58
CA GLU F 526 14.48 -36.08 -10.68
C GLU F 526 15.30 -36.90 -11.67
N MET F 527 14.71 -38.02 -12.14
CA MET F 527 15.37 -38.95 -13.05
C MET F 527 14.64 -39.03 -14.39
N ASP F 528 13.32 -38.76 -14.40
CA ASP F 528 12.53 -38.80 -15.62
C ASP F 528 11.11 -38.29 -15.35
N LYS F 529 10.46 -37.76 -16.40
CA LYS F 529 9.07 -37.35 -16.36
C LYS F 529 8.50 -37.41 -17.78
N PHE F 530 7.56 -38.35 -18.03
CA PHE F 530 7.04 -38.59 -19.38
C PHE F 530 5.56 -39.01 -19.33
N LEU F 531 4.86 -38.74 -20.43
CA LEU F 531 3.43 -39.02 -20.58
C LEU F 531 3.22 -40.46 -21.05
N VAL F 532 2.20 -41.14 -20.50
CA VAL F 532 1.94 -42.53 -20.83
C VAL F 532 0.42 -42.76 -20.91
N ALA F 533 0.02 -43.59 -21.90
CA ALA F 533 -1.37 -44.01 -22.09
C ALA F 533 -1.54 -45.43 -21.54
N LEU F 534 -2.50 -45.61 -20.62
CA LEU F 534 -2.70 -46.87 -19.94
C LEU F 534 -4.00 -47.52 -20.43
N ARG F 535 -3.91 -48.79 -20.88
CA ARG F 535 -5.07 -49.56 -21.29
C ARG F 535 -5.76 -50.12 -20.06
N PRO F 536 -7.10 -50.38 -20.08
CA PRO F 536 -7.77 -51.08 -18.97
C PRO F 536 -7.06 -52.38 -18.58
N GLY F 537 -7.15 -52.73 -17.29
CA GLY F 537 -6.46 -53.89 -16.76
C GLY F 537 -5.01 -53.58 -16.41
N ALA F 538 -4.08 -54.39 -16.93
CA ALA F 538 -2.67 -54.34 -16.55
C ALA F 538 -1.85 -53.73 -17.69
N ASN F 539 -0.80 -52.98 -17.31
CA ASN F 539 0.11 -52.34 -18.25
C ASN F 539 1.55 -52.54 -17.77
N ARG F 540 2.43 -52.99 -18.67
CA ARG F 540 3.86 -53.06 -18.40
C ARG F 540 4.54 -51.93 -19.17
N ILE F 541 4.99 -50.91 -18.42
CA ILE F 541 5.67 -49.76 -19.00
C ILE F 541 7.18 -50.00 -18.91
N ARG F 542 7.88 -49.75 -20.02
CA ARG F 542 9.33 -49.85 -20.06
C ARG F 542 9.87 -48.54 -20.61
N ARG F 543 10.95 -48.04 -19.98
CA ARG F 543 11.55 -46.75 -20.30
C ARG F 543 13.07 -46.89 -20.19
N ARG F 544 13.78 -46.51 -21.26
CA ARG F 544 15.23 -46.57 -21.29
C ARG F 544 15.82 -45.36 -20.58
N SER F 545 17.04 -45.53 -20.03
CA SER F 545 17.76 -44.46 -19.35
C SER F 545 18.04 -43.30 -20.30
N ASN F 546 18.24 -43.62 -21.59
CA ASN F 546 18.63 -42.63 -22.59
C ASN F 546 17.44 -41.83 -23.10
N GLU F 547 16.21 -42.21 -22.69
CA GLU F 547 15.00 -41.49 -23.07
C GLU F 547 14.66 -40.39 -22.05
N SER F 548 15.49 -40.24 -21.01
CA SER F 548 15.22 -39.34 -19.89
C SER F 548 14.97 -37.92 -20.37
N THR F 549 13.96 -37.26 -19.77
CA THR F 549 13.58 -35.90 -20.09
C THR F 549 14.38 -34.89 -19.25
N VAL F 550 15.23 -35.38 -18.34
CA VAL F 550 16.12 -34.55 -17.54
C VAL F 550 17.44 -34.32 -18.27
N THR F 551 17.73 -35.20 -19.25
CA THR F 551 19.06 -35.38 -19.80
C THR F 551 19.07 -34.93 -21.26
N ILE F 552 20.26 -34.65 -21.82
CA ILE F 552 20.45 -34.50 -23.26
C ILE F 552 21.56 -35.45 -23.70
N PRO F 553 21.49 -35.98 -24.94
CA PRO F 553 22.48 -36.96 -25.42
C PRO F 553 23.92 -36.47 -25.39
N PHE F 554 24.88 -37.39 -25.36
CA PHE F 554 26.30 -37.12 -25.59
C PHE F 554 26.48 -36.11 -26.74
N GLU F 555 25.92 -36.50 -27.91
CA GLU F 555 26.21 -35.83 -29.17
C GLU F 555 25.85 -34.35 -29.07
N ARG F 556 24.83 -34.01 -28.30
CA ARG F 556 24.38 -32.64 -28.20
C ARG F 556 25.41 -31.80 -27.46
N THR F 557 25.93 -32.31 -26.33
CA THR F 557 26.84 -31.59 -25.48
C THR F 557 28.16 -31.34 -26.20
N PHE F 558 28.87 -32.41 -26.58
CA PHE F 558 30.19 -32.24 -27.21
C PHE F 558 29.98 -32.14 -28.74
N ARG F 559 29.42 -33.24 -29.25
CA ARG F 559 29.55 -33.85 -30.57
C ARG F 559 29.67 -35.39 -30.32
N CYS F 581 22.84 -27.45 -22.36
CA CYS F 581 21.46 -26.90 -22.30
C CYS F 581 20.52 -27.74 -21.43
N GLY F 582 20.79 -29.06 -21.39
CA GLY F 582 20.12 -30.07 -20.60
C GLY F 582 21.20 -30.67 -19.72
N TRP F 583 20.90 -31.61 -18.81
CA TRP F 583 21.89 -32.17 -17.89
C TRP F 583 22.66 -33.29 -18.60
N PRO F 584 24.01 -33.37 -18.49
CA PRO F 584 24.77 -34.37 -19.22
C PRO F 584 24.34 -35.79 -18.88
N ALA F 585 24.23 -36.64 -19.92
CA ALA F 585 23.68 -37.97 -19.80
C ALA F 585 24.54 -38.84 -18.89
N HIS F 586 25.87 -38.70 -18.99
CA HIS F 586 26.80 -39.53 -18.24
C HIS F 586 26.77 -39.21 -16.74
N MET F 587 26.12 -38.10 -16.37
CA MET F 587 26.02 -37.66 -14.99
C MET F 587 24.63 -37.95 -14.42
N LEU F 588 23.81 -38.73 -15.15
CA LEU F 588 22.43 -39.02 -14.76
C LEU F 588 22.39 -39.81 -13.46
N VAL F 589 23.33 -40.75 -13.30
CA VAL F 589 23.37 -41.62 -12.13
C VAL F 589 24.48 -41.13 -11.21
N PRO F 590 24.20 -40.96 -9.89
CA PRO F 590 25.25 -40.76 -8.89
C PRO F 590 26.33 -41.84 -8.97
N LYS F 591 27.51 -41.55 -8.41
CA LYS F 591 28.66 -42.43 -8.52
C LYS F 591 28.42 -43.72 -7.74
N GLY F 592 27.88 -43.60 -6.52
CA GLY F 592 27.80 -44.73 -5.62
C GLY F 592 29.17 -45.13 -5.08
N LEU F 593 29.24 -46.29 -4.40
CA LEU F 593 30.45 -46.77 -3.77
C LEU F 593 30.89 -48.08 -4.45
N PRO F 594 32.17 -48.50 -4.29
CA PRO F 594 32.61 -49.83 -4.72
C PRO F 594 31.84 -50.95 -4.01
N GLU F 595 31.57 -50.74 -2.71
CA GLU F 595 30.86 -51.71 -1.88
C GLU F 595 29.35 -51.63 -2.11
N GLY F 596 28.91 -50.70 -2.96
CA GLY F 596 27.49 -50.49 -3.23
C GLY F 596 26.89 -49.43 -2.32
N PHE F 597 26.10 -48.52 -2.91
CA PHE F 597 25.44 -47.44 -2.18
C PHE F 597 23.93 -47.63 -2.26
N PRO F 598 23.23 -47.79 -1.10
CA PRO F 598 21.78 -48.00 -1.08
C PRO F 598 20.97 -46.74 -1.36
N ALA F 599 19.94 -46.89 -2.21
CA ALA F 599 19.14 -45.78 -2.72
C ALA F 599 17.69 -46.23 -2.90
N ASP F 600 16.75 -45.31 -2.61
CA ASP F 600 15.33 -45.54 -2.87
C ASP F 600 14.95 -44.94 -4.22
N LEU F 601 14.54 -45.81 -5.17
CA LEU F 601 13.95 -45.38 -6.43
C LEU F 601 12.45 -45.21 -6.23
N PHE F 602 11.92 -44.06 -6.66
CA PHE F 602 10.51 -43.72 -6.47
C PHE F 602 9.88 -43.36 -7.81
N VAL F 603 8.64 -43.83 -8.03
CA VAL F 603 7.85 -43.48 -9.20
C VAL F 603 6.45 -43.09 -8.74
N MET F 604 5.86 -42.12 -9.43
CA MET F 604 4.48 -41.68 -9.22
C MET F 604 3.82 -41.50 -10.59
N VAL F 605 2.56 -41.96 -10.68
CA VAL F 605 1.71 -41.71 -11.84
C VAL F 605 0.61 -40.73 -11.40
N SER F 606 0.67 -39.50 -11.92
CA SER F 606 -0.32 -38.48 -11.63
C SER F 606 -1.31 -38.39 -12.78
N ASN F 607 -2.47 -37.77 -12.51
CA ASN F 607 -3.56 -37.67 -13.47
C ASN F 607 -3.25 -36.56 -14.47
N TYR F 608 -2.81 -36.95 -15.68
CA TYR F 608 -2.33 -36.03 -16.71
C TYR F 608 -3.39 -35.00 -17.08
N GLU F 609 -4.68 -35.32 -16.88
CA GLU F 609 -5.75 -34.42 -17.24
C GLU F 609 -5.66 -33.13 -16.42
N ASP F 610 -5.32 -33.27 -15.13
CA ASP F 610 -5.09 -32.14 -14.23
C ASP F 610 -3.74 -31.46 -14.54
N ASP F 611 -2.72 -32.27 -14.87
CA ASP F 611 -1.36 -31.79 -15.04
C ASP F 611 -1.14 -31.21 -16.44
N ARG F 612 -2.06 -31.48 -17.36
CA ARG F 612 -1.93 -31.14 -18.78
C ARG F 612 -1.80 -29.64 -18.99
N VAL F 613 -1.01 -29.27 -20.00
CA VAL F 613 -0.86 -27.90 -20.46
C VAL F 613 -1.15 -27.88 -21.96
N VAL F 614 -2.41 -27.56 -22.30
CA VAL F 614 -2.87 -27.33 -23.67
C VAL F 614 -1.94 -26.34 -24.40
N GLN F 615 -1.28 -26.83 -25.47
CA GLN F 615 -0.19 -26.13 -26.11
C GLN F 615 0.23 -26.78 -27.43
N ASP F 616 0.80 -25.99 -28.35
CA ASP F 616 1.32 -26.44 -29.63
C ASP F 616 2.85 -26.35 -29.65
N LEU F 617 3.52 -27.48 -29.99
CA LEU F 617 4.89 -27.72 -29.56
C LEU F 617 5.71 -28.42 -30.65
N VAL F 618 7.00 -28.07 -30.77
CA VAL F 618 7.80 -28.34 -31.96
C VAL F 618 8.63 -29.61 -31.74
N GLY F 619 9.28 -29.62 -30.56
CA GLY F 619 9.92 -30.83 -30.01
C GLY F 619 10.99 -31.44 -30.91
N THR F 620 12.07 -30.70 -31.15
CA THR F 620 13.17 -31.14 -32.03
C THR F 620 14.48 -30.48 -31.59
N CYS F 621 15.09 -31.00 -30.51
CA CYS F 621 16.49 -30.70 -30.20
C CYS F 621 16.72 -29.19 -30.24
N ASN F 622 15.86 -28.42 -29.54
CA ASN F 622 16.12 -26.99 -29.28
C ASN F 622 16.81 -26.79 -27.92
N ASP F 623 17.76 -27.68 -27.64
CA ASP F 623 18.75 -27.51 -26.58
C ASP F 623 19.13 -26.03 -26.38
N TYR F 627 16.20 -34.12 -24.11
CA TYR F 627 15.17 -33.11 -23.72
C TYR F 627 14.52 -32.57 -24.99
N CYS F 628 13.18 -32.61 -25.06
CA CYS F 628 12.42 -32.23 -26.24
C CYS F 628 12.73 -30.78 -26.59
N GLY F 629 12.50 -29.86 -25.64
CA GLY F 629 13.01 -28.50 -25.77
C GLY F 629 12.41 -27.48 -24.79
N VAL F 630 11.11 -27.22 -24.95
CA VAL F 630 10.30 -26.29 -24.17
C VAL F 630 10.67 -24.81 -24.40
N ARG F 631 11.00 -24.47 -25.65
CA ARG F 631 11.20 -23.09 -26.09
C ARG F 631 9.86 -22.42 -26.46
N ASP F 632 8.81 -23.24 -26.63
CA ASP F 632 7.45 -22.74 -26.77
C ASP F 632 6.99 -22.05 -25.49
N ARG F 633 6.17 -21.01 -25.67
CA ARG F 633 5.70 -20.13 -24.60
C ARG F 633 5.72 -20.81 -23.22
N LEU F 634 4.99 -21.93 -23.04
CA LEU F 634 4.64 -22.44 -21.73
C LEU F 634 5.49 -23.66 -21.35
N TYR F 635 5.53 -23.95 -20.05
CA TYR F 635 6.22 -25.09 -19.48
C TYR F 635 5.22 -26.23 -19.33
N PRO F 636 5.52 -27.45 -19.81
CA PRO F 636 4.51 -28.49 -20.01
C PRO F 636 4.01 -29.30 -18.82
N ASP F 637 3.77 -28.64 -17.69
CA ASP F 637 3.31 -29.34 -16.49
C ASP F 637 2.74 -28.32 -15.49
N ARG F 638 1.46 -28.44 -15.17
CA ARG F 638 0.80 -27.47 -14.29
C ARG F 638 1.30 -27.60 -12.86
N LYS F 639 1.74 -28.80 -12.46
CA LYS F 639 2.20 -29.05 -11.11
C LYS F 639 3.50 -28.29 -10.84
N ALA F 640 3.78 -28.02 -9.57
CA ALA F 640 4.99 -27.33 -9.14
C ALA F 640 6.22 -28.16 -9.51
N MET F 641 7.36 -27.50 -9.71
CA MET F 641 8.58 -28.21 -10.09
C MET F 641 9.17 -28.90 -8.86
N GLY F 642 9.39 -30.21 -8.98
CA GLY F 642 9.73 -31.08 -7.86
C GLY F 642 8.47 -31.54 -7.13
N PHE F 643 7.40 -31.71 -7.91
CA PHE F 643 6.02 -31.68 -7.42
C PHE F 643 5.74 -32.66 -6.28
N PRO F 644 6.03 -33.98 -6.34
CA PRO F 644 5.66 -34.85 -5.22
C PRO F 644 6.26 -34.36 -3.89
N PHE F 645 7.51 -33.87 -3.92
CA PHE F 645 8.26 -33.63 -2.69
C PHE F 645 8.59 -32.16 -2.41
N ASP F 646 8.00 -31.20 -3.13
CA ASP F 646 8.36 -29.80 -2.90
C ASP F 646 7.82 -29.30 -1.56
N ARG F 647 6.70 -29.87 -1.10
CA ARG F 647 6.03 -29.41 0.11
C ARG F 647 6.21 -30.41 1.26
N LEU F 648 5.87 -29.95 2.47
CA LEU F 648 5.94 -30.77 3.68
C LEU F 648 4.92 -31.91 3.61
N ALA F 649 5.12 -32.90 4.47
CA ALA F 649 4.25 -34.06 4.58
C ALA F 649 2.93 -33.68 5.24
N ARG F 650 1.86 -34.36 4.83
CA ARG F 650 0.57 -34.31 5.51
C ARG F 650 0.66 -35.05 6.84
N THR F 651 -0.26 -34.76 7.77
CA THR F 651 -0.25 -35.32 9.12
C THR F 651 -0.17 -36.84 9.04
N GLY F 652 0.56 -37.45 9.98
CA GLY F 652 0.68 -38.90 10.06
C GLY F 652 1.87 -39.45 9.27
N VAL F 653 2.21 -38.80 8.15
CA VAL F 653 3.34 -39.23 7.31
C VAL F 653 4.65 -38.90 8.01
N ASP F 654 5.64 -39.79 7.84
CA ASP F 654 6.85 -39.80 8.65
C ASP F 654 8.06 -40.25 7.83
N ARG F 655 7.87 -41.21 6.93
CA ARG F 655 8.91 -41.68 6.02
C ARG F 655 8.27 -42.01 4.67
N LEU F 656 9.10 -42.27 3.64
CA LEU F 656 8.64 -42.43 2.28
C LEU F 656 7.62 -43.56 2.19
N SER F 657 7.89 -44.65 2.92
CA SER F 657 7.12 -45.88 2.82
C SER F 657 5.70 -45.73 3.37
N ASN F 658 5.39 -44.61 4.04
CA ASN F 658 4.01 -44.33 4.46
C ASN F 658 3.51 -43.01 3.87
N PHE F 659 4.36 -42.31 3.10
CA PHE F 659 3.93 -41.17 2.30
C PHE F 659 3.18 -41.67 1.07
N VAL F 660 3.56 -42.87 0.61
CA VAL F 660 3.13 -43.42 -0.67
C VAL F 660 1.60 -43.56 -0.75
N THR F 661 1.06 -43.29 -1.94
CA THR F 661 -0.31 -43.63 -2.32
C THR F 661 -0.27 -44.83 -3.27
N PRO F 662 -1.42 -45.49 -3.57
CA PRO F 662 -1.45 -46.60 -4.52
C PRO F 662 -0.75 -46.36 -5.86
N ASN F 663 -0.92 -45.14 -6.40
CA ASN F 663 -0.38 -44.77 -7.70
C ASN F 663 1.11 -44.41 -7.61
N MET F 664 1.76 -44.72 -6.48
CA MET F 664 3.20 -44.61 -6.32
C MET F 664 3.80 -45.98 -5.98
N ALA F 665 5.13 -46.09 -6.14
CA ALA F 665 5.90 -47.28 -5.81
C ALA F 665 7.33 -46.90 -5.40
N ILE F 666 7.91 -47.65 -4.46
CA ILE F 666 9.28 -47.50 -4.02
C ILE F 666 10.05 -48.76 -4.38
N GLN F 667 11.37 -48.63 -4.61
CA GLN F 667 12.21 -49.79 -4.87
C GLN F 667 13.63 -49.54 -4.36
N SER F 668 14.18 -50.50 -3.59
CA SER F 668 15.57 -50.46 -3.16
C SER F 668 16.49 -50.71 -4.35
N VAL F 669 17.33 -49.72 -4.67
CA VAL F 669 18.35 -49.85 -5.70
C VAL F 669 19.72 -49.80 -5.01
N ASN F 670 20.72 -50.41 -5.64
CA ASN F 670 22.10 -50.40 -5.16
C ASN F 670 23.00 -49.86 -6.27
N VAL F 671 23.76 -48.81 -5.94
CA VAL F 671 24.61 -48.13 -6.90
C VAL F 671 26.06 -48.54 -6.65
N ILE F 672 26.65 -49.26 -7.62
CA ILE F 672 28.01 -49.77 -7.53
C ILE F 672 28.92 -48.98 -8.47
N HIS F 673 30.01 -48.45 -7.93
CA HIS F 673 31.08 -47.86 -8.74
C HIS F 673 32.17 -48.90 -8.96
N ILE F 674 32.89 -48.76 -10.09
CA ILE F 674 34.05 -49.60 -10.41
C ILE F 674 35.13 -48.66 -10.97
N ASP F 675 36.28 -48.59 -10.30
CA ASP F 675 37.35 -47.69 -10.70
C ASP F 675 38.11 -48.30 -11.88
N LYS F 676 37.58 -48.10 -13.08
CA LYS F 676 38.18 -48.57 -14.32
C LYS F 676 37.82 -47.58 -15.45
N THR F 677 38.62 -47.55 -16.52
CA THR F 677 38.39 -46.64 -17.63
C THR F 677 37.95 -47.43 -18.86
N VAL F 678 36.66 -47.32 -19.20
CA VAL F 678 36.07 -47.94 -20.40
C VAL F 678 36.29 -47.00 -21.57
N PRO F 679 36.36 -47.48 -22.83
CA PRO F 679 36.36 -46.60 -24.01
C PRO F 679 34.96 -46.12 -24.42
N ARG F 680 34.92 -45.18 -25.37
CA ARG F 680 33.76 -44.34 -25.61
C ARG F 680 32.74 -45.04 -26.53
N THR F 681 33.24 -45.91 -27.43
CA THR F 681 32.39 -46.63 -28.36
C THR F 681 31.38 -45.68 -28.98
N MET G 1 77.41 28.59 55.16
CA MET G 1 77.33 30.03 54.83
C MET G 1 75.93 30.35 54.29
N ASN G 2 75.75 31.55 53.71
CA ASN G 2 74.49 31.94 53.08
C ASN G 2 74.25 31.11 51.82
N TYR G 3 75.33 30.87 51.07
CA TYR G 3 75.29 30.19 49.78
C TYR G 3 74.40 28.96 49.82
N LYS G 4 74.54 28.15 50.87
CA LYS G 4 73.73 26.94 51.04
C LYS G 4 72.25 27.30 51.00
N LYS G 5 71.85 28.37 51.69
CA LYS G 5 70.46 28.80 51.75
C LYS G 5 70.01 29.45 50.43
N ASN G 6 70.94 29.97 49.64
CA ASN G 6 70.63 30.71 48.42
C ASN G 6 70.31 29.75 47.27
N LEU G 7 70.89 28.54 47.30
CA LEU G 7 70.61 27.51 46.31
C LEU G 7 69.18 27.01 46.45
N LEU G 8 68.69 26.93 47.69
CA LEU G 8 67.33 26.50 47.99
C LEU G 8 66.31 27.43 47.34
N LEU G 9 66.71 28.67 47.02
CA LEU G 9 65.84 29.62 46.37
C LEU G 9 65.64 29.27 44.89
N LEU G 10 66.52 28.45 44.32
CA LEU G 10 66.38 28.00 42.95
C LEU G 10 65.14 27.10 42.82
N TYR G 11 64.84 26.34 43.87
CA TYR G 11 63.70 25.44 43.90
C TYR G 11 62.39 26.22 43.95
N ASP G 12 62.45 27.51 44.28
CA ASP G 12 61.27 28.35 44.42
C ASP G 12 60.74 28.71 43.04
N ARG G 13 59.43 28.46 42.81
CA ARG G 13 58.72 28.84 41.59
C ARG G 13 59.54 28.49 40.35
N PRO G 14 59.57 27.18 39.96
CA PRO G 14 60.53 26.69 38.96
C PRO G 14 60.45 27.30 37.57
N ARG G 15 59.26 27.80 37.19
CA ARG G 15 59.02 28.30 35.85
C ARG G 15 59.06 29.84 35.80
N GLU G 16 58.95 30.50 36.96
CA GLU G 16 59.19 31.94 37.03
C GLU G 16 60.68 32.20 36.79
N PRO G 17 61.06 33.08 35.84
CA PRO G 17 62.47 33.43 35.63
C PRO G 17 63.21 33.80 36.90
N ILE G 18 64.53 33.53 36.94
CA ILE G 18 65.30 33.60 38.18
C ILE G 18 65.44 35.04 38.65
N PHE G 19 65.19 36.01 37.76
CA PHE G 19 65.34 37.42 38.07
C PHE G 19 64.05 38.01 38.67
N MET G 20 63.03 37.18 38.93
CA MET G 20 61.75 37.68 39.42
C MET G 20 61.73 37.74 40.95
N GLY G 21 62.68 37.09 41.62
CA GLY G 21 62.82 37.21 43.06
C GLY G 21 62.08 36.13 43.83
N LYS G 22 62.84 35.35 44.61
CA LYS G 22 62.37 34.16 45.31
C LYS G 22 62.39 34.42 46.81
N GLY G 23 61.28 34.13 47.49
CA GLY G 23 61.11 34.40 48.90
C GLY G 23 61.27 35.89 49.19
N LYS G 24 62.15 36.21 50.16
CA LYS G 24 62.41 37.59 50.56
C LYS G 24 63.73 38.09 49.96
N SER G 25 64.13 37.50 48.82
CA SER G 25 65.40 37.82 48.18
C SER G 25 65.18 38.01 46.68
N VAL G 26 66.25 38.40 45.97
CA VAL G 26 66.25 38.53 44.52
C VAL G 26 67.69 38.43 44.03
N PHE G 27 67.89 37.89 42.82
CA PHE G 27 69.23 37.70 42.28
C PHE G 27 69.59 38.87 41.36
N ASP G 28 70.85 39.31 41.45
CA ASP G 28 71.38 40.39 40.64
C ASP G 28 72.18 39.79 39.49
N VAL G 29 71.45 39.32 38.47
CA VAL G 29 71.99 38.47 37.42
C VAL G 29 72.70 39.33 36.37
N PRO G 30 73.90 38.93 35.90
CA PRO G 30 74.51 39.55 34.71
C PRO G 30 73.57 39.56 33.51
N ASP G 31 73.88 40.38 32.50
CA ASP G 31 73.05 40.50 31.32
C ASP G 31 73.32 39.34 30.36
N ASN G 32 74.53 38.77 30.43
CA ASN G 32 74.87 37.60 29.61
C ASN G 32 74.30 36.34 30.25
N TYR G 33 73.66 36.48 31.43
CA TYR G 33 72.96 35.41 32.11
C TYR G 33 71.47 35.42 31.75
N LEU G 34 70.97 36.54 31.19
CA LEU G 34 69.59 36.63 30.75
C LEU G 34 69.37 35.79 29.49
N THR G 35 68.16 35.23 29.35
CA THR G 35 67.81 34.42 28.19
C THR G 35 67.65 35.33 26.98
N ASP G 36 67.83 34.74 25.78
CA ASP G 36 67.76 35.45 24.52
C ASP G 36 66.44 36.21 24.38
N ARG G 37 65.36 35.67 24.93
CA ARG G 37 64.05 36.29 24.83
C ARG G 37 64.05 37.61 25.62
N TYR G 38 64.67 37.59 26.81
CA TYR G 38 64.53 38.66 27.78
C TYR G 38 65.76 39.59 27.80
N ARG G 39 66.90 39.12 27.26
CA ARG G 39 68.13 39.90 27.28
C ARG G 39 67.91 41.27 26.62
N PRO G 40 67.29 41.34 25.41
CA PRO G 40 67.05 42.62 24.74
C PRO G 40 66.21 43.65 25.47
N ILE G 41 65.64 43.30 26.64
CA ILE G 41 64.91 44.25 27.47
C ILE G 41 65.34 44.07 28.94
N GLY G 42 66.59 43.66 29.13
CA GLY G 42 67.18 43.46 30.46
C GLY G 42 67.03 44.68 31.36
N PRO G 43 67.44 45.89 30.90
CA PRO G 43 67.27 47.11 31.69
C PRO G 43 65.90 47.33 32.34
N GLU G 44 64.83 46.97 31.62
CA GLU G 44 63.47 47.21 32.07
C GLU G 44 63.10 46.23 33.18
N ILE G 45 63.79 45.08 33.24
CA ILE G 45 63.39 43.96 34.08
C ILE G 45 64.06 44.07 35.45
N GLN G 46 65.40 44.07 35.48
CA GLN G 46 66.16 44.06 36.72
C GLN G 46 65.61 45.12 37.68
N ASN G 47 65.19 46.25 37.12
CA ASN G 47 64.64 47.37 37.87
C ASN G 47 63.23 47.05 38.36
N ARG G 48 62.43 46.47 37.45
CA ARG G 48 61.00 46.25 37.65
C ARG G 48 60.72 45.26 38.79
N PHE G 49 61.61 44.29 39.00
CA PHE G 49 61.42 43.25 39.99
C PHE G 49 62.35 43.45 41.19
N GLY G 50 63.21 44.47 41.13
CA GLY G 50 64.12 44.79 42.23
C GLY G 50 63.38 45.18 43.51
N GLU G 51 62.18 45.77 43.35
CA GLU G 51 61.40 46.31 44.45
C GLU G 51 60.84 45.20 45.35
N LEU G 52 60.54 45.59 46.59
CA LEU G 52 59.90 44.75 47.62
C LEU G 52 60.84 43.66 48.14
N ALA G 53 62.14 43.73 47.80
CA ALA G 53 63.09 42.67 48.15
C ALA G 53 64.01 43.15 49.27
N GLU G 54 64.13 42.34 50.33
CA GLU G 54 65.00 42.67 51.45
C GLU G 54 66.46 42.52 51.04
N GLU G 55 66.83 41.30 50.61
CA GLU G 55 68.20 41.00 50.22
C GLU G 55 68.34 41.05 48.71
N ARG G 56 69.58 41.31 48.26
CA ARG G 56 69.96 41.20 46.85
C ARG G 56 71.21 40.35 46.75
N ILE G 57 71.09 39.20 46.08
CA ILE G 57 72.16 38.23 45.99
C ILE G 57 72.99 38.55 44.74
N PRO G 58 74.29 38.86 44.88
CA PRO G 58 75.16 39.04 43.71
C PRO G 58 75.52 37.69 43.11
N VAL G 59 75.87 37.67 41.83
CA VAL G 59 76.32 36.45 41.16
C VAL G 59 77.45 36.81 40.19
N ARG G 60 78.62 36.19 40.40
CA ARG G 60 79.81 36.44 39.61
C ARG G 60 79.70 35.72 38.27
N SER G 61 80.13 36.38 37.19
CA SER G 61 80.12 35.81 35.85
C SER G 61 81.35 34.90 35.67
N ILE G 62 81.11 33.60 35.45
CA ILE G 62 82.17 32.61 35.34
C ILE G 62 82.12 32.01 33.94
N ALA G 63 82.89 30.94 33.69
CA ALA G 63 83.03 30.33 32.38
C ALA G 63 81.74 29.64 31.94
N LEU G 64 81.32 28.63 32.72
CA LEU G 64 80.20 27.76 32.41
C LEU G 64 80.58 26.77 31.31
N PRO G 65 80.69 25.45 31.60
CA PRO G 65 80.90 24.44 30.54
C PRO G 65 79.83 24.52 29.47
N ASP G 66 80.05 23.84 28.33
CA ASP G 66 79.05 23.79 27.26
C ASP G 66 77.78 23.14 27.82
N LEU G 67 76.64 23.84 27.64
CA LEU G 67 75.36 23.40 28.14
C LEU G 67 74.46 22.96 26.98
N ARG G 68 75.08 22.54 25.86
CA ARG G 68 74.36 22.06 24.69
C ARG G 68 73.50 20.86 25.08
N ILE G 69 74.16 19.82 25.63
CA ILE G 69 73.50 18.56 25.93
C ILE G 69 72.36 18.82 26.92
N PRO G 70 72.62 19.43 28.11
CA PRO G 70 71.54 19.81 29.03
C PRO G 70 70.36 20.55 28.41
N MET G 71 70.64 21.38 27.40
CA MET G 71 69.62 22.20 26.77
C MET G 71 68.94 21.45 25.63
N SER G 72 69.40 20.25 25.28
CA SER G 72 68.83 19.53 24.16
C SER G 72 67.36 19.22 24.40
N LEU G 73 67.02 18.80 25.63
CA LEU G 73 65.65 18.53 26.07
C LEU G 73 64.85 19.83 26.05
N GLY G 74 63.68 19.83 25.41
CA GLY G 74 62.80 20.99 25.38
C GLY G 74 62.40 21.46 26.78
N ARG G 75 61.99 22.74 26.90
CA ARG G 75 61.60 23.31 28.18
C ARG G 75 60.18 22.89 28.55
N GLN G 76 59.34 22.69 27.52
CA GLN G 76 57.93 22.36 27.73
C GLN G 76 57.73 20.85 27.55
N GLU G 77 58.82 20.07 27.70
CA GLU G 77 58.77 18.62 27.56
C GLU G 77 58.78 17.97 28.95
N GLN G 78 58.35 16.71 29.00
CA GLN G 78 58.38 15.91 30.21
C GLN G 78 59.79 15.34 30.37
N PHE G 79 60.16 14.97 31.61
CA PHE G 79 61.45 14.37 31.91
C PHE G 79 61.28 13.11 32.77
N SER G 80 61.83 12.00 32.25
CA SER G 80 61.83 10.70 32.90
C SER G 80 63.22 10.08 32.80
N LEU G 81 63.64 9.44 33.89
CA LEU G 81 64.96 8.82 34.00
C LEU G 81 64.94 7.43 33.38
N PHE G 82 63.77 6.96 32.95
CA PHE G 82 63.63 5.63 32.36
C PHE G 82 63.99 5.68 30.88
N ILE G 83 63.74 6.84 30.25
CA ILE G 83 64.00 7.04 28.84
C ILE G 83 65.51 7.13 28.60
N PRO G 84 66.09 6.30 27.71
CA PRO G 84 67.55 6.22 27.54
C PRO G 84 68.24 7.57 27.37
N ARG G 85 67.62 8.46 26.60
CA ARG G 85 68.22 9.70 26.15
C ARG G 85 68.33 10.69 27.30
N HIS G 86 67.24 10.80 28.07
CA HIS G 86 67.18 11.69 29.23
C HIS G 86 68.29 11.33 30.22
N ARG G 87 68.57 10.03 30.37
CA ARG G 87 69.59 9.55 31.28
C ARG G 87 70.95 10.17 30.94
N LYS G 88 71.26 10.25 29.64
CA LYS G 88 72.53 10.77 29.17
C LYS G 88 72.61 12.28 29.37
N ILE G 89 71.45 12.96 29.26
CA ILE G 89 71.38 14.41 29.44
C ILE G 89 71.56 14.76 30.92
N ALA G 90 70.78 14.11 31.79
CA ALA G 90 70.82 14.37 33.21
C ALA G 90 72.20 14.05 33.76
N ALA G 91 72.72 12.86 33.42
CA ALA G 91 74.01 12.39 33.90
C ALA G 91 75.13 13.37 33.53
N ARG G 92 74.93 14.09 32.42
CA ARG G 92 75.88 15.07 31.95
C ARG G 92 75.75 16.36 32.76
N LEU G 93 74.52 16.78 33.05
CA LEU G 93 74.27 17.98 33.84
C LEU G 93 74.72 17.74 35.27
N ILE G 94 74.30 16.62 35.87
CA ILE G 94 74.74 16.22 37.21
C ILE G 94 76.25 16.39 37.28
N ASP G 95 76.94 15.98 36.19
CA ASP G 95 78.39 16.01 36.08
C ASP G 95 78.91 17.45 36.15
N ILE G 96 78.17 18.40 35.57
CA ILE G 96 78.56 19.81 35.57
C ILE G 96 78.45 20.37 36.99
N PHE G 97 77.25 20.31 37.58
CA PHE G 97 77.01 20.78 38.94
C PHE G 97 77.96 20.10 39.91
N MET G 98 78.17 18.79 39.75
CA MET G 98 79.05 18.01 40.60
C MET G 98 80.49 18.52 40.45
N GLY G 99 80.84 18.99 39.24
CA GLY G 99 82.21 19.33 38.89
C GLY G 99 82.58 20.78 39.20
N MET G 100 81.66 21.56 39.79
CA MET G 100 81.96 22.91 40.23
C MET G 100 82.58 22.84 41.63
N ARG G 101 83.89 23.14 41.71
CA ARG G 101 84.72 23.03 42.90
C ARG G 101 84.13 23.77 44.09
N ASN G 102 83.66 25.01 43.86
CA ASN G 102 83.28 25.93 44.92
C ASN G 102 81.76 25.99 45.00
N ILE G 103 81.24 26.34 46.19
CA ILE G 103 79.80 26.44 46.39
C ILE G 103 79.28 27.75 45.79
N GLU G 104 80.19 28.64 45.42
CA GLU G 104 79.88 29.92 44.82
C GLU G 104 79.70 29.77 43.32
N GLU G 105 80.56 28.94 42.69
CA GLU G 105 80.47 28.68 41.26
C GLU G 105 79.27 27.79 40.94
N LEU G 106 78.92 26.90 41.89
CA LEU G 106 77.72 26.08 41.78
C LEU G 106 76.50 26.99 41.71
N GLN G 107 76.51 28.07 42.50
CA GLN G 107 75.42 29.03 42.54
C GLN G 107 75.36 29.81 41.22
N SER G 108 76.53 30.09 40.64
CA SER G 108 76.63 30.87 39.41
C SER G 108 76.20 30.02 38.20
N CYS G 109 76.74 28.80 38.11
CA CYS G 109 76.37 27.86 37.06
C CYS G 109 74.85 27.63 37.08
N ALA G 110 74.31 27.39 38.29
CA ALA G 110 72.91 27.10 38.48
C ALA G 110 72.03 28.25 37.99
N VAL G 111 72.36 29.46 38.45
CA VAL G 111 71.55 30.65 38.17
C VAL G 111 71.42 30.86 36.66
N PHE G 112 72.52 30.63 35.94
CA PHE G 112 72.56 30.76 34.49
C PHE G 112 71.68 29.69 33.85
N ALA G 113 72.00 28.42 34.14
CA ALA G 113 71.36 27.26 33.53
C ALA G 113 69.85 27.26 33.76
N ARG G 114 69.42 27.64 34.97
CA ARG G 114 68.07 27.38 35.47
C ARG G 114 67.00 27.73 34.44
N ASP G 115 67.15 28.85 33.72
CA ASP G 115 66.07 29.33 32.85
C ASP G 115 66.29 28.90 31.40
N ARG G 116 67.21 27.96 31.17
CA ARG G 116 67.51 27.46 29.83
C ARG G 116 67.16 25.98 29.70
N ILE G 117 67.08 25.24 30.82
CA ILE G 117 66.87 23.80 30.77
C ILE G 117 65.51 23.46 31.38
N ASN G 118 65.07 22.22 31.14
CA ASN G 118 63.78 21.70 31.56
C ASN G 118 63.68 21.71 33.08
N PRO G 119 62.69 22.43 33.69
CA PRO G 119 62.55 22.50 35.14
C PRO G 119 62.63 21.17 35.89
N TYR G 120 61.91 20.15 35.40
CA TYR G 120 61.90 18.83 35.99
C TYR G 120 63.33 18.27 36.03
N LEU G 121 64.07 18.47 34.92
CA LEU G 121 65.43 18.00 34.77
C LEU G 121 66.37 18.76 35.72
N PHE G 122 66.25 20.09 35.72
CA PHE G 122 67.03 20.94 36.61
C PHE G 122 66.88 20.46 38.05
N ASN G 123 65.63 20.34 38.52
CA ASN G 123 65.32 19.90 39.88
C ASN G 123 66.05 18.61 40.22
N TYR G 124 66.00 17.63 39.31
CA TYR G 124 66.64 16.34 39.51
C TYR G 124 68.15 16.53 39.61
N ALA G 125 68.73 17.17 38.58
CA ALA G 125 70.17 17.33 38.47
C ALA G 125 70.75 18.04 39.69
N LEU G 126 70.04 19.07 40.18
CA LEU G 126 70.46 19.83 41.34
C LEU G 126 70.36 18.95 42.58
N SER G 127 69.15 18.40 42.82
CA SER G 127 68.90 17.50 43.94
C SER G 127 70.01 16.47 44.10
N VAL G 128 70.44 15.85 43.00
CA VAL G 128 71.43 14.79 43.03
C VAL G 128 72.80 15.38 43.41
N ALA G 129 73.12 16.55 42.86
CA ALA G 129 74.40 17.21 43.12
C ALA G 129 74.52 17.59 44.59
N LEU G 130 73.51 18.33 45.09
CA LEU G 130 73.51 18.82 46.46
C LEU G 130 73.64 17.66 47.44
N LEU G 131 72.88 16.58 47.20
CA LEU G 131 72.78 15.47 48.14
C LEU G 131 74.12 14.74 48.25
N HIS G 132 74.99 14.88 47.25
CA HIS G 132 76.18 14.03 47.15
C HIS G 132 77.46 14.85 46.95
N ARG G 133 77.40 16.15 47.24
CA ARG G 133 78.61 16.95 47.41
C ARG G 133 78.90 17.05 48.90
N ARG G 134 80.14 17.43 49.26
CA ARG G 134 80.57 17.42 50.64
C ARG G 134 80.25 18.75 51.34
N ASP G 135 80.27 19.86 50.58
CA ASP G 135 80.03 21.18 51.15
C ASP G 135 78.55 21.42 51.38
N THR G 136 77.68 20.71 50.63
CA THR G 136 76.24 20.93 50.67
C THR G 136 75.56 19.78 51.39
N LYS G 137 76.13 19.32 52.51
CA LYS G 137 75.58 18.20 53.27
C LYS G 137 74.66 18.73 54.36
N ASN G 138 73.74 17.86 54.81
CA ASN G 138 72.74 18.17 55.83
C ASN G 138 71.80 19.26 55.35
N LEU G 139 71.72 19.46 54.02
CA LEU G 139 70.92 20.51 53.44
C LEU G 139 69.51 19.98 53.20
N ASP G 140 68.50 20.71 53.70
CA ASP G 140 67.13 20.22 53.69
C ASP G 140 66.48 20.66 52.39
N LEU G 141 66.39 19.73 51.44
CA LEU G 141 65.83 20.00 50.11
C LEU G 141 64.31 20.11 50.20
N PRO G 142 63.69 21.15 49.59
CA PRO G 142 62.24 21.31 49.67
C PRO G 142 61.52 20.12 49.04
N SER G 143 60.37 19.74 49.62
CA SER G 143 59.59 18.62 49.14
C SER G 143 59.21 18.87 47.68
N VAL G 144 59.30 17.82 46.85
CA VAL G 144 59.07 17.95 45.42
C VAL G 144 57.57 18.15 45.13
N VAL G 145 56.71 17.90 46.13
CA VAL G 145 55.29 18.23 46.06
C VAL G 145 55.12 19.73 45.99
N GLU G 146 55.92 20.44 46.81
CA GLU G 146 55.82 21.88 46.97
C GLU G 146 56.35 22.59 45.72
N VAL G 147 57.33 21.98 45.01
CA VAL G 147 57.94 22.59 43.84
C VAL G 147 57.21 22.15 42.56
N PHE G 148 56.68 20.92 42.55
CA PHE G 148 56.00 20.37 41.39
C PHE G 148 54.68 19.72 41.83
N PRO G 149 53.68 20.51 42.25
CA PRO G 149 52.42 19.92 42.72
C PRO G 149 51.62 19.20 41.64
N ASP G 150 51.95 19.46 40.37
CA ASP G 150 51.21 18.94 39.24
C ASP G 150 51.32 17.41 39.15
N LYS G 151 52.37 16.83 39.75
CA LYS G 151 52.61 15.40 39.74
C LYS G 151 51.95 14.69 40.92
N TYR G 152 51.19 15.44 41.74
CA TYR G 152 50.69 14.91 43.00
C TYR G 152 49.22 15.30 43.24
N VAL G 153 48.59 16.03 42.32
CA VAL G 153 47.30 16.65 42.59
C VAL G 153 46.45 16.69 41.31
N ASP G 154 45.16 16.33 41.47
CA ASP G 154 44.16 16.44 40.41
C ASP G 154 44.26 17.84 39.79
N SER G 155 44.27 17.89 38.46
CA SER G 155 44.46 19.13 37.71
C SER G 155 43.35 20.14 37.99
N ARG G 156 42.20 19.66 38.49
CA ARG G 156 41.03 20.50 38.70
C ARG G 156 41.33 21.65 39.68
N VAL G 157 42.21 21.41 40.67
CA VAL G 157 42.42 22.36 41.74
C VAL G 157 43.11 23.62 41.20
N PHE G 158 43.91 23.49 40.14
CA PHE G 158 44.82 24.54 39.73
C PHE G 158 44.06 25.83 39.39
N GLU G 159 42.89 25.71 38.75
CA GLU G 159 42.11 26.87 38.37
C GLU G 159 41.33 27.43 39.56
N GLN G 160 41.19 26.62 40.62
CA GLN G 160 40.61 27.10 41.88
C GLN G 160 41.65 27.90 42.68
N ILE G 161 42.89 27.40 42.69
CA ILE G 161 44.00 28.04 43.38
C ILE G 161 44.29 29.40 42.73
N ARG G 162 44.16 29.46 41.40
CA ARG G 162 44.39 30.68 40.64
C ARG G 162 43.29 31.69 40.99
N GLU G 163 42.04 31.21 41.08
CA GLU G 163 40.88 32.04 41.41
C GLU G 163 41.05 32.60 42.83
N GLU G 164 41.25 31.68 43.80
CA GLU G 164 41.37 32.04 45.21
C GLU G 164 42.47 33.06 45.44
N ALA G 165 43.63 32.86 44.79
CA ALA G 165 44.80 33.69 45.00
C ALA G 165 44.63 35.09 44.39
N THR G 166 43.79 35.20 43.34
CA THR G 166 43.59 36.46 42.65
C THR G 166 42.47 37.26 43.29
N VAL G 167 41.40 36.59 43.74
CA VAL G 167 40.20 37.27 44.22
C VAL G 167 40.35 37.66 45.69
N VAL G 168 40.70 36.68 46.53
CA VAL G 168 40.65 36.82 47.98
C VAL G 168 41.98 37.35 48.50
N PRO G 169 42.00 38.32 49.44
CA PRO G 169 43.25 38.75 50.09
C PRO G 169 43.86 37.68 50.99
N GLU G 170 45.19 37.65 51.05
CA GLU G 170 45.95 36.81 51.96
C GLU G 170 45.31 36.82 53.35
N GLY G 171 45.49 35.74 54.10
CA GLY G 171 45.00 35.65 55.47
C GLY G 171 43.54 35.19 55.53
N MET G 172 42.75 35.56 54.51
CA MET G 172 41.35 35.15 54.42
C MET G 172 41.18 34.00 53.44
N ARG G 173 42.28 33.41 52.96
CA ARG G 173 42.22 32.37 51.94
C ARG G 173 41.81 31.03 52.56
N MET G 174 40.79 30.39 51.95
CA MET G 174 40.31 29.08 52.38
C MET G 174 41.28 28.00 51.89
N PRO G 175 41.57 26.96 52.71
CA PRO G 175 42.35 25.81 52.24
C PRO G 175 41.62 25.10 51.10
N ILE G 176 42.38 24.76 50.04
CA ILE G 176 41.86 24.04 48.89
C ILE G 176 41.87 22.56 49.23
N VAL G 177 40.69 21.91 49.20
CA VAL G 177 40.62 20.47 49.47
C VAL G 177 41.11 19.76 48.22
N ILE G 178 41.98 18.76 48.39
CA ILE G 178 42.49 17.97 47.29
C ILE G 178 41.61 16.75 47.13
N PRO G 179 40.99 16.53 45.94
CA PRO G 179 40.12 15.37 45.73
C PRO G 179 40.82 14.05 45.99
N LYS G 180 40.11 13.12 46.65
CA LYS G 180 40.58 11.76 46.86
C LYS G 180 39.60 10.80 46.20
N ASP G 181 40.08 9.59 45.85
CA ASP G 181 39.27 8.60 45.16
C ASP G 181 38.56 9.26 43.98
N PHE G 182 39.36 9.74 43.01
CA PHE G 182 38.90 10.63 41.96
C PHE G 182 39.27 10.11 40.57
N THR G 183 40.05 9.02 40.50
CA THR G 183 40.57 8.51 39.24
C THR G 183 39.59 7.51 38.62
N ALA G 184 38.75 6.87 39.45
CA ALA G 184 37.82 5.85 38.98
C ALA G 184 36.63 5.70 39.95
N SER G 185 35.48 5.27 39.42
CA SER G 185 34.27 5.05 40.20
C SER G 185 34.25 3.61 40.74
N ASP G 186 33.11 3.21 41.33
CA ASP G 186 32.97 1.95 42.05
C ASP G 186 32.74 0.78 41.10
N LEU G 187 32.50 1.08 39.81
CA LEU G 187 32.44 0.05 38.78
C LEU G 187 33.82 -0.60 38.62
N ASP G 188 34.88 0.18 38.89
CA ASP G 188 36.24 -0.33 38.93
C ASP G 188 36.61 -0.62 40.39
N GLU G 189 36.77 -1.91 40.73
CA GLU G 189 37.04 -2.33 42.10
C GLU G 189 38.43 -1.86 42.53
N GLU G 190 39.29 -1.55 41.56
CA GLU G 190 40.65 -1.08 41.82
C GLU G 190 40.66 0.29 42.50
N HIS G 191 39.55 1.05 42.37
CA HIS G 191 39.48 2.41 42.87
C HIS G 191 39.62 2.44 44.40
N ARG G 192 39.43 1.28 45.04
CA ARG G 192 39.44 1.18 46.50
C ARG G 192 40.83 1.43 47.07
N LEU G 193 41.87 1.22 46.25
CA LEU G 193 43.25 1.28 46.70
C LEU G 193 43.84 2.67 46.47
N TRP G 194 42.99 3.67 46.22
CA TRP G 194 43.41 5.06 46.03
C TRP G 194 44.31 5.52 47.17
N TYR G 195 43.95 5.15 48.42
CA TYR G 195 44.60 5.65 49.63
C TYR G 195 46.04 5.14 49.72
N PHE G 196 46.44 4.24 48.80
CA PHE G 196 47.78 3.68 48.78
C PHE G 196 48.49 4.08 47.50
N ARG G 197 47.88 3.75 46.35
CA ARG G 197 48.43 4.06 45.04
C ARG G 197 48.66 5.58 44.90
N GLU G 198 47.67 6.38 45.30
CA GLU G 198 47.63 7.80 45.01
C GLU G 198 48.02 8.64 46.22
N ASP G 199 48.37 7.99 47.34
CA ASP G 199 48.83 8.69 48.52
C ASP G 199 50.12 9.44 48.22
N ILE G 200 50.16 10.73 48.59
CA ILE G 200 51.32 11.59 48.43
C ILE G 200 52.56 10.93 49.05
N GLY G 201 52.38 10.41 50.27
CA GLY G 201 53.47 9.88 51.06
C GLY G 201 54.29 8.83 50.30
N VAL G 202 53.60 7.79 49.81
CA VAL G 202 54.29 6.61 49.30
C VAL G 202 54.93 6.97 47.96
N ASN G 203 54.30 7.88 47.19
CA ASN G 203 54.84 8.34 45.93
C ASN G 203 56.14 9.14 46.14
N LEU G 204 56.20 9.88 47.25
CA LEU G 204 57.39 10.63 47.60
C LEU G 204 58.51 9.68 48.02
N HIS G 205 58.16 8.67 48.80
CA HIS G 205 59.15 7.69 49.25
C HIS G 205 59.81 7.02 48.04
N HIS G 206 59.00 6.66 47.03
CA HIS G 206 59.48 5.96 45.84
C HIS G 206 60.42 6.88 45.07
N TRP G 207 59.98 8.11 44.79
CA TRP G 207 60.80 9.10 44.09
C TRP G 207 62.15 9.29 44.77
N HIS G 208 62.13 9.43 46.11
CA HIS G 208 63.32 9.74 46.88
C HIS G 208 64.27 8.53 46.92
N TRP G 209 63.74 7.31 47.02
CA TRP G 209 64.55 6.11 47.04
C TRP G 209 65.42 6.04 45.78
N HIS G 210 64.84 6.41 44.64
CA HIS G 210 65.53 6.39 43.36
C HIS G 210 66.52 7.56 43.25
N LEU G 211 66.32 8.62 44.05
CA LEU G 211 67.29 9.72 44.12
C LEU G 211 68.60 9.25 44.74
N VAL G 212 68.52 8.52 45.85
CA VAL G 212 69.69 8.23 46.67
C VAL G 212 70.35 6.94 46.17
N TYR G 213 69.61 6.10 45.43
CA TYR G 213 70.16 4.91 44.81
C TYR G 213 69.87 4.93 43.31
N PRO G 214 70.47 5.85 42.52
CA PRO G 214 70.34 5.81 41.07
C PRO G 214 71.00 4.55 40.52
N PHE G 215 70.73 4.27 39.23
CA PHE G 215 71.26 3.09 38.56
C PHE G 215 72.21 3.50 37.43
N GLU G 216 72.46 4.81 37.29
CA GLU G 216 73.31 5.33 36.22
C GLU G 216 73.89 6.68 36.64
N ALA G 217 75.20 6.89 36.41
CA ALA G 217 75.85 8.19 36.47
C ALA G 217 77.37 8.03 36.60
N SER G 218 77.81 7.50 37.75
CA SER G 218 79.21 7.30 38.09
C SER G 218 79.27 6.61 39.46
N ASN G 219 80.08 5.55 39.59
CA ASN G 219 80.05 4.71 40.78
C ASN G 219 80.37 5.53 42.03
N ARG G 220 81.25 6.52 41.87
CA ARG G 220 81.58 7.49 42.90
C ARG G 220 80.49 8.55 43.03
N ALA G 221 79.70 8.74 41.97
CA ALA G 221 78.47 9.53 42.01
C ALA G 221 77.29 8.63 42.34
N ILE G 222 77.47 7.73 43.31
CA ILE G 222 76.42 7.26 44.19
C ILE G 222 75.77 5.99 43.65
N VAL G 223 76.33 5.40 42.59
CA VAL G 223 75.65 4.27 41.99
C VAL G 223 76.01 3.02 42.79
N ASP G 224 77.26 2.90 43.23
CA ASP G 224 77.73 1.71 43.93
C ASP G 224 77.59 1.90 45.45
N LYS G 225 76.36 1.75 45.94
CA LYS G 225 76.05 1.74 47.36
C LYS G 225 75.96 0.29 47.82
N ASP G 226 76.29 0.03 49.09
CA ASP G 226 76.32 -1.34 49.59
C ASP G 226 74.96 -1.99 49.38
N ARG G 227 74.95 -3.15 48.70
CA ARG G 227 73.77 -3.99 48.58
C ARG G 227 72.58 -3.26 47.99
N ARG G 228 72.82 -2.32 47.06
CA ARG G 228 71.74 -1.56 46.44
C ARG G 228 70.88 -2.48 45.57
N GLY G 229 71.50 -3.54 45.03
CA GLY G 229 70.78 -4.55 44.28
C GLY G 229 69.76 -5.25 45.15
N GLU G 230 70.20 -5.74 46.31
CA GLU G 230 69.32 -6.41 47.25
C GLU G 230 68.27 -5.40 47.73
N LEU G 231 68.69 -4.14 47.91
CA LEU G 231 67.78 -3.09 48.35
C LEU G 231 66.65 -2.96 47.33
N PHE G 232 67.02 -2.87 46.05
CA PHE G 232 66.08 -2.74 44.93
C PHE G 232 65.10 -3.91 44.96
N TYR G 233 65.61 -5.12 45.18
CA TYR G 233 64.76 -6.31 45.30
C TYR G 233 63.78 -6.10 46.46
N TYR G 234 64.32 -5.83 47.66
CA TYR G 234 63.56 -5.91 48.90
C TYR G 234 62.53 -4.79 48.99
N MET G 235 62.98 -3.55 48.79
CA MET G 235 62.11 -2.39 48.88
C MET G 235 60.87 -2.59 48.01
N HIS G 236 61.08 -2.87 46.71
CA HIS G 236 59.99 -3.07 45.77
C HIS G 236 59.17 -4.29 46.18
N SER G 237 59.83 -5.34 46.72
CA SER G 237 59.17 -6.55 47.18
C SER G 237 58.23 -6.28 48.35
N GLN G 238 58.61 -5.31 49.21
CA GLN G 238 57.79 -4.90 50.34
C GLN G 238 56.63 -4.03 49.89
N LEU G 239 56.81 -3.26 48.81
CA LEU G 239 55.72 -2.49 48.24
C LEU G 239 54.54 -3.39 47.90
N ILE G 240 54.83 -4.56 47.32
CA ILE G 240 53.78 -5.46 46.83
C ILE G 240 53.17 -6.24 47.99
N ALA G 241 54.02 -6.62 48.97
CA ALA G 241 53.55 -7.24 50.20
C ALA G 241 52.55 -6.35 50.93
N ARG G 242 52.87 -5.06 51.02
CA ARG G 242 52.00 -4.07 51.65
C ARG G 242 50.75 -3.84 50.80
N TYR G 243 50.92 -3.82 49.45
CA TYR G 243 49.82 -3.63 48.51
C TYR G 243 48.86 -4.81 48.64
N ASN G 244 49.42 -6.03 48.62
CA ASN G 244 48.63 -7.25 48.73
C ASN G 244 47.86 -7.28 50.05
N PHE G 245 48.45 -6.72 51.11
CA PHE G 245 47.79 -6.62 52.39
C PHE G 245 46.56 -5.72 52.22
N GLU G 246 46.78 -4.52 51.68
CA GLU G 246 45.72 -3.53 51.51
C GLU G 246 44.63 -4.07 50.58
N ARG G 247 45.00 -4.95 49.64
CA ARG G 247 44.04 -5.58 48.75
C ARG G 247 43.05 -6.42 49.57
N PHE G 248 43.60 -7.23 50.50
CA PHE G 248 42.79 -8.12 51.32
C PHE G 248 41.84 -7.34 52.22
N CYS G 249 42.21 -6.10 52.56
CA CYS G 249 41.39 -5.23 53.37
C CYS G 249 40.31 -4.52 52.56
N ASN G 250 40.27 -4.77 51.24
CA ASN G 250 39.26 -4.19 50.36
C ASN G 250 38.55 -5.28 49.57
N ARG G 251 38.52 -6.50 50.13
CA ARG G 251 37.75 -7.62 49.59
C ARG G 251 38.22 -7.98 48.18
N LEU G 252 39.53 -7.86 47.92
CA LEU G 252 40.14 -8.20 46.64
C LEU G 252 41.12 -9.35 46.84
N GLN G 253 41.49 -10.01 45.74
CA GLN G 253 42.47 -11.10 45.76
C GLN G 253 43.87 -10.50 45.64
N ARG G 254 44.90 -11.34 45.78
CA ARG G 254 46.29 -10.90 45.63
C ARG G 254 46.50 -10.44 44.18
N VAL G 255 47.41 -9.48 43.99
CA VAL G 255 47.67 -8.91 42.68
C VAL G 255 48.20 -10.01 41.75
N LYS G 256 47.61 -10.10 40.55
CA LYS G 256 48.08 -11.01 39.52
C LYS G 256 49.23 -10.37 38.76
N ARG G 257 50.29 -11.15 38.56
CA ARG G 257 51.50 -10.73 37.84
C ARG G 257 51.18 -10.54 36.37
N LEU G 258 52.08 -9.86 35.63
CA LEU G 258 52.03 -9.79 34.18
C LEU G 258 52.66 -11.06 33.60
N ASN G 259 51.86 -12.15 33.61
CA ASN G 259 52.20 -13.45 33.05
C ASN G 259 53.03 -13.26 31.79
N ASN G 260 52.40 -12.69 30.74
CA ASN G 260 53.01 -12.55 29.43
C ASN G 260 52.48 -11.28 28.75
N LEU G 261 53.35 -10.67 27.96
CA LEU G 261 53.23 -9.28 27.53
C LEU G 261 52.35 -9.13 26.30
N ARG G 262 51.97 -10.26 25.69
CA ARG G 262 51.19 -10.26 24.45
C ARG G 262 49.70 -10.17 24.77
N GLU G 263 49.30 -10.74 25.91
CA GLU G 263 47.93 -10.71 26.38
C GLU G 263 47.56 -9.29 26.79
N PRO G 264 46.33 -8.80 26.51
CA PRO G 264 45.87 -7.48 26.96
C PRO G 264 46.01 -7.18 28.45
N ILE G 265 46.12 -5.88 28.78
CA ILE G 265 46.14 -5.42 30.15
C ILE G 265 44.72 -4.95 30.52
N ALA G 266 44.07 -5.72 31.41
CA ALA G 266 42.66 -5.54 31.74
C ALA G 266 42.40 -4.18 32.37
N GLU G 267 43.25 -3.79 33.33
CA GLU G 267 43.02 -2.60 34.15
C GLU G 267 43.66 -1.39 33.47
N GLY G 268 42.82 -0.50 32.92
CA GLY G 268 43.25 0.82 32.47
C GLY G 268 43.37 1.79 33.65
N TYR G 269 43.95 2.97 33.39
CA TYR G 269 44.12 3.98 34.43
C TYR G 269 44.33 5.35 33.79
N PHE G 270 43.37 6.26 34.01
CA PHE G 270 43.49 7.67 33.67
C PHE G 270 43.85 8.46 34.92
N PRO G 271 45.07 9.04 35.02
CA PRO G 271 45.60 9.55 36.29
C PRO G 271 45.08 10.91 36.73
N LYS G 272 44.54 11.68 35.76
CA LYS G 272 43.91 12.98 35.98
C LYS G 272 44.94 14.04 36.35
N LEU G 273 46.20 13.90 35.89
CA LEU G 273 47.24 14.87 36.17
C LEU G 273 47.47 15.76 34.95
N ASP G 274 47.83 17.03 35.19
CA ASP G 274 48.13 18.00 34.15
C ASP G 274 49.49 18.63 34.46
N SER G 275 50.49 18.36 33.62
CA SER G 275 51.82 18.92 33.75
C SER G 275 51.81 20.39 33.34
N LEU G 276 52.04 21.28 34.31
CA LEU G 276 52.08 22.72 34.08
C LEU G 276 53.40 23.10 33.37
N VAL G 277 54.41 22.23 33.46
CA VAL G 277 55.69 22.43 32.81
C VAL G 277 55.59 22.07 31.33
N ALA G 278 54.90 20.96 31.03
CA ALA G 278 54.65 20.53 29.65
C ALA G 278 53.42 21.22 29.08
N SER G 279 52.59 21.78 29.98
CA SER G 279 51.35 22.49 29.68
C SER G 279 50.30 21.55 29.08
N ARG G 280 50.64 20.25 29.03
CA ARG G 280 49.75 19.19 28.59
C ARG G 280 49.34 18.35 29.80
N THR G 281 48.47 17.36 29.58
CA THR G 281 48.17 16.34 30.57
C THR G 281 48.90 15.05 30.21
N TRP G 282 49.13 14.21 31.24
CA TRP G 282 49.60 12.83 31.07
C TRP G 282 48.51 12.03 30.35
N PRO G 283 48.86 11.21 29.32
CA PRO G 283 47.87 10.37 28.66
C PRO G 283 47.39 9.27 29.61
N GLY G 284 46.16 8.81 29.41
CA GLY G 284 45.64 7.64 30.08
C GLY G 284 45.94 6.37 29.29
N ARG G 285 45.66 5.22 29.90
CA ARG G 285 45.68 3.92 29.23
C ARG G 285 44.28 3.32 29.32
N VAL G 286 43.78 2.83 28.17
CA VAL G 286 42.43 2.28 28.08
C VAL G 286 42.44 0.85 28.62
N ASP G 287 41.23 0.33 28.89
CA ASP G 287 41.05 -1.07 29.24
C ASP G 287 41.47 -1.92 28.05
N ASN G 288 42.16 -3.04 28.34
CA ASN G 288 42.57 -4.03 27.35
C ASN G 288 43.54 -3.45 26.31
N ALA G 289 44.29 -2.41 26.69
CA ALA G 289 45.43 -1.98 25.90
C ALA G 289 46.43 -3.14 25.77
N VAL G 290 47.12 -3.21 24.63
CA VAL G 290 48.17 -4.20 24.41
C VAL G 290 49.51 -3.47 24.27
N ILE G 291 50.56 -4.05 24.86
CA ILE G 291 51.91 -3.57 24.69
C ILE G 291 52.27 -3.64 23.21
N LYS G 292 52.98 -2.62 22.72
CA LYS G 292 53.34 -2.52 21.32
C LYS G 292 54.82 -2.15 21.19
N ASP G 293 55.48 -2.68 20.14
CA ASP G 293 56.85 -2.33 19.78
C ASP G 293 57.01 -0.81 19.72
N LEU G 294 58.08 -0.31 20.35
CA LEU G 294 58.36 1.12 20.43
C LEU G 294 59.31 1.54 19.30
N ASN G 295 59.05 2.71 18.70
CA ASN G 295 59.96 3.37 17.77
C ASN G 295 59.86 4.88 17.99
N ARG G 296 60.42 5.35 19.09
CA ARG G 296 60.39 6.76 19.46
C ARG G 296 61.73 7.39 19.07
N GLU G 297 61.89 7.72 17.78
CA GLU G 297 63.14 8.19 17.23
C GLU G 297 63.75 9.30 18.10
N LEU G 298 62.92 10.27 18.52
CA LEU G 298 63.38 11.43 19.28
C LEU G 298 64.01 10.99 20.61
N ASP G 299 63.29 10.14 21.35
CA ASP G 299 63.69 9.72 22.68
C ASP G 299 64.85 8.71 22.64
N GLN G 300 65.19 8.23 21.44
CA GLN G 300 66.22 7.20 21.25
C GLN G 300 65.74 5.89 21.86
N ILE G 301 64.55 5.43 21.46
CA ILE G 301 63.99 4.15 21.85
C ILE G 301 63.64 3.37 20.60
N LYS G 302 64.36 2.26 20.38
CA LYS G 302 64.07 1.32 19.31
C LYS G 302 64.10 -0.07 19.93
N GLN G 303 62.96 -0.48 20.52
CA GLN G 303 62.88 -1.72 21.28
C GLN G 303 61.63 -2.49 20.83
N ASP G 304 61.80 -3.81 20.62
CA ASP G 304 60.70 -4.70 20.31
C ASP G 304 60.32 -5.46 21.57
N VAL G 305 59.05 -5.92 21.62
CA VAL G 305 58.57 -6.67 22.77
C VAL G 305 59.42 -7.94 22.91
N SER G 306 59.75 -8.56 21.77
CA SER G 306 60.55 -9.77 21.76
C SER G 306 61.91 -9.54 22.43
N ASP G 307 62.48 -8.34 22.31
CA ASP G 307 63.71 -7.99 23.02
C ASP G 307 63.53 -8.20 24.53
N LEU G 308 62.41 -7.68 25.05
CA LEU G 308 62.09 -7.79 26.47
C LEU G 308 61.97 -9.27 26.85
N GLU G 309 61.20 -10.01 26.04
CA GLU G 309 60.97 -11.44 26.23
C GLU G 309 62.28 -12.22 26.24
N ARG G 310 63.22 -11.79 25.37
CA ARG G 310 64.51 -12.45 25.26
C ARG G 310 65.31 -12.24 26.53
N TRP G 311 65.30 -11.00 27.06
CA TRP G 311 66.00 -10.69 28.30
C TRP G 311 65.47 -11.57 29.44
N ILE G 312 64.14 -11.70 29.51
CA ILE G 312 63.50 -12.46 30.57
C ILE G 312 63.91 -13.92 30.46
N ASP G 313 63.81 -14.49 29.26
CA ASP G 313 64.18 -15.88 29.01
C ASP G 313 65.61 -16.14 29.49
N ARG G 314 66.53 -15.20 29.25
CA ARG G 314 67.93 -15.36 29.60
C ARG G 314 68.13 -15.27 31.12
N ILE G 315 67.43 -14.33 31.76
CA ILE G 315 67.56 -14.10 33.20
C ILE G 315 67.07 -15.33 33.96
N TYR G 316 65.91 -15.86 33.55
CA TYR G 316 65.38 -17.10 34.09
C TYR G 316 66.43 -18.22 33.99
N GLU G 317 67.07 -18.34 32.82
CA GLU G 317 68.04 -19.38 32.56
C GLU G 317 69.18 -19.27 33.58
N ALA G 318 69.72 -18.06 33.72
CA ALA G 318 70.82 -17.79 34.64
C ALA G 318 70.43 -18.20 36.07
N VAL G 319 69.21 -17.83 36.47
CA VAL G 319 68.73 -18.06 37.82
C VAL G 319 68.65 -19.57 38.10
N HIS G 320 68.16 -20.33 37.11
CA HIS G 320 68.07 -21.78 37.22
C HIS G 320 69.46 -22.41 37.14
N GLN G 321 70.26 -22.01 36.14
CA GLN G 321 71.65 -22.42 36.04
C GLN G 321 72.38 -22.20 37.36
N GLY G 322 72.11 -21.07 38.01
CA GLY G 322 72.71 -20.73 39.29
C GLY G 322 73.87 -19.75 39.17
N TYR G 323 74.20 -19.32 37.94
CA TYR G 323 75.29 -18.39 37.71
C TYR G 323 74.99 -17.49 36.51
N VAL G 324 75.69 -16.35 36.43
CA VAL G 324 75.62 -15.45 35.30
C VAL G 324 76.98 -15.41 34.61
N VAL G 325 77.04 -14.75 33.44
CA VAL G 325 78.29 -14.59 32.69
C VAL G 325 78.52 -13.10 32.46
N ASP G 326 79.75 -12.63 32.76
CA ASP G 326 80.10 -11.23 32.59
C ASP G 326 80.52 -10.99 31.13
N GLU G 327 80.71 -9.71 30.78
CA GLU G 327 81.12 -9.32 29.44
C GLU G 327 82.33 -10.12 28.99
N SER G 328 83.27 -10.36 29.93
CA SER G 328 84.55 -11.02 29.67
C SER G 328 84.37 -12.48 29.29
N GLY G 329 83.28 -13.11 29.76
CA GLY G 329 82.99 -14.51 29.46
C GLY G 329 83.06 -15.38 30.71
N ASN G 330 83.58 -14.83 31.81
CA ASN G 330 83.72 -15.52 33.08
C ASN G 330 82.35 -15.76 33.70
N ARG G 331 82.29 -16.69 34.68
CA ARG G 331 81.07 -17.02 35.39
C ARG G 331 81.11 -16.46 36.81
N ILE G 332 80.01 -15.83 37.23
CA ILE G 332 79.83 -15.34 38.59
C ILE G 332 78.65 -16.08 39.21
N PHE G 333 78.81 -16.58 40.44
CA PHE G 333 77.91 -17.56 41.03
C PHE G 333 76.92 -16.87 41.95
N LEU G 334 75.62 -17.17 41.76
CA LEU G 334 74.54 -16.61 42.54
C LEU G 334 74.45 -17.37 43.86
N ASP G 335 75.36 -17.05 44.79
CA ASP G 335 75.49 -17.74 46.06
C ASP G 335 74.50 -17.17 47.06
N GLU G 336 74.52 -17.73 48.29
CA GLU G 336 73.58 -17.34 49.34
C GLU G 336 73.76 -15.88 49.75
N GLU G 337 74.97 -15.35 49.60
CA GLU G 337 75.34 -14.05 50.15
C GLU G 337 75.00 -12.94 49.17
N LYS G 338 75.66 -12.95 48.00
CA LYS G 338 75.64 -11.84 47.07
C LYS G 338 74.75 -12.12 45.85
N GLY G 339 74.24 -13.35 45.74
CA GLY G 339 73.36 -13.74 44.65
C GLY G 339 72.25 -12.74 44.38
N ILE G 340 71.44 -12.47 45.41
CA ILE G 340 70.28 -11.58 45.29
C ILE G 340 70.73 -10.19 44.84
N ASP G 341 71.84 -9.70 45.39
CA ASP G 341 72.34 -8.36 45.12
C ASP G 341 72.69 -8.25 43.63
N ILE G 342 73.41 -9.25 43.12
CA ILE G 342 73.77 -9.31 41.72
C ILE G 342 72.51 -9.26 40.86
N LEU G 343 71.59 -10.20 41.13
CA LEU G 343 70.36 -10.35 40.37
C LEU G 343 69.62 -9.01 40.28
N GLY G 344 69.57 -8.28 41.39
CA GLY G 344 68.90 -6.99 41.43
C GLY G 344 69.47 -6.00 40.42
N ASN G 345 70.80 -5.94 40.33
CA ASN G 345 71.49 -5.04 39.43
C ASN G 345 71.27 -5.47 37.98
N ILE G 346 71.14 -6.78 37.77
CA ILE G 346 70.87 -7.36 36.46
C ILE G 346 69.46 -7.01 36.00
N ILE G 347 68.49 -7.14 36.91
CA ILE G 347 67.08 -7.03 36.56
C ILE G 347 66.64 -5.59 36.36
N GLU G 348 67.00 -4.69 37.27
CA GLU G 348 66.67 -3.29 37.12
C GLU G 348 67.46 -2.73 35.93
N SER G 349 68.66 -3.28 35.78
CA SER G 349 69.75 -2.77 34.96
C SER G 349 70.36 -1.53 35.59
N SER G 350 71.30 -1.76 36.52
CA SER G 350 72.18 -0.72 37.00
C SER G 350 73.56 -0.96 36.39
N ILE G 351 74.30 0.10 36.09
CA ILE G 351 75.62 -0.04 35.49
C ILE G 351 76.46 -1.05 36.27
N LEU G 352 76.00 -1.47 37.44
CA LEU G 352 76.66 -2.50 38.22
C LEU G 352 76.34 -3.89 37.68
N SER G 353 75.39 -4.00 36.75
CA SER G 353 75.07 -5.27 36.12
C SER G 353 76.33 -5.87 35.51
N PRO G 354 76.66 -7.14 35.80
CA PRO G 354 77.90 -7.74 35.28
C PRO G 354 77.89 -7.97 33.77
N ASN G 355 76.74 -7.76 33.12
CA ASN G 355 76.65 -7.88 31.67
C ASN G 355 75.33 -7.30 31.16
N ARG G 356 75.23 -5.97 31.14
CA ARG G 356 74.04 -5.27 30.69
C ARG G 356 73.60 -5.74 29.31
N GLN G 357 74.58 -5.92 28.41
CA GLN G 357 74.32 -6.20 27.00
C GLN G 357 73.55 -7.50 26.82
N LEU G 358 73.82 -8.50 27.68
CA LEU G 358 73.21 -9.82 27.56
C LEU G 358 71.86 -9.87 28.28
N TYR G 359 71.81 -9.38 29.52
CA TYR G 359 70.65 -9.53 30.39
C TYR G 359 69.73 -8.29 30.34
N GLY G 360 70.19 -7.22 29.66
CA GLY G 360 69.32 -6.14 29.26
C GLY G 360 69.00 -5.19 30.41
N ASP G 361 67.92 -4.39 30.17
CA ASP G 361 67.44 -3.32 31.04
C ASP G 361 65.96 -3.62 31.32
N MET G 362 65.72 -4.81 31.89
CA MET G 362 64.45 -5.49 31.88
C MET G 362 63.35 -4.70 32.59
N HIS G 363 63.57 -4.31 33.86
CA HIS G 363 62.58 -3.60 34.65
C HIS G 363 62.25 -2.25 33.99
N ASN G 364 63.28 -1.45 33.73
CA ASN G 364 63.12 -0.07 33.23
C ASN G 364 62.40 -0.06 31.88
N VAL G 365 62.80 -0.93 30.95
CA VAL G 365 62.23 -0.95 29.62
C VAL G 365 60.75 -1.30 29.69
N GLY G 366 60.40 -2.17 30.65
CA GLY G 366 59.01 -2.52 30.95
C GLY G 366 58.16 -1.30 31.29
N HIS G 367 58.72 -0.40 32.11
CA HIS G 367 58.04 0.84 32.50
C HIS G 367 57.72 1.68 31.26
N VAL G 368 58.63 1.70 30.28
CA VAL G 368 58.48 2.52 29.08
C VAL G 368 57.44 1.90 28.15
N PHE G 369 57.54 0.58 27.90
CA PHE G 369 56.57 -0.13 27.09
C PHE G 369 55.13 0.14 27.57
N LEU G 370 54.92 0.02 28.89
CA LEU G 370 53.60 0.11 29.49
C LEU G 370 53.07 1.54 29.41
N SER G 371 53.98 2.53 29.34
CA SER G 371 53.61 3.93 29.37
C SER G 371 53.33 4.49 27.97
N TYR G 372 53.57 3.70 26.91
CA TYR G 372 53.55 4.20 25.54
C TYR G 372 52.61 3.38 24.66
N THR G 373 51.67 2.64 25.26
CA THR G 373 50.75 1.82 24.50
C THR G 373 49.89 2.67 23.57
N HIS G 374 49.65 3.92 23.98
CA HIS G 374 48.74 4.84 23.29
C HIS G 374 49.41 5.51 22.08
N ASP G 375 50.75 5.52 22.05
CA ASP G 375 51.48 6.20 20.99
C ASP G 375 52.91 5.66 20.93
N PRO G 376 53.13 4.45 20.39
CA PRO G 376 54.44 3.80 20.45
C PRO G 376 55.45 4.19 19.37
N ASP G 377 54.97 4.79 18.27
CA ASP G 377 55.85 5.22 17.18
C ASP G 377 55.90 6.74 17.07
N HIS G 378 55.25 7.46 18.00
CA HIS G 378 55.33 8.90 18.13
C HIS G 378 54.56 9.62 17.02
N ARG G 379 53.66 8.90 16.33
CA ARG G 379 52.91 9.48 15.23
C ARG G 379 51.91 10.54 15.73
N HIS G 380 51.52 10.43 17.02
CA HIS G 380 50.54 11.31 17.63
C HIS G 380 51.21 12.38 18.50
N LEU G 381 52.55 12.43 18.49
CA LEU G 381 53.27 13.45 19.22
C LEU G 381 52.74 13.56 20.65
N GLU G 382 52.55 12.41 21.31
CA GLU G 382 52.10 12.35 22.69
C GLU G 382 53.24 11.86 23.57
N SER G 383 53.22 12.26 24.85
CA SER G 383 54.24 11.88 25.81
C SER G 383 53.84 10.59 26.51
N PHE G 384 54.70 10.09 27.40
CA PHE G 384 54.46 8.83 28.10
C PHE G 384 53.40 9.02 29.18
N GLY G 385 52.62 7.95 29.42
CA GLY G 385 51.69 7.88 30.54
C GLY G 385 52.43 7.79 31.87
N VAL G 386 51.67 7.57 32.95
CA VAL G 386 52.15 7.77 34.31
C VAL G 386 53.23 6.75 34.70
N MET G 387 53.22 5.55 34.08
CA MET G 387 54.18 4.49 34.41
C MET G 387 55.59 4.81 33.91
N GLY G 388 55.72 5.88 33.12
CA GLY G 388 57.00 6.28 32.55
C GLY G 388 57.81 7.21 33.45
N ASP G 389 57.23 7.62 34.59
CA ASP G 389 57.92 8.49 35.54
C ASP G 389 57.86 7.87 36.94
N VAL G 390 59.04 7.72 37.57
CA VAL G 390 59.19 7.18 38.93
C VAL G 390 58.31 7.96 39.90
N ALA G 391 58.22 9.28 39.70
CA ALA G 391 57.43 10.17 40.54
C ALA G 391 55.96 9.77 40.58
N THR G 392 55.45 9.16 39.49
CA THR G 392 54.02 8.92 39.35
C THR G 392 53.68 7.43 39.12
N ALA G 393 54.70 6.58 38.96
CA ALA G 393 54.50 5.21 38.47
C ALA G 393 53.57 4.40 39.36
N MET G 394 53.60 4.65 40.68
CA MET G 394 52.87 3.83 41.64
C MET G 394 51.37 4.10 41.60
N ARG G 395 50.94 5.18 40.92
CA ARG G 395 49.53 5.52 40.82
C ARG G 395 48.77 4.48 39.99
N ASP G 396 49.44 3.92 38.98
CA ASP G 396 48.82 3.00 38.04
C ASP G 396 48.75 1.62 38.66
N PRO G 397 47.60 0.91 38.59
CA PRO G 397 47.53 -0.49 39.03
C PRO G 397 48.47 -1.48 38.36
N VAL G 398 48.85 -1.20 37.11
CA VAL G 398 49.69 -2.11 36.33
C VAL G 398 51.08 -2.17 36.95
N PHE G 399 51.45 -1.12 37.69
CA PHE G 399 52.73 -1.05 38.38
C PHE G 399 52.94 -2.31 39.22
N TYR G 400 51.88 -2.72 39.93
CA TYR G 400 51.94 -3.78 40.92
C TYR G 400 51.96 -5.13 40.22
N ARG G 401 51.35 -5.19 39.02
CA ARG G 401 51.37 -6.39 38.19
C ARG G 401 52.78 -6.60 37.61
N TRP G 402 53.37 -5.53 37.06
CA TRP G 402 54.70 -5.59 36.50
C TRP G 402 55.74 -5.87 37.59
N HIS G 403 55.57 -5.24 38.75
CA HIS G 403 56.50 -5.38 39.86
C HIS G 403 56.30 -6.72 40.57
N SER G 404 55.08 -7.26 40.45
CA SER G 404 54.72 -8.58 40.94
C SER G 404 55.45 -9.66 40.15
N PHE G 405 55.41 -9.54 38.82
CA PHE G 405 56.13 -10.44 37.92
C PHE G 405 57.60 -10.44 38.31
N ILE G 406 58.22 -9.25 38.29
CA ILE G 406 59.63 -9.09 38.58
C ILE G 406 59.98 -9.82 39.88
N ASP G 407 59.09 -9.76 40.87
CA ASP G 407 59.33 -10.35 42.17
C ASP G 407 59.40 -11.87 42.06
N ASP G 408 58.51 -12.45 41.24
CA ASP G 408 58.46 -13.88 41.01
C ASP G 408 59.82 -14.36 40.50
N ILE G 409 60.48 -13.55 39.65
CA ILE G 409 61.79 -13.89 39.11
C ILE G 409 62.82 -13.96 40.24
N PHE G 410 62.80 -12.97 41.15
CA PHE G 410 63.67 -12.98 42.33
C PHE G 410 63.40 -14.22 43.16
N GLN G 411 62.11 -14.49 43.42
CA GLN G 411 61.68 -15.65 44.20
C GLN G 411 62.29 -16.93 43.65
N GLU G 412 62.33 -17.05 42.32
CA GLU G 412 62.85 -18.23 41.65
C GLU G 412 64.28 -18.51 42.10
N HIS G 413 65.02 -17.47 42.52
CA HIS G 413 66.36 -17.64 43.05
C HIS G 413 66.30 -18.02 44.52
N LYS G 414 65.43 -17.34 45.29
CA LYS G 414 65.34 -17.53 46.73
C LYS G 414 64.94 -18.95 47.10
N ILE G 415 64.13 -19.60 46.25
CA ILE G 415 63.66 -20.95 46.52
C ILE G 415 64.73 -21.98 46.22
N LYS G 416 65.85 -21.55 45.62
CA LYS G 416 66.99 -22.41 45.38
C LYS G 416 67.92 -22.43 46.60
N LEU G 417 67.88 -21.36 47.42
CA LEU G 417 68.73 -21.26 48.59
C LEU G 417 68.33 -22.32 49.62
N PRO G 418 69.27 -22.86 50.43
CA PRO G 418 68.96 -23.87 51.43
C PRO G 418 68.18 -23.28 52.61
N ALA G 419 67.18 -24.02 53.08
CA ALA G 419 66.35 -23.60 54.20
C ALA G 419 67.21 -23.23 55.40
N TYR G 420 66.77 -22.21 56.16
CA TYR G 420 67.41 -21.87 57.42
C TYR G 420 67.18 -23.03 58.39
N THR G 421 68.28 -23.54 58.96
CA THR G 421 68.24 -24.69 59.87
C THR G 421 67.79 -24.21 61.25
N LYS G 422 67.18 -25.13 62.02
CA LYS G 422 66.74 -24.87 63.38
C LYS G 422 67.86 -24.12 64.12
N SER G 423 69.09 -24.63 63.96
CA SER G 423 70.30 -24.05 64.51
C SER G 423 70.46 -22.57 64.14
N GLN G 424 70.35 -22.29 62.83
CA GLN G 424 70.71 -20.98 62.27
C GLN G 424 69.84 -19.86 62.83
N LEU G 425 68.58 -20.15 63.19
CA LEU G 425 67.67 -19.13 63.67
C LEU G 425 67.23 -19.42 65.11
N THR G 426 68.06 -20.16 65.86
CA THR G 426 67.91 -20.29 67.31
C THR G 426 68.95 -19.39 67.99
N TYR G 427 68.55 -18.77 69.11
CA TYR G 427 69.45 -17.98 69.95
C TYR G 427 69.60 -18.68 71.30
N GLU G 428 70.70 -19.45 71.45
CA GLU G 428 70.92 -20.29 72.61
C GLU G 428 70.85 -19.44 73.89
N GLY G 429 69.84 -19.71 74.72
CA GLY G 429 69.63 -19.02 75.97
C GLY G 429 68.40 -18.10 75.94
N ILE G 430 68.21 -17.37 74.83
CA ILE G 430 67.15 -16.38 74.70
C ILE G 430 65.83 -17.07 74.36
N SER G 431 64.75 -16.64 75.02
CA SER G 431 63.40 -17.11 74.75
C SER G 431 62.40 -15.96 74.84
N VAL G 432 61.67 -15.71 73.74
CA VAL G 432 60.58 -14.75 73.71
C VAL G 432 59.28 -15.49 74.06
N THR G 433 58.61 -15.03 75.11
CA THR G 433 57.48 -15.71 75.71
C THR G 433 56.17 -15.03 75.36
N GLY G 434 56.24 -13.86 74.71
CA GLY G 434 55.04 -13.13 74.33
C GLY G 434 55.33 -11.74 73.79
N ILE G 435 54.46 -11.27 72.89
CA ILE G 435 54.44 -9.91 72.38
C ILE G 435 52.98 -9.46 72.32
N ILE G 436 52.71 -8.20 72.69
CA ILE G 436 51.37 -7.62 72.61
C ILE G 436 51.48 -6.19 72.08
N VAL G 437 50.34 -5.57 71.72
CA VAL G 437 50.29 -4.17 71.32
C VAL G 437 49.19 -3.46 72.10
N GLN G 438 49.41 -2.19 72.47
CA GLN G 438 48.45 -1.41 73.24
C GLN G 438 48.33 0.01 72.69
N SER G 439 47.09 0.39 72.32
CA SER G 439 46.75 1.75 71.95
C SER G 439 45.93 2.39 73.07
N GLU G 440 46.07 3.71 73.24
CA GLU G 440 45.30 4.49 74.19
C GLU G 440 43.81 4.34 73.86
N GLY G 441 43.02 3.97 74.88
CA GLY G 441 41.58 3.81 74.75
C GLY G 441 41.20 2.75 73.70
N ALA G 442 41.68 1.52 73.90
CA ALA G 442 41.44 0.43 72.96
C ALA G 442 41.90 -0.89 73.57
N PRO G 443 41.19 -2.03 73.35
CA PRO G 443 41.63 -3.32 73.89
C PRO G 443 43.06 -3.66 73.49
N VAL G 444 43.67 -4.59 74.23
CA VAL G 444 44.98 -5.12 73.89
C VAL G 444 44.90 -5.84 72.55
N ASN G 445 46.04 -5.89 71.84
CA ASN G 445 46.19 -6.62 70.58
C ASN G 445 45.14 -6.15 69.57
N THR G 446 45.00 -4.83 69.43
CA THR G 446 44.02 -4.24 68.53
C THR G 446 44.58 -2.93 67.95
N LEU G 447 44.66 -2.84 66.62
CA LEU G 447 45.09 -1.63 65.93
C LEU G 447 43.87 -0.98 65.26
N HIS G 448 43.85 0.35 65.23
CA HIS G 448 42.77 1.12 64.63
C HIS G 448 43.32 1.98 63.49
N THR G 449 42.51 2.19 62.43
CA THR G 449 42.84 3.11 61.35
C THR G 449 41.62 3.98 61.01
N TYR G 450 41.87 5.05 60.23
CA TYR G 450 40.86 6.03 59.85
C TYR G 450 41.45 7.00 58.83
N TRP G 451 40.63 7.96 58.38
CA TRP G 451 41.05 9.03 57.48
C TRP G 451 41.45 10.26 58.30
N GLN G 452 42.33 11.10 57.73
CA GLN G 452 42.83 12.29 58.41
C GLN G 452 43.25 13.33 57.37
N GLN G 453 42.72 14.55 57.48
CA GLN G 453 43.14 15.65 56.63
C GLN G 453 44.42 16.28 57.19
N SER G 454 45.36 16.60 56.30
CA SER G 454 46.57 17.34 56.62
C SER G 454 46.74 18.48 55.61
N ASP G 455 47.57 19.48 55.95
CA ASP G 455 47.73 20.68 55.15
C ASP G 455 49.17 20.78 54.64
N VAL G 456 49.31 21.29 53.40
CA VAL G 456 50.61 21.48 52.77
C VAL G 456 50.58 22.81 52.00
N ASP G 457 51.66 23.59 52.15
CA ASP G 457 51.80 24.87 51.46
C ASP G 457 52.41 24.61 50.08
N LEU G 458 51.60 24.79 49.03
CA LEU G 458 52.03 24.56 47.65
C LEU G 458 52.40 25.88 46.98
N SER G 459 52.77 26.87 47.80
CA SER G 459 52.88 28.25 47.35
C SER G 459 54.11 28.41 46.44
N ARG G 460 55.21 27.78 46.84
CA ARG G 460 56.48 27.88 46.12
C ARG G 460 56.38 27.26 44.74
N GLY G 461 55.38 26.39 44.52
CA GLY G 461 55.24 25.64 43.28
C GLY G 461 54.29 26.29 42.27
N MET G 462 53.49 27.26 42.72
CA MET G 462 52.46 27.88 41.92
C MET G 462 53.03 29.09 41.15
N ASP G 463 53.51 28.84 39.93
CA ASP G 463 54.15 29.85 39.11
C ASP G 463 53.11 30.85 38.60
N PHE G 464 53.51 32.13 38.49
CA PHE G 464 52.70 33.22 37.95
C PHE G 464 51.36 33.32 38.67
N VAL G 465 51.35 33.01 39.97
CA VAL G 465 50.17 33.14 40.82
C VAL G 465 50.45 34.23 41.84
N PRO G 466 49.49 35.13 42.13
CA PRO G 466 49.66 36.14 43.18
C PRO G 466 50.28 35.53 44.43
N ARG G 467 51.39 36.12 44.90
CA ARG G 467 52.14 35.63 46.06
C ARG G 467 51.25 35.57 47.29
N GLY G 468 51.67 34.79 48.28
CA GLY G 468 50.90 34.54 49.49
C GLY G 468 50.94 33.07 49.88
N ASN G 469 50.07 32.63 50.80
CA ASN G 469 49.97 31.23 51.17
C ASN G 469 48.87 30.55 50.36
N VAL G 470 49.08 29.26 50.06
CA VAL G 470 48.14 28.43 49.33
C VAL G 470 48.17 27.03 49.97
N PHE G 471 47.31 26.83 50.98
CA PHE G 471 47.25 25.57 51.71
C PHE G 471 46.31 24.59 51.00
N ALA G 472 46.76 23.34 50.85
CA ALA G 472 45.95 22.27 50.27
C ALA G 472 45.68 21.19 51.33
N ARG G 473 44.44 20.68 51.36
CA ARG G 473 44.01 19.68 52.34
C ARG G 473 44.02 18.28 51.74
N PHE G 474 45.00 17.46 52.15
CA PHE G 474 45.09 16.06 51.76
C PHE G 474 44.32 15.19 52.75
N THR G 475 43.52 14.25 52.21
CA THR G 475 42.94 13.17 53.02
C THR G 475 43.74 11.89 52.79
N HIS G 476 44.15 11.22 53.88
CA HIS G 476 45.01 10.06 53.83
C HIS G 476 44.75 9.14 55.01
N LEU G 477 45.02 7.83 54.83
CA LEU G 477 44.93 6.83 55.89
C LEU G 477 45.80 7.25 57.07
N GLN G 478 45.33 6.96 58.30
CA GLN G 478 46.10 7.17 59.52
C GLN G 478 45.75 6.08 60.52
N HIS G 479 46.72 5.78 61.41
CA HIS G 479 46.54 4.81 62.49
C HIS G 479 46.71 5.51 63.84
N ALA G 480 45.92 5.07 64.82
CA ALA G 480 46.10 5.46 66.21
C ALA G 480 47.49 5.02 66.70
N PRO G 481 48.19 5.83 67.53
CA PRO G 481 49.50 5.45 68.03
C PRO G 481 49.38 4.18 68.86
N PHE G 482 50.42 3.34 68.85
CA PHE G 482 50.46 2.12 69.66
C PHE G 482 51.89 1.85 70.09
N GLN G 483 52.09 0.73 70.81
CA GLN G 483 53.40 0.30 71.27
C GLN G 483 53.42 -1.21 71.47
N TYR G 484 54.56 -1.84 71.14
CA TYR G 484 54.77 -3.27 71.34
C TYR G 484 55.32 -3.49 72.75
N VAL G 485 55.00 -4.64 73.36
CA VAL G 485 55.52 -5.02 74.67
C VAL G 485 55.95 -6.49 74.60
N ILE G 486 57.27 -6.73 74.70
CA ILE G 486 57.89 -8.01 74.37
C ILE G 486 58.57 -8.59 75.62
N GLN G 487 58.25 -9.83 75.97
CA GLN G 487 58.76 -10.49 77.17
C GLN G 487 59.87 -11.49 76.78
N ILE G 488 61.12 -11.17 77.16
CA ILE G 488 62.29 -11.93 76.74
C ILE G 488 63.05 -12.41 77.97
N ASP G 489 63.41 -13.71 78.00
CA ASP G 489 64.16 -14.33 79.09
C ASP G 489 65.57 -14.66 78.63
N ASN G 490 66.57 -14.40 79.49
CA ASN G 490 67.98 -14.49 79.11
C ASN G 490 68.56 -15.87 79.42
N THR G 491 68.45 -16.31 80.69
CA THR G 491 68.89 -17.63 81.16
C THR G 491 70.30 -17.98 80.67
N SER G 492 71.23 -17.02 80.70
CA SER G 492 72.57 -17.24 80.19
C SER G 492 73.63 -16.96 81.26
N ASP G 493 73.47 -15.84 81.99
CA ASP G 493 74.37 -15.37 83.03
C ASP G 493 75.18 -14.17 82.53
N ALA G 494 74.96 -13.74 81.29
CA ALA G 494 75.67 -12.61 80.72
C ALA G 494 74.71 -11.73 79.92
N GLN G 495 75.04 -10.43 79.82
CA GLN G 495 74.31 -9.51 78.97
C GLN G 495 74.36 -10.01 77.53
N ARG G 496 73.18 -10.24 76.93
CA ARG G 496 73.07 -10.69 75.56
C ARG G 496 72.56 -9.53 74.68
N MET G 497 73.28 -9.28 73.57
CA MET G 497 72.84 -8.37 72.53
C MET G 497 71.96 -9.13 71.53
N GLY G 498 70.94 -8.45 71.00
CA GLY G 498 70.00 -9.06 70.06
C GLY G 498 69.38 -8.03 69.12
N PHE G 499 69.03 -8.48 67.91
CA PHE G 499 68.22 -7.72 66.98
C PHE G 499 66.76 -8.13 67.14
N VAL G 500 65.89 -7.13 67.39
CA VAL G 500 64.45 -7.34 67.38
C VAL G 500 63.96 -7.12 65.94
N ARG G 501 63.35 -8.15 65.35
CA ARG G 501 62.83 -8.09 63.99
C ARG G 501 61.32 -8.33 64.02
N ILE G 502 60.52 -7.32 63.65
CA ILE G 502 59.07 -7.39 63.76
C ILE G 502 58.43 -7.29 62.39
N PHE G 503 57.69 -8.34 62.00
CA PHE G 503 56.89 -8.37 60.79
C PHE G 503 55.42 -8.60 61.14
N MET G 504 54.53 -8.32 60.18
CA MET G 504 53.10 -8.57 60.32
C MET G 504 52.53 -9.04 58.97
N ALA G 505 51.74 -10.11 59.00
CA ALA G 505 51.12 -10.67 57.82
C ALA G 505 49.63 -10.90 58.10
N PRO G 506 48.81 -11.24 57.08
CA PRO G 506 47.45 -11.72 57.33
C PRO G 506 47.49 -13.06 58.05
N LYS G 507 46.41 -13.36 58.81
CA LYS G 507 46.32 -14.59 59.59
C LYS G 507 45.86 -15.73 58.70
N ASN G 508 44.79 -15.48 57.94
CA ASN G 508 44.23 -16.42 57.00
C ASN G 508 44.45 -15.94 55.56
N ASP G 509 43.89 -16.65 54.58
CA ASP G 509 43.99 -16.30 53.16
C ASP G 509 42.73 -15.55 52.73
N GLU G 510 42.47 -15.46 51.42
CA GLU G 510 41.29 -14.80 50.89
C GLU G 510 40.05 -15.69 51.06
N ARG G 511 40.27 -17.00 51.23
CA ARG G 511 39.19 -17.98 51.33
C ARG G 511 38.84 -18.25 52.79
N GLY G 512 39.67 -17.77 53.73
CA GLY G 512 39.34 -17.77 55.15
C GLY G 512 39.95 -18.96 55.92
N GLN G 513 41.01 -19.55 55.36
CA GLN G 513 41.69 -20.68 56.00
C GLN G 513 42.99 -20.20 56.63
N PRO G 514 43.41 -20.75 57.81
CA PRO G 514 44.70 -20.39 58.42
C PRO G 514 45.90 -20.65 57.50
N MET G 515 46.62 -19.57 57.16
CA MET G 515 47.55 -19.57 56.04
C MET G 515 48.68 -20.55 56.31
N LEU G 516 49.19 -21.20 55.25
CA LEU G 516 50.39 -22.03 55.34
C LEU G 516 51.63 -21.14 55.21
N PHE G 517 52.79 -21.66 55.59
CA PHE G 517 54.01 -20.87 55.61
C PHE G 517 54.37 -20.45 54.19
N ARG G 518 54.49 -21.44 53.29
CA ARG G 518 54.83 -21.22 51.88
C ARG G 518 54.10 -20.00 51.31
N ASP G 519 52.82 -19.84 51.67
CA ASP G 519 52.03 -18.69 51.25
C ASP G 519 52.37 -17.46 52.09
N GLN G 520 52.25 -17.61 53.42
CA GLN G 520 52.28 -16.50 54.35
C GLN G 520 53.64 -15.80 54.38
N ARG G 521 54.73 -16.54 54.11
CA ARG G 521 56.08 -15.98 54.21
C ARG G 521 56.22 -14.77 53.29
N LEU G 522 55.50 -14.78 52.16
CA LEU G 522 55.62 -13.76 51.13
C LEU G 522 54.72 -12.55 51.42
N PHE G 523 53.88 -12.63 52.46
CA PHE G 523 52.93 -11.57 52.78
C PHE G 523 53.33 -10.83 54.06
N MET G 524 54.43 -11.26 54.69
CA MET G 524 54.96 -10.61 55.89
C MET G 524 55.55 -9.24 55.52
N VAL G 525 55.03 -8.18 56.16
CA VAL G 525 55.54 -6.83 55.96
C VAL G 525 56.38 -6.47 57.19
N GLU G 526 57.59 -5.95 56.97
CA GLU G 526 58.46 -5.52 58.07
C GLU G 526 57.82 -4.33 58.78
N MET G 527 57.84 -4.36 60.12
CA MET G 527 57.22 -3.32 60.95
C MET G 527 58.27 -2.60 61.80
N ASP G 528 59.39 -3.27 62.13
CA ASP G 528 60.46 -2.66 62.92
C ASP G 528 61.66 -3.60 62.99
N LYS G 529 62.85 -3.02 63.19
CA LYS G 529 64.08 -3.76 63.41
C LYS G 529 65.05 -2.87 64.20
N PHE G 530 65.34 -3.24 65.46
CA PHE G 530 66.15 -2.42 66.35
C PHE G 530 66.99 -3.29 67.30
N LEU G 531 68.11 -2.71 67.77
CA LEU G 531 69.08 -3.38 68.64
C LEU G 531 68.65 -3.24 70.10
N VAL G 532 68.82 -4.31 70.88
CA VAL G 532 68.39 -4.33 72.27
C VAL G 532 69.41 -5.09 73.13
N ALA G 533 69.66 -4.56 74.34
CA ALA G 533 70.54 -5.16 75.33
C ALA G 533 69.70 -5.85 76.41
N LEU G 534 69.94 -7.15 76.62
CA LEU G 534 69.13 -7.95 77.52
C LEU G 534 69.95 -8.29 78.77
N ARG G 535 69.40 -7.99 79.96
CA ARG G 535 70.02 -8.34 81.23
C ARG G 535 69.71 -9.80 81.54
N PRO G 536 70.56 -10.53 82.30
CA PRO G 536 70.23 -11.88 82.76
C PRO G 536 68.85 -11.95 83.42
N GLY G 537 68.20 -13.11 83.30
CA GLY G 537 66.84 -13.28 83.79
C GLY G 537 65.80 -12.77 82.80
N ALA G 538 64.89 -11.91 83.29
CA ALA G 538 63.72 -11.47 82.54
C ALA G 538 63.90 -10.03 82.09
N ASN G 539 63.37 -9.71 80.90
CA ASN G 539 63.43 -8.37 80.32
C ASN G 539 62.08 -8.01 79.71
N ARG G 540 61.55 -6.83 80.04
CA ARG G 540 60.34 -6.31 79.43
C ARG G 540 60.73 -5.20 78.47
N ILE G 541 60.65 -5.48 77.16
CA ILE G 541 61.00 -4.53 76.12
C ILE G 541 59.73 -3.82 75.67
N ARG G 542 59.79 -2.49 75.56
CA ARG G 542 58.68 -1.70 75.06
C ARG G 542 59.21 -0.82 73.94
N ARG G 543 58.42 -0.71 72.85
CA ARG G 543 58.79 -0.01 71.63
C ARG G 543 57.56 0.69 71.07
N ARG G 544 57.66 2.00 70.84
CA ARG G 544 56.57 2.80 70.30
C ARG G 544 56.50 2.63 68.78
N SER G 545 55.30 2.79 68.22
CA SER G 545 55.06 2.72 66.79
C SER G 545 55.87 3.78 66.05
N ASN G 546 56.07 4.93 66.69
CA ASN G 546 56.71 6.08 66.07
C ASN G 546 58.23 5.95 66.09
N GLU G 547 58.76 4.92 66.76
CA GLU G 547 60.20 4.65 66.79
C GLU G 547 60.64 3.73 65.66
N SER G 548 59.69 3.31 64.80
CA SER G 548 59.92 2.32 63.78
C SER G 548 61.07 2.72 62.86
N THR G 549 61.91 1.74 62.51
CA THR G 549 63.06 1.93 61.63
C THR G 549 62.67 1.73 60.17
N VAL G 550 61.39 1.38 59.91
CA VAL G 550 60.86 1.25 58.56
C VAL G 550 60.32 2.60 58.07
N THR G 551 60.04 3.50 59.03
CA THR G 551 59.18 4.65 58.81
C THR G 551 60.02 5.93 58.94
N ILE G 552 59.52 7.04 58.38
CA ILE G 552 60.04 8.37 58.67
C ILE G 552 58.89 9.26 59.16
N PRO G 553 59.18 10.23 60.05
CA PRO G 553 58.14 11.08 60.65
C PRO G 553 57.31 11.86 59.63
N PHE G 554 56.10 12.22 60.06
CA PHE G 554 55.25 13.19 59.37
C PHE G 554 56.08 14.36 58.83
N GLU G 555 56.81 15.01 59.75
CA GLU G 555 57.48 16.27 59.50
C GLU G 555 58.34 16.20 58.24
N ARG G 556 58.97 15.04 57.97
CA ARG G 556 59.86 14.89 56.85
C ARG G 556 59.09 14.96 55.54
N THR G 557 57.96 14.22 55.46
CA THR G 557 57.16 14.15 54.25
C THR G 557 56.54 15.51 53.92
N PHE G 558 55.71 16.04 54.84
CA PHE G 558 54.95 17.25 54.60
C PHE G 558 55.82 18.49 54.86
N ARG G 559 56.34 18.59 56.09
CA ARG G 559 57.02 19.78 56.57
C ARG G 559 56.14 21.02 56.32
N CYS G 579 62.45 -1.40 55.14
CA CYS G 579 62.79 -0.64 53.91
C CYS G 579 64.28 -0.34 53.93
N GLY G 580 64.77 0.42 52.94
CA GLY G 580 66.10 0.98 52.97
C GLY G 580 66.08 2.51 53.00
N CYS G 581 64.86 3.07 52.96
CA CYS G 581 64.61 4.50 52.81
C CYS G 581 63.15 4.73 53.22
N GLY G 582 62.71 5.98 53.48
CA GLY G 582 61.61 6.21 54.42
C GLY G 582 60.16 6.04 53.95
N TRP G 583 59.46 5.05 54.52
CA TRP G 583 58.05 4.78 54.26
C TRP G 583 57.19 5.70 55.12
N PRO G 584 56.12 6.32 54.58
CA PRO G 584 55.30 7.26 55.36
C PRO G 584 54.71 6.61 56.61
N ALA G 585 54.76 7.35 57.72
CA ALA G 585 54.39 6.84 59.04
C ALA G 585 52.91 6.46 59.09
N HIS G 586 52.05 7.26 58.45
CA HIS G 586 50.62 7.05 58.49
C HIS G 586 50.20 5.81 57.70
N MET G 587 51.14 5.25 56.92
CA MET G 587 50.88 4.08 56.10
C MET G 587 51.50 2.83 56.72
N LEU G 588 52.00 2.93 57.96
CA LEU G 588 52.68 1.84 58.65
C LEU G 588 51.75 0.65 58.87
N VAL G 589 50.49 0.93 59.21
CA VAL G 589 49.51 -0.11 59.50
C VAL G 589 48.58 -0.24 58.30
N PRO G 590 48.34 -1.49 57.80
CA PRO G 590 47.27 -1.74 56.84
C PRO G 590 45.92 -1.19 57.32
N LYS G 591 44.99 -1.02 56.39
CA LYS G 591 43.70 -0.40 56.68
C LYS G 591 42.87 -1.30 57.59
N GLY G 592 42.83 -2.59 57.29
CA GLY G 592 41.93 -3.52 57.96
C GLY G 592 40.48 -3.27 57.52
N LEU G 593 39.54 -3.91 58.22
CA LEU G 593 38.12 -3.84 57.89
C LEU G 593 37.36 -3.16 59.04
N PRO G 594 36.13 -2.66 58.80
CA PRO G 594 35.27 -2.19 59.89
C PRO G 594 34.94 -3.31 60.88
N GLU G 595 34.73 -4.52 60.35
CA GLU G 595 34.38 -5.69 61.16
C GLU G 595 35.63 -6.29 61.80
N GLY G 596 36.81 -5.72 61.51
CA GLY G 596 38.08 -6.21 62.05
C GLY G 596 38.73 -7.21 61.08
N PHE G 597 40.05 -7.04 60.86
CA PHE G 597 40.81 -7.90 59.97
C PHE G 597 41.85 -8.67 60.79
N PRO G 598 41.81 -10.02 60.80
CA PRO G 598 42.76 -10.82 61.58
C PRO G 598 44.15 -10.90 60.96
N ALA G 599 45.17 -10.74 61.82
CA ALA G 599 46.56 -10.64 61.41
C ALA G 599 47.47 -11.30 62.45
N ASP G 600 48.54 -11.98 61.97
CA ASP G 600 49.57 -12.53 62.85
C ASP G 600 50.73 -11.54 62.99
N LEU G 601 50.95 -11.05 64.21
CA LEU G 601 52.13 -10.27 64.55
C LEU G 601 53.25 -11.22 64.96
N PHE G 602 54.43 -11.05 64.37
CA PHE G 602 55.57 -11.92 64.61
C PHE G 602 56.79 -11.09 65.04
N VAL G 603 57.54 -11.61 66.03
CA VAL G 603 58.79 -11.01 66.46
C VAL G 603 59.85 -12.11 66.56
N MET G 604 61.09 -11.75 66.23
CA MET G 604 62.25 -12.62 66.36
C MET G 604 63.40 -11.81 66.97
N VAL G 605 64.12 -12.44 67.90
CA VAL G 605 65.36 -11.91 68.46
C VAL G 605 66.51 -12.77 67.94
N SER G 606 67.34 -12.18 67.07
CA SER G 606 68.51 -12.85 66.52
C SER G 606 69.76 -12.42 67.26
N ASN G 607 70.83 -13.21 67.14
CA ASN G 607 72.09 -12.97 67.84
C ASN G 607 72.87 -11.85 67.15
N TYR G 608 72.82 -10.65 67.72
CA TYR G 608 73.38 -9.44 67.12
C TYR G 608 74.87 -9.58 66.84
N GLU G 609 75.56 -10.46 67.56
CA GLU G 609 77.00 -10.64 67.39
C GLU G 609 77.29 -11.17 65.98
N ASP G 610 76.43 -12.09 65.50
CA ASP G 610 76.52 -12.61 64.14
C ASP G 610 76.01 -11.59 63.12
N ASP G 611 74.96 -10.84 63.48
CA ASP G 611 74.27 -9.94 62.57
C ASP G 611 74.98 -8.59 62.49
N ARG G 612 75.90 -8.31 63.43
CA ARG G 612 76.56 -7.02 63.58
C ARG G 612 77.38 -6.69 62.34
N VAL G 613 77.45 -5.39 62.01
CA VAL G 613 78.28 -4.87 60.94
C VAL G 613 79.14 -3.74 61.52
N VAL G 614 80.35 -4.09 61.97
CA VAL G 614 81.26 -3.18 62.66
C VAL G 614 81.52 -1.93 61.83
N GLN G 615 81.10 -0.76 62.37
CA GLN G 615 80.99 0.49 61.62
C GLN G 615 80.54 1.62 62.54
N ASP G 616 80.95 2.86 62.21
CA ASP G 616 80.61 4.06 62.96
C ASP G 616 79.71 4.97 62.12
N LEU G 617 78.52 5.30 62.64
CA LEU G 617 77.55 6.12 61.90
C LEU G 617 76.63 6.85 62.87
N VAL G 618 76.24 8.09 62.51
CA VAL G 618 75.15 8.82 63.15
C VAL G 618 73.97 8.88 62.18
N GLY G 619 74.22 8.80 60.87
CA GLY G 619 73.23 8.52 59.84
C GLY G 619 72.51 9.78 59.36
N THR G 620 72.15 9.78 58.07
CA THR G 620 71.15 10.66 57.47
C THR G 620 70.47 9.95 56.29
N CYS G 621 69.27 10.41 55.91
CA CYS G 621 68.49 9.81 54.82
C CYS G 621 68.24 10.84 53.72
N ASN G 622 67.00 10.93 53.19
CA ASN G 622 66.69 11.67 51.98
C ASN G 622 67.00 13.16 52.08
N ASP G 623 66.91 13.72 53.30
CA ASP G 623 67.13 15.13 53.55
C ASP G 623 66.46 15.99 52.46
N TYR G 627 63.72 6.78 60.50
CA TYR G 627 64.86 6.01 59.92
C TYR G 627 66.14 6.79 60.19
N CYS G 628 67.13 6.14 60.81
CA CYS G 628 68.37 6.79 61.19
C CYS G 628 69.05 7.38 59.95
N GLY G 629 69.34 6.51 58.95
CA GLY G 629 69.74 6.99 57.63
C GLY G 629 70.35 5.91 56.72
N VAL G 630 71.53 5.42 57.10
CA VAL G 630 72.34 4.42 56.40
C VAL G 630 72.94 4.94 55.08
N ARG G 631 73.36 6.22 55.07
CA ARG G 631 74.14 6.80 53.99
C ARG G 631 75.64 6.47 54.13
N ASP G 632 76.03 6.01 55.32
CA ASP G 632 77.36 5.47 55.57
C ASP G 632 77.59 4.19 54.76
N ARG G 633 78.83 4.02 54.29
CA ARG G 633 79.21 2.97 53.35
C ARG G 633 78.29 1.74 53.41
N LEU G 634 78.18 1.08 54.58
CA LEU G 634 77.64 -0.28 54.66
C LEU G 634 76.22 -0.27 55.23
N TYR G 635 75.49 -1.36 54.96
CA TYR G 635 74.13 -1.57 55.44
C TYR G 635 74.19 -2.36 56.74
N PRO G 636 73.52 -1.91 57.83
CA PRO G 636 73.82 -2.38 59.18
C PRO G 636 73.26 -3.72 59.65
N ASP G 637 73.29 -4.73 58.78
CA ASP G 637 72.74 -6.04 59.11
C ASP G 637 73.28 -7.08 58.14
N ARG G 638 74.03 -8.07 58.65
CA ARG G 638 74.68 -9.06 57.80
C ARG G 638 73.65 -10.00 57.19
N LYS G 639 72.52 -10.20 57.88
CA LYS G 639 71.48 -11.11 57.43
C LYS G 639 70.81 -10.55 56.17
N ALA G 640 70.22 -11.46 55.37
CA ALA G 640 69.53 -11.09 54.16
C ALA G 640 68.32 -10.20 54.49
N MET G 641 67.92 -9.35 53.55
CA MET G 641 66.79 -8.45 53.77
C MET G 641 65.49 -9.25 53.65
N GLY G 642 64.67 -9.15 54.70
CA GLY G 642 63.49 -10.00 54.88
C GLY G 642 63.88 -11.33 55.53
N PHE G 643 64.89 -11.27 56.40
CA PHE G 643 65.73 -12.41 56.76
C PHE G 643 64.96 -13.61 57.29
N PRO G 644 64.06 -13.53 58.30
CA PRO G 644 63.41 -14.76 58.77
C PRO G 644 62.70 -15.52 57.65
N PHE G 645 62.05 -14.77 56.73
CA PHE G 645 61.12 -15.39 55.78
C PHE G 645 61.55 -15.31 54.31
N ASP G 646 62.79 -14.92 54.01
CA ASP G 646 63.18 -14.78 52.61
C ASP G 646 63.32 -16.15 51.94
N ARG G 647 63.65 -17.20 52.72
CA ARG G 647 63.90 -18.52 52.18
C ARG G 647 62.76 -19.50 52.52
N LEU G 648 62.78 -20.66 51.86
CA LEU G 648 61.79 -21.71 52.07
C LEU G 648 61.95 -22.30 53.48
N ALA G 649 60.90 -23.00 53.92
CA ALA G 649 60.87 -23.65 55.23
C ALA G 649 61.78 -24.88 55.23
N ARG G 650 62.38 -25.17 56.39
CA ARG G 650 63.06 -26.44 56.63
C ARG G 650 62.03 -27.57 56.75
N THR G 651 62.49 -28.82 56.56
CA THR G 651 61.60 -29.97 56.53
C THR G 651 60.78 -30.01 57.80
N GLY G 652 59.52 -30.46 57.69
CA GLY G 652 58.65 -30.62 58.86
C GLY G 652 57.81 -29.38 59.15
N VAL G 653 58.35 -28.18 58.84
CA VAL G 653 57.63 -26.92 59.02
C VAL G 653 56.54 -26.81 57.95
N ASP G 654 55.40 -26.21 58.33
CA ASP G 654 54.18 -26.25 57.56
C ASP G 654 53.39 -24.93 57.71
N ARG G 655 53.38 -24.36 58.92
CA ARG G 655 52.75 -23.08 59.19
C ARG G 655 53.59 -22.31 60.20
N LEU G 656 53.25 -21.03 60.44
CA LEU G 656 54.06 -20.13 61.23
C LEU G 656 54.26 -20.70 62.64
N SER G 657 53.17 -21.26 63.19
CA SER G 657 53.12 -21.69 64.57
C SER G 657 54.03 -22.89 64.86
N ASN G 658 54.59 -23.53 63.81
CA ASN G 658 55.57 -24.59 64.00
C ASN G 658 56.88 -24.26 63.29
N PHE G 659 56.94 -23.10 62.61
CA PHE G 659 58.21 -22.55 62.11
C PHE G 659 59.00 -21.97 63.28
N VAL G 660 58.27 -21.47 64.29
CA VAL G 660 58.82 -20.69 65.37
C VAL G 660 59.90 -21.46 66.14
N THR G 661 60.95 -20.73 66.56
CA THR G 661 61.92 -21.18 67.55
C THR G 661 61.66 -20.46 68.87
N PRO G 662 62.27 -20.88 70.00
CA PRO G 662 62.09 -20.20 71.29
C PRO G 662 62.24 -18.68 71.26
N ASN G 663 63.23 -18.20 70.50
CA ASN G 663 63.56 -16.78 70.42
C ASN G 663 62.62 -16.03 69.47
N MET G 664 61.52 -16.67 69.06
CA MET G 664 60.43 -16.02 68.32
C MET G 664 59.12 -16.12 69.09
N ALA G 665 58.14 -15.30 68.68
CA ALA G 665 56.80 -15.27 69.25
C ALA G 665 55.78 -14.79 68.22
N ILE G 666 54.56 -15.34 68.28
CA ILE G 666 53.45 -14.97 67.42
C ILE G 666 52.35 -14.36 68.29
N GLN G 667 51.53 -13.47 67.71
CA GLN G 667 50.40 -12.89 68.40
C GLN G 667 49.28 -12.55 67.43
N SER G 668 48.05 -12.98 67.73
CA SER G 668 46.87 -12.61 66.97
C SER G 668 46.54 -11.14 67.21
N VAL G 669 46.58 -10.34 66.15
CA VAL G 669 46.17 -8.94 66.20
C VAL G 669 44.91 -8.79 65.35
N ASN G 670 44.09 -7.78 65.68
CA ASN G 670 42.89 -7.45 64.91
C ASN G 670 42.96 -5.99 64.48
N VAL G 671 42.84 -5.76 63.16
CA VAL G 671 42.98 -4.44 62.58
C VAL G 671 41.58 -3.92 62.23
N ILE G 672 41.16 -2.85 62.92
CA ILE G 672 39.83 -2.25 62.75
C ILE G 672 39.98 -0.91 62.05
N HIS G 673 39.23 -0.73 60.94
CA HIS G 673 39.09 0.57 60.30
C HIS G 673 37.81 1.24 60.79
N ILE G 674 37.80 2.58 60.78
CA ILE G 674 36.64 3.38 61.09
C ILE G 674 36.57 4.51 60.05
N ASP G 675 35.48 4.55 59.27
CA ASP G 675 35.35 5.54 58.21
C ASP G 675 34.92 6.88 58.81
N LYS G 676 35.91 7.63 59.31
CA LYS G 676 35.71 8.96 59.88
C LYS G 676 36.96 9.79 59.59
N THR G 677 36.82 11.12 59.58
CA THR G 677 37.93 12.02 59.32
C THR G 677 38.31 12.76 60.60
N VAL G 678 39.44 12.36 61.20
CA VAL G 678 39.97 12.97 62.40
C VAL G 678 40.80 14.19 61.99
N PRO G 679 40.87 15.26 62.84
CA PRO G 679 41.81 16.36 62.59
C PRO G 679 43.21 16.06 63.09
N ARG G 680 44.15 16.93 62.72
CA ARG G 680 45.59 16.63 62.82
C ARG G 680 46.10 16.94 64.23
N THR G 681 45.51 17.96 64.87
CA THR G 681 45.95 18.46 66.18
C THR G 681 47.47 18.54 66.21
N MET H 1 -75.50 -26.19 -59.33
CA MET H 1 -74.68 -26.70 -60.45
C MET H 1 -73.23 -26.86 -59.98
N ASN H 2 -72.32 -27.14 -60.93
CA ASN H 2 -70.90 -27.30 -60.65
C ASN H 2 -70.30 -25.96 -60.23
N TYR H 3 -70.73 -24.88 -60.90
CA TYR H 3 -70.16 -23.55 -60.72
C TYR H 3 -69.96 -23.22 -59.25
N LYS H 4 -70.97 -23.51 -58.42
CA LYS H 4 -70.92 -23.26 -56.99
C LYS H 4 -69.68 -23.95 -56.39
N LYS H 5 -69.42 -25.20 -56.79
CA LYS H 5 -68.31 -25.98 -56.27
C LYS H 5 -66.97 -25.51 -56.85
N ASN H 6 -67.00 -24.86 -58.02
CA ASN H 6 -65.78 -24.44 -58.72
C ASN H 6 -65.20 -23.16 -58.11
N LEU H 7 -66.07 -22.32 -57.52
CA LEU H 7 -65.64 -21.11 -56.84
C LEU H 7 -64.86 -21.47 -55.57
N LEU H 8 -65.27 -22.54 -54.89
CA LEU H 8 -64.62 -23.01 -53.68
C LEU H 8 -63.16 -23.38 -53.95
N LEU H 9 -62.83 -23.68 -55.21
CA LEU H 9 -61.46 -24.01 -55.61
C LEU H 9 -60.57 -22.77 -55.60
N LEU H 10 -61.16 -21.58 -55.66
CA LEU H 10 -60.41 -20.34 -55.61
C LEU H 10 -59.75 -20.18 -54.23
N TYR H 11 -60.43 -20.68 -53.18
CA TYR H 11 -59.94 -20.61 -51.81
C TYR H 11 -58.73 -21.53 -51.62
N ASP H 12 -58.51 -22.47 -52.54
CA ASP H 12 -57.44 -23.44 -52.45
C ASP H 12 -56.10 -22.76 -52.78
N ARG H 13 -55.11 -22.91 -51.88
CA ARG H 13 -53.74 -22.43 -52.08
C ARG H 13 -53.72 -21.01 -52.62
N PRO H 14 -53.98 -20.00 -51.76
CA PRO H 14 -54.26 -18.63 -52.21
C PRO H 14 -53.17 -17.92 -53.02
N ARG H 15 -51.90 -18.34 -52.80
CA ARG H 15 -50.76 -17.67 -53.40
C ARG H 15 -50.23 -18.44 -54.61
N GLU H 16 -50.59 -19.72 -54.74
CA GLU H 16 -50.30 -20.48 -55.95
C GLU H 16 -51.15 -19.93 -57.09
N PRO H 17 -50.56 -19.55 -58.24
CA PRO H 17 -51.33 -19.07 -59.40
C PRO H 17 -52.49 -19.99 -59.78
N ILE H 18 -53.56 -19.40 -60.33
CA ILE H 18 -54.83 -20.11 -60.51
C ILE H 18 -54.69 -21.23 -61.55
N PHE H 19 -53.65 -21.16 -62.38
CA PHE H 19 -53.43 -22.12 -63.45
C PHE H 19 -52.63 -23.34 -62.97
N MET H 20 -52.33 -23.44 -61.68
CA MET H 20 -51.52 -24.54 -61.17
C MET H 20 -52.38 -25.75 -60.77
N GLY H 21 -53.70 -25.56 -60.66
CA GLY H 21 -54.60 -26.69 -60.45
C GLY H 21 -54.90 -26.93 -58.98
N LYS H 22 -56.20 -26.83 -58.63
CA LYS H 22 -56.70 -26.87 -57.27
C LYS H 22 -57.51 -28.15 -57.06
N GLY H 23 -57.20 -28.90 -56.00
CA GLY H 23 -57.81 -30.19 -55.74
C GLY H 23 -57.54 -31.16 -56.88
N LYS H 24 -58.61 -31.78 -57.38
CA LYS H 24 -58.54 -32.74 -58.49
C LYS H 24 -58.98 -32.09 -59.80
N SER H 25 -58.84 -30.76 -59.89
CA SER H 25 -59.27 -30.00 -61.06
C SER H 25 -58.18 -29.02 -61.48
N VAL H 26 -58.40 -28.32 -62.60
CA VAL H 26 -57.50 -27.27 -63.09
C VAL H 26 -58.30 -26.35 -64.00
N PHE H 27 -57.93 -25.06 -64.03
CA PHE H 27 -58.65 -24.07 -64.83
C PHE H 27 -57.95 -23.88 -66.18
N ASP H 28 -58.76 -23.76 -67.24
CA ASP H 28 -58.28 -23.55 -68.60
C ASP H 28 -58.38 -22.06 -68.93
N VAL H 29 -57.41 -21.28 -68.42
CA VAL H 29 -57.49 -19.84 -68.37
C VAL H 29 -57.08 -19.25 -69.72
N PRO H 30 -57.81 -18.25 -70.27
CA PRO H 30 -57.33 -17.47 -71.41
C PRO H 30 -55.94 -16.88 -71.18
N ASP H 31 -55.27 -16.46 -72.26
CA ASP H 31 -53.94 -15.89 -72.17
C ASP H 31 -54.00 -14.44 -71.72
N ASN H 32 -55.12 -13.76 -71.98
CA ASN H 32 -55.33 -12.39 -71.52
C ASN H 32 -55.74 -12.39 -70.05
N TYR H 33 -55.92 -13.59 -69.47
CA TYR H 33 -56.20 -13.77 -68.05
C TYR H 33 -54.90 -14.00 -67.26
N LEU H 34 -53.82 -14.36 -67.96
CA LEU H 34 -52.51 -14.55 -67.33
C LEU H 34 -51.94 -13.21 -66.90
N THR H 35 -51.18 -13.21 -65.80
CA THR H 35 -50.54 -12.01 -65.29
C THR H 35 -49.38 -11.64 -66.20
N ASP H 36 -49.02 -10.34 -66.18
CA ASP H 36 -47.96 -9.79 -67.01
C ASP H 36 -46.66 -10.56 -66.82
N ARG H 37 -46.40 -11.05 -65.61
CA ARG H 37 -45.18 -11.79 -65.32
C ARG H 37 -45.16 -13.10 -66.12
N TYR H 38 -46.32 -13.79 -66.17
CA TYR H 38 -46.41 -15.16 -66.65
C TYR H 38 -46.96 -15.24 -68.08
N ARG H 39 -47.64 -14.18 -68.55
CA ARG H 39 -48.25 -14.17 -69.87
C ARG H 39 -47.21 -14.48 -70.94
N PRO H 40 -46.02 -13.82 -70.94
CA PRO H 40 -44.99 -14.08 -71.96
C PRO H 40 -44.45 -15.51 -72.05
N ILE H 41 -44.85 -16.40 -71.14
CA ILE H 41 -44.47 -17.81 -71.22
C ILE H 41 -45.71 -18.68 -70.96
N GLY H 42 -46.89 -18.15 -71.32
CA GLY H 42 -48.16 -18.86 -71.16
C GLY H 42 -48.15 -20.26 -71.76
N PRO H 43 -47.76 -20.42 -73.05
CA PRO H 43 -47.65 -21.74 -73.67
C PRO H 43 -46.95 -22.83 -72.86
N GLU H 44 -45.88 -22.47 -72.15
CA GLU H 44 -45.07 -23.43 -71.42
C GLU H 44 -45.78 -23.88 -70.15
N ILE H 45 -46.74 -23.06 -69.66
CA ILE H 45 -47.33 -23.24 -68.35
C ILE H 45 -48.59 -24.10 -68.46
N GLN H 46 -49.59 -23.66 -69.23
CA GLN H 46 -50.87 -24.35 -69.34
C GLN H 46 -50.66 -25.84 -69.57
N ASN H 47 -49.63 -26.16 -70.35
CA ASN H 47 -49.27 -27.53 -70.68
C ASN H 47 -48.63 -28.23 -69.49
N ARG H 48 -47.71 -27.51 -68.81
CA ARG H 48 -46.87 -28.05 -67.75
C ARG H 48 -47.68 -28.49 -66.53
N PHE H 49 -48.80 -27.81 -66.26
CA PHE H 49 -49.61 -28.07 -65.08
C PHE H 49 -50.92 -28.75 -65.46
N GLY H 50 -51.14 -28.98 -66.76
CA GLY H 50 -52.32 -29.70 -67.24
C GLY H 50 -52.39 -31.13 -66.75
N GLU H 51 -51.21 -31.74 -66.49
CA GLU H 51 -51.10 -33.14 -66.12
C GLU H 51 -51.62 -33.39 -64.69
N LEU H 52 -51.98 -34.65 -64.44
CA LEU H 52 -52.42 -35.16 -63.14
C LEU H 52 -53.81 -34.64 -62.74
N ALA H 53 -54.53 -33.99 -63.68
CA ALA H 53 -55.81 -33.37 -63.38
C ALA H 53 -56.94 -34.20 -63.98
N GLU H 54 -57.95 -34.54 -63.16
CA GLU H 54 -59.11 -35.27 -63.62
C GLU H 54 -59.99 -34.36 -64.49
N GLU H 55 -60.45 -33.25 -63.90
CA GLU H 55 -61.34 -32.33 -64.58
C GLU H 55 -60.57 -31.12 -65.11
N ARG H 56 -61.13 -30.48 -66.14
CA ARG H 56 -60.62 -29.22 -66.67
C ARG H 56 -61.78 -28.25 -66.79
N ILE H 57 -61.70 -27.15 -66.03
CA ILE H 57 -62.78 -26.17 -65.95
C ILE H 57 -62.52 -25.12 -67.03
N PRO H 58 -63.43 -24.92 -68.00
CA PRO H 58 -63.31 -23.84 -68.97
C PRO H 58 -63.69 -22.52 -68.32
N VAL H 59 -63.18 -21.40 -68.87
CA VAL H 59 -63.54 -20.07 -68.38
C VAL H 59 -63.68 -19.12 -69.58
N ARG H 60 -64.88 -18.57 -69.73
CA ARG H 60 -65.24 -17.68 -70.83
C ARG H 60 -64.65 -16.30 -70.57
N SER H 61 -64.17 -15.66 -71.64
CA SER H 61 -63.57 -14.32 -71.57
C SER H 61 -64.67 -13.27 -71.59
N ILE H 62 -64.71 -12.45 -70.53
CA ILE H 62 -65.70 -11.40 -70.34
C ILE H 62 -65.01 -10.04 -70.47
N ALA H 63 -65.79 -8.96 -70.39
CA ALA H 63 -65.29 -7.58 -70.37
C ALA H 63 -64.49 -7.29 -69.10
N LEU H 64 -65.14 -7.45 -67.95
CA LEU H 64 -64.50 -7.31 -66.64
C LEU H 64 -64.35 -5.85 -66.28
N PRO H 65 -65.10 -5.32 -65.28
CA PRO H 65 -64.98 -3.91 -64.89
C PRO H 65 -63.54 -3.55 -64.51
N ASP H 66 -63.27 -2.24 -64.42
CA ASP H 66 -61.96 -1.75 -64.09
C ASP H 66 -61.58 -2.27 -62.70
N LEU H 67 -60.39 -2.89 -62.62
CA LEU H 67 -59.88 -3.46 -61.38
C LEU H 67 -58.72 -2.63 -60.84
N ARG H 68 -58.66 -1.34 -61.21
CA ARG H 68 -57.61 -0.44 -60.76
C ARG H 68 -57.61 -0.35 -59.23
N ILE H 69 -58.77 0.03 -58.68
CA ILE H 69 -58.89 0.28 -57.25
C ILE H 69 -58.57 -1.01 -56.49
N PRO H 70 -59.25 -2.15 -56.76
CA PRO H 70 -58.86 -3.45 -56.16
C PRO H 70 -57.38 -3.79 -56.21
N MET H 71 -56.70 -3.39 -57.28
CA MET H 71 -55.30 -3.72 -57.48
C MET H 71 -54.39 -2.67 -56.83
N SER H 72 -54.95 -1.59 -56.30
CA SER H 72 -54.13 -0.53 -55.70
C SER H 72 -53.32 -1.09 -54.53
N LEU H 73 -53.95 -1.91 -53.68
CA LEU H 73 -53.30 -2.57 -52.55
C LEU H 73 -52.25 -3.55 -53.07
N GLY H 74 -51.03 -3.46 -52.54
CA GLY H 74 -49.95 -4.36 -52.92
C GLY H 74 -50.29 -5.82 -52.63
N ARG H 75 -49.61 -6.75 -53.32
CA ARG H 75 -49.87 -8.17 -53.18
C ARG H 75 -49.20 -8.72 -51.92
N GLN H 76 -48.05 -8.12 -51.55
CA GLN H 76 -47.30 -8.59 -50.40
C GLN H 76 -47.59 -7.70 -49.18
N GLU H 77 -48.74 -7.03 -49.20
CA GLU H 77 -49.15 -6.14 -48.13
C GLU H 77 -50.21 -6.82 -47.27
N GLN H 78 -50.38 -6.32 -46.04
CA GLN H 78 -51.40 -6.82 -45.11
C GLN H 78 -52.71 -6.13 -45.46
N PHE H 79 -53.84 -6.74 -45.06
CA PHE H 79 -55.17 -6.20 -45.31
C PHE H 79 -56.00 -6.23 -44.02
N SER H 80 -56.49 -5.04 -43.65
CA SER H 80 -57.35 -4.83 -42.49
C SER H 80 -58.51 -3.93 -42.87
N LEU H 81 -59.69 -4.26 -42.35
CA LEU H 81 -60.92 -3.53 -42.62
C LEU H 81 -61.05 -2.32 -41.72
N PHE H 82 -60.11 -2.15 -40.78
CA PHE H 82 -60.12 -1.04 -39.85
C PHE H 82 -59.49 0.20 -40.50
N ILE H 83 -58.54 -0.04 -41.40
CA ILE H 83 -57.81 1.02 -42.09
C ILE H 83 -58.74 1.68 -43.11
N PRO H 84 -58.93 3.02 -43.06
CA PRO H 84 -59.92 3.70 -43.91
C PRO H 84 -59.84 3.36 -45.39
N ARG H 85 -58.61 3.25 -45.90
CA ARG H 85 -58.37 3.13 -47.33
C ARG H 85 -58.76 1.75 -47.84
N HIS H 86 -58.38 0.72 -47.07
CA HIS H 86 -58.70 -0.66 -47.39
C HIS H 86 -60.22 -0.84 -47.51
N ARG H 87 -60.98 -0.15 -46.65
CA ARG H 87 -62.43 -0.23 -46.64
C ARG H 87 -62.98 0.16 -48.01
N LYS H 88 -62.42 1.21 -48.61
CA LYS H 88 -62.88 1.73 -49.89
C LYS H 88 -62.51 0.79 -51.02
N ILE H 89 -61.36 0.11 -50.89
CA ILE H 89 -60.89 -0.85 -51.88
C ILE H 89 -61.77 -2.11 -51.86
N ALA H 90 -61.95 -2.69 -50.67
CA ALA H 90 -62.72 -3.91 -50.52
C ALA H 90 -64.17 -3.67 -50.94
N ALA H 91 -64.77 -2.58 -50.44
CA ALA H 91 -66.16 -2.25 -50.71
C ALA H 91 -66.39 -2.07 -52.21
N ARG H 92 -65.34 -1.68 -52.93
CA ARG H 92 -65.40 -1.52 -54.38
C ARG H 92 -65.32 -2.89 -55.07
N LEU H 93 -64.45 -3.77 -54.58
CA LEU H 93 -64.31 -5.11 -55.14
C LEU H 93 -65.58 -5.91 -54.85
N ILE H 94 -66.02 -5.91 -53.58
CA ILE H 94 -67.27 -6.53 -53.18
C ILE H 94 -68.36 -6.14 -54.18
N ASP H 95 -68.35 -4.86 -54.57
CA ASP H 95 -69.32 -4.27 -55.49
C ASP H 95 -69.24 -4.93 -56.87
N ILE H 96 -68.02 -5.27 -57.31
CA ILE H 96 -67.80 -5.90 -58.60
C ILE H 96 -68.36 -7.32 -58.58
N PHE H 97 -67.85 -8.16 -57.67
CA PHE H 97 -68.32 -9.53 -57.51
C PHE H 97 -69.83 -9.56 -57.30
N MET H 98 -70.34 -8.65 -56.47
CA MET H 98 -71.77 -8.56 -56.19
C MET H 98 -72.55 -8.22 -57.46
N GLY H 99 -71.91 -7.45 -58.35
CA GLY H 99 -72.57 -6.88 -59.52
C GLY H 99 -72.50 -7.77 -60.76
N MET H 100 -71.93 -8.98 -60.64
CA MET H 100 -71.92 -9.96 -61.72
C MET H 100 -73.23 -10.74 -61.68
N ARG H 101 -74.09 -10.50 -62.67
CA ARG H 101 -75.44 -11.04 -62.78
C ARG H 101 -75.47 -12.56 -62.65
N ASN H 102 -74.54 -13.25 -63.34
CA ASN H 102 -74.59 -14.69 -63.52
C ASN H 102 -73.53 -15.32 -62.63
N ILE H 103 -73.71 -16.60 -62.27
CA ILE H 103 -72.77 -17.32 -61.43
C ILE H 103 -71.58 -17.77 -62.27
N GLU H 104 -71.70 -17.65 -63.60
CA GLU H 104 -70.66 -18.02 -64.54
C GLU H 104 -69.69 -16.85 -64.73
N GLU H 105 -70.23 -15.62 -64.78
CA GLU H 105 -69.40 -14.43 -64.91
C GLU H 105 -68.67 -14.13 -63.61
N LEU H 106 -69.30 -14.48 -62.47
CA LEU H 106 -68.66 -14.38 -61.16
C LEU H 106 -67.41 -15.25 -61.15
N GLN H 107 -67.51 -16.45 -61.76
CA GLN H 107 -66.40 -17.38 -61.84
C GLN H 107 -65.30 -16.82 -62.74
N SER H 108 -65.69 -16.12 -63.80
CA SER H 108 -64.76 -15.59 -64.78
C SER H 108 -64.03 -14.36 -64.21
N CYS H 109 -64.80 -13.44 -63.63
CA CYS H 109 -64.25 -12.26 -62.97
C CYS H 109 -63.25 -12.68 -61.90
N ALA H 110 -63.65 -13.66 -61.08
CA ALA H 110 -62.85 -14.14 -59.96
C ALA H 110 -61.52 -14.70 -60.46
N VAL H 111 -61.59 -15.60 -61.44
CA VAL H 111 -60.43 -16.32 -61.93
C VAL H 111 -59.37 -15.34 -62.43
N PHE H 112 -59.82 -14.28 -63.11
CA PHE H 112 -58.95 -13.22 -63.62
C PHE H 112 -58.31 -12.46 -62.47
N ALA H 113 -59.16 -11.89 -61.60
CA ALA H 113 -58.75 -11.01 -60.51
C ALA H 113 -57.79 -11.71 -59.55
N ARG H 114 -58.06 -12.99 -59.27
CA ARG H 114 -57.47 -13.70 -58.14
C ARG H 114 -55.96 -13.48 -58.05
N ASP H 115 -55.24 -13.50 -59.18
CA ASP H 115 -53.78 -13.46 -59.13
C ASP H 115 -53.24 -12.04 -59.33
N ARG H 116 -54.11 -11.04 -59.23
CA ARG H 116 -53.73 -9.64 -59.40
C ARG H 116 -53.91 -8.85 -58.10
N ILE H 117 -54.77 -9.33 -57.19
CA ILE H 117 -55.10 -8.58 -55.98
C ILE H 117 -54.59 -9.34 -54.76
N ASN H 118 -54.56 -8.64 -53.62
CA ASN H 118 -54.04 -9.13 -52.35
C ASN H 118 -54.85 -10.33 -51.87
N PRO H 119 -54.23 -11.52 -51.69
CA PRO H 119 -54.95 -12.72 -51.25
C PRO H 119 -55.93 -12.53 -50.09
N TYR H 120 -55.48 -11.86 -49.02
CA TYR H 120 -56.31 -11.60 -47.85
C TYR H 120 -57.56 -10.82 -48.26
N LEU H 121 -57.37 -9.83 -49.15
CA LEU H 121 -58.44 -8.97 -49.65
C LEU H 121 -59.40 -9.78 -50.51
N PHE H 122 -58.84 -10.55 -51.45
CA PHE H 122 -59.62 -11.42 -52.33
C PHE H 122 -60.53 -12.30 -51.48
N ASN H 123 -59.95 -13.04 -50.52
CA ASN H 123 -60.68 -13.94 -49.64
C ASN H 123 -61.88 -13.23 -49.00
N TYR H 124 -61.65 -12.03 -48.46
CA TYR H 124 -62.70 -11.25 -47.82
C TYR H 124 -63.78 -10.89 -48.84
N ALA H 125 -63.36 -10.26 -49.94
CA ALA H 125 -64.27 -9.75 -50.95
C ALA H 125 -65.15 -10.86 -51.52
N LEU H 126 -64.57 -12.04 -51.75
CA LEU H 126 -65.29 -13.19 -52.27
C LEU H 126 -66.26 -13.69 -51.22
N SER H 127 -65.73 -14.00 -50.02
CA SER H 127 -66.52 -14.46 -48.89
C SER H 127 -67.80 -13.64 -48.73
N VAL H 128 -67.67 -12.30 -48.80
CA VAL H 128 -68.79 -11.40 -48.58
C VAL H 128 -69.79 -11.51 -49.72
N ALA H 129 -69.28 -11.62 -50.95
CA ALA H 129 -70.12 -11.71 -52.14
C ALA H 129 -70.94 -13.00 -52.12
N LEU H 130 -70.26 -14.13 -51.96
CA LEU H 130 -70.89 -15.44 -51.98
C LEU H 130 -71.97 -15.52 -50.89
N LEU H 131 -71.65 -15.02 -49.69
CA LEU H 131 -72.53 -15.18 -48.54
C LEU H 131 -73.83 -14.39 -48.73
N HIS H 132 -73.82 -13.38 -49.61
CA HIS H 132 -74.92 -12.43 -49.68
C HIS H 132 -75.45 -12.26 -51.10
N ARG H 133 -75.12 -13.20 -51.99
CA ARG H 133 -75.82 -13.34 -53.26
C ARG H 133 -76.88 -14.43 -53.11
N ARG H 134 -77.85 -14.46 -54.03
CA ARG H 134 -78.99 -15.36 -53.89
C ARG H 134 -78.70 -16.72 -54.53
N ASP H 135 -77.89 -16.74 -55.59
CA ASP H 135 -77.58 -17.96 -56.32
C ASP H 135 -76.54 -18.81 -55.57
N THR H 136 -75.73 -18.15 -54.72
CA THR H 136 -74.63 -18.82 -54.03
C THR H 136 -74.96 -18.99 -52.55
N LYS H 137 -76.20 -19.39 -52.23
CA LYS H 137 -76.64 -19.54 -50.86
C LYS H 137 -76.43 -20.98 -50.41
N ASN H 138 -76.34 -21.17 -49.09
CA ASN H 138 -76.10 -22.47 -48.45
C ASN H 138 -74.74 -23.03 -48.84
N LEU H 139 -73.84 -22.15 -49.30
CA LEU H 139 -72.54 -22.58 -49.80
C LEU H 139 -71.56 -22.61 -48.63
N ASP H 140 -70.86 -23.75 -48.47
CA ASP H 140 -70.05 -23.98 -47.28
C ASP H 140 -68.64 -23.47 -47.59
N LEU H 141 -68.33 -22.28 -47.07
CA LEU H 141 -67.04 -21.63 -47.30
C LEU H 141 -65.97 -22.31 -46.45
N PRO H 142 -64.78 -22.64 -47.01
CA PRO H 142 -63.72 -23.28 -46.24
C PRO H 142 -63.26 -22.40 -45.08
N SER H 143 -62.92 -23.03 -43.96
CA SER H 143 -62.46 -22.33 -42.78
C SER H 143 -61.23 -21.49 -43.14
N VAL H 144 -61.18 -20.25 -42.62
CA VAL H 144 -60.12 -19.32 -42.97
C VAL H 144 -58.80 -19.74 -42.32
N VAL H 145 -58.85 -20.66 -41.35
CA VAL H 145 -57.66 -21.28 -40.77
C VAL H 145 -56.96 -22.11 -41.85
N GLU H 146 -57.77 -22.83 -42.62
CA GLU H 146 -57.27 -23.77 -43.63
C GLU H 146 -56.68 -23.01 -44.82
N VAL H 147 -57.18 -21.80 -45.12
CA VAL H 147 -56.72 -21.02 -46.26
C VAL H 147 -55.60 -20.06 -45.84
N PHE H 148 -55.64 -19.57 -44.59
CA PHE H 148 -54.65 -18.64 -44.08
C PHE H 148 -54.19 -19.08 -42.69
N PRO H 149 -53.42 -20.18 -42.59
CA PRO H 149 -53.00 -20.67 -41.28
C PRO H 149 -52.03 -19.74 -40.55
N ASP H 150 -51.43 -18.80 -41.29
CA ASP H 150 -50.41 -17.91 -40.75
C ASP H 150 -50.97 -16.98 -39.68
N LYS H 151 -52.29 -16.76 -39.69
CA LYS H 151 -52.98 -15.88 -38.75
C LYS H 151 -53.44 -16.64 -37.49
N TYR H 152 -53.10 -17.93 -37.40
CA TYR H 152 -53.67 -18.80 -36.37
C TYR H 152 -52.63 -19.71 -35.73
N VAL H 153 -51.37 -19.63 -36.16
CA VAL H 153 -50.37 -20.63 -35.79
C VAL H 153 -48.98 -19.98 -35.67
N ASP H 154 -48.27 -20.36 -34.59
CA ASP H 154 -46.89 -19.97 -34.39
C ASP H 154 -46.09 -20.21 -35.67
N SER H 155 -45.29 -19.22 -36.07
CA SER H 155 -44.56 -19.26 -37.33
C SER H 155 -43.55 -20.40 -37.36
N ARG H 156 -43.18 -20.93 -36.18
CA ARG H 156 -42.17 -21.97 -36.07
C ARG H 156 -42.55 -23.23 -36.86
N VAL H 157 -43.85 -23.54 -36.94
CA VAL H 157 -44.30 -24.79 -37.50
C VAL H 157 -44.04 -24.81 -39.01
N PHE H 158 -44.04 -23.65 -39.67
CA PHE H 158 -44.08 -23.59 -41.12
C PHE H 158 -42.88 -24.29 -41.74
N GLU H 159 -41.69 -24.15 -41.14
CA GLU H 159 -40.48 -24.77 -41.67
C GLU H 159 -40.42 -26.25 -41.30
N GLN H 160 -41.23 -26.68 -40.33
CA GLN H 160 -41.39 -28.09 -40.00
C GLN H 160 -42.33 -28.76 -41.00
N ILE H 161 -43.42 -28.07 -41.36
CA ILE H 161 -44.40 -28.55 -42.32
C ILE H 161 -43.75 -28.69 -43.69
N ARG H 162 -42.85 -27.76 -44.02
CA ARG H 162 -42.13 -27.78 -45.29
C ARG H 162 -41.18 -28.99 -45.31
N GLU H 163 -40.49 -29.23 -44.18
CA GLU H 163 -39.57 -30.35 -44.03
C GLU H 163 -40.33 -31.66 -44.15
N GLU H 164 -41.37 -31.83 -43.33
CA GLU H 164 -42.17 -33.06 -43.27
C GLU H 164 -42.75 -33.39 -44.65
N ALA H 165 -43.27 -32.39 -45.36
CA ALA H 165 -43.94 -32.59 -46.63
C ALA H 165 -42.95 -32.95 -47.74
N THR H 166 -41.70 -32.52 -47.62
CA THR H 166 -40.68 -32.75 -48.64
C THR H 166 -39.96 -34.08 -48.40
N VAL H 167 -39.70 -34.42 -47.14
CA VAL H 167 -38.87 -35.56 -46.78
C VAL H 167 -39.70 -36.85 -46.76
N VAL H 168 -40.80 -36.83 -46.00
CA VAL H 168 -41.58 -38.03 -45.68
C VAL H 168 -42.64 -38.24 -46.75
N PRO H 169 -42.86 -39.49 -47.24
CA PRO H 169 -43.98 -39.79 -48.15
C PRO H 169 -45.34 -39.66 -47.47
N GLU H 170 -46.34 -39.23 -48.25
CA GLU H 170 -47.74 -39.20 -47.84
C GLU H 170 -48.10 -40.47 -47.08
N GLY H 171 -49.08 -40.37 -46.18
CA GLY H 171 -49.58 -41.53 -45.46
C GLY H 171 -48.74 -41.86 -44.22
N MET H 172 -47.43 -41.58 -44.29
CA MET H 172 -46.52 -41.78 -43.17
C MET H 172 -46.23 -40.46 -42.44
N ARG H 173 -46.95 -39.39 -42.79
CA ARG H 173 -46.68 -38.07 -42.22
C ARG H 173 -47.23 -37.96 -40.80
N MET H 174 -46.37 -37.51 -39.87
CA MET H 174 -46.74 -37.30 -38.48
C MET H 174 -47.54 -36.00 -38.36
N PRO H 175 -48.60 -35.95 -37.53
CA PRO H 175 -49.29 -34.69 -37.25
C PRO H 175 -48.33 -33.70 -36.59
N ILE H 176 -48.35 -32.44 -37.06
CA ILE H 176 -47.54 -31.36 -36.53
C ILE H 176 -48.25 -30.80 -35.31
N VAL H 177 -47.60 -30.84 -34.13
CA VAL H 177 -48.22 -30.31 -32.92
C VAL H 177 -48.10 -28.79 -33.01
N ILE H 178 -49.20 -28.08 -32.71
CA ILE H 178 -49.20 -26.62 -32.70
C ILE H 178 -48.88 -26.15 -31.30
N PRO H 179 -47.81 -25.35 -31.09
CA PRO H 179 -47.45 -24.87 -29.76
C PRO H 179 -48.60 -24.09 -29.09
N LYS H 180 -48.80 -24.35 -27.79
CA LYS H 180 -49.75 -23.61 -26.98
C LYS H 180 -48.99 -22.92 -25.85
N ASP H 181 -49.56 -21.84 -25.31
CA ASP H 181 -48.92 -21.05 -24.26
C ASP H 181 -47.47 -20.77 -24.66
N PHE H 182 -47.31 -20.00 -25.75
CA PHE H 182 -46.05 -19.85 -26.44
C PHE H 182 -45.68 -18.37 -26.63
N THR H 183 -46.59 -17.45 -26.29
CA THR H 183 -46.40 -16.04 -26.55
C THR H 183 -45.68 -15.35 -25.38
N ALA H 184 -45.77 -15.94 -24.18
CA ALA H 184 -45.18 -15.35 -22.97
C ALA H 184 -44.94 -16.42 -21.91
N SER H 185 -43.95 -16.18 -21.04
CA SER H 185 -43.60 -17.09 -19.96
C SER H 185 -44.42 -16.75 -18.70
N ASP H 186 -44.07 -17.41 -17.57
CA ASP H 186 -44.85 -17.33 -16.35
C ASP H 186 -44.55 -16.06 -15.55
N LEU H 187 -43.52 -15.32 -15.96
CA LEU H 187 -43.23 -14.01 -15.40
C LEU H 187 -44.35 -13.04 -15.77
N ASP H 188 -44.99 -13.27 -16.92
CA ASP H 188 -46.19 -12.54 -17.34
C ASP H 188 -47.41 -13.36 -16.96
N GLU H 189 -48.18 -12.88 -15.97
CA GLU H 189 -49.35 -13.58 -15.46
C GLU H 189 -50.45 -13.65 -16.51
N GLU H 190 -50.39 -12.77 -17.52
CA GLU H 190 -51.35 -12.74 -18.62
C GLU H 190 -51.28 -14.01 -19.48
N HIS H 191 -50.13 -14.71 -19.43
CA HIS H 191 -49.91 -15.86 -20.29
C HIS H 191 -50.89 -16.99 -19.99
N ARG H 192 -51.55 -16.92 -18.82
CA ARG H 192 -52.45 -17.97 -18.36
C ARG H 192 -53.71 -18.05 -19.22
N LEU H 193 -54.05 -16.94 -19.89
CA LEU H 193 -55.29 -16.82 -20.63
C LEU H 193 -55.09 -17.20 -22.11
N TRP H 194 -53.97 -17.85 -22.43
CA TRP H 194 -53.68 -18.32 -23.78
C TRP H 194 -54.85 -19.12 -24.36
N TYR H 195 -55.46 -19.98 -23.53
CA TYR H 195 -56.46 -20.94 -23.96
C TYR H 195 -57.74 -20.23 -24.41
N PHE H 196 -57.82 -18.91 -24.19
CA PHE H 196 -58.97 -18.11 -24.56
C PHE H 196 -58.59 -17.10 -25.64
N ARG H 197 -57.58 -16.27 -25.34
CA ARG H 197 -57.10 -15.24 -26.26
C ARG H 197 -56.65 -15.87 -27.58
N GLU H 198 -55.89 -16.97 -27.48
CA GLU H 198 -55.18 -17.53 -28.63
C GLU H 198 -55.88 -18.78 -29.16
N ASP H 199 -57.02 -19.14 -28.58
CA ASP H 199 -57.81 -20.27 -29.06
C ASP H 199 -58.30 -19.98 -30.48
N ILE H 200 -58.09 -20.96 -31.38
CA ILE H 200 -58.52 -20.90 -32.77
C ILE H 200 -60.02 -20.58 -32.83
N GLY H 201 -60.79 -21.28 -32.00
CA GLY H 201 -62.25 -21.21 -32.03
C GLY H 201 -62.76 -19.78 -31.93
N VAL H 202 -62.35 -19.08 -30.86
CA VAL H 202 -62.96 -17.80 -30.50
C VAL H 202 -62.50 -16.75 -31.52
N ASN H 203 -61.28 -16.90 -32.06
CA ASN H 203 -60.75 -15.98 -33.06
C ASN H 203 -61.52 -16.14 -34.37
N LEU H 204 -61.98 -17.36 -34.67
CA LEU H 204 -62.79 -17.61 -35.85
C LEU H 204 -64.18 -17.01 -35.69
N HIS H 205 -64.75 -17.17 -34.49
CA HIS H 205 -66.06 -16.62 -34.21
C HIS H 205 -66.08 -15.11 -34.41
N HIS H 206 -65.01 -14.44 -33.95
CA HIS H 206 -64.90 -12.99 -34.02
C HIS H 206 -64.81 -12.56 -35.48
N TRP H 207 -63.90 -13.19 -36.23
CA TRP H 207 -63.72 -12.90 -37.66
C TRP H 207 -65.03 -13.04 -38.41
N HIS H 208 -65.76 -14.13 -38.15
CA HIS H 208 -66.98 -14.45 -38.88
C HIS H 208 -68.11 -13.49 -38.52
N TRP H 209 -68.21 -13.10 -37.24
CA TRP H 209 -69.24 -12.16 -36.80
C TRP H 209 -69.15 -10.86 -37.61
N HIS H 210 -67.93 -10.40 -37.86
CA HIS H 210 -67.68 -9.17 -38.59
C HIS H 210 -67.91 -9.37 -40.09
N LEU H 211 -67.85 -10.62 -40.57
CA LEU H 211 -68.21 -10.94 -41.95
C LEU H 211 -69.70 -10.68 -42.21
N VAL H 212 -70.56 -11.17 -41.31
CA VAL H 212 -71.98 -11.21 -41.57
C VAL H 212 -72.64 -9.90 -41.12
N TYR H 213 -71.95 -9.15 -40.23
CA TYR H 213 -72.41 -7.83 -39.82
C TYR H 213 -71.31 -6.80 -40.07
N PRO H 214 -70.96 -6.48 -41.33
CA PRO H 214 -70.03 -5.39 -41.60
C PRO H 214 -70.64 -4.06 -41.20
N PHE H 215 -69.80 -3.02 -41.18
CA PHE H 215 -70.22 -1.68 -40.78
C PHE H 215 -70.10 -0.71 -41.95
N GLU H 216 -69.73 -1.21 -43.14
CA GLU H 216 -69.53 -0.38 -44.32
C GLU H 216 -69.74 -1.22 -45.58
N ALA H 217 -70.48 -0.67 -46.58
CA ALA H 217 -70.55 -1.20 -47.94
C ALA H 217 -71.77 -0.66 -48.67
N SER H 218 -72.96 -1.08 -48.22
CA SER H 218 -74.26 -0.80 -48.83
C SER H 218 -75.33 -1.49 -47.99
N ASN H 219 -76.41 -0.78 -47.66
CA ASN H 219 -77.40 -1.28 -46.70
C ASN H 219 -78.01 -2.60 -47.17
N ARG H 220 -78.17 -2.72 -48.49
CA ARG H 220 -78.61 -3.94 -49.15
C ARG H 220 -77.46 -4.95 -49.24
N ALA H 221 -76.21 -4.46 -49.18
CA ALA H 221 -75.04 -5.31 -49.03
C ALA H 221 -74.71 -5.48 -47.53
N ILE H 222 -75.76 -5.66 -46.70
CA ILE H 222 -75.69 -6.45 -45.48
C ILE H 222 -75.38 -5.58 -44.29
N VAL H 223 -75.40 -4.24 -44.46
CA VAL H 223 -74.99 -3.40 -43.35
C VAL H 223 -76.17 -3.24 -42.40
N ASP H 224 -77.38 -3.08 -42.95
CA ASP H 224 -78.55 -2.81 -42.14
C ASP H 224 -79.28 -4.11 -41.77
N LYS H 225 -78.72 -4.83 -40.81
CA LYS H 225 -79.32 -6.03 -40.22
C LYS H 225 -80.01 -5.63 -38.93
N ASP H 226 -81.09 -6.34 -38.57
CA ASP H 226 -81.90 -5.94 -37.42
C ASP H 226 -81.02 -5.88 -36.17
N ARG H 227 -81.02 -4.73 -35.50
CA ARG H 227 -80.42 -4.56 -34.19
C ARG H 227 -78.94 -4.93 -34.18
N ARG H 228 -78.23 -4.65 -35.29
CA ARG H 228 -76.82 -4.98 -35.39
C ARG H 228 -76.01 -4.12 -34.41
N GLY H 229 -76.51 -2.91 -34.13
CA GLY H 229 -75.90 -2.04 -33.13
C GLY H 229 -75.92 -2.69 -31.75
N GLU H 230 -77.11 -3.14 -31.33
CA GLU H 230 -77.26 -3.82 -30.06
C GLU H 230 -76.43 -5.10 -30.08
N LEU H 231 -76.39 -5.77 -31.22
CA LEU H 231 -75.61 -7.00 -31.38
C LEU H 231 -74.15 -6.70 -31.08
N PHE H 232 -73.63 -5.63 -31.72
CA PHE H 232 -72.25 -5.20 -31.55
C PHE H 232 -71.95 -4.93 -30.08
N TYR H 233 -72.88 -4.26 -29.39
CA TYR H 233 -72.77 -4.00 -27.96
C TYR H 233 -72.67 -5.34 -27.23
N TYR H 234 -73.67 -6.21 -27.42
CA TYR H 234 -73.88 -7.38 -26.59
C TYR H 234 -72.79 -8.43 -26.81
N MET H 235 -72.56 -8.79 -28.08
CA MET H 235 -71.57 -9.80 -28.41
C MET H 235 -70.23 -9.47 -27.76
N HIS H 236 -69.72 -8.26 -28.02
CA HIS H 236 -68.44 -7.81 -27.48
C HIS H 236 -68.52 -7.76 -25.94
N SER H 237 -69.69 -7.36 -25.41
CA SER H 237 -69.92 -7.28 -23.97
C SER H 237 -69.83 -8.66 -23.31
N GLN H 238 -70.27 -9.70 -24.03
CA GLN H 238 -70.20 -11.07 -23.56
C GLN H 238 -68.78 -11.63 -23.65
N LEU H 239 -68.00 -11.16 -24.63
CA LEU H 239 -66.60 -11.53 -24.73
C LEU H 239 -65.87 -11.19 -23.43
N ILE H 240 -66.15 -10.01 -22.87
CA ILE H 240 -65.42 -9.52 -21.71
C ILE H 240 -65.94 -10.20 -20.44
N ALA H 241 -67.26 -10.45 -20.39
CA ALA H 241 -67.87 -11.20 -19.30
C ALA H 241 -67.24 -12.59 -19.18
N ARG H 242 -67.08 -13.25 -20.33
CA ARG H 242 -66.46 -14.57 -20.40
C ARG H 242 -64.97 -14.48 -20.08
N TYR H 243 -64.30 -13.41 -20.56
CA TYR H 243 -62.88 -13.19 -20.31
C TYR H 243 -62.67 -12.98 -18.81
N ASN H 244 -63.50 -12.11 -18.22
CA ASN H 244 -63.41 -11.80 -16.80
C ASN H 244 -63.65 -13.05 -15.95
N PHE H 245 -64.51 -13.96 -16.45
CA PHE H 245 -64.75 -15.24 -15.78
C PHE H 245 -63.43 -16.03 -15.79
N GLU H 246 -62.85 -16.19 -16.98
CA GLU H 246 -61.64 -16.97 -17.15
C GLU H 246 -60.49 -16.36 -16.35
N ARG H 247 -60.51 -15.03 -16.15
CA ARG H 247 -59.50 -14.35 -15.35
C ARG H 247 -59.58 -14.86 -13.90
N PHE H 248 -60.81 -14.93 -13.36
CA PHE H 248 -61.03 -15.34 -11.98
C PHE H 248 -60.59 -16.79 -11.77
N CYS H 249 -60.62 -17.59 -12.84
CA CYS H 249 -60.20 -18.99 -12.79
C CYS H 249 -58.69 -19.13 -12.91
N ASN H 250 -57.96 -18.01 -13.04
CA ASN H 250 -56.51 -18.03 -13.13
C ASN H 250 -55.92 -17.07 -12.10
N ARG H 251 -56.66 -16.83 -11.01
CA ARG H 251 -56.20 -16.09 -9.85
C ARG H 251 -55.82 -14.64 -10.23
N LEU H 252 -56.56 -14.06 -11.17
CA LEU H 252 -56.35 -12.68 -11.62
C LEU H 252 -57.59 -11.85 -11.27
N GLN H 253 -57.44 -10.51 -11.26
CA GLN H 253 -58.56 -9.61 -11.04
C GLN H 253 -59.29 -9.35 -12.36
N ARG H 254 -60.42 -8.64 -12.30
CA ARG H 254 -61.18 -8.27 -13.48
C ARG H 254 -60.32 -7.35 -14.35
N VAL H 255 -60.53 -7.41 -15.68
CA VAL H 255 -59.75 -6.63 -16.62
C VAL H 255 -59.98 -5.14 -16.34
N LYS H 256 -58.88 -4.38 -16.25
CA LYS H 256 -58.94 -2.93 -16.09
C LYS H 256 -59.09 -2.30 -17.47
N ARG H 257 -60.04 -1.34 -17.58
CA ARG H 257 -60.33 -0.61 -18.79
C ARG H 257 -59.15 0.30 -19.16
N LEU H 258 -59.13 0.80 -20.41
CA LEU H 258 -58.21 1.86 -20.81
C LEU H 258 -58.78 3.22 -20.38
N ASN H 259 -58.61 3.52 -19.09
CA ASN H 259 -59.00 4.78 -18.46
C ASN H 259 -58.79 5.93 -19.43
N ASN H 260 -57.51 6.18 -19.77
CA ASN H 260 -57.12 7.33 -20.58
C ASN H 260 -55.89 6.99 -21.42
N LEU H 261 -55.85 7.59 -22.61
CA LEU H 261 -55.02 7.12 -23.71
C LEU H 261 -53.60 7.66 -23.63
N ARG H 262 -53.35 8.59 -22.71
CA ARG H 262 -52.06 9.25 -22.58
C ARG H 262 -51.13 8.44 -21.68
N GLU H 263 -51.72 7.73 -20.72
CA GLU H 263 -50.99 6.87 -19.81
C GLU H 263 -50.45 5.66 -20.57
N PRO H 264 -49.22 5.17 -20.28
CA PRO H 264 -48.68 3.95 -20.91
C PRO H 264 -49.56 2.69 -20.83
N ILE H 265 -49.36 1.78 -21.78
CA ILE H 265 -49.99 0.48 -21.77
C ILE H 265 -49.00 -0.53 -21.18
N ALA H 266 -49.32 -1.02 -19.97
CA ALA H 266 -48.43 -1.85 -19.18
C ALA H 266 -48.12 -3.18 -19.89
N GLU H 267 -49.17 -3.83 -20.42
CA GLU H 267 -49.07 -5.18 -20.97
C GLU H 267 -48.70 -5.11 -22.44
N GLY H 268 -47.45 -5.47 -22.77
CA GLY H 268 -47.04 -5.70 -24.15
C GLY H 268 -47.48 -7.09 -24.63
N TYR H 269 -47.38 -7.34 -25.95
CA TYR H 269 -47.74 -8.62 -26.52
C TYR H 269 -47.03 -8.81 -27.85
N PHE H 270 -46.14 -9.81 -27.91
CA PHE H 270 -45.53 -10.28 -29.15
C PHE H 270 -46.26 -11.55 -29.62
N PRO H 271 -46.99 -11.50 -30.76
CA PRO H 271 -47.94 -12.56 -31.11
C PRO H 271 -47.35 -13.82 -31.71
N LYS H 272 -46.12 -13.70 -32.24
CA LYS H 272 -45.33 -14.80 -32.79
C LYS H 272 -45.92 -15.29 -34.12
N LEU H 273 -46.60 -14.42 -34.87
CA LEU H 273 -47.19 -14.79 -36.15
C LEU H 273 -46.32 -14.24 -37.29
N ASP H 274 -46.27 -14.99 -38.40
CA ASP H 274 -45.52 -14.62 -39.60
C ASP H 274 -46.46 -14.72 -40.79
N SER H 275 -46.79 -13.56 -41.40
CA SER H 275 -47.63 -13.50 -42.58
C SER H 275 -46.86 -13.98 -43.82
N LEU H 276 -47.28 -15.14 -44.37
CA LEU H 276 -46.66 -15.71 -45.55
C LEU H 276 -47.05 -14.92 -46.80
N VAL H 277 -48.15 -14.16 -46.72
CA VAL H 277 -48.63 -13.32 -47.81
C VAL H 277 -47.81 -12.03 -47.85
N ALA H 278 -47.52 -11.44 -46.68
CA ALA H 278 -46.70 -10.24 -46.57
C ALA H 278 -45.21 -10.62 -46.52
N SER H 279 -44.95 -11.91 -46.23
CA SER H 279 -43.62 -12.51 -46.12
C SER H 279 -42.84 -11.91 -44.94
N ARG H 280 -43.52 -11.05 -44.16
CA ARG H 280 -42.98 -10.46 -42.95
C ARG H 280 -43.70 -11.06 -41.75
N THR H 281 -43.30 -10.66 -40.53
CA THR H 281 -44.04 -10.97 -39.31
C THR H 281 -44.84 -9.75 -38.87
N TRP H 282 -45.91 -9.99 -38.10
CA TRP H 282 -46.64 -8.95 -37.37
C TRP H 282 -45.72 -8.34 -36.32
N PRO H 283 -45.65 -7.00 -36.17
CA PRO H 283 -44.82 -6.39 -35.14
C PRO H 283 -45.43 -6.67 -33.77
N GLY H 284 -44.55 -6.72 -32.75
CA GLY H 284 -45.00 -6.79 -31.37
C GLY H 284 -45.17 -5.38 -30.80
N ARG H 285 -45.77 -5.31 -29.61
CA ARG H 285 -45.83 -4.09 -28.82
C ARG H 285 -45.08 -4.31 -27.51
N VAL H 286 -44.20 -3.36 -27.17
CA VAL H 286 -43.37 -3.44 -25.98
C VAL H 286 -44.19 -3.07 -24.75
N ASP H 287 -43.64 -3.39 -23.57
CA ASP H 287 -44.21 -2.95 -22.31
C ASP H 287 -44.11 -1.43 -22.25
N ASN H 288 -45.18 -0.81 -21.73
CA ASN H 288 -45.25 0.63 -21.49
C ASN H 288 -45.14 1.44 -22.78
N ALA H 289 -45.56 0.84 -23.90
CA ALA H 289 -45.78 1.61 -25.13
C ALA H 289 -46.83 2.70 -24.86
N VAL H 290 -46.69 3.85 -25.53
CA VAL H 290 -47.67 4.92 -25.45
C VAL H 290 -48.29 5.11 -26.82
N ILE H 291 -49.61 5.34 -26.83
CA ILE H 291 -50.34 5.70 -28.04
C ILE H 291 -49.76 7.00 -28.59
N LYS H 292 -49.63 7.07 -29.92
CA LYS H 292 -49.02 8.22 -30.58
C LYS H 292 -49.88 8.62 -31.78
N ASP H 293 -49.92 9.94 -32.05
CA ASP H 293 -50.60 10.48 -33.22
C ASP H 293 -50.15 9.76 -34.49
N LEU H 294 -51.11 9.37 -35.33
CA LEU H 294 -50.85 8.62 -36.55
C LEU H 294 -50.75 9.58 -37.74
N ASN H 295 -49.80 9.29 -38.63
CA ASN H 295 -49.65 9.98 -39.91
C ASN H 295 -49.16 8.97 -40.94
N ARG H 296 -50.06 8.05 -41.33
CA ARG H 296 -49.75 7.00 -42.28
C ARG H 296 -50.25 7.42 -43.66
N GLU H 297 -49.47 8.25 -44.34
CA GLU H 297 -49.87 8.89 -45.59
C GLU H 297 -50.45 7.85 -46.57
N LEU H 298 -49.75 6.71 -46.71
CA LEU H 298 -50.11 5.65 -47.66
C LEU H 298 -51.50 5.10 -47.34
N ASP H 299 -51.72 4.74 -46.07
CA ASP H 299 -52.96 4.10 -45.63
C ASP H 299 -54.13 5.09 -45.57
N GLN H 300 -53.85 6.39 -45.73
CA GLN H 300 -54.84 7.44 -45.60
C GLN H 300 -55.36 7.52 -44.16
N ILE H 301 -54.41 7.65 -43.21
CA ILE H 301 -54.71 7.86 -41.80
C ILE H 301 -53.99 9.11 -41.34
N LYS H 302 -54.76 10.13 -40.98
CA LYS H 302 -54.26 11.37 -40.40
C LYS H 302 -55.15 11.68 -39.20
N GLN H 303 -54.81 11.06 -38.06
CA GLN H 303 -55.64 11.12 -36.86
C GLN H 303 -54.75 11.45 -35.67
N ASP H 304 -55.20 12.38 -34.82
CA ASP H 304 -54.53 12.72 -33.58
C ASP H 304 -55.26 12.04 -32.43
N VAL H 305 -54.54 11.79 -31.33
CA VAL H 305 -55.13 11.16 -30.16
C VAL H 305 -56.27 12.04 -29.66
N SER H 306 -56.05 13.37 -29.69
CA SER H 306 -57.06 14.33 -29.24
C SER H 306 -58.36 14.17 -30.04
N ASP H 307 -58.29 13.80 -31.33
CA ASP H 307 -59.49 13.51 -32.11
C ASP H 307 -60.31 12.40 -31.43
N LEU H 308 -59.62 11.33 -31.02
CA LEU H 308 -60.26 10.21 -30.36
C LEU H 308 -60.90 10.69 -29.07
N GLU H 309 -60.13 11.42 -28.26
CA GLU H 309 -60.57 11.97 -26.99
C GLU H 309 -61.80 12.86 -27.17
N ARG H 310 -61.83 13.62 -28.28
CA ARG H 310 -62.92 14.53 -28.57
C ARG H 310 -64.18 13.73 -28.87
N TRP H 311 -64.06 12.66 -29.66
CA TRP H 311 -65.19 11.79 -29.96
C TRP H 311 -65.77 11.22 -28.68
N ILE H 312 -64.91 10.77 -27.77
CA ILE H 312 -65.33 10.16 -26.51
C ILE H 312 -66.08 11.18 -25.67
N ASP H 313 -65.50 12.37 -25.52
CA ASP H 313 -66.10 13.45 -24.76
C ASP H 313 -67.52 13.73 -25.27
N ARG H 314 -67.71 13.71 -26.60
CA ARG H 314 -68.99 14.04 -27.21
C ARG H 314 -70.00 12.91 -26.98
N ILE H 315 -69.54 11.65 -27.10
CA ILE H 315 -70.39 10.49 -26.97
C ILE H 315 -70.93 10.39 -25.55
N TYR H 316 -70.04 10.59 -24.57
CA TYR H 316 -70.40 10.66 -23.16
C TYR H 316 -71.50 11.71 -22.96
N GLU H 317 -71.31 12.90 -23.55
CA GLU H 317 -72.24 14.01 -23.41
C GLU H 317 -73.63 13.56 -23.88
N ALA H 318 -73.69 12.98 -25.09
CA ALA H 318 -74.94 12.52 -25.68
C ALA H 318 -75.63 11.52 -24.76
N VAL H 319 -74.85 10.58 -24.22
CA VAL H 319 -75.37 9.51 -23.38
C VAL H 319 -76.00 10.10 -22.12
N HIS H 320 -75.34 11.09 -21.51
CA HIS H 320 -75.84 11.76 -20.32
C HIS H 320 -77.03 12.65 -20.68
N GLN H 321 -76.88 13.47 -21.73
CA GLN H 321 -77.98 14.28 -22.26
C GLN H 321 -79.21 13.40 -22.49
N GLY H 322 -78.99 12.19 -23.03
CA GLY H 322 -80.06 11.24 -23.28
C GLY H 322 -80.50 11.22 -24.74
N TYR H 323 -79.87 12.04 -25.60
CA TYR H 323 -80.19 12.09 -27.02
C TYR H 323 -78.95 12.41 -27.85
N VAL H 324 -79.02 12.11 -29.15
CA VAL H 324 -77.98 12.45 -30.11
C VAL H 324 -78.55 13.43 -31.13
N VAL H 325 -77.68 13.99 -31.98
CA VAL H 325 -78.09 14.91 -33.04
C VAL H 325 -77.60 14.36 -34.37
N ASP H 326 -78.51 14.29 -35.36
CA ASP H 326 -78.19 13.78 -36.68
C ASP H 326 -77.54 14.90 -37.51
N GLU H 327 -77.03 14.53 -38.68
CA GLU H 327 -76.40 15.45 -39.62
C GLU H 327 -77.31 16.66 -39.84
N SER H 328 -78.62 16.41 -39.95
CA SER H 328 -79.63 17.42 -40.28
C SER H 328 -79.78 18.46 -39.16
N GLY H 329 -79.47 18.06 -37.92
CA GLY H 329 -79.58 18.96 -36.78
C GLY H 329 -80.68 18.52 -35.80
N ASN H 330 -81.51 17.56 -36.22
CA ASN H 330 -82.60 17.04 -35.41
C ASN H 330 -82.06 16.22 -34.24
N ARG H 331 -82.90 15.98 -33.23
CA ARG H 331 -82.54 15.18 -32.07
C ARG H 331 -83.24 13.82 -32.11
N ILE H 332 -82.46 12.76 -31.83
CA ILE H 332 -82.96 11.39 -31.77
C ILE H 332 -82.72 10.90 -30.34
N PHE H 333 -83.74 10.29 -29.72
CA PHE H 333 -83.76 10.03 -28.29
C PHE H 333 -83.32 8.59 -27.99
N LEU H 334 -82.37 8.46 -27.05
CA LEU H 334 -81.86 7.17 -26.62
C LEU H 334 -82.85 6.56 -25.63
N ASP H 335 -83.95 6.02 -26.15
CA ASP H 335 -85.05 5.47 -25.37
C ASP H 335 -84.72 4.04 -24.95
N GLU H 336 -85.65 3.41 -24.22
CA GLU H 336 -85.47 2.06 -23.69
C GLU H 336 -85.34 1.04 -24.82
N GLU H 337 -85.95 1.32 -25.98
CA GLU H 337 -86.10 0.34 -27.04
C GLU H 337 -84.89 0.35 -27.97
N LYS H 338 -84.65 1.49 -28.64
CA LYS H 338 -83.68 1.60 -29.72
C LYS H 338 -82.41 2.30 -29.28
N GLY H 339 -82.40 2.87 -28.06
CA GLY H 339 -81.26 3.61 -27.54
C GLY H 339 -79.94 2.87 -27.74
N ILE H 340 -79.85 1.65 -27.18
CA ILE H 340 -78.63 0.85 -27.20
C ILE H 340 -78.20 0.59 -28.65
N ASP H 341 -79.17 0.30 -29.54
CA ASP H 341 -78.88 -0.04 -30.93
C ASP H 341 -78.23 1.14 -31.62
N ILE H 342 -78.81 2.34 -31.42
CA ILE H 342 -78.26 3.58 -31.95
C ILE H 342 -76.81 3.74 -31.48
N LEU H 343 -76.63 3.73 -30.16
CA LEU H 343 -75.35 3.96 -29.53
C LEU H 343 -74.29 3.03 -30.13
N GLY H 344 -74.64 1.77 -30.36
CA GLY H 344 -73.74 0.80 -30.95
C GLY H 344 -73.20 1.25 -32.31
N ASN H 345 -74.10 1.75 -33.16
CA ASN H 345 -73.74 2.19 -34.51
C ASN H 345 -72.89 3.45 -34.44
N ILE H 346 -73.13 4.28 -33.41
CA ILE H 346 -72.36 5.49 -33.17
C ILE H 346 -70.93 5.15 -32.74
N ILE H 347 -70.82 4.18 -31.83
CA ILE H 347 -69.56 3.88 -31.16
C ILE H 347 -68.60 3.10 -32.05
N GLU H 348 -69.09 2.03 -32.68
CA GLU H 348 -68.26 1.26 -33.60
C GLU H 348 -67.95 2.13 -34.82
N SER H 349 -68.94 2.96 -35.15
CA SER H 349 -69.07 3.71 -36.40
C SER H 349 -69.45 2.77 -37.54
N SER H 350 -70.75 2.54 -37.66
CA SER H 350 -71.31 1.92 -38.85
C SER H 350 -72.02 3.01 -39.64
N ILE H 351 -72.02 2.91 -40.98
CA ILE H 351 -72.68 3.89 -41.81
C ILE H 351 -74.10 4.16 -41.32
N LEU H 352 -74.60 3.33 -40.41
CA LEU H 352 -75.91 3.52 -39.80
C LEU H 352 -75.86 4.58 -38.70
N SER H 353 -74.65 5.02 -38.32
CA SER H 353 -74.49 6.08 -37.33
C SER H 353 -75.26 7.31 -37.78
N PRO H 354 -76.13 7.90 -36.92
CA PRO H 354 -76.93 9.05 -37.32
C PRO H 354 -76.12 10.33 -37.53
N ASN H 355 -74.82 10.31 -37.20
CA ASN H 355 -73.94 11.45 -37.44
C ASN H 355 -72.48 11.06 -37.25
N ARG H 356 -71.92 10.32 -38.22
CA ARG H 356 -70.53 9.88 -38.18
C ARG H 356 -69.58 11.04 -37.95
N GLN H 357 -69.84 12.18 -38.62
CA GLN H 357 -68.92 13.30 -38.64
C GLN H 357 -68.71 13.88 -37.23
N LEU H 358 -69.76 13.84 -36.40
CA LEU H 358 -69.72 14.42 -35.07
C LEU H 358 -69.18 13.43 -34.04
N TYR H 359 -69.69 12.18 -34.06
CA TYR H 359 -69.40 11.19 -33.02
C TYR H 359 -68.27 10.25 -33.45
N GLY H 360 -67.83 10.36 -34.71
CA GLY H 360 -66.58 9.75 -35.14
C GLY H 360 -66.67 8.25 -35.36
N ASP H 361 -65.49 7.60 -35.40
CA ASP H 361 -65.27 6.20 -35.68
C ASP H 361 -64.46 5.62 -34.52
N MET H 362 -65.05 5.74 -33.32
CA MET H 362 -64.35 5.67 -32.05
C MET H 362 -63.70 4.31 -31.81
N HIS H 363 -64.47 3.22 -31.89
CA HIS H 363 -63.95 1.87 -31.63
C HIS H 363 -62.85 1.53 -32.63
N ASN H 364 -63.16 1.65 -33.92
CA ASN H 364 -62.29 1.23 -35.01
C ASN H 364 -60.95 1.98 -34.97
N VAL H 365 -61.00 3.30 -34.79
CA VAL H 365 -59.80 4.13 -34.82
C VAL H 365 -58.89 3.74 -33.64
N GLY H 366 -59.51 3.38 -32.52
CA GLY H 366 -58.80 2.86 -31.36
C GLY H 366 -57.97 1.62 -31.67
N HIS H 367 -58.53 0.69 -32.47
CA HIS H 367 -57.83 -0.51 -32.88
C HIS H 367 -56.57 -0.15 -33.66
N VAL H 368 -56.65 0.89 -34.49
CA VAL H 368 -55.53 1.32 -35.34
C VAL H 368 -54.44 2.00 -34.50
N PHE H 369 -54.84 2.93 -33.64
CA PHE H 369 -53.92 3.61 -32.74
C PHE H 369 -53.07 2.60 -31.95
N LEU H 370 -53.74 1.58 -31.39
CA LEU H 370 -53.10 0.61 -30.51
C LEU H 370 -52.16 -0.30 -31.30
N SER H 371 -52.43 -0.46 -32.60
CA SER H 371 -51.67 -1.38 -33.44
C SER H 371 -50.45 -0.72 -34.08
N TYR H 372 -50.29 0.61 -33.92
CA TYR H 372 -49.28 1.36 -34.66
C TYR H 372 -48.36 2.16 -33.72
N THR H 373 -48.30 1.78 -32.45
CA THR H 373 -47.48 2.48 -31.46
C THR H 373 -46.00 2.40 -31.86
N HIS H 374 -45.62 1.33 -32.55
CA HIS H 374 -44.24 1.04 -32.90
C HIS H 374 -43.78 1.82 -34.14
N ASP H 375 -44.72 2.31 -34.95
CA ASP H 375 -44.39 3.01 -36.18
C ASP H 375 -45.59 3.86 -36.64
N PRO H 376 -45.86 5.00 -35.99
CA PRO H 376 -47.07 5.78 -36.25
C PRO H 376 -47.03 6.74 -37.44
N ASP H 377 -45.82 7.08 -37.91
CA ASP H 377 -45.66 8.00 -39.03
C ASP H 377 -45.09 7.28 -40.26
N HIS H 378 -44.93 5.96 -40.16
CA HIS H 378 -44.55 5.09 -41.28
C HIS H 378 -43.08 5.27 -41.67
N ARG H 379 -42.28 5.86 -40.79
CA ARG H 379 -40.88 6.13 -41.08
C ARG H 379 -40.09 4.82 -41.17
N HIS H 380 -40.60 3.77 -40.52
CA HIS H 380 -39.93 2.47 -40.44
C HIS H 380 -40.55 1.47 -41.43
N LEU H 381 -41.51 1.92 -42.25
CA LEU H 381 -42.11 1.07 -43.25
C LEU H 381 -42.53 -0.26 -42.64
N GLU H 382 -43.18 -0.21 -41.47
CA GLU H 382 -43.67 -1.40 -40.78
C GLU H 382 -45.20 -1.40 -40.83
N SER H 383 -45.79 -2.60 -40.78
CA SER H 383 -47.24 -2.77 -40.83
C SER H 383 -47.81 -2.74 -39.41
N PHE H 384 -49.13 -2.86 -39.30
CA PHE H 384 -49.81 -2.79 -38.01
C PHE H 384 -49.61 -4.09 -37.24
N GLY H 385 -49.58 -3.96 -35.91
CA GLY H 385 -49.59 -5.10 -35.00
C GLY H 385 -50.94 -5.81 -35.02
N VAL H 386 -51.10 -6.77 -34.10
CA VAL H 386 -52.17 -7.75 -34.16
C VAL H 386 -53.55 -7.12 -33.93
N MET H 387 -53.61 -6.00 -33.19
CA MET H 387 -54.87 -5.34 -32.85
C MET H 387 -55.49 -4.62 -34.06
N GLY H 388 -54.74 -4.56 -35.17
CA GLY H 388 -55.18 -3.89 -36.38
C GLY H 388 -55.98 -4.81 -37.31
N ASP H 389 -56.08 -6.10 -36.99
CA ASP H 389 -56.84 -7.05 -37.79
C ASP H 389 -57.84 -7.81 -36.90
N VAL H 390 -59.11 -7.78 -37.30
CA VAL H 390 -60.20 -8.48 -36.62
C VAL H 390 -59.86 -9.96 -36.45
N ALA H 391 -59.21 -10.55 -37.45
CA ALA H 391 -58.81 -11.95 -37.44
C ALA H 391 -57.91 -12.28 -36.25
N THR H 392 -57.11 -11.31 -35.77
CA THR H 392 -56.08 -11.56 -34.78
C THR H 392 -56.23 -10.70 -33.52
N ALA H 393 -57.18 -9.76 -33.51
CA ALA H 393 -57.24 -8.72 -32.49
C ALA H 393 -57.36 -9.29 -31.07
N MET H 394 -58.07 -10.41 -30.93
CA MET H 394 -58.41 -10.96 -29.62
C MET H 394 -57.19 -11.60 -28.95
N ARG H 395 -56.10 -11.82 -29.69
CA ARG H 395 -54.90 -12.43 -29.15
C ARG H 395 -54.22 -11.50 -28.13
N ASP H 396 -54.31 -10.19 -28.39
CA ASP H 396 -53.62 -9.21 -27.57
C ASP H 396 -54.43 -8.94 -26.31
N PRO H 397 -53.81 -8.90 -25.11
CA PRO H 397 -54.51 -8.50 -23.89
C PRO H 397 -55.15 -7.11 -23.88
N VAL H 398 -54.59 -6.18 -24.66
CA VAL H 398 -55.06 -4.79 -24.68
C VAL H 398 -56.46 -4.74 -25.28
N PHE H 399 -56.79 -5.75 -26.10
CA PHE H 399 -58.11 -5.87 -26.72
C PHE H 399 -59.19 -5.74 -25.67
N TYR H 400 -58.98 -6.44 -24.54
CA TYR H 400 -59.98 -6.57 -23.50
C TYR H 400 -60.06 -5.30 -22.68
N ARG H 401 -58.94 -4.57 -22.60
CA ARG H 401 -58.90 -3.27 -21.94
C ARG H 401 -59.65 -2.23 -22.76
N TRP H 402 -59.37 -2.18 -24.06
CA TRP H 402 -60.03 -1.24 -24.96
C TRP H 402 -61.52 -1.57 -25.06
N HIS H 403 -61.85 -2.87 -25.12
CA HIS H 403 -63.24 -3.29 -25.26
C HIS H 403 -63.99 -3.17 -23.94
N SER H 404 -63.23 -3.22 -22.84
CA SER H 404 -63.72 -3.00 -21.49
C SER H 404 -64.17 -1.55 -21.32
N PHE H 405 -63.31 -0.62 -21.75
CA PHE H 405 -63.62 0.81 -21.74
C PHE H 405 -64.92 1.03 -22.50
N ILE H 406 -64.94 0.61 -23.77
CA ILE H 406 -66.08 0.81 -24.65
C ILE H 406 -67.36 0.34 -23.96
N ASP H 407 -67.27 -0.76 -23.20
CA ASP H 407 -68.42 -1.34 -22.54
C ASP H 407 -68.95 -0.40 -21.46
N ASP H 408 -68.02 0.23 -20.71
CA ASP H 408 -68.34 1.17 -19.65
C ASP H 408 -69.20 2.29 -20.24
N ILE H 409 -68.89 2.73 -21.48
CA ILE H 409 -69.65 3.79 -22.14
C ILE H 409 -71.09 3.33 -22.37
N PHE H 410 -71.27 2.09 -22.87
CA PHE H 410 -72.58 1.52 -23.06
C PHE H 410 -73.31 1.46 -21.72
N GLN H 411 -72.63 0.96 -20.70
CA GLN H 411 -73.18 0.84 -19.36
C GLN H 411 -73.76 2.17 -18.88
N GLU H 412 -73.04 3.27 -19.17
CA GLU H 412 -73.43 4.61 -18.77
C GLU H 412 -74.84 4.92 -19.27
N HIS H 413 -75.25 4.30 -20.39
CA HIS H 413 -76.60 4.45 -20.91
C HIS H 413 -77.57 3.52 -20.18
N LYS H 414 -77.14 2.26 -19.98
CA LYS H 414 -78.00 1.23 -19.41
C LYS H 414 -78.43 1.58 -17.99
N ILE H 415 -77.57 2.29 -17.24
CA ILE H 415 -77.86 2.64 -15.85
C ILE H 415 -78.83 3.81 -15.79
N LYS H 416 -79.13 4.43 -16.95
CA LYS H 416 -80.13 5.48 -17.01
C LYS H 416 -81.52 4.90 -17.23
N LEU H 417 -81.61 3.69 -17.80
CA LEU H 417 -82.88 3.04 -18.05
C LEU H 417 -83.56 2.70 -16.73
N PRO H 418 -84.93 2.71 -16.66
CA PRO H 418 -85.64 2.40 -15.43
C PRO H 418 -85.57 0.90 -15.10
N ALA H 419 -85.38 0.58 -13.82
CA ALA H 419 -85.29 -0.78 -13.35
C ALA H 419 -86.49 -1.60 -13.82
N TYR H 420 -86.26 -2.89 -14.13
CA TYR H 420 -87.34 -3.81 -14.42
C TYR H 420 -88.15 -3.99 -13.14
N THR H 421 -89.47 -3.77 -13.24
CA THR H 421 -90.38 -3.86 -12.10
C THR H 421 -90.70 -5.33 -11.82
N LYS H 422 -91.04 -5.63 -10.55
CA LYS H 422 -91.44 -6.96 -10.13
C LYS H 422 -92.40 -7.53 -11.17
N SER H 423 -93.38 -6.70 -11.54
CA SER H 423 -94.39 -7.02 -12.55
C SER H 423 -93.76 -7.47 -13.86
N GLN H 424 -92.80 -6.67 -14.38
CA GLN H 424 -92.27 -6.82 -15.72
C GLN H 424 -91.56 -8.17 -15.92
N LEU H 425 -90.98 -8.73 -14.86
CA LEU H 425 -90.24 -9.98 -14.97
C LEU H 425 -90.88 -11.07 -14.10
N THR H 426 -92.18 -10.94 -13.83
CA THR H 426 -92.97 -12.03 -13.25
C THR H 426 -93.81 -12.67 -14.36
N TYR H 427 -93.95 -14.00 -14.30
CA TYR H 427 -94.82 -14.75 -15.20
C TYR H 427 -95.97 -15.36 -14.39
N GLU H 428 -97.13 -14.67 -14.40
CA GLU H 428 -98.25 -15.00 -13.54
C GLU H 428 -98.67 -16.45 -13.79
N GLY H 429 -98.51 -17.30 -12.78
CA GLY H 429 -98.86 -18.71 -12.88
C GLY H 429 -97.64 -19.62 -12.87
N ILE H 430 -96.60 -19.24 -13.61
CA ILE H 430 -95.41 -20.07 -13.77
C ILE H 430 -94.48 -19.90 -12.56
N SER H 431 -93.94 -21.01 -12.07
CA SER H 431 -92.98 -21.03 -10.97
C SER H 431 -91.90 -22.08 -11.23
N VAL H 432 -90.63 -21.64 -11.29
CA VAL H 432 -89.48 -22.52 -11.38
C VAL H 432 -89.00 -22.84 -9.97
N THR H 433 -88.97 -24.14 -9.64
CA THR H 433 -88.75 -24.62 -8.28
C THR H 433 -87.34 -25.19 -8.13
N GLY H 434 -86.60 -25.32 -9.25
CA GLY H 434 -85.25 -25.85 -9.19
C GLY H 434 -84.66 -26.08 -10.58
N ILE H 435 -83.32 -25.94 -10.66
CA ILE H 435 -82.53 -26.31 -11.83
C ILE H 435 -81.27 -27.02 -11.33
N ILE H 436 -80.86 -28.09 -12.03
CA ILE H 436 -79.65 -28.81 -11.70
C ILE H 436 -78.91 -29.16 -12.99
N VAL H 437 -77.64 -29.62 -12.88
CA VAL H 437 -76.88 -30.10 -14.03
C VAL H 437 -76.30 -31.47 -13.68
N GLN H 438 -76.23 -32.37 -14.68
CA GLN H 438 -75.70 -33.71 -14.50
C GLN H 438 -74.79 -34.09 -15.67
N SER H 439 -73.54 -34.46 -15.33
CA SER H 439 -72.60 -35.09 -16.25
C SER H 439 -72.48 -36.58 -15.88
N GLU H 440 -72.30 -37.43 -16.88
CA GLU H 440 -72.19 -38.87 -16.65
C GLU H 440 -70.96 -39.14 -15.79
N GLY H 441 -71.13 -39.90 -14.71
CA GLY H 441 -70.04 -40.25 -13.79
C GLY H 441 -69.41 -39.01 -13.16
N ALA H 442 -70.23 -38.23 -12.46
CA ALA H 442 -69.83 -37.00 -11.77
C ALA H 442 -70.98 -36.53 -10.88
N PRO H 443 -70.71 -35.97 -9.68
CA PRO H 443 -71.78 -35.50 -8.80
C PRO H 443 -72.73 -34.52 -9.49
N VAL H 444 -73.94 -34.36 -8.92
CA VAL H 444 -74.88 -33.36 -9.42
C VAL H 444 -74.29 -31.98 -9.22
N ASN H 445 -74.72 -31.03 -10.06
CA ASN H 445 -74.34 -29.62 -9.95
C ASN H 445 -72.82 -29.46 -9.96
N THR H 446 -72.16 -30.14 -10.91
CA THR H 446 -70.70 -30.12 -11.03
C THR H 446 -70.31 -30.22 -12.49
N LEU H 447 -69.55 -29.21 -12.97
CA LEU H 447 -69.02 -29.18 -14.32
C LEU H 447 -67.52 -29.46 -14.27
N HIS H 448 -67.02 -30.19 -15.29
CA HIS H 448 -65.60 -30.53 -15.39
C HIS H 448 -65.03 -29.95 -16.68
N THR H 449 -63.75 -29.53 -16.64
CA THR H 449 -63.02 -29.09 -17.83
C THR H 449 -61.64 -29.74 -17.87
N TYR H 450 -60.98 -29.65 -19.03
CA TYR H 450 -59.68 -30.25 -19.28
C TYR H 450 -59.16 -29.80 -20.65
N TRP H 451 -57.96 -30.28 -21.02
CA TRP H 451 -57.36 -30.05 -22.34
C TRP H 451 -57.70 -31.20 -23.27
N GLN H 452 -57.71 -30.92 -24.58
CA GLN H 452 -58.05 -31.90 -25.60
C GLN H 452 -57.36 -31.53 -26.92
N GLN H 453 -56.60 -32.46 -27.50
CA GLN H 453 -56.01 -32.27 -28.82
C GLN H 453 -57.04 -32.59 -29.90
N SER H 454 -57.08 -31.76 -30.93
CA SER H 454 -57.88 -31.98 -32.14
C SER H 454 -56.99 -31.77 -33.37
N ASP H 455 -57.45 -32.26 -34.53
CA ASP H 455 -56.66 -32.24 -35.75
C ASP H 455 -57.36 -31.40 -36.82
N VAL H 456 -56.57 -30.67 -37.62
CA VAL H 456 -57.07 -29.84 -38.70
C VAL H 456 -56.13 -29.98 -39.90
N ASP H 457 -56.72 -30.13 -41.09
CA ASP H 457 -55.95 -30.25 -42.32
C ASP H 457 -55.68 -28.84 -42.88
N LEU H 458 -54.41 -28.42 -42.80
CA LEU H 458 -53.99 -27.09 -43.24
C LEU H 458 -53.38 -27.16 -44.64
N SER H 459 -53.77 -28.19 -45.40
CA SER H 459 -53.09 -28.55 -46.64
C SER H 459 -53.39 -27.52 -47.73
N ARG H 460 -54.67 -27.09 -47.79
CA ARG H 460 -55.12 -26.15 -48.81
C ARG H 460 -54.46 -24.79 -48.64
N GLY H 461 -53.92 -24.50 -47.45
CA GLY H 461 -53.34 -23.20 -47.13
C GLY H 461 -51.83 -23.12 -47.33
N MET H 462 -51.17 -24.29 -47.48
CA MET H 462 -49.72 -24.36 -47.57
C MET H 462 -49.25 -24.24 -49.02
N ASP H 463 -48.98 -23.00 -49.45
CA ASP H 463 -48.60 -22.71 -50.82
C ASP H 463 -47.19 -23.23 -51.11
N PHE H 464 -46.97 -23.71 -52.34
CA PHE H 464 -45.67 -24.18 -52.84
C PHE H 464 -45.08 -25.26 -51.93
N VAL H 465 -45.95 -26.07 -51.32
CA VAL H 465 -45.55 -27.20 -50.50
C VAL H 465 -45.97 -28.48 -51.23
N PRO H 466 -45.11 -29.52 -51.26
CA PRO H 466 -45.50 -30.82 -51.85
C PRO H 466 -46.91 -31.21 -51.42
N ARG H 467 -47.77 -31.50 -52.40
CA ARG H 467 -49.17 -31.85 -52.16
C ARG H 467 -49.28 -33.08 -51.26
N GLY H 468 -50.45 -33.25 -50.64
CA GLY H 468 -50.68 -34.31 -49.68
C GLY H 468 -51.47 -33.79 -48.48
N ASN H 469 -51.54 -34.57 -47.40
CA ASN H 469 -52.20 -34.12 -46.17
C ASN H 469 -51.17 -33.54 -45.20
N VAL H 470 -51.59 -32.53 -44.44
CA VAL H 470 -50.78 -31.86 -43.43
C VAL H 470 -51.68 -31.57 -42.24
N PHE H 471 -51.75 -32.53 -41.30
CA PHE H 471 -52.58 -32.41 -40.12
C PHE H 471 -51.81 -31.68 -39.01
N ALA H 472 -52.49 -30.73 -38.36
CA ALA H 472 -51.95 -29.99 -37.22
C ALA H 472 -52.75 -30.32 -35.96
N ARG H 473 -52.05 -30.51 -34.83
CA ARG H 473 -52.66 -30.87 -33.56
C ARG H 473 -52.81 -29.65 -32.65
N PHE H 474 -54.06 -29.19 -32.49
CA PHE H 474 -54.41 -28.10 -31.58
C PHE H 474 -54.72 -28.65 -30.20
N THR H 475 -54.17 -28.03 -29.15
CA THR H 475 -54.61 -28.24 -27.78
C THR H 475 -55.51 -27.08 -27.36
N HIS H 476 -56.69 -27.40 -26.80
CA HIS H 476 -57.70 -26.41 -26.45
C HIS H 476 -58.53 -26.91 -25.27
N LEU H 477 -59.08 -25.96 -24.49
CA LEU H 477 -60.00 -26.25 -23.38
C LEU H 477 -61.18 -27.08 -23.90
N GLN H 478 -61.66 -28.01 -23.06
CA GLN H 478 -62.86 -28.78 -23.35
C GLN H 478 -63.60 -29.07 -22.04
N HIS H 479 -64.93 -29.24 -22.14
CA HIS H 479 -65.77 -29.60 -21.01
C HIS H 479 -66.45 -30.94 -21.28
N ALA H 480 -66.61 -31.73 -20.20
CA ALA H 480 -67.42 -32.95 -20.22
C ALA H 480 -68.86 -32.60 -20.58
N PRO H 481 -69.57 -33.42 -21.39
CA PRO H 481 -70.96 -33.12 -21.76
C PRO H 481 -71.82 -33.11 -20.50
N PHE H 482 -72.86 -32.26 -20.49
CA PHE H 482 -73.79 -32.20 -19.35
C PHE H 482 -75.18 -31.88 -19.87
N GLN H 483 -76.14 -31.74 -18.94
CA GLN H 483 -77.53 -31.41 -19.28
C GLN H 483 -78.19 -30.73 -18.08
N TYR H 484 -79.05 -29.73 -18.38
CA TYR H 484 -79.82 -29.02 -17.36
C TYR H 484 -81.13 -29.79 -17.14
N VAL H 485 -81.67 -29.72 -15.90
CA VAL H 485 -82.95 -30.33 -15.56
C VAL H 485 -83.74 -29.33 -14.72
N ILE H 486 -84.84 -28.80 -15.29
CA ILE H 486 -85.54 -27.64 -14.77
C ILE H 486 -86.98 -28.03 -14.40
N GLN H 487 -87.39 -27.72 -13.15
CA GLN H 487 -88.70 -28.10 -12.63
C GLN H 487 -89.62 -26.88 -12.62
N ILE H 488 -90.65 -26.90 -13.50
CA ILE H 488 -91.52 -25.76 -13.72
C ILE H 488 -92.98 -26.16 -13.47
N ASP H 489 -93.71 -25.34 -12.68
CA ASP H 489 -95.11 -25.58 -12.37
C ASP H 489 -95.98 -24.54 -13.08
N ASN H 490 -97.12 -24.98 -13.62
CA ASN H 490 -97.95 -24.16 -14.49
C ASN H 490 -99.04 -23.44 -13.70
N THR H 491 -99.87 -24.19 -12.97
CA THR H 491 -100.92 -23.66 -12.09
C THR H 491 -101.79 -22.61 -12.79
N SER H 492 -102.13 -22.83 -14.06
CA SER H 492 -102.90 -21.87 -14.84
C SER H 492 -104.19 -22.49 -15.37
N ASP H 493 -104.08 -23.71 -15.93
CA ASP H 493 -105.17 -24.46 -16.54
C ASP H 493 -105.08 -24.43 -18.07
N ALA H 494 -104.03 -23.78 -18.61
CA ALA H 494 -103.82 -23.71 -20.04
C ALA H 494 -102.34 -23.91 -20.35
N GLN H 495 -102.05 -24.41 -21.57
CA GLN H 495 -100.69 -24.52 -22.06
C GLN H 495 -100.06 -23.12 -22.10
N ARG H 496 -98.93 -22.96 -21.39
CA ARG H 496 -98.19 -21.71 -21.35
C ARG H 496 -96.90 -21.85 -22.16
N MET H 497 -96.68 -20.90 -23.08
CA MET H 497 -95.44 -20.74 -23.81
C MET H 497 -94.47 -19.89 -23.00
N GLY H 498 -93.18 -20.22 -23.08
CA GLY H 498 -92.16 -19.51 -22.31
C GLY H 498 -90.78 -19.58 -22.98
N PHE H 499 -89.98 -18.54 -22.75
CA PHE H 499 -88.56 -18.53 -23.09
C PHE H 499 -87.75 -18.94 -21.87
N VAL H 500 -86.91 -19.97 -22.03
CA VAL H 500 -85.93 -20.37 -21.04
C VAL H 500 -84.65 -19.58 -21.30
N ARG H 501 -84.22 -18.76 -20.31
CA ARG H 501 -83.02 -17.94 -20.41
C ARG H 501 -82.03 -18.38 -19.32
N ILE H 502 -80.88 -18.93 -19.72
CA ILE H 502 -79.92 -19.50 -18.78
C ILE H 502 -78.61 -18.72 -18.86
N PHE H 503 -78.21 -18.12 -17.73
CA PHE H 503 -76.93 -17.45 -17.57
C PHE H 503 -76.15 -18.12 -16.43
N MET H 504 -74.83 -17.86 -16.37
CA MET H 504 -73.97 -18.32 -15.29
C MET H 504 -72.95 -17.25 -14.97
N ALA H 505 -72.77 -16.96 -13.67
CA ALA H 505 -71.81 -15.97 -13.20
C ALA H 505 -70.97 -16.58 -12.08
N PRO H 506 -69.91 -15.90 -11.60
CA PRO H 506 -69.24 -16.31 -10.37
C PRO H 506 -70.16 -16.10 -9.17
N LYS H 507 -69.92 -16.89 -8.11
CA LYS H 507 -70.75 -16.84 -6.92
C LYS H 507 -70.30 -15.71 -6.02
N ASN H 508 -68.98 -15.63 -5.77
CA ASN H 508 -68.35 -14.60 -4.99
C ASN H 508 -67.51 -13.69 -5.90
N ASP H 509 -66.76 -12.75 -5.28
CA ASP H 509 -65.89 -11.82 -5.99
C ASP H 509 -64.46 -12.34 -5.95
N GLU H 510 -63.45 -11.49 -6.23
CA GLU H 510 -62.05 -11.86 -6.18
C GLU H 510 -61.56 -11.95 -4.72
N ARG H 511 -62.28 -11.27 -3.80
CA ARG H 511 -61.90 -11.20 -2.40
C ARG H 511 -62.60 -12.29 -1.59
N GLY H 512 -63.58 -12.98 -2.18
CA GLY H 512 -64.18 -14.16 -1.59
C GLY H 512 -65.50 -13.90 -0.84
N GLN H 513 -66.15 -12.78 -1.16
CA GLN H 513 -67.41 -12.39 -0.54
C GLN H 513 -68.57 -12.69 -1.50
N PRO H 514 -69.76 -13.13 -1.01
CA PRO H 514 -70.92 -13.34 -1.87
C PRO H 514 -71.35 -12.09 -2.64
N MET H 515 -71.29 -12.17 -3.97
CA MET H 515 -71.31 -11.00 -4.84
C MET H 515 -72.64 -10.27 -4.69
N LEU H 516 -72.61 -8.94 -4.79
CA LEU H 516 -73.84 -8.12 -4.84
C LEU H 516 -74.34 -8.09 -6.29
N PHE H 517 -75.60 -7.68 -6.47
CA PHE H 517 -76.22 -7.70 -7.79
C PHE H 517 -75.50 -6.71 -8.71
N ARG H 518 -75.40 -5.46 -8.27
CA ARG H 518 -74.74 -4.39 -9.03
C ARG H 518 -73.44 -4.86 -9.67
N ASP H 519 -72.67 -5.68 -8.93
CA ASP H 519 -71.44 -6.27 -9.46
C ASP H 519 -71.75 -7.46 -10.36
N GLN H 520 -72.49 -8.43 -9.82
CA GLN H 520 -72.67 -9.74 -10.42
C GLN H 520 -73.43 -9.66 -11.74
N ARG H 521 -74.32 -8.67 -11.90
CA ARG H 521 -75.16 -8.58 -13.09
C ARG H 521 -74.30 -8.48 -14.35
N LEU H 522 -73.10 -7.89 -14.22
CA LEU H 522 -72.22 -7.62 -15.35
C LEU H 522 -71.31 -8.81 -15.66
N PHE H 523 -71.35 -9.86 -14.81
CA PHE H 523 -70.47 -11.01 -14.96
C PHE H 523 -71.25 -12.25 -15.41
N MET H 524 -72.58 -12.11 -15.56
CA MET H 524 -73.44 -13.19 -16.05
C MET H 524 -73.17 -13.44 -17.53
N VAL H 525 -72.77 -14.69 -17.86
CA VAL H 525 -72.55 -15.09 -19.24
C VAL H 525 -73.75 -15.93 -19.69
N GLU H 526 -74.33 -15.62 -20.86
CA GLU H 526 -75.45 -16.37 -21.40
C GLU H 526 -74.99 -17.80 -21.73
N MET H 527 -75.80 -18.79 -21.35
CA MET H 527 -75.48 -20.20 -21.55
C MET H 527 -76.48 -20.88 -22.50
N ASP H 528 -77.72 -20.37 -22.56
CA ASP H 528 -78.75 -20.92 -23.43
C ASP H 528 -79.99 -20.03 -23.41
N LYS H 529 -80.76 -20.08 -24.50
CA LYS H 529 -82.05 -19.41 -24.61
C LYS H 529 -82.90 -20.16 -25.64
N PHE H 530 -83.98 -20.82 -25.18
CA PHE H 530 -84.80 -21.66 -26.05
C PHE H 530 -86.29 -21.61 -25.63
N LEU H 531 -87.17 -21.90 -26.60
CA LEU H 531 -88.61 -21.88 -26.42
C LEU H 531 -89.11 -23.21 -25.87
N VAL H 532 -90.07 -23.15 -24.95
CA VAL H 532 -90.61 -24.36 -24.31
C VAL H 532 -92.12 -24.22 -24.13
N ALA H 533 -92.84 -25.34 -24.36
CA ALA H 533 -94.28 -25.45 -24.14
C ALA H 533 -94.54 -26.18 -22.83
N LEU H 534 -95.30 -25.55 -21.92
CA LEU H 534 -95.54 -26.08 -20.59
C LEU H 534 -97.00 -26.56 -20.48
N ARG H 535 -97.18 -27.82 -20.06
CA ARG H 535 -98.50 -28.39 -19.82
C ARG H 535 -98.98 -27.94 -18.43
N PRO H 536 -100.31 -27.83 -18.18
CA PRO H 536 -100.82 -27.56 -16.84
C PRO H 536 -100.23 -28.50 -15.79
N GLY H 537 -100.10 -28.00 -14.55
CA GLY H 537 -99.46 -28.76 -13.48
C GLY H 537 -97.94 -28.66 -13.52
N ALA H 538 -97.27 -29.82 -13.51
CA ALA H 538 -95.83 -29.91 -13.36
C ALA H 538 -95.17 -30.29 -14.69
N ASN H 539 -93.98 -29.73 -14.94
CA ASN H 539 -93.21 -30.02 -16.14
C ASN H 539 -91.74 -30.21 -15.78
N ARG H 540 -91.14 -31.30 -16.28
CA ARG H 540 -89.71 -31.55 -16.12
C ARG H 540 -89.04 -31.29 -17.47
N ILE H 541 -88.31 -30.17 -17.56
CA ILE H 541 -87.61 -29.79 -18.78
C ILE H 541 -86.16 -30.27 -18.68
N ARG H 542 -85.68 -30.89 -19.76
CA ARG H 542 -84.31 -31.33 -19.85
C ARG H 542 -83.71 -30.78 -21.13
N ARG H 543 -82.46 -30.29 -21.04
CA ARG H 543 -81.76 -29.61 -22.12
C ARG H 543 -80.29 -30.01 -22.09
N ARG H 544 -79.75 -30.50 -23.21
CA ARG H 544 -78.36 -30.90 -23.31
C ARG H 544 -77.48 -29.67 -23.55
N SER H 545 -76.22 -29.77 -23.11
CA SER H 545 -75.22 -28.72 -23.30
C SER H 545 -75.00 -28.43 -24.78
N ASN H 546 -75.12 -29.48 -25.61
CA ASN H 546 -74.80 -29.39 -27.03
C ASN H 546 -75.97 -28.80 -27.82
N GLU H 547 -77.12 -28.56 -27.17
CA GLU H 547 -78.27 -27.94 -27.81
C GLU H 547 -78.24 -26.41 -27.67
N SER H 548 -77.19 -25.88 -27.02
CA SER H 548 -77.10 -24.47 -26.67
C SER H 548 -77.25 -23.58 -27.91
N THR H 549 -78.00 -22.48 -27.75
CA THR H 549 -78.26 -21.52 -28.81
C THR H 549 -77.18 -20.42 -28.83
N VAL H 550 -76.23 -20.49 -27.88
CA VAL H 550 -75.09 -19.58 -27.84
C VAL H 550 -73.92 -20.15 -28.67
N THR H 551 -73.98 -21.46 -28.94
CA THR H 551 -72.82 -22.24 -29.37
C THR H 551 -73.05 -22.74 -30.80
N ILE H 552 -71.96 -23.10 -31.50
CA ILE H 552 -72.06 -23.86 -32.74
C ILE H 552 -71.20 -25.13 -32.61
N PRO H 553 -71.60 -26.24 -33.28
CA PRO H 553 -70.89 -27.51 -33.15
C PRO H 553 -69.42 -27.47 -33.53
N PHE H 554 -68.65 -28.41 -32.97
CA PHE H 554 -67.30 -28.71 -33.39
C PHE H 554 -67.15 -28.64 -34.91
N GLU H 555 -67.98 -29.42 -35.61
CA GLU H 555 -67.81 -29.68 -37.04
C GLU H 555 -67.72 -28.35 -37.82
N ARG H 556 -68.47 -27.34 -37.37
CA ARG H 556 -68.53 -26.07 -38.07
C ARG H 556 -67.18 -25.35 -37.98
N THR H 557 -66.59 -25.30 -36.78
CA THR H 557 -65.33 -24.61 -36.55
C THR H 557 -64.19 -25.28 -37.31
N PHE H 558 -63.94 -26.57 -37.02
CA PHE H 558 -62.83 -27.32 -37.59
C PHE H 558 -63.07 -27.71 -39.04
N ARG H 559 -64.28 -28.11 -39.44
CA ARG H 559 -64.70 -28.09 -40.84
C ARG H 559 -63.75 -28.97 -41.66
N ASN H 577 -77.80 -16.39 -28.83
CA ASN H 577 -78.00 -14.91 -28.70
C ASN H 577 -76.85 -14.16 -29.39
N PHE H 578 -75.61 -14.58 -29.12
CA PHE H 578 -74.41 -14.01 -29.70
C PHE H 578 -74.57 -13.66 -31.19
N CYS H 579 -75.34 -14.53 -31.86
CA CYS H 579 -75.52 -14.54 -33.30
C CYS H 579 -74.14 -14.72 -33.96
N GLY H 580 -74.00 -14.17 -35.17
CA GLY H 580 -72.72 -14.12 -35.84
C GLY H 580 -72.38 -15.51 -36.37
N CYS H 581 -71.11 -15.91 -36.21
CA CYS H 581 -70.70 -17.27 -36.51
C CYS H 581 -71.33 -18.27 -35.53
N GLY H 582 -71.32 -17.92 -34.23
CA GLY H 582 -71.43 -18.88 -33.15
C GLY H 582 -70.15 -18.98 -32.31
N TRP H 583 -70.34 -19.12 -30.99
CA TRP H 583 -69.27 -19.26 -30.01
C TRP H 583 -68.82 -20.72 -29.97
N PRO H 584 -67.50 -21.03 -29.96
CA PRO H 584 -67.03 -22.41 -29.97
C PRO H 584 -67.57 -23.23 -28.80
N ALA H 585 -68.01 -24.46 -29.10
CA ALA H 585 -68.69 -25.32 -28.15
C ALA H 585 -67.79 -25.66 -26.96
N HIS H 586 -66.51 -25.92 -27.23
CA HIS H 586 -65.56 -26.35 -26.21
C HIS H 586 -65.23 -25.22 -25.23
N MET H 587 -65.65 -23.99 -25.57
CA MET H 587 -65.40 -22.82 -24.74
C MET H 587 -66.66 -22.38 -24.00
N LEU H 588 -67.71 -23.22 -24.03
CA LEU H 588 -69.01 -22.92 -23.43
C LEU H 588 -68.88 -22.75 -21.91
N VAL H 589 -68.06 -23.60 -21.29
CA VAL H 589 -67.90 -23.59 -19.84
C VAL H 589 -66.56 -22.93 -19.50
N PRO H 590 -66.53 -21.97 -18.56
CA PRO H 590 -65.28 -21.47 -17.99
C PRO H 590 -64.40 -22.61 -17.48
N LYS H 591 -63.11 -22.32 -17.31
CA LYS H 591 -62.13 -23.33 -16.95
C LYS H 591 -62.38 -23.83 -15.52
N GLY H 592 -62.63 -22.90 -14.60
CA GLY H 592 -62.69 -23.22 -13.18
C GLY H 592 -61.29 -23.53 -12.62
N LEU H 593 -61.26 -24.05 -11.39
CA LEU H 593 -60.01 -24.34 -10.69
C LEU H 593 -59.90 -25.84 -10.46
N PRO H 594 -58.68 -26.38 -10.17
CA PRO H 594 -58.54 -27.76 -9.73
C PRO H 594 -59.28 -28.03 -8.41
N GLU H 595 -59.24 -27.04 -7.51
CA GLU H 595 -59.89 -27.13 -6.21
C GLU H 595 -61.40 -26.86 -6.31
N GLY H 596 -61.87 -26.54 -7.51
CA GLY H 596 -63.28 -26.20 -7.74
C GLY H 596 -63.53 -24.71 -7.64
N PHE H 597 -64.29 -24.17 -8.60
CA PHE H 597 -64.62 -22.75 -8.64
C PHE H 597 -66.14 -22.58 -8.46
N PRO H 598 -66.59 -21.86 -7.40
CA PRO H 598 -68.01 -21.68 -7.13
C PRO H 598 -68.69 -20.67 -8.06
N ALA H 599 -69.88 -21.05 -8.54
CA ALA H 599 -70.62 -20.30 -9.55
C ALA H 599 -72.12 -20.41 -9.30
N ASP H 600 -72.85 -19.31 -9.56
CA ASP H 600 -74.31 -19.31 -9.50
C ASP H 600 -74.89 -19.55 -10.90
N LEU H 601 -75.59 -20.68 -11.07
CA LEU H 601 -76.36 -20.96 -12.29
C LEU H 601 -77.76 -20.35 -12.11
N PHE H 602 -78.20 -19.58 -13.11
CA PHE H 602 -79.48 -18.88 -13.06
C PHE H 602 -80.31 -19.24 -14.28
N VAL H 603 -81.63 -19.44 -14.06
CA VAL H 603 -82.59 -19.67 -15.14
C VAL H 603 -83.80 -18.77 -14.91
N MET H 604 -84.38 -18.28 -16.00
CA MET H 604 -85.61 -17.50 -16.00
C MET H 604 -86.51 -18.00 -17.12
N VAL H 605 -87.82 -18.11 -16.83
CA VAL H 605 -88.85 -18.39 -17.81
C VAL H 605 -89.68 -17.12 -17.98
N SER H 606 -89.56 -16.48 -19.14
CA SER H 606 -90.31 -15.29 -19.47
C SER H 606 -91.51 -15.65 -20.34
N ASN H 607 -92.49 -14.73 -20.41
CA ASN H 607 -93.73 -14.95 -21.13
C ASN H 607 -93.49 -14.74 -22.62
N TYR H 608 -93.38 -15.86 -23.37
CA TYR H 608 -93.01 -15.84 -24.78
C TYR H 608 -93.97 -15.01 -25.62
N GLU H 609 -95.21 -14.83 -25.16
CA GLU H 609 -96.21 -14.08 -25.90
C GLU H 609 -95.77 -12.63 -26.04
N ASP H 610 -95.18 -12.07 -24.97
CA ASP H 610 -94.62 -10.72 -24.98
C ASP H 610 -93.29 -10.69 -25.75
N ASP H 611 -92.48 -11.74 -25.60
CA ASP H 611 -91.13 -11.80 -26.14
C ASP H 611 -91.13 -12.21 -27.61
N ARG H 612 -92.26 -12.74 -28.11
CA ARG H 612 -92.37 -13.33 -29.43
C ARG H 612 -92.11 -12.28 -30.52
N VAL H 613 -91.51 -12.72 -31.63
CA VAL H 613 -91.28 -11.90 -32.81
C VAL H 613 -91.85 -12.64 -34.02
N VAL H 614 -93.11 -12.36 -34.35
CA VAL H 614 -93.86 -13.06 -35.39
C VAL H 614 -93.11 -13.02 -36.72
N GLN H 615 -92.71 -14.20 -37.22
CA GLN H 615 -91.74 -14.35 -38.31
C GLN H 615 -91.57 -15.83 -38.67
N ASP H 616 -91.23 -16.09 -39.94
CA ASP H 616 -91.01 -17.44 -40.47
C ASP H 616 -89.54 -17.61 -40.85
N LEU H 617 -88.88 -18.63 -40.28
CA LEU H 617 -87.46 -18.87 -40.52
C LEU H 617 -87.09 -20.34 -40.30
N VAL H 618 -86.17 -20.85 -41.12
CA VAL H 618 -85.49 -22.12 -40.89
C VAL H 618 -84.05 -21.85 -40.47
N GLY H 619 -83.47 -20.70 -40.89
CA GLY H 619 -82.25 -20.15 -40.36
C GLY H 619 -80.99 -20.72 -41.03
N THR H 620 -79.97 -19.86 -41.16
CA THR H 620 -78.58 -20.24 -41.41
C THR H 620 -77.64 -19.19 -40.78
N CYS H 621 -76.38 -19.58 -40.52
CA CYS H 621 -75.38 -18.71 -39.89
C CYS H 621 -74.19 -18.51 -40.82
N ASN H 622 -72.95 -18.60 -40.30
CA ASN H 622 -71.74 -18.18 -40.99
C ASN H 622 -71.49 -18.96 -42.29
N ASP H 623 -71.96 -20.21 -42.35
CA ASP H 623 -71.76 -21.10 -43.48
C ASP H 623 -70.32 -20.98 -44.00
N TYR H 627 -76.34 -23.10 -33.24
CA TYR H 627 -77.10 -21.85 -33.50
C TYR H 627 -77.89 -22.02 -34.78
N CYS H 628 -79.22 -21.82 -34.72
CA CYS H 628 -80.10 -22.02 -35.87
C CYS H 628 -79.65 -21.12 -37.01
N GLY H 629 -79.60 -19.80 -36.78
CA GLY H 629 -78.96 -18.89 -37.73
C GLY H 629 -79.25 -17.40 -37.52
N VAL H 630 -80.50 -17.01 -37.75
CA VAL H 630 -81.03 -15.64 -37.66
C VAL H 630 -80.47 -14.69 -38.74
N ARG H 631 -80.32 -15.23 -39.96
CA ARG H 631 -80.04 -14.43 -41.16
C ARG H 631 -81.32 -13.83 -41.75
N ASP H 632 -82.47 -14.34 -41.32
CA ASP H 632 -83.78 -13.79 -41.62
C ASP H 632 -83.93 -12.40 -40.99
N ARG H 633 -84.63 -11.52 -41.70
CA ARG H 633 -84.78 -10.10 -41.38
C ARG H 633 -84.54 -9.80 -39.89
N LEU H 634 -85.36 -10.38 -38.99
CA LEU H 634 -85.49 -9.90 -37.61
C LEU H 634 -84.77 -10.84 -36.64
N TYR H 635 -84.46 -10.30 -35.45
CA TYR H 635 -83.84 -11.02 -34.35
C TYR H 635 -84.94 -11.55 -33.44
N PRO H 636 -84.94 -12.86 -33.09
CA PRO H 636 -86.13 -13.52 -32.55
C PRO H 636 -86.47 -13.33 -31.07
N ASP H 637 -86.34 -12.11 -30.56
CA ASP H 637 -86.60 -11.83 -29.15
C ASP H 637 -86.79 -10.34 -28.94
N ARG H 638 -87.99 -9.91 -28.51
CA ARG H 638 -88.30 -8.50 -28.37
C ARG H 638 -87.53 -7.89 -27.20
N LYS H 639 -87.19 -8.71 -26.20
CA LYS H 639 -86.49 -8.23 -25.01
C LYS H 639 -85.06 -7.80 -25.38
N ALA H 640 -84.50 -6.90 -24.57
CA ALA H 640 -83.14 -6.41 -24.76
C ALA H 640 -82.15 -7.57 -24.64
N MET H 641 -80.99 -7.46 -25.28
CA MET H 641 -79.99 -8.52 -25.25
C MET H 641 -79.26 -8.48 -23.92
N GLY H 642 -79.25 -9.63 -23.22
CA GLY H 642 -78.81 -9.72 -21.83
C GLY H 642 -79.94 -9.33 -20.88
N PHE H 643 -81.17 -9.67 -21.30
CA PHE H 643 -82.39 -9.04 -20.83
C PHE H 643 -82.58 -9.06 -19.31
N PRO H 644 -82.49 -10.20 -18.58
CA PRO H 644 -82.73 -10.15 -17.14
C PRO H 644 -81.83 -9.13 -16.43
N PHE H 645 -80.55 -9.04 -16.86
CA PHE H 645 -79.56 -8.32 -16.09
C PHE H 645 -78.97 -7.08 -16.79
N ASP H 646 -79.55 -6.62 -17.90
CA ASP H 646 -78.95 -5.50 -18.62
C ASP H 646 -79.13 -4.19 -17.84
N ARG H 647 -80.20 -4.09 -17.04
CA ARG H 647 -80.53 -2.87 -16.32
C ARG H 647 -80.26 -3.00 -14.82
N LEU H 648 -80.27 -1.86 -14.11
CA LEU H 648 -80.05 -1.81 -12.67
C LEU H 648 -81.21 -2.49 -11.94
N ALA H 649 -80.96 -2.82 -10.67
CA ALA H 649 -81.94 -3.47 -9.81
C ALA H 649 -83.02 -2.48 -9.41
N ARG H 650 -84.25 -3.00 -9.22
CA ARG H 650 -85.34 -2.26 -8.59
C ARG H 650 -85.06 -2.09 -7.10
N THR H 651 -85.72 -1.09 -6.47
CA THR H 651 -85.46 -0.75 -5.07
C THR H 651 -85.63 -2.00 -4.20
N GLY H 652 -84.80 -2.13 -3.16
CA GLY H 652 -84.92 -3.22 -2.21
C GLY H 652 -84.04 -4.42 -2.59
N VAL H 653 -83.83 -4.64 -3.90
CA VAL H 653 -82.97 -5.71 -4.38
C VAL H 653 -81.51 -5.34 -4.12
N ASP H 654 -80.70 -6.37 -3.81
CA ASP H 654 -79.36 -6.19 -3.27
C ASP H 654 -78.42 -7.29 -3.77
N ARG H 655 -78.92 -8.53 -3.86
CA ARG H 655 -78.17 -9.66 -4.39
C ARG H 655 -79.12 -10.56 -5.19
N LEU H 656 -78.55 -11.55 -5.90
CA LEU H 656 -79.31 -12.36 -6.84
C LEU H 656 -80.47 -13.05 -6.14
N SER H 657 -80.21 -13.54 -4.93
CA SER H 657 -81.14 -14.38 -4.18
C SER H 657 -82.38 -13.62 -3.73
N ASN H 658 -82.40 -12.28 -3.86
CA ASN H 658 -83.59 -11.50 -3.59
C ASN H 658 -84.02 -10.68 -4.81
N PHE H 659 -83.26 -10.77 -5.91
CA PHE H 659 -83.68 -10.26 -7.20
C PHE H 659 -84.74 -11.18 -7.80
N VAL H 660 -84.63 -12.47 -7.47
CA VAL H 660 -85.38 -13.54 -8.11
C VAL H 660 -86.89 -13.33 -7.95
N THR H 661 -87.64 -13.69 -9.01
CA THR H 661 -89.09 -13.85 -8.99
C THR H 661 -89.41 -15.34 -9.00
N PRO H 662 -90.68 -15.76 -8.74
CA PRO H 662 -91.06 -17.17 -8.80
C PRO H 662 -90.62 -17.92 -10.05
N ASN H 663 -90.72 -17.26 -11.22
CA ASN H 663 -90.42 -17.85 -12.51
C ASN H 663 -88.92 -17.88 -12.78
N MET H 664 -88.09 -17.61 -11.75
CA MET H 664 -86.65 -17.78 -11.81
C MET H 664 -86.18 -18.77 -10.74
N ALA H 665 -84.94 -19.26 -10.91
CA ALA H 665 -84.30 -20.18 -9.99
C ALA H 665 -82.78 -19.99 -10.02
N ILE H 666 -82.13 -20.16 -8.85
CA ILE H 666 -80.68 -20.10 -8.71
C ILE H 666 -80.17 -21.47 -8.28
N GLN H 667 -78.93 -21.81 -8.64
CA GLN H 667 -78.32 -23.05 -8.20
C GLN H 667 -76.80 -22.89 -8.08
N SER H 668 -76.25 -23.33 -6.94
CA SER H 668 -74.80 -23.37 -6.74
C SER H 668 -74.20 -24.47 -7.59
N VAL H 669 -73.31 -24.07 -8.52
CA VAL H 669 -72.55 -25.02 -9.32
C VAL H 669 -71.09 -24.89 -8.92
N ASN H 670 -70.32 -25.98 -9.13
CA ASN H 670 -68.89 -26.00 -8.87
C ASN H 670 -68.17 -26.45 -10.13
N VAL H 671 -67.22 -25.63 -10.60
CA VAL H 671 -66.50 -25.86 -11.84
C VAL H 671 -65.11 -26.38 -11.50
N ILE H 672 -64.83 -27.64 -11.87
CA ILE H 672 -63.56 -28.30 -11.59
C ILE H 672 -62.77 -28.45 -12.89
N HIS H 673 -61.52 -27.96 -12.89
CA HIS H 673 -60.57 -28.23 -13.96
C HIS H 673 -59.70 -29.43 -13.59
N ILE H 674 -59.22 -30.15 -14.61
CA ILE H 674 -58.28 -31.25 -14.44
C ILE H 674 -57.23 -31.10 -15.54
N ASP H 675 -55.96 -30.92 -15.15
CA ASP H 675 -54.88 -30.71 -16.12
C ASP H 675 -54.46 -32.06 -16.71
N LYS H 676 -55.21 -32.50 -17.74
CA LYS H 676 -54.95 -33.72 -18.47
C LYS H 676 -55.40 -33.53 -19.92
N THR H 677 -54.85 -34.34 -20.85
CA THR H 677 -55.22 -34.26 -22.25
C THR H 677 -56.04 -35.48 -22.65
N VAL H 678 -57.35 -35.29 -22.82
CA VAL H 678 -58.26 -36.36 -23.21
C VAL H 678 -58.26 -36.46 -24.74
N PRO H 679 -58.46 -37.64 -25.36
CA PRO H 679 -58.72 -37.72 -26.81
C PRO H 679 -60.18 -37.46 -27.16
N ARG H 680 -60.47 -37.40 -28.47
CA ARG H 680 -61.80 -37.03 -28.96
C ARG H 680 -62.75 -38.23 -28.96
N THR H 681 -62.20 -39.43 -29.16
CA THR H 681 -62.97 -40.66 -29.29
C THR H 681 -64.18 -40.40 -30.17
N MET I 1 -88.91 20.00 29.22
CA MET I 1 -88.89 18.89 30.22
C MET I 1 -87.45 18.39 30.36
N ASN I 2 -87.28 17.29 31.13
CA ASN I 2 -85.97 16.71 31.39
C ASN I 2 -85.40 16.09 30.11
N TYR I 3 -86.28 15.45 29.33
CA TYR I 3 -85.91 14.68 28.15
C TYR I 3 -84.90 15.44 27.29
N LYS I 4 -85.16 16.74 27.07
CA LYS I 4 -84.26 17.58 26.28
C LYS I 4 -82.85 17.53 26.86
N LYS I 5 -82.73 17.61 28.19
CA LYS I 5 -81.43 17.62 28.87
C LYS I 5 -80.80 16.22 28.88
N ASN I 6 -81.62 15.16 28.76
CA ASN I 6 -81.15 13.78 28.85
C ASN I 6 -80.49 13.33 27.56
N LEU I 7 -80.91 13.90 26.43
CA LEU I 7 -80.33 13.61 25.13
C LEU I 7 -78.89 14.15 25.07
N LEU I 8 -78.66 15.32 25.69
CA LEU I 8 -77.36 15.96 25.73
C LEU I 8 -76.32 15.05 26.41
N LEU I 9 -76.79 14.11 27.24
CA LEU I 9 -75.90 13.17 27.92
C LEU I 9 -75.36 12.12 26.96
N LEU I 10 -76.03 11.93 25.81
CA LEU I 10 -75.56 10.99 24.80
C LEU I 10 -74.23 11.48 24.21
N TYR I 11 -74.06 12.81 24.11
CA TYR I 11 -72.85 13.42 23.57
C TYR I 11 -71.66 13.21 24.51
N ASP I 12 -71.93 12.84 25.77
CA ASP I 12 -70.88 12.66 26.78
C ASP I 12 -70.14 11.35 26.52
N ARG I 13 -68.80 11.43 26.45
CA ARG I 13 -67.91 10.27 26.33
C ARG I 13 -68.42 9.29 25.27
N PRO I 14 -68.24 9.62 23.96
CA PRO I 14 -68.91 8.90 22.88
C PRO I 14 -68.63 7.40 22.75
N ARG I 15 -67.47 6.96 23.24
CA ARG I 15 -67.02 5.59 23.08
C ARG I 15 -67.22 4.77 24.35
N GLU I 16 -67.42 5.44 25.50
CA GLU I 16 -67.83 4.75 26.72
C GLU I 16 -69.27 4.25 26.54
N PRO I 17 -69.56 2.95 26.76
CA PRO I 17 -70.93 2.42 26.67
C PRO I 17 -71.95 3.26 27.45
N ILE I 18 -73.20 3.27 26.99
CA ILE I 18 -74.21 4.21 27.48
C ILE I 18 -74.60 3.86 28.93
N PHE I 19 -74.28 2.63 29.36
CA PHE I 19 -74.63 2.17 30.69
C PHE I 19 -73.57 2.54 31.73
N MET I 20 -72.53 3.28 31.35
CA MET I 20 -71.44 3.61 32.26
C MET I 20 -71.72 4.89 33.04
N GLY I 21 -72.71 5.68 32.61
CA GLY I 21 -73.15 6.82 33.39
C GLY I 21 -72.45 8.12 32.98
N LYS I 22 -73.27 9.09 32.53
CA LYS I 22 -72.81 10.35 31.95
C LYS I 22 -73.16 11.50 32.88
N GLY I 23 -72.16 12.34 33.19
CA GLY I 23 -72.33 13.43 34.13
C GLY I 23 -72.72 12.90 35.51
N LYS I 24 -73.81 13.47 36.07
CA LYS I 24 -74.32 13.09 37.38
C LYS I 24 -75.53 12.17 37.25
N SER I 25 -75.63 11.45 36.11
CA SER I 25 -76.77 10.59 35.84
C SER I 25 -76.28 9.23 35.31
N VAL I 26 -77.23 8.30 35.10
CA VAL I 26 -76.95 7.00 34.50
C VAL I 26 -78.26 6.47 33.91
N PHE I 27 -78.16 5.69 32.83
CA PHE I 27 -79.33 5.16 32.13
C PHE I 27 -79.63 3.74 32.63
N ASP I 28 -80.93 3.44 32.81
CA ASP I 28 -81.40 2.15 33.26
C ASP I 28 -81.90 1.39 32.04
N VAL I 29 -80.95 0.82 31.28
CA VAL I 29 -81.20 0.28 29.96
C VAL I 29 -81.76 -1.12 30.07
N PRO I 30 -82.82 -1.48 29.30
CA PRO I 30 -83.23 -2.88 29.15
C PRO I 30 -82.07 -3.81 28.75
N ASP I 31 -82.26 -5.11 28.91
CA ASP I 31 -81.23 -6.09 28.58
C ASP I 31 -81.21 -6.36 27.08
N ASN I 32 -82.34 -6.14 26.40
CA ASN I 32 -82.39 -6.27 24.94
C ASN I 32 -81.80 -5.01 24.28
N TYR I 33 -81.44 -4.01 25.10
CA TYR I 33 -80.78 -2.79 24.64
C TYR I 33 -79.25 -2.93 24.78
N LEU I 34 -78.79 -3.91 25.56
CA LEU I 34 -77.37 -4.19 25.72
C LEU I 34 -76.79 -4.78 24.45
N THR I 35 -75.52 -4.48 24.18
CA THR I 35 -74.80 -4.97 23.02
C THR I 35 -74.52 -6.46 23.19
N ASP I 36 -74.41 -7.17 22.05
CA ASP I 36 -74.22 -8.62 22.07
C ASP I 36 -72.98 -9.00 22.87
N ARG I 37 -71.96 -8.15 22.85
CA ARG I 37 -70.72 -8.39 23.58
C ARG I 37 -70.99 -8.39 25.08
N TYR I 38 -71.80 -7.43 25.56
CA TYR I 38 -71.96 -7.17 26.98
C TYR I 38 -73.25 -7.74 27.54
N ARG I 39 -74.23 -8.08 26.69
CA ARG I 39 -75.52 -8.61 27.13
C ARG I 39 -75.31 -9.85 27.99
N PRO I 40 -74.48 -10.84 27.60
CA PRO I 40 -74.26 -12.03 28.42
C PRO I 40 -73.69 -11.84 29.82
N ILE I 41 -73.34 -10.60 30.18
CA ILE I 41 -72.92 -10.29 31.54
C ILE I 41 -73.61 -9.00 32.01
N GLY I 42 -74.82 -8.75 31.49
CA GLY I 42 -75.61 -7.58 31.83
C GLY I 42 -75.80 -7.40 33.33
N PRO I 43 -76.27 -8.45 34.06
CA PRO I 43 -76.41 -8.38 35.53
C PRO I 43 -75.23 -7.80 36.30
N GLU I 44 -74.00 -8.11 35.87
CA GLU I 44 -72.79 -7.71 36.57
C GLU I 44 -72.51 -6.23 36.33
N ILE I 45 -73.06 -5.67 35.24
CA ILE I 45 -72.71 -4.34 34.77
C ILE I 45 -73.63 -3.29 35.38
N GLN I 46 -74.95 -3.42 35.15
CA GLN I 46 -75.92 -2.43 35.61
C GLN I 46 -75.67 -2.08 37.09
N ASN I 47 -75.28 -3.10 37.85
CA ASN I 47 -75.00 -2.98 39.27
C ASN I 47 -73.67 -2.24 39.50
N ARG I 48 -72.66 -2.63 38.72
CA ARG I 48 -71.27 -2.19 38.88
C ARG I 48 -71.11 -0.69 38.64
N PHE I 49 -71.93 -0.12 37.74
CA PHE I 49 -71.83 1.28 37.35
C PHE I 49 -73.00 2.09 37.90
N GLY I 50 -73.89 1.44 38.65
CA GLY I 50 -74.99 2.10 39.34
C GLY I 50 -74.51 3.13 40.38
N GLU I 51 -73.30 2.90 40.94
CA GLU I 51 -72.74 3.72 42.00
C GLU I 51 -72.35 5.12 41.50
N LEU I 52 -72.26 6.06 42.44
CA LEU I 52 -71.82 7.44 42.24
C LEU I 52 -72.85 8.26 41.45
N ALA I 53 -74.07 7.74 41.23
CA ALA I 53 -75.03 8.40 40.36
C ALA I 53 -76.15 9.02 41.20
N GLU I 54 -76.43 10.30 40.99
CA GLU I 54 -77.55 10.98 41.64
C GLU I 54 -78.87 10.48 41.03
N GLU I 55 -79.02 10.68 39.71
CA GLU I 55 -80.25 10.38 39.01
C GLU I 55 -80.10 9.05 38.27
N ARG I 56 -81.24 8.40 38.01
CA ARG I 56 -81.32 7.21 37.19
C ARG I 56 -82.44 7.38 36.17
N ILE I 57 -82.06 7.41 34.89
CA ILE I 57 -82.99 7.71 33.81
C ILE I 57 -83.57 6.39 33.33
N PRO I 58 -84.91 6.20 33.41
CA PRO I 58 -85.55 5.00 32.85
C PRO I 58 -85.65 5.13 31.33
N VAL I 59 -85.76 3.99 30.64
CA VAL I 59 -85.93 3.99 29.19
C VAL I 59 -86.88 2.87 28.80
N ARG I 60 -88.00 3.24 28.16
CA ARG I 60 -89.05 2.31 27.74
C ARG I 60 -88.60 1.56 26.50
N SER I 61 -88.90 0.25 26.46
CA SER I 61 -88.54 -0.62 25.34
C SER I 61 -89.56 -0.48 24.22
N ILE I 62 -89.13 0.02 23.04
CA ILE I 62 -90.04 0.34 21.96
C ILE I 62 -89.70 -0.57 20.77
N ALA I 63 -90.34 -0.32 19.62
CA ALA I 63 -90.24 -1.15 18.43
C ALA I 63 -88.86 -1.05 17.79
N LEU I 64 -88.47 0.18 17.41
CA LEU I 64 -87.17 0.50 16.83
C LEU I 64 -87.14 0.07 15.37
N PRO I 65 -87.11 1.02 14.40
CA PRO I 65 -86.97 0.66 12.98
C PRO I 65 -85.72 -0.18 12.73
N ASP I 66 -85.63 -0.79 11.55
CA ASP I 66 -84.46 -1.58 11.19
C ASP I 66 -83.24 -0.66 11.19
N LEU I 67 -82.19 -1.05 11.92
CA LEU I 67 -80.96 -0.28 12.04
C LEU I 67 -79.82 -0.96 11.28
N ARG I 68 -80.16 -1.78 10.26
CA ARG I 68 -79.19 -2.48 9.46
C ARG I 68 -78.26 -1.48 8.77
N ILE I 69 -78.87 -0.57 8.00
CA ILE I 69 -78.12 0.38 7.19
C ILE I 69 -77.24 1.23 8.10
N PRO I 70 -77.79 1.93 9.13
CA PRO I 70 -76.96 2.64 10.11
C PRO I 70 -75.78 1.86 10.70
N MET I 71 -75.97 0.55 10.88
CA MET I 71 -74.96 -0.28 11.49
C MET I 71 -73.99 -0.84 10.45
N SER I 72 -74.23 -0.58 9.15
CA SER I 72 -73.36 -1.13 8.11
C SER I 72 -71.94 -0.58 8.28
N LEU I 73 -71.82 0.73 8.57
CA LEU I 73 -70.53 1.38 8.82
C LEU I 73 -69.90 0.79 10.08
N GLY I 74 -68.63 0.38 9.98
CA GLY I 74 -67.89 -0.15 11.12
C GLY I 74 -67.79 0.85 12.26
N ARG I 75 -67.54 0.36 13.48
CA ARG I 75 -67.47 1.21 14.66
C ARG I 75 -66.11 1.91 14.76
N GLN I 76 -65.08 1.23 14.26
CA GLN I 76 -63.72 1.74 14.31
C GLN I 76 -63.32 2.37 12.98
N GLU I 77 -64.33 2.77 12.19
CA GLU I 77 -64.11 3.37 10.88
C GLU I 77 -64.32 4.88 10.97
N GLN I 78 -63.78 5.61 9.98
CA GLN I 78 -63.94 7.05 9.87
C GLN I 78 -65.29 7.32 9.18
N PHE I 79 -65.84 8.52 9.37
CA PHE I 79 -67.10 8.93 8.77
C PHE I 79 -66.96 10.31 8.12
N SER I 80 -67.29 10.38 6.83
CA SER I 80 -67.28 11.60 6.04
C SER I 80 -68.53 11.65 5.17
N LEU I 81 -69.10 12.86 5.06
CA LEU I 81 -70.32 13.10 4.32
C LEU I 81 -70.03 13.28 2.83
N PHE I 82 -68.75 13.28 2.45
CA PHE I 82 -68.35 13.45 1.06
C PHE I 82 -68.42 12.12 0.33
N ILE I 83 -68.18 11.02 1.08
CA ILE I 83 -68.18 9.68 0.53
C ILE I 83 -69.60 9.26 0.19
N PRO I 84 -69.90 8.84 -1.06
CA PRO I 84 -71.29 8.59 -1.49
C PRO I 84 -72.09 7.68 -0.55
N ARG I 85 -71.43 6.64 -0.04
CA ARG I 85 -72.08 5.57 0.70
C ARG I 85 -72.51 6.06 2.07
N HIS I 86 -71.61 6.78 2.75
CA HIS I 86 -71.86 7.34 4.06
C HIS I 86 -73.09 8.24 4.02
N ARG I 87 -73.25 9.00 2.92
CA ARG I 87 -74.37 9.91 2.75
C ARG I 87 -75.69 9.16 2.88
N LYS I 88 -75.76 7.96 2.27
CA LYS I 88 -76.95 7.15 2.24
C LYS I 88 -77.23 6.56 3.63
N ILE I 89 -76.17 6.25 4.38
CA ILE I 89 -76.27 5.70 5.72
C ILE I 89 -76.77 6.77 6.69
N ALA I 90 -76.11 7.93 6.69
CA ALA I 90 -76.46 9.02 7.59
C ALA I 90 -77.88 9.49 7.31
N ALA I 91 -78.19 9.74 6.04
CA ALA I 91 -79.48 10.27 5.63
C ALA I 91 -80.60 9.31 6.04
N ARG I 92 -80.27 8.03 6.16
CA ARG I 92 -81.22 7.00 6.60
C ARG I 92 -81.42 7.06 8.11
N LEU I 93 -80.32 7.24 8.85
CA LEU I 93 -80.37 7.32 10.30
C LEU I 93 -81.07 8.63 10.69
N ILE I 94 -80.64 9.75 10.11
CA ILE I 94 -81.28 11.03 10.32
C ILE I 94 -82.79 10.84 10.19
N ASP I 95 -83.19 10.05 9.18
CA ASP I 95 -84.59 9.78 8.86
C ASP I 95 -85.28 9.04 10.02
N ILE I 96 -84.56 8.15 10.69
CA ILE I 96 -85.10 7.38 11.82
C ILE I 96 -85.35 8.32 13.00
N PHE I 97 -84.30 8.99 13.48
CA PHE I 97 -84.39 9.94 14.58
C PHE I 97 -85.44 11.01 14.26
N MET I 98 -85.44 11.51 13.02
CA MET I 98 -86.39 12.53 12.58
C MET I 98 -87.81 11.98 12.64
N GLY I 99 -87.96 10.68 12.42
CA GLY I 99 -89.27 10.03 12.27
C GLY I 99 -89.87 9.55 13.60
N MET I 100 -89.19 9.77 14.72
CA MET I 100 -89.72 9.44 16.03
C MET I 100 -90.59 10.62 16.51
N ARG I 101 -91.91 10.40 16.54
CA ARG I 101 -92.94 11.39 16.83
C ARG I 101 -92.68 12.11 18.16
N ASN I 102 -92.33 11.35 19.21
CA ASN I 102 -92.29 11.84 20.58
C ASN I 102 -90.83 12.02 20.98
N ILE I 103 -90.60 12.91 21.96
CA ILE I 103 -89.25 13.21 22.43
C ILE I 103 -88.80 12.08 23.37
N GLU I 104 -89.73 11.20 23.76
CA GLU I 104 -89.42 10.09 24.65
C GLU I 104 -88.92 8.89 23.84
N GLU I 105 -89.54 8.68 22.65
CA GLU I 105 -89.14 7.59 21.77
C GLU I 105 -87.81 7.91 21.09
N LEU I 106 -87.55 9.21 20.85
CA LEU I 106 -86.27 9.67 20.34
C LEU I 106 -85.17 9.29 21.32
N GLN I 107 -85.46 9.43 22.62
CA GLN I 107 -84.52 9.10 23.68
C GLN I 107 -84.29 7.59 23.72
N SER I 108 -85.34 6.81 23.46
CA SER I 108 -85.27 5.36 23.52
C SER I 108 -84.51 4.81 22.31
N CYS I 109 -84.88 5.27 21.11
CA CYS I 109 -84.20 4.91 19.89
C CYS I 109 -82.70 5.21 19.99
N ALA I 110 -82.39 6.42 20.47
CA ALA I 110 -81.02 6.90 20.59
C ALA I 110 -80.21 6.00 21.51
N VAL I 111 -80.75 5.75 22.71
CA VAL I 111 -80.04 5.02 23.74
C VAL I 111 -79.64 3.63 23.24
N PHE I 112 -80.55 3.00 22.48
CA PHE I 112 -80.32 1.69 21.89
C PHE I 112 -79.21 1.77 20.85
N ALA I 113 -79.42 2.62 19.84
CA ALA I 113 -78.54 2.75 18.69
C ALA I 113 -77.11 3.12 19.08
N ARG I 114 -76.98 4.01 20.08
CA ARG I 114 -75.74 4.71 20.37
C ARG I 114 -74.53 3.77 20.37
N ASP I 115 -74.66 2.58 20.96
CA ASP I 115 -73.49 1.71 21.15
C ASP I 115 -73.37 0.67 20.04
N ARG I 116 -74.12 0.85 18.95
CA ARG I 116 -74.11 -0.08 17.82
C ARG I 116 -73.56 0.59 16.56
N ILE I 117 -73.61 1.93 16.48
CA ILE I 117 -73.23 2.63 15.28
C ILE I 117 -71.97 3.47 15.54
N ASN I 118 -71.35 3.94 14.45
CA ASN I 118 -70.10 4.69 14.47
C ASN I 118 -70.29 6.01 15.22
N PRO I 119 -69.53 6.26 16.31
CA PRO I 119 -69.66 7.50 17.09
C PRO I 119 -69.75 8.80 16.28
N TYR I 120 -68.83 8.97 15.32
CA TYR I 120 -68.81 10.15 14.47
C TYR I 120 -70.14 10.30 13.74
N LEU I 121 -70.66 9.17 13.25
CA LEU I 121 -71.92 9.12 12.51
C LEU I 121 -73.09 9.44 13.44
N PHE I 122 -73.12 8.79 14.60
CA PHE I 122 -74.14 9.03 15.62
C PHE I 122 -74.23 10.53 15.92
N ASN I 123 -73.09 11.13 16.28
CA ASN I 123 -73.02 12.55 16.61
C ASN I 123 -73.65 13.41 15.51
N TYR I 124 -73.31 13.13 14.25
CA TYR I 124 -73.84 13.87 13.11
C TYR I 124 -75.35 13.67 13.03
N ALA I 125 -75.77 12.41 12.98
CA ALA I 125 -77.17 12.06 12.78
C ALA I 125 -78.06 12.66 13.87
N LEU I 126 -77.59 12.64 15.12
CA LEU I 126 -78.31 13.22 16.24
C LEU I 126 -78.36 14.73 16.10
N SER I 127 -77.19 15.36 15.97
CA SER I 127 -77.05 16.80 15.79
C SER I 127 -78.07 17.32 14.77
N VAL I 128 -78.19 16.62 13.62
CA VAL I 128 -79.06 17.06 12.54
C VAL I 128 -80.53 16.91 12.95
N ALA I 129 -80.86 15.82 13.63
CA ALA I 129 -82.21 15.55 14.07
C ALA I 129 -82.68 16.60 15.08
N LEU I 130 -81.88 16.80 16.14
CA LEU I 130 -82.21 17.73 17.21
C LEU I 130 -82.40 19.13 16.64
N LEU I 131 -81.51 19.56 15.74
CA LEU I 131 -81.48 20.93 15.24
C LEU I 131 -82.73 21.22 14.40
N HIS I 132 -83.39 20.17 13.88
CA HIS I 132 -84.44 20.35 12.89
C HIS I 132 -85.73 19.62 13.26
N ARG I 133 -85.87 19.23 14.52
CA ARG I 133 -87.17 18.86 15.08
C ARG I 133 -87.75 20.09 15.79
N ARG I 134 -89.06 20.08 16.03
CA ARG I 134 -89.75 21.22 16.60
C ARG I 134 -89.73 21.17 18.12
N ASP I 135 -89.74 19.97 18.71
CA ASP I 135 -89.76 19.81 20.15
C ASP I 135 -88.38 20.05 20.77
N THR I 136 -87.31 19.87 19.97
CA THR I 136 -85.94 19.95 20.44
C THR I 136 -85.28 21.24 19.95
N LYS I 137 -86.02 22.36 19.97
CA LYS I 137 -85.50 23.62 19.44
C LYS I 137 -84.85 24.41 20.58
N ASN I 138 -83.95 25.33 20.19
CA ASN I 138 -83.19 26.18 21.07
C ASN I 138 -82.32 25.35 22.02
N LEU I 139 -82.01 24.11 21.63
CA LEU I 139 -81.24 23.20 22.45
C LEU I 139 -79.75 23.41 22.15
N ASP I 140 -78.98 23.59 23.22
CA ASP I 140 -77.58 24.00 23.08
C ASP I 140 -76.72 22.75 22.97
N LEU I 141 -76.33 22.42 21.74
CA LEU I 141 -75.55 21.22 21.45
C LEU I 141 -74.10 21.43 21.88
N PRO I 142 -73.48 20.46 22.61
CA PRO I 142 -72.09 20.62 23.06
C PRO I 142 -71.13 20.72 21.86
N SER I 143 -70.10 21.55 22.02
CA SER I 143 -69.12 21.77 20.97
C SER I 143 -68.48 20.44 20.59
N VAL I 144 -68.29 20.23 19.27
CA VAL I 144 -67.79 18.97 18.74
C VAL I 144 -66.30 18.81 19.07
N VAL I 145 -65.64 19.89 19.50
CA VAL I 145 -64.27 19.84 20.01
C VAL I 145 -64.25 19.03 21.31
N GLU I 146 -65.27 19.28 22.15
CA GLU I 146 -65.35 18.69 23.48
C GLU I 146 -65.71 17.21 23.38
N VAL I 147 -66.44 16.80 22.34
CA VAL I 147 -66.87 15.42 22.19
C VAL I 147 -65.87 14.63 21.33
N PHE I 148 -65.22 15.31 20.38
CA PHE I 148 -64.26 14.66 19.48
C PHE I 148 -63.00 15.52 19.39
N PRO I 149 -62.18 15.60 20.46
CA PRO I 149 -60.99 16.45 20.44
C PRO I 149 -59.91 15.98 19.45
N ASP I 150 -60.02 14.72 19.01
CA ASP I 150 -59.02 14.09 18.15
C ASP I 150 -58.93 14.78 16.78
N LYS I 151 -60.02 15.46 16.37
CA LYS I 151 -60.09 16.15 15.09
C LYS I 151 -59.58 17.59 15.18
N TYR I 152 -59.09 18.00 16.35
CA TYR I 152 -58.79 19.41 16.61
C TYR I 152 -57.45 19.59 17.34
N VAL I 153 -56.74 18.50 17.64
CA VAL I 153 -55.60 18.57 18.55
C VAL I 153 -54.52 17.56 18.13
N ASP I 154 -53.26 18.01 18.16
CA ASP I 154 -52.09 17.16 17.97
C ASP I 154 -52.23 15.90 18.83
N SER I 155 -51.98 14.74 18.23
CA SER I 155 -52.16 13.46 18.88
C SER I 155 -51.23 13.30 20.10
N ARG I 156 -50.17 14.11 20.15
CA ARG I 156 -49.15 14.00 21.19
C ARG I 156 -49.75 14.23 22.58
N VAL I 157 -50.77 15.10 22.67
CA VAL I 157 -51.29 15.51 23.96
C VAL I 157 -52.00 14.36 24.65
N PHE I 158 -52.57 13.43 23.87
CA PHE I 158 -53.49 12.43 24.41
C PHE I 158 -52.83 11.58 25.49
N GLU I 159 -51.55 11.22 25.29
CA GLU I 159 -50.83 10.39 26.25
C GLU I 159 -50.36 11.22 27.46
N GLN I 160 -50.34 12.55 27.31
CA GLN I 160 -50.08 13.46 28.42
C GLN I 160 -51.33 13.61 29.29
N ILE I 161 -52.49 13.73 28.64
CA ILE I 161 -53.78 13.86 29.31
C ILE I 161 -54.08 12.59 30.10
N ARG I 162 -53.70 11.44 29.54
CA ARG I 162 -53.90 10.15 30.18
C ARG I 162 -53.01 10.06 31.42
N GLU I 163 -51.75 10.52 31.28
CA GLU I 163 -50.78 10.52 32.36
C GLU I 163 -51.26 11.44 33.49
N GLU I 164 -51.54 12.69 33.14
CA GLU I 164 -51.96 13.71 34.10
C GLU I 164 -53.20 13.26 34.87
N ALA I 165 -54.18 12.68 34.18
CA ALA I 165 -55.46 12.30 34.78
C ALA I 165 -55.29 11.10 35.72
N THR I 166 -54.30 10.25 35.45
CA THR I 166 -54.10 9.02 36.23
C THR I 166 -53.19 9.29 37.44
N VAL I 167 -52.17 10.15 37.27
CA VAL I 167 -51.15 10.34 38.29
C VAL I 167 -51.59 11.38 39.30
N VAL I 168 -52.00 12.57 38.81
CA VAL I 168 -52.21 13.75 39.63
C VAL I 168 -53.67 13.78 40.10
N PRO I 169 -53.95 14.09 41.40
CA PRO I 169 -55.32 14.29 41.87
C PRO I 169 -55.99 15.52 41.28
N GLU I 170 -57.31 15.42 41.06
CA GLU I 170 -58.14 16.54 40.64
C GLU I 170 -57.77 17.81 41.43
N GLY I 171 -57.99 18.97 40.82
CA GLY I 171 -57.76 20.24 41.49
C GLY I 171 -56.30 20.69 41.39
N MET I 172 -55.36 19.73 41.37
CA MET I 172 -53.94 20.01 41.23
C MET I 172 -53.48 19.78 39.79
N ARG I 173 -54.41 19.54 38.86
CA ARG I 173 -54.06 19.21 37.48
C ARG I 173 -53.64 20.47 36.71
N MET I 174 -52.48 20.39 36.04
CA MET I 174 -51.98 21.47 35.20
C MET I 174 -52.74 21.49 33.87
N PRO I 175 -53.09 22.68 33.33
CA PRO I 175 -53.66 22.77 31.99
C PRO I 175 -52.66 22.25 30.96
N ILE I 176 -53.16 21.43 30.00
CA ILE I 176 -52.35 20.88 28.94
C ILE I 176 -52.25 21.92 27.83
N VAL I 177 -51.04 22.35 27.47
CA VAL I 177 -50.86 23.31 26.40
C VAL I 177 -51.02 22.54 25.09
N ILE I 178 -51.80 23.10 24.15
CA ILE I 178 -52.00 22.49 22.85
C ILE I 178 -50.96 23.06 21.89
N PRO I 179 -50.10 22.22 21.26
CA PRO I 179 -49.07 22.73 20.35
C PRO I 179 -49.68 23.52 19.18
N LYS I 180 -49.02 24.63 18.83
CA LYS I 180 -49.38 25.43 17.67
C LYS I 180 -48.19 25.44 16.71
N ASP I 181 -48.45 25.68 15.42
CA ASP I 181 -47.42 25.69 14.39
C ASP I 181 -46.57 24.42 14.54
N PHE I 182 -47.21 23.26 14.34
CA PHE I 182 -46.65 21.96 14.69
C PHE I 182 -46.70 20.99 13.52
N THR I 183 -47.33 21.38 12.39
CA THR I 183 -47.54 20.49 11.27
C THR I 183 -46.36 20.57 10.28
N ALA I 184 -45.63 21.69 10.29
CA ALA I 184 -44.51 21.89 9.36
C ALA I 184 -43.53 22.93 9.92
N SER I 185 -42.25 22.81 9.52
CA SER I 185 -41.20 23.75 9.92
C SER I 185 -41.13 24.92 8.95
N ASP I 186 -40.09 25.75 9.08
CA ASP I 186 -39.97 27.01 8.36
C ASP I 186 -39.43 26.79 6.95
N LEU I 187 -38.98 25.57 6.64
CA LEU I 187 -38.62 25.18 5.29
C LEU I 187 -39.87 25.21 4.40
N ASP I 188 -41.04 24.94 5.00
CA ASP I 188 -42.32 25.07 4.32
C ASP I 188 -42.93 26.42 4.69
N GLU I 189 -43.00 27.33 3.71
CA GLU I 189 -43.49 28.69 3.93
C GLU I 189 -44.98 28.68 4.30
N GLU I 190 -45.67 27.59 3.96
CA GLU I 190 -47.09 27.42 4.23
C GLU I 190 -47.37 27.34 5.73
N HIS I 191 -46.35 26.97 6.52
CA HIS I 191 -46.52 26.75 7.95
C HIS I 191 -46.95 28.04 8.66
N ARG I 192 -46.76 29.20 8.01
CA ARG I 192 -47.02 30.49 8.61
C ARG I 192 -48.52 30.71 8.83
N LEU I 193 -49.35 30.00 8.07
CA LEU I 193 -50.80 30.20 8.07
C LEU I 193 -51.49 29.24 9.04
N TRP I 194 -50.71 28.63 9.95
CA TRP I 194 -51.24 27.72 10.97
C TRP I 194 -52.39 28.38 11.74
N TYR I 195 -52.24 29.67 12.08
CA TYR I 195 -53.16 30.39 12.95
C TYR I 195 -54.53 30.56 12.28
N PHE I 196 -54.63 30.19 10.99
CA PHE I 196 -55.87 30.30 10.25
C PHE I 196 -56.37 28.90 9.86
N ARG I 197 -55.52 28.16 9.14
CA ARG I 197 -55.84 26.81 8.69
C ARG I 197 -56.19 25.90 9.87
N GLU I 198 -55.39 25.97 10.94
CA GLU I 198 -55.46 25.01 12.03
C GLU I 198 -56.16 25.58 13.25
N ASP I 199 -56.65 26.82 13.15
CA ASP I 199 -57.39 27.45 14.23
C ASP I 199 -58.68 26.67 14.50
N ILE I 200 -58.92 26.36 15.78
CA ILE I 200 -60.12 25.66 16.22
C ILE I 200 -61.37 26.38 15.71
N GLY I 201 -61.38 27.70 15.86
CA GLY I 201 -62.54 28.52 15.57
C GLY I 201 -63.07 28.30 14.15
N VAL I 202 -62.20 28.47 13.16
CA VAL I 202 -62.63 28.54 11.77
C VAL I 202 -63.01 27.13 11.31
N ASN I 203 -62.36 26.10 11.87
CA ASN I 203 -62.69 24.71 11.56
C ASN I 203 -64.08 24.35 12.09
N LEU I 204 -64.45 24.93 13.24
CA LEU I 204 -65.77 24.73 13.82
C LEU I 204 -66.83 25.43 12.98
N HIS I 205 -66.53 26.65 12.54
CA HIS I 205 -67.45 27.41 11.71
C HIS I 205 -67.79 26.64 10.43
N HIS I 206 -66.76 26.03 9.82
CA HIS I 206 -66.92 25.31 8.56
C HIS I 206 -67.80 24.08 8.80
N TRP I 207 -67.46 23.28 9.81
CA TRP I 207 -68.21 22.08 10.16
C TRP I 207 -69.69 22.42 10.39
N HIS I 208 -69.95 23.50 11.15
CA HIS I 208 -71.30 23.87 11.54
C HIS I 208 -72.09 24.39 10.34
N TRP I 209 -71.45 25.15 9.45
CA TRP I 209 -72.12 25.68 8.27
C TRP I 209 -72.71 24.54 7.45
N HIS I 210 -71.97 23.43 7.33
CA HIS I 210 -72.40 22.27 6.58
C HIS I 210 -73.47 21.48 7.34
N LEU I 211 -73.55 21.65 8.67
CA LEU I 211 -74.62 21.06 9.47
C LEU I 211 -75.98 21.69 9.11
N VAL I 212 -76.03 23.02 9.01
CA VAL I 212 -77.29 23.75 8.94
C VAL I 212 -77.70 23.89 7.47
N TYR I 213 -76.74 23.74 6.54
CA TYR I 213 -77.02 23.74 5.12
C TYR I 213 -76.46 22.47 4.48
N PRO I 214 -77.00 21.28 4.78
CA PRO I 214 -76.59 20.05 4.07
C PRO I 214 -77.00 20.14 2.61
N PHE I 215 -76.47 19.20 1.81
CA PHE I 215 -76.73 19.16 0.38
C PHE I 215 -77.47 17.86 0.03
N GLU I 216 -77.82 17.06 1.04
CA GLU I 216 -78.46 15.77 0.82
C GLU I 216 -79.25 15.37 2.07
N ALA I 217 -80.49 14.87 1.88
CA ALA I 217 -81.29 14.20 2.90
C ALA I 217 -82.75 14.08 2.45
N SER I 218 -83.41 15.25 2.32
CA SER I 218 -84.78 15.41 1.85
C SER I 218 -85.12 16.91 1.92
N ASN I 219 -85.72 17.48 0.86
CA ASN I 219 -85.84 18.93 0.74
C ASN I 219 -86.66 19.49 1.92
N ARG I 220 -87.64 18.71 2.36
CA ARG I 220 -88.44 19.00 3.54
C ARG I 220 -87.67 18.68 4.83
N ALA I 221 -86.67 17.79 4.72
CA ALA I 221 -85.70 17.55 5.78
C ALA I 221 -84.50 18.49 5.61
N ILE I 222 -84.73 19.76 5.25
CA ILE I 222 -83.87 20.87 5.64
C ILE I 222 -82.82 21.15 4.56
N VAL I 223 -82.98 20.56 3.37
CA VAL I 223 -82.00 20.80 2.32
C VAL I 223 -82.26 22.17 1.68
N ASP I 224 -83.53 22.50 1.48
CA ASP I 224 -83.90 23.64 0.62
C ASP I 224 -84.07 24.92 1.46
N LYS I 225 -82.94 25.55 1.79
CA LYS I 225 -82.91 26.84 2.46
C LYS I 225 -82.73 27.95 1.44
N ASP I 226 -83.30 29.13 1.71
CA ASP I 226 -83.25 30.24 0.78
C ASP I 226 -81.80 30.54 0.41
N ARG I 227 -81.54 30.54 -0.91
CA ARG I 227 -80.28 30.99 -1.47
C ARG I 227 -79.08 30.24 -0.90
N ARG I 228 -79.25 28.94 -0.59
CA ARG I 228 -78.16 28.16 -0.02
C ARG I 228 -77.05 27.96 -1.04
N GLY I 229 -77.43 27.95 -2.33
CA GLY I 229 -76.46 27.89 -3.42
C GLY I 229 -75.56 29.11 -3.41
N GLU I 230 -76.16 30.31 -3.37
CA GLU I 230 -75.41 31.55 -3.32
C GLU I 230 -74.60 31.58 -2.02
N LEU I 231 -75.18 31.05 -0.94
CA LEU I 231 -74.50 31.00 0.35
C LEU I 231 -73.21 30.19 0.19
N PHE I 232 -73.33 29.00 -0.41
CA PHE I 232 -72.22 28.11 -0.65
C PHE I 232 -71.13 28.82 -1.45
N TYR I 233 -71.53 29.57 -2.48
CA TYR I 233 -70.61 30.35 -3.27
C TYR I 233 -69.89 31.36 -2.35
N TYR I 234 -70.68 32.19 -1.67
CA TYR I 234 -70.18 33.39 -1.00
C TYR I 234 -69.32 33.02 0.21
N MET I 235 -69.86 32.18 1.10
CA MET I 235 -69.16 31.79 2.30
C MET I 235 -67.76 31.27 1.96
N HIS I 236 -67.68 30.27 1.07
CA HIS I 236 -66.41 29.69 0.66
C HIS I 236 -65.55 30.76 -0.04
N SER I 237 -66.19 31.65 -0.80
CA SER I 237 -65.50 32.73 -1.50
C SER I 237 -64.85 33.71 -0.53
N GLN I 238 -65.49 33.92 0.63
CA GLN I 238 -64.97 34.78 1.69
C GLN I 238 -63.83 34.09 2.45
N LEU I 239 -63.89 32.76 2.56
CA LEU I 239 -62.80 32.01 3.17
C LEU I 239 -61.49 32.31 2.45
N ILE I 240 -61.52 32.36 1.11
CA ILE I 240 -60.32 32.50 0.31
C ILE I 240 -59.86 33.96 0.31
N ALA I 241 -60.83 34.90 0.29
CA ALA I 241 -60.55 36.32 0.42
C ALA I 241 -59.79 36.61 1.72
N ARG I 242 -60.27 36.01 2.81
CA ARG I 242 -59.65 36.14 4.12
C ARG I 242 -58.30 35.43 4.16
N TYR I 243 -58.22 34.26 3.50
CA TYR I 243 -56.99 33.47 3.44
C TYR I 243 -55.94 34.27 2.67
N ASN I 244 -56.34 34.81 1.50
CA ASN I 244 -55.45 35.59 0.65
C ASN I 244 -54.95 36.83 1.40
N PHE I 245 -55.80 37.40 2.27
CA PHE I 245 -55.41 38.52 3.11
C PHE I 245 -54.27 38.06 4.03
N GLU I 246 -54.53 36.97 4.76
CA GLU I 246 -53.57 36.45 5.73
C GLU I 246 -52.28 36.04 5.03
N ARG I 247 -52.36 35.62 3.76
CA ARG I 247 -51.17 35.28 2.99
C ARG I 247 -50.28 36.51 2.84
N PHE I 248 -50.89 37.65 2.48
CA PHE I 248 -50.16 38.88 2.25
C PHE I 248 -49.49 39.38 3.53
N CYS I 249 -50.05 39.00 4.69
CA CYS I 249 -49.50 39.37 5.98
C CYS I 249 -48.37 38.42 6.42
N ASN I 250 -48.04 37.43 5.58
CA ASN I 250 -46.97 36.49 5.86
C ASN I 250 -46.01 36.43 4.68
N ARG I 251 -45.94 37.53 3.91
CA ARG I 251 -44.97 37.70 2.84
C ARG I 251 -45.12 36.63 1.75
N LEU I 252 -46.36 36.20 1.49
CA LEU I 252 -46.68 35.20 0.48
C LEU I 252 -47.54 35.85 -0.61
N GLN I 253 -47.62 35.20 -1.78
CA GLN I 253 -48.45 35.64 -2.88
C GLN I 253 -49.85 35.08 -2.70
N ARG I 254 -50.79 35.51 -3.55
CA ARG I 254 -52.17 35.01 -3.52
C ARG I 254 -52.16 33.52 -3.85
N VAL I 255 -53.12 32.78 -3.28
CA VAL I 255 -53.20 31.35 -3.46
C VAL I 255 -53.40 31.05 -4.94
N LYS I 256 -52.60 30.12 -5.48
CA LYS I 256 -52.73 29.66 -6.86
C LYS I 256 -53.78 28.54 -6.90
N ARG I 257 -54.70 28.65 -7.87
CA ARG I 257 -55.77 27.69 -8.06
C ARG I 257 -55.20 26.35 -8.54
N LEU I 258 -56.02 25.29 -8.48
CA LEU I 258 -55.69 24.01 -9.11
C LEU I 258 -56.04 24.08 -10.59
N ASN I 259 -55.12 24.72 -11.35
CA ASN I 259 -55.19 24.87 -12.80
C ASN I 259 -55.78 23.60 -13.42
N ASN I 260 -55.03 22.49 -13.30
CA ASN I 260 -55.38 21.23 -13.94
C ASN I 260 -54.89 20.06 -13.08
N LEU I 261 -55.67 18.97 -13.11
CA LEU I 261 -55.63 17.92 -12.10
C LEU I 261 -54.53 16.89 -12.40
N ARG I 262 -53.91 16.98 -13.59
CA ARG I 262 -52.91 16.02 -14.02
C ARG I 262 -51.53 16.41 -13.50
N GLU I 263 -51.31 17.72 -13.36
CA GLU I 263 -50.06 18.26 -12.83
C GLU I 263 -49.95 17.92 -11.34
N PRO I 264 -48.74 17.59 -10.83
CA PRO I 264 -48.54 17.33 -9.38
C PRO I 264 -49.00 18.45 -8.44
N ILE I 265 -49.31 18.05 -7.19
CA ILE I 265 -49.65 19.01 -6.13
C ILE I 265 -48.39 19.26 -5.30
N ALA I 266 -47.85 20.47 -5.40
CA ALA I 266 -46.57 20.85 -4.84
C ALA I 266 -46.58 20.73 -3.31
N GLU I 267 -47.63 21.26 -2.68
CA GLU I 267 -47.70 21.39 -1.23
C GLU I 267 -48.32 20.13 -0.64
N GLY I 268 -47.48 19.31 0.04
CA GLY I 268 -47.97 18.23 0.89
C GLY I 268 -48.43 18.75 2.25
N TYR I 269 -49.07 17.89 3.04
CA TYR I 269 -49.54 18.26 4.37
C TYR I 269 -49.77 17.00 5.21
N PHE I 270 -48.98 16.85 6.27
CA PHE I 270 -49.19 15.83 7.30
C PHE I 270 -49.88 16.47 8.50
N PRO I 271 -51.15 16.12 8.81
CA PRO I 271 -51.97 16.88 9.76
C PRO I 271 -51.70 16.63 11.24
N LYS I 272 -51.08 15.48 11.54
CA LYS I 272 -50.64 15.10 12.88
C LYS I 272 -51.83 14.80 13.80
N LEU I 273 -52.94 14.32 13.22
CA LEU I 273 -54.12 13.97 13.99
C LEU I 273 -54.20 12.44 14.11
N ASP I 274 -54.74 11.97 15.24
CA ASP I 274 -54.94 10.56 15.53
C ASP I 274 -56.39 10.35 15.95
N SER I 275 -57.16 9.66 15.11
CA SER I 275 -58.56 9.33 15.40
C SER I 275 -58.64 8.24 16.47
N LEU I 276 -59.15 8.60 17.65
CA LEU I 276 -59.30 7.66 18.77
C LEU I 276 -60.48 6.72 18.51
N VAL I 277 -61.39 7.12 17.62
CA VAL I 277 -62.53 6.31 17.23
C VAL I 277 -62.10 5.24 16.22
N ALA I 278 -61.25 5.61 15.26
CA ALA I 278 -60.69 4.68 14.29
C ALA I 278 -59.44 3.98 14.85
N SER I 279 -58.89 4.57 15.92
CA SER I 279 -57.71 4.11 16.63
C SER I 279 -56.45 4.18 15.74
N ARG I 280 -56.63 4.74 14.54
CA ARG I 280 -55.54 5.00 13.59
C ARG I 280 -55.29 6.51 13.53
N THR I 281 -54.29 6.92 12.74
CA THR I 281 -54.08 8.32 12.39
C THR I 281 -54.60 8.58 10.96
N TRP I 282 -54.93 9.84 10.69
CA TRP I 282 -55.21 10.33 9.34
C TRP I 282 -53.93 10.24 8.51
N PRO I 283 -53.98 9.73 7.25
CA PRO I 283 -52.79 9.69 6.40
C PRO I 283 -52.40 11.11 6.00
N GLY I 284 -51.09 11.30 5.74
CA GLY I 284 -50.59 12.53 5.15
C GLY I 284 -50.60 12.45 3.64
N ARG I 285 -50.33 13.59 2.98
CA ARG I 285 -50.06 13.65 1.55
C ARG I 285 -48.64 14.17 1.35
N VAL I 286 -47.88 13.49 0.49
CA VAL I 286 -46.50 13.84 0.21
C VAL I 286 -46.44 15.01 -0.77
N ASP I 287 -45.25 15.62 -0.86
CA ASP I 287 -45.00 16.64 -1.87
C ASP I 287 -45.09 15.99 -3.24
N ASN I 288 -45.69 16.71 -4.20
CA ASN I 288 -45.79 16.30 -5.59
C ASN I 288 -46.60 15.01 -5.77
N ALA I 289 -47.52 14.75 -4.85
CA ALA I 289 -48.53 13.72 -5.06
C ALA I 289 -49.34 14.07 -6.32
N VAL I 290 -49.78 13.04 -7.05
CA VAL I 290 -50.66 13.24 -8.20
C VAL I 290 -52.02 12.61 -7.91
N ILE I 291 -53.08 13.30 -8.33
CA ILE I 291 -54.44 12.77 -8.26
C ILE I 291 -54.48 11.50 -9.10
N LYS I 292 -55.21 10.49 -8.60
CA LYS I 292 -55.29 9.20 -9.26
C LYS I 292 -56.75 8.74 -9.28
N ASP I 293 -57.13 8.04 -10.36
CA ASP I 293 -58.43 7.41 -10.49
C ASP I 293 -58.75 6.57 -9.26
N LEU I 294 -59.97 6.75 -8.73
CA LEU I 294 -60.42 6.08 -7.50
C LEU I 294 -61.19 4.81 -7.87
N ASN I 295 -60.95 3.75 -7.09
CA ASN I 295 -61.70 2.50 -7.17
C ASN I 295 -61.84 1.92 -5.76
N ARG I 296 -62.63 2.59 -4.92
CA ARG I 296 -62.84 2.21 -3.53
C ARG I 296 -64.13 1.39 -3.42
N GLU I 297 -64.05 0.10 -3.76
CA GLU I 297 -65.21 -0.77 -3.86
C GLU I 297 -66.10 -0.64 -2.62
N LEU I 298 -65.48 -0.67 -1.42
CA LEU I 298 -66.20 -0.64 -0.15
C LEU I 298 -67.02 0.65 -0.03
N ASP I 299 -66.38 1.80 -0.27
CA ASP I 299 -66.99 3.11 -0.08
C ASP I 299 -68.00 3.43 -1.18
N GLN I 300 -68.05 2.61 -2.23
CA GLN I 300 -68.90 2.84 -3.40
C GLN I 300 -68.42 4.10 -4.15
N ILE I 301 -67.13 4.11 -4.51
CA ILE I 301 -66.52 5.17 -5.31
C ILE I 301 -65.86 4.51 -6.52
N LYS I 302 -66.40 4.81 -7.71
CA LYS I 302 -65.80 4.39 -8.97
C LYS I 302 -65.78 5.62 -9.88
N GLN I 303 -64.74 6.44 -9.72
CA GLN I 303 -64.66 7.72 -10.42
C GLN I 303 -63.28 7.86 -11.06
N ASP I 304 -63.25 8.32 -12.32
CA ASP I 304 -62.02 8.61 -13.03
C ASP I 304 -61.79 10.11 -13.02
N VAL I 305 -60.53 10.52 -13.13
CA VAL I 305 -60.19 11.94 -13.14
C VAL I 305 -60.90 12.60 -14.33
N SER I 306 -60.92 11.90 -15.47
CA SER I 306 -61.58 12.41 -16.66
C SER I 306 -63.06 12.71 -16.41
N ASP I 307 -63.73 11.95 -15.54
CA ASP I 307 -65.10 12.25 -15.15
C ASP I 307 -65.19 13.67 -14.58
N LEU I 308 -64.26 13.98 -13.67
CA LEU I 308 -64.21 15.28 -13.03
C LEU I 308 -64.00 16.35 -14.09
N GLU I 309 -63.01 16.13 -14.96
CA GLU I 309 -62.66 17.04 -16.05
C GLU I 309 -63.85 17.28 -16.98
N ARG I 310 -64.65 16.22 -17.20
CA ARG I 310 -65.80 16.29 -18.07
C ARG I 310 -66.87 17.19 -17.44
N TRP I 311 -67.09 17.03 -16.12
CA TRP I 311 -68.04 17.86 -15.40
C TRP I 311 -67.65 19.33 -15.51
N ILE I 312 -66.36 19.62 -15.35
CA ILE I 312 -65.84 20.98 -15.37
C ILE I 312 -66.06 21.57 -16.75
N ASP I 313 -65.68 20.82 -17.80
CA ASP I 313 -65.83 21.26 -19.17
C ASP I 313 -67.28 21.66 -19.43
N ARG I 314 -68.24 20.87 -18.92
CA ARG I 314 -69.66 21.09 -19.17
C ARG I 314 -70.15 22.32 -18.40
N ILE I 315 -69.70 22.48 -17.16
CA ILE I 315 -70.14 23.58 -16.29
C ILE I 315 -69.67 24.91 -16.88
N TYR I 316 -68.41 24.96 -17.31
CA TYR I 316 -67.86 26.11 -18.01
C TYR I 316 -68.73 26.46 -19.22
N GLU I 317 -69.11 25.45 -20.00
CA GLU I 317 -69.89 25.64 -21.22
C GLU I 317 -71.21 26.32 -20.85
N ALA I 318 -71.91 25.77 -19.85
CA ALA I 318 -73.19 26.30 -19.39
C ALA I 318 -73.04 27.77 -18.98
N VAL I 319 -71.98 28.07 -18.23
CA VAL I 319 -71.74 29.41 -17.70
C VAL I 319 -71.55 30.40 -18.85
N HIS I 320 -70.80 30.00 -19.88
CA HIS I 320 -70.56 30.84 -21.05
C HIS I 320 -71.84 30.92 -21.90
N GLN I 321 -72.46 29.76 -22.19
CA GLN I 321 -73.77 29.72 -22.86
C GLN I 321 -74.75 30.67 -22.17
N GLY I 322 -74.74 30.69 -20.83
CA GLY I 322 -75.59 31.55 -20.05
C GLY I 322 -76.82 30.83 -19.50
N TYR I 323 -76.96 29.53 -19.77
CA TYR I 323 -78.07 28.73 -19.29
C TYR I 323 -77.64 27.29 -19.03
N VAL I 324 -78.43 26.58 -18.22
CA VAL I 324 -78.24 25.16 -17.96
C VAL I 324 -79.46 24.41 -18.51
N VAL I 325 -79.37 23.06 -18.52
CA VAL I 325 -80.46 22.21 -18.97
C VAL I 325 -80.82 21.25 -17.85
N ASP I 326 -82.12 21.14 -17.53
CA ASP I 326 -82.60 20.24 -16.49
C ASP I 326 -82.74 18.83 -17.06
N GLU I 327 -82.99 17.86 -16.18
CA GLU I 327 -83.16 16.46 -16.55
C GLU I 327 -84.18 16.35 -17.69
N SER I 328 -85.25 17.15 -17.62
CA SER I 328 -86.36 17.11 -18.55
C SER I 328 -85.97 17.55 -19.96
N GLY I 329 -84.92 18.39 -20.06
CA GLY I 329 -84.44 18.88 -21.34
C GLY I 329 -84.65 20.38 -21.51
N ASN I 330 -85.44 20.98 -20.61
CA ASN I 330 -85.74 22.41 -20.64
C ASN I 330 -84.50 23.22 -20.27
N ARG I 331 -84.53 24.52 -20.59
CA ARG I 331 -83.42 25.43 -20.30
C ARG I 331 -83.79 26.36 -19.16
N ILE I 332 -82.85 26.53 -18.21
CA ILE I 332 -83.00 27.47 -17.11
C ILE I 332 -81.89 28.51 -17.24
N PHE I 333 -82.24 29.79 -17.12
CA PHE I 333 -81.34 30.89 -17.49
C PHE I 333 -80.64 31.45 -16.26
N LEU I 334 -79.31 31.57 -16.37
CA LEU I 334 -78.47 32.08 -15.30
C LEU I 334 -78.55 33.61 -15.30
N ASP I 335 -79.65 34.14 -14.76
CA ASP I 335 -79.94 35.57 -14.75
C ASP I 335 -79.22 36.23 -13.59
N GLU I 336 -79.40 37.56 -13.48
CA GLU I 336 -78.71 38.36 -12.46
C GLU I 336 -79.13 37.96 -11.06
N GLU I 337 -80.36 37.44 -10.91
CA GLU I 337 -80.97 37.22 -9.60
C GLU I 337 -80.58 35.85 -9.05
N LYS I 338 -81.00 34.79 -9.76
CA LYS I 338 -80.92 33.42 -9.25
C LYS I 338 -79.78 32.63 -9.90
N GLY I 339 -79.13 33.20 -10.91
CA GLY I 339 -78.04 32.55 -11.62
C GLY I 339 -77.01 31.93 -10.68
N ILE I 340 -76.43 32.76 -9.80
CA ILE I 340 -75.39 32.34 -8.88
C ILE I 340 -75.88 31.21 -7.98
N ASP I 341 -77.13 31.31 -7.50
CA ASP I 341 -77.72 30.34 -6.60
C ASP I 341 -77.80 28.97 -7.27
N ILE I 342 -78.28 28.97 -8.51
CA ILE I 342 -78.36 27.75 -9.32
C ILE I 342 -76.96 27.13 -9.42
N LEU I 343 -76.02 27.93 -9.92
CA LEU I 343 -74.66 27.48 -10.17
C LEU I 343 -74.06 26.82 -8.94
N GLY I 344 -74.31 27.41 -7.77
CA GLY I 344 -73.82 26.87 -6.50
C GLY I 344 -74.29 25.43 -6.26
N ASN I 345 -75.57 25.18 -6.51
CA ASN I 345 -76.18 23.87 -6.29
C ASN I 345 -75.65 22.88 -7.33
N ILE I 346 -75.32 23.38 -8.52
CA ILE I 346 -74.74 22.57 -9.59
C ILE I 346 -73.32 22.14 -9.22
N ILE I 347 -72.54 23.09 -8.69
CA ILE I 347 -71.11 22.90 -8.48
C ILE I 347 -70.81 22.03 -7.27
N GLU I 348 -71.46 22.22 -6.13
CA GLU I 348 -71.18 21.35 -5.00
C GLU I 348 -72.05 20.12 -5.01
N SER I 349 -72.79 19.91 -6.11
CA SER I 349 -73.89 18.99 -6.26
C SER I 349 -75.00 19.62 -5.45
N SER I 350 -75.68 18.85 -4.65
CA SER I 350 -76.86 19.22 -3.87
C SER I 350 -78.11 18.81 -4.64
N ILE I 351 -78.97 18.01 -3.98
CA ILE I 351 -80.12 17.47 -4.69
C ILE I 351 -80.90 18.60 -5.36
N LEU I 352 -80.58 19.86 -5.02
CA LEU I 352 -81.22 21.00 -5.64
C LEU I 352 -80.67 21.29 -7.03
N SER I 353 -79.56 20.63 -7.40
CA SER I 353 -79.00 20.77 -8.74
C SER I 353 -80.06 20.45 -9.78
N PRO I 354 -80.30 21.32 -10.79
CA PRO I 354 -81.33 21.06 -11.79
C PRO I 354 -81.03 19.88 -12.71
N ASN I 355 -79.80 19.36 -12.67
CA ASN I 355 -79.42 18.20 -13.47
C ASN I 355 -78.11 17.61 -12.95
N ARG I 356 -78.18 16.91 -11.81
CA ARG I 356 -77.01 16.32 -11.19
C ARG I 356 -76.26 15.42 -12.15
N GLN I 357 -77.02 14.63 -12.94
CA GLN I 357 -76.45 13.58 -13.79
C GLN I 357 -75.50 14.18 -14.82
N LEU I 358 -75.81 15.40 -15.32
CA LEU I 358 -75.04 16.02 -16.39
C LEU I 358 -73.86 16.80 -15.85
N TYR I 359 -74.11 17.63 -14.80
CA TYR I 359 -73.11 18.56 -14.29
C TYR I 359 -72.37 17.98 -13.08
N GLY I 360 -72.80 16.82 -12.59
CA GLY I 360 -72.00 16.03 -11.67
C GLY I 360 -71.99 16.55 -10.24
N ASP I 361 -71.00 16.08 -9.46
CA ASP I 361 -70.80 16.34 -8.04
C ASP I 361 -69.38 16.89 -7.87
N MET I 362 -69.12 17.97 -8.57
CA MET I 362 -67.78 18.45 -8.92
C MET I 362 -66.94 18.81 -7.69
N HIS I 363 -67.45 19.67 -6.81
CA HIS I 363 -66.72 20.11 -5.62
C HIS I 363 -66.42 18.91 -4.72
N ASN I 364 -67.48 18.16 -4.34
CA ASN I 364 -67.38 17.08 -3.37
C ASN I 364 -66.42 15.98 -3.85
N VAL I 365 -66.53 15.58 -5.12
CA VAL I 365 -65.72 14.51 -5.66
C VAL I 365 -64.24 14.91 -5.63
N GLY I 366 -63.99 16.21 -5.86
CA GLY I 366 -62.66 16.78 -5.76
C GLY I 366 -62.03 16.58 -4.38
N HIS I 367 -62.83 16.77 -3.32
CA HIS I 367 -62.38 16.56 -1.94
C HIS I 367 -61.91 15.13 -1.74
N VAL I 368 -62.62 14.16 -2.36
CA VAL I 368 -62.34 12.75 -2.21
C VAL I 368 -61.07 12.37 -2.97
N PHE I 369 -60.97 12.81 -4.23
CA PHE I 369 -59.79 12.57 -5.05
C PHE I 369 -58.52 13.02 -4.32
N LEU I 370 -58.56 14.23 -3.75
CA LEU I 370 -57.39 14.85 -3.13
C LEU I 370 -57.02 14.12 -1.84
N SER I 371 -58.00 13.48 -1.20
CA SER I 371 -57.80 12.85 0.10
C SER I 371 -57.34 11.39 -0.03
N TYR I 372 -57.27 10.85 -1.27
CA TYR I 372 -57.04 9.43 -1.48
C TYR I 372 -55.86 9.18 -2.42
N THR I 373 -54.98 10.18 -2.59
CA THR I 373 -53.84 10.06 -3.48
C THR I 373 -52.93 8.92 -3.01
N HIS I 374 -52.92 8.67 -1.70
CA HIS I 374 -52.01 7.72 -1.07
C HIS I 374 -52.50 6.28 -1.20
N ASP I 375 -53.80 6.10 -1.47
CA ASP I 375 -54.39 4.77 -1.55
C ASP I 375 -55.71 4.82 -2.31
N PRO I 376 -55.68 4.96 -3.66
CA PRO I 376 -56.89 5.19 -4.45
C PRO I 376 -57.71 3.95 -4.82
N ASP I 377 -57.11 2.76 -4.74
CA ASP I 377 -57.80 1.52 -5.08
C ASP I 377 -58.01 0.64 -3.83
N HIS I 378 -57.64 1.17 -2.65
CA HIS I 378 -57.91 0.54 -1.36
C HIS I 378 -57.02 -0.69 -1.12
N ARG I 379 -55.94 -0.82 -1.89
CA ARG I 379 -55.05 -1.97 -1.78
C ARG I 379 -54.31 -1.96 -0.43
N HIS I 380 -54.17 -0.77 0.16
CA HIS I 380 -53.44 -0.57 1.41
C HIS I 380 -54.38 -0.45 2.60
N LEU I 381 -55.69 -0.62 2.37
CA LEU I 381 -56.66 -0.60 3.46
C LEU I 381 -56.44 0.63 4.34
N GLU I 382 -56.24 1.79 3.71
CA GLU I 382 -56.04 3.05 4.41
C GLU I 382 -57.27 3.94 4.20
N SER I 383 -57.53 4.83 5.17
CA SER I 383 -58.65 5.75 5.13
C SER I 383 -58.23 7.04 4.42
N PHE I 384 -59.18 7.96 4.25
CA PHE I 384 -58.93 9.22 3.54
C PHE I 384 -58.13 10.17 4.42
N GLY I 385 -57.31 11.00 3.77
CA GLY I 385 -56.61 12.10 4.41
C GLY I 385 -57.58 13.20 4.84
N VAL I 386 -57.03 14.32 5.31
CA VAL I 386 -57.78 15.34 6.04
C VAL I 386 -58.80 16.05 5.13
N MET I 387 -58.53 16.12 3.82
CA MET I 387 -59.41 16.82 2.88
C MET I 387 -60.72 16.08 2.62
N GLY I 388 -60.81 14.85 3.15
CA GLY I 388 -61.99 14.01 2.97
C GLY I 388 -63.06 14.24 4.05
N ASP I 389 -62.77 15.08 5.05
CA ASP I 389 -63.72 15.38 6.12
C ASP I 389 -63.87 16.90 6.26
N VAL I 390 -65.12 17.38 6.20
CA VAL I 390 -65.45 18.80 6.36
C VAL I 390 -64.87 19.35 7.67
N ALA I 391 -64.90 18.51 8.71
CA ALA I 391 -64.39 18.87 10.03
C ALA I 391 -62.92 19.29 9.99
N THR I 392 -62.15 18.72 9.06
CA THR I 392 -60.70 18.87 9.05
C THR I 392 -60.17 19.45 7.73
N ALA I 393 -61.03 19.63 6.72
CA ALA I 393 -60.59 19.92 5.36
C ALA I 393 -59.76 21.20 5.27
N MET I 394 -60.09 22.20 6.10
CA MET I 394 -59.47 23.52 6.01
C MET I 394 -58.02 23.52 6.50
N ARG I 395 -57.60 22.45 7.19
CA ARG I 395 -56.23 22.35 7.70
C ARG I 395 -55.23 22.24 6.56
N ASP I 396 -55.62 21.56 5.47
CA ASP I 396 -54.73 21.29 4.36
C ASP I 396 -54.63 22.54 3.47
N PRO I 397 -53.43 22.96 3.05
CA PRO I 397 -53.28 24.04 2.07
C PRO I 397 -53.96 23.85 0.71
N VAL I 398 -54.11 22.59 0.28
CA VAL I 398 -54.67 22.29 -1.03
C VAL I 398 -56.15 22.69 -1.06
N PHE I 399 -56.77 22.74 0.13
CA PHE I 399 -58.16 23.15 0.27
C PHE I 399 -58.39 24.47 -0.47
N TYR I 400 -57.45 25.42 -0.26
CA TYR I 400 -57.59 26.78 -0.72
C TYR I 400 -57.32 26.86 -2.22
N ARG I 401 -56.49 25.94 -2.72
CA ARG I 401 -56.21 25.82 -4.15
C ARG I 401 -57.44 25.28 -4.88
N TRP I 402 -58.02 24.19 -4.34
CA TRP I 402 -59.20 23.58 -4.93
C TRP I 402 -60.38 24.55 -4.86
N HIS I 403 -60.52 25.24 -3.72
CA HIS I 403 -61.65 26.14 -3.50
C HIS I 403 -61.44 27.46 -4.27
N SER I 404 -60.17 27.77 -4.55
CA SER I 404 -59.77 28.90 -5.37
C SER I 404 -60.21 28.68 -6.82
N PHE I 405 -59.90 27.48 -7.35
CA PHE I 405 -60.33 27.09 -8.68
C PHE I 405 -61.84 27.25 -8.80
N ILE I 406 -62.58 26.57 -7.92
CA ILE I 406 -64.03 26.57 -7.91
C ILE I 406 -64.55 28.01 -7.98
N ASP I 407 -63.88 28.92 -7.28
CA ASP I 407 -64.31 30.31 -7.21
C ASP I 407 -64.19 30.98 -8.58
N ASP I 408 -63.09 30.67 -9.29
CA ASP I 408 -62.84 31.21 -10.62
C ASP I 408 -64.01 30.85 -11.54
N ILE I 409 -64.58 29.64 -11.38
CA ILE I 409 -65.72 29.20 -12.18
C ILE I 409 -66.93 30.10 -11.90
N PHE I 410 -67.20 30.38 -10.62
CA PHE I 410 -68.28 31.29 -10.24
C PHE I 410 -68.03 32.66 -10.85
N GLN I 411 -66.79 33.16 -10.70
CA GLN I 411 -66.40 34.46 -11.23
C GLN I 411 -66.75 34.57 -12.72
N GLU I 412 -66.51 33.49 -13.46
CA GLU I 412 -66.75 33.44 -14.90
C GLU I 412 -68.19 33.81 -15.21
N HIS I 413 -69.11 33.56 -14.25
CA HIS I 413 -70.50 33.94 -14.41
C HIS I 413 -70.71 35.41 -14.03
N LYS I 414 -70.08 35.82 -12.90
CA LYS I 414 -70.28 37.16 -12.36
C LYS I 414 -69.79 38.23 -13.35
N ILE I 415 -68.75 37.93 -14.14
CA ILE I 415 -68.18 38.89 -15.06
C ILE I 415 -69.07 39.02 -16.31
N LYS I 416 -70.08 38.16 -16.45
CA LYS I 416 -71.04 38.26 -17.53
C LYS I 416 -72.19 39.22 -17.15
N LEU I 417 -72.43 39.39 -15.85
CA LEU I 417 -73.50 40.25 -15.38
C LEU I 417 -73.19 41.71 -15.70
N PRO I 418 -74.20 42.57 -15.97
CA PRO I 418 -73.96 43.98 -16.32
C PRO I 418 -73.51 44.78 -15.10
N ALA I 419 -72.53 45.68 -15.31
CA ALA I 419 -71.98 46.49 -14.24
C ALA I 419 -73.09 47.24 -13.51
N TYR I 420 -72.93 47.42 -12.19
CA TYR I 420 -73.81 48.28 -11.42
C TYR I 420 -73.64 49.72 -11.91
N THR I 421 -74.77 50.35 -12.28
CA THR I 421 -74.77 51.71 -12.81
C THR I 421 -74.63 52.70 -11.66
N LYS I 422 -74.08 53.89 -11.96
CA LYS I 422 -73.93 54.97 -11.00
C LYS I 422 -75.23 55.10 -10.22
N SER I 423 -76.35 55.10 -10.96
CA SER I 423 -77.69 55.16 -10.42
C SER I 423 -77.95 54.08 -9.38
N GLN I 424 -77.63 52.83 -9.73
CA GLN I 424 -78.03 51.65 -8.96
C GLN I 424 -77.40 51.65 -7.56
N LEU I 425 -76.21 52.24 -7.40
CA LEU I 425 -75.53 52.24 -6.12
C LEU I 425 -75.33 53.67 -5.60
N THR I 426 -76.20 54.60 -6.03
CA THR I 426 -76.32 55.91 -5.41
C THR I 426 -77.55 55.93 -4.52
N TYR I 427 -77.46 56.62 -3.37
CA TYR I 427 -78.57 56.85 -2.47
C TYR I 427 -78.90 58.35 -2.45
N GLU I 428 -79.90 58.75 -3.25
CA GLU I 428 -80.23 60.14 -3.48
C GLU I 428 -80.49 60.83 -2.15
N GLY I 429 -79.62 61.79 -1.80
CA GLY I 429 -79.75 62.55 -0.55
C GLY I 429 -78.67 62.19 0.46
N ILE I 430 -78.36 60.90 0.60
CA ILE I 430 -77.40 60.42 1.59
C ILE I 430 -75.97 60.61 1.08
N SER I 431 -75.09 61.09 1.96
CA SER I 431 -73.67 61.25 1.68
C SER I 431 -72.84 60.87 2.91
N VAL I 432 -71.94 59.88 2.72
CA VAL I 432 -70.97 59.50 3.75
C VAL I 432 -69.69 60.30 3.51
N THR I 433 -69.29 61.06 4.55
CA THR I 433 -68.22 62.05 4.43
C THR I 433 -66.94 61.54 5.11
N GLY I 434 -67.02 60.39 5.80
CA GLY I 434 -65.85 59.84 6.46
C GLY I 434 -66.20 58.65 7.36
N ILE I 435 -65.22 57.73 7.49
CA ILE I 435 -65.27 56.62 8.42
C ILE I 435 -63.88 56.49 9.06
N ILE I 436 -63.83 56.21 10.37
CA ILE I 436 -62.58 56.01 11.09
C ILE I 436 -62.74 54.83 12.06
N VAL I 437 -61.63 54.34 12.63
CA VAL I 437 -61.68 53.31 13.66
C VAL I 437 -60.82 53.76 14.84
N GLN I 438 -61.25 53.42 16.07
CA GLN I 438 -60.53 53.79 17.29
C GLN I 438 -60.51 52.62 18.27
N SER I 439 -59.29 52.24 18.68
CA SER I 439 -59.04 51.32 19.79
C SER I 439 -58.51 52.11 20.98
N GLU I 440 -58.85 51.67 22.21
CA GLU I 440 -58.37 52.31 23.43
C GLU I 440 -56.85 52.20 23.45
N GLY I 441 -56.17 53.35 23.67
CA GLY I 441 -54.71 53.39 23.76
C GLY I 441 -54.05 52.94 22.44
N ALA I 442 -54.39 53.64 21.37
CA ALA I 442 -53.86 53.40 20.04
C ALA I 442 -54.27 54.53 19.11
N PRO I 443 -53.40 54.99 18.16
CA PRO I 443 -53.78 56.04 17.22
C PRO I 443 -55.06 55.73 16.46
N VAL I 444 -55.69 56.76 15.89
CA VAL I 444 -56.85 56.60 15.03
C VAL I 444 -56.45 55.79 13.80
N ASN I 445 -57.43 55.08 13.22
CA ASN I 445 -57.26 54.33 11.97
C ASN I 445 -56.10 53.34 12.09
N THR I 446 -56.09 52.58 13.20
CA THR I 446 -55.05 51.60 13.47
C THR I 446 -55.65 50.42 14.23
N LEU I 447 -55.48 49.22 13.66
CA LEU I 447 -55.92 47.98 14.29
C LEU I 447 -54.69 47.20 14.77
N HIS I 448 -54.83 46.52 15.91
CA HIS I 448 -53.75 45.73 16.51
C HIS I 448 -54.16 44.25 16.60
N THR I 449 -53.19 43.33 16.44
CA THR I 449 -53.41 41.91 16.65
C THR I 449 -52.27 41.32 17.49
N TYR I 450 -52.49 40.09 17.99
CA TYR I 450 -51.55 39.39 18.85
C TYR I 450 -52.03 37.96 19.08
N TRP I 451 -51.26 37.18 19.87
CA TRP I 451 -51.62 35.84 20.29
C TRP I 451 -52.31 35.89 21.66
N GLN I 452 -53.15 34.90 21.94
CA GLN I 452 -53.89 34.81 23.19
C GLN I 452 -54.22 33.35 23.49
N GLN I 453 -53.85 32.90 24.69
CA GLN I 453 -54.20 31.57 25.17
C GLN I 453 -55.62 31.60 25.73
N SER I 454 -56.40 30.55 25.41
CA SER I 454 -57.73 30.33 25.99
C SER I 454 -57.82 28.88 26.46
N ASP I 455 -58.80 28.57 27.33
CA ASP I 455 -58.92 27.25 27.94
C ASP I 455 -60.24 26.59 27.52
N VAL I 456 -60.19 25.26 27.32
CA VAL I 456 -61.35 24.47 26.94
C VAL I 456 -61.32 23.15 27.71
N ASP I 457 -62.49 22.75 28.25
CA ASP I 457 -62.63 21.50 28.98
C ASP I 457 -62.93 20.37 27.99
N LEU I 458 -61.95 19.48 27.78
CA LEU I 458 -62.08 18.38 26.84
C LEU I 458 -62.45 17.10 27.58
N SER I 459 -63.08 17.24 28.74
CA SER I 459 -63.25 16.15 29.69
C SER I 459 -64.29 15.15 29.16
N ARG I 460 -65.38 15.69 28.59
CA ARG I 460 -66.49 14.89 28.10
C ARG I 460 -66.05 14.03 26.91
N GLY I 461 -64.94 14.39 26.25
CA GLY I 461 -64.48 13.72 25.05
C GLY I 461 -63.42 12.64 25.30
N MET I 462 -62.84 12.63 26.51
CA MET I 462 -61.75 11.73 26.86
C MET I 462 -62.28 10.42 27.41
N ASP I 463 -62.50 9.43 26.52
CA ASP I 463 -63.08 8.15 26.89
C ASP I 463 -62.07 7.33 27.68
N PHE I 464 -62.58 6.55 28.65
CA PHE I 464 -61.79 5.63 29.48
C PHE I 464 -60.62 6.35 30.16
N VAL I 465 -60.83 7.62 30.51
CA VAL I 465 -59.85 8.41 31.25
C VAL I 465 -60.44 8.70 32.63
N PRO I 466 -59.64 8.59 33.72
CA PRO I 466 -60.12 8.97 35.06
C PRO I 466 -60.91 10.27 35.03
N ARG I 467 -62.14 10.24 35.56
CA ARG I 467 -63.03 11.39 35.55
C ARG I 467 -62.38 12.57 36.29
N GLY I 468 -62.91 13.77 36.02
CA GLY I 468 -62.34 15.02 36.52
C GLY I 468 -62.31 16.06 35.41
N ASN I 469 -61.61 17.18 35.64
CA ASN I 469 -61.45 18.22 34.63
C ASN I 469 -60.14 18.02 33.86
N VAL I 470 -60.17 18.39 32.58
CA VAL I 470 -59.01 18.30 31.69
C VAL I 470 -59.03 19.54 30.80
N PHE I 471 -58.37 20.61 31.27
CA PHE I 471 -58.33 21.88 30.56
C PHE I 471 -57.16 21.88 29.57
N ALA I 472 -57.43 22.34 28.34
CA ALA I 472 -56.43 22.48 27.31
C ALA I 472 -56.24 23.95 26.93
N ARG I 473 -54.99 24.39 26.73
CA ARG I 473 -54.66 25.77 26.43
C ARG I 473 -54.39 25.96 24.94
N PHE I 474 -55.34 26.61 24.26
CA PHE I 474 -55.22 26.97 22.85
C PHE I 474 -54.55 28.33 22.71
N THR I 475 -53.57 28.44 21.80
CA THR I 475 -53.06 29.72 21.35
C THR I 475 -53.67 30.06 19.98
N HIS I 476 -54.20 31.28 19.86
CA HIS I 476 -54.90 31.73 18.66
C HIS I 476 -54.76 33.24 18.49
N LEU I 477 -54.83 33.70 17.23
CA LEU I 477 -54.83 35.12 16.89
C LEU I 477 -55.96 35.83 17.65
N GLN I 478 -55.70 37.08 18.07
CA GLN I 478 -56.70 37.94 18.68
C GLN I 478 -56.44 39.40 18.27
N HIS I 479 -57.51 40.21 18.24
CA HIS I 479 -57.42 41.63 17.95
C HIS I 479 -57.92 42.43 19.15
N ALA I 480 -57.27 43.59 19.39
CA ALA I 480 -57.74 44.57 20.35
C ALA I 480 -59.12 45.07 19.94
N PRO I 481 -60.06 45.31 20.90
CA PRO I 481 -61.40 45.78 20.55
C PRO I 481 -61.28 47.14 19.88
N PHE I 482 -62.20 47.43 18.95
CA PHE I 482 -62.25 48.73 18.27
C PHE I 482 -63.70 49.09 17.96
N GLN I 483 -63.89 50.23 17.31
CA GLN I 483 -65.22 50.71 16.91
C GLN I 483 -65.10 51.62 15.69
N TYR I 484 -66.08 51.52 14.78
CA TYR I 484 -66.15 52.38 13.60
C TYR I 484 -66.93 53.65 13.98
N VAL I 485 -66.60 54.79 13.33
CA VAL I 485 -67.30 56.05 13.52
C VAL I 485 -67.55 56.66 12.14
N ILE I 486 -68.83 56.73 11.73
CA ILE I 486 -69.24 57.01 10.36
C ILE I 486 -70.07 58.31 10.34
N GLN I 487 -69.66 59.26 9.48
CA GLN I 487 -70.31 60.57 9.38
C GLN I 487 -71.21 60.61 8.14
N ILE I 488 -72.53 60.66 8.36
CA ILE I 488 -73.52 60.55 7.29
C ILE I 488 -74.43 61.78 7.32
N ASP I 489 -74.65 62.39 6.14
CA ASP I 489 -75.52 63.55 5.98
C ASP I 489 -76.78 63.14 5.21
N ASN I 490 -77.95 63.65 5.65
CA ASN I 490 -79.24 63.20 5.15
C ASN I 490 -79.72 64.09 3.99
N THR I 491 -79.81 65.41 4.22
CA THR I 491 -80.18 66.41 3.22
C THR I 491 -81.43 66.01 2.42
N SER I 492 -82.44 65.44 3.10
CA SER I 492 -83.64 64.96 2.41
C SER I 492 -84.90 65.63 2.97
N ASP I 493 -84.99 65.73 4.30
CA ASP I 493 -86.11 66.30 5.04
C ASP I 493 -86.94 65.19 5.70
N ALA I 494 -86.54 63.93 5.52
CA ALA I 494 -87.25 62.81 6.11
C ALA I 494 -86.25 61.79 6.67
N GLN I 495 -86.68 61.03 7.68
CA GLN I 495 -85.91 59.91 8.22
C GLN I 495 -85.65 58.91 7.09
N ARG I 496 -84.37 58.63 6.82
CA ARG I 496 -83.94 57.68 5.81
C ARG I 496 -83.42 56.41 6.47
N MET I 497 -83.95 55.26 6.04
CA MET I 497 -83.43 53.95 6.42
C MET I 497 -82.32 53.56 5.45
N GLY I 498 -81.29 52.88 5.98
CA GLY I 498 -80.13 52.48 5.18
C GLY I 498 -79.45 51.23 5.73
N PHE I 499 -78.84 50.45 4.83
CA PHE I 499 -77.96 49.35 5.19
C PHE I 499 -76.52 49.86 5.18
N VAL I 500 -75.82 49.67 6.31
CA VAL I 500 -74.40 49.93 6.40
C VAL I 500 -73.67 48.64 6.00
N ARG I 501 -72.85 48.70 4.94
CA ARG I 501 -72.09 47.57 4.43
C ARG I 501 -70.59 47.89 4.52
N ILE I 502 -69.87 47.16 5.38
CA ILE I 502 -68.47 47.45 5.65
C ILE I 502 -67.59 46.28 5.19
N PHE I 503 -66.68 46.56 4.25
CA PHE I 503 -65.68 45.60 3.80
C PHE I 503 -64.27 46.19 4.04
N MET I 504 -63.26 45.32 4.01
CA MET I 504 -61.86 45.73 4.13
C MET I 504 -61.01 44.86 3.20
N ALA I 505 -60.12 45.51 2.44
CA ALA I 505 -59.21 44.83 1.52
C ALA I 505 -57.79 45.33 1.74
N PRO I 506 -56.76 44.72 1.12
CA PRO I 506 -55.42 45.32 1.09
C PRO I 506 -55.44 46.60 0.26
N LYS I 507 -54.50 47.51 0.56
CA LYS I 507 -54.43 48.80 -0.10
C LYS I 507 -53.70 48.67 -1.43
N ASN I 508 -52.53 48.01 -1.39
CA ASN I 508 -51.70 47.73 -2.54
C ASN I 508 -51.71 46.23 -2.85
N ASP I 509 -50.89 45.82 -3.85
CA ASP I 509 -50.76 44.43 -4.27
C ASP I 509 -49.53 43.81 -3.59
N GLU I 510 -49.04 42.66 -4.11
CA GLU I 510 -47.85 42.02 -3.56
C GLU I 510 -46.58 42.75 -4.00
N ARG I 511 -46.68 43.53 -5.09
CA ARG I 511 -45.54 44.23 -5.66
C ARG I 511 -45.45 45.66 -5.12
N GLY I 512 -46.48 46.12 -4.41
CA GLY I 512 -46.43 47.37 -3.65
C GLY I 512 -47.04 48.56 -4.39
N GLN I 513 -47.90 48.28 -5.38
CA GLN I 513 -48.56 49.33 -6.16
C GLN I 513 -50.01 49.47 -5.70
N PRO I 514 -50.59 50.70 -5.69
CA PRO I 514 -52.01 50.89 -5.33
C PRO I 514 -52.96 50.09 -6.22
N MET I 515 -53.71 49.18 -5.60
CA MET I 515 -54.41 48.12 -6.32
C MET I 515 -55.47 48.71 -7.24
N LEU I 516 -55.68 48.08 -8.40
CA LEU I 516 -56.78 48.43 -9.30
C LEU I 516 -58.05 47.73 -8.83
N PHE I 517 -59.21 48.19 -9.32
CA PHE I 517 -60.49 47.69 -8.85
C PHE I 517 -60.63 46.21 -9.23
N ARG I 518 -60.47 45.91 -10.53
CA ARG I 518 -60.58 44.56 -11.06
C ARG I 518 -59.89 43.54 -10.16
N ASP I 519 -58.71 43.90 -9.61
CA ASP I 519 -57.99 43.06 -8.66
C ASP I 519 -58.62 43.14 -7.28
N GLN I 520 -58.73 44.37 -6.76
CA GLN I 520 -59.04 44.63 -5.36
C GLN I 520 -60.46 44.16 -5.00
N ARG I 521 -61.38 44.17 -5.96
CA ARG I 521 -62.77 43.85 -5.69
C ARG I 521 -62.89 42.43 -5.12
N LEU I 522 -61.96 41.53 -5.51
CA LEU I 522 -62.01 40.13 -5.14
C LEU I 522 -61.31 39.87 -3.81
N PHE I 523 -60.69 40.90 -3.22
CA PHE I 523 -59.93 40.76 -1.98
C PHE I 523 -60.64 41.44 -0.82
N MET I 524 -61.79 42.09 -1.09
CA MET I 524 -62.61 42.72 -0.08
C MET I 524 -63.28 41.66 0.81
N VAL I 525 -63.00 41.72 2.13
CA VAL I 525 -63.62 40.83 3.10
C VAL I 525 -64.71 41.61 3.84
N GLU I 526 -65.91 41.03 3.95
CA GLU I 526 -67.01 41.67 4.67
C GLU I 526 -66.66 41.76 6.15
N MET I 527 -66.92 42.93 6.75
CA MET I 527 -66.59 43.20 8.14
C MET I 527 -67.84 43.46 8.99
N ASP I 528 -68.92 43.95 8.37
CA ASP I 528 -70.18 44.21 9.05
C ASP I 528 -71.26 44.60 8.04
N LYS I 529 -72.52 44.34 8.42
CA LYS I 529 -73.69 44.75 7.66
C LYS I 529 -74.88 44.90 8.61
N PHE I 530 -75.36 46.13 8.84
CA PHE I 530 -76.40 46.40 9.82
C PHE I 530 -77.31 47.56 9.36
N LEU I 531 -78.54 47.56 9.87
CA LEU I 531 -79.57 48.54 9.55
C LEU I 531 -79.44 49.77 10.45
N VAL I 532 -79.62 50.96 9.87
CA VAL I 532 -79.47 52.21 10.60
C VAL I 532 -80.55 53.21 10.16
N ALA I 533 -81.09 53.96 11.15
CA ALA I 533 -82.05 55.02 10.93
C ALA I 533 -81.35 56.38 11.00
N LEU I 534 -81.48 57.18 9.94
CA LEU I 534 -80.77 58.45 9.83
C LEU I 534 -81.76 59.61 9.96
N ARG I 535 -81.49 60.55 10.88
CA ARG I 535 -82.28 61.75 11.06
C ARG I 535 -81.89 62.78 10.00
N PRO I 536 -82.79 63.70 9.58
CA PRO I 536 -82.41 64.80 8.69
C PRO I 536 -81.18 65.56 9.20
N GLY I 537 -80.39 66.10 8.26
CA GLY I 537 -79.15 66.78 8.59
C GLY I 537 -78.00 65.79 8.76
N ALA I 538 -77.30 65.89 9.91
CA ALA I 538 -76.07 65.15 10.16
C ALA I 538 -76.31 64.03 11.17
N ASN I 539 -75.60 62.90 10.97
CA ASN I 539 -75.68 61.74 11.84
C ASN I 539 -74.29 61.20 12.11
N ARG I 540 -73.96 60.95 13.39
CA ARG I 540 -72.73 60.28 13.77
C ARG I 540 -73.08 58.86 14.19
N ILE I 541 -72.72 57.88 13.34
CA ILE I 541 -72.97 56.47 13.63
C ILE I 541 -71.72 55.88 14.25
N ARG I 542 -71.91 55.11 15.33
CA ARG I 542 -70.83 54.39 15.98
C ARG I 542 -71.24 52.93 16.10
N ARG I 543 -70.28 52.02 15.83
CA ARG I 543 -70.50 50.58 15.79
C ARG I 543 -69.27 49.88 16.37
N ARG I 544 -69.48 49.01 17.37
CA ARG I 544 -68.40 48.28 18.00
C ARG I 544 -68.03 47.06 17.15
N SER I 545 -66.77 46.63 17.25
CA SER I 545 -66.25 45.46 16.56
C SER I 545 -67.02 44.20 16.95
N ASN I 546 -67.48 44.16 18.21
CA ASN I 546 -68.10 42.96 18.77
C ASN I 546 -69.58 42.89 18.38
N GLU I 547 -70.11 43.92 17.71
CA GLU I 547 -71.49 43.93 17.23
C GLU I 547 -71.59 43.36 15.81
N SER I 548 -70.45 42.94 15.24
CA SER I 548 -70.37 42.52 13.84
C SER I 548 -71.36 41.40 13.55
N THR I 549 -72.02 41.50 12.37
CA THR I 549 -73.00 40.53 11.92
C THR I 549 -72.32 39.40 11.12
N VAL I 550 -71.00 39.49 10.94
CA VAL I 550 -70.22 38.45 10.28
C VAL I 550 -69.73 37.43 11.31
N THR I 551 -69.74 37.83 12.59
CA THR I 551 -68.99 37.15 13.65
C THR I 551 -69.97 36.54 14.65
N ILE I 552 -69.51 35.55 15.44
CA ILE I 552 -70.23 35.08 16.60
C ILE I 552 -69.31 35.17 17.82
N PRO I 553 -69.88 35.42 19.03
CA PRO I 553 -69.08 35.61 20.24
C PRO I 553 -68.17 34.44 20.60
N PHE I 554 -67.10 34.77 21.34
CA PHE I 554 -66.24 33.80 22.00
C PHE I 554 -67.06 32.65 22.58
N GLU I 555 -68.02 33.01 23.45
CA GLU I 555 -68.70 32.06 24.30
C GLU I 555 -69.32 30.94 23.49
N ARG I 556 -69.78 31.24 22.27
CA ARG I 556 -70.43 30.25 21.43
C ARG I 556 -69.42 29.18 21.00
N THR I 557 -68.24 29.60 20.53
CA THR I 557 -67.22 28.67 20.05
C THR I 557 -66.70 27.78 21.19
N PHE I 558 -66.12 28.40 22.23
CA PHE I 558 -65.45 27.68 23.30
C PHE I 558 -66.47 27.17 24.31
N ARG I 559 -67.24 28.11 24.88
CA ARG I 559 -68.13 27.84 26.01
C ARG I 559 -67.37 27.11 27.13
N PHE I 578 -72.03 35.04 4.95
CA PHE I 578 -71.51 34.01 5.89
C PHE I 578 -72.70 33.24 6.45
N CYS I 579 -73.37 33.82 7.46
CA CYS I 579 -74.74 33.47 7.82
C CYS I 579 -74.92 31.98 8.07
N GLY I 580 -73.85 31.33 8.53
CA GLY I 580 -73.86 29.91 8.86
C GLY I 580 -73.74 29.72 10.35
N CYS I 581 -72.77 28.93 10.82
CA CYS I 581 -72.43 28.87 12.24
C CYS I 581 -72.08 30.25 12.80
N GLY I 582 -71.38 31.07 11.98
CA GLY I 582 -70.69 32.27 12.43
C GLY I 582 -69.17 32.15 12.37
N TRP I 583 -68.50 33.22 11.92
CA TRP I 583 -67.05 33.30 11.82
C TRP I 583 -66.47 33.67 13.19
N PRO I 584 -65.39 33.02 13.66
CA PRO I 584 -64.85 33.32 15.00
C PRO I 584 -64.44 34.78 15.16
N ALA I 585 -64.79 35.35 16.31
CA ALA I 585 -64.63 36.78 16.57
C ALA I 585 -63.16 37.19 16.54
N HIS I 586 -62.30 36.34 17.09
CA HIS I 586 -60.87 36.64 17.22
C HIS I 586 -60.18 36.63 15.85
N MET I 587 -60.87 36.13 14.82
CA MET I 587 -60.33 36.04 13.47
C MET I 587 -60.92 37.12 12.57
N LEU I 588 -61.65 38.09 13.16
CA LEU I 588 -62.33 39.15 12.42
C LEU I 588 -61.33 40.03 11.67
N VAL I 589 -60.18 40.32 12.32
CA VAL I 589 -59.17 41.20 11.74
C VAL I 589 -58.02 40.34 11.23
N PRO I 590 -57.55 40.57 9.98
CA PRO I 590 -56.30 39.99 9.50
C PRO I 590 -55.14 40.26 10.46
N LYS I 591 -54.08 39.47 10.35
CA LYS I 591 -52.95 39.54 11.28
C LYS I 591 -52.20 40.86 11.10
N GLY I 592 -51.96 41.25 9.83
CA GLY I 592 -51.09 42.37 9.53
C GLY I 592 -49.63 42.03 9.82
N LEU I 593 -48.78 43.06 9.79
CA LEU I 593 -47.33 42.90 9.97
C LEU I 593 -46.90 43.63 11.25
N PRO I 594 -45.72 43.32 11.81
CA PRO I 594 -45.14 44.10 12.90
C PRO I 594 -44.88 45.56 12.47
N GLU I 595 -44.43 45.74 11.22
CA GLU I 595 -44.12 47.05 10.66
C GLU I 595 -45.39 47.77 10.20
N GLY I 596 -46.55 47.10 10.32
CA GLY I 596 -47.82 47.65 9.89
C GLY I 596 -48.15 47.24 8.45
N PHE I 597 -49.41 46.83 8.23
CA PHE I 597 -49.88 46.41 6.92
C PHE I 597 -50.97 47.38 6.43
N PRO I 598 -50.77 48.06 5.29
CA PRO I 598 -51.75 49.03 4.79
C PRO I 598 -52.98 48.39 4.14
N ALA I 599 -54.16 48.93 4.48
CA ALA I 599 -55.45 48.38 4.10
C ALA I 599 -56.46 49.50 3.85
N ASP I 600 -57.33 49.32 2.85
CA ASP I 600 -58.44 50.24 2.59
C ASP I 600 -59.71 49.74 3.28
N LEU I 601 -60.21 50.52 4.25
CA LEU I 601 -61.52 50.30 4.85
C LEU I 601 -62.58 51.01 4.02
N PHE I 602 -63.65 50.28 3.67
CA PHE I 602 -64.70 50.80 2.82
C PHE I 602 -66.05 50.63 3.50
N VAL I 603 -66.92 51.66 3.39
CA VAL I 603 -68.30 51.61 3.87
C VAL I 603 -69.22 52.12 2.77
N MET I 604 -70.42 51.51 2.70
CA MET I 604 -71.48 51.92 1.79
C MET I 604 -72.80 51.92 2.56
N VAL I 605 -73.61 52.96 2.32
CA VAL I 605 -74.98 53.03 2.82
C VAL I 605 -75.92 52.88 1.62
N SER I 606 -76.63 51.74 1.56
CA SER I 606 -77.59 51.47 0.49
C SER I 606 -79.00 51.75 1.00
N ASN I 607 -79.93 51.91 0.06
CA ASN I 607 -81.32 52.26 0.37
C ASN I 607 -82.08 51.02 0.86
N TYR I 608 -82.26 50.93 2.18
CA TYR I 608 -82.82 49.74 2.83
C TYR I 608 -84.21 49.40 2.30
N GLU I 609 -84.93 50.38 1.75
CA GLU I 609 -86.27 50.16 1.25
C GLU I 609 -86.23 49.17 0.08
N ASP I 610 -85.21 49.31 -0.78
CA ASP I 610 -84.99 48.39 -1.89
C ASP I 610 -84.41 47.06 -1.40
N ASP I 611 -83.53 47.12 -0.39
CA ASP I 611 -82.77 45.97 0.09
C ASP I 611 -83.59 45.13 1.08
N ARG I 612 -84.69 45.71 1.60
CA ARG I 612 -85.46 45.12 2.68
C ARG I 612 -86.07 43.78 2.23
N VAL I 613 -86.20 42.85 3.19
CA VAL I 613 -86.86 41.56 2.97
C VAL I 613 -87.94 41.38 4.04
N VAL I 614 -89.17 41.81 3.72
CA VAL I 614 -90.32 41.78 4.61
C VAL I 614 -90.52 40.37 5.19
N GLN I 615 -90.40 40.27 6.52
CA GLN I 615 -90.30 39.00 7.23
C GLN I 615 -90.27 39.21 8.75
N ASP I 616 -90.74 38.21 9.52
CA ASP I 616 -90.75 38.25 10.97
C ASP I 616 -89.78 37.21 11.54
N LEU I 617 -88.83 37.65 12.37
CA LEU I 617 -87.81 36.77 12.92
C LEU I 617 -87.24 37.36 14.23
N VAL I 618 -86.89 36.48 15.19
CA VAL I 618 -86.06 36.83 16.32
C VAL I 618 -84.67 36.21 16.16
N GLY I 619 -84.57 35.10 15.41
CA GLY I 619 -83.32 34.55 14.90
C GLY I 619 -82.65 33.61 15.92
N THR I 620 -82.02 32.56 15.37
CA THR I 620 -81.01 31.74 16.05
C THR I 620 -80.03 31.17 15.01
N CYS I 621 -78.83 30.74 15.45
CA CYS I 621 -77.83 30.16 14.55
C CYS I 621 -77.52 28.71 14.94
N ASN I 622 -76.24 28.31 14.96
CA ASN I 622 -75.81 26.92 15.05
C ASN I 622 -76.30 26.21 16.31
N ASP I 623 -76.48 26.98 17.40
CA ASP I 623 -76.91 26.45 18.69
C ASP I 623 -76.16 25.13 19.01
N TYR I 627 -73.96 37.06 15.46
CA TYR I 627 -74.90 36.84 14.33
C TYR I 627 -76.29 36.56 14.92
N CYS I 628 -77.31 37.32 14.48
CA CYS I 628 -78.66 37.20 15.02
C CYS I 628 -79.15 35.77 14.81
N GLY I 629 -79.17 35.31 13.55
CA GLY I 629 -79.30 33.89 13.25
C GLY I 629 -79.58 33.58 11.78
N VAL I 630 -80.79 33.96 11.32
CA VAL I 630 -81.32 33.77 9.97
C VAL I 630 -81.58 32.28 9.63
N ARG I 631 -82.11 31.55 10.61
CA ARG I 631 -82.54 30.15 10.40
C ARG I 631 -83.95 30.09 9.85
N ASP I 632 -84.70 31.19 9.97
CA ASP I 632 -86.00 31.36 9.31
C ASP I 632 -85.79 31.45 7.81
N ARG I 633 -86.59 30.79 6.95
CA ARG I 633 -86.13 30.40 5.62
C ARG I 633 -85.33 31.55 4.97
N LEU I 634 -85.92 32.75 4.94
CA LEU I 634 -85.48 33.80 4.03
C LEU I 634 -84.25 34.53 4.54
N TYR I 635 -83.39 34.95 3.59
CA TYR I 635 -82.13 35.62 3.89
C TYR I 635 -82.36 37.14 3.84
N PRO I 636 -81.95 37.91 4.86
CA PRO I 636 -82.44 39.28 5.04
C PRO I 636 -81.82 40.41 4.20
N ASP I 637 -81.61 40.17 2.91
CA ASP I 637 -81.01 41.18 2.06
C ASP I 637 -81.25 40.81 0.60
N ARG I 638 -81.99 41.66 -0.14
CA ARG I 638 -82.37 41.35 -1.51
C ARG I 638 -81.14 41.43 -2.43
N LYS I 639 -80.14 42.24 -2.06
CA LYS I 639 -78.96 42.41 -2.88
C LYS I 639 -78.13 41.13 -2.90
N ALA I 640 -77.32 40.96 -3.96
CA ALA I 640 -76.44 39.81 -4.10
C ALA I 640 -75.43 39.77 -2.97
N MET I 641 -74.93 38.59 -2.61
CA MET I 641 -73.98 38.46 -1.51
C MET I 641 -72.60 38.91 -2.00
N GLY I 642 -72.01 39.85 -1.25
CA GLY I 642 -70.81 40.56 -1.66
C GLY I 642 -71.16 41.74 -2.57
N PHE I 643 -72.34 42.34 -2.31
CA PHE I 643 -73.09 43.12 -3.27
C PHE I 643 -72.30 44.28 -3.89
N PRO I 644 -71.64 45.20 -3.16
CA PRO I 644 -70.96 46.30 -3.84
C PRO I 644 -69.96 45.81 -4.90
N PHE I 645 -69.23 44.72 -4.59
CA PHE I 645 -68.07 44.34 -5.39
C PHE I 645 -68.21 42.99 -6.12
N ASP I 646 -69.40 42.40 -6.17
CA ASP I 646 -69.52 41.09 -6.80
C ASP I 646 -69.38 41.19 -8.32
N ARG I 647 -69.74 42.35 -8.90
CA ARG I 647 -69.73 42.53 -10.35
C ARG I 647 -68.58 43.43 -10.79
N LEU I 648 -68.36 43.44 -12.12
CA LEU I 648 -67.35 44.28 -12.72
C LEU I 648 -67.71 45.75 -12.60
N ALA I 649 -66.69 46.61 -12.78
CA ALA I 649 -66.85 48.05 -12.72
C ALA I 649 -67.57 48.56 -13.96
N ARG I 650 -68.34 49.63 -13.80
CA ARG I 650 -68.92 50.39 -14.90
C ARG I 650 -67.82 51.17 -15.62
N THR I 651 -68.08 51.58 -16.88
CA THR I 651 -67.09 52.22 -17.73
C THR I 651 -66.50 53.43 -16.99
N GLY I 652 -65.19 53.67 -17.19
CA GLY I 652 -64.53 54.84 -16.62
C GLY I 652 -63.90 54.54 -15.25
N VAL I 653 -64.51 53.62 -14.48
CA VAL I 653 -63.98 53.24 -13.18
C VAL I 653 -62.74 52.38 -13.36
N ASP I 654 -61.77 52.53 -12.45
CA ASP I 654 -60.43 52.00 -12.62
C ASP I 654 -59.84 51.55 -11.27
N ARG I 655 -60.12 52.32 -10.20
CA ARG I 655 -59.69 51.99 -8.84
C ARG I 655 -60.79 52.39 -7.86
N LEU I 656 -60.65 51.97 -6.59
CA LEU I 656 -61.70 52.14 -5.60
C LEU I 656 -62.08 53.62 -5.46
N SER I 657 -61.05 54.48 -5.47
CA SER I 657 -61.21 55.89 -5.18
C SER I 657 -62.00 56.64 -6.25
N ASN I 658 -62.29 56.00 -7.41
CA ASN I 658 -63.17 56.58 -8.41
C ASN I 658 -64.35 55.67 -8.71
N PHE I 659 -64.42 54.50 -8.04
CA PHE I 659 -65.62 53.67 -8.04
C PHE I 659 -66.67 54.30 -7.14
N VAL I 660 -66.21 54.99 -6.10
CA VAL I 660 -67.05 55.45 -5.00
C VAL I 660 -68.16 56.38 -5.49
N THR I 661 -69.34 56.25 -4.86
CA THR I 661 -70.44 57.22 -4.95
C THR I 661 -70.50 58.04 -3.66
N PRO I 662 -71.27 59.15 -3.61
CA PRO I 662 -71.41 59.93 -2.38
C PRO I 662 -71.71 59.14 -1.11
N ASN I 663 -72.59 58.14 -1.24
CA ASN I 663 -73.05 57.33 -0.12
C ASN I 663 -72.04 56.24 0.27
N MET I 664 -70.82 56.34 -0.28
CA MET I 664 -69.69 55.50 0.12
C MET I 664 -68.54 56.36 0.65
N ALA I 665 -67.59 55.69 1.35
CA ALA I 665 -66.40 56.33 1.89
C ALA I 665 -65.27 55.31 2.00
N ILE I 666 -64.02 55.77 1.77
CA ILE I 666 -62.81 54.95 1.90
C ILE I 666 -61.97 55.52 3.04
N GLN I 667 -61.16 54.67 3.69
CA GLN I 667 -60.24 55.12 4.73
C GLN I 667 -59.01 54.22 4.78
N SER I 668 -57.82 54.82 4.78
CA SER I 668 -56.57 54.10 4.97
C SER I 668 -56.46 53.62 6.42
N VAL I 669 -56.41 52.31 6.61
CA VAL I 669 -56.17 51.71 7.91
C VAL I 669 -54.80 51.03 7.88
N ASN I 670 -54.19 50.88 9.06
CA ASN I 670 -52.91 50.20 9.22
C ASN I 670 -53.07 49.09 10.26
N VAL I 671 -52.72 47.87 9.86
CA VAL I 671 -52.90 46.68 10.70
C VAL I 671 -51.53 46.29 11.27
N ILE I 672 -51.37 46.40 12.60
CA ILE I 672 -50.13 46.11 13.29
C ILE I 672 -50.29 44.82 14.10
N HIS I 673 -49.38 43.86 13.87
CA HIS I 673 -49.26 42.68 14.71
C HIS I 673 -48.19 42.92 15.78
N ILE I 674 -48.34 42.23 16.91
CA ILE I 674 -47.36 42.23 17.99
C ILE I 674 -47.23 40.79 18.49
N ASP I 675 -46.03 40.21 18.37
CA ASP I 675 -45.80 38.81 18.75
C ASP I 675 -45.66 38.73 20.27
N LYS I 676 -46.80 38.67 20.96
CA LYS I 676 -46.87 38.53 22.40
C LYS I 676 -48.13 37.73 22.75
N THR I 677 -48.17 37.11 23.93
CA THR I 677 -49.33 36.34 24.37
C THR I 677 -50.02 37.08 25.51
N VAL I 678 -51.18 37.68 25.20
CA VAL I 678 -51.98 38.41 26.17
C VAL I 678 -52.90 37.41 26.88
N PRO I 679 -53.27 37.62 28.16
CA PRO I 679 -54.33 36.82 28.79
C PRO I 679 -55.72 37.34 28.45
N ARG I 680 -56.75 36.59 28.88
CA ARG I 680 -58.15 36.93 28.61
C ARG I 680 -58.67 37.97 29.61
N THR I 681 -58.11 37.95 30.83
CA THR I 681 -58.55 38.80 31.93
C THR I 681 -60.07 38.81 31.97
N MET J 1 51.16 -68.54 51.96
CA MET J 1 50.16 -68.76 53.03
C MET J 1 48.82 -68.13 52.60
N ASN J 2 47.85 -68.08 53.54
CA ASN J 2 46.54 -67.51 53.28
C ASN J 2 46.66 -66.00 53.07
N TYR J 3 47.52 -65.36 53.88
CA TYR J 3 47.67 -63.91 53.92
C TYR J 3 47.71 -63.31 52.52
N LYS J 4 48.50 -63.93 51.62
CA LYS J 4 48.62 -63.48 50.24
C LYS J 4 47.23 -63.38 49.61
N LYS J 5 46.39 -64.41 49.82
CA LYS J 5 45.06 -64.47 49.23
C LYS J 5 44.09 -63.51 49.93
N ASN J 6 44.37 -63.13 51.18
CA ASN J 6 43.48 -62.30 51.98
C ASN J 6 43.60 -60.82 51.58
N LEU J 7 44.77 -60.42 51.10
CA LEU J 7 45.02 -59.06 50.64
C LEU J 7 44.21 -58.80 49.36
N LEU J 8 44.09 -59.82 48.51
CA LEU J 8 43.34 -59.74 47.26
C LEU J 8 41.87 -59.40 47.52
N LEU J 9 41.38 -59.70 48.74
CA LEU J 9 40.01 -59.40 49.11
C LEU J 9 39.81 -57.90 49.33
N LEU J 10 40.90 -57.16 49.56
CA LEU J 10 40.82 -55.72 49.74
C LEU J 10 40.38 -55.05 48.42
N TYR J 11 40.79 -55.64 47.29
CA TYR J 11 40.44 -55.13 45.96
C TYR J 11 38.95 -55.32 45.67
N ASP J 12 38.27 -56.18 46.44
CA ASP J 12 36.86 -56.48 46.23
C ASP J 12 36.01 -55.30 46.73
N ARG J 13 35.11 -54.81 45.85
CA ARG J 13 34.13 -53.78 46.17
C ARG J 13 34.78 -52.63 46.94
N PRO J 14 35.52 -51.73 46.24
CA PRO J 14 36.41 -50.76 46.90
C PRO J 14 35.74 -49.76 47.84
N ARG J 15 34.46 -49.47 47.61
CA ARG J 15 33.75 -48.44 48.36
C ARG J 15 32.85 -49.05 49.45
N GLU J 16 32.55 -50.35 49.36
CA GLU J 16 31.88 -51.05 50.43
C GLU J 16 32.85 -51.17 51.61
N PRO J 17 32.46 -50.74 52.84
CA PRO J 17 33.33 -50.89 54.02
C PRO J 17 33.90 -52.30 54.20
N ILE J 18 35.09 -52.39 54.81
CA ILE J 18 35.85 -53.64 54.81
C ILE J 18 35.16 -54.69 55.69
N PHE J 19 34.23 -54.26 56.55
CA PHE J 19 33.53 -55.15 57.46
C PHE J 19 32.27 -55.75 56.83
N MET J 20 32.01 -55.49 55.54
CA MET J 20 30.80 -55.97 54.88
C MET J 20 31.00 -57.36 54.28
N GLY J 21 32.25 -57.83 54.17
CA GLY J 21 32.53 -59.20 53.78
C GLY J 21 32.74 -59.34 52.27
N LYS J 22 33.95 -59.81 51.89
CA LYS J 22 34.40 -59.88 50.52
C LYS J 22 34.51 -61.35 50.09
N GLY J 23 33.89 -61.68 48.95
CA GLY J 23 33.89 -63.05 48.46
C GLY J 23 33.20 -63.99 49.46
N LYS J 24 33.88 -65.08 49.83
CA LYS J 24 33.37 -66.07 50.76
C LYS J 24 33.97 -65.89 52.16
N SER J 25 34.42 -64.66 52.46
CA SER J 25 35.09 -64.37 53.71
C SER J 25 34.54 -63.07 54.31
N VAL J 26 35.00 -62.74 55.52
CA VAL J 26 34.71 -61.48 56.18
C VAL J 26 35.80 -61.20 57.21
N PHE J 27 36.09 -59.92 57.46
CA PHE J 27 37.16 -59.52 58.37
C PHE J 27 36.59 -59.25 59.76
N ASP J 28 37.32 -59.68 60.79
CA ASP J 28 36.95 -59.48 62.18
C ASP J 28 37.76 -58.30 62.72
N VAL J 29 37.31 -57.09 62.38
CA VAL J 29 38.08 -55.86 62.57
C VAL J 29 37.93 -55.39 64.01
N PRO J 30 39.02 -54.96 64.69
CA PRO J 30 38.92 -54.23 65.95
C PRO J 30 37.98 -53.03 65.86
N ASP J 31 37.57 -52.51 67.03
CA ASP J 31 36.65 -51.38 67.08
C ASP J 31 37.42 -50.08 66.85
N ASN J 32 38.72 -50.07 67.17
CA ASN J 32 39.56 -48.89 66.91
C ASN J 32 39.98 -48.87 65.43
N TYR J 33 39.58 -49.90 64.67
CA TYR J 33 39.80 -49.97 63.24
C TYR J 33 38.58 -49.46 62.48
N LEU J 34 37.42 -49.35 63.16
CA LEU J 34 36.21 -48.81 62.57
C LEU J 34 36.36 -47.30 62.37
N THR J 35 35.71 -46.77 61.31
CA THR J 35 35.75 -45.34 61.02
C THR J 35 34.88 -44.61 62.03
N ASP J 36 35.19 -43.33 62.23
CA ASP J 36 34.49 -42.47 63.20
C ASP J 36 32.98 -42.48 62.95
N ARG J 37 32.56 -42.59 61.67
CA ARG J 37 31.15 -42.60 61.32
C ARG J 37 30.48 -43.85 61.89
N TYR J 38 31.16 -45.01 61.78
CA TYR J 38 30.56 -46.31 62.02
C TYR J 38 30.95 -46.87 63.39
N ARG J 39 32.03 -46.36 64.00
CA ARG J 39 32.52 -46.87 65.28
C ARG J 39 31.41 -46.83 66.33
N PRO J 40 30.69 -45.69 66.50
CA PRO J 40 29.64 -45.60 67.51
C PRO J 40 28.47 -46.57 67.39
N ILE J 41 28.42 -47.37 66.31
CA ILE J 41 27.41 -48.41 66.16
C ILE J 41 28.08 -49.71 65.69
N GLY J 42 29.34 -49.90 66.09
CA GLY J 42 30.11 -51.09 65.75
C GLY J 42 29.37 -52.40 66.11
N PRO J 43 28.90 -52.56 67.37
CA PRO J 43 28.14 -53.74 67.77
C PRO J 43 27.02 -54.19 66.83
N GLU J 44 26.31 -53.23 66.24
CA GLU J 44 25.15 -53.52 65.40
C GLU J 44 25.61 -54.05 64.04
N ILE J 45 26.85 -53.74 63.66
CA ILE J 45 27.35 -53.99 62.31
C ILE J 45 27.98 -55.38 62.22
N GLN J 46 29.02 -55.64 63.02
CA GLN J 46 29.76 -56.90 62.97
C GLN J 46 28.80 -58.09 62.92
N ASN J 47 27.71 -57.97 63.67
CA ASN J 47 26.67 -58.99 63.77
C ASN J 47 25.86 -59.05 62.48
N ARG J 48 25.47 -57.86 61.98
CA ARG J 48 24.55 -57.69 60.87
C ARG J 48 25.09 -58.27 59.56
N PHE J 49 26.43 -58.24 59.38
CA PHE J 49 27.08 -58.68 58.16
C PHE J 49 27.82 -60.00 58.35
N GLY J 50 27.69 -60.61 59.53
CA GLY J 50 28.18 -61.95 59.81
C GLY J 50 27.67 -63.03 58.84
N GLU J 51 26.47 -62.83 58.26
CA GLU J 51 25.83 -63.78 57.37
C GLU J 51 26.58 -63.98 56.05
N LEU J 52 26.35 -65.15 55.43
CA LEU J 52 26.82 -65.52 54.10
C LEU J 52 28.33 -65.77 54.09
N ALA J 53 29.00 -65.84 55.26
CA ALA J 53 30.45 -65.96 55.31
C ALA J 53 30.83 -67.36 55.75
N GLU J 54 31.67 -68.05 54.97
CA GLU J 54 32.31 -69.29 55.40
C GLU J 54 33.35 -68.97 56.47
N GLU J 55 34.35 -68.18 56.09
CA GLU J 55 35.52 -67.99 56.95
C GLU J 55 35.47 -66.61 57.58
N ARG J 56 36.17 -66.43 58.71
CA ARG J 56 36.32 -65.14 59.37
C ARG J 56 37.82 -64.89 59.62
N ILE J 57 38.32 -63.80 59.00
CA ILE J 57 39.74 -63.47 59.04
C ILE J 57 39.98 -62.59 60.26
N PRO J 58 40.84 -63.02 61.22
CA PRO J 58 41.20 -62.16 62.35
C PRO J 58 42.23 -61.12 61.90
N VAL J 59 42.31 -60.00 62.63
CA VAL J 59 43.29 -58.96 62.34
C VAL J 59 43.80 -58.38 63.67
N ARG J 60 45.12 -58.46 63.87
CA ARG J 60 45.79 -58.01 65.09
C ARG J 60 45.92 -56.49 65.06
N SER J 61 45.70 -55.84 66.21
CA SER J 61 45.81 -54.40 66.35
C SER J 61 47.27 -54.00 66.55
N ILE J 62 47.82 -53.23 65.60
CA ILE J 62 49.24 -52.89 65.61
C ILE J 62 49.37 -51.37 65.78
N ALA J 63 50.61 -50.85 65.67
CA ALA J 63 50.94 -49.46 65.93
C ALA J 63 50.36 -48.54 64.86
N LEU J 64 50.74 -48.78 63.59
CA LEU J 64 50.26 -48.05 62.43
C LEU J 64 50.97 -46.69 62.35
N PRO J 65 51.86 -46.46 61.36
CA PRO J 65 52.48 -45.14 61.17
C PRO J 65 51.42 -44.05 60.98
N ASP J 66 51.83 -42.79 61.07
CA ASP J 66 50.91 -41.67 60.90
C ASP J 66 50.31 -41.74 59.50
N LEU J 67 48.98 -41.71 59.42
CA LEU J 67 48.26 -41.79 58.16
C LEU J 67 47.64 -40.43 57.80
N ARG J 68 48.20 -39.34 58.36
CA ARG J 68 47.71 -38.00 58.11
C ARG J 68 47.80 -37.69 56.61
N ILE J 69 49.02 -37.81 56.06
CA ILE J 69 49.30 -37.45 54.68
C ILE J 69 48.42 -38.30 53.76
N PRO J 70 48.46 -39.64 53.83
CA PRO J 70 47.53 -40.49 53.06
C PRO J 70 46.06 -40.09 53.11
N MET J 71 45.62 -39.59 54.27
CA MET J 71 44.22 -39.23 54.48
C MET J 71 43.94 -37.80 54.03
N SER J 72 44.98 -37.04 53.64
CA SER J 72 44.77 -35.64 53.27
C SER J 72 43.84 -35.55 52.06
N LEU J 73 44.02 -36.43 51.07
CA LEU J 73 43.19 -36.52 49.87
C LEU J 73 41.78 -36.93 50.28
N GLY J 74 40.76 -36.18 49.81
CA GLY J 74 39.36 -36.51 50.08
C GLY J 74 38.99 -37.88 49.55
N ARG J 75 37.91 -38.46 50.09
CA ARG J 75 37.48 -39.80 49.72
C ARG J 75 36.69 -39.76 48.41
N GLN J 76 35.98 -38.64 48.19
CA GLN J 76 35.14 -38.48 47.01
C GLN J 76 35.88 -37.65 45.95
N GLU J 77 37.21 -37.64 46.02
CA GLU J 77 38.03 -36.88 45.09
C GLU J 77 38.68 -37.84 44.09
N GLN J 78 39.12 -37.29 42.95
CA GLN J 78 39.83 -38.04 41.92
C GLN J 78 41.29 -38.15 42.33
N PHE J 79 42.00 -39.14 41.79
CA PHE J 79 43.42 -39.35 42.07
C PHE J 79 44.20 -39.56 40.76
N SER J 80 45.22 -38.71 40.57
CA SER J 80 46.12 -38.76 39.43
C SER J 80 47.54 -38.57 39.90
N LEU J 81 48.46 -39.33 39.31
CA LEU J 81 49.87 -39.33 39.65
C LEU J 81 50.61 -38.19 38.94
N PHE J 82 49.90 -37.46 38.07
CA PHE J 82 50.49 -36.34 37.33
C PHE J 82 50.49 -35.10 38.20
N ILE J 83 49.49 -34.98 39.08
CA ILE J 83 49.34 -33.85 39.97
C ILE J 83 50.41 -33.88 41.05
N PRO J 84 51.21 -32.79 41.21
CA PRO J 84 52.37 -32.82 42.12
C PRO J 84 52.06 -33.33 43.53
N ARG J 85 50.91 -32.93 44.07
CA ARG J 85 50.53 -33.15 45.45
C ARG J 85 50.22 -34.61 45.70
N HIS J 86 49.44 -35.21 44.79
CA HIS J 86 49.06 -36.61 44.87
C HIS J 86 50.31 -37.49 44.90
N ARG J 87 51.34 -37.10 44.14
CA ARG J 87 52.60 -37.85 44.07
C ARG J 87 53.19 -37.99 45.46
N LYS J 88 53.15 -36.91 46.25
CA LYS J 88 53.75 -36.86 47.58
C LYS J 88 52.92 -37.73 48.55
N ILE J 89 51.59 -37.78 48.33
CA ILE J 89 50.68 -38.55 49.17
C ILE J 89 50.88 -40.04 48.91
N ALA J 90 50.82 -40.43 47.63
CA ALA J 90 50.93 -41.83 47.24
C ALA J 90 52.30 -42.37 47.65
N ALA J 91 53.36 -41.62 47.31
CA ALA J 91 54.74 -42.04 47.57
C ALA J 91 54.96 -42.26 49.07
N ARG J 92 54.18 -41.54 49.89
CA ARG J 92 54.25 -41.68 51.33
C ARG J 92 53.51 -42.93 51.80
N LEU J 93 52.35 -43.21 51.19
CA LEU J 93 51.57 -44.39 51.53
C LEU J 93 52.31 -45.63 51.06
N ILE J 94 52.76 -45.63 49.80
CA ILE J 94 53.56 -46.71 49.25
C ILE J 94 54.66 -47.05 50.26
N ASP J 95 55.25 -46.00 50.85
CA ASP J 95 56.35 -46.09 51.80
C ASP J 95 55.92 -46.84 53.06
N ILE J 96 54.67 -46.63 53.50
CA ILE J 96 54.14 -47.28 54.68
C ILE J 96 53.95 -48.77 54.41
N PHE J 97 53.14 -49.11 53.40
CA PHE J 97 52.90 -50.50 53.01
C PHE J 97 54.21 -51.21 52.73
N MET J 98 55.13 -50.54 52.03
CA MET J 98 56.43 -51.09 51.69
C MET J 98 57.24 -51.36 52.96
N GLY J 99 57.03 -50.53 53.99
CA GLY J 99 57.84 -50.55 55.20
C GLY J 99 57.31 -51.49 56.27
N MET J 100 56.23 -52.23 56.00
CA MET J 100 55.74 -53.26 56.92
C MET J 100 56.51 -54.55 56.67
N ARG J 101 57.36 -54.91 57.63
CA ARG J 101 58.27 -56.05 57.56
C ARG J 101 57.55 -57.36 57.22
N ASN J 102 56.41 -57.61 57.88
CA ASN J 102 55.74 -58.90 57.84
C ASN J 102 54.51 -58.78 56.94
N ILE J 103 54.08 -59.91 56.36
CA ILE J 103 52.93 -59.95 55.47
C ILE J 103 51.64 -59.90 56.31
N GLU J 104 51.77 -60.06 57.62
CA GLU J 104 50.65 -60.01 58.53
C GLU J 104 50.34 -58.57 58.94
N GLU J 105 51.40 -57.77 59.16
CA GLU J 105 51.26 -56.37 59.51
C GLU J 105 50.79 -55.55 58.31
N LEU J 106 51.21 -55.98 57.10
CA LEU J 106 50.74 -55.39 55.86
C LEU J 106 49.23 -55.55 55.76
N GLN J 107 48.72 -56.71 56.17
CA GLN J 107 47.30 -57.01 56.16
C GLN J 107 46.56 -56.13 57.18
N SER J 108 47.22 -55.89 58.32
CA SER J 108 46.62 -55.12 59.40
C SER J 108 46.57 -53.63 59.05
N CYS J 109 47.72 -53.10 58.60
CA CYS J 109 47.82 -51.72 58.14
C CYS J 109 46.77 -51.44 57.06
N ALA J 110 46.70 -52.35 56.08
CA ALA J 110 45.80 -52.22 54.94
C ALA J 110 44.35 -52.15 55.40
N VAL J 111 43.95 -53.11 56.22
CA VAL J 111 42.56 -53.27 56.64
C VAL J 111 42.08 -51.99 57.34
N PHE J 112 42.96 -51.38 58.15
CA PHE J 112 42.67 -50.14 58.85
C PHE J 112 42.51 -48.99 57.85
N ALA J 113 43.57 -48.77 57.05
CA ALA J 113 43.66 -47.64 56.13
C ALA J 113 42.51 -47.64 55.12
N ARG J 114 42.15 -48.83 54.63
CA ARG J 114 41.32 -48.99 53.43
C ARG J 114 40.11 -48.06 53.43
N ASP J 115 39.43 -47.91 54.58
CA ASP J 115 38.17 -47.18 54.61
C ASP J 115 38.36 -45.73 55.04
N ARG J 116 39.62 -45.25 55.06
CA ARG J 116 39.93 -43.89 55.45
C ARG J 116 40.52 -43.09 54.29
N ILE J 117 41.09 -43.77 53.28
CA ILE J 117 41.77 -43.09 52.20
C ILE J 117 41.02 -43.30 50.89
N ASN J 118 41.38 -42.50 49.88
CA ASN J 118 40.74 -42.47 48.57
C ASN J 118 40.90 -43.82 47.88
N PRO J 119 39.79 -44.51 47.52
CA PRO J 119 39.87 -45.83 46.86
C PRO J 119 40.87 -45.95 45.72
N TYR J 120 40.84 -44.98 44.79
CA TYR J 120 41.74 -44.96 43.65
C TYR J 120 43.19 -44.97 44.13
N LEU J 121 43.46 -44.16 45.17
CA LEU J 121 44.79 -44.02 45.75
C LEU J 121 45.20 -45.31 46.45
N PHE J 122 44.31 -45.86 47.27
CA PHE J 122 44.52 -47.13 47.95
C PHE J 122 44.95 -48.21 46.95
N ASN J 123 44.13 -48.39 45.90
CA ASN J 123 44.37 -49.38 44.87
C ASN J 123 45.79 -49.25 44.30
N TYR J 124 46.19 -48.00 43.97
CA TYR J 124 47.52 -47.73 43.42
C TYR J 124 48.59 -48.11 44.44
N ALA J 125 48.48 -47.53 45.65
CA ALA J 125 49.48 -47.70 46.69
C ALA J 125 49.71 -49.18 47.02
N LEU J 126 48.61 -49.95 47.09
CA LEU J 126 48.67 -51.37 47.37
C LEU J 126 49.33 -52.10 46.20
N SER J 127 48.76 -51.91 45.01
CA SER J 127 49.28 -52.51 43.78
C SER J 127 50.80 -52.38 43.70
N VAL J 128 51.33 -51.18 43.98
CA VAL J 128 52.76 -50.90 43.87
C VAL J 128 53.53 -51.67 44.94
N ALA J 129 52.98 -51.71 46.16
CA ALA J 129 53.62 -52.39 47.27
C ALA J 129 53.74 -53.90 47.00
N LEU J 130 52.59 -54.52 46.68
CA LEU J 130 52.52 -55.96 46.46
C LEU J 130 53.47 -56.37 45.33
N LEU J 131 53.48 -55.59 44.25
CA LEU J 131 54.23 -55.95 43.04
C LEU J 131 55.74 -55.93 43.30
N HIS J 132 56.17 -55.20 44.34
CA HIS J 132 57.59 -54.92 44.52
C HIS J 132 58.07 -55.26 45.92
N ARG J 133 57.30 -56.05 46.67
CA ARG J 133 57.79 -56.72 47.85
C ARG J 133 58.21 -58.13 47.48
N ARG J 134 59.02 -58.78 48.34
CA ARG J 134 59.59 -60.08 48.01
C ARG J 134 58.68 -61.21 48.45
N ASP J 135 57.92 -61.00 49.54
CA ASP J 135 57.02 -62.02 50.07
C ASP J 135 55.74 -62.13 49.25
N THR J 136 55.37 -61.04 48.55
CA THR J 136 54.11 -60.99 47.81
C THR J 136 54.38 -61.07 46.31
N LYS J 137 55.28 -61.97 45.89
CA LYS J 137 55.64 -62.10 44.48
C LYS J 137 54.77 -63.18 43.84
N ASN J 138 54.65 -63.10 42.50
CA ASN J 138 53.84 -64.00 41.69
C ASN J 138 52.36 -63.88 42.05
N LEU J 139 51.98 -62.76 42.68
CA LEU J 139 50.63 -62.58 43.18
C LEU J 139 49.78 -61.94 42.06
N ASP J 140 48.64 -62.56 41.77
CA ASP J 140 47.86 -62.17 40.60
C ASP J 140 46.87 -61.09 41.01
N LEU J 141 47.20 -59.83 40.70
CA LEU J 141 46.39 -58.69 41.07
C LEU J 141 45.16 -58.61 40.16
N PRO J 142 43.94 -58.39 40.71
CA PRO J 142 42.74 -58.32 39.88
C PRO J 142 42.82 -57.15 38.91
N SER J 143 42.25 -57.36 37.71
CA SER J 143 42.22 -56.34 36.68
C SER J 143 41.53 -55.09 37.22
N VAL J 144 42.09 -53.91 36.91
CA VAL J 144 41.59 -52.66 37.44
C VAL J 144 40.26 -52.28 36.79
N VAL J 145 39.91 -52.96 35.68
CA VAL J 145 38.60 -52.84 35.05
C VAL J 145 37.54 -53.39 36.00
N GLU J 146 37.87 -54.52 36.63
CA GLU J 146 36.95 -55.25 37.50
C GLU J 146 36.73 -54.49 38.81
N VAL J 147 37.74 -53.74 39.28
CA VAL J 147 37.66 -53.03 40.55
C VAL J 147 37.16 -51.59 40.32
N PHE J 148 37.48 -51.00 39.17
CA PHE J 148 37.07 -49.63 38.85
C PHE J 148 36.52 -49.57 37.43
N PRO J 149 35.33 -50.15 37.18
CA PRO J 149 34.77 -50.15 35.83
C PRO J 149 34.40 -48.77 35.29
N ASP J 150 34.29 -47.78 36.20
CA ASP J 150 33.85 -46.44 35.86
C ASP J 150 34.84 -45.73 34.94
N LYS J 151 36.11 -46.18 34.93
CA LYS J 151 37.17 -45.60 34.11
C LYS J 151 37.26 -46.26 32.73
N TYR J 152 36.34 -47.20 32.44
CA TYR J 152 36.48 -48.04 31.26
C TYR J 152 35.14 -48.22 30.52
N VAL J 153 34.06 -47.61 31.01
CA VAL J 153 32.72 -47.92 30.53
C VAL J 153 31.83 -46.68 30.55
N ASP J 154 31.06 -46.48 29.48
CA ASP J 154 30.02 -45.47 29.39
C ASP J 154 29.17 -45.51 30.66
N SER J 155 28.93 -44.33 31.25
CA SER J 155 28.22 -44.22 32.51
C SER J 155 26.78 -44.73 32.40
N ARG J 156 26.26 -44.81 31.17
CA ARG J 156 24.87 -45.20 30.93
C ARG J 156 24.57 -46.61 31.47
N VAL J 157 25.56 -47.49 31.44
CA VAL J 157 25.33 -48.90 31.77
C VAL J 157 25.03 -49.04 33.26
N PHE J 158 25.56 -48.15 34.10
CA PHE J 158 25.56 -48.35 35.54
C PHE J 158 24.13 -48.47 36.10
N GLU J 159 23.20 -47.68 35.56
CA GLU J 159 21.81 -47.72 36.01
C GLU J 159 21.06 -48.91 35.41
N GLN J 160 21.61 -49.51 34.36
CA GLN J 160 21.09 -50.76 33.80
C GLN J 160 21.54 -51.94 34.64
N ILE J 161 22.81 -51.93 35.06
CA ILE J 161 23.39 -52.97 35.90
C ILE J 161 22.68 -52.99 37.26
N ARG J 162 22.32 -51.81 37.76
CA ARG J 162 21.61 -51.68 39.03
C ARG J 162 20.20 -52.27 38.88
N GLU J 163 19.55 -51.97 37.75
CA GLU J 163 18.22 -52.46 37.44
C GLU J 163 18.24 -53.97 37.32
N GLU J 164 19.11 -54.50 36.45
CA GLU J 164 19.22 -55.92 36.17
C GLU J 164 19.48 -56.72 37.45
N ALA J 165 20.39 -56.20 38.31
CA ALA J 165 20.81 -56.90 39.51
C ALA J 165 19.70 -56.93 40.56
N THR J 166 18.82 -55.92 40.56
CA THR J 166 17.77 -55.78 41.55
C THR J 166 16.51 -56.54 41.11
N VAL J 167 16.18 -56.52 39.80
CA VAL J 167 14.93 -57.06 39.30
C VAL J 167 15.05 -58.57 39.06
N VAL J 168 16.07 -58.97 38.28
CA VAL J 168 16.19 -60.31 37.73
C VAL J 168 16.97 -61.20 38.70
N PRO J 169 16.52 -62.45 38.97
CA PRO J 169 17.32 -63.39 39.77
C PRO J 169 18.61 -63.82 39.10
N GLU J 170 19.65 -64.05 39.92
CA GLU J 170 20.92 -64.59 39.46
C GLU J 170 20.69 -65.77 38.52
N GLY J 171 21.64 -66.02 37.63
CA GLY J 171 21.60 -67.16 36.72
C GLY J 171 20.82 -66.83 35.46
N MET J 172 19.76 -66.01 35.59
CA MET J 172 18.95 -65.61 34.45
C MET J 172 19.29 -64.19 33.99
N ARG J 173 20.39 -63.63 34.51
CA ARG J 173 20.80 -62.27 34.18
C ARG J 173 21.42 -62.20 32.78
N MET J 174 20.92 -61.27 31.97
CA MET J 174 21.41 -61.04 30.61
C MET J 174 22.72 -60.26 30.68
N PRO J 175 23.74 -60.60 29.85
CA PRO J 175 24.96 -59.79 29.77
C PRO J 175 24.63 -58.37 29.31
N ILE J 176 25.24 -57.39 29.98
CA ILE J 176 25.06 -55.98 29.66
C ILE J 176 26.02 -55.63 28.52
N VAL J 177 25.48 -55.17 27.38
CA VAL J 177 26.31 -54.81 26.25
C VAL J 177 26.93 -53.44 26.59
N ILE J 178 28.25 -53.31 26.36
CA ILE J 178 28.95 -52.04 26.58
C ILE J 178 28.95 -51.26 25.27
N PRO J 179 28.39 -50.03 25.23
CA PRO J 179 28.36 -49.24 24.00
C PRO J 179 29.77 -49.00 23.44
N LYS J 180 29.89 -49.10 22.10
CA LYS J 180 31.13 -48.76 21.40
C LYS J 180 30.84 -47.61 20.44
N ASP J 181 31.89 -46.86 20.07
CA ASP J 181 31.76 -45.71 19.19
C ASP J 181 30.61 -44.84 19.70
N PHE J 182 30.79 -44.28 20.90
CA PHE J 182 29.72 -43.64 21.65
C PHE J 182 30.11 -42.23 22.10
N THR J 183 31.37 -41.83 21.88
CA THR J 183 31.88 -40.55 22.39
C THR J 183 31.64 -39.43 21.38
N ALA J 184 31.50 -39.78 20.09
CA ALA J 184 31.32 -38.78 19.03
C ALA J 184 30.63 -39.40 17.82
N SER J 185 29.91 -38.56 17.05
CA SER J 185 29.23 -38.99 15.83
C SER J 185 30.17 -38.88 14.62
N ASP J 186 29.62 -39.06 13.42
CA ASP J 186 30.40 -39.15 12.18
C ASP J 186 30.78 -37.78 11.65
N LEU J 187 30.22 -36.72 12.24
CA LEU J 187 30.63 -35.35 11.94
C LEU J 187 32.07 -35.14 12.42
N ASP J 188 32.46 -35.86 13.49
CA ASP J 188 33.84 -35.89 13.98
C ASP J 188 34.53 -37.12 13.40
N GLU J 189 35.47 -36.91 12.48
CA GLU J 189 36.17 -37.99 11.79
C GLU J 189 37.03 -38.79 12.77
N GLU J 190 37.35 -38.18 13.93
CA GLU J 190 38.17 -38.81 14.95
C GLU J 190 37.45 -39.99 15.58
N HIS J 191 36.11 -40.04 15.47
CA HIS J 191 35.31 -41.06 16.13
C HIS J 191 35.64 -42.45 15.59
N ARG J 192 36.30 -42.52 14.43
CA ARG J 192 36.59 -43.78 13.75
C ARG J 192 37.62 -44.61 14.53
N LEU J 193 38.43 -43.93 15.36
CA LEU J 193 39.55 -44.57 16.04
C LEU J 193 39.13 -45.03 17.44
N TRP J 194 37.81 -45.11 17.71
CA TRP J 194 37.28 -45.59 18.98
C TRP J 194 37.89 -46.93 19.36
N TYR J 195 38.03 -47.84 18.38
CA TYR J 195 38.44 -49.22 18.60
C TYR J 195 39.88 -49.29 19.10
N PHE J 196 40.59 -48.15 19.11
CA PHE J 196 41.98 -48.08 19.54
C PHE J 196 42.08 -47.22 20.80
N ARG J 197 41.61 -45.96 20.68
CA ARG J 197 41.66 -44.99 21.76
C ARG J 197 40.89 -45.53 22.98
N GLU J 198 39.71 -46.09 22.75
CA GLU J 198 38.76 -46.42 23.81
C GLU J 198 38.75 -47.92 24.10
N ASP J 199 39.60 -48.69 23.42
CA ASP J 199 39.72 -50.12 23.68
C ASP J 199 40.23 -50.35 25.10
N ILE J 200 39.53 -51.23 25.83
CA ILE J 200 39.88 -51.62 27.19
C ILE J 200 41.35 -52.07 27.25
N GLY J 201 41.73 -52.90 26.29
CA GLY J 201 43.04 -53.54 26.28
C GLY J 201 44.17 -52.54 26.38
N VAL J 202 44.19 -51.57 25.46
CA VAL J 202 45.36 -50.70 25.29
C VAL J 202 45.41 -49.72 26.47
N ASN J 203 44.24 -49.35 27.02
CA ASN J 203 44.18 -48.48 28.19
C ASN J 203 44.74 -49.19 29.42
N LEU J 204 44.53 -50.51 29.51
CA LEU J 204 45.06 -51.29 30.60
C LEU J 204 46.58 -51.42 30.48
N HIS J 205 47.06 -51.64 29.25
CA HIS J 205 48.49 -51.75 29.00
C HIS J 205 49.21 -50.49 29.45
N HIS J 206 48.63 -49.32 29.13
CA HIS J 206 49.23 -48.04 29.44
C HIS J 206 49.29 -47.85 30.94
N TRP J 207 48.15 -48.06 31.63
CA TRP J 207 48.08 -47.96 33.08
C TRP J 207 49.13 -48.84 33.75
N HIS J 208 49.25 -50.08 33.30
CA HIS J 208 50.13 -51.07 33.91
C HIS J 208 51.61 -50.72 33.66
N TRP J 209 51.93 -50.23 32.47
CA TRP J 209 53.30 -49.85 32.15
C TRP J 209 53.82 -48.82 33.14
N HIS J 210 52.95 -47.86 33.51
CA HIS J 210 53.30 -46.81 34.44
C HIS J 210 53.33 -47.33 35.88
N LEU J 211 52.66 -48.46 36.16
CA LEU J 211 52.76 -49.13 37.46
C LEU J 211 54.18 -49.67 37.69
N VAL J 212 54.74 -50.34 36.68
CA VAL J 212 55.96 -51.12 36.87
C VAL J 212 57.18 -50.23 36.62
N TYR J 213 56.98 -49.11 35.90
CA TYR J 213 58.03 -48.12 35.67
C TYR J 213 57.55 -46.74 36.14
N PRO J 214 57.33 -46.50 37.45
CA PRO J 214 57.02 -45.15 37.92
C PRO J 214 58.22 -44.23 37.71
N PHE J 215 57.98 -42.92 37.89
CA PHE J 215 59.00 -41.91 37.70
C PHE J 215 59.31 -41.20 39.01
N GLU J 216 58.70 -41.66 40.12
CA GLU J 216 58.87 -41.03 41.43
C GLU J 216 58.60 -42.05 42.52
N ALA J 217 59.48 -42.10 43.55
CA ALA J 217 59.23 -42.84 44.79
C ALA J 217 60.54 -43.08 45.56
N SER J 218 61.39 -43.94 45.00
CA SER J 218 62.64 -44.41 45.59
C SER J 218 63.28 -45.39 44.60
N ASN J 219 64.58 -45.24 44.35
CA ASN J 219 65.25 -45.98 43.28
C ASN J 219 65.13 -47.48 43.52
N ARG J 220 65.16 -47.88 44.79
CA ARG J 220 64.95 -49.26 45.21
C ARG J 220 63.45 -49.59 45.20
N ALA J 221 62.59 -48.56 45.28
CA ALA J 221 61.16 -48.71 45.04
C ALA J 221 60.85 -48.46 43.56
N ILE J 222 61.70 -48.99 42.67
CA ILE J 222 61.32 -49.45 41.35
C ILE J 222 61.52 -48.33 40.32
N VAL J 223 62.17 -47.22 40.70
CA VAL J 223 62.24 -46.11 39.76
C VAL J 223 63.39 -46.38 38.80
N ASP J 224 64.51 -46.90 39.33
CA ASP J 224 65.71 -47.10 38.52
C ASP J 224 65.74 -48.51 37.94
N LYS J 225 64.94 -48.73 36.89
CA LYS J 225 64.93 -49.96 36.11
C LYS J 225 65.78 -49.73 34.86
N ASP J 226 66.39 -50.81 34.34
CA ASP J 226 67.32 -50.69 33.24
C ASP J 226 66.64 -50.01 32.06
N ARG J 227 67.26 -48.91 31.58
CA ARG J 227 66.88 -48.24 30.35
C ARG J 227 65.40 -47.84 30.34
N ARG J 228 64.86 -47.44 31.50
CA ARG J 228 63.48 -47.04 31.61
C ARG J 228 63.20 -45.76 30.82
N GLY J 229 64.23 -44.91 30.71
CA GLY J 229 64.17 -43.72 29.89
C GLY J 229 63.94 -44.06 28.43
N GLU J 230 64.78 -44.96 27.89
CA GLU J 230 64.63 -45.41 26.51
C GLU J 230 63.29 -46.12 26.36
N LEU J 231 62.89 -46.86 27.40
CA LEU J 231 61.62 -47.57 27.39
C LEU J 231 60.48 -46.56 27.19
N PHE J 232 60.51 -45.50 28.01
CA PHE J 232 59.51 -44.43 27.97
C PHE J 232 59.45 -43.82 26.57
N TYR J 233 60.62 -43.59 25.97
CA TYR J 233 60.69 -43.08 24.60
C TYR J 233 59.98 -44.06 23.67
N TYR J 234 60.44 -45.32 23.67
CA TYR J 234 60.11 -46.31 22.65
C TYR J 234 58.65 -46.72 22.75
N MET J 235 58.21 -47.12 23.95
CA MET J 235 56.85 -47.58 24.16
C MET J 235 55.87 -46.54 23.62
N HIS J 236 55.98 -45.29 24.10
CA HIS J 236 55.10 -44.21 23.69
C HIS J 236 55.26 -43.96 22.18
N SER J 237 56.49 -44.09 21.67
CA SER J 237 56.79 -43.90 20.26
C SER J 237 56.07 -44.93 19.38
N GLN J 238 55.93 -46.16 19.92
CA GLN J 238 55.24 -47.23 19.23
C GLN J 238 53.72 -47.04 19.29
N LEU J 239 53.22 -46.43 20.36
CA LEU J 239 51.81 -46.10 20.46
C LEU J 239 51.38 -45.24 19.26
N ILE J 240 52.21 -44.26 18.89
CA ILE J 240 51.86 -43.31 17.85
C ILE J 240 52.05 -43.93 16.48
N ALA J 241 53.08 -44.77 16.33
CA ALA J 241 53.31 -45.54 15.11
C ALA J 241 52.10 -46.43 14.80
N ARG J 242 51.59 -47.09 15.83
CA ARG J 242 50.41 -47.94 15.71
C ARG J 242 49.16 -47.11 15.47
N TYR J 243 49.06 -45.94 16.13
CA TYR J 243 47.94 -45.02 15.98
C TYR J 243 47.93 -44.50 14.55
N ASN J 244 49.09 -44.06 14.07
CA ASN J 244 49.23 -43.52 12.73
C ASN J 244 48.87 -44.58 11.68
N PHE J 245 49.15 -45.85 11.99
CA PHE J 245 48.77 -46.95 11.12
C PHE J 245 47.24 -47.00 11.04
N GLU J 246 46.60 -47.06 12.22
CA GLU J 246 45.16 -47.17 12.31
C GLU J 246 44.49 -45.95 11.68
N ARG J 247 45.15 -44.79 11.70
CA ARG J 247 44.63 -43.60 11.05
C ARG J 247 44.50 -43.84 9.55
N PHE J 248 45.57 -44.40 8.94
CA PHE J 248 45.61 -44.64 7.51
C PHE J 248 44.54 -45.63 7.08
N CYS J 249 44.13 -46.52 8.01
CA CYS J 249 43.10 -47.50 7.76
C CYS J 249 41.69 -46.92 7.92
N ASN J 250 41.59 -45.63 8.27
CA ASN J 250 40.32 -44.95 8.42
C ASN J 250 40.30 -43.67 7.58
N ARG J 251 41.10 -43.66 6.50
CA ARG J 251 41.09 -42.59 5.50
C ARG J 251 41.45 -41.24 6.12
N LEU J 252 42.35 -41.24 7.11
CA LEU J 252 42.84 -40.04 7.78
C LEU J 252 44.33 -39.88 7.52
N GLN J 253 44.85 -38.66 7.74
CA GLN J 253 46.28 -38.39 7.60
C GLN J 253 46.98 -38.70 8.90
N ARG J 254 48.33 -38.63 8.90
CA ARG J 254 49.12 -38.88 10.10
C ARG J 254 48.79 -37.81 11.13
N VAL J 255 48.89 -38.17 12.42
CA VAL J 255 48.54 -37.27 13.51
C VAL J 255 49.46 -36.06 13.47
N LYS J 256 48.88 -34.86 13.55
CA LYS J 256 49.62 -33.62 13.61
C LYS J 256 50.01 -33.36 15.06
N ARG J 257 51.29 -33.00 15.28
CA ARG J 257 51.83 -32.71 16.60
C ARG J 257 51.22 -31.42 17.15
N LEU J 258 51.40 -31.18 18.46
CA LEU J 258 51.08 -29.90 19.08
C LEU J 258 52.22 -28.91 18.83
N ASN J 259 52.22 -28.35 17.61
CA ASN J 259 53.19 -27.38 17.13
C ASN J 259 53.54 -26.42 18.27
N ASN J 260 52.53 -25.64 18.71
CA ASN J 260 52.73 -24.59 19.69
C ASN J 260 51.46 -24.42 20.52
N LEU J 261 51.66 -24.07 21.80
CA LEU J 261 50.67 -24.25 22.85
C LEU J 261 49.68 -23.08 22.91
N ARG J 262 49.97 -22.00 22.16
CA ARG J 262 49.16 -20.79 22.20
C ARG J 262 47.98 -20.91 21.24
N GLU J 263 48.18 -21.65 20.14
CA GLU J 263 47.15 -21.88 19.14
C GLU J 263 46.08 -22.79 19.72
N PRO J 264 44.78 -22.58 19.41
CA PRO J 264 43.70 -23.47 19.85
C PRO J 264 43.87 -24.97 19.53
N ILE J 265 43.23 -25.83 20.34
CA ILE J 265 43.19 -27.27 20.09
C ILE J 265 41.88 -27.59 19.39
N ALA J 266 41.99 -27.98 18.11
CA ALA J 266 40.85 -28.19 17.23
C ALA J 266 39.91 -29.29 17.74
N GLU J 267 40.49 -30.43 18.15
CA GLU J 267 39.73 -31.64 18.46
C GLU J 267 39.37 -31.64 19.94
N GLY J 268 38.08 -31.40 20.24
CA GLY J 268 37.53 -31.63 21.58
C GLY J 268 37.24 -33.11 21.81
N TYR J 269 36.93 -33.46 23.08
CA TYR J 269 36.62 -34.83 23.43
C TYR J 269 35.84 -34.86 24.75
N PHE J 270 34.58 -35.30 24.69
CA PHE J 270 33.77 -35.61 25.86
C PHE J 270 33.77 -37.12 26.10
N PRO J 271 34.39 -37.61 27.19
CA PRO J 271 34.69 -39.05 27.34
C PRO J 271 33.52 -39.94 27.77
N LYS J 272 32.50 -39.32 28.36
CA LYS J 272 31.25 -39.97 28.75
C LYS J 272 31.45 -40.93 29.93
N LEU J 273 32.43 -40.63 30.80
CA LEU J 273 32.71 -41.45 31.97
C LEU J 273 32.16 -40.75 33.21
N ASP J 274 31.71 -41.55 34.19
CA ASP J 274 31.19 -41.06 35.46
C ASP J 274 31.91 -41.79 36.58
N SER J 275 32.73 -41.05 37.35
CA SER J 275 33.45 -41.59 38.50
C SER J 275 32.49 -41.84 39.66
N LEU J 276 32.28 -43.12 40.00
CA LEU J 276 31.40 -43.52 41.10
C LEU J 276 32.08 -43.23 42.44
N VAL J 277 33.42 -43.09 42.43
CA VAL J 277 34.20 -42.76 43.61
C VAL J 277 34.09 -41.26 43.92
N ALA J 278 34.16 -40.42 42.87
CA ALA J 278 34.00 -38.98 42.99
C ALA J 278 32.52 -38.59 42.94
N SER J 279 31.69 -39.52 42.45
CA SER J 279 30.25 -39.39 42.30
C SER J 279 29.89 -38.32 41.27
N ARG J 280 30.93 -37.76 40.62
CA ARG J 280 30.78 -36.80 39.54
C ARG J 280 31.19 -37.47 38.23
N THR J 281 31.08 -36.73 37.12
CA THR J 281 31.63 -37.16 35.83
C THR J 281 32.93 -36.38 35.55
N TRP J 282 33.79 -36.97 34.71
CA TRP J 282 34.95 -36.30 34.14
C TRP J 282 34.49 -35.15 33.25
N PRO J 283 35.09 -33.95 33.33
CA PRO J 283 34.73 -32.85 32.42
C PRO J 283 35.18 -33.17 31.01
N GLY J 284 34.46 -32.63 30.02
CA GLY J 284 34.88 -32.68 28.62
C GLY J 284 35.76 -31.47 28.27
N ARG J 285 36.35 -31.51 27.07
CA ARG J 285 37.03 -30.37 26.49
C ARG J 285 36.33 -29.99 25.19
N VAL J 286 36.05 -28.69 25.02
CA VAL J 286 35.33 -28.19 23.87
C VAL J 286 36.27 -28.07 22.67
N ASP J 287 35.68 -27.91 21.48
CA ASP J 287 36.46 -27.61 20.28
C ASP J 287 37.10 -26.23 20.47
N ASN J 288 38.36 -26.12 20.01
CA ASN J 288 39.11 -24.86 20.01
C ASN J 288 39.32 -24.31 21.43
N ALA J 289 39.36 -25.20 22.42
CA ALA J 289 39.86 -24.84 23.74
C ALA J 289 41.30 -24.35 23.61
N VAL J 290 41.69 -23.39 24.46
CA VAL J 290 43.08 -22.91 24.52
C VAL J 290 43.67 -23.29 25.87
N ILE J 291 44.94 -23.71 25.85
CA ILE J 291 45.70 -23.96 27.07
C ILE J 291 45.79 -22.65 27.84
N LYS J 292 45.66 -22.72 29.16
CA LYS J 292 45.65 -21.55 30.02
C LYS J 292 46.55 -21.80 31.22
N ASP J 293 47.22 -20.73 31.70
CA ASP J 293 48.03 -20.76 32.91
C ASP J 293 47.22 -21.36 34.07
N LEU J 294 47.85 -22.30 34.79
CA LEU J 294 47.23 -23.01 35.90
C LEU J 294 47.55 -22.32 37.22
N ASN J 295 46.55 -22.23 38.10
CA ASN J 295 46.70 -21.79 39.48
C ASN J 295 45.75 -22.60 40.36
N ARG J 296 46.08 -23.88 40.56
CA ARG J 296 45.26 -24.80 41.34
C ARG J 296 45.84 -24.89 42.74
N GLU J 297 45.52 -23.89 43.59
CA GLU J 297 46.11 -23.75 44.92
C GLU J 297 46.06 -25.09 45.67
N LEU J 298 44.90 -25.78 45.64
CA LEU J 298 44.68 -27.00 46.40
C LEU J 298 45.67 -28.08 45.96
N ASP J 299 45.76 -28.29 44.63
CA ASP J 299 46.55 -29.36 44.06
C ASP J 299 48.05 -29.06 44.11
N GLN J 300 48.41 -27.82 44.48
CA GLN J 300 49.79 -27.36 44.49
C GLN J 300 50.34 -27.31 43.06
N ILE J 301 49.62 -26.60 42.18
CA ILE J 301 50.04 -26.33 40.81
C ILE J 301 50.03 -24.83 40.59
N LYS J 302 51.23 -24.27 40.36
CA LYS J 302 51.40 -22.88 39.97
C LYS J 302 52.35 -22.88 38.78
N GLN J 303 51.79 -23.08 37.58
CA GLN J 303 52.58 -23.20 36.37
C GLN J 303 52.00 -22.31 35.28
N ASP J 304 52.89 -21.58 34.59
CA ASP J 304 52.52 -20.76 33.44
C ASP J 304 52.88 -21.50 32.16
N VAL J 305 52.18 -21.19 31.08
CA VAL J 305 52.45 -21.82 29.79
C VAL J 305 53.90 -21.53 29.41
N SER J 306 54.35 -20.30 29.65
CA SER J 306 55.71 -19.89 29.33
C SER J 306 56.74 -20.78 30.04
N ASP J 307 56.44 -21.27 31.25
CA ASP J 307 57.30 -22.21 31.94
C ASP J 307 57.53 -23.45 31.07
N LEU J 308 56.43 -23.97 30.52
CA LEU J 308 56.47 -25.16 29.67
C LEU J 308 57.34 -24.86 28.45
N GLU J 309 57.05 -23.73 27.80
CA GLU J 309 57.77 -23.25 26.63
C GLU J 309 59.26 -23.10 26.90
N ARG J 310 59.59 -22.66 28.11
CA ARG J 310 60.98 -22.44 28.52
C ARG J 310 61.69 -23.78 28.62
N TRP J 311 61.02 -24.77 29.23
CA TRP J 311 61.57 -26.11 29.36
C TRP J 311 61.88 -26.69 27.97
N ILE J 312 60.94 -26.51 27.04
CA ILE J 312 61.06 -27.04 25.69
C ILE J 312 62.25 -26.39 24.99
N ASP J 313 62.32 -25.05 25.05
CA ASP J 313 63.41 -24.30 24.45
C ASP J 313 64.76 -24.83 24.94
N ARG J 314 64.86 -25.14 26.24
CA ARG J 314 66.12 -25.58 26.83
C ARG J 314 66.45 -27.00 26.39
N ILE J 315 65.44 -27.88 26.34
CA ILE J 315 65.63 -29.29 26.00
C ILE J 315 66.11 -29.40 24.55
N TYR J 316 65.46 -28.65 23.65
CA TYR J 316 65.88 -28.55 22.26
C TYR J 316 67.35 -28.15 22.19
N GLU J 317 67.74 -27.12 22.97
CA GLU J 317 69.09 -26.59 22.97
C GLU J 317 70.07 -27.71 23.32
N ALA J 318 69.79 -28.43 24.42
CA ALA J 318 70.62 -29.51 24.89
C ALA J 318 70.79 -30.57 23.81
N VAL J 319 69.69 -30.92 23.14
CA VAL J 319 69.67 -31.96 22.13
C VAL J 319 70.58 -31.57 20.95
N HIS J 320 70.50 -30.30 20.53
CA HIS J 320 71.31 -29.77 19.46
C HIS J 320 72.77 -29.62 19.92
N GLN J 321 72.98 -29.01 21.09
CA GLN J 321 74.30 -28.93 21.71
C GLN J 321 74.95 -30.31 21.76
N GLY J 322 74.16 -31.34 22.10
CA GLY J 322 74.63 -32.71 22.15
C GLY J 322 74.93 -33.18 23.58
N TYR J 323 74.73 -32.30 24.57
CA TYR J 323 74.97 -32.64 25.97
C TYR J 323 74.00 -31.91 26.88
N VAL J 324 73.85 -32.42 28.12
CA VAL J 324 73.06 -31.76 29.15
C VAL J 324 73.99 -31.35 30.29
N VAL J 325 73.46 -30.59 31.26
CA VAL J 325 74.23 -30.18 32.43
C VAL J 325 73.47 -30.63 33.68
N ASP J 326 74.18 -31.27 34.62
CA ASP J 326 73.58 -31.75 35.86
C ASP J 326 73.52 -30.60 36.87
N GLU J 327 72.83 -30.83 37.99
CA GLU J 327 72.68 -29.85 39.06
C GLU J 327 74.05 -29.28 39.44
N SER J 328 75.07 -30.16 39.48
CA SER J 328 76.41 -29.82 39.93
C SER J 328 77.11 -28.85 38.98
N GLY J 329 76.72 -28.86 37.69
CA GLY J 329 77.31 -27.97 36.70
C GLY J 329 78.09 -28.74 35.64
N ASN J 330 78.33 -30.04 35.89
CA ASN J 330 79.08 -30.90 34.98
C ASN J 330 78.25 -31.18 33.72
N ARG J 331 78.94 -31.64 32.65
CA ARG J 331 78.29 -31.96 31.39
C ARG J 331 78.23 -33.47 31.19
N ILE J 332 77.04 -33.95 30.76
CA ILE J 332 76.83 -35.35 30.43
C ILE J 332 76.46 -35.41 28.94
N PHE J 333 77.11 -36.32 28.20
CA PHE J 333 77.06 -36.31 26.74
C PHE J 333 76.01 -37.31 26.24
N LEU J 334 75.15 -36.83 25.33
CA LEU J 334 74.10 -37.64 24.73
C LEU J 334 74.71 -38.49 23.62
N ASP J 335 75.37 -39.59 24.01
CA ASP J 335 76.10 -40.47 23.11
C ASP J 335 75.14 -41.48 22.49
N GLU J 336 75.68 -42.35 21.64
CA GLU J 336 74.90 -43.35 20.91
C GLU J 336 74.24 -44.35 21.86
N GLU J 337 74.85 -44.57 23.02
CA GLU J 337 74.47 -45.66 23.91
C GLU J 337 73.37 -45.20 24.87
N LYS J 338 73.69 -44.21 25.72
CA LYS J 338 72.83 -43.83 26.83
C LYS J 338 72.09 -42.52 26.56
N GLY J 339 72.41 -41.84 25.46
CA GLY J 339 71.81 -40.57 25.11
C GLY J 339 70.29 -40.59 25.22
N ILE J 340 69.65 -41.51 24.49
CA ILE J 340 68.20 -41.62 24.43
C ILE J 340 67.63 -41.85 25.82
N ASP J 341 68.28 -42.71 26.61
CA ASP J 341 67.82 -43.07 27.93
C ASP J 341 67.79 -41.84 28.84
N ILE J 342 68.87 -41.05 28.80
CA ILE J 342 68.97 -39.81 29.55
C ILE J 342 67.80 -38.90 29.16
N LEU J 343 67.70 -38.62 27.86
CA LEU J 343 66.71 -37.71 27.32
C LEU J 343 65.31 -38.08 27.81
N GLY J 344 65.01 -39.38 27.82
CA GLY J 344 63.72 -39.88 28.28
C GLY J 344 63.40 -39.44 29.71
N ASN J 345 64.39 -39.58 30.60
CA ASN J 345 64.23 -39.24 32.00
C ASN J 345 64.09 -37.73 32.17
N ILE J 346 64.74 -36.97 31.28
CA ILE J 346 64.65 -35.51 31.27
C ILE J 346 63.26 -35.06 30.84
N ILE J 347 62.74 -35.70 29.78
CA ILE J 347 61.51 -35.24 29.12
C ILE J 347 60.26 -35.61 29.93
N GLU J 348 60.16 -36.87 30.37
CA GLU J 348 59.02 -37.29 31.18
C GLU J 348 59.11 -36.58 32.52
N SER J 349 60.36 -36.37 32.95
CA SER J 349 60.76 -35.96 34.28
C SER J 349 60.59 -37.14 35.26
N SER J 350 61.61 -37.98 35.29
CA SER J 350 61.75 -38.98 36.34
C SER J 350 62.87 -38.50 37.27
N ILE J 351 62.76 -38.81 38.56
CA ILE J 351 63.78 -38.41 39.52
C ILE J 351 65.18 -38.77 39.03
N LEU J 352 65.25 -39.59 37.97
CA LEU J 352 66.51 -39.96 37.36
C LEU J 352 67.03 -38.85 36.44
N SER J 353 66.20 -37.83 36.18
CA SER J 353 66.61 -36.69 35.37
C SER J 353 67.87 -36.07 35.98
N PRO J 354 68.95 -35.85 35.20
CA PRO J 354 70.19 -35.30 35.75
C PRO J 354 70.07 -33.85 36.20
N ASN J 355 68.94 -33.18 35.91
CA ASN J 355 68.71 -31.82 36.36
C ASN J 355 67.25 -31.43 36.17
N ARG J 356 66.36 -31.93 37.02
CA ARG J 356 64.93 -31.64 36.97
C ARG J 356 64.68 -30.14 36.95
N GLN J 357 65.43 -29.39 37.79
CA GLN J 357 65.17 -27.97 38.02
C GLN J 357 65.33 -27.17 36.73
N LEU J 358 66.26 -27.58 35.86
CA LEU J 358 66.57 -26.84 34.64
C LEU J 358 65.65 -27.27 33.49
N TYR J 359 65.50 -28.59 33.29
CA TYR J 359 64.82 -29.13 32.12
C TYR J 359 63.36 -29.49 32.44
N GLY J 360 62.97 -29.38 33.71
CA GLY J 360 61.57 -29.37 34.08
C GLY J 360 60.91 -30.76 34.07
N ASP J 361 59.57 -30.74 34.04
CA ASP J 361 58.67 -31.88 34.12
C ASP J 361 57.75 -31.82 32.90
N MET J 362 58.38 -31.81 31.73
CA MET J 362 57.79 -31.34 30.48
C MET J 362 56.57 -32.16 30.05
N HIS J 363 56.72 -33.48 29.93
CA HIS J 363 55.63 -34.35 29.48
C HIS J 363 54.46 -34.29 30.46
N ASN J 364 54.74 -34.53 31.75
CA ASN J 364 53.70 -34.64 32.78
C ASN J 364 52.91 -33.35 32.91
N VAL J 365 53.60 -32.19 32.94
CA VAL J 365 52.95 -30.91 33.13
C VAL J 365 52.03 -30.64 31.95
N GLY J 366 52.43 -31.08 30.75
CA GLY J 366 51.61 -30.99 29.56
C GLY J 366 50.26 -31.71 29.71
N HIS J 367 50.28 -32.91 30.33
CA HIS J 367 49.07 -33.68 30.59
C HIS J 367 48.11 -32.88 31.48
N VAL J 368 48.65 -32.13 32.45
CA VAL J 368 47.85 -31.37 33.40
C VAL J 368 47.26 -30.13 32.72
N PHE J 369 48.08 -29.38 32.00
CA PHE J 369 47.63 -28.21 31.25
C PHE J 369 46.43 -28.58 30.36
N LEU J 370 46.55 -29.68 29.62
CA LEU J 370 45.56 -30.09 28.63
C LEU J 370 44.27 -30.55 29.31
N SER J 371 44.38 -31.01 30.56
CA SER J 371 43.24 -31.58 31.28
C SER J 371 42.46 -30.53 32.06
N TYR J 372 42.97 -29.27 32.10
CA TYR J 372 42.42 -28.25 32.98
C TYR J 372 42.04 -26.99 32.21
N THR J 373 41.84 -27.10 30.89
CA THR J 373 41.51 -25.95 30.06
C THR J 373 40.17 -25.36 30.50
N HIS J 374 39.29 -26.21 31.04
CA HIS J 374 37.92 -25.85 31.39
C HIS J 374 37.86 -25.13 32.75
N ASP J 375 38.89 -25.30 33.59
CA ASP J 375 38.90 -24.72 34.93
C ASP J 375 40.33 -24.64 35.45
N PRO J 376 41.14 -23.68 34.97
CA PRO J 376 42.56 -23.63 35.31
C PRO J 376 42.94 -22.96 36.62
N ASP J 377 42.04 -22.15 37.19
CA ASP J 377 42.29 -21.45 38.45
C ASP J 377 41.40 -21.99 39.57
N HIS J 378 40.62 -23.04 39.28
CA HIS J 378 39.83 -23.78 40.26
C HIS J 378 38.62 -22.97 40.73
N ARG J 379 38.22 -21.94 39.97
CA ARG J 379 37.12 -21.08 40.35
C ARG J 379 35.79 -21.84 40.27
N HIS J 380 35.76 -22.90 39.44
CA HIS J 380 34.56 -23.71 39.21
C HIS J 380 34.58 -25.01 40.00
N LEU J 381 35.61 -25.20 40.84
CA LEU J 381 35.67 -26.38 41.69
C LEU J 381 35.44 -27.64 40.87
N GLU J 382 36.07 -27.72 39.69
CA GLU J 382 35.98 -28.88 38.82
C GLU J 382 37.30 -29.63 38.81
N SER J 383 37.23 -30.94 38.57
CA SER J 383 38.39 -31.80 38.52
C SER J 383 38.95 -31.83 37.09
N PHE J 384 40.05 -32.55 36.91
CA PHE J 384 40.73 -32.62 35.62
C PHE J 384 39.96 -33.52 34.66
N GLY J 385 40.04 -33.18 33.36
CA GLY J 385 39.53 -34.02 32.29
C GLY J 385 40.37 -35.28 32.13
N VAL J 386 40.09 -36.06 31.08
CA VAL J 386 40.56 -37.43 30.94
C VAL J 386 42.09 -37.49 30.76
N MET J 387 42.71 -36.43 30.20
CA MET J 387 44.15 -36.41 29.94
C MET J 387 44.98 -36.28 31.21
N GLY J 388 44.30 -36.05 32.35
CA GLY J 388 44.96 -35.88 33.62
C GLY J 388 45.18 -37.20 34.37
N ASP J 389 44.68 -38.33 33.83
CA ASP J 389 44.83 -39.64 34.45
C ASP J 389 45.39 -40.62 33.41
N VAL J 390 46.51 -41.28 33.77
CA VAL J 390 47.16 -42.29 32.94
C VAL J 390 46.15 -43.36 32.52
N ALA J 391 45.26 -43.73 33.44
CA ALA J 391 44.24 -44.75 33.21
C ALA J 391 43.35 -44.42 32.02
N THR J 392 43.14 -43.12 31.76
CA THR J 392 42.14 -42.68 30.78
C THR J 392 42.75 -41.81 29.68
N ALA J 393 44.03 -41.44 29.78
CA ALA J 393 44.63 -40.41 28.93
C ALA J 393 44.54 -40.75 27.44
N MET J 394 44.63 -42.04 27.10
CA MET J 394 44.71 -42.46 25.71
C MET J 394 43.36 -42.33 24.99
N ARG J 395 42.27 -42.12 25.73
CA ARG J 395 40.95 -41.98 25.15
C ARG J 395 40.85 -40.68 24.33
N ASP J 396 41.54 -39.63 24.78
CA ASP J 396 41.46 -38.31 24.17
C ASP J 396 42.35 -38.28 22.92
N PRO J 397 41.87 -37.76 21.77
CA PRO J 397 42.73 -37.56 20.60
C PRO J 397 43.96 -36.67 20.78
N VAL J 398 43.87 -35.71 21.72
CA VAL J 398 44.95 -34.74 21.93
C VAL J 398 46.18 -35.46 22.49
N PHE J 399 45.95 -36.62 23.13
CA PHE J 399 47.02 -37.44 23.67
C PHE J 399 48.09 -37.68 22.61
N TYR J 400 47.62 -38.01 21.40
CA TYR J 400 48.48 -38.46 20.31
C TYR J 400 49.20 -37.26 19.70
N ARG J 401 48.56 -36.08 19.77
CA ARG J 401 49.17 -34.84 19.31
C ARG J 401 50.30 -34.43 20.27
N TRP J 402 50.00 -34.45 21.58
CA TRP J 402 51.00 -34.09 22.58
C TRP J 402 52.15 -35.10 22.57
N HIS J 403 51.82 -36.39 22.43
CA HIS J 403 52.83 -37.44 22.45
C HIS J 403 53.60 -37.49 21.14
N SER J 404 52.95 -37.00 20.07
CA SER J 404 53.55 -36.83 18.75
C SER J 404 54.65 -35.77 18.79
N PHE J 405 54.32 -34.61 19.39
CA PHE J 405 55.27 -33.53 19.60
C PHE J 405 56.50 -34.08 20.33
N ILE J 406 56.26 -34.64 21.52
CA ILE J 406 57.32 -35.17 22.37
C ILE J 406 58.24 -36.07 21.57
N ASP J 407 57.67 -36.87 20.66
CA ASP J 407 58.43 -37.82 19.87
C ASP J 407 59.39 -37.10 18.93
N ASP J 408 58.91 -36.00 18.33
CA ASP J 408 59.69 -35.19 17.42
C ASP J 408 60.96 -34.71 18.13
N ILE J 409 60.85 -34.37 19.43
CA ILE J 409 62.00 -33.92 20.22
C ILE J 409 63.02 -35.06 20.32
N PHE J 410 62.56 -36.28 20.63
CA PHE J 410 63.43 -37.45 20.67
C PHE J 410 64.11 -37.65 19.31
N GLN J 411 63.30 -37.59 18.24
CA GLN J 411 63.79 -37.76 16.88
C GLN J 411 64.96 -36.81 16.61
N GLU J 412 64.85 -35.56 17.09
CA GLU J 412 65.85 -34.54 16.88
C GLU J 412 67.21 -35.03 17.37
N HIS J 413 67.22 -35.94 18.37
CA HIS J 413 68.46 -36.53 18.86
C HIS J 413 68.89 -37.70 17.96
N LYS J 414 67.93 -38.54 17.58
CA LYS J 414 68.21 -39.76 16.82
C LYS J 414 68.82 -39.43 15.45
N ILE J 415 68.43 -38.28 14.86
CA ILE J 415 68.93 -37.90 13.55
C ILE J 415 70.36 -37.36 13.64
N LYS J 416 70.86 -37.15 14.86
CA LYS J 416 72.24 -36.74 15.08
C LYS J 416 73.16 -37.96 15.14
N LEU J 417 72.62 -39.13 15.50
CA LEU J 417 73.41 -40.34 15.61
C LEU J 417 73.91 -40.77 14.23
N PRO J 418 75.11 -41.41 14.12
CA PRO J 418 75.65 -41.81 12.82
C PRO J 418 74.89 -43.01 12.25
N ALA J 419 74.64 -42.99 10.95
CA ALA J 419 73.91 -44.05 10.27
C ALA J 419 74.55 -45.41 10.55
N TYR J 420 73.71 -46.45 10.66
CA TYR J 420 74.20 -47.81 10.75
C TYR J 420 74.88 -48.15 9.42
N THR J 421 76.14 -48.62 9.50
CA THR J 421 76.94 -48.95 8.32
C THR J 421 76.51 -50.32 7.79
N LYS J 422 76.71 -50.52 6.48
CA LYS J 422 76.41 -51.79 5.82
C LYS J 422 76.94 -52.93 6.69
N SER J 423 78.18 -52.76 7.15
CA SER J 423 78.87 -53.69 8.04
C SER J 423 78.04 -53.99 9.29
N GLN J 424 77.59 -52.92 9.97
CA GLN J 424 77.00 -53.03 11.30
C GLN J 424 75.71 -53.86 11.31
N LEU J 425 74.96 -53.87 10.19
CA LEU J 425 73.70 -54.60 10.14
C LEU J 425 73.76 -55.69 9.07
N THR J 426 74.97 -56.18 8.76
CA THR J 426 75.15 -57.40 7.99
C THR J 426 75.52 -58.55 8.95
N TYR J 427 75.01 -59.75 8.68
CA TYR J 427 75.37 -60.96 9.42
C TYR J 427 76.12 -61.91 8.49
N GLU J 428 77.45 -61.88 8.56
CA GLU J 428 78.34 -62.60 7.65
C GLU J 428 77.97 -64.08 7.63
N GLY J 429 77.46 -64.56 6.48
CA GLY J 429 77.09 -65.96 6.34
C GLY J 429 75.58 -66.14 6.23
N ILE J 430 74.82 -65.42 7.06
CA ILE J 430 73.37 -65.58 7.13
C ILE J 430 72.71 -64.79 6.00
N SER J 431 71.71 -65.40 5.35
CA SER J 431 70.91 -64.77 4.32
C SER J 431 69.45 -65.19 4.46
N VAL J 432 68.55 -64.20 4.62
CA VAL J 432 67.11 -64.43 4.62
C VAL J 432 66.61 -64.23 3.19
N THR J 433 65.97 -65.28 2.66
CA THR J 433 65.60 -65.36 1.25
C THR J 433 64.11 -65.14 1.05
N GLY J 434 63.35 -65.08 2.15
CA GLY J 434 61.91 -64.88 2.06
C GLY J 434 61.21 -65.03 3.42
N ILE J 435 60.11 -64.28 3.57
CA ILE J 435 59.19 -64.40 4.69
C ILE J 435 57.77 -64.31 4.15
N ILE J 436 56.86 -65.14 4.68
CA ILE J 436 55.46 -65.13 4.28
C ILE J 436 54.59 -65.28 5.53
N VAL J 437 53.28 -65.04 5.40
CA VAL J 437 52.32 -65.28 6.48
C VAL J 437 51.16 -66.12 5.94
N GLN J 438 50.64 -67.04 6.78
CA GLN J 438 49.54 -67.92 6.40
C GLN J 438 48.50 -68.00 7.53
N SER J 439 47.25 -67.66 7.18
CA SER J 439 46.09 -67.89 8.03
C SER J 439 45.27 -69.05 7.46
N GLU J 440 44.65 -69.83 8.34
CA GLU J 440 43.80 -70.94 7.91
C GLU J 440 42.63 -70.39 7.09
N GLY J 441 42.42 -70.96 5.90
CA GLY J 441 41.35 -70.54 5.00
C GLY J 441 41.48 -69.07 4.58
N ALA J 442 42.61 -68.75 3.96
CA ALA J 442 42.92 -67.41 3.47
C ALA J 442 44.18 -67.46 2.61
N PRO J 443 44.28 -66.69 1.50
CA PRO J 443 45.49 -66.69 0.67
C PRO J 443 46.75 -66.38 1.47
N VAL J 444 47.90 -66.73 0.91
CA VAL J 444 49.20 -66.41 1.50
C VAL J 444 49.35 -64.88 1.53
N ASN J 445 50.15 -64.40 2.50
CA ASN J 445 50.50 -63.00 2.64
C ASN J 445 49.25 -62.13 2.72
N THR J 446 48.30 -62.56 3.58
CA THR J 446 47.03 -61.85 3.77
C THR J 446 46.60 -61.99 5.23
N LEU J 447 46.39 -60.84 5.89
CA LEU J 447 45.87 -60.80 7.26
C LEU J 447 44.43 -60.31 7.23
N HIS J 448 43.60 -60.85 8.13
CA HIS J 448 42.20 -60.49 8.25
C HIS J 448 41.92 -59.92 9.64
N THR J 449 40.99 -58.95 9.72
CA THR J 449 40.51 -58.41 10.99
C THR J 449 38.98 -58.32 10.99
N TYR J 450 38.41 -58.11 12.18
CA TYR J 450 36.96 -58.04 12.38
C TYR J 450 36.66 -57.61 13.82
N TRP J 451 35.37 -57.51 14.16
CA TRP J 451 34.90 -57.22 15.50
C TRP J 451 34.61 -58.53 16.24
N GLN J 452 34.70 -58.50 17.57
CA GLN J 452 34.49 -59.68 18.41
C GLN J 452 34.01 -59.24 19.79
N GLN J 453 32.87 -59.78 20.24
CA GLN J 453 32.39 -59.54 21.59
C GLN J 453 33.10 -60.49 22.56
N SER J 454 33.49 -59.95 23.72
CA SER J 454 34.04 -60.72 24.83
C SER J 454 33.32 -60.32 26.11
N ASP J 455 33.42 -61.18 27.15
CA ASP J 455 32.67 -60.99 28.38
C ASP J 455 33.63 -60.79 29.56
N VAL J 456 33.25 -59.91 30.49
CA VAL J 456 34.05 -59.60 31.67
C VAL J 456 33.11 -59.46 32.86
N ASP J 457 33.50 -60.07 33.99
CA ASP J 457 32.73 -60.01 35.22
C ASP J 457 33.14 -58.76 36.00
N LEU J 458 32.24 -57.76 36.05
CA LEU J 458 32.48 -56.49 36.72
C LEU J 458 31.85 -56.50 38.11
N SER J 459 31.68 -57.69 38.68
CA SER J 459 30.88 -57.88 39.87
C SER J 459 31.59 -57.29 41.09
N ARG J 460 32.90 -57.54 41.16
CA ARG J 460 33.77 -57.10 42.25
C ARG J 460 33.78 -55.58 42.37
N GLY J 461 33.48 -54.88 41.27
CA GLY J 461 33.62 -53.44 41.19
C GLY J 461 32.32 -52.68 41.45
N MET J 462 31.19 -53.39 41.44
CA MET J 462 29.88 -52.78 41.57
C MET J 462 29.46 -52.68 43.04
N ASP J 463 29.80 -51.55 43.67
CA ASP J 463 29.54 -51.33 45.09
C ASP J 463 28.05 -51.13 45.33
N PHE J 464 27.57 -51.64 46.47
CA PHE J 464 26.18 -51.49 46.93
C PHE J 464 25.18 -51.98 45.87
N VAL J 465 25.57 -53.01 45.11
CA VAL J 465 24.72 -53.64 44.13
C VAL J 465 24.42 -55.06 44.62
N PRO J 466 23.16 -55.54 44.51
CA PRO J 466 22.85 -56.93 44.85
C PRO J 466 23.91 -57.90 44.34
N ARG J 467 24.47 -58.71 45.24
CA ARG J 467 25.54 -59.66 44.91
C ARG J 467 25.06 -60.63 43.82
N GLY J 468 26.03 -61.27 43.16
CA GLY J 468 25.76 -62.12 42.00
C GLY J 468 26.78 -61.84 40.90
N ASN J 469 26.52 -62.36 39.69
CA ASN J 469 27.37 -62.11 38.54
C ASN J 469 26.80 -60.93 37.73
N VAL J 470 27.72 -60.17 37.12
CA VAL J 470 27.38 -59.04 36.27
C VAL J 470 28.36 -59.04 35.09
N PHE J 471 27.98 -59.75 34.02
CA PHE J 471 28.82 -59.87 32.83
C PHE J 471 28.55 -58.71 31.88
N ALA J 472 29.63 -58.10 31.37
CA ALA J 472 29.56 -57.03 30.39
C ALA J 472 30.16 -57.49 29.05
N ARG J 473 29.51 -57.12 27.94
CA ARG J 473 29.92 -57.51 26.60
C ARG J 473 30.68 -56.39 25.90
N PHE J 474 31.99 -56.55 25.78
CA PHE J 474 32.86 -55.62 25.06
C PHE J 474 32.94 -56.03 23.58
N THR J 475 32.80 -55.04 22.68
CA THR J 475 33.16 -55.22 21.27
C THR J 475 34.53 -54.59 21.02
N HIS J 476 35.42 -55.35 20.36
CA HIS J 476 36.79 -54.93 20.13
C HIS J 476 37.33 -55.56 18.85
N LEU J 477 38.30 -54.89 18.21
CA LEU J 477 39.00 -55.40 17.04
C LEU J 477 39.62 -56.76 17.36
N GLN J 478 39.62 -57.67 16.37
CA GLN J 478 40.30 -58.95 16.48
C GLN J 478 40.86 -59.35 15.12
N HIS J 479 41.94 -60.15 15.14
CA HIS J 479 42.55 -60.68 13.92
C HIS J 479 42.48 -62.20 13.94
N ALA J 480 42.28 -62.78 12.75
CA ALA J 480 42.40 -64.22 12.52
C ALA J 480 43.83 -64.67 12.87
N PRO J 481 44.01 -65.86 13.49
CA PRO J 481 45.36 -66.34 13.84
C PRO J 481 46.17 -66.52 12.57
N PHE J 482 47.48 -66.29 12.65
CA PHE J 482 48.37 -66.50 11.51
C PHE J 482 49.74 -66.97 12.02
N GLN J 483 50.68 -67.17 11.10
CA GLN J 483 52.03 -67.59 11.41
C GLN J 483 53.00 -67.11 10.33
N TYR J 484 54.21 -66.72 10.74
CA TYR J 484 55.27 -66.32 9.82
C TYR J 484 56.05 -67.57 9.41
N VAL J 485 56.60 -67.59 8.19
CA VAL J 485 57.44 -68.67 7.70
C VAL J 485 58.66 -68.05 7.00
N ILE J 486 59.84 -68.23 7.61
CA ILE J 486 61.04 -67.49 7.25
C ILE J 486 62.12 -68.46 6.77
N GLN J 487 62.68 -68.20 5.57
CA GLN J 487 63.68 -69.05 4.94
C GLN J 487 65.07 -68.45 5.11
N ILE J 488 65.92 -69.10 5.92
CA ILE J 488 67.22 -68.58 6.31
C ILE J 488 68.31 -69.60 5.92
N ASP J 489 69.38 -69.12 5.26
CA ASP J 489 70.51 -69.94 4.86
C ASP J 489 71.74 -69.59 5.70
N ASN J 490 72.50 -70.61 6.13
CA ASN J 490 73.58 -70.45 7.09
C ASN J 490 74.92 -70.23 6.39
N THR J 491 75.31 -71.16 5.52
CA THR J 491 76.53 -71.09 4.71
C THR J 491 77.76 -70.70 5.54
N SER J 492 77.90 -71.27 6.74
CA SER J 492 78.99 -70.93 7.64
C SER J 492 79.81 -72.16 8.02
N ASP J 493 79.10 -73.26 8.36
CA ASP J 493 79.68 -74.53 8.80
C ASP J 493 79.51 -74.71 10.31
N ALA J 494 78.88 -73.74 10.98
CA ALA J 494 78.65 -73.81 12.42
C ALA J 494 77.24 -73.34 12.75
N GLN J 495 76.68 -73.83 13.86
CA GLN J 495 75.42 -73.34 14.39
C GLN J 495 75.54 -71.85 14.68
N ARG J 496 74.67 -71.04 14.04
CA ARG J 496 74.64 -69.60 14.24
C ARG J 496 73.40 -69.22 15.07
N MET J 497 73.64 -68.44 16.13
CA MET J 497 72.58 -67.82 16.92
C MET J 497 72.21 -66.48 16.29
N GLY J 498 70.90 -66.15 16.33
CA GLY J 498 70.41 -64.91 15.74
C GLY J 498 69.14 -64.42 16.42
N PHE J 499 68.96 -63.08 16.41
CA PHE J 499 67.71 -62.45 16.83
C PHE J 499 66.86 -62.20 15.59
N VAL J 500 65.62 -62.72 15.62
CA VAL J 500 64.62 -62.41 14.60
C VAL J 500 63.87 -61.16 15.05
N ARG J 501 63.93 -60.10 14.23
CA ARG J 501 63.27 -58.83 14.51
C ARG J 501 62.25 -58.54 13.41
N ILE J 502 60.96 -58.52 13.76
CA ILE J 502 59.89 -58.39 12.78
C ILE J 502 59.12 -57.10 13.03
N PHE J 503 59.11 -56.21 12.03
CA PHE J 503 58.31 -54.99 12.02
C PHE J 503 57.36 -54.99 10.83
N MET J 504 56.33 -54.14 10.87
CA MET J 504 55.39 -53.95 9.77
C MET J 504 55.03 -52.46 9.66
N ALA J 505 55.06 -51.93 8.44
CA ALA J 505 54.71 -50.53 8.16
C ALA J 505 53.74 -50.46 7.00
N PRO J 506 53.14 -49.29 6.68
CA PRO J 506 52.40 -49.12 5.43
C PRO J 506 53.35 -49.19 4.23
N LYS J 507 52.82 -49.59 3.07
CA LYS J 507 53.62 -49.77 1.86
C LYS J 507 53.82 -48.43 1.15
N ASN J 508 52.74 -47.69 0.93
CA ASN J 508 52.79 -46.42 0.20
C ASN J 508 52.47 -45.24 1.13
N ASP J 509 52.46 -44.02 0.58
CA ASP J 509 52.18 -42.79 1.32
C ASP J 509 50.72 -42.41 1.10
N GLU J 510 50.35 -41.16 1.48
CA GLU J 510 49.00 -40.65 1.24
C GLU J 510 48.81 -40.25 -0.23
N ARG J 511 49.91 -40.06 -0.96
CA ARG J 511 49.91 -39.63 -2.35
C ARG J 511 49.88 -40.83 -3.30
N GLY J 512 50.13 -42.04 -2.77
CA GLY J 512 49.83 -43.27 -3.49
C GLY J 512 51.08 -43.97 -4.02
N GLN J 513 52.29 -43.49 -3.67
CA GLN J 513 53.53 -43.96 -4.23
C GLN J 513 54.26 -44.76 -3.14
N PRO J 514 55.18 -45.67 -3.53
CA PRO J 514 56.00 -46.41 -2.57
C PRO J 514 56.83 -45.50 -1.65
N MET J 515 56.58 -45.63 -0.35
CA MET J 515 57.10 -44.74 0.67
C MET J 515 58.63 -44.74 0.64
N LEU J 516 59.24 -43.57 0.93
CA LEU J 516 60.68 -43.46 1.08
C LEU J 516 61.07 -43.86 2.49
N PHE J 517 62.36 -44.15 2.70
CA PHE J 517 62.83 -44.68 3.98
C PHE J 517 62.63 -43.63 5.07
N ARG J 518 63.17 -42.43 4.85
CA ARG J 518 63.05 -41.29 5.76
C ARG J 518 61.66 -41.20 6.39
N ASP J 519 60.62 -41.42 5.57
CA ASP J 519 59.24 -41.42 6.04
C ASP J 519 58.91 -42.74 6.72
N GLN J 520 59.11 -43.84 6.00
CA GLN J 520 58.61 -45.15 6.38
C GLN J 520 59.26 -45.67 7.66
N ARG J 521 60.51 -45.26 7.94
CA ARG J 521 61.24 -45.78 9.09
C ARG J 521 60.48 -45.49 10.39
N LEU J 522 59.73 -44.38 10.41
CA LEU J 522 59.04 -43.91 11.60
C LEU J 522 57.66 -44.54 11.75
N PHE J 523 57.22 -45.32 10.75
CA PHE J 523 55.90 -45.92 10.74
C PHE J 523 55.96 -47.42 10.96
N MET J 524 57.18 -47.97 11.08
CA MET J 524 57.39 -49.39 11.35
C MET J 524 56.96 -49.72 12.79
N VAL J 525 56.01 -50.66 12.94
CA VAL J 525 55.56 -51.13 14.24
C VAL J 525 56.19 -52.50 14.49
N GLU J 526 56.79 -52.69 15.67
CA GLU J 526 57.38 -53.98 16.04
C GLU J 526 56.27 -55.02 16.16
N MET J 527 56.52 -56.22 15.59
CA MET J 527 55.55 -57.31 15.57
C MET J 527 56.05 -58.53 16.36
N ASP J 528 57.38 -58.70 16.44
CA ASP J 528 57.97 -59.82 17.17
C ASP J 528 59.49 -59.65 17.24
N LYS J 529 60.09 -60.24 18.28
CA LYS J 529 61.54 -60.31 18.45
C LYS J 529 61.88 -61.53 19.31
N PHE J 530 62.53 -62.54 18.71
CA PHE J 530 62.80 -63.81 19.38
C PHE J 530 64.13 -64.41 18.92
N LEU J 531 64.73 -65.23 19.80
CA LEU J 531 66.01 -65.88 19.58
C LEU J 531 65.82 -67.18 18.81
N VAL J 532 66.72 -67.46 17.86
CA VAL J 532 66.62 -68.65 17.03
C VAL J 532 68.00 -69.25 16.78
N ALA J 533 68.08 -70.59 16.81
CA ALA J 533 69.28 -71.35 16.51
C ALA J 533 69.22 -71.91 15.10
N LEU J 534 70.22 -71.59 14.27
CA LEU J 534 70.23 -71.95 12.87
C LEU J 534 71.27 -73.04 12.62
N ARG J 535 70.85 -74.15 12.00
CA ARG J 535 71.75 -75.23 11.60
C ARG J 535 72.45 -74.85 10.30
N PRO J 536 73.68 -75.36 10.03
CA PRO J 536 74.31 -75.15 8.72
C PRO J 536 73.40 -75.50 7.55
N GLY J 537 73.58 -74.81 6.42
CA GLY J 537 72.73 -74.99 5.26
C GLY J 537 71.45 -74.16 5.37
N ALA J 538 70.30 -74.82 5.18
CA ALA J 538 69.01 -74.17 5.08
C ALA J 538 68.18 -74.41 6.35
N ASN J 539 67.39 -73.40 6.73
CA ASN J 539 66.53 -73.45 7.90
C ASN J 539 65.16 -72.87 7.56
N ARG J 540 64.08 -73.59 7.90
CA ARG J 540 62.73 -73.08 7.76
C ARG J 540 62.22 -72.75 9.17
N ILE J 541 62.12 -71.45 9.47
CA ILE J 541 61.63 -70.99 10.76
C ILE J 541 60.14 -70.69 10.65
N ARG J 542 59.37 -71.17 11.63
CA ARG J 542 57.94 -70.89 11.70
C ARG J 542 57.64 -70.33 13.09
N ARG J 543 56.80 -69.29 13.14
CA ARG J 543 56.47 -68.53 14.34
C ARG J 543 54.99 -68.17 14.30
N ARG J 544 54.25 -68.53 15.35
CA ARG J 544 52.83 -68.23 15.44
C ARG J 544 52.64 -66.80 15.92
N SER J 545 51.49 -66.20 15.53
CA SER J 545 51.13 -64.85 15.93
C SER J 545 51.00 -64.74 17.44
N ASN J 546 50.57 -65.83 18.08
CA ASN J 546 50.28 -65.84 19.51
C ASN J 546 51.56 -66.02 20.34
N GLU J 547 52.70 -66.25 19.68
CA GLU J 547 53.98 -66.37 20.36
C GLU J 547 54.69 -65.01 20.48
N SER J 548 54.06 -63.94 19.96
CA SER J 548 54.67 -62.62 19.85
C SER J 548 55.18 -62.14 21.21
N THR J 549 56.38 -61.54 21.21
CA THR J 549 57.03 -60.99 22.40
C THR J 549 56.60 -59.54 22.64
N VAL J 550 55.78 -58.98 21.73
CA VAL J 550 55.23 -57.64 21.88
C VAL J 550 53.91 -57.69 22.65
N THR J 551 53.31 -58.89 22.70
CA THR J 551 51.90 -59.07 23.05
C THR J 551 51.80 -59.84 24.37
N ILE J 552 50.64 -59.75 25.04
CA ILE J 552 50.30 -60.64 26.14
C ILE J 552 48.94 -61.29 25.84
N PRO J 553 48.72 -62.55 26.30
CA PRO J 553 47.51 -63.30 25.99
C PRO J 553 46.22 -62.60 26.44
N PHE J 554 45.12 -62.97 25.76
CA PHE J 554 43.76 -62.65 26.18
C PHE J 554 43.62 -62.76 27.69
N GLU J 555 43.94 -63.96 28.22
CA GLU J 555 43.59 -64.32 29.59
C GLU J 555 44.12 -63.30 30.58
N ARG J 556 45.28 -62.69 30.28
CA ARG J 556 45.90 -61.73 31.18
C ARG J 556 45.05 -60.47 31.27
N THR J 557 44.61 -59.93 30.12
CA THR J 557 43.83 -58.71 30.08
C THR J 557 42.47 -58.89 30.76
N PHE J 558 41.66 -59.81 30.24
CA PHE J 558 40.28 -59.99 30.68
C PHE J 558 40.24 -60.84 31.95
N ARG J 559 40.78 -62.06 31.85
CA ARG J 559 40.65 -63.08 32.88
C ARG J 559 39.18 -63.25 33.29
N CYS J 579 56.67 -54.33 26.58
CA CYS J 579 57.93 -53.96 27.29
C CYS J 579 57.75 -54.09 28.80
N GLY J 580 56.56 -53.67 29.26
CA GLY J 580 56.17 -53.74 30.65
C GLY J 580 55.01 -54.72 30.83
N CYS J 581 53.79 -54.17 30.78
CA CYS J 581 52.60 -54.99 30.99
C CYS J 581 52.34 -55.94 29.82
N GLY J 582 52.46 -55.39 28.61
CA GLY J 582 52.14 -56.11 27.39
C GLY J 582 51.02 -55.45 26.59
N TRP J 583 51.16 -55.44 25.26
CA TRP J 583 50.20 -54.90 24.32
C TRP J 583 49.11 -55.94 24.06
N PRO J 584 47.82 -55.56 24.04
CA PRO J 584 46.74 -56.53 23.85
C PRO J 584 46.87 -57.31 22.54
N ALA J 585 46.64 -58.63 22.61
CA ALA J 585 46.87 -59.54 21.51
C ALA J 585 45.98 -59.22 20.31
N HIS J 586 44.72 -58.86 20.59
CA HIS J 586 43.72 -58.62 19.56
C HIS J 586 44.02 -57.32 18.79
N MET J 587 44.96 -56.51 19.31
CA MET J 587 45.33 -55.25 18.69
C MET J 587 46.68 -55.36 17.98
N LEU J 588 47.20 -56.59 17.83
CA LEU J 588 48.50 -56.84 17.24
C LEU J 588 48.54 -56.40 15.78
N VAL J 589 47.45 -56.64 15.05
CA VAL J 589 47.36 -56.32 13.64
C VAL J 589 46.53 -55.06 13.48
N PRO J 590 47.00 -54.06 12.70
CA PRO J 590 46.15 -52.94 12.26
C PRO J 590 44.86 -53.42 11.62
N LYS J 591 43.86 -52.52 11.56
CA LYS J 591 42.53 -52.88 11.09
C LYS J 591 42.57 -53.18 9.59
N GLY J 592 43.28 -52.34 8.83
CA GLY J 592 43.23 -52.42 7.38
C GLY J 592 41.88 -51.93 6.84
N LEU J 593 41.64 -52.16 5.54
CA LEU J 593 40.44 -51.71 4.86
C LEU J 593 39.63 -52.91 4.39
N PRO J 594 38.33 -52.75 4.08
CA PRO J 594 37.56 -53.80 3.42
C PRO J 594 38.14 -54.17 2.05
N GLU J 595 38.61 -53.16 1.32
CA GLU J 595 39.19 -53.34 -0.01
C GLU J 595 40.63 -53.83 0.08
N GLY J 596 41.16 -53.98 1.30
CA GLY J 596 42.54 -54.40 1.51
C GLY J 596 43.48 -53.21 1.64
N PHE J 597 44.37 -53.26 2.64
CA PHE J 597 45.34 -52.20 2.90
C PHE J 597 46.75 -52.75 2.69
N PRO J 598 47.54 -52.18 1.74
CA PRO J 598 48.89 -52.67 1.44
C PRO J 598 49.92 -52.27 2.49
N ALA J 599 50.77 -53.24 2.86
CA ALA J 599 51.74 -53.10 3.94
C ALA J 599 53.01 -53.89 3.62
N ASP J 600 54.17 -53.33 4.01
CA ASP J 600 55.44 -54.03 3.91
C ASP J 600 55.77 -54.74 5.22
N LEU J 601 55.83 -56.08 5.19
CA LEU J 601 56.34 -56.89 6.29
C LEU J 601 57.86 -57.01 6.16
N PHE J 602 58.58 -56.72 7.24
CA PHE J 602 60.04 -56.73 7.25
C PHE J 602 60.56 -57.63 8.36
N VAL J 603 61.61 -58.40 8.07
CA VAL J 603 62.30 -59.23 9.05
C VAL J 603 63.79 -59.01 8.91
N MET J 604 64.49 -59.05 10.06
CA MET J 604 65.94 -58.97 10.13
C MET J 604 66.44 -60.02 11.12
N VAL J 605 67.54 -60.70 10.75
CA VAL J 605 68.26 -61.60 11.63
C VAL J 605 69.59 -60.95 11.97
N SER J 606 69.75 -60.53 13.24
CA SER J 606 70.98 -59.91 13.72
C SER J 606 71.80 -60.95 14.48
N ASN J 607 73.10 -60.66 14.66
CA ASN J 607 74.04 -61.57 15.30
C ASN J 607 73.85 -61.52 16.81
N TYR J 608 73.18 -62.55 17.36
CA TYR J 608 72.78 -62.59 18.77
C TYR J 608 73.99 -62.50 19.69
N GLU J 609 75.18 -62.87 19.22
CA GLU J 609 76.36 -62.83 20.05
C GLU J 609 76.69 -61.40 20.46
N ASP J 610 76.50 -60.45 19.52
CA ASP J 610 76.67 -59.03 19.79
C ASP J 610 75.49 -58.47 20.59
N ASP J 611 74.28 -58.96 20.29
CA ASP J 611 73.04 -58.44 20.85
C ASP J 611 72.76 -59.04 22.23
N ARG J 612 73.45 -60.13 22.58
CA ARG J 612 73.19 -60.90 23.79
C ARG J 612 73.42 -60.05 25.04
N VAL J 613 72.63 -60.33 26.09
CA VAL J 613 72.78 -59.71 27.39
C VAL J 613 72.85 -60.82 28.44
N VAL J 614 74.08 -61.26 28.75
CA VAL J 614 74.37 -62.38 29.63
C VAL J 614 73.68 -62.20 30.99
N GLN J 615 72.74 -63.10 31.32
CA GLN J 615 71.81 -62.92 32.44
C GLN J 615 70.97 -64.18 32.66
N ASP J 616 70.54 -64.38 33.92
CA ASP J 616 69.68 -65.51 34.30
C ASP J 616 68.29 -65.00 34.71
N LEU J 617 67.23 -65.50 34.05
CA LEU J 617 65.87 -65.04 34.29
C LEU J 617 64.86 -66.11 33.85
N VAL J 618 63.73 -66.21 34.58
CA VAL J 618 62.55 -66.93 34.12
C VAL J 618 61.45 -65.95 33.73
N GLY J 619 61.45 -64.75 34.32
CA GLY J 619 60.66 -63.60 33.88
C GLY J 619 59.24 -63.60 34.46
N THR J 620 58.75 -62.39 34.77
CA THR J 620 57.33 -62.09 34.98
C THR J 620 57.06 -60.63 34.59
N CYS J 621 55.78 -60.31 34.31
CA CYS J 621 55.38 -58.97 33.88
C CYS J 621 54.39 -58.37 34.88
N ASN J 622 53.28 -57.76 34.40
CA ASN J 622 52.38 -56.94 35.21
C ASN J 622 51.73 -57.72 36.36
N ASP J 623 51.54 -59.03 36.19
CA ASP J 623 50.91 -59.90 37.18
C ASP J 623 49.68 -59.19 37.79
N TYR J 627 54.43 -62.14 26.56
CA TYR J 627 55.69 -61.47 26.97
C TYR J 627 56.27 -62.21 28.17
N CYS J 628 57.56 -62.61 28.09
CA CYS J 628 58.19 -63.40 29.14
C CYS J 628 58.15 -62.64 30.45
N GLY J 629 58.72 -61.43 30.48
CA GLY J 629 58.53 -60.51 31.59
C GLY J 629 59.49 -59.32 31.63
N VAL J 630 60.77 -59.63 31.88
CA VAL J 630 61.90 -58.69 31.98
C VAL J 630 61.81 -57.79 33.23
N ARG J 631 61.37 -58.38 34.36
CA ARG J 631 61.46 -57.75 35.68
C ARG J 631 62.83 -57.93 36.31
N ASP J 632 63.62 -58.87 35.76
CA ASP J 632 65.03 -59.03 36.13
C ASP J 632 65.84 -57.81 35.69
N ARG J 633 66.85 -57.47 36.51
CA ARG J 633 67.65 -56.27 36.39
C ARG J 633 67.65 -55.68 34.97
N LEU J 634 68.14 -56.44 33.98
CA LEU J 634 68.54 -55.88 32.69
C LEU J 634 67.50 -56.21 31.60
N TYR J 635 67.54 -55.40 30.53
CA TYR J 635 66.67 -55.54 29.37
C TYR J 635 67.41 -56.39 28.33
N PRO J 636 66.78 -57.45 27.77
CA PRO J 636 67.51 -58.50 27.06
C PRO J 636 67.98 -58.26 25.63
N ASP J 637 68.49 -57.06 25.33
CA ASP J 637 68.93 -56.75 23.98
C ASP J 637 69.83 -55.52 24.02
N ARG J 638 71.09 -55.66 23.61
CA ARG J 638 72.06 -54.58 23.69
C ARG J 638 71.75 -53.50 22.67
N LYS J 639 71.10 -53.87 21.55
CA LYS J 639 70.77 -52.93 20.50
C LYS J 639 69.73 -51.92 20.98
N ALA J 640 69.71 -50.74 20.33
CA ALA J 640 68.76 -49.69 20.65
C ALA J 640 67.33 -50.18 20.38
N MET J 641 66.35 -49.62 21.08
CA MET J 641 64.96 -50.03 20.91
C MET J 641 64.42 -49.42 19.63
N GLY J 642 63.88 -50.28 18.76
CA GLY J 642 63.51 -49.93 17.39
C GLY J 642 64.72 -50.00 16.47
N PHE J 643 65.61 -50.95 16.76
CA PHE J 643 67.01 -50.92 16.35
C PHE J 643 67.22 -50.77 14.85
N PRO J 644 66.64 -51.58 13.93
CA PRO J 644 66.96 -51.40 12.51
C PRO J 644 66.69 -49.96 12.04
N PHE J 645 65.58 -49.36 12.52
CA PHE J 645 65.07 -48.13 11.93
C PHE J 645 65.12 -46.91 12.85
N ASP J 646 65.81 -46.97 14.00
CA ASP J 646 65.81 -45.83 14.90
C ASP J 646 66.65 -44.68 14.33
N ARG J 647 67.66 -45.00 13.51
CA ARG J 647 68.58 -44.00 12.99
C ARG J 647 68.33 -43.73 11.50
N LEU J 648 68.96 -42.65 11.01
CA LEU J 648 68.87 -42.27 9.61
C LEU J 648 69.59 -43.30 8.73
N ALA J 649 69.27 -43.24 7.43
CA ALA J 649 69.86 -44.14 6.44
C ALA J 649 71.30 -43.74 6.17
N ARG J 650 72.12 -44.75 5.85
CA ARG J 650 73.47 -44.54 5.31
C ARG J 650 73.37 -44.02 3.88
N THR J 651 74.46 -43.40 3.39
CA THR J 651 74.50 -42.78 2.07
C THR J 651 74.05 -43.77 1.02
N GLY J 652 73.32 -43.29 0.00
CA GLY J 652 72.89 -44.12 -1.10
C GLY J 652 71.51 -44.76 -0.88
N VAL J 653 71.17 -45.06 0.37
CA VAL J 653 69.89 -45.67 0.70
C VAL J 653 68.79 -44.61 0.58
N ASP J 654 67.60 -45.05 0.14
CA ASP J 654 66.55 -44.15 -0.33
C ASP J 654 65.16 -44.73 0.00
N ARG J 655 65.01 -46.05 -0.12
CA ARG J 655 63.78 -46.74 0.22
C ARG J 655 64.12 -48.10 0.84
N LEU J 656 63.11 -48.79 1.39
CA LEU J 656 63.34 -50.00 2.18
C LEU J 656 64.06 -51.05 1.34
N SER J 657 63.65 -51.16 0.07
CA SER J 657 64.10 -52.21 -0.83
C SER J 657 65.57 -52.08 -1.20
N ASN J 658 66.22 -50.95 -0.86
CA ASN J 658 67.66 -50.82 -1.05
C ASN J 658 68.37 -50.52 0.27
N PHE J 659 67.60 -50.41 1.37
CA PHE J 659 68.18 -50.38 2.71
C PHE J 659 68.63 -51.79 3.11
N VAL J 660 67.91 -52.79 2.58
CA VAL J 660 68.02 -54.18 3.00
C VAL J 660 69.45 -54.71 2.82
N THR J 661 69.89 -55.55 3.78
CA THR J 661 71.07 -56.39 3.68
C THR J 661 70.63 -57.83 3.43
N PRO J 662 71.55 -58.76 3.06
CA PRO J 662 71.21 -60.18 2.88
C PRO J 662 70.39 -60.81 4.00
N ASN J 663 70.74 -60.47 5.25
CA ASN J 663 70.13 -61.05 6.45
C ASN J 663 68.79 -60.38 6.76
N MET J 664 68.26 -59.58 5.83
CA MET J 664 66.91 -59.03 5.91
C MET J 664 66.06 -59.49 4.72
N ALA J 665 64.74 -59.33 4.86
CA ALA J 665 63.77 -59.66 3.82
C ALA J 665 62.53 -58.77 3.94
N ILE J 666 61.92 -58.41 2.80
CA ILE J 666 60.69 -57.63 2.73
C ILE J 666 59.61 -58.50 2.10
N GLN J 667 58.34 -58.24 2.44
CA GLN J 667 57.22 -58.97 1.85
C GLN J 667 55.97 -58.08 1.82
N SER J 668 55.31 -58.01 0.65
CA SER J 668 54.05 -57.31 0.50
C SER J 668 52.95 -58.10 1.18
N VAL J 669 52.32 -57.50 2.21
CA VAL J 669 51.18 -58.07 2.87
C VAL J 669 49.96 -57.20 2.57
N ASN J 670 48.77 -57.80 2.62
CA ASN J 670 47.52 -57.09 2.42
C ASN J 670 46.62 -57.33 3.63
N VAL J 671 46.16 -56.24 4.26
CA VAL J 671 45.36 -56.30 5.48
C VAL J 671 43.91 -56.03 5.12
N ILE J 672 43.05 -57.04 5.29
CA ILE J 672 41.63 -56.96 4.95
C ILE J 672 40.81 -56.93 6.24
N HIS J 673 39.94 -55.92 6.37
CA HIS J 673 38.94 -55.87 7.43
C HIS J 673 37.62 -56.42 6.90
N ILE J 674 36.81 -56.99 7.81
CA ILE J 674 35.47 -57.46 7.52
C ILE J 674 34.56 -57.00 8.67
N ASP J 675 33.56 -56.17 8.36
CA ASP J 675 32.68 -55.61 9.38
C ASP J 675 31.64 -56.66 9.76
N LYS J 676 32.04 -57.56 10.68
CA LYS J 676 31.18 -58.60 11.21
C LYS J 676 31.60 -58.86 12.67
N THR J 677 30.69 -59.41 13.47
CA THR J 677 30.97 -59.69 14.88
C THR J 677 31.03 -61.20 15.09
N VAL J 678 32.24 -61.73 15.26
CA VAL J 678 32.49 -63.14 15.50
C VAL J 678 32.34 -63.38 17.02
N PRO J 679 31.91 -64.59 17.46
CA PRO J 679 31.96 -64.93 18.89
C PRO J 679 33.34 -65.42 19.31
N ARG J 680 33.55 -65.53 20.64
CA ARG J 680 34.86 -65.78 21.22
C ARG J 680 35.19 -67.28 21.20
N THR J 681 34.15 -68.13 21.32
CA THR J 681 34.29 -69.57 21.43
C THR J 681 35.44 -69.90 22.36
N MET K 1 -51.48 70.00 -49.15
CA MET K 1 -50.73 71.16 -48.61
C MET K 1 -49.41 70.66 -48.02
N ASN K 2 -48.69 71.54 -47.30
CA ASN K 2 -47.44 71.20 -46.64
C ASN K 2 -47.70 70.21 -45.51
N TYR K 3 -48.80 70.43 -44.77
CA TYR K 3 -49.13 69.67 -43.57
C TYR K 3 -48.91 68.18 -43.77
N LYS K 4 -49.37 67.66 -44.91
CA LYS K 4 -49.22 66.25 -45.25
C LYS K 4 -47.74 65.85 -45.19
N LYS K 5 -46.87 66.70 -45.74
CA LYS K 5 -45.43 66.43 -45.79
C LYS K 5 -44.77 66.62 -44.42
N ASN K 6 -45.39 67.42 -43.54
CA ASN K 6 -44.83 67.76 -42.23
C ASN K 6 -45.02 66.63 -41.23
N LEU K 7 -46.09 65.84 -41.40
CA LEU K 7 -46.38 64.69 -40.56
C LEU K 7 -45.33 63.60 -40.80
N LEU K 8 -44.90 63.45 -42.05
CA LEU K 8 -43.89 62.47 -42.43
C LEU K 8 -42.57 62.70 -41.69
N LEU K 9 -42.35 63.93 -41.21
CA LEU K 9 -41.15 64.27 -40.47
C LEU K 9 -41.19 63.67 -39.06
N LEU K 10 -42.39 63.32 -38.57
CA LEU K 10 -42.52 62.70 -37.26
C LEU K 10 -41.88 61.31 -37.27
N TYR K 11 -41.93 60.63 -38.41
CA TYR K 11 -41.36 59.29 -38.57
C TYR K 11 -39.83 59.34 -38.53
N ASP K 12 -39.25 60.53 -38.71
CA ASP K 12 -37.80 60.70 -38.74
C ASP K 12 -37.24 60.59 -37.32
N ARG K 13 -36.24 59.71 -37.14
CA ARG K 13 -35.50 59.56 -35.88
C ARG K 13 -36.44 59.50 -34.69
N PRO K 14 -37.12 58.34 -34.47
CA PRO K 14 -38.24 58.26 -33.53
C PRO K 14 -37.95 58.59 -32.07
N ARG K 15 -36.69 58.41 -31.64
CA ARG K 15 -36.30 58.58 -30.25
C ARG K 15 -35.62 59.92 -30.01
N GLU K 16 -35.14 60.58 -31.07
CA GLU K 16 -34.66 61.95 -30.96
C GLU K 16 -35.86 62.87 -30.69
N PRO K 17 -35.83 63.71 -29.62
CA PRO K 17 -36.91 64.66 -29.35
C PRO K 17 -37.33 65.48 -30.57
N ILE K 18 -38.61 65.88 -30.62
CA ILE K 18 -39.19 66.45 -31.82
C ILE K 18 -38.60 67.84 -32.11
N PHE K 19 -37.96 68.45 -31.10
CA PHE K 19 -37.40 69.79 -31.22
C PHE K 19 -35.96 69.75 -31.74
N MET K 20 -35.44 68.57 -32.12
CA MET K 20 -34.05 68.45 -32.56
C MET K 20 -33.93 68.68 -34.07
N GLY K 21 -35.05 68.64 -34.80
CA GLY K 21 -35.06 69.02 -36.21
C GLY K 21 -34.88 67.81 -37.13
N LYS K 22 -35.89 67.58 -37.99
CA LYS K 22 -35.99 66.41 -38.84
C LYS K 22 -35.82 66.83 -40.30
N GLY K 23 -34.93 66.13 -41.02
CA GLY K 23 -34.62 66.47 -42.41
C GLY K 23 -34.05 67.89 -42.50
N LYS K 24 -34.63 68.70 -43.39
CA LYS K 24 -34.20 70.07 -43.61
C LYS K 24 -35.15 71.06 -42.90
N SER K 25 -35.84 70.60 -41.86
CA SER K 25 -36.81 71.41 -41.14
C SER K 25 -36.60 71.27 -39.63
N VAL K 26 -37.39 72.04 -38.86
CA VAL K 26 -37.41 71.96 -37.40
C VAL K 26 -38.76 72.50 -36.92
N PHE K 27 -39.26 71.98 -35.79
CA PHE K 27 -40.54 72.39 -35.25
C PHE K 27 -40.34 73.46 -34.19
N ASP K 28 -41.22 74.47 -34.20
CA ASP K 28 -41.21 75.57 -33.24
C ASP K 28 -42.26 75.29 -32.17
N VAL K 29 -41.90 74.41 -31.23
CA VAL K 29 -42.84 73.82 -30.29
C VAL K 29 -43.09 74.78 -29.13
N PRO K 30 -44.35 74.98 -28.68
CA PRO K 30 -44.63 75.66 -27.42
C PRO K 30 -43.86 75.05 -26.24
N ASP K 31 -43.77 75.80 -25.13
CA ASP K 31 -43.06 75.35 -23.96
C ASP K 31 -43.91 74.36 -23.16
N ASN K 32 -45.25 74.46 -23.28
CA ASN K 32 -46.14 73.51 -22.63
C ASN K 32 -46.21 72.21 -23.45
N TYR K 33 -45.52 72.18 -24.60
CA TYR K 33 -45.40 70.99 -25.44
C TYR K 33 -44.11 70.24 -25.09
N LEU K 34 -43.16 70.90 -24.40
CA LEU K 34 -41.92 70.27 -23.97
C LEU K 34 -42.21 69.27 -22.84
N THR K 35 -41.43 68.19 -22.78
CA THR K 35 -41.58 67.17 -21.76
C THR K 35 -41.06 67.72 -20.43
N ASP K 36 -41.55 67.15 -19.32
CA ASP K 36 -41.20 67.56 -17.98
C ASP K 36 -39.69 67.55 -17.77
N ARG K 37 -38.98 66.62 -18.42
CA ARG K 37 -37.52 66.53 -18.28
C ARG K 37 -36.86 67.77 -18.87
N TYR K 38 -37.36 68.21 -20.04
CA TYR K 38 -36.68 69.20 -20.87
C TYR K 38 -37.31 70.60 -20.73
N ARG K 39 -38.56 70.67 -20.23
CA ARG K 39 -39.26 71.94 -20.11
C ARG K 39 -38.45 72.93 -19.28
N PRO K 40 -37.93 72.55 -18.09
CA PRO K 40 -37.13 73.46 -17.26
C PRO K 40 -35.86 74.05 -17.87
N ILE K 41 -35.48 73.61 -19.07
CA ILE K 41 -34.34 74.20 -19.79
C ILE K 41 -34.73 74.43 -21.24
N GLY K 42 -36.03 74.69 -21.49
CA GLY K 42 -36.56 74.96 -22.81
C GLY K 42 -35.79 76.07 -23.55
N PRO K 43 -35.60 77.26 -22.94
CA PRO K 43 -34.82 78.34 -23.56
C PRO K 43 -33.48 77.94 -24.18
N GLU K 44 -32.75 77.03 -23.53
CA GLU K 44 -31.42 76.64 -23.95
C GLU K 44 -31.50 75.74 -25.18
N ILE K 45 -32.66 75.09 -25.39
CA ILE K 45 -32.79 74.04 -26.38
C ILE K 45 -33.24 74.62 -27.72
N GLN K 46 -34.42 75.28 -27.74
CA GLN K 46 -35.00 75.80 -28.97
C GLN K 46 -33.95 76.56 -29.79
N ASN K 47 -33.08 77.27 -29.07
CA ASN K 47 -32.01 78.06 -29.66
C ASN K 47 -30.90 77.16 -30.20
N ARG K 48 -30.53 76.15 -29.38
CA ARG K 48 -29.38 75.28 -29.62
C ARG K 48 -29.54 74.44 -30.89
N PHE K 49 -30.78 74.06 -31.22
CA PHE K 49 -31.07 73.18 -32.34
C PHE K 49 -31.73 73.95 -33.48
N GLY K 50 -31.95 75.25 -33.30
CA GLY K 50 -32.49 76.12 -34.34
C GLY K 50 -31.58 76.20 -35.57
N GLU K 51 -30.26 76.00 -35.38
CA GLU K 51 -29.26 76.14 -36.43
C GLU K 51 -29.38 75.01 -37.46
N LEU K 52 -28.85 75.28 -38.67
CA LEU K 52 -28.74 74.34 -39.78
C LEU K 52 -30.10 74.04 -40.41
N ALA K 53 -31.16 74.79 -40.05
CA ALA K 53 -32.50 74.47 -40.50
C ALA K 53 -32.96 75.47 -41.54
N GLU K 54 -33.44 74.98 -42.69
CA GLU K 54 -33.99 75.84 -43.73
C GLU K 54 -35.36 76.36 -43.28
N GLU K 55 -36.29 75.44 -43.01
CA GLU K 55 -37.65 75.81 -42.67
C GLU K 55 -37.85 75.72 -41.15
N ARG K 56 -38.83 76.47 -40.64
CA ARG K 56 -39.28 76.36 -39.26
C ARG K 56 -40.80 76.22 -39.25
N ILE K 57 -41.27 75.07 -38.76
CA ILE K 57 -42.69 74.73 -38.79
C ILE K 57 -43.32 75.25 -37.50
N PRO K 58 -44.32 76.16 -37.58
CA PRO K 58 -45.04 76.60 -36.38
C PRO K 58 -46.04 75.54 -35.96
N VAL K 59 -46.43 75.54 -34.68
CA VAL K 59 -47.43 74.63 -34.16
C VAL K 59 -48.30 75.35 -33.13
N ARG K 60 -49.61 75.40 -33.41
CA ARG K 60 -50.60 76.07 -32.57
C ARG K 60 -50.91 75.22 -31.35
N SER K 61 -51.04 75.87 -30.18
CA SER K 61 -51.35 75.19 -28.92
C SER K 61 -52.86 74.94 -28.83
N ILE K 62 -53.28 73.66 -28.78
CA ILE K 62 -54.69 73.30 -28.81
C ILE K 62 -55.04 72.63 -27.48
N ALA K 63 -56.28 72.09 -27.39
CA ALA K 63 -56.81 71.51 -26.16
C ALA K 63 -56.11 70.20 -25.81
N LEU K 64 -56.16 69.23 -26.73
CA LEU K 64 -55.52 67.93 -26.59
C LEU K 64 -56.34 67.04 -25.66
N PRO K 65 -57.00 65.96 -26.17
CA PRO K 65 -57.71 65.02 -25.30
C PRO K 65 -56.78 64.43 -24.24
N ASP K 66 -57.37 63.78 -23.23
CA ASP K 66 -56.59 63.13 -22.18
C ASP K 66 -55.71 62.07 -22.82
N LEU K 67 -54.40 62.14 -22.53
CA LEU K 67 -53.41 61.21 -23.08
C LEU K 67 -52.90 60.27 -21.99
N ARG K 68 -53.70 60.07 -20.94
CA ARG K 68 -53.33 59.20 -19.83
C ARG K 68 -53.12 57.77 -20.35
N ILE K 69 -54.15 57.22 -21.01
CA ILE K 69 -54.15 55.84 -21.45
C ILE K 69 -52.97 55.64 -22.42
N PRO K 70 -52.86 56.43 -23.53
CA PRO K 70 -51.68 56.36 -24.40
C PRO K 70 -50.33 56.38 -23.71
N MET K 71 -50.23 57.13 -22.60
CA MET K 71 -48.99 57.30 -21.89
C MET K 71 -48.79 56.21 -20.84
N SER K 72 -49.79 55.33 -20.64
CA SER K 72 -49.67 54.30 -19.62
C SER K 72 -48.50 53.36 -19.95
N LEU K 73 -48.34 53.01 -21.24
CA LEU K 73 -47.24 52.18 -21.71
C LEU K 73 -45.93 52.93 -21.54
N GLY K 74 -44.93 52.29 -20.89
CA GLY K 74 -43.63 52.89 -20.70
C GLY K 74 -42.95 53.22 -22.04
N ARG K 75 -41.98 54.14 -22.00
CA ARG K 75 -41.29 54.60 -23.20
C ARG K 75 -40.24 53.60 -23.64
N GLN K 76 -39.64 52.90 -22.66
CA GLN K 76 -38.58 51.95 -22.93
C GLN K 76 -39.12 50.52 -22.94
N GLU K 77 -40.43 50.39 -23.19
CA GLU K 77 -41.11 49.10 -23.21
C GLU K 77 -41.37 48.69 -24.65
N GLN K 78 -41.61 47.39 -24.86
CA GLN K 78 -41.96 46.84 -26.16
C GLN K 78 -43.45 47.05 -26.38
N PHE K 79 -43.90 47.04 -27.65
CA PHE K 79 -45.30 47.18 -28.01
C PHE K 79 -45.71 46.10 -29.02
N SER K 80 -46.75 45.35 -28.65
CA SER K 80 -47.34 44.30 -29.47
C SER K 80 -48.86 44.40 -29.42
N LEU K 81 -49.48 44.19 -30.58
CA LEU K 81 -50.93 44.28 -30.73
C LEU K 81 -51.62 42.98 -30.28
N PHE K 82 -50.83 41.97 -29.92
CA PHE K 82 -51.36 40.68 -29.50
C PHE K 82 -51.72 40.72 -28.02
N ILE K 83 -50.98 41.54 -27.26
CA ILE K 83 -51.17 41.67 -25.83
C ILE K 83 -52.46 42.44 -25.56
N PRO K 84 -53.41 41.88 -24.77
CA PRO K 84 -54.74 42.49 -24.59
C PRO K 84 -54.73 43.98 -24.26
N ARG K 85 -53.80 44.37 -23.38
CA ARG K 85 -53.77 45.69 -22.80
C ARG K 85 -53.32 46.73 -23.81
N HIS K 86 -52.27 46.40 -24.57
CA HIS K 86 -51.74 47.27 -25.61
C HIS K 86 -52.83 47.59 -26.63
N ARG K 87 -53.69 46.61 -26.94
CA ARG K 87 -54.77 46.80 -27.91
C ARG K 87 -55.67 47.95 -27.48
N LYS K 88 -55.97 48.03 -26.17
CA LYS K 88 -56.85 49.04 -25.62
C LYS K 88 -56.18 50.41 -25.64
N ILE K 89 -54.85 50.44 -25.46
CA ILE K 89 -54.07 51.66 -25.47
C ILE K 89 -54.00 52.23 -26.89
N ALA K 90 -53.59 51.38 -27.84
CA ALA K 90 -53.43 51.80 -29.22
C ALA K 90 -54.76 52.25 -29.80
N ALA K 91 -55.80 51.43 -29.59
CA ALA K 91 -57.13 51.69 -30.14
C ALA K 91 -57.68 53.01 -29.62
N ARG K 92 -57.21 53.41 -28.42
CA ARG K 92 -57.61 54.68 -27.81
C ARG K 92 -56.85 55.84 -28.45
N LEU K 93 -55.55 55.65 -28.71
CA LEU K 93 -54.73 56.67 -29.34
C LEU K 93 -55.18 56.85 -30.79
N ILE K 94 -55.30 55.74 -31.53
CA ILE K 94 -55.82 55.75 -32.89
C ILE K 94 -57.07 56.63 -32.92
N ASP K 95 -57.91 56.48 -31.88
CA ASP K 95 -59.18 57.17 -31.74
C ASP K 95 -58.96 58.69 -31.63
N ILE K 96 -57.89 59.10 -30.94
CA ILE K 96 -57.56 60.50 -30.76
C ILE K 96 -57.14 61.12 -32.10
N PHE K 97 -56.08 60.56 -32.71
CA PHE K 97 -55.58 61.02 -34.00
C PHE K 97 -56.70 60.99 -35.04
N MET K 98 -57.50 59.92 -35.04
CA MET K 98 -58.61 59.77 -35.97
C MET K 98 -59.64 60.88 -35.73
N GLY K 99 -59.78 61.31 -34.48
CA GLY K 99 -60.84 62.22 -34.06
C GLY K 99 -60.47 63.69 -34.18
N MET K 100 -59.27 64.01 -34.68
CA MET K 100 -58.88 65.38 -34.95
C MET K 100 -59.41 65.78 -36.33
N ARG K 101 -60.41 66.65 -36.34
CA ARG K 101 -61.15 67.10 -37.52
C ARG K 101 -60.22 67.61 -38.62
N ASN K 102 -59.23 68.45 -38.24
CA ASN K 102 -58.43 69.20 -39.19
C ASN K 102 -57.05 68.55 -39.28
N ILE K 103 -56.37 68.75 -40.42
CA ILE K 103 -55.05 68.18 -40.64
C ILE K 103 -54.00 69.00 -39.89
N GLU K 104 -54.41 70.18 -39.39
CA GLU K 104 -53.53 71.06 -38.64
C GLU K 104 -53.51 70.65 -37.17
N GLU K 105 -54.68 70.27 -36.64
CA GLU K 105 -54.78 69.83 -35.24
C GLU K 105 -54.16 68.45 -35.08
N LEU K 106 -54.24 67.62 -36.12
CA LEU K 106 -53.57 66.32 -36.15
C LEU K 106 -52.07 66.53 -35.99
N GLN K 107 -51.53 67.56 -36.64
CA GLN K 107 -50.12 67.90 -36.57
C GLN K 107 -49.76 68.37 -35.16
N SER K 108 -50.68 69.11 -34.53
CA SER K 108 -50.45 69.68 -33.21
C SER K 108 -50.51 68.59 -32.13
N CYS K 109 -51.57 67.77 -32.19
CA CYS K 109 -51.74 66.64 -31.29
C CYS K 109 -50.51 65.73 -31.36
N ALA K 110 -50.10 65.40 -32.59
CA ALA K 110 -48.99 64.50 -32.85
C ALA K 110 -47.71 65.03 -32.23
N VAL K 111 -47.39 66.30 -32.53
CA VAL K 111 -46.13 66.90 -32.12
C VAL K 111 -45.98 66.85 -30.60
N PHE K 112 -47.10 67.10 -29.89
CA PHE K 112 -47.13 67.04 -28.43
C PHE K 112 -46.90 65.62 -27.95
N ALA K 113 -47.77 64.70 -28.40
CA ALA K 113 -47.78 63.32 -27.95
C ALA K 113 -46.44 62.62 -28.20
N ARG K 114 -45.82 62.89 -29.35
CA ARG K 114 -44.74 62.09 -29.90
C ARG K 114 -43.68 61.75 -28.84
N ASP K 115 -43.31 62.72 -27.99
CA ASP K 115 -42.20 62.52 -27.08
C ASP K 115 -42.67 62.08 -25.69
N ARG K 116 -43.94 61.67 -25.57
CA ARG K 116 -44.51 61.23 -24.31
C ARG K 116 -44.89 59.75 -24.36
N ILE K 117 -45.12 59.20 -25.57
CA ILE K 117 -45.61 57.84 -25.69
C ILE K 117 -44.55 56.97 -26.36
N ASN K 118 -44.75 55.65 -26.26
CA ASN K 118 -43.83 54.63 -26.76
C ASN K 118 -43.65 54.76 -28.27
N PRO K 119 -42.43 54.98 -28.78
CA PRO K 119 -42.18 55.12 -30.21
C PRO K 119 -42.87 54.10 -31.12
N TYR K 120 -42.74 52.81 -30.77
CA TYR K 120 -43.34 51.73 -31.53
C TYR K 120 -44.86 51.94 -31.62
N LEU K 121 -45.46 52.34 -30.49
CA LEU K 121 -46.89 52.58 -30.38
C LEU K 121 -47.30 53.79 -31.21
N PHE K 122 -46.55 54.90 -31.05
CA PHE K 122 -46.77 56.11 -31.82
C PHE K 122 -46.81 55.79 -33.31
N ASN K 123 -45.75 55.13 -33.80
CA ASN K 123 -45.63 54.77 -35.21
C ASN K 123 -46.87 54.03 -35.69
N TYR K 124 -47.34 53.04 -34.92
CA TYR K 124 -48.52 52.26 -35.27
C TYR K 124 -49.74 53.17 -35.32
N ALA K 125 -49.99 53.88 -34.22
CA ALA K 125 -51.19 54.71 -34.06
C ALA K 125 -51.29 55.76 -35.17
N LEU K 126 -50.15 56.37 -35.53
CA LEU K 126 -50.10 57.36 -36.59
C LEU K 126 -50.37 56.69 -37.93
N SER K 127 -49.58 55.66 -38.26
CA SER K 127 -49.72 54.89 -39.48
C SER K 127 -51.19 54.57 -39.76
N VAL K 128 -51.91 54.09 -38.73
CA VAL K 128 -53.28 53.65 -38.88
C VAL K 128 -54.18 54.86 -39.17
N ALA K 129 -53.95 55.98 -38.46
CA ALA K 129 -54.74 57.18 -38.61
C ALA K 129 -54.59 57.75 -40.03
N LEU K 130 -53.34 57.97 -40.44
CA LEU K 130 -53.04 58.56 -41.74
C LEU K 130 -53.65 57.72 -42.87
N LEU K 131 -53.51 56.39 -42.77
CA LEU K 131 -53.91 55.48 -43.84
C LEU K 131 -55.43 55.49 -44.03
N HIS K 132 -56.18 55.91 -43.00
CA HIS K 132 -57.62 55.72 -42.99
C HIS K 132 -58.37 57.02 -42.69
N ARG K 133 -57.69 58.17 -42.80
CA ARG K 133 -58.36 59.45 -42.87
C ARG K 133 -58.51 59.85 -44.34
N ARG K 134 -59.41 60.80 -44.62
CA ARG K 134 -59.73 61.16 -46.00
C ARG K 134 -58.79 62.26 -46.51
N ASP K 135 -58.33 63.15 -45.62
CA ASP K 135 -57.48 64.25 -46.01
C ASP K 135 -56.04 63.79 -46.23
N THR K 136 -55.65 62.66 -45.59
CA THR K 136 -54.28 62.18 -45.62
C THR K 136 -54.18 60.94 -46.50
N LYS K 137 -54.85 60.95 -47.66
CA LYS K 137 -54.87 59.78 -48.54
C LYS K 137 -53.76 59.93 -49.58
N ASN K 138 -53.34 58.78 -50.15
CA ASN K 138 -52.29 58.68 -51.14
C ASN K 138 -50.95 59.11 -50.54
N LEU K 139 -50.84 59.10 -49.21
CA LEU K 139 -49.65 59.58 -48.52
C LEU K 139 -48.68 58.41 -48.36
N ASP K 140 -47.44 58.60 -48.80
CA ASP K 140 -46.47 57.51 -48.85
C ASP K 140 -45.74 57.44 -47.52
N LEU K 141 -46.14 56.48 -46.68
CA LEU K 141 -45.58 56.30 -45.35
C LEU K 141 -44.19 55.68 -45.44
N PRO K 142 -43.19 56.20 -44.73
CA PRO K 142 -41.83 55.65 -44.79
C PRO K 142 -41.80 54.20 -44.30
N SER K 143 -40.96 53.39 -44.95
CA SER K 143 -40.83 51.98 -44.60
C SER K 143 -40.44 51.85 -43.13
N VAL K 144 -41.05 50.90 -42.42
CA VAL K 144 -40.85 50.72 -41.00
C VAL K 144 -39.45 50.14 -40.72
N VAL K 145 -38.78 49.62 -41.76
CA VAL K 145 -37.38 49.20 -41.68
C VAL K 145 -36.50 50.42 -41.43
N GLU K 146 -36.83 51.51 -42.13
CA GLU K 146 -36.04 52.73 -42.10
C GLU K 146 -36.22 53.46 -40.77
N VAL K 147 -37.40 53.31 -40.13
CA VAL K 147 -37.68 54.00 -38.87
C VAL K 147 -37.33 53.12 -37.67
N PHE K 148 -37.45 51.79 -37.83
CA PHE K 148 -37.16 50.85 -36.76
C PHE K 148 -36.32 49.70 -37.30
N PRO K 149 -35.03 49.94 -37.64
CA PRO K 149 -34.19 48.88 -38.21
C PRO K 149 -33.88 47.75 -37.22
N ASP K 150 -34.11 48.00 -35.93
CA ASP K 150 -33.77 47.04 -34.87
C ASP K 150 -34.59 45.76 -34.98
N LYS K 151 -35.77 45.83 -35.63
CA LYS K 151 -36.67 44.70 -35.80
C LYS K 151 -36.37 43.90 -37.07
N TYR K 152 -35.31 44.28 -37.80
CA TYR K 152 -35.07 43.73 -39.13
C TYR K 152 -33.59 43.38 -39.36
N VAL K 153 -32.72 43.61 -38.36
CA VAL K 153 -31.28 43.54 -38.56
C VAL K 153 -30.59 43.02 -37.30
N ASP K 154 -29.64 42.11 -37.51
CA ASP K 154 -28.74 41.61 -36.47
C ASP K 154 -28.19 42.80 -35.67
N SER K 155 -28.24 42.69 -34.33
CA SER K 155 -27.84 43.77 -33.44
C SER K 155 -26.37 44.13 -33.59
N ARG K 156 -25.57 43.21 -34.17
CA ARG K 156 -24.13 43.40 -34.30
C ARG K 156 -23.79 44.64 -35.13
N VAL K 157 -24.63 44.98 -36.12
CA VAL K 157 -24.30 46.03 -37.05
C VAL K 157 -24.33 47.39 -36.35
N PHE K 158 -25.16 47.54 -35.31
CA PHE K 158 -25.46 48.84 -34.74
C PHE K 158 -24.19 49.55 -34.24
N GLU K 159 -23.26 48.79 -33.63
CA GLU K 159 -22.04 49.37 -33.11
C GLU K 159 -21.01 49.62 -34.23
N GLN K 160 -21.23 48.99 -35.39
CA GLN K 160 -20.43 49.27 -36.58
C GLN K 160 -20.91 50.55 -37.26
N ILE K 161 -22.23 50.74 -37.32
CA ILE K 161 -22.86 51.92 -37.90
C ILE K 161 -22.50 53.15 -37.07
N ARG K 162 -22.43 52.98 -35.75
CA ARG K 162 -22.07 54.06 -34.85
C ARG K 162 -20.60 54.44 -35.06
N GLU K 163 -19.74 53.42 -35.23
CA GLU K 163 -18.31 53.62 -35.47
C GLU K 163 -18.11 54.35 -36.80
N GLU K 164 -18.68 53.78 -37.88
CA GLU K 164 -18.53 54.31 -39.23
C GLU K 164 -19.00 55.76 -39.30
N ALA K 165 -20.14 56.06 -38.67
CA ALA K 165 -20.75 57.38 -38.76
C ALA K 165 -19.95 58.42 -37.98
N THR K 166 -19.23 58.00 -36.93
CA THR K 166 -18.48 58.91 -36.07
C THR K 166 -17.07 59.14 -36.61
N VAL K 167 -16.45 58.08 -37.15
CA VAL K 167 -15.03 58.13 -37.53
C VAL K 167 -14.89 58.69 -38.94
N VAL K 168 -15.62 58.11 -39.90
CA VAL K 168 -15.42 58.37 -41.33
C VAL K 168 -16.29 59.54 -41.77
N PRO K 169 -15.77 60.50 -42.57
CA PRO K 169 -16.59 61.57 -43.15
C PRO K 169 -17.60 61.05 -44.18
N GLU K 170 -18.77 61.71 -44.23
CA GLU K 170 -19.78 61.46 -45.25
C GLU K 170 -19.14 61.32 -46.62
N GLY K 171 -19.79 60.56 -47.51
CA GLY K 171 -19.31 60.40 -48.88
C GLY K 171 -18.27 59.30 -49.00
N MET K 172 -17.45 59.11 -47.96
CA MET K 172 -16.44 58.06 -47.93
C MET K 172 -16.93 56.85 -47.11
N ARG K 173 -18.20 56.85 -46.70
CA ARG K 173 -18.72 55.79 -45.84
C ARG K 173 -19.00 54.51 -46.64
N MET K 174 -18.46 53.38 -46.14
CA MET K 174 -18.66 52.07 -46.75
C MET K 174 -20.06 51.56 -46.42
N PRO K 175 -20.78 50.92 -47.37
CA PRO K 175 -22.05 50.27 -47.06
C PRO K 175 -21.84 49.15 -46.03
N ILE K 176 -22.73 49.09 -45.03
CA ILE K 176 -22.69 48.07 -43.99
C ILE K 176 -23.39 46.83 -44.53
N VAL K 177 -22.68 45.69 -44.62
CA VAL K 177 -23.30 44.45 -45.08
C VAL K 177 -24.13 43.92 -43.91
N ILE K 178 -25.37 43.50 -44.20
CA ILE K 178 -26.25 42.93 -43.18
C ILE K 178 -26.07 41.42 -43.19
N PRO K 179 -25.68 40.79 -42.05
CA PRO K 179 -25.48 39.34 -42.00
C PRO K 179 -26.75 38.58 -42.39
N LYS K 180 -26.56 37.50 -43.17
CA LYS K 180 -27.63 36.59 -43.54
C LYS K 180 -27.25 35.20 -43.02
N ASP K 181 -28.27 34.34 -42.82
CA ASP K 181 -28.07 33.01 -42.28
C ASP K 181 -27.17 33.10 -41.04
N PHE K 182 -27.68 33.79 -40.00
CA PHE K 182 -26.89 34.20 -38.85
C PHE K 182 -27.53 33.77 -37.53
N THR K 183 -28.75 33.20 -37.59
CA THR K 183 -29.50 32.86 -36.38
C THR K 183 -29.17 31.45 -35.91
N ALA K 184 -28.71 30.58 -36.83
CA ALA K 184 -28.39 29.19 -36.49
C ALA K 184 -27.39 28.61 -37.50
N SER K 185 -26.60 27.61 -37.06
CA SER K 185 -25.63 26.93 -37.90
C SER K 185 -26.28 25.72 -38.59
N ASP K 186 -25.46 24.88 -39.24
CA ASP K 186 -25.94 23.80 -40.10
C ASP K 186 -26.33 22.57 -39.29
N LEU K 187 -26.03 22.58 -37.98
CA LEU K 187 -26.52 21.56 -37.07
C LEU K 187 -28.05 21.64 -36.97
N ASP K 188 -28.59 22.86 -37.13
CA ASP K 188 -30.02 23.09 -37.21
C ASP K 188 -30.42 23.18 -38.68
N GLU K 189 -31.16 22.18 -39.17
CA GLU K 189 -31.55 22.11 -40.57
C GLU K 189 -32.52 23.24 -40.93
N GLU K 190 -33.17 23.82 -39.90
CA GLU K 190 -34.10 24.92 -40.07
C GLU K 190 -33.41 26.18 -40.60
N HIS K 191 -32.09 26.28 -40.40
CA HIS K 191 -31.35 27.48 -40.74
C HIS K 191 -31.39 27.76 -42.25
N ARG K 192 -31.76 26.73 -43.04
CA ARG K 192 -31.75 26.81 -44.49
C ARG K 192 -32.81 27.78 -45.01
N LEU K 193 -33.87 28.00 -44.20
CA LEU K 193 -35.03 28.77 -44.61
C LEU K 193 -34.88 30.24 -44.20
N TRP K 194 -33.66 30.67 -43.84
CA TRP K 194 -33.37 32.05 -43.49
C TRP K 194 -33.89 33.03 -44.56
N TYR K 195 -33.70 32.68 -45.84
CA TYR K 195 -33.98 33.56 -46.96
C TYR K 195 -35.48 33.84 -47.09
N PHE K 196 -36.30 33.13 -46.28
CA PHE K 196 -37.75 33.29 -46.31
C PHE K 196 -38.22 33.85 -44.97
N ARG K 197 -37.90 33.13 -43.89
CA ARG K 197 -38.29 33.51 -42.54
C ARG K 197 -37.76 34.91 -42.20
N GLU K 198 -36.49 35.17 -42.53
CA GLU K 198 -35.78 36.35 -42.06
C GLU K 198 -35.66 37.41 -43.16
N ASP K 199 -36.23 37.14 -44.33
CA ASP K 199 -36.25 38.12 -45.43
C ASP K 199 -37.04 39.35 -45.00
N ILE K 200 -36.42 40.53 -45.22
CA ILE K 200 -37.03 41.82 -44.93
C ILE K 200 -38.40 41.92 -45.59
N GLY K 201 -38.46 41.52 -46.86
CA GLY K 201 -39.64 41.69 -47.70
C GLY K 201 -40.88 41.08 -47.06
N VAL K 202 -40.81 39.78 -46.72
CA VAL K 202 -42.00 39.03 -46.33
C VAL K 202 -42.44 39.48 -44.94
N ASN K 203 -41.47 39.89 -44.09
CA ASN K 203 -41.78 40.40 -42.77
C ASN K 203 -42.52 41.73 -42.85
N LEU K 204 -42.18 42.54 -43.87
CA LEU K 204 -42.85 43.81 -44.10
C LEU K 204 -44.27 43.56 -44.60
N HIS K 205 -44.43 42.60 -45.51
CA HIS K 205 -45.74 42.26 -46.05
C HIS K 205 -46.69 41.86 -44.92
N HIS K 206 -46.18 41.06 -43.98
CA HIS K 206 -47.00 40.54 -42.88
C HIS K 206 -47.42 41.70 -41.97
N TRP K 207 -46.45 42.53 -41.56
CA TRP K 207 -46.72 43.69 -40.73
C TRP K 207 -47.79 44.59 -41.37
N HIS K 208 -47.65 44.86 -42.68
CA HIS K 208 -48.53 45.79 -43.38
C HIS K 208 -49.93 45.20 -43.53
N TRP K 209 -50.04 43.89 -43.80
CA TRP K 209 -51.33 43.24 -43.94
C TRP K 209 -52.18 43.45 -42.69
N HIS K 210 -51.53 43.37 -41.52
CA HIS K 210 -52.21 43.53 -40.24
C HIS K 210 -52.51 45.01 -39.97
N LEU K 211 -51.79 45.94 -40.63
CA LEU K 211 -52.10 47.36 -40.56
C LEU K 211 -53.46 47.66 -41.21
N VAL K 212 -53.69 47.11 -42.40
CA VAL K 212 -54.82 47.52 -43.23
C VAL K 212 -56.04 46.65 -42.88
N TYR K 213 -55.82 45.48 -42.26
CA TYR K 213 -56.90 44.63 -41.78
C TYR K 213 -56.70 44.35 -40.29
N PRO K 214 -56.82 45.34 -39.38
CA PRO K 214 -56.79 45.07 -37.95
C PRO K 214 -58.01 44.24 -37.54
N PHE K 215 -57.98 43.72 -36.32
CA PHE K 215 -59.04 42.87 -35.79
C PHE K 215 -59.72 43.54 -34.60
N GLU K 216 -59.32 44.79 -34.28
CA GLU K 216 -59.84 45.53 -33.15
C GLU K 216 -59.66 47.03 -33.39
N ALA K 217 -60.71 47.83 -33.11
CA ALA K 217 -60.61 49.30 -33.07
C ALA K 217 -62.00 49.94 -33.16
N SER K 218 -62.62 49.80 -34.34
CA SER K 218 -63.91 50.40 -34.69
C SER K 218 -64.21 50.00 -36.15
N ASN K 219 -65.44 49.54 -36.42
CA ASN K 219 -65.77 48.95 -37.71
C ASN K 219 -65.54 49.95 -38.84
N ARG K 220 -65.80 51.24 -38.54
CA ARG K 220 -65.53 52.34 -39.43
C ARG K 220 -64.04 52.69 -39.43
N ALA K 221 -63.33 52.32 -38.34
CA ALA K 221 -61.88 52.38 -38.30
C ALA K 221 -61.29 51.04 -38.76
N ILE K 222 -61.88 50.47 -39.83
CA ILE K 222 -61.16 49.64 -40.79
C ILE K 222 -61.26 48.17 -40.41
N VAL K 223 -62.09 47.82 -39.43
CA VAL K 223 -62.10 46.45 -38.97
C VAL K 223 -62.98 45.64 -39.93
N ASP K 224 -64.11 46.21 -40.36
CA ASP K 224 -65.08 45.49 -41.16
C ASP K 224 -64.82 45.73 -42.65
N LYS K 225 -63.79 45.05 -43.18
CA LYS K 225 -63.48 45.04 -44.60
C LYS K 225 -64.07 43.78 -45.21
N ASP K 226 -64.44 43.84 -46.50
CA ASP K 226 -65.11 42.73 -47.15
C ASP K 226 -64.25 41.47 -47.03
N ARG K 227 -64.84 40.40 -46.48
CA ARG K 227 -64.25 39.07 -46.48
C ARG K 227 -62.87 39.06 -45.82
N ARG K 228 -62.66 39.88 -44.78
CA ARG K 228 -61.38 39.95 -44.10
C ARG K 228 -61.09 38.64 -43.37
N GLY K 229 -62.17 37.96 -42.93
CA GLY K 229 -62.05 36.64 -42.32
C GLY K 229 -61.45 35.64 -43.30
N GLU K 230 -62.04 35.56 -44.51
CA GLU K 230 -61.54 34.67 -45.54
C GLU K 230 -60.12 35.10 -45.91
N LEU K 231 -59.87 36.41 -45.94
CA LEU K 231 -58.56 36.94 -46.25
C LEU K 231 -57.54 36.40 -45.25
N PHE K 232 -57.88 36.51 -43.97
CA PHE K 232 -57.04 36.04 -42.88
C PHE K 232 -56.72 34.56 -43.05
N TYR K 233 -57.74 33.77 -43.41
CA TYR K 233 -57.57 32.35 -43.68
C TYR K 233 -56.57 32.19 -44.82
N TYR K 234 -56.86 32.80 -45.98
CA TYR K 234 -56.19 32.52 -47.23
C TYR K 234 -54.74 33.02 -47.21
N MET K 235 -54.55 34.29 -46.85
CA MET K 235 -53.23 34.89 -46.83
C MET K 235 -52.28 34.01 -46.01
N HIS K 236 -52.64 33.74 -44.75
CA HIS K 236 -51.82 32.92 -43.86
C HIS K 236 -51.67 31.52 -44.44
N SER K 237 -52.72 30.99 -45.07
CA SER K 237 -52.72 29.67 -45.70
C SER K 237 -51.70 29.60 -46.85
N GLN K 238 -51.55 30.72 -47.57
CA GLN K 238 -50.59 30.81 -48.67
C GLN K 238 -49.16 30.96 -48.14
N LEU K 239 -49.00 31.59 -46.97
CA LEU K 239 -47.69 31.68 -46.34
C LEU K 239 -47.10 30.28 -46.15
N ILE K 240 -47.94 29.34 -45.70
CA ILE K 240 -47.47 28.00 -45.34
C ILE K 240 -47.27 27.16 -46.60
N ALA K 241 -48.14 27.36 -47.60
CA ALA K 241 -47.99 26.73 -48.91
C ALA K 241 -46.65 27.09 -49.54
N ARG K 242 -46.31 28.39 -49.47
CA ARG K 242 -45.05 28.89 -49.99
C ARG K 242 -43.88 28.41 -49.14
N TYR K 243 -44.07 28.36 -47.81
CA TYR K 243 -43.05 27.88 -46.88
C TYR K 243 -42.77 26.41 -47.15
N ASN K 244 -43.84 25.61 -47.28
CA ASN K 244 -43.73 24.19 -47.53
C ASN K 244 -43.02 23.93 -48.86
N PHE K 245 -43.23 24.84 -49.84
CA PHE K 245 -42.54 24.75 -51.12
C PHE K 245 -41.05 24.92 -50.87
N GLU K 246 -40.68 26.01 -50.19
CA GLU K 246 -39.29 26.34 -49.92
C GLU K 246 -38.63 25.25 -49.09
N ARG K 247 -39.42 24.56 -48.25
CA ARG K 247 -38.90 23.44 -47.46
C ARG K 247 -38.41 22.33 -48.40
N PHE K 248 -39.24 21.99 -49.40
CA PHE K 248 -38.94 20.92 -50.35
C PHE K 248 -37.70 21.25 -51.16
N CYS K 249 -37.42 22.54 -51.34
CA CYS K 249 -36.24 23.00 -52.07
C CYS K 249 -34.98 23.01 -51.20
N ASN K 250 -35.11 22.62 -49.92
CA ASN K 250 -33.98 22.54 -49.01
C ASN K 250 -33.92 21.15 -48.38
N ARG K 251 -34.45 20.15 -49.08
CA ARG K 251 -34.36 18.74 -48.70
C ARG K 251 -34.98 18.47 -47.33
N LEU K 252 -36.08 19.18 -47.02
CA LEU K 252 -36.82 19.04 -45.78
C LEU K 252 -38.23 18.53 -46.09
N GLN K 253 -38.90 17.97 -45.08
CA GLN K 253 -40.29 17.52 -45.20
C GLN K 253 -41.22 18.71 -44.94
N ARG K 254 -42.52 18.50 -45.16
CA ARG K 254 -43.53 19.52 -44.93
C ARG K 254 -43.57 19.86 -43.44
N VAL K 255 -43.91 21.11 -43.13
CA VAL K 255 -43.92 21.59 -41.74
C VAL K 255 -44.93 20.77 -40.95
N LYS K 256 -44.51 20.28 -39.78
CA LYS K 256 -45.41 19.57 -38.86
C LYS K 256 -46.14 20.60 -38.00
N ARG K 257 -47.47 20.41 -37.88
CA ARG K 257 -48.34 21.27 -37.11
C ARG K 257 -48.04 21.12 -35.61
N LEU K 258 -48.53 22.06 -34.79
CA LEU K 258 -48.51 21.91 -33.34
C LEU K 258 -49.72 21.06 -32.91
N ASN K 259 -49.57 19.72 -33.09
CA ASN K 259 -50.54 18.73 -32.67
C ASN K 259 -51.20 19.14 -31.36
N ASN K 260 -50.40 19.20 -30.29
CA ASN K 260 -50.92 19.45 -28.95
C ASN K 260 -49.88 20.21 -28.12
N LEU K 261 -50.39 21.08 -27.24
CA LEU K 261 -49.64 22.17 -26.65
C LEU K 261 -48.85 21.71 -25.42
N ARG K 262 -49.09 20.48 -24.96
CA ARG K 262 -48.46 19.97 -23.77
C ARG K 262 -47.09 19.35 -24.09
N GLU K 263 -46.97 18.81 -25.31
CA GLU K 263 -45.73 18.23 -25.80
C GLU K 263 -44.71 19.33 -26.03
N PRO K 264 -43.41 19.12 -25.72
CA PRO K 264 -42.35 20.11 -26.00
C PRO K 264 -42.27 20.61 -27.44
N ILE K 265 -41.73 21.84 -27.60
CA ILE K 265 -41.46 22.41 -28.92
C ILE K 265 -40.00 22.18 -29.25
N ALA K 266 -39.76 21.31 -30.25
CA ALA K 266 -38.43 20.81 -30.59
C ALA K 266 -37.51 21.94 -31.05
N GLU K 267 -38.01 22.81 -31.93
CA GLU K 267 -37.22 23.82 -32.59
C GLU K 267 -37.23 25.10 -31.74
N GLY K 268 -36.08 25.41 -31.11
CA GLY K 268 -35.82 26.71 -30.53
C GLY K 268 -35.42 27.74 -31.57
N TYR K 269 -35.39 29.02 -31.18
CA TYR K 269 -34.99 30.09 -32.09
C TYR K 269 -34.56 31.31 -31.27
N PHE K 270 -33.28 31.66 -31.40
CA PHE K 270 -32.72 32.92 -30.89
C PHE K 270 -32.60 33.91 -32.04
N PRO K 271 -33.38 35.01 -32.04
CA PRO K 271 -33.54 35.87 -33.23
C PRO K 271 -32.40 36.85 -33.49
N LYS K 272 -31.61 37.14 -32.45
CA LYS K 272 -30.42 37.97 -32.51
C LYS K 272 -30.79 39.45 -32.73
N LEU K 273 -31.97 39.88 -32.26
CA LEU K 273 -32.40 41.26 -32.41
C LEU K 273 -32.23 42.01 -31.09
N ASP K 274 -31.94 43.32 -31.16
CA ASP K 274 -31.77 44.18 -29.99
C ASP K 274 -32.65 45.41 -30.20
N SER K 275 -33.69 45.55 -29.38
CA SER K 275 -34.59 46.71 -29.42
C SER K 275 -33.90 47.93 -28.82
N LEU K 276 -33.62 48.94 -29.67
CA LEU K 276 -32.98 50.17 -29.25
C LEU K 276 -33.96 51.06 -28.49
N VAL K 277 -35.27 50.80 -28.67
CA VAL K 277 -36.33 51.52 -27.98
C VAL K 277 -36.48 50.98 -26.55
N ALA K 278 -36.42 49.65 -26.41
CA ALA K 278 -36.49 49.00 -25.09
C ALA K 278 -35.09 48.93 -24.47
N SER K 279 -34.05 49.14 -25.30
CA SER K 279 -32.65 49.12 -24.93
C SER K 279 -32.21 47.71 -24.48
N ARG K 280 -33.13 46.74 -24.58
CA ARG K 280 -32.88 45.34 -24.30
C ARG K 280 -32.87 44.55 -25.61
N THR K 281 -32.59 43.25 -25.52
CA THR K 281 -32.77 42.33 -26.65
C THR K 281 -34.05 41.52 -26.45
N TRP K 282 -34.60 41.03 -27.57
CA TRP K 282 -35.68 40.04 -27.56
C TRP K 282 -35.15 38.74 -26.97
N PRO K 283 -35.90 38.07 -26.05
CA PRO K 283 -35.47 36.78 -25.52
C PRO K 283 -35.56 35.71 -26.61
N GLY K 284 -34.71 34.69 -26.50
CA GLY K 284 -34.82 33.50 -27.32
C GLY K 284 -35.72 32.45 -26.68
N ARG K 285 -35.99 31.38 -27.43
CA ARG K 285 -36.64 30.17 -26.91
C ARG K 285 -35.69 28.99 -27.08
N VAL K 286 -35.51 28.20 -26.02
CA VAL K 286 -34.61 27.06 -26.02
C VAL K 286 -35.26 25.87 -26.73
N ASP K 287 -34.44 24.88 -27.07
CA ASP K 287 -34.94 23.61 -27.59
C ASP K 287 -35.78 22.93 -26.51
N ASN K 288 -36.91 22.35 -26.92
CA ASN K 288 -37.78 21.57 -26.05
C ASN K 288 -38.38 22.40 -24.92
N ALA K 289 -38.54 23.71 -25.17
CA ALA K 289 -39.35 24.55 -24.29
C ALA K 289 -40.78 24.00 -24.27
N VAL K 290 -41.46 24.15 -23.12
CA VAL K 290 -42.86 23.78 -23.00
C VAL K 290 -43.68 25.04 -22.75
N ILE K 291 -44.87 25.10 -23.38
CA ILE K 291 -45.84 26.15 -23.12
C ILE K 291 -46.23 26.10 -21.65
N LYS K 292 -46.37 27.27 -21.02
CA LYS K 292 -46.73 27.37 -19.62
C LYS K 292 -47.86 28.39 -19.45
N ASP K 293 -48.74 28.13 -18.47
CA ASP K 293 -49.79 29.05 -18.05
C ASP K 293 -49.22 30.44 -17.80
N LEU K 294 -49.88 31.47 -18.34
CA LEU K 294 -49.43 32.85 -18.25
C LEU K 294 -50.13 33.53 -17.08
N ASN K 295 -49.36 34.37 -16.35
CA ASN K 295 -49.89 35.27 -15.33
C ASN K 295 -49.07 36.56 -15.35
N ARG K 296 -49.29 37.35 -16.40
CA ARG K 296 -48.57 38.61 -16.59
C ARG K 296 -49.46 39.75 -16.11
N GLU K 297 -49.49 39.96 -14.79
CA GLU K 297 -50.44 40.88 -14.16
C GLU K 297 -50.42 42.25 -14.87
N LEU K 298 -49.22 42.76 -15.16
CA LEU K 298 -49.03 44.08 -15.75
C LEU K 298 -49.70 44.16 -17.11
N ASP K 299 -49.42 43.17 -17.97
CA ASP K 299 -49.90 43.15 -19.35
C ASP K 299 -51.40 42.83 -19.44
N GLN K 300 -52.00 42.43 -18.31
CA GLN K 300 -53.40 42.01 -18.24
C GLN K 300 -53.59 40.71 -19.02
N ILE K 301 -52.76 39.69 -18.70
CA ILE K 301 -52.87 38.35 -19.26
C ILE K 301 -52.99 37.36 -18.11
N LYS K 302 -54.15 36.72 -18.02
CA LYS K 302 -54.41 35.66 -17.06
C LYS K 302 -55.07 34.52 -17.83
N GLN K 303 -54.23 33.69 -18.47
CA GLN K 303 -54.71 32.65 -19.36
C GLN K 303 -54.01 31.34 -19.03
N ASP K 304 -54.79 30.25 -18.97
CA ASP K 304 -54.27 28.90 -18.77
C ASP K 304 -54.24 28.20 -20.11
N VAL K 305 -53.34 27.22 -20.26
CA VAL K 305 -53.24 26.47 -21.49
C VAL K 305 -54.57 25.77 -21.75
N SER K 306 -55.20 25.25 -20.70
CA SER K 306 -56.49 24.59 -20.80
C SER K 306 -57.55 25.51 -21.41
N ASP K 307 -57.48 26.82 -21.15
CA ASP K 307 -58.38 27.77 -21.79
C ASP K 307 -58.25 27.68 -23.31
N LEU K 308 -57.00 27.66 -23.79
CA LEU K 308 -56.72 27.57 -25.21
C LEU K 308 -57.30 26.27 -25.76
N GLU K 309 -57.01 25.16 -25.07
CA GLU K 309 -57.48 23.83 -25.41
C GLU K 309 -59.00 23.77 -25.49
N ARG K 310 -59.66 24.50 -24.57
CA ARG K 310 -61.11 24.53 -24.50
C ARG K 310 -61.67 25.26 -25.72
N TRP K 311 -61.04 26.38 -26.10
CA TRP K 311 -61.44 27.13 -27.28
C TRP K 311 -61.36 26.24 -28.52
N ILE K 312 -60.26 25.48 -28.64
CA ILE K 312 -60.01 24.63 -29.79
C ILE K 312 -61.07 23.54 -29.85
N ASP K 313 -61.30 22.87 -28.73
CA ASP K 313 -62.30 21.81 -28.63
C ASP K 313 -63.65 22.32 -29.11
N ARG K 314 -64.02 23.56 -28.74
CA ARG K 314 -65.31 24.12 -29.08
C ARG K 314 -65.39 24.47 -30.57
N ILE K 315 -64.30 25.03 -31.11
CA ILE K 315 -64.24 25.47 -32.50
C ILE K 315 -64.37 24.25 -33.42
N TYR K 316 -63.62 23.19 -33.10
CA TYR K 316 -63.73 21.92 -33.81
C TYR K 316 -65.18 21.44 -33.81
N GLU K 317 -65.84 21.49 -32.65
CA GLU K 317 -67.21 21.03 -32.49
C GLU K 317 -68.11 21.79 -33.47
N ALA K 318 -68.01 23.13 -33.46
CA ALA K 318 -68.81 24.00 -34.31
C ALA K 318 -68.60 23.62 -35.78
N VAL K 319 -67.35 23.41 -36.17
CA VAL K 319 -66.99 23.12 -37.55
C VAL K 319 -67.63 21.81 -38.01
N HIS K 320 -67.60 20.79 -37.13
CA HIS K 320 -68.20 19.50 -37.41
C HIS K 320 -69.72 19.61 -37.37
N GLN K 321 -70.27 20.22 -36.31
CA GLN K 321 -71.70 20.52 -36.22
C GLN K 321 -72.19 21.21 -37.49
N GLY K 322 -71.37 22.16 -38.01
CA GLY K 322 -71.69 22.88 -39.23
C GLY K 322 -72.24 24.28 -38.96
N TYR K 323 -72.38 24.66 -37.68
CA TYR K 323 -72.89 25.98 -37.32
C TYR K 323 -72.23 26.48 -36.03
N VAL K 324 -72.30 27.79 -35.81
CA VAL K 324 -71.84 28.42 -34.58
C VAL K 324 -73.03 29.05 -33.87
N VAL K 325 -72.82 29.53 -32.63
CA VAL K 325 -73.85 30.18 -31.85
C VAL K 325 -73.36 31.56 -31.44
N ASP K 326 -74.20 32.59 -31.64
CA ASP K 326 -73.85 33.96 -31.28
C ASP K 326 -74.16 34.18 -29.80
N GLU K 327 -73.73 35.34 -29.28
CA GLU K 327 -73.93 35.71 -27.89
C GLU K 327 -75.39 35.51 -27.49
N SER K 328 -76.30 35.88 -28.41
CA SER K 328 -77.74 35.88 -28.19
C SER K 328 -78.29 34.47 -28.01
N GLY K 329 -77.62 33.46 -28.59
CA GLY K 329 -78.03 32.08 -28.47
C GLY K 329 -78.47 31.50 -29.82
N ASN K 330 -78.64 32.37 -30.83
CA ASN K 330 -79.06 31.98 -32.17
C ASN K 330 -77.95 31.21 -32.86
N ARG K 331 -78.31 30.48 -33.94
CA ARG K 331 -77.37 29.67 -34.71
C ARG K 331 -77.10 30.31 -36.06
N ILE K 332 -75.83 30.38 -36.44
CA ILE K 332 -75.40 30.88 -37.75
C ILE K 332 -74.69 29.74 -38.47
N PHE K 333 -75.06 29.50 -39.74
CA PHE K 333 -74.66 28.30 -40.47
C PHE K 333 -73.41 28.56 -41.32
N LEU K 334 -72.44 27.66 -41.19
CA LEU K 334 -71.18 27.74 -41.93
C LEU K 334 -71.41 27.18 -43.33
N ASP K 335 -72.03 27.99 -44.19
CA ASP K 335 -72.43 27.59 -45.53
C ASP K 335 -71.24 27.74 -46.48
N GLU K 336 -71.47 27.41 -47.76
CA GLU K 336 -70.44 27.44 -48.80
C GLU K 336 -69.91 28.85 -49.01
N GLU K 337 -70.75 29.86 -48.76
CA GLU K 337 -70.48 31.23 -49.17
C GLU K 337 -69.70 31.96 -48.07
N LYS K 338 -70.31 32.10 -46.88
CA LYS K 338 -69.79 32.95 -45.82
C LYS K 338 -69.12 32.14 -44.70
N GLY K 339 -69.26 30.80 -44.74
CA GLY K 339 -68.73 29.93 -43.71
C GLY K 339 -67.28 30.25 -43.37
N ILE K 340 -66.39 30.21 -44.38
CA ILE K 340 -64.96 30.40 -44.18
C ILE K 340 -64.70 31.77 -43.55
N ASP K 341 -65.43 32.81 -44.02
CA ASP K 341 -65.23 34.18 -43.57
C ASP K 341 -65.54 34.28 -42.08
N ILE K 342 -66.67 33.69 -41.68
CA ILE K 342 -67.08 33.63 -40.28
C ILE K 342 -65.97 32.98 -39.46
N LEU K 343 -65.61 31.75 -39.85
CA LEU K 343 -64.63 30.94 -39.14
C LEU K 343 -63.35 31.73 -38.91
N GLY K 344 -62.91 32.49 -39.92
CA GLY K 344 -61.70 33.30 -39.83
C GLY K 344 -61.77 34.30 -38.68
N ASN K 345 -62.91 34.98 -38.56
CA ASN K 345 -63.12 35.99 -37.54
C ASN K 345 -63.20 35.34 -36.16
N ILE K 346 -63.72 34.11 -36.11
CA ILE K 346 -63.79 33.34 -34.87
C ILE K 346 -62.40 32.92 -34.42
N ILE K 347 -61.59 32.43 -35.36
CA ILE K 347 -60.32 31.80 -35.04
C ILE K 347 -59.24 32.82 -34.68
N GLU K 348 -59.08 33.87 -35.49
CA GLU K 348 -58.11 34.91 -35.17
C GLU K 348 -58.58 35.65 -33.94
N SER K 349 -59.91 35.74 -33.83
CA SER K 349 -60.66 36.60 -32.94
C SER K 349 -60.57 38.05 -33.40
N SER K 350 -61.47 38.41 -34.31
CA SER K 350 -61.74 39.80 -34.64
C SER K 350 -63.08 40.18 -34.01
N ILE K 351 -63.23 41.43 -33.57
CA ILE K 351 -64.47 41.89 -32.97
C ILE K 351 -65.67 41.47 -33.82
N LEU K 352 -65.41 41.03 -35.06
CA LEU K 352 -66.47 40.55 -35.95
C LEU K 352 -66.88 39.12 -35.57
N SER K 353 -66.13 38.46 -34.68
CA SER K 353 -66.47 37.13 -34.21
C SER K 353 -67.89 37.16 -33.64
N PRO K 354 -68.79 36.23 -34.07
CA PRO K 354 -70.17 36.25 -33.59
C PRO K 354 -70.32 35.87 -32.11
N ASN K 355 -69.24 35.43 -31.46
CA ASN K 355 -69.27 35.09 -30.04
C ASN K 355 -67.84 34.89 -29.52
N ARG K 356 -67.13 36.00 -29.31
CA ARG K 356 -65.76 35.98 -28.81
C ARG K 356 -65.68 35.19 -27.49
N GLN K 357 -66.67 35.38 -26.61
CA GLN K 357 -66.62 34.85 -25.25
C GLN K 357 -66.58 33.32 -25.27
N LEU K 358 -67.24 32.69 -26.25
CA LEU K 358 -67.35 31.24 -26.32
C LEU K 358 -66.16 30.64 -27.07
N TYR K 359 -65.82 31.20 -28.24
CA TYR K 359 -64.84 30.61 -29.14
C TYR K 359 -63.47 31.26 -28.97
N GLY K 360 -63.39 32.31 -28.16
CA GLY K 360 -62.12 32.81 -27.66
C GLY K 360 -61.34 33.63 -28.69
N ASP K 361 -60.04 33.78 -28.37
CA ASP K 361 -59.06 34.56 -29.11
C ASP K 361 -57.91 33.64 -29.47
N MET K 362 -58.24 32.56 -30.18
CA MET K 362 -57.44 31.35 -30.27
C MET K 362 -56.07 31.59 -30.91
N HIS K 363 -56.03 32.18 -32.12
CA HIS K 363 -54.78 32.41 -32.83
C HIS K 363 -53.88 33.35 -32.04
N ASN K 364 -54.41 34.52 -31.65
CA ASN K 364 -53.64 35.58 -31.01
C ASN K 364 -53.05 35.11 -29.68
N VAL K 365 -53.86 34.43 -28.86
CA VAL K 365 -53.42 34.00 -27.54
C VAL K 365 -52.29 32.98 -27.69
N GLY K 366 -52.36 32.16 -28.75
CA GLY K 366 -51.29 31.24 -29.10
C GLY K 366 -49.95 31.92 -29.33
N HIS K 367 -49.97 33.07 -30.02
CA HIS K 367 -48.77 33.86 -30.26
C HIS K 367 -48.13 34.28 -28.94
N VAL K 368 -48.96 34.63 -27.95
CA VAL K 368 -48.50 35.13 -26.66
C VAL K 368 -47.92 33.98 -25.83
N PHE K 369 -48.65 32.86 -25.74
CA PHE K 369 -48.18 31.67 -25.05
C PHE K 369 -46.78 31.28 -25.51
N LEU K 370 -46.59 31.23 -26.84
CA LEU K 370 -45.36 30.74 -27.46
C LEU K 370 -44.21 31.72 -27.20
N SER K 371 -44.55 33.00 -26.99
CA SER K 371 -43.54 34.04 -26.87
C SER K 371 -43.10 34.24 -25.42
N TYR K 372 -43.74 33.55 -24.46
CA TYR K 372 -43.53 33.81 -23.04
C TYR K 372 -43.14 32.55 -22.27
N THR K 373 -42.64 31.52 -22.98
CA THR K 373 -42.27 30.27 -22.34
C THR K 373 -41.13 30.51 -21.35
N HIS K 374 -40.31 31.52 -21.60
CA HIS K 374 -39.12 31.80 -20.82
C HIS K 374 -39.42 32.56 -19.53
N ASP K 375 -40.59 33.21 -19.47
CA ASP K 375 -40.96 34.03 -18.32
C ASP K 375 -42.46 34.25 -18.28
N PRO K 376 -43.26 33.23 -17.91
CA PRO K 376 -44.72 33.30 -18.01
C PRO K 376 -45.45 34.00 -16.88
N ASP K 377 -44.80 34.16 -15.71
CA ASP K 377 -45.42 34.82 -14.56
C ASP K 377 -44.74 36.16 -14.26
N HIS K 378 -43.79 36.57 -15.12
CA HIS K 378 -43.16 37.89 -15.07
C HIS K 378 -42.18 38.01 -13.89
N ARG K 379 -41.75 36.88 -13.33
CA ARG K 379 -40.86 36.87 -12.18
C ARG K 379 -39.47 37.39 -12.57
N HIS K 380 -39.13 37.28 -13.86
CA HIS K 380 -37.83 37.67 -14.38
C HIS K 380 -37.88 39.02 -15.09
N LEU K 381 -39.03 39.69 -15.05
CA LEU K 381 -39.16 41.01 -15.64
C LEU K 381 -38.59 41.02 -17.06
N GLU K 382 -38.94 39.99 -17.85
CA GLU K 382 -38.50 39.89 -19.24
C GLU K 382 -39.71 40.10 -20.16
N SER K 383 -39.45 40.60 -21.36
CA SER K 383 -40.48 40.86 -22.36
C SER K 383 -40.69 39.62 -23.22
N PHE K 384 -41.64 39.69 -24.16
CA PHE K 384 -42.00 38.57 -25.01
C PHE K 384 -40.94 38.35 -26.08
N GLY K 385 -40.77 37.08 -26.46
CA GLY K 385 -39.94 36.69 -27.59
C GLY K 385 -40.55 37.14 -28.91
N VAL K 386 -39.95 36.70 -30.02
CA VAL K 386 -40.21 37.25 -31.34
C VAL K 386 -41.63 36.93 -31.83
N MET K 387 -42.22 35.81 -31.37
CA MET K 387 -43.54 35.38 -31.80
C MET K 387 -44.65 36.28 -31.24
N GLY K 388 -44.30 37.19 -30.32
CA GLY K 388 -45.24 38.09 -29.68
C GLY K 388 -45.47 39.37 -30.46
N ASP K 389 -44.72 39.60 -31.56
CA ASP K 389 -44.85 40.80 -32.38
C ASP K 389 -45.06 40.40 -33.84
N VAL K 390 -46.13 40.90 -34.45
CA VAL K 390 -46.46 40.67 -35.86
C VAL K 390 -45.27 41.04 -36.76
N ALA K 391 -44.57 42.12 -36.39
CA ALA K 391 -43.41 42.61 -37.13
C ALA K 391 -42.32 41.55 -37.25
N THR K 392 -42.21 40.64 -36.26
CA THR K 392 -41.08 39.72 -36.17
C THR K 392 -41.51 38.26 -36.13
N ALA K 393 -42.82 37.98 -36.06
CA ALA K 393 -43.33 36.64 -35.75
C ALA K 393 -42.86 35.60 -36.75
N MET K 394 -42.71 35.99 -38.02
CA MET K 394 -42.42 35.04 -39.10
C MET K 394 -40.97 34.55 -39.05
N ARG K 395 -40.11 35.19 -38.26
CA ARG K 395 -38.72 34.80 -38.15
C ARG K 395 -38.59 33.43 -37.46
N ASP K 396 -39.49 33.15 -36.50
CA ASP K 396 -39.42 31.95 -35.70
C ASP K 396 -40.00 30.77 -36.50
N PRO K 397 -39.33 29.60 -36.55
CA PRO K 397 -39.92 28.41 -37.16
C PRO K 397 -41.25 27.91 -36.58
N VAL K 398 -41.49 28.18 -35.29
CA VAL K 398 -42.70 27.70 -34.62
C VAL K 398 -43.93 28.40 -35.21
N PHE K 399 -43.72 29.58 -35.80
CA PHE K 399 -44.78 30.34 -36.45
C PHE K 399 -45.53 29.44 -37.42
N TYR K 400 -44.77 28.67 -38.21
CA TYR K 400 -45.30 27.89 -39.31
C TYR K 400 -45.99 26.64 -38.77
N ARG K 401 -45.53 26.15 -37.61
CA ARG K 401 -46.17 25.04 -36.94
C ARG K 401 -47.51 25.46 -36.36
N TRP K 402 -47.54 26.59 -35.67
CA TRP K 402 -48.76 27.11 -35.07
C TRP K 402 -49.75 27.49 -36.17
N HIS K 403 -49.25 28.10 -37.25
CA HIS K 403 -50.11 28.56 -38.34
C HIS K 403 -50.54 27.38 -39.22
N SER K 404 -49.73 26.32 -39.19
CA SER K 404 -50.04 25.06 -39.86
C SER K 404 -51.23 24.38 -39.19
N PHE K 405 -51.18 24.30 -37.85
CA PHE K 405 -52.28 23.77 -37.06
C PHE K 405 -53.56 24.52 -37.40
N ILE K 406 -53.53 25.84 -37.23
CA ILE K 406 -54.69 26.70 -37.45
C ILE K 406 -55.29 26.39 -38.82
N ASP K 407 -54.43 26.13 -39.82
CA ASP K 407 -54.90 25.89 -41.18
C ASP K 407 -55.69 24.59 -41.24
N ASP K 408 -55.21 23.57 -40.53
CA ASP K 408 -55.86 22.26 -40.48
C ASP K 408 -57.30 22.44 -39.99
N ILE K 409 -57.52 23.35 -39.03
CA ILE K 409 -58.87 23.62 -38.51
C ILE K 409 -59.76 24.18 -39.62
N PHE K 410 -59.24 25.14 -40.39
CA PHE K 410 -59.97 25.69 -41.53
C PHE K 410 -60.28 24.58 -42.53
N GLN K 411 -59.26 23.76 -42.85
CA GLN K 411 -59.41 22.64 -43.77
C GLN K 411 -60.59 21.75 -43.37
N GLU K 412 -60.72 21.51 -42.06
CA GLU K 412 -61.76 20.64 -41.52
C GLU K 412 -63.14 21.13 -41.97
N HIS K 413 -63.28 22.44 -42.23
CA HIS K 413 -64.51 23.01 -42.76
C HIS K 413 -64.59 22.83 -44.26
N LYS K 414 -63.47 23.09 -44.96
CA LYS K 414 -63.43 23.07 -46.42
C LYS K 414 -63.75 21.67 -46.97
N ILE K 415 -63.37 20.62 -46.23
CA ILE K 415 -63.58 19.24 -46.68
C ILE K 415 -65.06 18.85 -46.48
N LYS K 416 -65.84 19.69 -45.80
CA LYS K 416 -67.27 19.45 -45.64
C LYS K 416 -68.05 20.03 -46.84
N LEU K 417 -67.46 21.03 -47.51
CA LEU K 417 -68.11 21.67 -48.66
C LEU K 417 -68.22 20.68 -49.81
N PRO K 418 -69.29 20.77 -50.66
CA PRO K 418 -69.47 19.84 -51.78
C PRO K 418 -68.48 20.10 -52.90
N ALA K 419 -67.94 19.02 -53.47
CA ALA K 419 -66.94 19.11 -54.53
C ALA K 419 -67.46 19.98 -55.67
N TYR K 420 -66.56 20.74 -56.31
CA TYR K 420 -66.88 21.48 -57.52
C TYR K 420 -67.21 20.47 -58.62
N THR K 421 -68.39 20.61 -59.24
CA THR K 421 -68.86 19.72 -60.28
C THR K 421 -68.17 20.08 -61.61
N LYS K 422 -68.05 19.07 -62.49
CA LYS K 422 -67.46 19.25 -63.82
C LYS K 422 -68.05 20.53 -64.43
N SER K 423 -69.38 20.66 -64.31
CA SER K 423 -70.12 21.82 -64.79
C SER K 423 -69.58 23.12 -64.22
N GLN K 424 -69.40 23.17 -62.89
CA GLN K 424 -69.11 24.40 -62.16
C GLN K 424 -67.78 25.02 -62.59
N LEU K 425 -66.81 24.20 -63.02
CA LEU K 425 -65.50 24.71 -63.39
C LEU K 425 -65.20 24.41 -64.87
N THR K 426 -66.25 24.26 -65.68
CA THR K 426 -66.11 24.24 -67.13
C THR K 426 -66.56 25.59 -67.69
N TYR K 427 -65.87 26.06 -68.74
CA TYR K 427 -66.23 27.27 -69.47
C TYR K 427 -66.63 26.89 -70.88
N GLU K 428 -67.95 26.75 -71.12
CA GLU K 428 -68.49 26.22 -72.37
C GLU K 428 -67.98 27.08 -73.53
N GLY K 429 -67.18 26.47 -74.41
CA GLY K 429 -66.63 27.15 -75.56
C GLY K 429 -65.12 27.36 -75.45
N ILE K 430 -64.66 27.78 -74.27
CA ILE K 430 -63.26 28.11 -74.05
C ILE K 430 -62.44 26.84 -73.81
N SER K 431 -61.26 26.77 -74.44
CA SER K 431 -60.32 25.67 -74.25
C SER K 431 -58.88 26.21 -74.21
N VAL K 432 -58.18 25.93 -73.10
CA VAL K 432 -56.76 26.25 -72.98
C VAL K 432 -55.96 25.03 -73.43
N THR K 433 -55.10 25.23 -74.44
CA THR K 433 -54.42 24.14 -75.13
C THR K 433 -52.95 24.08 -74.72
N GLY K 434 -52.48 25.06 -73.95
CA GLY K 434 -51.10 25.07 -73.50
C GLY K 434 -50.72 26.37 -72.79
N ILE K 435 -49.77 26.24 -71.85
CA ILE K 435 -49.13 27.38 -71.18
C ILE K 435 -47.64 27.06 -71.09
N ILE K 436 -46.79 28.08 -71.31
CA ILE K 436 -45.34 27.94 -71.20
C ILE K 436 -44.77 29.18 -70.50
N VAL K 437 -43.50 29.11 -70.08
CA VAL K 437 -42.80 30.27 -69.53
C VAL K 437 -41.46 30.43 -70.26
N GLN K 438 -41.03 31.69 -70.47
CA GLN K 438 -39.79 31.99 -71.17
C GLN K 438 -39.04 33.12 -70.46
N SER K 439 -37.78 32.83 -70.09
CA SER K 439 -36.83 33.81 -69.59
C SER K 439 -35.78 34.08 -70.67
N GLU K 440 -35.26 35.30 -70.72
CA GLU K 440 -34.20 35.69 -71.64
C GLU K 440 -32.98 34.81 -71.39
N GLY K 441 -32.46 34.20 -72.46
CA GLY K 441 -31.27 33.36 -72.40
C GLY K 441 -31.45 32.17 -71.46
N ALA K 442 -32.47 31.33 -71.74
CA ALA K 442 -32.79 30.19 -70.90
C ALA K 442 -33.83 29.32 -71.61
N PRO K 443 -33.75 27.97 -71.53
CA PRO K 443 -34.72 27.10 -72.18
C PRO K 443 -36.16 27.43 -71.80
N VAL K 444 -37.11 26.98 -72.62
CA VAL K 444 -38.53 27.12 -72.33
C VAL K 444 -38.85 26.32 -71.07
N ASN K 445 -39.90 26.77 -70.34
CA ASN K 445 -40.43 26.08 -69.17
C ASN K 445 -39.32 25.86 -68.14
N THR K 446 -38.56 26.93 -67.86
CA THR K 446 -37.45 26.89 -66.91
C THR K 446 -37.34 28.23 -66.19
N LEU K 447 -37.43 28.19 -64.85
CA LEU K 447 -37.26 29.36 -64.01
C LEU K 447 -35.91 29.28 -63.30
N HIS K 448 -35.25 30.44 -63.12
CA HIS K 448 -33.95 30.51 -62.46
C HIS K 448 -34.08 31.40 -61.21
N THR K 449 -33.32 31.07 -60.15
CA THR K 449 -33.21 31.89 -58.95
C THR K 449 -31.74 32.03 -58.54
N TYR K 450 -31.48 32.99 -57.64
CA TYR K 450 -30.14 33.31 -57.17
C TYR K 450 -30.22 34.33 -56.03
N TRP K 451 -29.06 34.72 -55.49
CA TRP K 451 -28.95 35.76 -54.47
C TRP K 451 -28.67 37.11 -55.14
N GLN K 452 -29.06 38.20 -54.45
CA GLN K 452 -28.88 39.55 -54.95
C GLN K 452 -28.78 40.53 -53.78
N GLN K 453 -27.72 41.33 -53.75
CA GLN K 453 -27.57 42.38 -52.75
C GLN K 453 -28.35 43.61 -53.19
N SER K 454 -29.06 44.24 -52.24
CA SER K 454 -29.72 45.52 -52.44
C SER K 454 -29.37 46.46 -51.29
N ASP K 455 -29.58 47.76 -51.48
CA ASP K 455 -29.15 48.77 -50.53
C ASP K 455 -30.37 49.53 -49.98
N VAL K 456 -30.31 49.87 -48.68
CA VAL K 456 -31.38 50.58 -48.00
C VAL K 456 -30.76 51.62 -47.06
N ASP K 457 -31.31 52.84 -47.07
CA ASP K 457 -30.84 53.92 -46.22
C ASP K 457 -31.56 53.83 -44.87
N LEU K 458 -30.81 53.45 -43.82
CA LEU K 458 -31.36 53.29 -42.48
C LEU K 458 -31.08 54.54 -41.65
N SER K 459 -30.88 55.68 -42.32
CA SER K 459 -30.34 56.88 -41.69
C SER K 459 -31.39 57.50 -40.76
N ARG K 460 -32.64 57.53 -41.24
CA ARG K 460 -33.75 58.14 -40.51
C ARG K 460 -34.04 57.40 -39.20
N GLY K 461 -33.60 56.13 -39.12
CA GLY K 461 -33.89 55.28 -37.97
C GLY K 461 -32.79 55.26 -36.91
N MET K 462 -31.60 55.77 -37.24
CA MET K 462 -30.44 55.72 -36.37
C MET K 462 -30.40 56.96 -35.46
N ASP K 463 -31.01 56.84 -34.27
CA ASP K 463 -31.13 57.95 -33.33
C ASP K 463 -29.77 58.23 -32.71
N PHE K 464 -29.51 59.53 -32.44
CA PHE K 464 -28.31 60.01 -31.77
C PHE K 464 -27.03 59.53 -32.48
N VAL K 465 -27.11 59.40 -33.81
CA VAL K 465 -25.97 59.03 -34.64
C VAL K 465 -25.63 60.23 -35.50
N PRO K 466 -24.33 60.58 -35.67
CA PRO K 466 -23.93 61.65 -36.59
C PRO K 466 -24.69 61.58 -37.91
N ARG K 467 -25.35 62.69 -38.28
CA ARG K 467 -26.18 62.76 -39.48
C ARG K 467 -25.35 62.43 -40.72
N GLY K 468 -26.06 62.08 -41.80
CA GLY K 468 -25.43 61.61 -43.03
C GLY K 468 -26.18 60.40 -43.59
N ASN K 469 -25.59 59.72 -44.57
CA ASN K 469 -26.18 58.50 -45.13
C ASN K 469 -25.58 57.27 -44.45
N VAL K 470 -26.40 56.23 -44.32
CA VAL K 470 -26.00 54.95 -43.73
C VAL K 470 -26.68 53.85 -44.54
N PHE K 471 -26.00 53.38 -45.60
CA PHE K 471 -26.54 52.36 -46.48
C PHE K 471 -26.21 50.98 -45.94
N ALA K 472 -27.20 50.08 -45.95
CA ALA K 472 -27.04 48.70 -45.53
C ALA K 472 -27.28 47.76 -46.72
N ARG K 473 -26.46 46.71 -46.83
CA ARG K 473 -26.53 45.77 -47.95
C ARG K 473 -27.25 44.48 -47.53
N PHE K 474 -28.47 44.30 -48.03
CA PHE K 474 -29.25 43.09 -47.81
C PHE K 474 -28.96 42.08 -48.92
N THR K 475 -28.74 40.81 -48.55
CA THR K 475 -28.74 39.70 -49.48
C THR K 475 -30.09 38.98 -49.39
N HIS K 476 -30.72 38.73 -50.54
CA HIS K 476 -32.05 38.12 -50.61
C HIS K 476 -32.22 37.35 -51.92
N LEU K 477 -33.09 36.33 -51.88
CA LEU K 477 -33.45 35.54 -53.05
C LEU K 477 -33.96 36.46 -54.16
N GLN K 478 -33.63 36.11 -55.42
CA GLN K 478 -34.17 36.80 -56.59
C GLN K 478 -34.37 35.80 -57.72
N HIS K 479 -35.32 36.11 -58.62
CA HIS K 479 -35.58 35.30 -59.80
C HIS K 479 -35.35 36.14 -61.06
N ALA K 480 -34.82 35.49 -62.10
CA ALA K 480 -34.73 36.07 -63.44
C ALA K 480 -36.12 36.41 -63.95
N PRO K 481 -36.32 37.55 -64.65
CA PRO K 481 -37.63 37.92 -65.18
C PRO K 481 -38.09 36.83 -66.15
N PHE K 482 -39.42 36.60 -66.22
CA PHE K 482 -39.99 35.64 -67.15
C PHE K 482 -41.36 36.16 -67.59
N GLN K 483 -42.05 35.36 -68.43
CA GLN K 483 -43.39 35.67 -68.91
C GLN K 483 -44.12 34.37 -69.27
N TYR K 484 -45.43 34.34 -69.00
CA TYR K 484 -46.29 33.22 -69.35
C TYR K 484 -46.81 33.45 -70.77
N VAL K 485 -47.06 32.35 -71.52
CA VAL K 485 -47.64 32.42 -72.86
C VAL K 485 -48.72 31.34 -72.95
N ILE K 486 -49.99 31.77 -73.05
CA ILE K 486 -51.16 30.92 -72.87
C ILE K 486 -51.97 30.88 -74.17
N GLN K 487 -52.27 29.67 -74.67
CA GLN K 487 -52.98 29.48 -75.92
C GLN K 487 -54.44 29.10 -75.65
N ILE K 488 -55.37 30.01 -75.97
CA ILE K 488 -56.78 29.87 -75.63
C ILE K 488 -57.63 29.96 -76.90
N ASP K 489 -58.56 29.00 -77.07
CA ASP K 489 -59.46 28.95 -78.21
C ASP K 489 -60.89 29.29 -77.76
N ASN K 490 -61.60 30.10 -78.58
CA ASN K 490 -62.88 30.66 -78.20
C ASN K 490 -64.05 29.78 -78.65
N THR K 491 -64.11 29.49 -79.97
CA THR K 491 -65.11 28.61 -80.58
C THR K 491 -66.53 28.93 -80.12
N SER K 492 -66.87 30.22 -80.01
CA SER K 492 -68.19 30.63 -79.52
C SER K 492 -68.90 31.51 -80.55
N ASP K 493 -68.18 32.47 -81.14
CA ASP K 493 -68.68 33.45 -82.11
C ASP K 493 -68.86 34.82 -81.46
N ALA K 494 -68.51 34.94 -80.17
CA ALA K 494 -68.62 36.20 -79.45
C ALA K 494 -67.40 36.41 -78.56
N GLN K 495 -67.06 37.67 -78.30
CA GLN K 495 -66.01 38.03 -77.34
C GLN K 495 -66.38 37.45 -75.98
N ARG K 496 -65.49 36.62 -75.42
CA ARG K 496 -65.66 36.01 -74.11
C ARG K 496 -64.70 36.66 -73.12
N MET K 497 -65.27 37.10 -71.97
CA MET K 497 -64.50 37.55 -70.83
C MET K 497 -64.14 36.36 -69.95
N GLY K 498 -62.93 36.40 -69.37
CA GLY K 498 -62.45 35.32 -68.52
C GLY K 498 -61.44 35.80 -67.48
N PHE K 499 -61.41 35.11 -66.34
CA PHE K 499 -60.38 35.28 -65.33
C PHE K 499 -59.28 34.24 -65.56
N VAL K 500 -58.04 34.71 -65.69
CA VAL K 500 -56.87 33.83 -65.73
C VAL K 500 -56.39 33.64 -64.30
N ARG K 501 -56.39 32.38 -63.83
CA ARG K 501 -55.96 32.01 -62.48
C ARG K 501 -54.76 31.09 -62.58
N ILE K 502 -53.59 31.54 -62.11
CA ILE K 502 -52.35 30.79 -62.25
C ILE K 502 -51.79 30.42 -60.88
N PHE K 503 -51.66 29.11 -60.65
CA PHE K 503 -51.03 28.55 -59.45
C PHE K 503 -49.84 27.69 -59.86
N MET K 504 -48.96 27.40 -58.90
CA MET K 504 -47.82 26.50 -59.08
C MET K 504 -47.62 25.67 -57.82
N ALA K 505 -47.43 24.35 -57.99
CA ALA K 505 -47.20 23.43 -56.90
C ALA K 505 -46.00 22.55 -57.21
N PRO K 506 -45.48 21.75 -56.26
CA PRO K 506 -44.50 20.71 -56.58
C PRO K 506 -45.12 19.61 -57.45
N LYS K 507 -44.30 18.93 -58.26
CA LYS K 507 -44.81 17.94 -59.20
C LYS K 507 -45.02 16.60 -58.50
N ASN K 508 -43.98 16.08 -57.82
CA ASN K 508 -43.98 14.70 -57.33
C ASN K 508 -43.99 14.65 -55.81
N ASP K 509 -43.89 13.44 -55.23
CA ASP K 509 -43.62 13.22 -53.82
C ASP K 509 -42.11 12.98 -53.64
N GLU K 510 -41.69 12.48 -52.47
CA GLU K 510 -40.29 12.18 -52.20
C GLU K 510 -39.87 10.87 -52.87
N ARG K 511 -40.85 10.04 -53.26
CA ARG K 511 -40.62 8.75 -53.88
C ARG K 511 -40.51 8.86 -55.41
N GLY K 512 -40.92 10.03 -55.97
CA GLY K 512 -40.65 10.35 -57.35
C GLY K 512 -41.83 10.10 -58.29
N GLN K 513 -43.04 9.92 -57.73
CA GLN K 513 -44.27 9.72 -58.43
C GLN K 513 -45.07 11.02 -58.47
N PRO K 514 -45.92 11.22 -59.51
CA PRO K 514 -46.91 12.28 -59.53
C PRO K 514 -47.80 12.34 -58.29
N MET K 515 -47.72 13.48 -57.57
CA MET K 515 -48.49 13.74 -56.38
C MET K 515 -50.00 13.55 -56.67
N LEU K 516 -50.74 13.07 -55.67
CA LEU K 516 -52.18 12.93 -55.78
C LEU K 516 -52.83 14.28 -55.48
N PHE K 517 -54.10 14.43 -55.90
CA PHE K 517 -54.78 15.72 -55.81
C PHE K 517 -54.94 16.11 -54.35
N ARG K 518 -55.56 15.22 -53.56
CA ARG K 518 -55.78 15.43 -52.12
C ARG K 518 -54.58 16.06 -51.44
N ASP K 519 -53.37 15.62 -51.79
CA ASP K 519 -52.13 16.18 -51.27
C ASP K 519 -51.80 17.50 -51.97
N GLN K 520 -51.72 17.45 -53.31
CA GLN K 520 -51.15 18.52 -54.11
C GLN K 520 -52.01 19.79 -54.04
N ARG K 521 -53.32 19.65 -53.83
CA ARG K 521 -54.24 20.80 -53.85
C ARG K 521 -53.82 21.81 -52.78
N LEU K 522 -53.24 21.34 -51.68
CA LEU K 522 -52.89 22.17 -50.54
C LEU K 522 -51.51 22.82 -50.69
N PHE K 523 -50.77 22.46 -51.76
CA PHE K 523 -49.42 22.95 -51.97
C PHE K 523 -49.37 23.93 -53.13
N MET K 524 -50.50 24.17 -53.80
CA MET K 524 -50.62 25.12 -54.90
C MET K 524 -50.49 26.55 -54.36
N VAL K 525 -49.50 27.30 -54.87
CA VAL K 525 -49.31 28.69 -54.50
C VAL K 525 -49.82 29.56 -55.66
N GLU K 526 -50.65 30.56 -55.36
CA GLU K 526 -51.17 31.48 -56.37
C GLU K 526 -50.00 32.29 -56.95
N MET K 527 -49.97 32.43 -58.28
CA MET K 527 -48.92 33.13 -58.99
C MET K 527 -49.44 34.37 -59.73
N ASP K 528 -50.72 34.35 -60.12
CA ASP K 528 -51.33 35.48 -60.82
C ASP K 528 -52.83 35.24 -60.98
N LYS K 529 -53.58 36.35 -61.09
CA LYS K 529 -55.01 36.33 -61.37
C LYS K 529 -55.40 37.66 -62.04
N PHE K 530 -55.78 37.61 -63.33
CA PHE K 530 -56.06 38.82 -64.10
C PHE K 530 -57.17 38.57 -65.12
N LEU K 531 -57.85 39.66 -65.50
CA LEU K 531 -58.98 39.65 -66.43
C LEU K 531 -58.46 39.73 -67.87
N VAL K 532 -59.10 38.96 -68.78
CA VAL K 532 -58.67 38.92 -70.17
C VAL K 532 -59.89 38.85 -71.09
N ALA K 533 -59.81 39.57 -72.22
CA ALA K 533 -60.82 39.58 -73.27
C ALA K 533 -60.37 38.70 -74.42
N LEU K 534 -61.19 37.71 -74.79
CA LEU K 534 -60.82 36.72 -75.80
C LEU K 534 -61.64 36.96 -77.07
N ARG K 535 -60.96 37.09 -78.22
CA ARG K 535 -61.61 37.23 -79.52
C ARG K 535 -62.04 35.84 -80.00
N PRO K 536 -63.09 35.72 -80.84
CA PRO K 536 -63.43 34.43 -81.46
C PRO K 536 -62.23 33.78 -82.15
N GLY K 537 -62.22 32.45 -82.18
CA GLY K 537 -61.10 31.69 -82.71
C GLY K 537 -59.99 31.51 -81.69
N ALA K 538 -58.75 31.86 -82.08
CA ALA K 538 -57.56 31.61 -81.30
C ALA K 538 -57.03 32.90 -80.68
N ASN K 539 -56.48 32.79 -79.46
CA ASN K 539 -55.91 33.92 -78.74
C ASN K 539 -54.58 33.51 -78.10
N ARG K 540 -53.54 34.33 -78.31
CA ARG K 540 -52.26 34.12 -77.65
C ARG K 540 -52.12 35.19 -76.56
N ILE K 541 -52.24 34.75 -75.30
CA ILE K 541 -52.13 35.64 -74.15
C ILE K 541 -50.70 35.59 -73.63
N ARG K 542 -50.12 36.76 -73.38
CA ARG K 542 -48.79 36.88 -72.80
C ARG K 542 -48.89 37.77 -71.56
N ARG K 543 -48.19 37.36 -70.49
CA ARG K 543 -48.24 38.01 -69.19
C ARG K 543 -46.84 37.97 -68.58
N ARG K 544 -46.32 39.15 -68.19
CA ARG K 544 -45.00 39.26 -67.59
C ARG K 544 -45.08 38.91 -66.10
N SER K 545 -43.96 38.42 -65.56
CA SER K 545 -43.84 38.07 -64.14
C SER K 545 -44.08 39.29 -63.26
N ASN K 546 -43.69 40.47 -63.75
CA ASN K 546 -43.74 41.71 -62.98
C ASN K 546 -45.15 42.31 -62.98
N GLU K 547 -46.08 41.74 -63.77
CA GLU K 547 -47.46 42.20 -63.80
C GLU K 547 -48.32 41.46 -62.77
N SER K 548 -47.71 40.54 -62.00
CA SER K 548 -48.43 39.66 -61.09
C SER K 548 -49.29 40.45 -60.11
N THR K 549 -50.52 39.96 -59.86
CA THR K 549 -51.47 40.58 -58.95
C THR K 549 -51.28 40.05 -57.53
N VAL K 550 -50.34 39.11 -57.34
CA VAL K 550 -49.99 38.59 -56.02
C VAL K 550 -48.88 39.44 -55.40
N THR K 551 -48.17 40.20 -56.24
CA THR K 551 -46.87 40.77 -55.91
C THR K 551 -46.99 42.30 -55.88
N ILE K 552 -46.04 42.97 -55.20
CA ILE K 552 -45.86 44.42 -55.34
C ILE K 552 -44.41 44.70 -55.72
N PRO K 553 -44.15 45.80 -56.47
CA PRO K 553 -42.80 46.12 -56.95
C PRO K 553 -41.75 46.26 -55.86
N PHE K 554 -40.49 46.04 -56.26
CA PHE K 554 -39.31 46.39 -55.48
C PHE K 554 -39.50 47.72 -54.77
N GLU K 555 -39.78 48.76 -55.56
CA GLU K 555 -39.72 50.15 -55.11
C GLU K 555 -40.58 50.35 -53.87
N ARG K 556 -41.70 49.61 -53.76
CA ARG K 556 -42.61 49.77 -52.64
C ARG K 556 -41.94 49.28 -51.35
N THR K 557 -41.32 48.09 -51.40
CA THR K 557 -40.69 47.50 -50.21
C THR K 557 -39.50 48.35 -49.75
N PHE K 558 -38.50 48.53 -50.61
CA PHE K 558 -37.25 49.19 -50.25
C PHE K 558 -37.40 50.71 -50.30
N ARG K 559 -37.78 51.20 -51.48
CA ARG K 559 -37.80 52.64 -51.78
C ARG K 559 -36.45 53.27 -51.41
N PHE K 578 -52.75 35.73 -51.83
CA PHE K 578 -51.70 36.61 -51.23
C PHE K 578 -52.11 38.07 -51.17
N CYS K 579 -53.43 38.31 -51.20
CA CYS K 579 -54.02 39.64 -51.23
C CYS K 579 -53.64 40.39 -49.95
N GLY K 580 -53.51 41.71 -50.05
CA GLY K 580 -53.03 42.52 -48.94
C GLY K 580 -52.13 43.65 -49.45
N CYS K 581 -51.27 44.12 -48.54
CA CYS K 581 -50.18 45.05 -48.82
C CYS K 581 -49.33 44.63 -50.03
N GLY K 582 -49.13 43.31 -50.17
CA GLY K 582 -48.45 42.75 -51.31
C GLY K 582 -47.25 41.90 -50.90
N TRP K 583 -47.08 40.77 -51.61
CA TRP K 583 -46.00 39.83 -51.40
C TRP K 583 -44.75 40.32 -52.15
N PRO K 584 -43.55 40.29 -51.56
CA PRO K 584 -42.34 40.80 -52.24
C PRO K 584 -42.09 40.11 -53.58
N ALA K 585 -41.73 40.91 -54.59
CA ALA K 585 -41.61 40.44 -55.96
C ALA K 585 -40.49 39.40 -56.09
N HIS K 586 -39.38 39.62 -55.38
CA HIS K 586 -38.21 38.76 -55.48
C HIS K 586 -38.47 37.38 -54.86
N MET K 587 -39.59 37.25 -54.12
CA MET K 587 -39.96 36.01 -53.47
C MET K 587 -41.08 35.29 -54.22
N LEU K 588 -41.42 35.76 -55.44
CA LEU K 588 -42.51 35.23 -56.22
C LEU K 588 -42.28 33.76 -56.60
N VAL K 589 -41.02 33.43 -56.93
CA VAL K 589 -40.66 32.09 -57.37
C VAL K 589 -39.96 31.38 -56.21
N PRO K 590 -40.36 30.14 -55.87
CA PRO K 590 -39.59 29.29 -54.97
C PRO K 590 -38.13 29.16 -55.41
N LYS K 591 -37.26 28.76 -54.48
CA LYS K 591 -35.82 28.73 -54.72
C LYS K 591 -35.49 27.66 -55.75
N GLY K 592 -36.09 26.47 -55.59
CA GLY K 592 -35.71 25.31 -56.39
C GLY K 592 -34.33 24.77 -55.96
N LEU K 593 -33.78 23.85 -56.75
CA LEU K 593 -32.52 23.19 -56.45
C LEU K 593 -31.49 23.55 -57.52
N PRO K 594 -30.17 23.37 -57.25
CA PRO K 594 -29.16 23.50 -58.29
C PRO K 594 -29.37 22.50 -59.43
N GLU K 595 -29.79 21.26 -59.06
CA GLU K 595 -30.00 20.19 -60.02
C GLU K 595 -31.37 20.35 -60.70
N GLY K 596 -32.14 21.37 -60.31
CA GLY K 596 -33.47 21.58 -60.86
C GLY K 596 -34.54 20.93 -59.99
N PHE K 597 -35.63 21.68 -59.72
CA PHE K 597 -36.74 21.19 -58.92
C PHE K 597 -37.99 21.12 -59.80
N PRO K 598 -38.61 19.91 -59.96
CA PRO K 598 -39.79 19.76 -60.81
C PRO K 598 -41.08 20.28 -60.16
N ALA K 599 -41.86 21.01 -60.98
CA ALA K 599 -43.05 21.72 -60.52
C ALA K 599 -44.11 21.70 -61.62
N ASP K 600 -45.39 21.56 -61.22
CA ASP K 600 -46.53 21.67 -62.12
C ASP K 600 -47.07 23.11 -62.12
N LEU K 601 -46.97 23.79 -63.28
CA LEU K 601 -47.61 25.07 -63.51
C LEU K 601 -49.03 24.82 -64.01
N PHE K 602 -50.01 25.48 -63.38
CA PHE K 602 -51.41 25.28 -63.68
C PHE K 602 -52.07 26.62 -63.99
N VAL K 603 -52.93 26.64 -65.02
CA VAL K 603 -53.72 27.82 -65.37
C VAL K 603 -55.17 27.37 -65.57
N MET K 604 -56.10 28.25 -65.17
CA MET K 604 -57.53 28.07 -65.38
C MET K 604 -58.12 29.39 -65.88
N VAL K 605 -59.02 29.29 -66.87
CA VAL K 605 -59.80 30.42 -67.34
C VAL K 605 -61.25 30.17 -66.91
N SER K 606 -61.73 30.98 -65.97
CA SER K 606 -63.10 30.89 -65.48
C SER K 606 -63.96 31.96 -66.14
N ASN K 607 -65.29 31.77 -66.09
CA ASN K 607 -66.23 32.66 -66.74
C ASN K 607 -66.42 33.93 -65.90
N TYR K 608 -65.78 35.02 -66.33
CA TYR K 608 -65.70 36.27 -65.58
C TYR K 608 -67.10 36.83 -65.29
N GLU K 609 -68.10 36.47 -66.09
CA GLU K 609 -69.45 36.98 -65.90
C GLU K 609 -70.00 36.50 -64.56
N ASP K 610 -69.71 35.24 -64.20
CA ASP K 610 -70.09 34.69 -62.91
C ASP K 610 -69.20 35.23 -61.80
N ASP K 611 -67.90 35.41 -62.09
CA ASP K 611 -66.90 35.77 -61.10
C ASP K 611 -66.88 37.29 -60.85
N ARG K 612 -67.52 38.06 -61.74
CA ARG K 612 -67.45 39.51 -61.74
C ARG K 612 -68.01 40.11 -60.45
N VAL K 613 -67.41 41.22 -60.01
CA VAL K 613 -67.89 42.00 -58.88
C VAL K 613 -67.98 43.46 -59.33
N VAL K 614 -69.16 43.86 -59.82
CA VAL K 614 -69.36 45.14 -60.50
C VAL K 614 -68.96 46.29 -59.58
N GLN K 615 -67.93 47.07 -59.99
CA GLN K 615 -67.25 48.03 -59.12
C GLN K 615 -66.32 48.96 -59.90
N ASP K 616 -66.01 50.14 -59.33
CA ASP K 616 -65.28 51.22 -59.99
C ASP K 616 -63.92 51.43 -59.33
N LEU K 617 -62.85 51.38 -60.14
CA LEU K 617 -61.47 51.54 -59.67
C LEU K 617 -61.26 52.93 -59.06
N VAL K 618 -60.45 53.01 -57.99
CA VAL K 618 -60.00 54.28 -57.44
C VAL K 618 -58.55 54.15 -56.99
N GLY K 619 -58.27 53.54 -55.84
CA GLY K 619 -56.92 53.57 -55.25
C GLY K 619 -56.87 52.85 -53.90
N THR K 620 -55.75 52.12 -53.68
CA THR K 620 -55.68 50.94 -52.82
C THR K 620 -54.24 50.55 -52.57
N CYS K 621 -53.96 49.82 -51.47
CA CYS K 621 -52.66 49.25 -51.13
C CYS K 621 -52.05 49.95 -49.91
N ASN K 622 -50.95 49.37 -49.43
CA ASN K 622 -50.35 49.70 -48.13
C ASN K 622 -49.87 51.14 -48.06
N ASP K 623 -49.48 51.72 -49.20
CA ASP K 623 -48.97 53.09 -49.29
C ASP K 623 -48.00 53.38 -48.14
N TYR K 627 -49.76 45.00 -57.27
CA TYR K 627 -51.16 44.81 -56.80
C TYR K 627 -51.90 46.13 -56.96
N CYS K 628 -53.06 46.10 -57.66
CA CYS K 628 -53.82 47.31 -57.94
C CYS K 628 -54.23 47.95 -56.61
N GLY K 629 -54.94 47.21 -55.75
CA GLY K 629 -54.90 47.48 -54.31
C GLY K 629 -56.08 46.97 -53.47
N VAL K 630 -57.34 47.16 -53.89
CA VAL K 630 -58.55 46.60 -53.30
C VAL K 630 -58.88 47.18 -51.91
N ARG K 631 -58.65 48.49 -51.74
CA ARG K 631 -59.12 49.26 -50.59
C ARG K 631 -60.57 49.71 -50.74
N ASP K 632 -61.09 49.61 -51.97
CA ASP K 632 -62.50 49.78 -52.27
C ASP K 632 -63.34 48.71 -51.57
N ARG K 633 -64.54 49.11 -51.13
CA ARG K 633 -65.44 48.28 -50.33
C ARG K 633 -65.21 46.78 -50.53
N LEU K 634 -65.37 46.28 -51.77
CA LEU K 634 -65.54 44.86 -52.04
C LEU K 634 -64.25 44.27 -52.64
N TYR K 635 -64.12 42.94 -52.50
CA TYR K 635 -63.00 42.17 -53.01
C TYR K 635 -63.38 41.66 -54.41
N PRO K 636 -62.51 41.84 -55.43
CA PRO K 636 -62.92 41.72 -56.83
C PRO K 636 -63.07 40.33 -57.46
N ASP K 637 -63.65 39.38 -56.72
CA ASP K 637 -63.81 38.02 -57.23
C ASP K 637 -64.83 37.29 -56.38
N ARG K 638 -65.95 36.85 -56.98
CA ARG K 638 -67.03 36.22 -56.24
C ARG K 638 -66.61 34.82 -55.78
N LYS K 639 -65.69 34.18 -56.50
CA LYS K 639 -65.23 32.84 -56.18
C LYS K 639 -64.45 32.83 -54.86
N ALA K 640 -64.44 31.68 -54.19
CA ALA K 640 -63.70 31.50 -52.95
C ALA K 640 -62.21 31.72 -53.19
N MET K 641 -61.47 32.15 -52.15
CA MET K 641 -60.05 32.40 -52.29
C MET K 641 -59.29 31.08 -52.29
N GLY K 642 -58.48 30.88 -53.33
CA GLY K 642 -57.85 29.61 -53.63
C GLY K 642 -58.81 28.70 -54.42
N PHE K 643 -59.64 29.34 -55.26
CA PHE K 643 -60.89 28.79 -55.74
C PHE K 643 -60.77 27.42 -56.42
N PRO K 644 -59.90 27.18 -57.43
CA PRO K 644 -59.92 25.86 -58.07
C PRO K 644 -59.69 24.72 -57.05
N PHE K 645 -58.80 24.95 -56.06
CA PHE K 645 -58.33 23.87 -55.20
C PHE K 645 -58.72 23.99 -53.73
N ASP K 646 -59.64 24.89 -53.36
CA ASP K 646 -59.97 25.04 -51.95
C ASP K 646 -60.78 23.83 -51.45
N ARG K 647 -61.54 23.18 -52.35
CA ARG K 647 -62.42 22.08 -51.98
C ARG K 647 -61.88 20.74 -52.44
N LEU K 648 -62.48 19.66 -51.92
CA LEU K 648 -62.11 18.30 -52.29
C LEU K 648 -62.48 18.03 -53.74
N ALA K 649 -61.89 16.95 -54.30
CA ALA K 649 -62.13 16.52 -55.67
C ALA K 649 -63.51 15.89 -55.78
N ARG K 650 -64.13 16.06 -56.96
CA ARG K 650 -65.33 15.33 -57.35
C ARG K 650 -64.98 13.87 -57.61
N THR K 651 -66.00 12.99 -57.56
CA THR K 651 -65.81 11.54 -57.69
C THR K 651 -65.02 11.24 -58.97
N GLY K 652 -64.15 10.23 -58.89
CA GLY K 652 -63.38 9.79 -60.05
C GLY K 652 -62.03 10.50 -60.18
N VAL K 653 -61.95 11.77 -59.77
CA VAL K 653 -60.72 12.54 -59.82
C VAL K 653 -59.75 12.03 -58.75
N ASP K 654 -58.45 12.05 -59.09
CA ASP K 654 -57.42 11.33 -58.34
C ASP K 654 -56.10 12.10 -58.36
N ARG K 655 -55.76 12.72 -59.50
CA ARG K 655 -54.58 13.56 -59.64
C ARG K 655 -54.90 14.74 -60.55
N LEU K 656 -53.98 15.71 -60.64
CA LEU K 656 -54.23 16.98 -61.31
C LEU K 656 -54.61 16.73 -62.77
N SER K 657 -53.90 15.78 -63.40
CA SER K 657 -54.01 15.53 -64.83
C SER K 657 -55.36 14.94 -65.22
N ASN K 658 -56.20 14.54 -64.25
CA ASN K 658 -57.56 14.12 -64.55
C ASN K 658 -58.59 14.97 -63.79
N PHE K 659 -58.12 15.94 -63.00
CA PHE K 659 -58.98 16.97 -62.41
C PHE K 659 -59.33 17.99 -63.50
N VAL K 660 -58.41 18.17 -64.45
CA VAL K 660 -58.46 19.26 -65.42
C VAL K 660 -59.74 19.22 -66.26
N THR K 661 -60.27 20.41 -66.57
CA THR K 661 -61.30 20.62 -67.59
C THR K 661 -60.65 21.25 -68.83
N PRO K 662 -61.34 21.30 -69.99
CA PRO K 662 -60.80 21.95 -71.19
C PRO K 662 -60.21 23.35 -70.97
N ASN K 663 -60.88 24.16 -70.14
CA ASN K 663 -60.49 25.54 -69.89
C ASN K 663 -59.35 25.64 -68.88
N MET K 664 -58.71 24.50 -68.57
CA MET K 664 -57.49 24.45 -67.77
C MET K 664 -56.34 23.82 -68.57
N ALA K 665 -55.11 24.03 -68.08
CA ALA K 665 -53.90 23.47 -68.67
C ALA K 665 -52.84 23.27 -67.59
N ILE K 666 -52.04 22.20 -67.74
CA ILE K 666 -50.91 21.89 -66.85
C ILE K 666 -49.62 21.99 -67.67
N GLN K 667 -48.50 22.31 -67.00
CA GLN K 667 -47.20 22.35 -67.67
C GLN K 667 -46.09 22.02 -66.67
N SER K 668 -45.21 21.09 -67.06
CA SER K 668 -44.02 20.75 -66.26
C SER K 668 -43.03 21.91 -66.35
N VAL K 669 -42.74 22.53 -65.20
CA VAL K 669 -41.70 23.55 -65.11
C VAL K 669 -40.56 22.99 -64.26
N ASN K 670 -39.35 23.51 -64.48
CA ASN K 670 -38.18 23.13 -63.72
C ASN K 670 -37.55 24.39 -63.12
N VAL K 671 -37.38 24.39 -61.79
CA VAL K 671 -36.88 25.54 -61.06
C VAL K 671 -35.42 25.28 -60.69
N ILE K 672 -34.51 26.09 -61.26
CA ILE K 672 -33.08 25.95 -61.04
C ILE K 672 -32.58 27.11 -60.19
N HIS K 673 -31.89 26.79 -59.09
CA HIS K 673 -31.18 27.77 -58.28
C HIS K 673 -29.71 27.80 -58.73
N ILE K 674 -29.08 28.96 -58.55
CA ILE K 674 -27.65 29.14 -58.80
C ILE K 674 -27.09 29.97 -57.64
N ASP K 675 -26.14 29.40 -56.87
CA ASP K 675 -25.59 30.07 -55.70
C ASP K 675 -24.56 31.10 -56.16
N LYS K 676 -25.05 32.28 -56.54
CA LYS K 676 -24.22 33.41 -56.97
C LYS K 676 -24.92 34.70 -56.57
N THR K 677 -24.17 35.81 -56.46
CA THR K 677 -24.73 37.11 -56.11
C THR K 677 -24.68 38.03 -57.33
N VAL K 678 -25.86 38.25 -57.95
CA VAL K 678 -26.00 39.12 -59.10
C VAL K 678 -26.18 40.55 -58.60
N PRO K 679 -25.74 41.60 -59.33
CA PRO K 679 -26.11 42.98 -59.02
C PRO K 679 -27.47 43.37 -59.58
N ARG K 680 -27.93 44.57 -59.24
CA ARG K 680 -29.27 45.04 -59.58
C ARG K 680 -29.33 45.60 -61.01
N THR K 681 -28.21 46.17 -61.46
CA THR K 681 -28.11 46.85 -62.75
C THR K 681 -29.34 47.71 -62.96
N MET L 1 87.91 -22.88 -29.33
CA MET L 1 87.42 -23.67 -30.49
C MET L 1 85.92 -23.38 -30.69
N ASN L 2 85.28 -24.15 -31.59
CA ASN L 2 83.86 -24.02 -31.88
C ASN L 2 83.03 -24.43 -30.66
N TYR L 3 83.47 -25.50 -29.99
CA TYR L 3 82.73 -26.12 -28.89
C TYR L 3 82.17 -25.08 -27.93
N LYS L 4 83.01 -24.10 -27.57
CA LYS L 4 82.60 -23.02 -26.66
C LYS L 4 81.36 -22.33 -27.20
N LYS L 5 81.34 -22.04 -28.52
CA LYS L 5 80.23 -21.34 -29.16
C LYS L 5 79.01 -22.25 -29.32
N ASN L 6 79.23 -23.59 -29.34
CA ASN L 6 78.16 -24.55 -29.59
C ASN L 6 77.31 -24.77 -28.33
N LEU L 7 77.92 -24.61 -27.15
CA LEU L 7 77.22 -24.74 -25.88
C LEU L 7 76.21 -23.59 -25.73
N LEU L 8 76.60 -22.39 -26.20
CA LEU L 8 75.74 -21.21 -26.13
C LEU L 8 74.43 -21.44 -26.89
N LEU L 9 74.42 -22.39 -27.84
CA LEU L 9 73.22 -22.70 -28.60
C LEU L 9 72.22 -23.47 -27.75
N LEU L 10 72.67 -24.08 -26.65
CA LEU L 10 71.78 -24.79 -25.74
C LEU L 10 70.83 -23.81 -25.06
N TYR L 11 71.30 -22.58 -24.81
CA TYR L 11 70.51 -21.53 -24.17
C TYR L 11 69.40 -21.04 -25.09
N ASP L 12 69.50 -21.34 -26.39
CA ASP L 12 68.53 -20.90 -27.38
C ASP L 12 67.24 -21.71 -27.25
N ARG L 13 66.10 -21.02 -27.13
CA ARG L 13 64.76 -21.61 -27.11
C ARG L 13 64.72 -22.84 -26.18
N PRO L 14 64.67 -22.62 -24.84
CA PRO L 14 64.90 -23.69 -23.87
C PRO L 14 63.94 -24.88 -23.90
N ARG L 15 62.71 -24.65 -24.39
CA ARG L 15 61.67 -25.66 -24.38
C ARG L 15 61.50 -26.33 -25.75
N GLU L 16 62.03 -25.71 -26.81
CA GLU L 16 62.08 -26.35 -28.11
C GLU L 16 63.11 -27.48 -28.05
N PRO L 17 62.75 -28.73 -28.42
CA PRO L 17 63.71 -29.85 -28.43
C PRO L 17 65.02 -29.52 -29.14
N ILE L 18 66.13 -30.15 -28.72
CA ILE L 18 67.46 -29.76 -29.13
C ILE L 18 67.69 -30.08 -30.61
N PHE L 19 66.85 -30.95 -31.18
CA PHE L 19 66.97 -31.39 -32.57
C PHE L 19 66.23 -30.46 -33.53
N MET L 20 65.66 -29.35 -33.03
CA MET L 20 64.88 -28.45 -33.87
C MET L 20 65.77 -27.37 -34.52
N GLY L 21 67.00 -27.21 -34.04
CA GLY L 21 67.96 -26.33 -34.69
C GLY L 21 67.94 -24.92 -34.12
N LYS L 22 69.11 -24.49 -33.59
CA LYS L 22 69.29 -23.25 -32.85
C LYS L 22 70.17 -22.31 -33.66
N GLY L 23 69.71 -21.06 -33.84
CA GLY L 23 70.46 -20.08 -34.62
C GLY L 23 70.62 -20.54 -36.07
N LYS L 24 71.85 -20.54 -36.57
CA LYS L 24 72.16 -20.96 -37.93
C LYS L 24 72.72 -22.38 -37.97
N SER L 25 72.43 -23.18 -36.94
CA SER L 25 73.00 -24.51 -36.78
C SER L 25 71.91 -25.51 -36.40
N VAL L 26 72.29 -26.80 -36.32
CA VAL L 26 71.41 -27.87 -35.86
C VAL L 26 72.29 -29.02 -35.37
N PHE L 27 71.80 -29.77 -34.37
CA PHE L 27 72.55 -30.86 -33.78
C PHE L 27 72.16 -32.18 -34.43
N ASP L 28 73.16 -33.04 -34.68
CA ASP L 28 72.97 -34.36 -35.28
C ASP L 28 72.99 -35.40 -34.16
N VAL L 29 71.86 -35.50 -33.44
CA VAL L 29 71.77 -36.24 -32.19
C VAL L 29 71.60 -37.72 -32.47
N PRO L 30 72.33 -38.62 -31.77
CA PRO L 30 72.02 -40.05 -31.78
C PRO L 30 70.55 -40.34 -31.46
N ASP L 31 70.09 -41.56 -31.78
CA ASP L 31 68.71 -41.95 -31.52
C ASP L 31 68.52 -42.34 -30.06
N ASN L 32 69.60 -42.77 -29.39
CA ASN L 32 69.54 -43.07 -27.97
C ASN L 32 69.62 -41.77 -27.16
N TYR L 33 69.79 -40.63 -27.85
CA TYR L 33 69.77 -39.31 -27.23
C TYR L 33 68.37 -38.69 -27.33
N LEU L 34 67.51 -39.23 -28.20
CA LEU L 34 66.13 -38.79 -28.32
C LEU L 34 65.32 -39.20 -27.09
N THR L 35 64.34 -38.37 -26.71
CA THR L 35 63.49 -38.65 -25.56
C THR L 35 62.51 -39.76 -25.92
N ASP L 36 62.03 -40.46 -24.89
CA ASP L 36 61.11 -41.58 -25.04
C ASP L 36 59.88 -41.18 -25.87
N ARG L 37 59.43 -39.93 -25.74
CA ARG L 37 58.26 -39.45 -26.47
C ARG L 37 58.56 -39.45 -27.97
N TYR L 38 59.76 -38.98 -28.34
CA TYR L 38 60.10 -38.66 -29.72
C TYR L 38 60.95 -39.74 -30.38
N ARG L 39 61.59 -40.61 -29.58
CA ARG L 39 62.47 -41.64 -30.12
C ARG L 39 61.72 -42.52 -31.12
N PRO L 40 60.50 -43.02 -30.80
CA PRO L 40 59.74 -43.87 -31.73
C PRO L 40 59.38 -43.27 -33.10
N ILE L 41 59.67 -41.97 -33.31
CA ILE L 41 59.47 -41.35 -34.62
C ILE L 41 60.71 -40.51 -34.97
N GLY L 42 61.87 -40.94 -34.46
CA GLY L 42 63.15 -40.28 -34.72
C GLY L 42 63.43 -40.05 -36.21
N PRO L 43 63.33 -41.09 -37.05
CA PRO L 43 63.52 -40.94 -38.50
C PRO L 43 62.79 -39.78 -39.16
N GLU L 44 61.56 -39.50 -38.73
CA GLU L 44 60.72 -38.48 -39.34
C GLU L 44 61.19 -37.09 -38.94
N ILE L 45 61.92 -37.00 -37.82
CA ILE L 45 62.24 -35.72 -37.20
C ILE L 45 63.58 -35.20 -37.72
N GLN L 46 64.66 -35.97 -37.52
CA GLN L 46 66.01 -35.53 -37.88
C GLN L 46 66.03 -34.96 -39.30
N ASN L 47 65.23 -35.58 -40.18
CA ASN L 47 65.11 -35.19 -41.56
C ASN L 47 64.31 -33.89 -41.70
N ARG L 48 63.19 -33.82 -40.95
CA ARG L 48 62.21 -32.75 -41.05
C ARG L 48 62.77 -31.39 -40.65
N PHE L 49 63.73 -31.38 -39.71
CA PHE L 49 64.29 -30.14 -39.18
C PHE L 49 65.72 -29.93 -39.67
N GLY L 50 66.24 -30.88 -40.46
CA GLY L 50 67.58 -30.77 -41.04
C GLY L 50 67.72 -29.58 -41.98
N GLU L 51 66.61 -29.19 -42.63
CA GLU L 51 66.57 -28.15 -43.64
C GLU L 51 66.82 -26.76 -43.03
N LEU L 52 67.24 -25.83 -43.90
CA LEU L 52 67.46 -24.42 -43.61
C LEU L 52 68.68 -24.19 -42.71
N ALA L 53 69.51 -25.23 -42.48
CA ALA L 53 70.61 -25.13 -41.53
C ALA L 53 71.94 -25.05 -42.28
N GLU L 54 72.77 -24.06 -41.94
CA GLU L 54 74.09 -23.92 -42.52
C GLU L 54 75.02 -25.02 -41.98
N GLU L 55 75.19 -25.07 -40.65
CA GLU L 55 76.10 -26.02 -40.02
C GLU L 55 75.29 -27.19 -39.45
N ARG L 56 75.96 -28.34 -39.32
CA ARG L 56 75.42 -29.49 -38.62
C ARG L 56 76.46 -29.98 -37.62
N ILE L 57 76.11 -29.91 -36.33
CA ILE L 57 77.03 -30.20 -35.25
C ILE L 57 76.91 -31.69 -34.93
N PRO L 58 78.00 -32.47 -35.06
CA PRO L 58 77.97 -33.89 -34.66
C PRO L 58 78.06 -33.99 -33.14
N VAL L 59 77.58 -35.12 -32.58
CA VAL L 59 77.68 -35.36 -31.15
C VAL L 59 77.97 -36.85 -30.92
N ARG L 60 79.10 -37.13 -30.25
CA ARG L 60 79.56 -38.48 -29.98
C ARG L 60 78.77 -39.06 -28.81
N SER L 61 78.41 -40.35 -28.92
CA SER L 61 77.64 -41.04 -27.89
C SER L 61 78.59 -41.53 -26.79
N ILE L 62 78.42 -41.03 -25.56
CA ILE L 62 79.33 -41.33 -24.47
C ILE L 62 78.57 -42.10 -23.38
N ALA L 63 79.21 -42.33 -22.23
CA ALA L 63 78.68 -43.14 -21.14
C ALA L 63 77.50 -42.44 -20.47
N LEU L 64 77.73 -41.24 -19.93
CA LEU L 64 76.73 -40.40 -19.30
C LEU L 64 76.44 -40.93 -17.89
N PRO L 65 76.81 -40.19 -16.81
CA PRO L 65 76.47 -40.59 -15.44
C PRO L 65 74.95 -40.75 -15.29
N ASP L 66 74.53 -41.38 -14.18
CA ASP L 66 73.11 -41.57 -13.91
C ASP L 66 72.45 -40.20 -13.80
N LEU L 67 71.38 -39.99 -14.56
CA LEU L 67 70.65 -38.72 -14.57
C LEU L 67 69.30 -38.87 -13.85
N ARG L 68 69.19 -39.86 -12.97
CA ARG L 68 67.96 -40.10 -12.22
C ARG L 68 67.62 -38.87 -11.37
N ILE L 69 68.56 -38.48 -10.51
CA ILE L 69 68.36 -37.39 -9.57
C ILE L 69 68.03 -36.11 -10.34
N PRO L 70 68.87 -35.64 -11.29
CA PRO L 70 68.52 -34.50 -12.15
C PRO L 70 67.13 -34.53 -12.78
N MET L 71 66.67 -35.73 -13.12
CA MET L 71 65.39 -35.90 -13.80
C MET L 71 64.24 -36.04 -12.80
N SER L 72 64.55 -36.09 -11.50
CA SER L 72 63.50 -36.26 -10.50
C SER L 72 62.52 -35.08 -10.54
N LEU L 73 63.05 -33.85 -10.70
CA LEU L 73 62.25 -32.64 -10.83
C LEU L 73 61.46 -32.70 -12.13
N GLY L 74 60.14 -32.47 -12.06
CA GLY L 74 59.29 -32.47 -13.24
C GLY L 74 59.71 -31.38 -14.24
N ARG L 75 59.31 -31.55 -15.50
CA ARG L 75 59.69 -30.63 -16.57
C ARG L 75 58.82 -29.38 -16.53
N GLN L 76 57.58 -29.54 -16.09
CA GLN L 76 56.62 -28.43 -16.05
C GLN L 76 56.52 -27.86 -14.64
N GLU L 77 57.58 -28.08 -13.83
CA GLU L 77 57.62 -27.62 -12.46
C GLU L 77 58.54 -26.39 -12.36
N GLN L 78 58.38 -25.61 -11.28
CA GLN L 78 59.21 -24.44 -11.03
C GLN L 78 60.50 -24.92 -10.37
N PHE L 79 61.57 -24.11 -10.45
CA PHE L 79 62.85 -24.42 -9.83
C PHE L 79 63.36 -23.22 -9.03
N SER L 80 63.61 -23.47 -7.73
CA SER L 80 64.15 -22.50 -6.80
C SER L 80 65.25 -23.17 -5.98
N LEU L 81 66.32 -22.42 -5.75
CA LEU L 81 67.50 -22.87 -5.03
C LEU L 81 67.29 -22.75 -3.53
N PHE L 82 66.16 -22.15 -3.10
CA PHE L 82 65.84 -21.96 -1.70
C PHE L 82 65.23 -23.25 -1.13
N ILE L 83 64.52 -24.00 -1.98
CA ILE L 83 63.85 -25.23 -1.60
C ILE L 83 64.88 -26.33 -1.34
N PRO L 84 64.88 -26.96 -0.15
CA PRO L 84 65.90 -27.93 0.26
C PRO L 84 65.79 -29.34 -0.31
N ARG L 85 65.23 -29.48 -1.49
CA ARG L 85 65.32 -30.67 -2.32
C ARG L 85 65.98 -30.30 -3.66
N HIS L 86 65.55 -29.17 -4.23
CA HIS L 86 66.10 -28.66 -5.47
C HIS L 86 67.61 -28.47 -5.37
N ARG L 87 68.08 -28.02 -4.19
CA ARG L 87 69.50 -27.81 -3.93
C ARG L 87 70.29 -29.08 -4.19
N LYS L 88 69.75 -30.22 -3.73
CA LYS L 88 70.41 -31.52 -3.83
C LYS L 88 70.43 -31.99 -5.29
N ILE L 89 69.37 -31.65 -6.05
CA ILE L 89 69.24 -32.03 -7.44
C ILE L 89 70.22 -31.24 -8.29
N ALA L 90 70.20 -29.91 -8.13
CA ALA L 90 71.06 -29.02 -8.91
C ALA L 90 72.53 -29.34 -8.63
N ALA L 91 72.87 -29.43 -7.34
CA ALA L 91 74.24 -29.68 -6.90
C ALA L 91 74.78 -30.98 -7.49
N ARG L 92 73.87 -31.91 -7.76
CA ARG L 92 74.22 -33.20 -8.34
C ARG L 92 74.46 -33.07 -9.84
N LEU L 93 73.61 -32.29 -10.51
CA LEU L 93 73.75 -32.05 -11.94
C LEU L 93 75.01 -31.22 -12.19
N ILE L 94 75.16 -30.12 -11.45
CA ILE L 94 76.35 -29.30 -11.51
C ILE L 94 77.58 -30.20 -11.45
N ASP L 95 77.52 -31.21 -10.58
CA ASP L 95 78.58 -32.18 -10.34
C ASP L 95 78.89 -32.98 -11.60
N ILE L 96 77.85 -33.31 -12.37
CA ILE L 96 78.01 -34.09 -13.60
C ILE L 96 78.72 -33.23 -14.65
N PHE L 97 78.13 -32.08 -15.00
CA PHE L 97 78.69 -31.15 -15.97
C PHE L 97 80.12 -30.76 -15.56
N MET L 98 80.31 -30.51 -14.27
CA MET L 98 81.61 -30.12 -13.72
C MET L 98 82.61 -31.25 -13.90
N GLY L 99 82.12 -32.50 -13.84
CA GLY L 99 82.96 -33.68 -13.82
C GLY L 99 83.32 -34.22 -15.21
N MET L 100 82.86 -33.56 -16.28
CA MET L 100 83.27 -33.94 -17.63
C MET L 100 84.58 -33.21 -17.95
N ARG L 101 85.69 -33.96 -18.00
CA ARG L 101 87.04 -33.41 -18.16
C ARG L 101 87.17 -32.58 -19.45
N ASN L 102 86.56 -33.04 -20.56
CA ASN L 102 86.77 -32.46 -21.87
C ASN L 102 85.56 -31.61 -22.23
N ILE L 103 85.81 -30.60 -23.10
CA ILE L 103 84.77 -29.66 -23.49
C ILE L 103 83.88 -30.31 -24.54
N GLU L 104 84.30 -31.48 -25.06
CA GLU L 104 83.52 -32.20 -26.05
C GLU L 104 82.49 -33.09 -25.37
N GLU L 105 82.89 -33.72 -24.25
CA GLU L 105 81.99 -34.57 -23.48
C GLU L 105 80.96 -33.74 -22.74
N LEU L 106 81.35 -32.51 -22.35
CA LEU L 106 80.43 -31.56 -21.74
C LEU L 106 79.31 -31.25 -22.73
N GLN L 107 79.67 -31.11 -24.02
CA GLN L 107 78.70 -30.84 -25.07
C GLN L 107 77.78 -32.04 -25.28
N SER L 108 78.33 -33.25 -25.14
CA SER L 108 77.58 -34.48 -25.35
C SER L 108 76.61 -34.74 -24.20
N CYS L 109 77.12 -34.63 -22.96
CA CYS L 109 76.32 -34.76 -21.77
C CYS L 109 75.15 -33.78 -21.80
N ALA L 110 75.47 -32.52 -22.13
CA ALA L 110 74.50 -31.42 -22.16
C ALA L 110 73.38 -31.72 -23.16
N VAL L 111 73.77 -32.07 -24.39
CA VAL L 111 72.83 -32.25 -25.48
C VAL L 111 71.81 -33.33 -25.11
N PHE L 112 72.28 -34.40 -24.46
CA PHE L 112 71.43 -35.50 -24.01
C PHE L 112 70.46 -35.01 -22.93
N ALA L 113 71.03 -34.47 -21.84
CA ALA L 113 70.29 -34.08 -20.66
C ALA L 113 69.22 -33.03 -20.98
N ARG L 114 69.56 -32.08 -21.86
CA ARG L 114 68.81 -30.85 -22.02
C ARG L 114 67.30 -31.08 -22.10
N ASP L 115 66.86 -32.12 -22.83
CA ASP L 115 65.45 -32.30 -23.09
C ASP L 115 64.80 -33.28 -22.13
N ARG L 116 65.51 -33.62 -21.03
CA ARG L 116 65.01 -34.54 -20.03
C ARG L 116 64.80 -33.85 -18.68
N ILE L 117 65.48 -32.72 -18.45
CA ILE L 117 65.43 -32.06 -17.15
C ILE L 117 64.75 -30.70 -17.28
N ASN L 118 64.39 -30.13 -16.13
CA ASN L 118 63.66 -28.89 -16.02
C ASN L 118 64.47 -27.73 -16.61
N PRO L 119 63.96 -27.02 -17.65
CA PRO L 119 64.69 -25.92 -18.28
C PRO L 119 65.37 -24.92 -17.34
N TYR L 120 64.61 -24.46 -16.33
CA TYR L 120 65.12 -23.51 -15.35
C TYR L 120 66.34 -24.10 -14.64
N LEU L 121 66.26 -25.39 -14.29
CA LEU L 121 67.31 -26.12 -13.60
C LEU L 121 68.52 -26.29 -14.52
N PHE L 122 68.27 -26.74 -15.76
CA PHE L 122 69.31 -26.90 -16.76
C PHE L 122 70.11 -25.60 -16.89
N ASN L 123 69.41 -24.49 -17.14
CA ASN L 123 70.03 -23.17 -17.30
C ASN L 123 70.96 -22.86 -16.14
N TYR L 124 70.50 -23.09 -14.90
CA TYR L 124 71.28 -22.82 -13.70
C TYR L 124 72.52 -23.72 -13.69
N ALA L 125 72.29 -25.04 -13.81
CA ALA L 125 73.35 -26.03 -13.71
C ALA L 125 74.45 -25.78 -14.73
N LEU L 126 74.06 -25.43 -15.96
CA LEU L 126 75.00 -25.14 -17.04
C LEU L 126 75.75 -23.86 -16.71
N SER L 127 75.01 -22.77 -16.48
CA SER L 127 75.57 -21.48 -16.14
C SER L 127 76.68 -21.61 -15.08
N VAL L 128 76.43 -22.41 -14.03
CA VAL L 128 77.37 -22.56 -12.93
C VAL L 128 78.61 -23.31 -13.40
N ALA L 129 78.40 -24.35 -14.22
CA ALA L 129 79.50 -25.18 -14.72
C ALA L 129 80.42 -24.34 -15.61
N LEU L 130 79.84 -23.69 -16.62
CA LEU L 130 80.60 -22.91 -17.60
C LEU L 130 81.41 -21.82 -16.89
N LEU L 131 80.79 -21.13 -15.92
CA LEU L 131 81.39 -19.98 -15.28
C LEU L 131 82.61 -20.38 -14.44
N HIS L 132 82.69 -21.66 -14.05
CA HIS L 132 83.67 -22.08 -13.06
C HIS L 132 84.48 -23.30 -13.53
N ARG L 133 84.46 -23.57 -14.84
CA ARG L 133 85.45 -24.46 -15.45
C ARG L 133 86.55 -23.60 -16.05
N ARG L 134 87.71 -24.22 -16.33
CA ARG L 134 88.88 -23.49 -16.78
C ARG L 134 88.90 -23.36 -18.29
N ASP L 135 88.35 -24.36 -19.01
CA ASP L 135 88.34 -24.35 -20.46
C ASP L 135 87.26 -23.42 -21.02
N THR L 136 86.20 -23.15 -20.22
CA THR L 136 85.06 -22.38 -20.66
C THR L 136 85.08 -20.99 -20.00
N LYS L 137 86.25 -20.36 -19.93
CA LYS L 137 86.39 -19.06 -19.29
C LYS L 137 86.25 -17.96 -20.34
N ASN L 138 85.89 -16.76 -19.86
CA ASN L 138 85.67 -15.57 -20.68
C ASN L 138 84.50 -15.79 -21.63
N LEU L 139 83.63 -16.75 -21.32
CA LEU L 139 82.51 -17.11 -22.18
C LEU L 139 81.31 -16.25 -21.81
N ASP L 140 80.72 -15.58 -22.82
CA ASP L 140 79.69 -14.60 -22.58
C ASP L 140 78.34 -15.31 -22.59
N LEU L 141 77.80 -15.57 -21.39
CA LEU L 141 76.54 -16.27 -21.23
C LEU L 141 75.37 -15.36 -21.59
N PRO L 142 74.39 -15.83 -22.39
CA PRO L 142 73.25 -14.99 -22.78
C PRO L 142 72.44 -14.57 -21.56
N SER L 143 71.92 -13.33 -21.61
CA SER L 143 71.13 -12.79 -20.52
C SER L 143 69.93 -13.70 -20.26
N VAL L 144 69.62 -13.93 -18.98
CA VAL L 144 68.57 -14.85 -18.58
C VAL L 144 67.19 -14.24 -18.89
N VAL L 145 67.14 -12.93 -19.17
CA VAL L 145 65.93 -12.27 -19.65
C VAL L 145 65.57 -12.82 -21.03
N GLU L 146 66.61 -13.00 -21.86
CA GLU L 146 66.45 -13.40 -23.25
C GLU L 146 66.05 -14.87 -23.33
N VAL L 147 66.47 -15.70 -22.36
CA VAL L 147 66.18 -17.13 -22.38
C VAL L 147 64.90 -17.43 -21.59
N PHE L 148 64.61 -16.63 -20.55
CA PHE L 148 63.44 -16.83 -19.70
C PHE L 148 62.74 -15.49 -19.48
N PRO L 149 62.09 -14.92 -20.51
CA PRO L 149 61.45 -13.61 -20.36
C PRO L 149 60.26 -13.62 -19.41
N ASP L 150 59.73 -14.82 -19.12
CA ASP L 150 58.53 -14.98 -18.30
C ASP L 150 58.74 -14.50 -16.87
N LYS L 151 60.00 -14.47 -16.41
CA LYS L 151 60.35 -14.05 -15.06
C LYS L 151 60.61 -12.54 -14.97
N TYR L 152 60.40 -11.80 -16.08
CA TYR L 152 60.81 -10.41 -16.16
C TYR L 152 59.75 -9.53 -16.83
N VAL L 153 58.61 -10.10 -17.24
CA VAL L 153 57.67 -9.40 -18.10
C VAL L 153 56.23 -9.82 -17.78
N ASP L 154 55.34 -8.82 -17.71
CA ASP L 154 53.91 -9.02 -17.57
C ASP L 154 53.45 -10.07 -18.58
N SER L 155 52.66 -11.04 -18.11
CA SER L 155 52.22 -12.17 -18.92
C SER L 155 51.38 -11.72 -20.10
N ARG L 156 50.82 -10.50 -20.03
CA ARG L 156 49.91 -9.99 -21.06
C ARG L 156 50.59 -9.93 -22.43
N VAL L 157 51.90 -9.66 -22.46
CA VAL L 157 52.60 -9.41 -23.71
C VAL L 157 52.68 -10.70 -24.53
N PHE L 158 52.71 -11.86 -23.88
CA PHE L 158 53.06 -13.11 -24.54
C PHE L 158 52.10 -13.43 -25.69
N GLU L 159 50.80 -13.15 -25.49
CA GLU L 159 49.80 -13.43 -26.52
C GLU L 159 49.81 -12.36 -27.60
N GLN L 160 50.42 -11.19 -27.32
CA GLN L 160 50.65 -10.16 -28.32
C GLN L 160 51.85 -10.51 -29.20
N ILE L 161 52.92 -11.03 -28.57
CA ILE L 161 54.13 -11.46 -29.26
C ILE L 161 53.81 -12.62 -30.19
N ARG L 162 52.92 -13.51 -29.75
CA ARG L 162 52.51 -14.66 -30.55
C ARG L 162 51.70 -14.17 -31.75
N GLU L 163 50.81 -13.19 -31.53
CA GLU L 163 49.99 -12.60 -32.58
C GLU L 163 50.88 -11.91 -33.61
N GLU L 164 51.72 -10.98 -33.12
CA GLU L 164 52.60 -10.18 -33.97
C GLU L 164 53.50 -11.07 -34.84
N ALA L 165 54.06 -12.12 -34.24
CA ALA L 165 55.02 -12.99 -34.91
C ALA L 165 54.34 -13.86 -35.98
N THR L 166 53.04 -14.16 -35.79
CA THR L 166 52.31 -15.03 -36.69
C THR L 166 51.68 -14.24 -37.83
N VAL L 167 51.18 -13.03 -37.53
CA VAL L 167 50.39 -12.26 -38.49
C VAL L 167 51.31 -11.43 -39.39
N VAL L 168 52.21 -10.65 -38.77
CA VAL L 168 52.99 -9.63 -39.47
C VAL L 168 54.30 -10.24 -39.97
N PRO L 169 54.73 -9.95 -41.23
CA PRO L 169 56.03 -10.39 -41.73
C PRO L 169 57.20 -9.70 -41.01
N GLU L 170 58.32 -10.43 -40.86
CA GLU L 170 59.56 -9.87 -40.34
C GLU L 170 59.84 -8.52 -40.98
N GLY L 171 60.58 -7.66 -40.26
CA GLY L 171 60.98 -6.37 -40.78
C GLY L 171 59.91 -5.30 -40.58
N MET L 172 58.64 -5.70 -40.62
CA MET L 172 57.51 -4.80 -40.39
C MET L 172 56.96 -4.96 -38.97
N ARG L 173 57.66 -5.72 -38.12
CA ARG L 173 57.16 -6.01 -36.77
C ARG L 173 57.40 -4.80 -35.85
N MET L 174 56.33 -4.38 -35.15
CA MET L 174 56.38 -3.29 -34.18
C MET L 174 57.05 -3.79 -32.90
N PRO L 175 57.92 -2.97 -32.25
CA PRO L 175 58.42 -3.32 -30.91
C PRO L 175 57.25 -3.40 -29.92
N ILE L 176 57.27 -4.45 -29.09
CA ILE L 176 56.25 -4.67 -28.07
C ILE L 176 56.65 -3.84 -26.84
N VAL L 177 55.78 -2.91 -26.42
CA VAL L 177 56.06 -2.11 -25.24
C VAL L 177 55.79 -3.00 -24.03
N ILE L 178 56.71 -2.99 -23.05
CA ILE L 178 56.54 -3.77 -21.83
C ILE L 178 55.89 -2.87 -20.79
N PRO L 179 54.71 -3.26 -20.24
CA PRO L 179 54.03 -2.43 -19.24
C PRO L 179 54.90 -2.17 -18.02
N LYS L 180 54.85 -0.92 -17.52
CA LYS L 180 55.52 -0.52 -16.29
C LYS L 180 54.44 -0.04 -15.31
N ASP L 181 54.76 -0.08 -14.01
CA ASP L 181 53.82 0.30 -12.96
C ASP L 181 52.48 -0.38 -13.23
N PHE L 182 52.47 -1.72 -13.17
CA PHE L 182 51.36 -2.54 -13.66
C PHE L 182 50.89 -3.54 -12.59
N THR L 183 51.59 -3.61 -11.46
CA THR L 183 51.31 -4.61 -10.43
C THR L 183 50.29 -4.08 -9.42
N ALA L 184 50.18 -2.75 -9.29
CA ALA L 184 49.28 -2.12 -8.33
C ALA L 184 48.95 -0.68 -8.74
N SER L 185 47.77 -0.20 -8.33
CA SER L 185 47.31 1.16 -8.60
C SER L 185 47.78 2.11 -7.49
N ASP L 186 47.27 3.35 -7.51
CA ASP L 186 47.74 4.43 -6.65
C ASP L 186 47.11 4.34 -5.25
N LEU L 187 46.12 3.45 -5.08
CA LEU L 187 45.58 3.14 -3.77
C LEU L 187 46.66 2.48 -2.91
N ASP L 188 47.57 1.74 -3.56
CA ASP L 188 48.74 1.16 -2.91
C ASP L 188 49.93 2.08 -3.15
N GLU L 189 50.41 2.74 -2.07
CA GLU L 189 51.50 3.69 -2.15
C GLU L 189 52.81 3.01 -2.54
N GLU L 190 52.87 1.68 -2.34
CA GLU L 190 54.04 0.88 -2.66
C GLU L 190 54.30 0.85 -4.17
N HIS L 191 53.25 1.10 -4.98
CA HIS L 191 53.34 0.98 -6.42
C HIS L 191 54.36 1.97 -7.01
N ARG L 192 54.73 2.99 -6.23
CA ARG L 192 55.61 4.06 -6.68
C ARG L 192 57.03 3.55 -6.92
N LEU L 193 57.39 2.43 -6.26
CA LEU L 193 58.75 1.91 -6.27
C LEU L 193 58.92 0.86 -7.37
N TRP L 194 57.97 0.79 -8.32
CA TRP L 194 58.04 -0.13 -9.45
C TRP L 194 59.38 -0.04 -10.17
N TYR L 195 59.88 1.20 -10.36
CA TYR L 195 61.06 1.47 -11.17
C TYR L 195 62.32 0.89 -10.53
N PHE L 196 62.19 0.37 -9.30
CA PHE L 196 63.31 -0.22 -8.58
C PHE L 196 63.05 -1.71 -8.36
N ARG L 197 61.92 -2.03 -7.71
CA ARG L 197 61.54 -3.40 -7.41
C ARG L 197 61.46 -4.23 -8.70
N GLU L 198 60.82 -3.66 -9.73
CA GLU L 198 60.44 -4.42 -10.92
C GLU L 198 61.38 -4.11 -12.09
N ASP L 199 62.40 -3.26 -11.87
CA ASP L 199 63.39 -2.99 -12.89
C ASP L 199 64.15 -4.26 -13.26
N ILE L 200 64.25 -4.52 -14.57
CA ILE L 200 64.98 -5.65 -15.12
C ILE L 200 66.40 -5.69 -14.56
N GLY L 201 67.05 -4.53 -14.57
CA GLY L 201 68.46 -4.41 -14.22
C GLY L 201 68.77 -5.01 -12.86
N VAL L 202 68.06 -4.54 -11.82
CA VAL L 202 68.43 -4.85 -10.45
C VAL L 202 68.08 -6.31 -10.17
N ASN L 203 67.03 -6.83 -10.81
CA ASN L 203 66.63 -8.23 -10.66
C ASN L 203 67.70 -9.15 -11.27
N LEU L 204 68.33 -8.70 -12.35
CA LEU L 204 69.40 -9.45 -12.99
C LEU L 204 70.64 -9.45 -12.10
N HIS L 205 70.95 -8.29 -11.52
CA HIS L 205 72.11 -8.17 -10.64
C HIS L 205 71.99 -9.14 -9.47
N HIS L 206 70.78 -9.24 -8.90
CA HIS L 206 70.53 -10.09 -7.74
C HIS L 206 70.71 -11.56 -8.13
N TRP L 207 70.07 -11.97 -9.23
CA TRP L 207 70.17 -13.33 -9.74
C TRP L 207 71.64 -13.73 -9.95
N HIS L 208 72.41 -12.83 -10.58
CA HIS L 208 73.78 -13.10 -10.96
C HIS L 208 74.69 -13.17 -9.73
N TRP L 209 74.46 -12.30 -8.74
CA TRP L 209 75.26 -12.29 -7.52
C TRP L 209 75.21 -13.67 -6.86
N HIS L 210 74.02 -14.28 -6.86
CA HIS L 210 73.80 -15.57 -6.24
C HIS L 210 74.38 -16.70 -7.11
N LEU L 211 74.58 -16.44 -8.42
CA LEU L 211 75.26 -17.38 -9.30
C LEU L 211 76.73 -17.53 -8.90
N VAL L 212 77.42 -16.41 -8.66
CA VAL L 212 78.88 -16.41 -8.52
C VAL L 212 79.25 -16.65 -7.06
N TYR L 213 78.31 -16.41 -6.14
CA TYR L 213 78.51 -16.69 -4.72
C TYR L 213 77.38 -17.58 -4.21
N PRO L 214 77.28 -18.86 -4.66
CA PRO L 214 76.30 -19.79 -4.08
C PRO L 214 76.65 -20.08 -2.63
N PHE L 215 75.70 -20.72 -1.93
CA PHE L 215 75.86 -21.05 -0.52
C PHE L 215 75.90 -22.57 -0.33
N GLU L 216 75.87 -23.33 -1.42
CA GLU L 216 75.86 -24.79 -1.39
C GLU L 216 76.39 -25.34 -2.71
N ALA L 217 77.27 -26.36 -2.65
CA ALA L 217 77.68 -27.15 -3.81
C ALA L 217 78.96 -27.94 -3.49
N SER L 218 80.06 -27.20 -3.32
CA SER L 218 81.41 -27.72 -3.06
C SER L 218 82.34 -26.52 -2.94
N ASN L 219 83.18 -26.49 -1.90
CA ASN L 219 83.95 -25.29 -1.58
C ASN L 219 84.88 -24.91 -2.74
N ARG L 220 85.36 -25.93 -3.46
CA ARG L 220 86.13 -25.80 -4.67
C ARG L 220 85.23 -25.46 -5.85
N ALA L 221 83.94 -25.81 -5.76
CA ALA L 221 82.91 -25.36 -6.69
C ALA L 221 82.26 -24.07 -6.17
N ILE L 222 83.10 -23.15 -5.67
CA ILE L 222 82.85 -21.72 -5.74
C ILE L 222 82.15 -21.24 -4.47
N VAL L 223 82.02 -22.08 -3.44
CA VAL L 223 81.27 -21.66 -2.28
C VAL L 223 82.17 -20.79 -1.40
N ASP L 224 83.45 -21.18 -1.27
CA ASP L 224 84.37 -20.49 -0.38
C ASP L 224 85.14 -19.41 -1.13
N LYS L 225 84.48 -18.28 -1.39
CA LYS L 225 85.09 -17.09 -1.96
C LYS L 225 85.44 -16.11 -0.84
N ASP L 226 86.47 -15.29 -1.05
CA ASP L 226 86.96 -14.43 0.02
C ASP L 226 85.83 -13.55 0.53
N ARG L 227 85.58 -13.61 1.85
CA ARG L 227 84.68 -12.69 2.54
C ARG L 227 83.27 -12.68 1.92
N ARG L 228 82.80 -13.85 1.46
CA ARG L 228 81.49 -13.95 0.83
C ARG L 228 80.39 -13.70 1.87
N GLY L 229 80.68 -14.03 3.14
CA GLY L 229 79.78 -13.74 4.23
C GLY L 229 79.56 -12.24 4.38
N GLU L 230 80.66 -11.49 4.46
CA GLU L 230 80.60 -10.04 4.57
C GLU L 230 79.94 -9.49 3.30
N LEU L 231 80.24 -10.10 2.15
CA LEU L 231 79.66 -9.68 0.88
C LEU L 231 78.14 -9.78 0.97
N PHE L 232 77.65 -10.94 1.44
CA PHE L 232 76.23 -11.21 1.59
C PHE L 232 75.59 -10.16 2.49
N TYR L 233 76.27 -9.81 3.60
CA TYR L 233 75.81 -8.77 4.50
C TYR L 233 75.69 -7.46 3.71
N TYR L 234 76.81 -7.03 3.11
CA TYR L 234 76.97 -5.68 2.58
C TYR L 234 76.09 -5.45 1.35
N MET L 235 76.18 -6.36 0.38
CA MET L 235 75.41 -6.23 -0.85
C MET L 235 73.93 -6.04 -0.52
N HIS L 236 73.35 -6.96 0.25
CA HIS L 236 71.95 -6.90 0.63
C HIS L 236 71.68 -5.64 1.45
N SER L 237 72.65 -5.25 2.29
CA SER L 237 72.54 -4.05 3.12
C SER L 237 72.47 -2.78 2.27
N GLN L 238 73.17 -2.78 1.13
CA GLN L 238 73.16 -1.67 0.19
C GLN L 238 71.87 -1.63 -0.61
N LEU L 239 71.27 -2.81 -0.88
CA LEU L 239 69.98 -2.87 -1.54
C LEU L 239 68.96 -2.05 -0.76
N ILE L 240 68.96 -2.18 0.57
CA ILE L 240 67.95 -1.56 1.41
C ILE L 240 68.25 -0.07 1.59
N ALA L 241 69.54 0.28 1.69
CA ALA L 241 69.99 1.67 1.73
C ALA L 241 69.52 2.43 0.48
N ARG L 242 69.68 1.79 -0.68
CA ARG L 242 69.25 2.35 -1.95
C ARG L 242 67.73 2.39 -2.04
N TYR L 243 67.06 1.34 -1.52
CA TYR L 243 65.60 1.24 -1.51
C TYR L 243 65.05 2.36 -0.62
N ASN L 244 65.63 2.51 0.58
CA ASN L 244 65.20 3.51 1.54
C ASN L 244 65.39 4.91 0.96
N PHE L 245 66.42 5.09 0.13
CA PHE L 245 66.66 6.36 -0.55
C PHE L 245 65.47 6.61 -1.49
N GLU L 246 65.19 5.62 -2.35
CA GLU L 246 64.13 5.74 -3.35
C GLU L 246 62.78 5.94 -2.66
N ARG L 247 62.61 5.40 -1.46
CA ARG L 247 61.39 5.60 -0.69
C ARG L 247 61.20 7.08 -0.37
N PHE L 248 62.28 7.72 0.09
CA PHE L 248 62.24 9.13 0.48
C PHE L 248 61.92 10.02 -0.72
N CYS L 249 62.27 9.55 -1.93
CA CYS L 249 62.01 10.28 -3.16
C CYS L 249 60.58 10.06 -3.67
N ASN L 250 59.78 9.26 -2.95
CA ASN L 250 58.40 9.00 -3.30
C ASN L 250 57.50 9.29 -2.11
N ARG L 251 57.94 10.18 -1.22
CA ARG L 251 57.14 10.70 -0.11
C ARG L 251 56.72 9.59 0.85
N LEU L 252 57.58 8.58 1.03
CA LEU L 252 57.35 7.44 1.92
C LEU L 252 58.38 7.45 3.05
N GLN L 253 58.09 6.74 4.14
CA GLN L 253 59.01 6.58 5.26
C GLN L 253 59.96 5.41 4.96
N ARG L 254 60.96 5.23 5.83
CA ARG L 254 61.90 4.13 5.69
C ARG L 254 61.15 2.80 5.85
N VAL L 255 61.64 1.76 5.19
CA VAL L 255 60.98 0.46 5.20
C VAL L 255 60.97 -0.08 6.63
N LYS L 256 59.79 -0.54 7.08
CA LYS L 256 59.63 -1.20 8.36
C LYS L 256 60.04 -2.67 8.25
N ARG L 257 60.85 -3.12 9.20
CA ARG L 257 61.35 -4.49 9.30
C ARG L 257 60.20 -5.44 9.64
N LEU L 258 60.39 -6.76 9.43
CA LEU L 258 59.46 -7.76 9.92
C LEU L 258 59.76 -8.06 11.38
N ASN L 259 59.28 -7.16 12.28
CA ASN L 259 59.38 -7.30 13.72
C ASN L 259 59.25 -8.76 14.14
N ASN L 260 58.06 -9.33 13.91
CA ASN L 260 57.74 -10.67 14.38
C ASN L 260 56.77 -11.34 13.41
N LEU L 261 56.92 -12.67 13.29
CA LEU L 261 56.41 -13.44 12.17
C LEU L 261 54.95 -13.85 12.38
N ARG L 262 54.42 -13.63 13.58
CA ARG L 262 53.07 -14.05 13.92
C ARG L 262 52.06 -12.99 13.49
N GLU L 263 52.49 -11.72 13.54
CA GLU L 263 51.66 -10.60 13.12
C GLU L 263 51.46 -10.63 11.60
N PRO L 264 50.25 -10.29 11.08
CA PRO L 264 50.01 -10.23 9.63
C PRO L 264 50.99 -9.36 8.82
N ILE L 265 51.11 -9.69 7.53
CA ILE L 265 51.89 -8.91 6.59
C ILE L 265 50.93 -8.00 5.82
N ALA L 266 51.03 -6.69 6.09
CA ALA L 266 50.08 -5.70 5.60
C ALA L 266 50.09 -5.62 4.07
N GLU L 267 51.29 -5.57 3.48
CA GLU L 267 51.46 -5.35 2.05
C GLU L 267 51.43 -6.68 1.31
N GLY L 268 50.34 -6.92 0.56
CA GLY L 268 50.28 -7.99 -0.42
C GLY L 268 50.97 -7.60 -1.72
N TYR L 269 51.15 -8.57 -2.63
CA TYR L 269 51.77 -8.32 -3.92
C TYR L 269 51.40 -9.43 -4.89
N PHE L 270 50.66 -9.07 -5.95
CA PHE L 270 50.40 -9.93 -7.10
C PHE L 270 51.34 -9.57 -8.24
N PRO L 271 52.30 -10.45 -8.61
CA PRO L 271 53.41 -10.07 -9.48
C PRO L 271 53.10 -9.99 -10.97
N LYS L 272 52.01 -10.66 -11.39
CA LYS L 272 51.49 -10.64 -12.75
C LYS L 272 52.41 -11.41 -13.71
N LEU L 273 53.14 -12.41 -13.21
CA LEU L 273 54.03 -13.21 -14.05
C LEU L 273 53.39 -14.56 -14.36
N ASP L 274 53.68 -15.11 -15.54
CA ASP L 274 53.18 -16.41 -15.98
C ASP L 274 54.37 -17.23 -16.48
N SER L 275 54.68 -18.31 -15.75
CA SER L 275 55.75 -19.23 -16.11
C SER L 275 55.33 -20.10 -17.30
N LEU L 276 56.00 -19.89 -18.45
CA LEU L 276 55.72 -20.64 -19.67
C LEU L 276 56.28 -22.07 -19.55
N VAL L 277 57.24 -22.26 -18.63
CA VAL L 277 57.85 -23.56 -18.37
C VAL L 277 56.93 -24.39 -17.50
N ALA L 278 56.33 -23.76 -16.47
CA ALA L 278 55.36 -24.43 -15.60
C ALA L 278 53.96 -24.37 -16.19
N SER L 279 53.78 -23.47 -17.18
CA SER L 279 52.54 -23.23 -17.90
C SER L 279 51.46 -22.66 -16.96
N ARG L 280 51.84 -22.38 -15.71
CA ARG L 280 50.99 -21.75 -14.72
C ARG L 280 51.48 -20.33 -14.47
N THR L 281 50.78 -19.58 -13.61
CA THR L 281 51.26 -18.29 -13.11
C THR L 281 51.79 -18.47 -11.69
N TRP L 282 52.69 -17.56 -11.28
CA TRP L 282 53.11 -17.41 -9.89
C TRP L 282 51.92 -16.97 -9.05
N PRO L 283 51.67 -17.58 -7.87
CA PRO L 283 50.58 -17.13 -7.00
C PRO L 283 50.91 -15.74 -6.42
N GLY L 284 49.85 -14.97 -6.13
CA GLY L 284 49.99 -13.73 -5.39
C GLY L 284 49.89 -13.97 -3.89
N ARG L 285 50.20 -12.92 -3.10
CA ARG L 285 49.94 -12.91 -1.67
C ARG L 285 48.95 -11.79 -1.36
N VAL L 286 47.92 -12.13 -0.57
CA VAL L 286 46.86 -11.19 -0.23
C VAL L 286 47.33 -10.25 0.88
N ASP L 287 46.58 -9.16 1.07
CA ASP L 287 46.81 -8.27 2.20
C ASP L 287 46.53 -9.03 3.48
N ASN L 288 47.37 -8.79 4.50
CA ASN L 288 47.22 -9.35 5.83
C ASN L 288 47.31 -10.88 5.83
N ALA L 289 48.03 -11.45 4.86
CA ALA L 289 48.42 -12.85 4.93
C ALA L 289 49.25 -13.08 6.18
N VAL L 290 49.13 -14.28 6.78
CA VAL L 290 49.93 -14.66 7.93
C VAL L 290 50.83 -15.82 7.51
N ILE L 291 52.08 -15.79 7.99
CA ILE L 291 53.02 -16.89 7.81
C ILE L 291 52.42 -18.12 8.49
N LYS L 292 52.60 -19.28 7.87
CA LYS L 292 52.02 -20.53 8.37
C LYS L 292 53.08 -21.63 8.32
N ASP L 293 53.05 -22.55 9.30
CA ASP L 293 53.89 -23.74 9.33
C ASP L 293 53.82 -24.48 8.00
N LEU L 294 54.98 -24.85 7.45
CA LEU L 294 55.10 -25.52 6.17
C LEU L 294 55.14 -27.03 6.37
N ASN L 295 54.44 -27.76 5.49
CA ASN L 295 54.53 -29.22 5.40
C ASN L 295 54.39 -29.61 3.92
N ARG L 296 55.44 -29.33 3.15
CA ARG L 296 55.45 -29.61 1.72
C ARG L 296 56.21 -30.92 1.50
N GLU L 297 55.52 -32.04 1.71
CA GLU L 297 56.14 -33.36 1.71
C GLU L 297 57.02 -33.56 0.46
N LEU L 298 56.49 -33.18 -0.70
CA LEU L 298 57.14 -33.36 -1.98
C LEU L 298 58.47 -32.61 -2.02
N ASP L 299 58.45 -31.32 -1.65
CA ASP L 299 59.62 -30.45 -1.73
C ASP L 299 60.64 -30.76 -0.64
N GLN L 300 60.26 -31.60 0.33
CA GLN L 300 61.10 -31.91 1.49
C GLN L 300 61.28 -30.67 2.37
N ILE L 301 60.13 -30.09 2.77
CA ILE L 301 60.08 -28.97 3.69
C ILE L 301 59.15 -29.36 4.85
N LYS L 302 59.73 -29.49 6.04
CA LYS L 302 58.97 -29.73 7.26
C LYS L 302 59.51 -28.75 8.30
N GLN L 303 59.00 -27.52 8.29
CA GLN L 303 59.50 -26.45 9.13
C GLN L 303 58.34 -25.74 9.81
N ASP L 304 58.49 -25.46 11.11
CA ASP L 304 57.52 -24.70 11.87
C ASP L 304 58.04 -23.28 12.04
N VAL L 305 57.13 -22.33 12.22
CA VAL L 305 57.52 -20.94 12.41
C VAL L 305 58.40 -20.84 13.65
N SER L 306 58.04 -21.59 14.71
CA SER L 306 58.81 -21.62 15.94
C SER L 306 60.27 -22.01 15.69
N ASP L 307 60.53 -22.90 14.72
CA ASP L 307 61.90 -23.24 14.34
C ASP L 307 62.66 -21.98 13.93
N LEU L 308 62.02 -21.17 13.09
CA LEU L 308 62.62 -19.92 12.61
C LEU L 308 62.90 -19.01 13.79
N GLU L 309 61.89 -18.83 14.65
CA GLU L 309 61.97 -18.01 15.85
C GLU L 309 63.11 -18.47 16.76
N ARG L 310 63.30 -19.79 16.84
CA ARG L 310 64.33 -20.37 17.68
C ARG L 310 65.71 -20.03 17.13
N TRP L 311 65.87 -20.13 15.81
CA TRP L 311 67.12 -19.78 15.16
C TRP L 311 67.49 -18.33 15.44
N ILE L 312 66.48 -17.44 15.34
CA ILE L 312 66.69 -16.01 15.54
C ILE L 312 67.11 -15.75 16.98
N ASP L 313 66.38 -16.33 17.92
CA ASP L 313 66.67 -16.19 19.35
C ASP L 313 68.13 -16.57 19.63
N ARG L 314 68.60 -17.66 19.00
CA ARG L 314 69.95 -18.17 19.23
C ARG L 314 71.00 -17.26 18.61
N ILE L 315 70.73 -16.75 17.41
CA ILE L 315 71.67 -15.90 16.67
C ILE L 315 71.86 -14.60 17.43
N TYR L 316 70.77 -14.00 17.89
CA TYR L 316 70.81 -12.82 18.74
C TYR L 316 71.70 -13.06 19.95
N GLU L 317 71.51 -14.23 20.61
CA GLU L 317 72.26 -14.57 21.81
C GLU L 317 73.75 -14.56 21.49
N ALA L 318 74.14 -15.26 20.41
CA ALA L 318 75.53 -15.35 19.98
C ALA L 318 76.12 -13.97 19.76
N VAL L 319 75.36 -13.10 19.08
CA VAL L 319 75.80 -11.77 18.71
C VAL L 319 76.08 -10.94 19.97
N HIS L 320 75.18 -11.05 20.96
CA HIS L 320 75.34 -10.34 22.23
C HIS L 320 76.46 -10.97 23.05
N GLN L 321 76.45 -12.30 23.19
CA GLN L 321 77.53 -13.05 23.82
C GLN L 321 78.88 -12.63 23.25
N GLY L 322 78.93 -12.46 21.92
CA GLY L 322 80.13 -12.03 21.22
C GLY L 322 80.87 -13.18 20.55
N TYR L 323 80.36 -14.42 20.68
CA TYR L 323 80.98 -15.58 20.07
C TYR L 323 79.91 -16.60 19.65
N VAL L 324 80.31 -17.50 18.75
CA VAL L 324 79.47 -18.61 18.31
C VAL L 324 80.15 -19.91 18.74
N VAL L 325 79.43 -21.03 18.60
CA VAL L 325 79.96 -22.35 18.93
C VAL L 325 79.84 -23.25 17.70
N ASP L 326 80.93 -23.94 17.35
CA ASP L 326 80.95 -24.84 16.21
C ASP L 326 80.37 -26.20 16.62
N GLU L 327 80.17 -27.06 15.62
CA GLU L 327 79.61 -28.40 15.85
C GLU L 327 80.38 -29.11 16.96
N SER L 328 81.71 -28.93 16.97
CA SER L 328 82.62 -29.60 17.88
C SER L 328 82.42 -29.17 19.33
N GLY L 329 81.92 -27.94 19.53
CA GLY L 329 81.68 -27.41 20.87
C GLY L 329 82.59 -26.23 21.20
N ASN L 330 83.60 -26.01 20.36
CA ASN L 330 84.57 -24.93 20.53
C ASN L 330 83.91 -23.58 20.27
N ARG L 331 84.54 -22.50 20.74
CA ARG L 331 84.02 -21.14 20.60
C ARG L 331 84.85 -20.36 19.60
N ILE L 332 84.17 -19.65 18.69
CA ILE L 332 84.80 -18.78 17.71
C ILE L 332 84.30 -17.36 17.96
N PHE L 333 85.23 -16.39 18.02
CA PHE L 333 84.93 -15.04 18.49
C PHE L 333 84.62 -14.10 17.32
N LEU L 334 83.51 -13.37 17.47
CA LEU L 334 83.05 -12.40 16.48
C LEU L 334 83.84 -11.10 16.67
N ASP L 335 85.09 -11.10 16.18
CA ASP L 335 86.03 -10.00 16.35
C ASP L 335 85.78 -8.95 15.27
N GLU L 336 86.58 -7.87 15.30
CA GLU L 336 86.45 -6.75 14.38
C GLU L 336 86.69 -7.18 12.94
N GLU L 337 87.51 -8.21 12.73
CA GLU L 337 88.03 -8.57 11.42
C GLU L 337 87.06 -9.53 10.71
N LYS L 338 86.85 -10.71 11.30
CA LYS L 338 86.14 -11.81 10.65
C LYS L 338 84.72 -11.98 11.18
N GLY L 339 84.38 -11.25 12.25
CA GLY L 339 83.08 -11.37 12.90
C GLY L 339 81.93 -11.31 11.89
N ILE L 340 81.86 -10.21 11.13
CA ILE L 340 80.78 -9.97 10.20
C ILE L 340 80.70 -11.09 9.16
N ASP L 341 81.87 -11.55 8.68
CA ASP L 341 81.94 -12.57 7.64
C ASP L 341 81.33 -13.87 8.15
N ILE L 342 81.70 -14.26 9.38
CA ILE L 342 81.14 -15.44 10.03
C ILE L 342 79.63 -15.31 10.10
N LEU L 343 79.17 -14.22 10.71
CA LEU L 343 77.75 -13.98 10.95
C LEU L 343 76.95 -14.13 9.65
N GLY L 344 77.51 -13.61 8.55
CA GLY L 344 76.86 -13.70 7.24
C GLY L 344 76.59 -15.14 6.83
N ASN L 345 77.59 -16.01 7.01
CA ASN L 345 77.49 -17.41 6.63
C ASN L 345 76.51 -18.14 7.55
N ILE L 346 76.42 -17.68 8.81
CA ILE L 346 75.49 -18.23 9.78
C ILE L 346 74.04 -17.88 9.41
N ILE L 347 73.84 -16.60 9.04
CA ILE L 347 72.50 -16.05 8.87
C ILE L 347 71.87 -16.50 7.55
N GLU L 348 72.59 -16.40 6.45
CA GLU L 348 72.08 -16.86 5.16
C GLU L 348 71.93 -18.38 5.21
N SER L 349 72.87 -18.98 5.95
CA SER L 349 73.18 -20.40 5.97
C SER L 349 73.90 -20.79 4.69
N SER L 350 75.21 -20.61 4.71
CA SER L 350 76.08 -21.21 3.72
C SER L 350 76.83 -22.36 4.39
N ILE L 351 77.13 -23.43 3.63
CA ILE L 351 77.82 -24.58 4.19
C ILE L 351 79.07 -24.12 4.96
N LEU L 352 79.46 -22.86 4.81
CA LEU L 352 80.57 -22.29 5.55
C LEU L 352 80.16 -21.94 6.99
N SER L 353 78.87 -21.99 7.30
CA SER L 353 78.39 -21.75 8.64
C SER L 353 79.09 -22.69 9.61
N PRO L 354 79.68 -22.17 10.71
CA PRO L 354 80.41 -23.02 11.66
C PRO L 354 79.52 -23.97 12.45
N ASN L 355 78.20 -23.84 12.33
CA ASN L 355 77.27 -24.76 12.98
C ASN L 355 75.85 -24.57 12.44
N ARG L 356 75.60 -25.07 11.22
CA ARG L 356 74.30 -24.98 10.58
C ARG L 356 73.19 -25.53 11.48
N GLN L 357 73.47 -26.66 12.15
CA GLN L 357 72.46 -27.40 12.91
C GLN L 357 71.90 -26.54 14.05
N LEU L 358 72.72 -25.67 14.64
CA LEU L 358 72.33 -24.88 15.79
C LEU L 358 71.68 -23.56 15.35
N TYR L 359 72.31 -22.85 14.41
CA TYR L 359 71.92 -21.50 14.03
C TYR L 359 71.05 -21.50 12.77
N GLY L 360 70.88 -22.66 12.15
CA GLY L 360 69.83 -22.86 11.15
C GLY L 360 70.15 -22.26 9.79
N ASP L 361 69.07 -22.10 8.99
CA ASP L 361 69.07 -21.63 7.61
C ASP L 361 68.11 -20.43 7.54
N MET L 362 68.40 -19.43 8.37
CA MET L 362 67.45 -18.42 8.80
C MET L 362 66.92 -17.57 7.63
N HIS L 363 67.81 -16.97 6.84
CA HIS L 363 67.41 -16.10 5.73
C HIS L 363 66.61 -16.90 4.71
N ASN L 364 67.18 -18.01 4.23
CA ASN L 364 66.60 -18.80 3.14
C ASN L 364 65.22 -19.35 3.51
N VAL L 365 65.08 -19.89 4.73
CA VAL L 365 63.84 -20.50 5.16
C VAL L 365 62.75 -19.43 5.23
N GLY L 366 63.14 -18.20 5.60
CA GLY L 366 62.25 -17.05 5.59
C GLY L 366 61.65 -16.78 4.22
N HIS L 367 62.48 -16.86 3.16
CA HIS L 367 62.02 -16.67 1.79
C HIS L 367 60.93 -17.69 1.44
N VAL L 368 61.07 -18.93 1.93
CA VAL L 368 60.15 -20.01 1.62
C VAL L 368 58.84 -19.82 2.38
N PHE L 369 58.92 -19.54 3.67
CA PHE L 369 57.74 -19.26 4.50
C PHE L 369 56.87 -18.18 3.85
N LEU L 370 57.51 -17.08 3.42
CA LEU L 370 56.81 -15.90 2.91
C LEU L 370 56.17 -16.21 1.55
N SER L 371 56.74 -17.19 0.82
CA SER L 371 56.29 -17.50 -0.52
C SER L 371 55.18 -18.55 -0.55
N TYR L 372 54.84 -19.13 0.61
CA TYR L 372 53.94 -20.28 0.68
C TYR L 372 52.77 -20.04 1.62
N THR L 373 52.46 -18.76 1.91
CA THR L 373 51.39 -18.42 2.83
C THR L 373 50.05 -18.91 2.26
N HIS L 374 49.95 -18.98 0.93
CA HIS L 374 48.72 -19.30 0.23
C HIS L 374 48.45 -20.80 0.17
N ASP L 375 49.50 -21.61 0.38
CA ASP L 375 49.38 -23.06 0.28
C ASP L 375 50.54 -23.74 1.02
N PRO L 376 50.52 -23.76 2.36
CA PRO L 376 51.67 -24.25 3.13
C PRO L 376 51.79 -25.76 3.34
N ASP L 377 50.69 -26.49 3.14
CA ASP L 377 50.68 -27.94 3.31
C ASP L 377 50.48 -28.66 1.97
N HIS L 378 50.43 -27.89 0.87
CA HIS L 378 50.40 -28.42 -0.49
C HIS L 378 49.04 -29.03 -0.83
N ARG L 379 48.00 -28.70 -0.05
CA ARG L 379 46.68 -29.26 -0.27
C ARG L 379 46.07 -28.73 -1.58
N HIS L 380 46.54 -27.56 -2.04
CA HIS L 380 46.04 -26.91 -3.24
C HIS L 380 46.95 -27.13 -4.44
N LEU L 381 48.00 -27.93 -4.27
CA LEU L 381 48.91 -28.25 -5.37
C LEU L 381 49.33 -26.97 -6.09
N GLU L 382 49.69 -25.93 -5.31
CA GLU L 382 50.16 -24.66 -5.87
C GLU L 382 51.64 -24.51 -5.58
N SER L 383 52.34 -23.76 -6.45
CA SER L 383 53.77 -23.52 -6.31
C SER L 383 54.01 -22.27 -5.46
N PHE L 384 55.28 -21.95 -5.22
CA PHE L 384 55.65 -20.82 -4.38
C PHE L 384 55.43 -19.51 -5.13
N GLY L 385 55.09 -18.46 -4.36
CA GLY L 385 55.03 -17.10 -4.87
C GLY L 385 56.42 -16.56 -5.18
N VAL L 386 56.47 -15.26 -5.50
CA VAL L 386 57.64 -14.65 -6.12
C VAL L 386 58.85 -14.62 -5.18
N MET L 387 58.62 -14.58 -3.86
CA MET L 387 59.69 -14.49 -2.87
C MET L 387 60.48 -15.81 -2.75
N GLY L 388 59.99 -16.86 -3.41
CA GLY L 388 60.61 -18.18 -3.37
C GLY L 388 61.68 -18.38 -4.43
N ASP L 389 61.86 -17.39 -5.33
CA ASP L 389 62.87 -17.46 -6.38
C ASP L 389 63.73 -16.18 -6.34
N VAL L 390 65.05 -16.39 -6.27
CA VAL L 390 66.05 -15.31 -6.28
C VAL L 390 65.83 -14.40 -7.49
N ALA L 391 65.49 -15.02 -8.63
CA ALA L 391 65.27 -14.31 -9.88
C ALA L 391 64.17 -13.24 -9.75
N THR L 392 63.18 -13.46 -8.86
CA THR L 392 61.99 -12.63 -8.80
C THR L 392 61.76 -12.01 -7.41
N ALA L 393 62.58 -12.39 -6.42
CA ALA L 393 62.30 -12.07 -5.02
C ALA L 393 62.18 -10.57 -4.77
N MET L 394 62.96 -9.76 -5.50
CA MET L 394 63.05 -8.33 -5.23
C MET L 394 61.80 -7.58 -5.69
N ARG L 395 60.93 -8.23 -6.48
CA ARG L 395 59.72 -7.60 -6.95
C ARG L 395 58.74 -7.33 -5.80
N ASP L 396 58.73 -8.23 -4.82
CA ASP L 396 57.78 -8.16 -3.71
C ASP L 396 58.27 -7.13 -2.69
N PRO L 397 57.39 -6.22 -2.20
CA PRO L 397 57.76 -5.32 -1.10
C PRO L 397 58.22 -5.97 0.21
N VAL L 398 57.73 -7.18 0.49
CA VAL L 398 58.03 -7.87 1.73
C VAL L 398 59.51 -8.24 1.76
N PHE L 399 60.13 -8.35 0.58
CA PHE L 399 61.55 -8.65 0.45
C PHE L 399 62.36 -7.68 1.32
N TYR L 400 62.00 -6.39 1.24
CA TYR L 400 62.75 -5.31 1.87
C TYR L 400 62.49 -5.29 3.37
N ARG L 401 61.31 -5.75 3.78
CA ARG L 401 60.96 -5.90 5.18
C ARG L 401 61.76 -7.04 5.81
N TRP L 402 61.77 -8.20 5.14
CA TRP L 402 62.50 -9.36 5.62
C TRP L 402 63.99 -9.08 5.61
N HIS L 403 64.48 -8.41 4.56
CA HIS L 403 65.91 -8.13 4.43
C HIS L 403 66.32 -6.98 5.34
N SER L 404 65.35 -6.13 5.69
CA SER L 404 65.52 -5.05 6.66
C SER L 404 65.74 -5.62 8.05
N PHE L 405 64.89 -6.58 8.44
CA PHE L 405 65.04 -7.29 9.70
C PHE L 405 66.44 -7.87 9.79
N ILE L 406 66.78 -8.72 8.81
CA ILE L 406 68.06 -9.41 8.77
C ILE L 406 69.19 -8.41 9.00
N ASP L 407 69.08 -7.22 8.42
CA ASP L 407 70.11 -6.21 8.51
C ASP L 407 70.27 -5.72 9.95
N ASP L 408 69.13 -5.55 10.65
CA ASP L 408 69.12 -5.12 12.04
C ASP L 408 69.94 -6.09 12.88
N ILE L 409 69.87 -7.40 12.58
CA ILE L 409 70.62 -8.42 13.29
C ILE L 409 72.13 -8.18 13.08
N PHE L 410 72.54 -7.93 11.84
CA PHE L 410 73.94 -7.61 11.54
C PHE L 410 74.36 -6.36 12.31
N GLN L 411 73.51 -5.32 12.25
CA GLN L 411 73.77 -4.05 12.94
C GLN L 411 74.07 -4.30 14.41
N GLU L 412 73.33 -5.21 15.04
CA GLU L 412 73.47 -5.54 16.45
C GLU L 412 74.90 -5.94 16.76
N HIS L 413 75.62 -6.49 15.77
CA HIS L 413 77.01 -6.84 15.92
C HIS L 413 77.91 -5.61 15.69
N LYS L 414 77.60 -4.83 14.65
CA LYS L 414 78.41 -3.70 14.25
C LYS L 414 78.47 -2.63 15.35
N ILE L 415 77.40 -2.49 16.14
CA ILE L 415 77.33 -1.49 17.19
C ILE L 415 78.13 -1.94 18.42
N LYS L 416 78.60 -3.19 18.41
CA LYS L 416 79.47 -3.68 19.47
C LYS L 416 80.94 -3.36 19.17
N LEU L 417 81.26 -3.18 17.89
CA LEU L 417 82.63 -2.88 17.47
C LEU L 417 83.05 -1.50 17.99
N PRO L 418 84.34 -1.27 18.32
CA PRO L 418 84.80 0.02 18.83
C PRO L 418 84.83 1.08 17.72
N ALA L 419 84.40 2.30 18.06
CA ALA L 419 84.35 3.40 17.12
C ALA L 419 85.72 3.60 16.45
N TYR L 420 85.70 3.99 15.18
CA TYR L 420 86.92 4.39 14.49
C TYR L 420 87.44 5.67 15.15
N THR L 421 88.72 5.65 15.57
CA THR L 421 89.35 6.77 16.26
C THR L 421 89.76 7.83 15.23
N LYS L 422 89.83 9.09 15.68
CA LYS L 422 90.25 10.20 14.85
C LYS L 422 91.49 9.79 14.06
N SER L 423 92.43 9.17 14.78
CA SER L 423 93.68 8.63 14.24
C SER L 423 93.41 7.69 13.06
N GLN L 424 92.53 6.70 13.28
CA GLN L 424 92.34 5.59 12.37
C GLN L 424 91.85 6.03 10.99
N LEU L 425 91.09 7.14 10.93
CA LEU L 425 90.55 7.61 9.65
C LEU L 425 91.08 9.00 9.31
N THR L 426 92.26 9.33 9.82
CA THR L 426 93.01 10.49 9.36
C THR L 426 94.14 10.02 8.45
N TYR L 427 94.43 10.80 7.39
CA TYR L 427 95.56 10.55 6.50
C TYR L 427 96.56 11.70 6.65
N GLU L 428 97.60 11.48 7.47
CA GLU L 428 98.54 12.53 7.85
C GLU L 428 99.17 13.12 6.59
N GLY L 429 98.89 14.41 6.35
CA GLY L 429 99.42 15.12 5.20
C GLY L 429 98.33 15.45 4.17
N ILE L 430 97.44 14.49 3.90
CA ILE L 430 96.43 14.65 2.87
C ILE L 430 95.25 15.44 3.42
N SER L 431 94.74 16.38 2.62
CA SER L 431 93.55 17.16 2.94
C SER L 431 92.68 17.35 1.69
N VAL L 432 91.42 16.91 1.77
CA VAL L 432 90.44 17.15 0.73
C VAL L 432 89.69 18.45 1.06
N THR L 433 89.74 19.41 0.13
CA THR L 433 89.28 20.77 0.37
C THR L 433 87.96 21.02 -0.33
N GLY L 434 87.50 20.06 -1.16
CA GLY L 434 86.24 20.23 -1.87
C GLY L 434 85.99 19.11 -2.88
N ILE L 435 84.71 18.79 -3.09
CA ILE L 435 84.23 17.91 -4.14
C ILE L 435 82.99 18.53 -4.75
N ILE L 436 82.86 18.46 -6.08
CA ILE L 436 81.68 18.97 -6.79
C ILE L 436 81.29 17.96 -7.88
N VAL L 437 80.09 18.14 -8.46
CA VAL L 437 79.66 17.33 -9.61
C VAL L 437 79.16 18.26 -10.71
N GLN L 438 79.42 17.89 -11.99
CA GLN L 438 79.03 18.69 -13.14
C GLN L 438 78.44 17.80 -14.23
N SER L 439 77.20 18.12 -14.64
CA SER L 439 76.54 17.54 -15.80
C SER L 439 76.49 18.57 -16.92
N GLU L 440 76.55 18.11 -18.17
CA GLU L 440 76.42 18.95 -19.35
C GLU L 440 75.07 19.66 -19.31
N GLY L 441 75.10 20.99 -19.47
CA GLY L 441 73.91 21.82 -19.49
C GLY L 441 73.11 21.72 -18.20
N ALA L 442 73.74 22.04 -17.06
CA ALA L 442 73.10 21.93 -15.76
C ALA L 442 73.98 22.60 -14.70
N PRO L 443 73.42 23.31 -13.70
CA PRO L 443 74.22 23.93 -12.65
C PRO L 443 75.15 22.94 -11.95
N VAL L 444 76.18 23.48 -11.28
CA VAL L 444 77.08 22.67 -10.48
C VAL L 444 76.30 22.03 -9.34
N ASN L 445 76.79 20.88 -8.86
CA ASN L 445 76.25 20.17 -7.71
C ASN L 445 74.75 19.90 -7.91
N THR L 446 74.41 19.37 -9.08
CA THR L 446 73.03 19.06 -9.43
C THR L 446 72.99 17.82 -10.34
N LEU L 447 72.25 16.79 -9.89
CA LEU L 447 72.05 15.57 -10.66
C LEU L 447 70.61 15.55 -11.19
N HIS L 448 70.44 15.02 -12.41
CA HIS L 448 69.13 14.92 -13.05
C HIS L 448 68.79 13.44 -13.31
N THR L 449 67.50 13.09 -13.23
CA THR L 449 67.01 11.77 -13.59
C THR L 449 65.75 11.91 -14.45
N TYR L 450 65.36 10.79 -15.09
CA TYR L 450 64.22 10.74 -16.00
C TYR L 450 63.96 9.29 -16.41
N TRP L 451 62.94 9.08 -17.26
CA TRP L 451 62.62 7.79 -17.84
C TRP L 451 63.29 7.65 -19.21
N GLN L 452 63.55 6.40 -19.63
CA GLN L 452 64.20 6.11 -20.90
C GLN L 452 63.77 4.72 -21.37
N GLN L 453 63.27 4.63 -22.61
CA GLN L 453 62.95 3.35 -23.22
C GLN L 453 64.22 2.75 -23.82
N SER L 454 64.38 1.43 -23.63
CA SER L 454 65.44 0.65 -24.27
C SER L 454 64.84 -0.61 -24.88
N ASP L 455 65.57 -1.25 -25.80
CA ASP L 455 65.05 -2.39 -26.55
C ASP L 455 65.88 -3.64 -26.25
N VAL L 456 65.20 -4.80 -26.21
CA VAL L 456 65.82 -6.08 -25.95
C VAL L 456 65.18 -7.13 -26.86
N ASP L 457 66.02 -7.98 -27.46
CA ASP L 457 65.56 -9.05 -28.33
C ASP L 457 65.26 -10.29 -27.48
N LEU L 458 63.97 -10.61 -27.34
CA LEU L 458 63.51 -11.75 -26.54
C LEU L 458 63.24 -12.95 -27.43
N SER L 459 63.89 -12.99 -28.60
CA SER L 459 63.55 -13.92 -29.66
C SER L 459 63.97 -15.34 -29.26
N ARG L 460 65.17 -15.45 -28.67
CA ARG L 460 65.75 -16.73 -28.30
C ARG L 460 64.92 -17.41 -27.21
N GLY L 461 64.10 -16.64 -26.48
CA GLY L 461 63.34 -17.14 -25.35
C GLY L 461 61.90 -17.55 -25.70
N MET L 462 61.42 -17.14 -26.88
CA MET L 462 60.04 -17.38 -27.29
C MET L 462 59.91 -18.72 -28.01
N ASP L 463 59.60 -19.78 -27.25
CA ASP L 463 59.52 -21.13 -27.77
C ASP L 463 58.27 -21.28 -28.63
N PHE L 464 58.37 -22.09 -29.70
CA PHE L 464 57.27 -22.43 -30.61
C PHE L 464 56.61 -21.18 -31.17
N VAL L 465 57.39 -20.11 -31.37
CA VAL L 465 56.94 -18.88 -31.99
C VAL L 465 57.63 -18.74 -33.34
N PRO L 466 56.90 -18.34 -34.42
CA PRO L 466 57.52 -18.08 -35.72
C PRO L 466 58.85 -17.33 -35.57
N ARG L 467 59.93 -17.89 -36.13
CA ARG L 467 61.26 -17.32 -36.02
C ARG L 467 61.28 -15.90 -36.59
N GLY L 468 62.31 -15.14 -36.20
CA GLY L 468 62.42 -13.72 -36.53
C GLY L 468 62.86 -12.91 -35.32
N ASN L 469 62.77 -11.58 -35.40
CA ASN L 469 63.11 -10.71 -34.28
C ASN L 469 61.84 -10.36 -33.51
N VAL L 470 62.00 -10.19 -32.19
CA VAL L 470 60.93 -9.82 -31.27
C VAL L 470 61.50 -8.84 -30.25
N PHE L 471 61.46 -7.53 -30.59
CA PHE L 471 62.01 -6.49 -29.75
C PHE L 471 60.97 -6.04 -28.72
N ALA L 472 61.39 -5.90 -27.47
CA ALA L 472 60.54 -5.40 -26.39
C ALA L 472 61.10 -4.08 -25.86
N ARG L 473 60.19 -3.12 -25.58
CA ARG L 473 60.56 -1.79 -25.12
C ARG L 473 60.38 -1.66 -23.61
N PHE L 474 61.50 -1.62 -22.89
CA PHE L 474 61.52 -1.39 -21.44
C PHE L 474 61.59 0.11 -21.15
N THR L 475 60.76 0.59 -20.21
CA THR L 475 60.92 1.90 -19.61
C THR L 475 61.58 1.76 -18.24
N HIS L 476 62.63 2.55 -18.00
CA HIS L 476 63.42 2.45 -16.77
C HIS L 476 64.04 3.81 -16.43
N LEU L 477 64.29 4.03 -15.12
CA LEU L 477 64.97 5.23 -14.63
C LEU L 477 66.31 5.38 -15.34
N GLN L 478 66.70 6.63 -15.60
CA GLN L 478 68.02 6.96 -16.13
C GLN L 478 68.49 8.30 -15.57
N HIS L 479 69.82 8.48 -15.47
CA HIS L 479 70.42 9.71 -15.02
C HIS L 479 71.29 10.30 -16.13
N ALA L 480 71.29 11.64 -16.22
CA ALA L 480 72.20 12.38 -17.07
C ALA L 480 73.64 12.09 -16.66
N PRO L 481 74.60 11.96 -17.61
CA PRO L 481 75.99 11.68 -17.27
C PRO L 481 76.53 12.84 -16.43
N PHE L 482 77.45 12.54 -15.50
CA PHE L 482 78.09 13.57 -14.69
C PHE L 482 79.52 13.15 -14.39
N GLN L 483 80.23 13.98 -13.60
CA GLN L 483 81.60 13.71 -13.19
C GLN L 483 81.90 14.43 -11.88
N TYR L 484 82.68 13.77 -11.01
CA TYR L 484 83.13 14.36 -9.75
C TYR L 484 84.42 15.12 -10.00
N VAL L 485 84.67 16.19 -9.23
CA VAL L 485 85.91 16.97 -9.30
C VAL L 485 86.38 17.24 -7.86
N ILE L 486 87.51 16.62 -7.48
CA ILE L 486 87.95 16.54 -6.10
C ILE L 486 89.31 17.25 -5.95
N GLN L 487 89.39 18.19 -4.99
CA GLN L 487 90.60 18.98 -4.75
C GLN L 487 91.35 18.45 -3.52
N ILE L 488 92.53 17.86 -3.75
CA ILE L 488 93.30 17.18 -2.72
C ILE L 488 94.70 17.80 -2.62
N ASP L 489 95.13 18.13 -1.40
CA ASP L 489 96.45 18.70 -1.13
C ASP L 489 97.33 17.68 -0.42
N ASN L 490 98.62 17.60 -0.82
CA ASN L 490 99.52 16.54 -0.39
C ASN L 490 100.31 16.96 0.85
N THR L 491 101.04 18.09 0.76
CA THR L 491 101.80 18.68 1.85
C THR L 491 102.67 17.66 2.58
N SER L 492 103.32 16.74 1.83
CA SER L 492 104.12 15.68 2.44
C SER L 492 105.55 15.72 1.92
N ASP L 493 105.71 15.89 0.59
CA ASP L 493 106.99 15.93 -0.11
C ASP L 493 107.24 14.61 -0.85
N ALA L 494 106.28 13.68 -0.80
CA ALA L 494 106.38 12.40 -1.49
C ALA L 494 105.04 12.07 -2.14
N GLN L 495 105.09 11.29 -3.23
CA GLN L 495 103.90 10.76 -3.87
C GLN L 495 103.14 9.90 -2.86
N ARG L 496 101.86 10.25 -2.61
CA ARG L 496 100.99 9.53 -1.70
C ARG L 496 99.95 8.75 -2.49
N MET L 497 99.83 7.45 -2.20
CA MET L 497 98.75 6.61 -2.71
C MET L 497 97.55 6.72 -1.77
N GLY L 498 96.34 6.68 -2.36
CA GLY L 498 95.11 6.80 -1.60
C GLY L 498 93.93 6.11 -2.29
N PHE L 499 92.99 5.63 -1.47
CA PHE L 499 91.70 5.13 -1.93
C PHE L 499 90.68 6.27 -1.86
N VAL L 500 90.03 6.56 -2.98
CA VAL L 500 88.89 7.48 -3.02
C VAL L 500 87.63 6.65 -2.76
N ARG L 501 86.90 7.00 -1.69
CA ARG L 501 85.66 6.32 -1.30
C ARG L 501 84.52 7.33 -1.33
N ILE L 502 83.56 7.12 -2.24
CA ILE L 502 82.48 8.08 -2.45
C ILE L 502 81.13 7.43 -2.11
N PHE L 503 80.44 8.02 -1.12
CA PHE L 503 79.08 7.62 -0.76
C PHE L 503 78.15 8.83 -0.91
N MET L 504 76.84 8.57 -0.94
CA MET L 504 75.82 9.61 -0.99
C MET L 504 74.63 9.16 -0.13
N ALA L 505 74.14 10.08 0.72
CA ALA L 505 73.00 9.83 1.58
C ALA L 505 72.02 10.99 1.45
N PRO L 506 70.80 10.90 2.04
CA PRO L 506 69.93 12.07 2.17
C PRO L 506 70.55 13.08 3.11
N LYS L 507 70.18 14.36 2.94
CA LYS L 507 70.70 15.46 3.74
C LYS L 507 69.92 15.55 5.05
N ASN L 508 68.59 15.55 4.93
CA ASN L 508 67.67 15.56 6.05
C ASN L 508 66.95 14.22 6.16
N ASP L 509 66.00 14.11 7.09
CA ASP L 509 65.21 12.89 7.29
C ASP L 509 63.88 13.05 6.57
N GLU L 510 62.91 12.17 6.86
CA GLU L 510 61.57 12.23 6.26
C GLU L 510 60.75 13.35 6.92
N ARG L 511 61.15 13.77 8.13
CA ARG L 511 60.44 14.78 8.90
C ARG L 511 61.02 16.17 8.64
N GLY L 512 62.14 16.26 7.95
CA GLY L 512 62.65 17.52 7.41
C GLY L 512 63.77 18.16 8.23
N GLN L 513 64.41 17.37 9.11
CA GLN L 513 65.45 17.87 9.99
C GLN L 513 66.81 17.43 9.47
N PRO L 514 67.89 18.26 9.59
CA PRO L 514 69.25 17.82 9.22
C PRO L 514 69.71 16.57 9.98
N MET L 515 69.98 15.51 9.24
CA MET L 515 70.07 14.16 9.80
C MET L 515 71.25 14.07 10.77
N LEU L 516 71.10 13.28 11.84
CA LEU L 516 72.19 12.97 12.75
C LEU L 516 72.99 11.80 12.18
N PHE L 517 74.20 11.58 12.70
CA PHE L 517 75.10 10.58 12.15
C PHE L 517 74.51 9.20 12.37
N ARG L 518 74.18 8.87 13.62
CA ARG L 518 73.60 7.58 14.00
C ARG L 518 72.52 7.13 13.01
N ASP L 519 71.69 8.07 12.53
CA ASP L 519 70.69 7.79 11.52
C ASP L 519 71.32 7.69 10.13
N GLN L 520 72.03 8.76 9.74
CA GLN L 520 72.48 8.97 8.37
C GLN L 520 73.50 7.93 7.95
N ARG L 521 74.28 7.38 8.89
CA ARG L 521 75.36 6.46 8.54
C ARG L 521 74.79 5.23 7.82
N LEU L 522 73.54 4.87 8.14
CA LEU L 522 72.91 3.66 7.62
C LEU L 522 72.23 3.91 6.26
N PHE L 523 72.20 5.18 5.81
CA PHE L 523 71.51 5.55 4.59
C PHE L 523 72.51 5.93 3.48
N MET L 524 73.80 5.90 3.80
CA MET L 524 74.87 6.18 2.85
C MET L 524 74.97 5.03 1.83
N VAL L 525 74.82 5.36 0.54
CA VAL L 525 74.95 4.39 -0.54
C VAL L 525 76.31 4.62 -1.21
N GLU L 526 77.09 3.54 -1.41
CA GLU L 526 78.38 3.64 -2.08
C GLU L 526 78.17 4.06 -3.53
N MET L 527 78.99 5.00 -4.01
CA MET L 527 78.88 5.55 -5.36
C MET L 527 80.13 5.25 -6.19
N ASP L 528 81.29 5.10 -5.54
CA ASP L 528 82.54 4.81 -6.22
C ASP L 528 83.65 4.52 -5.19
N LYS L 529 84.65 3.73 -5.62
CA LYS L 529 85.84 3.44 -4.84
C LYS L 529 86.98 3.10 -5.81
N PHE L 530 88.01 3.97 -5.90
CA PHE L 530 89.09 3.81 -6.85
C PHE L 530 90.42 4.33 -6.28
N LEU L 531 91.52 3.79 -6.81
CA LEU L 531 92.89 4.10 -6.39
C LEU L 531 93.40 5.33 -7.13
N VAL L 532 94.11 6.22 -6.42
CA VAL L 532 94.62 7.45 -7.01
C VAL L 532 96.02 7.75 -6.48
N ALA L 533 96.89 8.25 -7.38
CA ALA L 533 98.25 8.67 -7.07
C ALA L 533 98.32 10.18 -6.98
N LEU L 534 98.78 10.70 -5.83
CA LEU L 534 98.77 12.13 -5.56
C LEU L 534 100.20 12.68 -5.60
N ARG L 535 100.43 13.72 -6.41
CA ARG L 535 101.72 14.40 -6.47
C ARG L 535 101.82 15.38 -5.30
N PRO L 536 103.03 15.71 -4.81
CA PRO L 536 103.19 16.76 -3.80
C PRO L 536 102.50 18.07 -4.19
N GLY L 537 102.03 18.82 -3.20
CA GLY L 537 101.27 20.04 -3.44
C GLY L 537 99.80 19.74 -3.70
N ALA L 538 99.27 20.27 -4.80
CA ALA L 538 97.84 20.25 -5.11
C ALA L 538 97.55 19.26 -6.23
N ASN L 539 96.40 18.59 -6.15
CA ASN L 539 95.95 17.62 -7.14
C ASN L 539 94.47 17.82 -7.45
N ARG L 540 94.13 17.89 -8.74
CA ARG L 540 92.75 17.99 -9.19
C ARG L 540 92.35 16.63 -9.77
N ILE L 541 91.53 15.89 -9.03
CA ILE L 541 91.07 14.58 -9.46
C ILE L 541 89.71 14.74 -10.13
N ARG L 542 89.54 14.11 -11.30
CA ARG L 542 88.26 14.08 -12.00
C ARG L 542 87.91 12.62 -12.28
N ARG L 543 86.64 12.28 -12.07
CA ARG L 543 86.12 10.92 -12.19
C ARG L 543 84.72 10.97 -12.81
N ARG L 544 84.53 10.23 -13.91
CA ARG L 544 83.25 10.17 -14.60
C ARG L 544 82.31 9.20 -13.87
N SER L 545 81.00 9.45 -14.02
CA SER L 545 79.96 8.60 -13.44
C SER L 545 80.04 7.19 -14.00
N ASN L 546 80.47 7.07 -15.26
CA ASN L 546 80.48 5.80 -15.97
C ASN L 546 81.71 4.96 -15.63
N GLU L 547 82.65 5.53 -14.84
CA GLU L 547 83.84 4.82 -14.40
C GLU L 547 83.61 4.11 -13.05
N SER L 548 82.39 4.24 -12.52
CA SER L 548 82.06 3.77 -11.17
C SER L 548 82.38 2.29 -11.01
N THR L 549 82.96 1.94 -9.85
CA THR L 549 83.32 0.56 -9.52
C THR L 549 82.17 -0.16 -8.84
N VAL L 550 81.04 0.53 -8.62
CA VAL L 550 79.82 -0.07 -8.06
C VAL L 550 78.95 -0.62 -9.20
N THR L 551 79.20 -0.13 -10.42
CA THR L 551 78.25 -0.23 -11.53
C THR L 551 78.85 -1.14 -12.61
N ILE L 552 77.98 -1.69 -13.49
CA ILE L 552 78.42 -2.30 -14.74
C ILE L 552 77.70 -1.65 -15.90
N PRO L 553 78.34 -1.57 -17.10
CA PRO L 553 77.76 -0.89 -18.25
C PRO L 553 76.41 -1.44 -18.70
N PHE L 554 75.64 -0.57 -19.38
CA PHE L 554 74.46 -0.94 -20.12
C PHE L 554 74.64 -2.26 -20.84
N GLU L 555 75.69 -2.33 -21.68
CA GLU L 555 75.85 -3.41 -22.64
C GLU L 555 75.81 -4.76 -21.95
N ARG L 556 76.33 -4.84 -20.72
CA ARG L 556 76.39 -6.10 -19.99
C ARG L 556 74.98 -6.58 -19.64
N THR L 557 74.14 -5.67 -19.11
CA THR L 557 72.78 -6.02 -18.70
C THR L 557 71.92 -6.44 -19.89
N PHE L 558 71.75 -5.52 -20.86
CA PHE L 558 70.85 -5.74 -21.99
C PHE L 558 71.52 -6.58 -23.06
N ARG L 559 72.66 -6.08 -23.56
CA ARG L 559 73.34 -6.64 -24.72
C ARG L 559 72.34 -6.81 -25.90
N CYS L 579 79.57 -6.21 -4.58
CA CYS L 579 80.82 -6.43 -5.36
C CYS L 579 80.78 -7.78 -6.07
N GLY L 580 79.61 -8.07 -6.62
CA GLY L 580 79.38 -9.26 -7.42
C GLY L 580 78.47 -8.92 -8.57
N CYS L 581 78.77 -9.48 -9.76
CA CYS L 581 78.09 -9.14 -11.01
C CYS L 581 78.22 -7.63 -11.26
N GLY L 582 77.37 -6.81 -10.61
CA GLY L 582 77.33 -5.40 -10.87
C GLY L 582 75.93 -4.81 -10.81
N TRP L 583 75.84 -3.60 -10.23
CA TRP L 583 74.61 -2.84 -10.09
C TRP L 583 74.33 -2.10 -11.39
N PRO L 584 73.09 -2.09 -11.93
CA PRO L 584 72.81 -1.43 -13.21
C PRO L 584 73.15 0.06 -13.19
N ALA L 585 73.77 0.51 -14.28
CA ALA L 585 74.33 1.86 -14.38
C ALA L 585 73.24 2.92 -14.26
N HIS L 586 72.09 2.66 -14.89
CA HIS L 586 70.99 3.63 -14.94
C HIS L 586 70.33 3.80 -13.58
N MET L 587 70.66 2.92 -12.62
CA MET L 587 70.10 2.96 -11.28
C MET L 587 71.11 3.52 -10.27
N LEU L 588 72.24 4.07 -10.77
CA LEU L 588 73.31 4.57 -9.93
C LEU L 588 72.85 5.74 -9.06
N VAL L 589 72.02 6.62 -9.63
CA VAL L 589 71.54 7.81 -8.94
C VAL L 589 70.10 7.56 -8.51
N PRO L 590 69.76 7.84 -7.23
CA PRO L 590 68.37 7.90 -6.79
C PRO L 590 67.53 8.81 -7.67
N LYS L 591 66.20 8.63 -7.63
CA LYS L 591 65.29 9.34 -8.50
C LYS L 591 65.27 10.83 -8.15
N GLY L 592 65.21 11.14 -6.85
CA GLY L 592 64.98 12.51 -6.41
C GLY L 592 63.55 12.96 -6.69
N LEU L 593 63.30 14.26 -6.52
CA LEU L 593 61.97 14.83 -6.68
C LEU L 593 61.97 15.81 -7.85
N PRO L 594 60.79 16.17 -8.42
CA PRO L 594 60.71 17.26 -9.38
C PRO L 594 61.17 18.60 -8.80
N GLU L 595 60.82 18.83 -7.53
CA GLU L 595 61.17 20.07 -6.83
C GLU L 595 62.61 20.03 -6.33
N GLY L 596 63.31 18.90 -6.56
CA GLY L 596 64.68 18.73 -6.10
C GLY L 596 64.72 18.05 -4.73
N PHE L 597 65.63 17.06 -4.59
CA PHE L 597 65.80 16.32 -3.35
C PHE L 597 67.20 16.59 -2.80
N PRO L 598 67.32 17.15 -1.57
CA PRO L 598 68.63 17.47 -0.99
C PRO L 598 69.37 16.24 -0.46
N ALA L 599 70.67 16.18 -0.78
CA ALA L 599 71.53 15.04 -0.51
C ALA L 599 72.94 15.50 -0.15
N ASP L 600 73.59 14.79 0.79
CA ASP L 600 74.98 15.02 1.13
C ASP L 600 75.88 14.05 0.35
N LEU L 601 76.71 14.61 -0.54
CA LEU L 601 77.76 13.84 -1.21
C LEU L 601 79.01 13.85 -0.33
N PHE L 602 79.57 12.67 -0.09
CA PHE L 602 80.71 12.50 0.82
C PHE L 602 81.84 11.77 0.09
N VAL L 603 83.07 12.23 0.31
CA VAL L 603 84.27 11.58 -0.21
C VAL L 603 85.28 11.47 0.92
N MET L 604 86.03 10.37 0.91
CA MET L 604 87.13 10.12 1.83
C MET L 604 88.31 9.57 1.04
N VAL L 605 89.51 10.05 1.38
CA VAL L 605 90.77 9.51 0.86
C VAL L 605 91.46 8.81 2.03
N SER L 606 91.54 7.47 1.96
CA SER L 606 92.21 6.67 2.98
C SER L 606 93.59 6.28 2.48
N ASN L 607 94.46 5.87 3.42
CA ASN L 607 95.84 5.54 3.14
C ASN L 607 95.92 4.14 2.50
N TYR L 608 96.10 4.10 1.17
CA TYR L 608 96.04 2.88 0.39
C TYR L 608 97.07 1.85 0.86
N GLU L 609 98.16 2.31 1.50
CA GLU L 609 99.19 1.41 1.96
C GLU L 609 98.64 0.44 3.01
N ASP L 610 97.77 0.96 3.89
CA ASP L 610 97.08 0.15 4.89
C ASP L 610 95.95 -0.67 4.26
N ASP L 611 95.26 -0.08 3.28
CA ASP L 611 94.07 -0.67 2.68
C ASP L 611 94.43 -1.67 1.59
N ARG L 612 95.69 -1.65 1.12
CA ARG L 612 96.15 -2.43 -0.02
C ARG L 612 96.02 -3.93 0.25
N VAL L 613 95.74 -4.69 -0.81
CA VAL L 613 95.68 -6.14 -0.78
C VAL L 613 96.58 -6.66 -1.90
N VAL L 614 97.86 -6.93 -1.57
CA VAL L 614 98.89 -7.29 -2.52
C VAL L 614 98.47 -8.51 -3.35
N GLN L 615 98.32 -8.33 -4.67
CA GLN L 615 97.66 -9.30 -5.54
C GLN L 615 97.81 -8.90 -7.02
N ASP L 616 97.80 -9.90 -7.91
CA ASP L 616 97.85 -9.71 -9.36
C ASP L 616 96.52 -10.13 -9.98
N LEU L 617 95.87 -9.22 -10.72
CA LEU L 617 94.56 -9.48 -11.30
C LEU L 617 94.32 -8.58 -12.52
N VAL L 618 93.62 -9.11 -13.54
CA VAL L 618 93.04 -8.31 -14.61
C VAL L 618 91.51 -8.29 -14.44
N GLY L 619 90.94 -9.33 -13.81
CA GLY L 619 89.58 -9.34 -13.30
C GLY L 619 88.56 -9.74 -14.38
N THR L 620 87.49 -10.45 -13.93
CA THR L 620 86.24 -10.61 -14.66
C THR L 620 85.09 -10.78 -13.66
N CYS L 621 83.84 -10.52 -14.11
CA CYS L 621 82.65 -10.59 -13.26
C CYS L 621 81.67 -11.63 -13.82
N ASN L 622 80.37 -11.30 -13.88
CA ASN L 622 79.31 -12.26 -14.16
C ASN L 622 79.44 -12.93 -15.52
N ASP L 623 80.03 -12.23 -16.50
CA ASP L 623 80.20 -12.73 -17.86
C ASP L 623 78.92 -13.43 -18.33
N TYR L 627 82.62 -2.56 -13.37
CA TYR L 627 83.27 -3.34 -12.29
C TYR L 627 84.36 -4.22 -12.92
N CYS L 628 85.60 -4.11 -12.41
CA CYS L 628 86.74 -4.84 -12.97
C CYS L 628 86.46 -6.33 -12.92
N GLY L 629 86.20 -6.86 -11.71
CA GLY L 629 85.66 -8.22 -11.59
C GLY L 629 85.70 -8.80 -10.18
N VAL L 630 86.92 -9.04 -9.68
CA VAL L 630 87.23 -9.62 -8.36
C VAL L 630 86.85 -11.11 -8.25
N ARG L 631 87.05 -11.85 -9.35
CA ARG L 631 86.97 -13.31 -9.35
C ARG L 631 88.29 -13.94 -8.89
N ASP L 632 89.35 -13.14 -8.86
CA ASP L 632 90.63 -13.51 -8.26
C ASP L 632 90.47 -13.71 -6.75
N ARG L 633 91.21 -14.69 -6.21
CA ARG L 633 91.07 -15.15 -4.84
C ARG L 633 90.50 -14.09 -3.89
N LEU L 634 91.18 -12.93 -3.76
CA LEU L 634 90.94 -12.01 -2.65
C LEU L 634 90.15 -10.79 -3.11
N TYR L 635 89.51 -10.13 -2.14
CA TYR L 635 88.72 -8.91 -2.33
C TYR L 635 89.64 -7.72 -2.09
N PRO L 636 89.69 -6.73 -3.01
CA PRO L 636 90.79 -5.76 -3.04
C PRO L 636 90.77 -4.58 -2.07
N ASP L 637 90.40 -4.82 -0.81
CA ASP L 637 90.34 -3.76 0.17
C ASP L 637 90.30 -4.36 1.58
N ARG L 638 91.32 -4.07 2.40
CA ARG L 638 91.44 -4.68 3.72
C ARG L 638 90.38 -4.13 4.67
N LYS L 639 89.92 -2.90 4.42
CA LYS L 639 88.93 -2.25 5.27
C LYS L 639 87.58 -2.97 5.16
N ALA L 640 86.76 -2.84 6.21
CA ALA L 640 85.43 -3.44 6.25
C ALA L 640 84.56 -2.84 5.15
N MET L 641 83.57 -3.60 4.68
CA MET L 641 82.72 -3.15 3.59
C MET L 641 81.71 -2.14 4.13
N GLY L 642 81.67 -0.96 3.51
CA GLY L 642 80.95 0.20 4.03
C GLY L 642 81.80 0.96 5.05
N PHE L 643 83.11 0.95 4.81
CA PHE L 643 84.12 1.17 5.85
C PHE L 643 83.96 2.47 6.64
N PRO L 644 83.84 3.68 6.04
CA PRO L 644 83.75 4.88 6.89
C PRO L 644 82.60 4.80 7.90
N PHE L 645 81.45 4.24 7.47
CA PHE L 645 80.21 4.36 8.23
C PHE L 645 79.67 3.04 8.78
N ASP L 646 80.43 1.93 8.73
CA ASP L 646 79.89 0.67 9.21
C ASP L 646 79.76 0.66 10.73
N ARG L 647 80.61 1.43 11.43
CA ARG L 647 80.65 1.43 12.89
C ARG L 647 80.06 2.72 13.45
N LEU L 648 79.80 2.70 14.77
CA LEU L 648 79.27 3.84 15.49
C LEU L 648 80.30 4.97 15.52
N ALA L 649 79.81 6.17 15.84
CA ALA L 649 80.63 7.37 15.93
C ALA L 649 81.48 7.32 17.20
N ARG L 650 82.67 7.91 17.13
CA ARG L 650 83.52 8.18 18.29
C ARG L 650 82.89 9.30 19.12
N THR L 651 83.28 9.38 20.40
CA THR L 651 82.70 10.32 21.35
C THR L 651 82.79 11.74 20.77
N GLY L 652 81.76 12.56 21.04
CA GLY L 652 81.77 13.95 20.60
C GLY L 652 81.12 14.16 19.24
N VAL L 653 81.24 13.16 18.34
CA VAL L 653 80.65 13.23 17.01
C VAL L 653 79.14 13.06 17.12
N ASP L 654 78.40 13.75 16.25
CA ASP L 654 76.96 13.94 16.38
C ASP L 654 76.28 14.00 15.01
N ARG L 655 76.93 14.63 14.03
CA ARG L 655 76.44 14.72 12.66
C ARG L 655 77.64 14.64 11.70
N LEU L 656 77.36 14.50 10.40
CA LEU L 656 78.39 14.23 9.40
C LEU L 656 79.44 15.34 9.42
N SER L 657 78.97 16.58 9.56
CA SER L 657 79.80 17.76 9.42
C SER L 657 80.81 17.91 10.56
N ASN L 658 80.70 17.09 11.63
CA ASN L 658 81.72 17.06 12.67
C ASN L 658 82.31 15.66 12.84
N PHE L 659 81.83 14.69 12.04
CA PHE L 659 82.48 13.39 11.92
C PHE L 659 83.74 13.52 11.07
N VAL L 660 83.70 14.48 10.13
CA VAL L 660 84.69 14.59 9.06
C VAL L 660 86.10 14.82 9.63
N THR L 661 87.09 14.21 8.95
CA THR L 661 88.51 14.51 9.13
C THR L 661 89.00 15.33 7.93
N PRO L 662 90.21 15.95 7.99
CA PRO L 662 90.75 16.69 6.86
C PRO L 662 90.71 15.98 5.51
N ASN L 663 90.99 14.67 5.51
CA ASN L 663 91.05 13.87 4.30
C ASN L 663 89.66 13.45 3.82
N MET L 664 88.60 14.06 4.38
CA MET L 664 87.24 13.91 3.91
C MET L 664 86.65 15.26 3.51
N ALA L 665 85.56 15.21 2.74
CA ALA L 665 84.82 16.39 2.30
C ALA L 665 83.34 16.05 2.13
N ILE L 666 82.48 17.03 2.42
CA ILE L 666 81.03 16.93 2.23
C ILE L 666 80.61 17.96 1.19
N GLN L 667 79.53 17.68 0.46
CA GLN L 667 78.99 18.63 -0.50
C GLN L 667 77.47 18.46 -0.62
N SER L 668 76.73 19.57 -0.53
CA SER L 668 75.30 19.57 -0.75
C SER L 668 75.02 19.37 -2.24
N VAL L 669 74.33 18.27 -2.56
CA VAL L 669 73.88 18.00 -3.92
C VAL L 669 72.35 18.08 -3.94
N ASN L 670 71.79 18.37 -5.10
CA ASN L 670 70.34 18.42 -5.30
C ASN L 670 69.97 17.49 -6.47
N VAL L 671 69.07 16.55 -6.20
CA VAL L 671 68.68 15.53 -7.16
C VAL L 671 67.31 15.90 -7.72
N ILE L 672 67.27 16.23 -9.03
CA ILE L 672 66.05 16.64 -9.71
C ILE L 672 65.59 15.54 -10.66
N HIS L 673 64.32 15.12 -10.50
CA HIS L 673 63.68 14.23 -11.46
C HIS L 673 62.88 15.08 -12.46
N ILE L 674 62.73 14.54 -13.68
CA ILE L 674 61.91 15.14 -14.72
C ILE L 674 61.11 14.00 -15.37
N ASP L 675 59.77 14.07 -15.27
CA ASP L 675 58.92 13.01 -15.81
C ASP L 675 58.80 13.18 -17.32
N LYS L 676 59.80 12.65 -18.04
CA LYS L 676 59.85 12.66 -19.50
C LYS L 676 60.57 11.40 -19.97
N THR L 677 60.34 10.98 -21.23
CA THR L 677 61.01 9.81 -21.78
C THR L 677 62.01 10.24 -22.84
N VAL L 678 63.31 10.17 -22.48
CA VAL L 678 64.39 10.53 -23.38
C VAL L 678 64.74 9.29 -24.22
N PRO L 679 65.22 9.45 -25.49
CA PRO L 679 65.79 8.33 -26.23
C PRO L 679 67.25 8.07 -25.88
N ARG L 680 67.82 6.99 -26.44
CA ARG L 680 69.15 6.52 -26.08
C ARG L 680 70.24 7.27 -26.84
N THR L 681 69.92 7.71 -28.07
CA THR L 681 70.87 8.36 -28.96
C THR L 681 72.19 7.61 -28.92
#